data_6XOB
#
_entry.id   6XOB
#
_cell.length_a   1.00
_cell.length_b   1.00
_cell.length_c   1.00
_cell.angle_alpha   90.00
_cell.angle_beta   90.00
_cell.angle_gamma   90.00
#
_symmetry.space_group_name_H-M   'P 1'
#
loop_
_entity.id
_entity.type
_entity.pdbx_description
1 polymer Togavirin
2 polymer Togavirin
3 polymer Togavirin
4 polymer 'EEEV-143 Fab heavy chain'
5 polymer 'EEEV-143 Fab light chain'
#
loop_
_entity_poly.entity_id
_entity_poly.type
_entity_poly.pdbx_seq_one_letter_code
_entity_poly.pdbx_strand_id
1 'polypeptide(L)'
;YEHTAVMPNKVGIPYKALVERPGYAPVHLQIQLVNTRIIPSTNLEYITCKYKTKVPSPVVKCCGATQCTSKPHPDYQCQV
FSGVYPFMYGGAYCFCDTENTQMSEAYVERSEECSIDHAKAYKVHTGTVQAMVNITYGSVSWRSADVYVNGETPAKIGDA
KLIIGPLSSAWSPFDNKVVVYGHEVYNYDFPEYGTGKAGSFGDLQSRTSTSNDLYANTNLKLQRPQAGIVHTPFTQVPSG
FERWKKDKGAPLNDVAPFGCSIALEPLRAENCAVGSIPISIDIPDAAFTRISETPTVSDLECKITECTYAFDFGGIATVA
YKSSKAGNCPIHSPSGVAVIKENDVTLAESGSFTFHFSTANIHPAFKLQVCTSAVTCKGDCKPPKDHIVDYPAQHTESFT
SAISATAWSWIKVLVGGTSAFIVLGLIATAVVALVLFFHRH
;
A,D,G,J
2 'polypeptide(L)'
;DLDTHFTQYKLARPYIADCPNCGHSRCDSPIAIEEVRGDAHAGVIRIQTSAMFGLKTDGVDLAYMSFMNGKTQKSIKIDN
LHVRTSAPCSLVSHHGYYILAQCPPGDTVTVGFHDGPNRHTCTVAHKVEFRPVGREKYRHPPEHGVELPCNRYTHKRADQ
GHYVEMHQPGLVADHSLLSIHSAKVKITVPSGAQVKYYCKCPDVRKGITSSDHTTTCTDVKQCRAYLIDNKKWVYNSGRL
PRGEGDTFKGKLHVPFVPVKAKCIATLAPEPLVEHKHRTLILHLHPDHPTLLTTRSLGSDANPTRQWIERPTTVNFTVTG
EGLEYTWGNHPPKRVWAQESGEGNPHGWPHEVVVYYYNRYPLTTIIGLCTCVAIIMVSCVTSVWLLCRTRNLCITPYKLA
PNAQVPILLALLCCIKPTRA
;
B,E,H,K
3 'polypeptide(L)'
;MFPYPTLNYPPMAPINPMAYRDPNPPRRRWRPFRPPLAAQIEDLRRSIASLTLKQRAPNPPAGPPAKRKKPAPKPKPAQA
KKKRPPPPAKKQKRKPKPGKRQRMCMKLESDKTFPIMLNGQVNGYACVVGGRVFKPLHVEGRIDNEQLAAIKLKKASIYD
LEYGDVPQCMKSDTLQYTSDKPPGFYNWHHGAVQYENNRFTVPRGVGGKGDSGRPILDNKGRVVAIVLGGVNEGSRTALS
VVTWNQKGVTVKDTPEGSEPW
;
C,F,I,L
4 'polypeptide(L)'
;QVQLVESGGGVVQPGRSLRLSCAASGFTFSNYGIHWVRQAPGKGLEWVAVISYDGRHKYIADPVKGRFTISRDNSKNMLY
LQMNSLRTEDTAVYYCAKDTSGWYEFFDSWGQGIPVTVSSASPTSPKVFPLSLCSTQPDGNVVIACLVQGFFPQEPLSVT
WSESGQGVTARNFPPSQDASGDLYTTSSQLTLPATQCLAGKSVTCHVKHYTNPS
;
M,O,Q,S
5 'polypeptide(L)'
;EIVMTQSPATLSVSPGERATLSCRASQSVATNVAWYQQKPGQAPRLLIYGASTRATGIPARFSGSGSGTEFTLTISSLQS
EDFAVYYCQQCNDWLTFGQGTKVEIKRTVAAPSVFIFPPSDEQLKSGTASVVCLLNNFYPREAKVQWKVDNALQSGNSQE
SVTEQDSKDSTYSLSSTLTLSKADYEKHKVYACEVTHQGLSSPVTKSFNRGEC
;
N,P,R,T
#
# COMPACT_ATOMS: atom_id res chain seq x y z
N TYR A 1 -38.15 21.30 5.32
CA TYR A 1 -38.33 22.10 4.10
C TYR A 1 -37.27 23.17 3.97
N GLU A 2 -36.76 23.37 2.76
CA GLU A 2 -35.77 24.42 2.52
C GLU A 2 -36.38 25.54 1.69
N HIS A 3 -36.15 26.77 2.13
CA HIS A 3 -36.44 27.94 1.32
C HIS A 3 -35.22 28.83 1.26
N THR A 4 -34.93 29.35 0.09
CA THR A 4 -33.79 30.22 -0.14
C THR A 4 -34.26 31.61 -0.55
N ALA A 5 -33.29 32.53 -0.61
CA ALA A 5 -33.57 33.91 -1.01
C ALA A 5 -32.23 34.58 -1.29
N VAL A 6 -32.32 35.85 -1.68
CA VAL A 6 -31.13 36.68 -1.88
C VAL A 6 -31.33 37.92 -1.01
N MET A 7 -30.64 37.94 0.13
CA MET A 7 -30.97 39.15 0.86
C MET A 7 -29.91 40.23 0.63
N PRO A 8 -30.36 41.48 0.48
CA PRO A 8 -29.42 42.59 0.38
C PRO A 8 -28.60 42.72 1.66
N ASN A 9 -27.43 43.34 1.52
CA ASN A 9 -26.55 43.54 2.66
C ASN A 9 -27.17 44.57 3.60
N LYS A 10 -27.70 44.09 4.72
CA LYS A 10 -28.31 44.93 5.75
C LYS A 10 -27.65 44.52 7.06
N VAL A 11 -26.50 45.15 7.35
CA VAL A 11 -25.70 44.74 8.49
C VAL A 11 -26.48 44.90 9.79
N GLY A 12 -27.16 46.03 9.95
CA GLY A 12 -27.86 46.30 11.18
C GLY A 12 -29.31 45.87 11.18
N ILE A 13 -30.04 46.24 10.13
CA ILE A 13 -31.49 46.11 10.10
C ILE A 13 -31.89 44.64 10.14
N PRO A 14 -33.03 44.31 10.75
CA PRO A 14 -33.50 42.92 10.75
C PRO A 14 -34.12 42.54 9.42
N TYR A 15 -34.63 41.31 9.33
CA TYR A 15 -35.37 40.93 8.14
C TYR A 15 -36.30 39.78 8.47
N LYS A 16 -37.59 40.06 8.49
CA LYS A 16 -38.63 39.05 8.57
C LYS A 16 -39.17 38.77 7.18
N ALA A 17 -39.66 37.55 6.98
CA ALA A 17 -40.49 37.26 5.82
C ALA A 17 -41.32 36.03 6.14
N LEU A 18 -42.63 36.15 5.97
CA LEU A 18 -43.52 35.01 6.13
C LEU A 18 -43.30 34.02 5.02
N VAL A 19 -43.30 32.73 5.37
CA VAL A 19 -43.11 31.66 4.40
C VAL A 19 -44.27 30.68 4.56
N GLU A 20 -44.95 30.38 3.45
CA GLU A 20 -46.17 29.58 3.45
C GLU A 20 -45.98 28.33 2.59
N ARG A 21 -47.09 27.62 2.40
CA ARG A 21 -47.14 26.40 1.63
C ARG A 21 -48.60 26.01 1.41
N PRO A 22 -48.96 25.51 0.24
CA PRO A 22 -50.35 25.06 0.03
C PRO A 22 -50.73 23.99 1.05
N GLY A 23 -51.96 24.08 1.54
CA GLY A 23 -52.41 23.21 2.59
C GLY A 23 -51.69 23.36 3.90
N TYR A 24 -50.79 24.33 4.01
CA TYR A 24 -49.95 24.52 5.19
C TYR A 24 -50.08 25.95 5.68
N ALA A 25 -50.15 26.10 7.00
CA ALA A 25 -50.12 27.43 7.58
C ALA A 25 -48.72 28.03 7.44
N PRO A 26 -48.61 29.33 7.24
CA PRO A 26 -47.30 29.95 7.01
C PRO A 26 -46.54 30.15 8.30
N VAL A 27 -45.27 30.54 8.14
CA VAL A 27 -44.42 30.91 9.27
C VAL A 27 -43.47 32.01 8.80
N HIS A 28 -43.11 32.89 9.72
CA HIS A 28 -42.27 34.02 9.42
C HIS A 28 -40.81 33.68 9.69
N LEU A 29 -39.94 34.66 9.47
CA LEU A 29 -38.54 34.56 9.87
C LEU A 29 -38.14 35.87 10.53
N GLN A 30 -36.88 35.95 10.94
CA GLN A 30 -36.28 37.25 11.26
C GLN A 30 -34.77 37.05 11.17
N ILE A 31 -34.18 37.46 10.06
CA ILE A 31 -32.74 37.40 9.92
C ILE A 31 -32.20 38.79 10.19
N GLN A 32 -31.03 38.84 10.82
CA GLN A 32 -30.42 40.13 11.14
C GLN A 32 -28.93 39.92 11.31
N LEU A 33 -28.15 40.56 10.43
CA LEU A 33 -26.71 40.42 10.47
C LEU A 33 -26.18 40.90 11.81
N VAL A 34 -25.16 40.20 12.30
CA VAL A 34 -24.47 40.57 13.52
C VAL A 34 -23.05 41.04 13.25
N ASN A 35 -22.30 40.29 12.46
CA ASN A 35 -20.95 40.69 12.09
C ASN A 35 -20.82 40.61 10.58
N THR A 36 -19.79 41.27 10.07
CA THR A 36 -19.27 41.03 8.74
C THR A 36 -17.76 40.98 8.89
N ARG A 37 -17.15 39.93 8.37
CA ARG A 37 -15.77 39.59 8.71
C ARG A 37 -15.06 39.23 7.41
N ILE A 38 -14.17 40.11 6.96
CA ILE A 38 -13.53 40.01 5.65
C ILE A 38 -12.06 39.74 5.93
N ILE A 39 -11.64 38.49 5.80
CA ILE A 39 -10.30 38.09 6.24
C ILE A 39 -9.46 37.82 5.00
N PRO A 40 -8.56 38.72 4.63
CA PRO A 40 -7.61 38.43 3.55
C PRO A 40 -6.59 37.40 4.00
N SER A 41 -5.91 36.82 3.02
CA SER A 41 -4.92 35.78 3.29
C SER A 41 -3.54 36.38 3.48
N THR A 42 -3.46 37.39 4.33
CA THR A 42 -2.29 38.26 4.36
C THR A 42 -1.13 37.60 5.10
N ASN A 43 -0.08 38.38 5.32
CA ASN A 43 1.12 37.98 6.04
C ASN A 43 2.01 39.21 6.16
N LEU A 44 2.89 39.18 7.15
CA LEU A 44 3.92 40.20 7.27
C LEU A 44 5.15 39.78 6.47
N GLU A 45 5.92 40.77 6.03
CA GLU A 45 7.11 40.51 5.23
C GLU A 45 8.38 40.80 6.00
N TYR A 46 8.54 42.01 6.53
CA TYR A 46 9.76 42.37 7.24
C TYR A 46 9.39 43.46 8.24
N ILE A 47 10.34 43.79 9.11
CA ILE A 47 10.11 44.77 10.15
C ILE A 47 11.17 45.85 10.07
N THR A 48 10.94 46.93 10.80
CA THR A 48 11.85 48.06 10.88
C THR A 48 11.57 48.81 12.17
N CYS A 49 12.62 49.42 12.72
CA CYS A 49 12.57 50.13 13.99
C CYS A 49 13.90 50.83 14.20
N LYS A 50 14.04 51.56 15.30
CA LYS A 50 15.23 52.38 15.48
C LYS A 50 16.48 51.50 15.59
N TYR A 51 17.61 52.07 15.21
CA TYR A 51 18.89 51.38 15.17
C TYR A 51 19.62 51.55 16.51
N LYS A 52 20.90 51.22 16.52
CA LYS A 52 21.78 51.66 17.59
C LYS A 52 23.21 51.63 17.05
N THR A 53 24.09 52.38 17.70
CA THR A 53 25.45 52.55 17.24
C THR A 53 26.38 52.55 18.43
N LYS A 54 27.31 51.60 18.46
CA LYS A 54 28.27 51.48 19.55
C LYS A 54 29.68 51.58 18.99
N VAL A 55 30.64 51.80 19.88
CA VAL A 55 32.02 51.95 19.48
C VAL A 55 32.92 51.10 20.37
N PRO A 56 33.79 50.27 19.81
CA PRO A 56 34.74 49.54 20.64
C PRO A 56 35.88 50.45 21.10
N SER A 57 36.89 49.89 21.74
CA SER A 57 37.99 50.70 22.24
C SER A 57 38.87 51.16 21.08
N PRO A 58 38.98 52.47 20.83
CA PRO A 58 39.84 52.94 19.74
C PRO A 58 41.30 52.74 20.09
N VAL A 59 42.06 52.22 19.12
CA VAL A 59 43.42 51.77 19.42
C VAL A 59 44.32 52.97 19.72
N VAL A 60 45.45 52.68 20.34
CA VAL A 60 46.37 53.72 20.80
C VAL A 60 47.73 53.09 21.10
N LYS A 61 48.80 53.86 20.92
CA LYS A 61 50.15 53.43 21.24
C LYS A 61 50.98 54.66 21.59
N CYS A 62 52.29 54.46 21.72
CA CYS A 62 53.23 55.57 21.73
C CYS A 62 53.64 55.97 20.31
N CYS A 63 53.83 54.98 19.44
CA CYS A 63 54.14 55.23 18.04
C CYS A 63 53.56 54.09 17.22
N GLY A 64 53.69 54.20 15.90
CA GLY A 64 53.17 53.18 15.02
C GLY A 64 51.65 53.17 15.02
N ALA A 65 51.10 52.15 14.37
CA ALA A 65 49.65 52.05 14.26
C ALA A 65 49.23 50.59 14.23
N THR A 66 48.02 50.35 14.71
CA THR A 66 47.35 49.09 14.45
C THR A 66 46.56 49.25 13.16
N GLN A 67 45.71 48.27 12.83
CA GLN A 67 45.08 48.24 11.53
C GLN A 67 43.57 48.12 11.67
N CYS A 68 42.86 48.77 10.74
CA CYS A 68 41.42 48.66 10.69
C CYS A 68 40.98 47.49 9.84
N THR A 69 39.98 46.76 10.31
CA THR A 69 39.52 45.52 9.68
C THR A 69 38.06 45.65 9.28
N SER A 70 37.48 44.52 8.87
CA SER A 70 36.06 44.45 8.56
C SER A 70 35.31 43.85 9.76
N LYS A 71 35.32 44.61 10.85
CA LYS A 71 34.52 44.23 12.01
C LYS A 71 33.06 44.20 11.58
N PRO A 72 32.46 43.02 11.46
CA PRO A 72 31.21 42.92 10.71
C PRO A 72 30.05 43.56 11.44
N HIS A 73 29.67 44.75 10.99
CA HIS A 73 28.49 45.45 11.48
C HIS A 73 27.90 46.21 10.31
N PRO A 74 26.60 46.49 10.33
CA PRO A 74 26.04 47.39 9.32
C PRO A 74 26.75 48.73 9.36
N ASP A 75 27.04 49.27 8.18
CA ASP A 75 27.59 50.61 8.03
C ASP A 75 28.85 50.83 8.86
N TYR A 76 29.48 49.75 9.31
CA TYR A 76 30.63 49.87 10.19
C TYR A 76 31.80 50.52 9.47
N GLN A 77 32.55 51.35 10.18
CA GLN A 77 33.73 52.00 9.63
C GLN A 77 34.88 51.88 10.62
N CYS A 78 36.07 52.18 10.11
CA CYS A 78 37.30 52.20 10.88
C CYS A 78 38.38 52.82 10.02
N GLN A 79 39.24 53.63 10.63
CA GLN A 79 40.31 54.28 9.88
C GLN A 79 41.46 54.61 10.81
N VAL A 80 42.68 54.36 10.34
CA VAL A 80 43.84 54.74 11.11
C VAL A 80 43.88 56.25 11.28
N PHE A 81 44.56 56.70 12.32
CA PHE A 81 44.76 58.12 12.55
C PHE A 81 46.16 58.33 13.09
N SER A 82 46.90 59.23 12.46
CA SER A 82 48.34 59.32 12.62
C SER A 82 48.73 60.58 13.38
N GLY A 83 49.79 60.47 14.17
CA GLY A 83 50.24 61.56 15.00
C GLY A 83 49.14 61.99 15.95
N VAL A 84 48.52 61.01 16.62
CA VAL A 84 47.30 61.30 17.39
C VAL A 84 47.60 62.29 18.50
N TYR A 85 48.68 62.07 19.24
CA TYR A 85 49.07 62.91 20.37
C TYR A 85 47.93 63.24 21.34
N PRO A 86 47.20 62.24 21.84
CA PRO A 86 46.16 62.52 22.83
C PRO A 86 46.67 62.38 24.25
N PHE A 87 46.18 63.26 25.12
CA PHE A 87 46.53 63.22 26.52
C PHE A 87 45.48 62.48 27.32
N MET A 88 45.88 62.01 28.49
CA MET A 88 44.96 61.51 29.51
C MET A 88 45.22 62.28 30.80
N TYR A 89 44.16 62.46 31.58
CA TYR A 89 44.26 63.21 32.82
C TYR A 89 45.34 62.62 33.71
N GLY A 90 46.18 63.49 34.27
CA GLY A 90 47.25 63.04 35.14
C GLY A 90 48.10 61.98 34.47
N GLY A 91 48.25 62.08 33.16
CA GLY A 91 48.95 61.05 32.39
C GLY A 91 50.28 61.50 31.84
N ALA A 92 50.68 60.87 30.73
CA ALA A 92 51.90 61.24 30.02
C ALA A 92 51.66 61.22 28.51
N TYR A 93 50.43 61.50 28.10
CA TYR A 93 50.04 61.66 26.70
C TYR A 93 50.09 60.36 25.92
N CYS A 94 50.34 59.23 26.57
CA CYS A 94 50.31 57.91 25.98
C CYS A 94 51.41 57.69 24.94
N PHE A 95 52.31 58.65 24.78
CA PHE A 95 53.37 58.54 23.78
C PHE A 95 54.69 59.02 24.34
N CYS A 96 55.71 58.92 23.49
CA CYS A 96 56.89 59.76 23.54
C CYS A 96 57.07 60.56 22.27
N ASP A 97 56.24 60.31 21.26
CA ASP A 97 56.40 60.85 19.92
C ASP A 97 55.05 60.81 19.22
N THR A 98 55.07 60.92 17.88
CA THR A 98 53.88 60.68 17.08
C THR A 98 53.22 59.37 17.49
N GLU A 99 51.99 59.46 17.97
CA GLU A 99 51.25 58.27 18.36
C GLU A 99 50.96 57.38 17.17
N ASN A 100 50.34 57.97 16.13
CA ASN A 100 50.05 57.32 14.86
C ASN A 100 49.01 56.21 15.02
N THR A 101 48.59 55.94 16.25
CA THR A 101 47.79 54.75 16.56
C THR A 101 46.39 55.17 17.00
N GLN A 102 45.44 55.15 16.06
CA GLN A 102 44.04 55.37 16.39
C GLN A 102 43.18 54.83 15.26
N MET A 103 42.42 53.78 15.54
CA MET A 103 41.60 53.14 14.51
C MET A 103 40.19 53.67 14.46
N SER A 104 39.64 54.14 15.58
CA SER A 104 38.27 54.63 15.65
C SER A 104 37.29 53.62 15.09
N GLU A 105 37.52 52.35 15.41
CA GLU A 105 36.64 51.28 14.94
C GLU A 105 35.21 51.52 15.44
N ALA A 106 34.24 51.24 14.58
CA ALA A 106 32.85 51.59 14.82
C ALA A 106 31.98 50.34 14.87
N TYR A 107 30.68 50.57 15.04
CA TYR A 107 29.69 49.50 15.11
C TYR A 107 28.29 50.09 15.05
N VAL A 108 27.42 49.51 14.22
CA VAL A 108 26.01 49.89 14.18
C VAL A 108 25.18 48.66 14.51
N GLU A 109 24.13 48.86 15.29
CA GLU A 109 23.27 47.79 15.75
C GLU A 109 21.84 48.34 15.86
N ARG A 110 20.99 47.65 16.60
CA ARG A 110 19.56 47.93 16.61
C ARG A 110 19.11 48.38 17.98
N SER A 111 18.02 49.13 18.01
CA SER A 111 17.48 49.65 19.27
C SER A 111 16.76 48.54 20.01
N GLU A 112 16.19 48.89 21.16
CA GLU A 112 15.52 47.92 22.03
C GLU A 112 14.01 48.06 22.04
N GLU A 113 13.49 49.22 21.67
CA GLU A 113 12.07 49.32 21.38
C GLU A 113 11.67 48.30 20.33
N CYS A 114 12.58 47.97 19.42
CA CYS A 114 12.36 46.95 18.40
C CYS A 114 11.63 45.74 18.96
N SER A 115 12.10 45.25 20.10
CA SER A 115 11.38 44.22 20.84
C SER A 115 9.94 44.64 21.07
N ILE A 116 9.74 45.73 21.79
CA ILE A 116 8.39 46.19 22.08
C ILE A 116 7.70 46.66 20.81
N ASP A 117 8.43 47.42 19.99
CA ASP A 117 7.81 48.18 18.91
C ASP A 117 8.73 48.18 17.70
N HIS A 118 8.19 47.78 16.56
CA HIS A 118 8.95 47.75 15.32
C HIS A 118 7.93 47.83 14.19
N ALA A 119 8.42 47.81 12.96
CA ALA A 119 7.46 47.89 11.87
C ALA A 119 6.74 46.57 11.71
N LYS A 120 5.58 46.64 11.06
CA LYS A 120 4.77 45.48 10.76
C LYS A 120 4.41 45.64 9.28
N ALA A 121 5.26 45.11 8.41
CA ALA A 121 5.16 45.32 6.98
C ALA A 121 4.63 44.06 6.32
N TYR A 122 3.56 44.21 5.55
CA TYR A 122 2.74 43.07 5.16
C TYR A 122 2.56 42.98 3.65
N LYS A 123 2.45 41.75 3.19
CA LYS A 123 1.82 41.45 1.91
C LYS A 123 0.44 40.87 2.22
N VAL A 124 -0.59 41.42 1.58
CA VAL A 124 -1.97 41.09 1.88
C VAL A 124 -2.57 40.41 0.66
N HIS A 125 -3.11 39.22 0.86
CA HIS A 125 -3.51 38.37 -0.24
C HIS A 125 -5.03 38.25 -0.22
N THR A 126 -5.55 37.37 -1.09
CA THR A 126 -6.97 37.27 -1.33
C THR A 126 -7.79 37.03 -0.06
N GLY A 127 -7.61 35.86 0.54
CA GLY A 127 -8.36 35.56 1.73
C GLY A 127 -9.87 35.51 1.54
N THR A 128 -10.56 35.54 2.67
CA THR A 128 -11.97 35.21 2.73
C THR A 128 -12.80 36.34 3.32
N VAL A 129 -14.11 36.08 3.35
CA VAL A 129 -15.09 36.93 3.99
C VAL A 129 -16.03 36.03 4.77
N GLN A 130 -16.43 36.48 5.95
CA GLN A 130 -17.54 35.82 6.63
C GLN A 130 -18.28 36.88 7.43
N ALA A 131 -19.22 36.44 8.27
CA ALA A 131 -20.19 37.36 8.84
C ALA A 131 -21.02 36.63 9.87
N MET A 132 -21.59 37.39 10.80
CA MET A 132 -22.51 36.84 11.79
C MET A 132 -23.89 37.44 11.56
N VAL A 133 -24.91 36.65 11.86
CA VAL A 133 -26.30 37.02 11.68
C VAL A 133 -27.04 36.66 12.95
N ASN A 134 -28.30 37.07 13.03
CA ASN A 134 -29.22 36.55 14.03
C ASN A 134 -30.51 36.15 13.33
N ILE A 135 -30.95 34.92 13.58
CA ILE A 135 -32.25 34.46 13.09
C ILE A 135 -33.20 34.38 14.26
N THR A 136 -34.36 35.01 14.11
CA THR A 136 -35.46 34.89 15.06
C THR A 136 -36.70 34.56 14.22
N TYR A 137 -36.79 33.32 13.78
CA TYR A 137 -37.82 32.97 12.81
C TYR A 137 -39.07 32.48 13.49
N GLY A 138 -40.15 32.38 12.71
CA GLY A 138 -41.26 31.51 13.06
C GLY A 138 -41.64 31.58 14.52
N SER A 139 -41.38 30.48 15.22
CA SER A 139 -41.49 30.42 16.67
C SER A 139 -40.14 30.56 17.38
N VAL A 140 -39.09 30.93 16.65
CA VAL A 140 -37.73 30.93 17.20
C VAL A 140 -37.34 32.34 17.61
N SER A 141 -36.59 32.43 18.70
CA SER A 141 -36.10 33.68 19.29
C SER A 141 -34.74 34.03 18.71
N TRP A 142 -34.01 34.94 19.36
CA TRP A 142 -32.68 35.34 18.89
C TRP A 142 -31.76 34.13 18.77
N ARG A 143 -31.40 33.79 17.54
CA ARG A 143 -30.39 32.75 17.29
C ARG A 143 -29.32 33.40 16.43
N SER A 144 -28.31 33.97 17.08
CA SER A 144 -27.26 34.65 16.37
C SER A 144 -26.27 33.62 15.82
N ALA A 145 -26.00 33.70 14.52
CA ALA A 145 -25.21 32.69 13.84
C ALA A 145 -24.20 33.37 12.92
N ASP A 146 -23.05 32.73 12.78
CA ASP A 146 -21.93 33.27 12.03
C ASP A 146 -21.45 32.24 11.01
N VAL A 147 -21.13 32.70 9.80
CA VAL A 147 -20.66 31.79 8.76
C VAL A 147 -19.99 32.54 7.61
N TYR A 148 -19.24 31.81 6.80
CA TYR A 148 -18.45 32.32 5.70
C TYR A 148 -19.31 32.63 4.48
N VAL A 149 -18.80 33.54 3.65
CA VAL A 149 -19.59 34.10 2.56
C VAL A 149 -19.93 33.05 1.53
N ASN A 150 -19.02 32.09 1.30
CA ASN A 150 -19.11 31.14 0.20
C ASN A 150 -20.52 30.60 0.02
N GLY A 151 -20.97 30.55 -1.22
CA GLY A 151 -22.30 30.08 -1.53
C GLY A 151 -22.52 28.61 -1.30
N GLU A 152 -21.52 27.96 -0.68
CA GLU A 152 -21.59 26.53 -0.43
C GLU A 152 -21.90 26.18 1.01
N THR A 153 -21.48 27.01 1.97
CA THR A 153 -21.39 26.65 3.37
C THR A 153 -22.64 25.95 3.88
N PRO A 154 -22.54 24.65 4.16
CA PRO A 154 -23.67 23.95 4.80
C PRO A 154 -23.61 24.05 6.31
N ALA A 155 -24.50 24.84 6.90
CA ALA A 155 -24.50 25.06 8.34
C ALA A 155 -25.90 24.84 8.88
N LYS A 156 -26.03 23.99 9.89
CA LYS A 156 -27.31 23.69 10.50
C LYS A 156 -27.34 24.23 11.92
N ILE A 157 -28.31 25.09 12.20
CA ILE A 157 -28.60 25.54 13.56
C ILE A 157 -30.06 25.21 13.83
N GLY A 158 -30.31 24.43 14.88
CA GLY A 158 -31.63 23.90 15.08
C GLY A 158 -32.08 23.14 13.85
N ASP A 159 -33.05 23.69 13.14
CA ASP A 159 -33.49 23.15 11.86
C ASP A 159 -33.04 24.01 10.68
N ALA A 160 -32.21 25.01 10.90
CA ALA A 160 -31.84 25.96 9.85
C ALA A 160 -30.55 25.50 9.18
N LYS A 161 -30.68 24.80 8.05
CA LYS A 161 -29.52 24.45 7.24
C LYS A 161 -29.13 25.68 6.44
N LEU A 162 -28.27 26.49 7.03
CA LEU A 162 -27.83 27.72 6.40
C LEU A 162 -26.94 27.43 5.21
N ILE A 163 -27.23 28.08 4.09
CA ILE A 163 -26.32 28.21 2.96
C ILE A 163 -26.32 29.68 2.59
N ILE A 164 -25.14 30.28 2.48
CA ILE A 164 -24.99 31.73 2.51
C ILE A 164 -24.39 32.21 1.19
N GLY A 165 -25.06 33.18 0.58
CA GLY A 165 -24.51 33.90 -0.54
C GLY A 165 -24.04 33.04 -1.69
N PRO A 166 -22.85 33.35 -2.24
CA PRO A 166 -21.97 34.39 -1.71
C PRO A 166 -22.41 35.79 -2.12
N LEU A 167 -21.84 36.81 -1.49
CA LEU A 167 -22.28 38.17 -1.70
C LEU A 167 -22.10 38.59 -3.16
N SER A 168 -23.10 39.32 -3.66
CA SER A 168 -22.99 39.96 -4.98
C SER A 168 -21.72 40.79 -5.08
N SER A 169 -21.56 41.76 -4.19
CA SER A 169 -20.38 42.61 -4.21
C SER A 169 -19.14 41.79 -3.83
N ALA A 170 -17.99 42.22 -4.37
CA ALA A 170 -16.77 41.40 -4.31
C ALA A 170 -15.54 42.24 -4.02
N TRP A 171 -15.60 43.14 -3.05
CA TRP A 171 -14.40 43.92 -2.74
C TRP A 171 -14.47 44.51 -1.35
N SER A 172 -13.30 44.63 -0.73
CA SER A 172 -13.08 45.39 0.48
C SER A 172 -11.90 46.33 0.27
N PRO A 173 -11.95 47.53 0.83
CA PRO A 173 -10.79 48.43 0.68
C PRO A 173 -9.62 47.96 1.49
N PHE A 174 -8.66 47.32 0.82
CA PHE A 174 -7.43 46.84 1.42
C PHE A 174 -6.30 47.15 0.45
N ASP A 175 -5.13 46.60 0.74
CA ASP A 175 -4.02 46.62 -0.22
C ASP A 175 -3.00 45.58 0.22
N ASN A 176 -2.31 45.01 -0.76
CA ASN A 176 -1.27 44.03 -0.47
C ASN A 176 -0.22 44.60 0.48
N LYS A 177 0.23 45.81 0.21
CA LYS A 177 1.32 46.43 0.97
C LYS A 177 0.70 47.43 1.94
N VAL A 178 0.39 46.96 3.14
CA VAL A 178 -0.16 47.79 4.19
C VAL A 178 0.59 47.50 5.48
N VAL A 179 0.99 48.54 6.19
CA VAL A 179 1.77 48.39 7.39
C VAL A 179 0.96 48.90 8.58
N VAL A 180 1.52 48.70 9.77
CA VAL A 180 0.80 48.99 11.00
C VAL A 180 1.76 49.16 12.15
N TYR A 181 1.52 50.18 12.97
CA TYR A 181 2.02 50.26 14.33
C TYR A 181 0.82 50.23 15.26
N GLY A 182 1.06 49.95 16.54
CA GLY A 182 0.03 50.04 17.56
C GLY A 182 -1.33 49.56 17.11
N HIS A 183 -2.37 50.30 17.46
CA HIS A 183 -3.69 50.05 16.91
C HIS A 183 -3.79 50.54 15.47
N GLU A 184 -3.04 51.58 15.13
CA GLU A 184 -3.14 52.19 13.81
C GLU A 184 -2.66 51.23 12.74
N VAL A 185 -2.87 51.61 11.48
CA VAL A 185 -2.50 50.76 10.36
C VAL A 185 -2.50 51.63 9.12
N TYR A 186 -1.56 51.35 8.22
CA TYR A 186 -1.33 52.26 7.10
C TYR A 186 -0.93 51.47 5.87
N ASN A 187 -1.57 51.79 4.74
CA ASN A 187 -1.03 51.30 3.49
C ASN A 187 0.28 52.01 3.24
N TYR A 188 1.39 51.33 3.49
CA TYR A 188 2.66 51.75 2.95
C TYR A 188 2.74 51.20 1.54
N ASP A 189 2.82 52.11 0.56
CA ASP A 189 2.87 51.75 -0.85
C ASP A 189 3.69 50.49 -1.07
N PHE A 190 4.90 50.49 -0.55
CA PHE A 190 5.74 49.32 -0.52
C PHE A 190 6.80 49.54 0.54
N PRO A 191 6.95 48.66 1.48
CA PRO A 191 8.10 48.72 2.38
C PRO A 191 9.31 48.14 1.68
N GLU A 192 10.29 48.99 1.38
CA GLU A 192 11.38 48.61 0.49
C GLU A 192 12.28 47.63 1.25
N TYR A 193 11.85 46.36 1.23
CA TYR A 193 12.37 45.35 2.14
C TYR A 193 13.86 45.13 1.95
N GLY A 194 14.26 44.59 0.81
CA GLY A 194 15.68 44.33 0.59
C GLY A 194 16.48 45.61 0.40
N THR A 195 15.86 46.64 -0.16
CA THR A 195 16.57 47.84 -0.56
C THR A 195 16.70 48.80 0.63
N GLY A 196 17.93 48.99 1.10
CA GLY A 196 18.18 49.97 2.12
C GLY A 196 17.83 51.37 1.64
N LYS A 197 16.75 51.93 2.15
CA LYS A 197 16.28 53.24 1.71
C LYS A 197 17.01 54.34 2.45
N ALA A 198 18.34 54.28 2.47
CA ALA A 198 19.18 55.22 3.20
C ALA A 198 18.80 55.30 4.67
N GLY A 199 18.07 54.30 5.15
CA GLY A 199 17.44 54.38 6.46
C GLY A 199 16.32 55.38 6.53
N SER A 200 15.93 55.98 5.41
CA SER A 200 14.88 56.99 5.42
C SER A 200 13.55 56.40 5.88
N PHE A 201 13.25 55.17 5.45
CA PHE A 201 12.13 54.45 6.03
C PHE A 201 12.59 53.07 6.46
N GLY A 202 13.52 52.50 5.70
CA GLY A 202 14.12 51.23 6.06
C GLY A 202 15.26 51.42 7.03
N ASP A 203 14.97 52.10 8.14
CA ASP A 203 16.01 52.32 9.14
C ASP A 203 16.51 51.00 9.72
N LEU A 204 15.61 50.03 9.89
CA LEU A 204 15.98 48.67 10.28
C LEU A 204 15.53 47.75 9.16
N GLN A 205 16.40 47.53 8.19
CA GLN A 205 16.07 46.72 7.03
C GLN A 205 16.29 45.24 7.37
N SER A 206 15.30 44.64 8.02
CA SER A 206 15.41 43.28 8.52
C SER A 206 14.13 42.48 8.29
N ARG A 207 14.31 41.19 7.96
CA ARG A 207 13.17 40.32 7.75
C ARG A 207 12.29 40.22 8.99
N THR A 208 12.89 40.02 10.16
CA THR A 208 12.14 39.86 11.39
C THR A 208 12.85 40.65 12.48
N SER A 209 12.27 40.61 13.68
CA SER A 209 12.98 41.07 14.87
C SER A 209 14.24 40.25 15.09
N THR A 210 14.10 38.93 15.10
CA THR A 210 15.24 38.05 15.31
C THR A 210 16.10 37.90 14.06
N SER A 211 15.56 38.19 12.89
CA SER A 211 16.39 38.21 11.69
C SER A 211 17.37 39.37 11.82
N ASN A 212 18.63 39.05 12.11
CA ASN A 212 19.64 40.07 12.33
C ASN A 212 20.36 40.42 11.03
N ASP A 213 19.55 40.67 10.01
CA ASP A 213 20.03 41.02 8.68
C ASP A 213 19.68 42.49 8.45
N LEU A 214 20.67 43.37 8.62
CA LEU A 214 20.42 44.81 8.50
C LEU A 214 20.93 45.29 7.15
N TYR A 215 20.09 45.11 6.13
CA TYR A 215 20.42 45.63 4.81
C TYR A 215 20.02 47.09 4.74
N ALA A 216 20.46 47.88 5.71
CA ALA A 216 20.17 49.29 5.80
C ALA A 216 21.48 50.06 5.93
N ASN A 217 21.42 51.35 5.63
CA ASN A 217 22.60 52.20 5.67
C ASN A 217 22.29 53.46 6.46
N THR A 218 22.84 53.55 7.68
CA THR A 218 22.89 54.81 8.40
C THR A 218 23.96 55.73 7.84
N ASN A 219 24.68 55.29 6.81
CA ASN A 219 25.70 56.10 6.16
C ASN A 219 26.69 56.60 7.20
N LEU A 220 27.08 55.70 8.10
CA LEU A 220 28.01 56.05 9.16
C LEU A 220 29.36 56.41 8.57
N LYS A 221 29.86 57.58 8.92
CA LYS A 221 31.19 58.03 8.51
C LYS A 221 31.90 58.59 9.72
N LEU A 222 33.16 58.23 9.88
CA LEU A 222 33.95 58.67 11.02
C LEU A 222 34.62 59.99 10.73
N GLN A 223 34.89 60.75 11.80
CA GLN A 223 35.70 61.95 11.72
C GLN A 223 36.97 61.70 12.53
N ARG A 224 37.99 62.50 12.26
CA ARG A 224 39.27 62.26 12.90
C ARG A 224 39.22 62.67 14.37
N PRO A 225 39.47 61.76 15.30
CA PRO A 225 39.71 62.20 16.69
C PRO A 225 40.93 63.09 16.76
N GLN A 226 40.85 64.10 17.62
CA GLN A 226 41.79 65.20 17.60
C GLN A 226 41.75 65.89 18.95
N ALA A 227 42.42 67.04 19.04
CA ALA A 227 42.41 67.90 20.22
C ALA A 227 42.91 67.17 21.46
N GLY A 228 43.73 66.14 21.28
CA GLY A 228 44.18 65.35 22.40
C GLY A 228 43.05 64.59 23.06
N ILE A 229 41.89 64.57 22.41
CA ILE A 229 40.69 63.95 22.95
C ILE A 229 40.60 62.52 22.42
N VAL A 230 40.50 61.56 23.34
CA VAL A 230 40.22 60.18 22.96
C VAL A 230 38.71 60.09 22.67
N HIS A 231 38.36 59.94 21.41
CA HIS A 231 36.97 59.86 21.01
C HIS A 231 36.92 59.36 19.59
N THR A 232 35.70 59.16 19.10
CA THR A 232 35.47 58.73 17.72
C THR A 232 34.45 59.68 17.10
N PRO A 233 34.86 60.90 16.78
CA PRO A 233 33.97 61.80 16.05
C PRO A 233 33.61 61.15 14.73
N PHE A 234 32.37 61.38 14.31
CA PHE A 234 31.82 60.59 13.21
C PHE A 234 30.56 61.28 12.73
N THR A 235 29.88 60.63 11.79
CA THR A 235 28.55 61.01 11.39
C THR A 235 27.84 59.77 10.87
N GLN A 236 26.52 59.84 10.84
CA GLN A 236 25.68 58.75 10.36
C GLN A 236 24.29 59.35 10.12
N VAL A 237 23.33 58.50 9.79
CA VAL A 237 22.02 59.03 9.42
C VAL A 237 21.11 59.03 10.64
N PRO A 238 20.28 60.06 10.80
CA PRO A 238 19.23 60.01 11.82
C PRO A 238 18.21 58.96 11.46
N SER A 239 17.49 58.49 12.49
CA SER A 239 16.56 57.39 12.28
C SER A 239 15.42 57.83 11.38
N GLY A 240 15.58 57.61 10.07
CA GLY A 240 14.64 58.17 9.10
C GLY A 240 13.23 57.66 9.30
N PHE A 241 13.07 56.36 9.50
CA PHE A 241 11.74 55.82 9.74
C PHE A 241 11.10 56.49 10.95
N GLU A 242 11.89 56.83 11.95
CA GLU A 242 11.39 57.66 13.04
C GLU A 242 11.02 59.05 12.55
N ARG A 243 11.87 59.64 11.69
CA ARG A 243 11.54 60.93 11.12
C ARG A 243 10.15 60.90 10.49
N TRP A 244 9.82 59.82 9.80
CA TRP A 244 8.44 59.62 9.37
C TRP A 244 7.52 59.42 10.56
N LYS A 245 8.00 58.75 11.61
CA LYS A 245 7.15 58.59 12.78
C LYS A 245 6.75 59.93 13.36
N LYS A 246 7.36 61.00 12.87
CA LYS A 246 6.77 62.34 12.98
C LYS A 246 5.74 62.61 11.90
N ASP A 247 5.88 62.02 10.71
CA ASP A 247 5.02 62.33 9.57
C ASP A 247 3.97 61.25 9.34
N LYS A 248 3.55 60.56 10.39
CA LYS A 248 2.50 59.58 10.26
C LYS A 248 1.19 60.26 9.86
N GLY A 249 0.34 59.53 9.15
CA GLY A 249 -0.86 60.11 8.60
C GLY A 249 -2.16 59.56 9.15
N ALA A 250 -3.17 59.45 8.29
CA ALA A 250 -4.49 59.00 8.69
C ALA A 250 -4.61 57.50 8.47
N PRO A 251 -4.80 56.70 9.52
CA PRO A 251 -4.93 55.25 9.32
C PRO A 251 -6.15 54.93 8.48
N LEU A 252 -6.03 53.83 7.74
CA LEU A 252 -7.06 53.47 6.78
C LEU A 252 -8.40 53.23 7.45
N ASN A 253 -8.39 52.56 8.61
CA ASN A 253 -9.61 52.36 9.37
C ASN A 253 -10.36 53.68 9.56
N ASP A 254 -9.63 54.77 9.75
CA ASP A 254 -10.24 56.07 9.87
C ASP A 254 -10.69 56.61 8.53
N VAL A 255 -10.21 56.03 7.43
CA VAL A 255 -10.62 56.47 6.10
C VAL A 255 -11.56 55.49 5.45
N ALA A 256 -11.82 54.35 6.08
CA ALA A 256 -12.63 53.32 5.47
C ALA A 256 -14.05 53.82 5.22
N PRO A 257 -14.52 53.83 3.98
CA PRO A 257 -15.89 54.28 3.71
C PRO A 257 -16.93 53.28 4.19
N PHE A 258 -18.18 53.53 3.83
CA PHE A 258 -19.31 52.71 4.29
C PHE A 258 -19.35 52.63 5.80
N GLY A 259 -18.84 53.68 6.45
CA GLY A 259 -18.88 53.84 7.89
C GLY A 259 -18.58 52.58 8.66
N CYS A 260 -17.65 51.79 8.16
CA CYS A 260 -17.39 50.47 8.73
C CYS A 260 -15.91 50.35 9.06
N SER A 261 -15.58 49.33 9.85
CA SER A 261 -14.29 49.29 10.53
C SER A 261 -13.53 48.00 10.25
N ILE A 262 -12.45 47.79 10.99
CA ILE A 262 -11.50 46.74 10.71
C ILE A 262 -11.15 46.00 12.00
N ALA A 263 -10.82 44.71 11.87
CA ALA A 263 -10.33 43.92 12.98
C ALA A 263 -8.84 43.69 12.84
N LEU A 264 -8.14 43.73 13.97
CA LEU A 264 -6.69 43.69 13.98
C LEU A 264 -6.12 42.39 13.42
N GLU A 265 -6.39 41.27 14.08
CA GLU A 265 -5.67 40.04 13.76
C GLU A 265 -5.96 39.52 12.35
N PRO A 266 -7.20 39.44 11.86
CA PRO A 266 -7.43 38.87 10.53
C PRO A 266 -7.54 39.90 9.42
N LEU A 267 -7.35 41.18 9.72
CA LEU A 267 -7.77 42.27 8.86
C LEU A 267 -9.24 42.11 8.48
N ARG A 268 -10.03 41.60 9.43
CA ARG A 268 -11.46 41.48 9.21
C ARG A 268 -12.06 42.86 9.02
N ALA A 269 -12.50 43.17 7.81
CA ALA A 269 -13.31 44.36 7.60
C ALA A 269 -14.64 44.15 8.32
N GLU A 270 -15.20 45.22 8.85
CA GLU A 270 -16.32 45.10 9.77
C GLU A 270 -17.52 45.86 9.25
N ASN A 271 -18.35 45.15 8.48
CA ASN A 271 -19.73 45.55 8.21
C ASN A 271 -19.85 46.80 7.36
N CYS A 272 -19.19 46.79 6.22
CA CYS A 272 -19.47 47.74 5.14
C CYS A 272 -20.64 47.17 4.35
N ALA A 273 -21.86 47.56 4.76
CA ALA A 273 -23.09 46.89 4.33
C ALA A 273 -23.43 47.24 2.89
N VAL A 274 -22.80 46.52 1.96
CA VAL A 274 -23.04 46.68 0.53
C VAL A 274 -23.28 45.32 -0.10
N GLY A 275 -24.25 45.25 -1.01
CA GLY A 275 -24.47 44.08 -1.82
C GLY A 275 -25.71 43.30 -1.41
N SER A 276 -25.89 42.14 -2.05
CA SER A 276 -27.00 41.25 -1.74
C SER A 276 -26.48 39.83 -1.60
N ILE A 277 -27.17 39.05 -0.77
CA ILE A 277 -26.64 37.75 -0.36
C ILE A 277 -27.65 36.65 -0.69
N PRO A 278 -27.35 35.80 -1.67
CA PRO A 278 -28.22 34.66 -1.96
C PRO A 278 -28.11 33.56 -0.91
N ILE A 279 -28.88 33.70 0.16
CA ILE A 279 -28.87 32.73 1.23
C ILE A 279 -29.82 31.59 0.92
N SER A 280 -29.57 30.44 1.55
CA SER A 280 -30.42 29.27 1.39
C SER A 280 -30.47 28.54 2.72
N ILE A 281 -31.68 28.40 3.28
CA ILE A 281 -31.85 27.84 4.62
C ILE A 281 -32.96 26.80 4.60
N ASP A 282 -32.71 25.66 5.25
CA ASP A 282 -33.75 24.68 5.46
C ASP A 282 -34.58 25.06 6.67
N ILE A 283 -35.87 24.75 6.61
CA ILE A 283 -36.79 25.04 7.70
C ILE A 283 -37.40 23.72 8.15
N PRO A 284 -37.89 23.66 9.38
CA PRO A 284 -38.63 22.47 9.79
C PRO A 284 -40.00 22.42 9.13
N ASP A 285 -40.16 21.55 8.14
CA ASP A 285 -41.49 21.37 7.56
C ASP A 285 -42.47 20.81 8.58
N ALA A 286 -41.96 20.18 9.64
CA ALA A 286 -42.81 19.78 10.77
C ALA A 286 -43.38 21.00 11.48
N ALA A 287 -42.63 22.10 11.53
CA ALA A 287 -43.13 23.32 12.16
C ALA A 287 -44.35 23.86 11.45
N PHE A 288 -44.61 23.41 10.21
CA PHE A 288 -45.84 23.74 9.52
C PHE A 288 -47.04 23.16 10.24
N THR A 289 -48.22 23.57 9.80
CA THR A 289 -49.47 22.93 10.17
C THR A 289 -50.36 22.92 8.93
N ARG A 290 -51.64 22.67 9.11
CA ARG A 290 -52.55 22.58 7.99
C ARG A 290 -52.97 23.98 7.55
N ILE A 291 -53.95 24.06 6.67
CA ILE A 291 -54.44 25.34 6.19
C ILE A 291 -55.94 25.43 6.46
N SER A 292 -56.61 24.28 6.52
CA SER A 292 -58.05 24.26 6.72
C SER A 292 -58.45 24.37 8.17
N GLU A 293 -57.64 23.85 9.09
CA GLU A 293 -57.92 23.94 10.52
C GLU A 293 -57.88 25.38 11.02
N THR A 294 -57.37 26.31 10.22
CA THR A 294 -57.09 27.66 10.69
C THR A 294 -58.36 28.45 10.90
N PRO A 295 -58.39 29.32 11.93
CA PRO A 295 -59.38 30.41 11.95
C PRO A 295 -59.29 31.24 10.69
N THR A 296 -60.37 31.24 9.91
CA THR A 296 -60.33 31.76 8.56
C THR A 296 -60.59 33.26 8.51
N VAL A 297 -60.08 33.90 7.45
CA VAL A 297 -60.31 35.30 7.19
C VAL A 297 -61.72 35.52 6.68
N SER A 298 -62.15 36.77 6.67
CA SER A 298 -63.45 37.18 6.13
C SER A 298 -63.42 38.69 6.01
N ASP A 299 -64.56 39.29 5.66
CA ASP A 299 -64.91 40.68 6.03
C ASP A 299 -63.70 41.62 6.01
N LEU A 300 -62.94 41.57 4.92
CA LEU A 300 -61.68 42.30 4.85
C LEU A 300 -61.92 43.80 4.65
N GLU A 301 -61.26 44.61 5.47
CA GLU A 301 -61.19 46.05 5.30
C GLU A 301 -60.17 46.61 6.28
N CYS A 302 -59.37 47.57 5.81
CA CYS A 302 -58.43 48.27 6.67
C CYS A 302 -58.58 49.78 6.50
N LYS A 303 -58.54 50.49 7.62
CA LYS A 303 -58.60 51.94 7.64
C LYS A 303 -57.19 52.51 7.63
N ILE A 304 -56.92 53.39 6.67
CA ILE A 304 -55.66 54.10 6.62
C ILE A 304 -55.75 55.29 7.56
N THR A 305 -55.36 55.12 8.81
CA THR A 305 -55.48 56.21 9.78
C THR A 305 -54.60 57.39 9.40
N GLU A 306 -53.28 57.21 9.46
CA GLU A 306 -52.35 58.27 9.07
C GLU A 306 -50.90 57.82 9.12
N CYS A 307 -50.08 58.38 8.23
CA CYS A 307 -48.64 58.26 8.32
C CYS A 307 -48.01 59.58 7.91
N THR A 308 -46.91 59.94 8.58
CA THR A 308 -46.05 61.03 8.15
C THR A 308 -44.71 60.43 7.75
N TYR A 309 -44.22 60.81 6.57
CA TYR A 309 -43.01 60.17 6.06
C TYR A 309 -41.82 60.55 6.94
N ALA A 310 -41.38 59.60 7.77
CA ALA A 310 -40.29 59.79 8.70
C ALA A 310 -39.58 58.45 8.87
N PHE A 311 -38.41 58.50 9.50
CA PHE A 311 -37.59 57.30 9.61
C PHE A 311 -38.29 56.22 10.42
N ASP A 312 -38.56 56.50 11.70
CA ASP A 312 -39.30 55.58 12.56
C ASP A 312 -40.59 55.16 11.85
N PHE A 313 -41.16 54.01 12.22
CA PHE A 313 -42.31 53.56 11.44
C PHE A 313 -43.48 54.51 11.70
N GLY A 314 -43.29 55.77 11.31
CA GLY A 314 -44.13 56.87 11.71
C GLY A 314 -45.45 56.93 10.97
N GLY A 315 -46.16 55.81 10.96
CA GLY A 315 -47.50 55.81 10.44
C GLY A 315 -48.35 54.71 11.01
N ILE A 316 -49.53 55.08 11.48
CA ILE A 316 -50.44 54.16 12.13
C ILE A 316 -51.70 54.06 11.27
N ALA A 317 -52.18 52.83 11.08
CA ALA A 317 -53.45 52.63 10.40
C ALA A 317 -54.07 51.35 10.95
N THR A 318 -55.38 51.24 10.79
CA THR A 318 -56.11 50.16 11.42
C THR A 318 -56.90 49.37 10.38
N VAL A 319 -57.65 48.39 10.89
CA VAL A 319 -58.52 47.57 10.07
C VAL A 319 -59.90 47.52 10.72
N ALA A 320 -60.89 47.18 9.91
CA ALA A 320 -62.24 46.93 10.36
C ALA A 320 -62.70 45.64 9.69
N TYR A 321 -63.15 44.69 10.49
CA TYR A 321 -63.21 43.34 9.97
C TYR A 321 -64.02 42.45 10.91
N LYS A 322 -64.52 41.34 10.36
CA LYS A 322 -65.17 40.29 11.12
C LYS A 322 -64.56 38.97 10.72
N SER A 323 -64.28 38.13 11.72
CA SER A 323 -63.54 36.89 11.52
C SER A 323 -64.47 35.68 11.44
N SER A 324 -63.93 34.60 10.86
CA SER A 324 -64.60 33.31 10.96
C SER A 324 -64.58 32.81 12.40
N LYS A 325 -63.40 32.81 13.02
CA LYS A 325 -63.28 32.55 14.45
C LYS A 325 -61.97 33.19 14.92
N ALA A 326 -61.89 33.42 16.22
CA ALA A 326 -60.77 34.14 16.79
C ALA A 326 -59.49 33.32 16.71
N GLY A 327 -58.38 33.97 17.03
CA GLY A 327 -57.10 33.29 17.13
C GLY A 327 -55.97 34.25 16.80
N ASN A 328 -55.02 33.75 16.01
CA ASN A 328 -53.85 34.52 15.59
C ASN A 328 -53.54 34.18 14.15
N CYS A 329 -52.88 35.12 13.46
CA CYS A 329 -52.51 34.92 12.08
C CYS A 329 -51.53 35.98 11.63
N PRO A 330 -50.50 35.63 10.86
CA PRO A 330 -49.46 36.60 10.51
C PRO A 330 -49.96 37.65 9.55
N ILE A 331 -49.31 38.80 9.60
CA ILE A 331 -49.57 39.91 8.68
C ILE A 331 -48.23 40.23 8.01
N HIS A 332 -47.95 39.57 6.88
CA HIS A 332 -46.70 39.83 6.20
C HIS A 332 -46.81 41.08 5.36
N SER A 333 -45.67 41.70 5.11
CA SER A 333 -45.63 42.85 4.21
C SER A 333 -44.91 42.45 2.93
N PRO A 334 -45.60 41.81 1.98
CA PRO A 334 -44.96 41.56 0.68
C PRO A 334 -44.51 42.84 0.02
N SER A 335 -45.28 43.90 0.17
CA SER A 335 -44.88 45.24 -0.22
C SER A 335 -44.51 45.99 1.04
N GLY A 336 -43.22 46.09 1.32
CA GLY A 336 -42.75 46.79 2.50
C GLY A 336 -42.61 48.29 2.27
N VAL A 337 -43.59 48.88 1.58
CA VAL A 337 -43.53 50.30 1.27
C VAL A 337 -43.66 51.08 2.56
N ALA A 338 -44.82 50.97 3.21
CA ALA A 338 -44.98 51.48 4.57
C ALA A 338 -44.36 50.44 5.49
N VAL A 339 -43.14 50.68 5.95
CA VAL A 339 -42.39 49.59 6.57
C VAL A 339 -43.05 49.28 7.91
N ILE A 340 -43.82 48.19 7.92
CA ILE A 340 -44.72 47.93 9.03
C ILE A 340 -43.92 47.63 10.29
N LYS A 341 -44.31 48.25 11.40
CA LYS A 341 -43.81 47.81 12.70
C LYS A 341 -44.13 46.34 12.93
N GLU A 342 -45.26 45.87 12.40
CA GLU A 342 -45.78 44.55 12.70
C GLU A 342 -45.53 43.60 11.54
N ASN A 343 -45.42 42.32 11.89
CA ASN A 343 -45.29 41.24 10.93
C ASN A 343 -46.23 40.09 11.19
N ASP A 344 -46.76 39.96 12.40
CA ASP A 344 -47.67 38.90 12.78
C ASP A 344 -48.43 39.39 14.00
N VAL A 345 -49.75 39.20 14.00
CA VAL A 345 -50.60 39.65 15.08
C VAL A 345 -51.62 38.57 15.39
N THR A 346 -52.18 38.64 16.59
CA THR A 346 -53.35 37.82 16.88
C THR A 346 -54.52 38.30 16.03
N LEU A 347 -55.40 37.38 15.70
CA LEU A 347 -56.60 37.69 14.94
C LEU A 347 -57.80 37.23 15.76
N ALA A 348 -58.24 38.10 16.66
CA ALA A 348 -59.45 37.81 17.40
C ALA A 348 -60.66 37.88 16.46
N GLU A 349 -61.79 37.37 16.95
CA GLU A 349 -63.03 37.48 16.20
C GLU A 349 -63.33 38.94 15.93
N SER A 350 -63.65 39.24 14.68
CA SER A 350 -63.77 40.61 14.20
C SER A 350 -62.49 41.39 14.47
N GLY A 351 -61.36 40.79 14.12
CA GLY A 351 -60.11 41.49 14.29
C GLY A 351 -60.12 42.79 13.53
N SER A 352 -60.34 43.88 14.25
CA SER A 352 -60.50 45.21 13.67
C SER A 352 -59.60 46.12 14.51
N PHE A 353 -58.35 46.24 14.09
CA PHE A 353 -57.30 46.80 14.93
C PHE A 353 -56.26 47.44 14.02
N THR A 354 -55.15 47.86 14.61
CA THR A 354 -54.23 48.78 13.95
C THR A 354 -52.82 48.21 13.88
N PHE A 355 -51.91 49.07 13.46
CA PHE A 355 -50.53 48.69 13.14
C PHE A 355 -49.76 49.97 12.84
N HIS A 356 -48.45 49.83 12.68
CA HIS A 356 -47.59 50.98 12.46
C HIS A 356 -46.57 50.66 11.37
N PHE A 357 -46.06 51.71 10.74
CA PHE A 357 -45.35 51.57 9.48
C PHE A 357 -44.74 52.90 9.09
N SER A 358 -43.63 52.86 8.38
CA SER A 358 -43.05 54.06 7.78
C SER A 358 -42.91 53.88 6.27
N THR A 359 -43.28 54.90 5.54
CA THR A 359 -42.88 54.99 4.14
C THR A 359 -42.42 56.42 3.89
N ALA A 360 -41.47 56.56 2.98
CA ALA A 360 -41.02 57.90 2.57
C ALA A 360 -42.09 58.63 1.78
N ASN A 361 -43.18 57.94 1.43
CA ASN A 361 -44.18 58.50 0.53
C ASN A 361 -44.80 59.78 1.09
N ILE A 362 -45.07 60.71 0.18
CA ILE A 362 -46.08 61.72 0.47
C ILE A 362 -47.44 61.06 0.58
N HIS A 363 -47.68 60.02 -0.25
CA HIS A 363 -48.80 59.11 -0.07
C HIS A 363 -48.65 57.90 -0.99
N PRO A 364 -48.87 56.69 -0.48
CA PRO A 364 -48.99 55.52 -1.36
C PRO A 364 -50.42 55.25 -1.77
N ALA A 365 -50.61 54.17 -2.53
CA ALA A 365 -51.92 53.61 -2.81
C ALA A 365 -51.87 52.09 -2.73
N PHE A 366 -50.96 51.55 -1.92
CA PHE A 366 -50.53 50.17 -2.02
C PHE A 366 -51.26 49.29 -1.01
N LYS A 367 -50.81 48.04 -0.93
CA LYS A 367 -51.46 47.02 -0.12
C LYS A 367 -50.43 45.97 0.25
N LEU A 368 -50.81 45.07 1.14
CA LEU A 368 -49.97 43.93 1.49
C LEU A 368 -50.86 42.86 2.12
N GLN A 369 -50.23 41.82 2.65
CA GLN A 369 -50.94 40.61 3.04
C GLN A 369 -51.23 40.58 4.54
N VAL A 370 -52.23 39.79 4.89
CA VAL A 370 -52.54 39.46 6.28
C VAL A 370 -53.29 38.13 6.29
N CYS A 371 -52.78 37.17 7.07
CA CYS A 371 -53.44 35.88 7.27
C CYS A 371 -53.78 35.21 5.95
N THR A 372 -52.78 35.13 5.07
CA THR A 372 -52.96 34.55 3.73
C THR A 372 -54.07 35.27 2.96
N SER A 373 -54.29 36.54 3.29
CA SER A 373 -55.35 37.33 2.69
C SER A 373 -54.82 38.75 2.50
N ALA A 374 -54.38 39.05 1.29
CA ALA A 374 -53.81 40.36 0.98
C ALA A 374 -54.95 41.38 0.89
N VAL A 375 -54.89 42.42 1.72
CA VAL A 375 -55.92 43.44 1.77
C VAL A 375 -55.28 44.80 1.46
N THR A 376 -56.12 45.73 1.02
CA THR A 376 -55.65 46.99 0.47
C THR A 376 -56.00 48.15 1.40
N CYS A 377 -54.97 48.88 1.80
CA CYS A 377 -55.09 50.13 2.55
C CYS A 377 -54.14 51.10 1.87
N LYS A 378 -54.69 52.05 1.13
CA LYS A 378 -53.90 52.74 0.10
C LYS A 378 -52.73 53.52 0.70
N GLY A 379 -52.99 54.32 1.75
CA GLY A 379 -51.95 55.15 2.32
C GLY A 379 -52.16 56.63 2.10
N ASP A 380 -52.66 57.32 3.13
CA ASP A 380 -53.06 58.71 3.00
C ASP A 380 -51.86 59.61 2.77
N CYS A 381 -52.15 60.90 2.56
CA CYS A 381 -51.09 61.89 2.42
C CYS A 381 -50.28 61.97 3.71
N LYS A 382 -48.99 62.22 3.57
CA LYS A 382 -48.08 62.12 4.69
C LYS A 382 -47.36 63.44 4.94
N PRO A 383 -47.34 63.92 6.18
CA PRO A 383 -46.50 65.06 6.51
C PRO A 383 -45.03 64.67 6.52
N PRO A 384 -44.14 65.64 6.35
CA PRO A 384 -42.74 65.41 6.68
C PRO A 384 -42.55 65.41 8.18
N LYS A 385 -41.30 65.41 8.64
CA LYS A 385 -41.01 65.62 10.05
C LYS A 385 -41.84 66.74 10.65
N GLN A 394 -29.82 56.63 9.83
CA GLN A 394 -30.45 55.90 10.93
C GLN A 394 -31.10 54.62 10.43
N HIS A 395 -31.98 54.75 9.44
CA HIS A 395 -32.72 53.60 8.94
C HIS A 395 -33.35 53.96 7.60
N THR A 396 -33.83 52.93 6.91
CA THR A 396 -34.29 53.04 5.53
C THR A 396 -35.69 53.65 5.45
N GLU A 397 -36.25 53.61 4.25
CA GLU A 397 -37.63 53.98 3.94
C GLU A 397 -38.04 53.16 2.72
N SER A 398 -39.10 53.60 2.03
CA SER A 398 -39.45 53.03 0.72
C SER A 398 -38.75 53.81 -0.39
N PHE A 399 -39.01 55.12 -0.47
CA PHE A 399 -38.15 56.16 -1.04
C PHE A 399 -37.84 56.09 -2.53
N THR A 400 -38.24 55.04 -3.24
CA THR A 400 -37.81 54.94 -4.63
C THR A 400 -38.48 56.01 -5.48
N SER A 401 -39.80 55.91 -5.62
CA SER A 401 -40.60 56.95 -6.24
C SER A 401 -42.00 56.98 -5.64
N ALA A 402 -42.25 56.16 -4.62
CA ALA A 402 -43.56 55.97 -4.00
C ALA A 402 -44.09 57.22 -3.31
N ILE A 403 -43.36 58.33 -3.36
CA ILE A 403 -43.73 59.55 -2.67
C ILE A 403 -44.73 60.30 -3.53
N SER A 404 -45.23 59.62 -4.57
CA SER A 404 -46.18 60.19 -5.50
C SER A 404 -47.32 60.91 -4.78
N ALA A 405 -47.81 61.98 -5.40
CA ALA A 405 -48.88 62.79 -4.87
C ALA A 405 -49.88 63.07 -5.97
N THR A 406 -50.94 63.82 -5.62
CA THR A 406 -52.06 64.02 -6.53
C THR A 406 -51.65 64.83 -7.75
N ALA A 407 -51.04 65.99 -7.55
CA ALA A 407 -50.77 66.91 -8.65
C ALA A 407 -49.85 66.28 -9.69
N TRP A 408 -49.01 65.34 -9.27
CA TRP A 408 -48.07 64.70 -10.19
C TRP A 408 -48.81 63.93 -11.27
N SER A 409 -49.57 62.91 -10.85
CA SER A 409 -50.38 62.13 -11.78
C SER A 409 -51.47 62.98 -12.42
N TRP A 410 -51.80 64.12 -11.82
CA TRP A 410 -52.75 65.04 -12.44
C TRP A 410 -52.14 65.72 -13.66
N ILE A 411 -51.05 66.46 -13.45
CA ILE A 411 -50.49 67.28 -14.51
C ILE A 411 -49.84 66.42 -15.58
N LYS A 412 -49.25 65.28 -15.21
CA LYS A 412 -48.61 64.45 -16.22
C LYS A 412 -49.62 64.02 -17.28
N VAL A 413 -50.77 63.50 -16.84
CA VAL A 413 -51.80 63.08 -17.79
C VAL A 413 -52.42 64.30 -18.46
N LEU A 414 -52.56 65.42 -17.74
CA LEU A 414 -53.02 66.66 -18.36
C LEU A 414 -52.23 66.97 -19.63
N VAL A 415 -50.92 67.15 -19.46
CA VAL A 415 -50.09 67.59 -20.57
C VAL A 415 -50.01 66.53 -21.65
N GLY A 416 -49.87 65.25 -21.26
CA GLY A 416 -49.79 64.21 -22.26
C GLY A 416 -51.03 64.12 -23.12
N GLY A 417 -52.20 64.13 -22.48
CA GLY A 417 -53.44 64.07 -23.23
C GLY A 417 -53.65 65.28 -24.12
N THR A 418 -53.34 66.47 -23.59
CA THR A 418 -53.50 67.68 -24.41
C THR A 418 -52.66 67.60 -25.68
N SER A 419 -51.36 67.29 -25.53
CA SER A 419 -50.49 67.21 -26.69
C SER A 419 -50.96 66.14 -27.67
N ALA A 420 -51.29 64.96 -27.14
CA ALA A 420 -51.73 63.87 -28.01
C ALA A 420 -52.95 64.25 -28.80
N PHE A 421 -53.98 64.77 -28.13
CA PHE A 421 -55.23 65.08 -28.81
C PHE A 421 -55.04 66.16 -29.86
N ILE A 422 -54.30 67.22 -29.53
CA ILE A 422 -54.13 68.28 -30.52
C ILE A 422 -53.38 67.78 -31.74
N VAL A 423 -52.31 67.01 -31.54
CA VAL A 423 -51.57 66.53 -32.71
C VAL A 423 -52.43 65.54 -33.51
N LEU A 424 -53.31 64.79 -32.85
CA LEU A 424 -54.17 63.86 -33.57
C LEU A 424 -55.14 64.60 -34.48
N GLY A 425 -55.81 65.62 -33.95
CA GLY A 425 -56.65 66.45 -34.82
C GLY A 425 -55.86 67.04 -35.96
N LEU A 426 -54.63 67.49 -35.67
CA LEU A 426 -53.79 68.11 -36.69
C LEU A 426 -53.54 67.15 -37.84
N ILE A 427 -53.15 65.91 -37.54
CA ILE A 427 -52.89 64.95 -38.62
C ILE A 427 -54.19 64.63 -39.36
N ALA A 428 -55.30 64.50 -38.62
CA ALA A 428 -56.58 64.20 -39.27
C ALA A 428 -56.88 65.20 -40.38
N THR A 429 -56.69 66.49 -40.08
CA THR A 429 -57.03 67.58 -41.01
C THR A 429 -56.69 67.29 -42.47
N ALA A 430 -55.49 66.76 -42.72
CA ALA A 430 -54.98 66.64 -44.08
C ALA A 430 -55.87 65.75 -44.94
N VAL A 431 -55.97 64.47 -44.58
CA VAL A 431 -56.82 63.56 -45.34
C VAL A 431 -58.27 64.00 -45.28
N VAL A 432 -58.68 64.62 -44.16
CA VAL A 432 -60.03 65.15 -44.07
C VAL A 432 -60.32 66.09 -45.23
N ALA A 433 -59.36 66.96 -45.54
CA ALA A 433 -59.49 67.81 -46.71
C ALA A 433 -59.42 67.00 -48.00
N LEU A 434 -58.42 66.12 -48.09
CA LEU A 434 -58.07 65.51 -49.38
C LEU A 434 -59.18 64.64 -49.94
N VAL A 435 -59.99 64.04 -49.07
CA VAL A 435 -60.94 63.02 -49.53
C VAL A 435 -61.91 63.59 -50.57
N LEU A 436 -62.52 64.73 -50.26
CA LEU A 436 -63.50 65.28 -51.21
C LEU A 436 -62.82 65.82 -52.45
N PHE A 437 -61.57 66.28 -52.33
CA PHE A 437 -60.83 66.69 -53.51
C PHE A 437 -60.70 65.51 -54.46
N PHE A 438 -60.42 64.33 -53.91
CA PHE A 438 -60.47 63.12 -54.71
C PHE A 438 -61.87 62.90 -55.27
N HIS A 439 -62.89 63.14 -54.43
CA HIS A 439 -64.27 62.96 -54.87
C HIS A 439 -64.60 63.82 -56.09
N ARG A 440 -63.87 64.92 -56.29
CA ARG A 440 -64.22 65.88 -57.33
C ARG A 440 -64.45 65.21 -58.68
N HIS A 441 -63.56 64.31 -59.06
CA HIS A 441 -63.62 63.68 -60.37
C HIS A 441 -64.63 62.55 -60.40
N ASP B 1 15.60 43.95 42.55
CA ASP B 1 16.07 42.91 43.45
C ASP B 1 17.32 43.36 44.18
N LEU B 2 18.16 42.39 44.56
CA LEU B 2 19.51 42.68 45.05
C LEU B 2 20.49 41.73 44.39
N ASP B 3 20.00 40.57 43.97
CA ASP B 3 20.89 39.54 43.44
C ASP B 3 21.48 39.94 42.10
N THR B 4 20.66 40.50 41.21
CA THR B 4 21.22 41.11 40.00
C THR B 4 21.98 42.38 40.35
N HIS B 5 21.55 43.10 41.40
CA HIS B 5 22.33 44.22 41.89
C HIS B 5 23.69 43.77 42.38
N PHE B 6 23.73 42.64 43.08
CA PHE B 6 25.01 42.10 43.54
C PHE B 6 25.81 41.55 42.37
N THR B 7 25.15 41.03 41.34
CA THR B 7 25.85 40.71 40.10
C THR B 7 26.54 41.94 39.54
N GLN B 8 25.83 43.08 39.55
CA GLN B 8 26.43 44.35 39.16
C GLN B 8 27.63 44.68 40.02
N TYR B 9 27.45 44.66 41.34
CA TYR B 9 28.39 45.26 42.27
C TYR B 9 29.53 44.36 42.70
N LYS B 10 29.46 43.06 42.44
CA LYS B 10 30.46 42.14 42.96
C LYS B 10 31.80 42.35 42.28
N LEU B 11 31.79 42.61 40.97
CA LEU B 11 33.01 42.65 40.19
C LEU B 11 33.12 43.90 39.33
N ALA B 12 32.29 44.91 39.56
CA ALA B 12 32.39 46.17 38.85
C ALA B 12 32.83 47.26 39.81
N ARG B 13 33.59 48.22 39.27
CA ARG B 13 34.12 49.34 40.04
C ARG B 13 33.63 50.63 39.42
N PRO B 14 33.73 51.73 40.14
CA PRO B 14 33.47 53.02 39.51
C PRO B 14 34.57 53.36 38.52
N TYR B 15 34.44 54.51 37.88
CA TYR B 15 35.58 55.18 37.27
C TYR B 15 35.18 56.62 37.06
N ILE B 16 36.09 57.40 36.48
CA ILE B 16 35.82 58.78 36.12
C ILE B 16 36.11 58.94 34.64
N ALA B 17 35.68 60.07 34.11
CA ALA B 17 35.93 60.36 32.70
C ALA B 17 35.87 61.86 32.51
N ASP B 18 36.56 62.33 31.48
CA ASP B 18 36.64 63.76 31.23
C ASP B 18 35.31 64.26 30.66
N CYS B 19 34.27 64.23 31.49
CA CYS B 19 32.94 64.62 31.04
C CYS B 19 32.99 66.05 30.53
N PRO B 20 32.49 66.32 29.34
CA PRO B 20 32.48 67.70 28.83
C PRO B 20 31.48 68.55 29.58
N ASN B 21 31.86 68.98 30.79
CA ASN B 21 30.99 69.75 31.66
C ASN B 21 30.70 71.11 31.04
N CYS B 22 29.96 71.95 31.75
CA CYS B 22 29.70 73.30 31.25
C CYS B 22 30.42 74.38 32.03
N GLY B 23 30.92 74.10 33.23
CA GLY B 23 31.65 75.11 33.96
C GLY B 23 32.89 75.58 33.21
N HIS B 24 33.70 74.63 32.75
CA HIS B 24 34.82 74.94 31.87
C HIS B 24 34.92 73.91 30.76
N SER B 25 33.78 73.57 30.19
CA SER B 25 33.66 72.75 28.98
C SER B 25 34.06 71.30 29.19
N ARG B 26 34.57 70.93 30.37
CA ARG B 26 35.12 69.59 30.53
C ARG B 26 35.44 69.35 31.99
N CYS B 27 35.32 68.08 32.41
CA CYS B 27 35.48 67.72 33.82
C CYS B 27 35.71 66.23 33.96
N ASP B 28 36.63 65.83 34.83
CA ASP B 28 37.03 64.44 35.02
C ASP B 28 36.37 63.80 36.22
N SER B 29 35.13 64.16 36.53
CA SER B 29 34.49 63.66 37.73
C SER B 29 34.13 62.18 37.59
N PRO B 30 33.97 61.47 38.72
CA PRO B 30 33.25 60.19 38.69
C PRO B 30 31.80 60.36 38.27
N ILE B 31 31.31 61.60 38.32
CA ILE B 31 29.95 61.96 37.95
C ILE B 31 29.90 62.08 36.44
N ALA B 32 30.97 61.65 35.78
CA ALA B 32 31.09 61.76 34.32
C ALA B 32 29.83 61.26 33.65
N ILE B 33 29.15 62.16 32.93
CA ILE B 33 27.86 61.85 32.34
C ILE B 33 27.99 60.69 31.38
N GLU B 34 27.01 59.79 31.41
CA GLU B 34 26.97 58.67 30.50
C GLU B 34 25.57 58.06 30.53
N GLU B 35 25.38 57.03 29.70
CA GLU B 35 24.17 56.20 29.71
C GLU B 35 22.91 57.05 29.61
N VAL B 36 23.00 58.20 28.95
CA VAL B 36 21.84 59.06 28.80
C VAL B 36 20.74 58.30 28.08
N ARG B 37 19.63 58.06 28.77
CA ARG B 37 18.55 57.29 28.18
C ARG B 37 17.25 57.64 28.88
N GLY B 38 16.46 58.52 28.26
CA GLY B 38 15.12 58.78 28.73
C GLY B 38 14.12 58.71 27.59
N ASP B 39 13.29 57.67 27.58
CA ASP B 39 12.32 57.49 26.51
C ASP B 39 10.97 56.98 27.00
N ALA B 40 10.70 57.05 28.30
CA ALA B 40 9.38 56.71 28.81
C ALA B 40 8.36 57.75 28.38
N HIS B 41 7.09 57.34 28.34
CA HIS B 41 6.02 58.31 28.14
C HIS B 41 6.00 59.35 29.24
N ALA B 42 6.31 58.94 30.47
CA ALA B 42 6.45 59.91 31.55
C ALA B 42 7.70 60.76 31.39
N GLY B 43 8.56 60.44 30.44
CA GLY B 43 9.80 61.17 30.29
C GLY B 43 10.81 60.88 31.38
N VAL B 44 10.70 59.72 32.01
CA VAL B 44 11.71 59.32 32.98
C VAL B 44 12.96 58.87 32.23
N ILE B 45 14.10 58.98 32.89
CA ILE B 45 15.40 58.80 32.26
C ILE B 45 16.17 57.81 33.11
N ARG B 46 16.47 56.65 32.54
CA ARG B 46 17.36 55.71 33.21
C ARG B 46 18.76 55.89 32.64
N ILE B 47 19.69 56.23 33.52
CA ILE B 47 21.04 56.61 33.15
C ILE B 47 22.01 55.90 34.08
N GLN B 48 23.28 56.22 33.91
CA GLN B 48 24.38 55.67 34.67
C GLN B 48 25.62 56.46 34.28
N THR B 49 26.56 56.55 35.19
CA THR B 49 27.72 57.40 34.97
C THR B 49 28.98 56.56 34.98
N SER B 50 30.13 57.24 34.94
CA SER B 50 31.41 56.55 34.99
C SER B 50 31.63 55.81 36.30
N ALA B 51 30.91 56.19 37.35
CA ALA B 51 31.10 55.60 38.67
C ALA B 51 29.83 54.88 39.11
N MET B 52 30.01 53.84 39.90
CA MET B 52 28.85 53.22 40.54
C MET B 52 28.22 54.21 41.50
N PHE B 53 26.91 54.15 41.61
CA PHE B 53 26.15 55.10 42.42
C PHE B 53 25.10 54.29 43.16
N GLY B 54 24.07 54.98 43.66
CA GLY B 54 23.03 54.27 44.35
C GLY B 54 23.62 53.46 45.49
N LEU B 55 23.63 52.14 45.33
CA LEU B 55 24.20 51.27 46.33
C LEU B 55 25.70 51.47 46.45
N LYS B 56 26.23 51.15 47.64
CA LYS B 56 27.66 51.05 47.85
C LYS B 56 28.23 49.92 47.00
N THR B 57 29.57 49.87 46.92
CA THR B 57 30.26 48.94 46.02
C THR B 57 29.90 47.49 46.30
N ASP B 58 29.42 47.16 47.49
CA ASP B 58 28.92 45.81 47.74
C ASP B 58 27.56 45.60 47.08
N GLY B 59 26.71 46.62 47.09
CA GLY B 59 25.35 46.49 46.61
C GLY B 59 24.34 46.85 47.69
N VAL B 60 24.76 47.70 48.64
CA VAL B 60 23.93 48.14 49.75
C VAL B 60 23.98 49.65 49.82
N ASP B 61 23.08 50.23 50.61
CA ASP B 61 23.03 51.67 50.86
C ASP B 61 22.84 52.44 49.54
N LEU B 62 21.62 52.31 49.01
CA LEU B 62 21.23 53.00 47.78
C LEU B 62 21.52 54.50 47.83
N ALA B 63 21.81 55.02 49.03
CA ALA B 63 22.30 56.39 49.18
C ALA B 63 23.81 56.45 49.32
N TYR B 64 24.55 55.46 48.81
CA TYR B 64 26.00 55.45 48.87
C TYR B 64 26.58 55.40 47.47
N MET B 65 27.06 56.53 46.98
CA MET B 65 27.59 56.65 45.63
C MET B 65 28.98 56.01 45.58
N SER B 66 29.05 54.78 45.09
CA SER B 66 30.32 54.06 45.02
C SER B 66 31.15 54.66 43.89
N PHE B 67 31.68 55.86 44.15
CA PHE B 67 32.27 56.70 43.12
C PHE B 67 33.79 56.69 43.21
N MET B 68 34.43 56.74 42.04
CA MET B 68 35.89 56.69 41.95
C MET B 68 36.46 58.05 42.33
N ASN B 69 36.61 58.26 43.64
CA ASN B 69 37.16 59.52 44.11
C ASN B 69 38.61 59.64 43.64
N GLY B 70 38.84 60.48 42.64
CA GLY B 70 40.16 60.55 42.03
C GLY B 70 40.58 59.19 41.50
N LYS B 71 41.85 58.85 41.76
CA LYS B 71 42.34 57.52 41.42
C LYS B 71 41.61 56.44 42.20
N THR B 72 41.40 56.67 43.49
CA THR B 72 40.78 55.68 44.35
C THR B 72 39.28 55.59 44.09
N GLN B 73 38.64 54.65 44.78
CA GLN B 73 37.21 54.44 44.72
C GLN B 73 36.60 54.69 46.09
N LYS B 74 35.44 55.34 46.11
CA LYS B 74 34.81 55.73 47.36
C LYS B 74 33.29 55.60 47.24
N SER B 75 32.65 55.34 48.36
CA SER B 75 31.19 55.28 48.42
C SER B 75 30.73 56.17 49.59
N ILE B 76 30.38 57.41 49.27
CA ILE B 76 29.93 58.35 50.29
C ILE B 76 28.43 58.53 50.13
N LYS B 77 27.83 59.28 51.03
CA LYS B 77 26.39 59.52 50.99
C LYS B 77 26.01 60.18 49.67
N ILE B 78 24.77 59.92 49.24
CA ILE B 78 24.19 60.54 48.06
C ILE B 78 23.25 61.59 48.61
N ASP B 79 23.64 62.15 49.76
CA ASP B 79 22.91 63.18 50.46
C ASP B 79 22.26 64.20 49.53
N ASN B 80 23.07 64.83 48.68
CA ASN B 80 22.56 65.92 47.85
C ASN B 80 23.23 65.92 46.50
N LEU B 81 22.43 65.71 45.46
CA LEU B 81 22.76 66.06 44.09
C LEU B 81 21.63 66.89 43.55
N HIS B 82 21.95 67.90 42.76
CA HIS B 82 20.91 68.76 42.20
C HIS B 82 20.36 68.07 40.95
N VAL B 83 19.17 67.48 41.09
CA VAL B 83 18.51 66.78 40.00
C VAL B 83 17.70 67.82 39.23
N ARG B 84 18.21 68.20 38.06
CA ARG B 84 17.59 69.32 37.36
C ARG B 84 18.00 69.30 35.89
N THR B 85 17.02 69.18 35.01
CA THR B 85 17.16 69.51 33.59
C THR B 85 17.06 71.02 33.47
N SER B 86 16.67 71.52 32.30
CA SER B 86 16.25 72.91 32.20
C SER B 86 15.51 73.34 33.46
N ALA B 87 14.53 72.56 33.89
CA ALA B 87 13.83 72.74 35.13
C ALA B 87 14.23 71.66 36.13
N PRO B 88 13.89 71.82 37.41
CA PRO B 88 14.23 70.78 38.40
C PRO B 88 13.68 69.42 37.99
N CYS B 89 14.57 68.44 37.93
CA CYS B 89 14.20 67.11 37.47
C CYS B 89 13.27 66.42 38.46
N SER B 90 12.30 65.68 37.91
CA SER B 90 11.35 64.92 38.72
C SER B 90 11.92 63.53 39.00
N LEU B 91 13.05 63.52 39.68
CA LEU B 91 13.80 62.29 39.89
C LEU B 91 12.96 61.23 40.59
N VAL B 92 13.11 59.98 40.15
CA VAL B 92 12.41 58.85 40.75
C VAL B 92 13.36 58.01 41.61
N SER B 93 14.39 57.44 41.01
CA SER B 93 15.20 56.45 41.72
C SER B 93 16.56 56.33 41.03
N HIS B 94 17.26 55.26 41.35
CA HIS B 94 18.47 54.85 40.66
C HIS B 94 18.66 53.36 40.91
N HIS B 95 19.77 52.83 40.41
CA HIS B 95 20.14 51.46 40.75
C HIS B 95 21.65 51.35 40.59
N GLY B 96 22.36 51.40 41.71
CA GLY B 96 23.80 51.19 41.63
C GLY B 96 24.43 52.12 40.62
N TYR B 97 25.21 51.53 39.72
CA TYR B 97 25.71 52.28 38.57
C TYR B 97 24.58 53.01 37.86
N TYR B 98 23.47 52.31 37.62
CA TYR B 98 22.35 52.91 36.90
C TYR B 98 21.63 53.94 37.75
N ILE B 99 20.99 54.89 37.07
CA ILE B 99 20.12 55.87 37.72
C ILE B 99 18.86 56.01 36.88
N LEU B 100 17.70 55.89 37.51
CA LEU B 100 16.42 56.07 36.83
C LEU B 100 15.70 57.26 37.47
N ALA B 101 15.80 58.42 36.83
CA ALA B 101 15.13 59.63 37.27
C ALA B 101 14.25 60.15 36.16
N GLN B 102 13.37 61.09 36.50
CA GLN B 102 12.56 61.77 35.51
C GLN B 102 12.88 63.26 35.56
N CYS B 103 12.57 63.95 34.47
CA CYS B 103 12.81 65.38 34.37
C CYS B 103 11.68 66.01 33.59
N PRO B 104 11.42 67.29 33.83
CA PRO B 104 10.52 68.06 32.97
C PRO B 104 11.17 68.32 31.62
N PRO B 105 10.40 68.76 30.63
CA PRO B 105 11.00 69.04 29.32
C PRO B 105 12.05 70.14 29.41
N GLY B 106 12.74 70.33 28.29
CA GLY B 106 13.87 71.24 28.23
C GLY B 106 14.96 70.69 27.34
N ASP B 107 16.22 71.07 27.57
CA ASP B 107 17.30 70.51 26.76
C ASP B 107 18.54 70.10 27.54
N THR B 108 18.86 70.68 28.69
CA THR B 108 20.17 70.42 29.27
C THR B 108 20.02 69.93 30.70
N VAL B 109 20.66 68.81 30.99
CA VAL B 109 20.69 68.27 32.34
C VAL B 109 21.70 69.05 33.16
N THR B 110 21.38 69.28 34.42
CA THR B 110 22.23 70.01 35.36
C THR B 110 22.26 69.19 36.63
N VAL B 111 23.26 68.33 36.77
CA VAL B 111 23.33 67.38 37.87
C VAL B 111 24.77 67.28 38.37
N GLY B 112 24.92 67.18 39.69
CA GLY B 112 26.21 67.01 40.33
C GLY B 112 26.02 66.90 41.82
N PHE B 113 26.68 65.93 42.45
CA PHE B 113 26.43 65.64 43.85
C PHE B 113 27.07 66.73 44.72
N HIS B 114 26.32 67.21 45.70
CA HIS B 114 26.78 68.29 46.55
C HIS B 114 27.80 67.71 47.53
N ASP B 115 29.03 67.56 47.03
CA ASP B 115 30.11 67.08 47.88
C ASP B 115 30.34 68.02 49.06
N GLY B 116 30.23 69.31 48.82
CA GLY B 116 30.52 70.31 49.82
C GLY B 116 31.65 71.23 49.40
N PRO B 117 32.73 70.68 48.83
CA PRO B 117 33.70 71.55 48.16
C PRO B 117 33.35 71.78 46.71
N ASN B 118 32.50 70.91 46.17
CA ASN B 118 32.23 70.92 44.73
C ASN B 118 31.00 70.07 44.46
N ARG B 119 30.41 70.28 43.29
CA ARG B 119 29.38 69.38 42.82
C ARG B 119 29.94 68.28 41.93
N HIS B 120 31.15 68.45 41.43
CA HIS B 120 31.77 67.52 40.49
C HIS B 120 30.84 67.27 39.31
N THR B 121 30.05 68.30 38.99
CA THR B 121 28.90 68.14 38.11
C THR B 121 29.33 67.83 36.69
N CYS B 122 28.45 67.14 35.98
CA CYS B 122 28.56 66.97 34.54
C CYS B 122 27.21 67.31 33.94
N THR B 123 27.23 68.05 32.85
CA THR B 123 26.02 68.59 32.25
C THR B 123 26.05 68.35 30.75
N VAL B 124 24.87 68.12 30.18
CA VAL B 124 24.75 67.71 28.79
C VAL B 124 23.43 68.22 28.24
N ALA B 125 23.50 68.77 27.02
CA ALA B 125 22.29 69.21 26.33
C ALA B 125 21.66 68.05 25.57
N HIS B 126 20.37 67.84 25.79
CA HIS B 126 19.59 66.86 25.04
C HIS B 126 18.13 67.27 25.17
N LYS B 127 17.52 67.67 24.06
CA LYS B 127 16.18 68.23 24.11
C LYS B 127 15.20 67.27 24.78
N VAL B 128 14.37 67.82 25.67
CA VAL B 128 13.48 67.02 26.51
C VAL B 128 12.03 67.36 26.12
N GLU B 129 11.16 66.36 26.28
CA GLU B 129 9.78 66.45 25.81
C GLU B 129 8.85 65.76 26.78
N PHE B 130 7.60 66.23 26.83
CA PHE B 130 6.52 65.51 27.46
C PHE B 130 5.79 64.72 26.39
N ARG B 131 5.60 63.43 26.64
CA ARG B 131 4.96 62.59 25.63
C ARG B 131 3.56 63.13 25.37
N PRO B 132 3.22 63.45 24.13
CA PRO B 132 1.91 64.04 23.85
C PRO B 132 0.81 63.08 24.24
N VAL B 133 -0.36 63.64 24.55
CA VAL B 133 -1.45 62.86 25.10
C VAL B 133 -2.20 62.26 23.90
N GLY B 134 -1.62 61.19 23.38
CA GLY B 134 -2.23 60.41 22.32
C GLY B 134 -2.85 61.23 21.21
N ARG B 135 -4.18 61.17 21.16
CA ARG B 135 -5.00 61.79 20.13
C ARG B 135 -5.03 63.31 20.22
N GLU B 136 -4.37 63.93 21.20
CA GLU B 136 -4.50 65.36 21.46
C GLU B 136 -3.14 66.01 21.66
N LYS B 137 -3.09 67.32 21.41
CA LYS B 137 -1.91 68.14 21.67
C LYS B 137 -2.12 68.88 22.97
N TYR B 138 -1.31 68.56 23.98
CA TYR B 138 -1.40 69.18 25.29
C TYR B 138 0.00 69.31 25.87
N ARG B 139 0.07 69.87 27.07
CA ARG B 139 1.30 69.93 27.85
C ARG B 139 1.27 68.99 29.05
N HIS B 140 0.26 69.04 29.80
CA HIS B 140 0.36 68.19 30.97
C HIS B 140 -0.36 66.87 30.74
N PRO B 141 0.07 65.81 31.42
CA PRO B 141 -0.75 64.60 31.45
C PRO B 141 -1.97 64.81 32.32
N PRO B 142 -3.17 64.82 31.74
CA PRO B 142 -4.38 65.10 32.53
C PRO B 142 -4.54 64.10 33.66
N GLU B 143 -4.97 64.62 34.81
CA GLU B 143 -5.09 63.77 36.00
C GLU B 143 -6.08 62.64 35.78
N HIS B 144 -7.13 62.88 35.00
CA HIS B 144 -8.15 61.87 34.77
C HIS B 144 -8.69 62.04 33.35
N GLY B 145 -9.81 61.39 33.08
CA GLY B 145 -10.47 61.45 31.78
C GLY B 145 -10.37 60.15 31.00
N VAL B 146 -9.55 60.13 29.95
CA VAL B 146 -9.45 58.99 29.05
C VAL B 146 -8.15 58.25 29.31
N GLU B 147 -8.25 56.94 29.52
CA GLU B 147 -7.12 56.11 29.90
C GLU B 147 -6.47 55.49 28.67
N LEU B 148 -5.16 55.63 28.56
CA LEU B 148 -4.44 55.22 27.37
C LEU B 148 -3.18 54.45 27.73
N PRO B 149 -2.75 53.53 26.88
CA PRO B 149 -1.44 52.91 27.07
C PRO B 149 -0.34 53.95 26.94
N CYS B 150 0.75 53.74 27.69
CA CYS B 150 1.87 54.66 27.61
C CYS B 150 3.13 53.96 28.09
N ASN B 151 4.16 53.96 27.24
CA ASN B 151 5.39 53.25 27.53
C ASN B 151 6.10 53.85 28.75
N ARG B 152 6.97 53.05 29.36
CA ARG B 152 7.74 53.54 30.48
C ARG B 152 8.84 52.56 30.84
N TYR B 153 10.01 53.10 31.19
CA TYR B 153 11.02 52.31 31.89
C TYR B 153 10.43 51.78 33.18
N THR B 154 10.24 50.47 33.30
CA THR B 154 9.69 49.96 34.55
C THR B 154 10.70 50.20 35.67
N HIS B 155 10.24 50.87 36.73
CA HIS B 155 11.11 51.25 37.82
C HIS B 155 11.74 50.04 38.51
N LYS B 156 11.13 48.87 38.37
CA LYS B 156 11.66 47.69 39.02
C LYS B 156 13.10 47.47 38.61
N ARG B 157 13.96 47.22 39.59
CA ARG B 157 15.36 46.95 39.36
C ARG B 157 15.65 45.46 39.28
N ALA B 158 14.63 44.63 39.45
CA ALA B 158 14.76 43.17 39.40
C ALA B 158 14.62 42.72 37.95
N ASP B 159 15.70 42.90 37.19
CA ASP B 159 15.77 42.41 35.82
C ASP B 159 17.04 41.58 35.66
N GLN B 160 16.97 40.62 34.75
CA GLN B 160 18.17 40.09 34.11
C GLN B 160 17.95 39.83 32.63
N GLY B 161 16.76 40.12 32.11
CA GLY B 161 16.56 40.04 30.67
C GLY B 161 17.46 41.00 29.92
N HIS B 162 17.75 42.14 30.53
CA HIS B 162 18.77 43.06 30.04
C HIS B 162 20.08 42.78 30.77
N TYR B 163 21.16 43.29 30.20
CA TYR B 163 22.49 43.01 30.75
C TYR B 163 23.52 43.88 30.04
N VAL B 164 24.62 44.12 30.75
CA VAL B 164 25.79 44.81 30.21
C VAL B 164 27.02 44.04 30.68
N GLU B 165 27.99 43.88 29.79
CA GLU B 165 29.18 43.11 30.12
C GLU B 165 30.18 44.00 30.86
N MET B 166 30.51 43.61 32.09
CA MET B 166 31.48 44.36 32.90
C MET B 166 32.86 44.03 32.37
N HIS B 167 33.28 44.80 31.37
CA HIS B 167 34.47 44.44 30.61
C HIS B 167 35.71 44.47 31.48
N GLN B 168 36.71 43.72 31.04
CA GLN B 168 38.00 43.78 31.71
C GLN B 168 38.59 45.18 31.55
N PRO B 169 38.96 45.85 32.64
CA PRO B 169 39.61 47.16 32.50
C PRO B 169 41.01 46.99 31.91
N GLY B 170 41.69 48.12 31.76
CA GLY B 170 42.97 48.06 31.10
C GLY B 170 44.13 48.80 31.72
N LEU B 171 44.71 49.70 30.94
CA LEU B 171 45.96 50.38 31.25
C LEU B 171 45.70 51.76 31.83
N VAL B 172 46.67 52.23 32.61
CA VAL B 172 46.60 53.57 33.18
C VAL B 172 48.02 54.10 33.36
N ALA B 173 48.32 55.21 32.71
CA ALA B 173 49.62 55.85 32.88
C ALA B 173 49.60 56.70 34.15
N ASP B 174 50.77 56.84 34.76
CA ASP B 174 50.89 57.63 35.99
C ASP B 174 52.16 58.45 35.94
N HIS B 175 52.28 59.38 36.90
CA HIS B 175 53.44 60.24 37.01
C HIS B 175 54.03 60.23 38.42
N SER B 176 53.14 60.15 39.42
CA SER B 176 53.54 60.43 40.80
C SER B 176 54.49 59.38 41.36
N LEU B 177 54.38 58.13 40.88
CA LEU B 177 55.26 57.08 41.39
C LEU B 177 56.72 57.34 41.06
N LEU B 178 56.99 58.18 40.05
CA LEU B 178 58.35 58.52 39.67
C LEU B 178 58.88 59.61 40.58
N SER B 179 59.24 59.20 41.81
CA SER B 179 59.86 60.11 42.75
C SER B 179 61.33 60.31 42.40
N ILE B 180 62.05 61.05 43.24
CA ILE B 180 63.45 61.37 43.01
C ILE B 180 64.31 60.50 43.92
N HIS B 181 65.45 60.03 43.39
CA HIS B 181 66.39 59.23 44.15
C HIS B 181 67.44 60.09 44.84
N SER B 182 67.13 61.38 45.07
CA SER B 182 68.02 62.39 45.63
C SER B 182 69.08 62.76 44.61
N ALA B 183 69.14 62.03 43.50
CA ALA B 183 69.96 62.42 42.36
C ALA B 183 69.27 62.21 41.01
N LYS B 184 68.20 61.43 40.95
CA LYS B 184 67.57 61.03 39.69
C LYS B 184 66.24 60.37 40.04
N VAL B 185 65.63 59.70 39.05
CA VAL B 185 64.31 59.12 39.24
C VAL B 185 64.31 58.11 40.38
N LYS B 186 63.11 57.88 40.94
CA LYS B 186 62.94 56.89 42.00
C LYS B 186 61.50 56.40 41.93
N ILE B 187 61.30 55.23 41.33
CA ILE B 187 59.97 54.66 41.30
C ILE B 187 59.52 54.33 42.72
N THR B 188 58.24 54.56 43.00
CA THR B 188 57.64 54.20 44.29
C THR B 188 56.28 53.60 44.01
N VAL B 189 56.18 52.28 44.13
CA VAL B 189 54.98 51.53 43.78
C VAL B 189 54.21 51.20 45.05
N PRO B 190 52.92 51.54 45.13
CA PRO B 190 52.14 51.19 46.33
C PRO B 190 52.00 49.69 46.54
N SER B 191 51.39 48.99 45.57
CA SER B 191 51.12 47.57 45.72
C SER B 191 50.75 46.92 44.39
N GLY B 192 51.49 45.88 43.99
CA GLY B 192 51.17 45.08 42.83
C GLY B 192 51.00 45.84 41.53
N ALA B 193 51.32 47.14 41.57
CA ALA B 193 51.16 48.02 40.41
C ALA B 193 52.42 47.88 39.56
N GLN B 194 52.40 46.94 38.64
CA GLN B 194 53.53 46.77 37.73
C GLN B 194 53.53 47.93 36.77
N VAL B 195 53.90 49.10 37.26
CA VAL B 195 53.79 50.33 36.51
C VAL B 195 54.86 50.37 35.43
N LYS B 196 54.45 50.08 34.19
CA LYS B 196 55.34 50.23 33.05
C LYS B 196 56.03 51.58 33.13
N TYR B 197 57.36 51.57 33.15
CA TYR B 197 58.14 52.78 33.17
C TYR B 197 59.26 52.67 32.16
N TYR B 198 59.48 53.73 31.40
CA TYR B 198 60.50 53.75 30.35
C TYR B 198 61.19 55.11 30.40
N CYS B 199 62.37 55.14 31.00
CA CYS B 199 63.24 56.31 30.96
C CYS B 199 63.95 56.32 29.61
N LYS B 200 65.02 57.13 29.47
CA LYS B 200 65.69 57.24 28.18
C LYS B 200 66.05 55.86 27.61
N CYS B 201 66.68 55.02 28.42
CA CYS B 201 66.87 53.63 28.04
C CYS B 201 65.63 52.83 28.39
N PRO B 202 65.46 51.64 27.80
CA PRO B 202 64.35 50.78 28.22
C PRO B 202 64.50 50.31 29.66
N ASP B 203 63.60 50.76 30.52
CA ASP B 203 63.48 50.22 31.87
C ASP B 203 62.58 48.99 31.80
N VAL B 204 61.99 48.59 32.92
CA VAL B 204 61.04 47.49 32.88
C VAL B 204 59.72 48.05 32.37
N ARG B 205 59.54 48.04 31.05
CA ARG B 205 58.25 48.39 30.47
C ARG B 205 57.19 47.35 30.79
N LYS B 206 57.59 46.18 31.27
CA LYS B 206 56.64 45.28 31.90
C LYS B 206 56.12 45.82 33.23
N GLY B 207 56.76 46.86 33.76
CA GLY B 207 56.36 47.43 35.03
C GLY B 207 56.97 46.68 36.20
N ILE B 208 57.06 47.40 37.32
CA ILE B 208 57.63 46.86 38.55
C ILE B 208 56.72 47.22 39.71
N THR B 209 56.61 46.30 40.68
CA THR B 209 56.19 46.68 42.01
C THR B 209 57.38 47.13 42.85
N SER B 210 58.59 46.88 42.39
CA SER B 210 59.79 47.35 43.05
C SER B 210 59.92 48.87 42.89
N SER B 211 60.91 49.43 43.57
CA SER B 211 61.19 50.86 43.51
C SER B 211 62.38 51.15 42.59
N ASP B 212 62.50 50.35 41.53
CA ASP B 212 63.67 50.41 40.66
C ASP B 212 63.65 51.67 39.80
N HIS B 213 64.85 52.24 39.60
CA HIS B 213 65.01 53.54 38.97
C HIS B 213 66.35 53.56 38.25
N THR B 214 66.37 54.14 37.06
CA THR B 214 67.54 54.05 36.17
C THR B 214 68.09 55.43 35.85
N THR B 215 69.42 55.54 35.87
CA THR B 215 70.11 56.81 35.66
C THR B 215 70.14 57.22 34.19
N THR B 216 69.68 56.37 33.27
CA THR B 216 69.61 56.74 31.87
C THR B 216 68.82 58.02 31.68
N CYS B 217 67.81 58.26 32.53
CA CYS B 217 67.12 59.53 32.62
C CYS B 217 67.24 59.98 34.07
N THR B 218 68.26 60.78 34.36
CA THR B 218 68.29 61.51 35.63
C THR B 218 67.00 62.31 35.79
N ASP B 219 66.52 62.89 34.69
CA ASP B 219 65.19 63.48 34.64
C ASP B 219 64.12 62.41 34.76
N VAL B 220 62.97 62.80 35.32
CA VAL B 220 61.83 61.90 35.44
C VAL B 220 60.91 62.08 34.24
N LYS B 221 61.39 62.81 33.23
CA LYS B 221 60.52 63.28 32.16
C LYS B 221 60.22 62.19 31.14
N GLN B 222 61.25 61.66 30.48
CA GLN B 222 61.03 60.59 29.52
C GLN B 222 60.46 59.35 30.21
N CYS B 223 60.80 59.16 31.48
CA CYS B 223 60.32 58.00 32.25
C CYS B 223 58.79 57.93 32.19
N ARG B 224 58.29 56.86 31.58
CA ARG B 224 56.88 56.74 31.22
C ARG B 224 56.20 55.75 32.16
N ALA B 225 55.67 56.24 33.28
CA ALA B 225 55.07 55.39 34.30
C ALA B 225 53.64 55.03 33.91
N TYR B 226 53.36 53.72 33.81
CA TYR B 226 52.08 53.24 33.29
C TYR B 226 51.60 52.06 34.13
N LEU B 227 50.56 52.28 34.92
CA LEU B 227 49.92 51.23 35.70
C LEU B 227 48.95 50.43 34.83
N ILE B 228 48.60 49.24 35.30
CA ILE B 228 47.58 48.40 34.67
C ILE B 228 46.77 47.74 35.78
N ASP B 229 45.46 47.62 35.56
CA ASP B 229 44.59 47.09 36.60
C ASP B 229 43.47 46.26 36.01
N ASN B 230 43.00 45.28 36.80
CA ASN B 230 41.81 44.49 36.50
C ASN B 230 41.04 44.12 37.76
N LYS B 231 41.11 44.97 38.81
CA LYS B 231 40.54 44.61 40.10
C LYS B 231 39.05 44.31 40.00
N LYS B 232 38.25 45.33 39.73
CA LYS B 232 36.87 45.14 39.33
C LYS B 232 36.78 45.36 37.82
N TRP B 233 35.58 45.34 37.29
CA TRP B 233 35.40 45.25 35.85
C TRP B 233 34.34 46.22 35.36
N VAL B 234 34.71 47.06 34.40
CA VAL B 234 33.82 48.06 33.82
C VAL B 234 33.82 47.92 32.31
N TYR B 235 32.73 48.34 31.70
CA TYR B 235 32.61 48.23 30.25
C TYR B 235 33.38 49.35 29.56
N ASN B 236 34.00 49.00 28.44
CA ASN B 236 34.80 49.94 27.68
C ASN B 236 33.91 50.95 26.95
N SER B 237 34.55 51.85 26.22
CA SER B 237 33.84 52.86 25.46
C SER B 237 34.79 53.54 24.49
N GLY B 238 34.23 54.40 23.64
CA GLY B 238 35.07 55.29 22.88
C GLY B 238 35.82 56.26 23.77
N ARG B 239 35.16 56.74 24.82
CA ARG B 239 35.84 57.59 25.79
C ARG B 239 36.59 56.70 26.77
N LEU B 240 37.36 55.76 26.24
CA LEU B 240 38.15 54.77 26.98
C LEU B 240 39.15 54.15 26.01
N PRO B 241 40.43 54.15 26.34
CA PRO B 241 41.43 53.60 25.43
C PRO B 241 41.30 52.09 25.32
N ARG B 242 42.13 51.52 24.46
CA ARG B 242 42.14 50.07 24.34
C ARG B 242 42.78 49.50 25.60
N GLY B 243 41.97 49.27 26.63
CA GLY B 243 42.49 48.69 27.84
C GLY B 243 43.08 47.32 27.58
N GLU B 244 44.11 47.00 28.37
CA GLU B 244 44.80 45.72 28.20
C GLU B 244 43.85 44.54 28.30
N GLY B 245 42.82 44.65 29.14
CA GLY B 245 41.88 43.56 29.30
C GLY B 245 40.74 43.55 28.30
N ASP B 246 40.84 42.69 27.30
CA ASP B 246 39.75 42.47 26.36
C ASP B 246 38.91 41.26 26.77
N THR B 247 38.49 41.23 28.03
CA THR B 247 37.88 40.05 28.61
C THR B 247 36.74 40.47 29.53
N PHE B 248 36.27 39.51 30.32
CA PHE B 248 35.23 39.72 31.32
C PHE B 248 33.94 40.21 30.68
N LYS B 249 33.38 39.37 29.82
CA LYS B 249 32.08 39.64 29.21
C LYS B 249 30.96 39.22 30.17
N GLY B 250 31.03 39.77 31.38
CA GLY B 250 30.04 39.44 32.39
C GLY B 250 28.81 40.29 32.25
N LYS B 251 27.76 39.72 31.64
CA LYS B 251 26.58 40.47 31.27
C LYS B 251 25.74 40.81 32.49
N LEU B 252 26.03 41.95 33.11
CA LEU B 252 25.34 42.37 34.33
C LEU B 252 24.07 43.10 33.96
N HIS B 253 22.97 42.72 34.62
CA HIS B 253 21.65 43.20 34.25
C HIS B 253 21.59 44.73 34.22
N VAL B 254 20.75 45.26 33.35
CA VAL B 254 20.30 46.63 33.53
C VAL B 254 19.00 46.53 34.32
N PRO B 255 18.82 47.36 35.33
CA PRO B 255 17.75 47.13 36.31
C PRO B 255 16.36 47.37 35.74
N PHE B 256 16.18 48.55 35.16
CA PHE B 256 14.88 48.99 34.67
C PHE B 256 14.67 48.50 33.24
N VAL B 257 13.41 48.53 32.80
CA VAL B 257 13.08 48.04 31.47
C VAL B 257 12.01 48.95 30.87
N PRO B 258 12.23 49.48 29.68
CA PRO B 258 11.15 50.18 28.96
C PRO B 258 9.97 49.25 28.73
N VAL B 259 8.83 49.54 29.37
CA VAL B 259 7.65 48.71 29.28
C VAL B 259 6.45 49.59 28.98
N LYS B 260 5.51 49.04 28.22
CA LYS B 260 4.29 49.77 27.90
C LYS B 260 3.35 49.73 29.09
N ALA B 261 3.17 50.87 29.74
CA ALA B 261 2.18 50.99 30.80
C ALA B 261 0.93 51.63 30.24
N LYS B 262 0.00 51.94 31.13
CA LYS B 262 -1.24 52.61 30.80
C LYS B 262 -1.38 53.84 31.69
N CYS B 263 -1.79 54.96 31.09
CA CYS B 263 -2.03 56.16 31.88
C CYS B 263 -3.10 57.01 31.21
N ILE B 264 -3.70 57.88 32.01
CA ILE B 264 -4.98 58.49 31.66
C ILE B 264 -4.78 59.95 31.26
N ALA B 265 -5.33 60.30 30.09
CA ALA B 265 -5.52 61.66 29.65
C ALA B 265 -6.98 62.02 29.87
N THR B 266 -7.41 63.19 29.39
CA THR B 266 -8.79 63.60 29.57
C THR B 266 -9.47 63.78 28.22
N LEU B 267 -10.80 63.66 28.23
CA LEU B 267 -11.59 63.78 27.02
C LEU B 267 -11.67 65.25 26.57
N ALA B 268 -12.06 65.43 25.32
CA ALA B 268 -12.21 66.75 24.74
C ALA B 268 -13.44 67.44 25.34
N PRO B 269 -13.60 68.74 25.10
CA PRO B 269 -14.88 69.38 25.38
C PRO B 269 -15.82 69.22 24.20
N GLU B 270 -17.08 68.90 24.48
CA GLU B 270 -18.03 68.72 23.41
C GLU B 270 -18.29 70.04 22.71
N PRO B 271 -18.59 70.01 21.43
CA PRO B 271 -18.86 71.26 20.71
C PRO B 271 -20.32 71.67 20.77
N LEU B 272 -20.59 72.78 20.10
CA LEU B 272 -21.93 73.24 19.82
C LEU B 272 -22.30 72.71 18.44
N VAL B 273 -23.50 72.14 18.31
CA VAL B 273 -23.86 71.48 17.06
C VAL B 273 -25.36 71.61 16.83
N GLU B 274 -25.75 72.18 15.70
CA GLU B 274 -27.14 72.58 15.48
C GLU B 274 -27.64 72.03 14.16
N HIS B 275 -28.68 71.19 14.24
CA HIS B 275 -29.24 70.55 13.07
C HIS B 275 -30.09 71.53 12.28
N LYS B 276 -29.45 72.48 11.60
CA LYS B 276 -30.16 73.34 10.66
C LYS B 276 -30.47 72.48 9.44
N HIS B 277 -31.57 71.75 9.54
CA HIS B 277 -31.95 70.73 8.57
C HIS B 277 -31.67 71.19 7.14
N ARG B 278 -31.04 70.30 6.37
CA ARG B 278 -30.23 70.53 5.17
C ARG B 278 -28.80 70.91 5.52
N THR B 279 -28.44 71.01 6.80
CA THR B 279 -27.04 71.16 7.20
C THR B 279 -26.95 70.98 8.71
N LEU B 280 -25.74 71.15 9.24
CA LEU B 280 -25.52 71.19 10.67
C LEU B 280 -24.29 72.03 10.94
N ILE B 281 -24.36 72.86 11.98
CA ILE B 281 -23.30 73.81 12.30
C ILE B 281 -22.64 73.37 13.58
N LEU B 282 -21.31 73.38 13.58
CA LEU B 282 -20.51 72.72 14.61
C LEU B 282 -19.54 73.73 15.18
N HIS B 283 -19.62 73.96 16.49
CA HIS B 283 -18.90 75.05 17.14
C HIS B 283 -18.28 74.54 18.43
N LEU B 284 -16.97 74.70 18.57
CA LEU B 284 -16.30 74.29 19.79
C LEU B 284 -15.39 75.43 20.24
N HIS B 285 -15.25 75.55 21.55
CA HIS B 285 -14.39 76.56 22.18
C HIS B 285 -13.43 75.84 23.11
N PRO B 286 -12.43 75.17 22.54
CA PRO B 286 -11.63 74.23 23.34
C PRO B 286 -10.45 74.88 24.04
N ASP B 287 -9.62 74.05 24.68
CA ASP B 287 -8.42 74.52 25.37
C ASP B 287 -7.13 74.05 24.74
N HIS B 288 -7.19 73.23 23.69
CA HIS B 288 -5.99 72.71 23.04
C HIS B 288 -6.38 72.22 21.66
N PRO B 289 -5.39 72.04 20.77
CA PRO B 289 -5.71 71.51 19.44
C PRO B 289 -5.75 70.00 19.44
N THR B 290 -6.89 69.45 19.10
CA THR B 290 -7.03 68.06 18.71
C THR B 290 -7.22 68.02 17.19
N LEU B 291 -7.64 66.87 16.67
CA LEU B 291 -8.09 66.79 15.30
C LEU B 291 -9.50 66.21 15.26
N LEU B 292 -10.27 66.67 14.28
CA LEU B 292 -11.53 66.06 13.94
C LEU B 292 -11.50 65.69 12.47
N THR B 293 -11.79 64.43 12.19
CA THR B 293 -12.05 64.03 10.82
C THR B 293 -13.55 63.97 10.60
N THR B 294 -13.91 63.98 9.33
CA THR B 294 -15.32 63.83 8.93
C THR B 294 -15.32 62.96 7.68
N ARG B 295 -15.33 61.65 7.91
CA ARG B 295 -15.25 60.69 6.82
C ARG B 295 -16.65 60.35 6.34
N SER B 296 -16.87 60.50 5.04
CA SER B 296 -18.13 60.08 4.46
C SER B 296 -18.37 58.60 4.74
N LEU B 297 -19.59 58.28 5.12
CA LEU B 297 -19.97 56.88 5.29
C LEU B 297 -20.41 56.26 3.97
N GLY B 298 -20.40 57.01 2.88
CA GLY B 298 -20.80 56.51 1.59
C GLY B 298 -19.67 55.82 0.87
N SER B 299 -19.66 55.96 -0.45
CA SER B 299 -18.63 55.38 -1.29
C SER B 299 -17.27 56.01 -1.08
N ASP B 300 -17.19 57.12 -0.35
CA ASP B 300 -15.95 57.86 -0.19
C ASP B 300 -15.70 58.21 1.27
N ALA B 301 -14.66 58.99 1.54
CA ALA B 301 -14.39 59.50 2.87
C ALA B 301 -14.42 61.02 2.94
N ASN B 302 -13.64 61.69 2.10
CA ASN B 302 -13.49 63.14 2.08
C ASN B 302 -13.42 63.71 3.51
N PRO B 303 -12.45 63.28 4.31
CA PRO B 303 -12.44 63.68 5.72
C PRO B 303 -11.73 64.99 5.97
N THR B 304 -11.62 65.37 7.23
CA THR B 304 -10.98 66.62 7.61
C THR B 304 -9.84 66.34 8.57
N ARG B 305 -8.80 67.16 8.48
CA ARG B 305 -7.66 67.05 9.37
C ARG B 305 -7.19 68.46 9.71
N GLN B 306 -7.07 68.74 11.01
CA GLN B 306 -6.79 70.10 11.48
C GLN B 306 -6.63 70.07 12.99
N TRP B 307 -6.02 71.13 13.50
CA TRP B 307 -5.64 71.22 14.91
C TRP B 307 -5.83 72.66 15.35
N ILE B 308 -6.84 72.91 16.16
CA ILE B 308 -7.16 74.26 16.61
C ILE B 308 -7.48 74.21 18.09
N GLU B 309 -7.07 75.25 18.82
CA GLU B 309 -7.31 75.33 20.24
C GLU B 309 -8.35 76.39 20.62
N ARG B 310 -8.61 77.30 19.76
CA ARG B 310 -9.34 78.51 20.13
C ARG B 310 -10.81 78.39 19.79
N PRO B 311 -11.65 79.15 20.51
CA PRO B 311 -13.09 79.12 20.25
C PRO B 311 -13.42 79.27 18.77
N THR B 312 -14.21 78.34 18.27
CA THR B 312 -14.32 78.17 16.83
C THR B 312 -15.70 77.60 16.50
N THR B 313 -15.95 77.44 15.21
CA THR B 313 -17.21 76.91 14.72
C THR B 313 -17.02 76.50 13.27
N VAL B 314 -17.98 75.71 12.77
CA VAL B 314 -18.00 75.30 11.37
C VAL B 314 -19.39 74.77 11.07
N ASN B 315 -19.75 74.77 9.79
CA ASN B 315 -21.02 74.23 9.33
C ASN B 315 -20.76 73.11 8.33
N PHE B 316 -21.64 72.12 8.32
CA PHE B 316 -21.53 71.01 7.39
C PHE B 316 -22.90 70.41 7.12
N THR B 317 -22.98 69.68 6.02
CA THR B 317 -24.21 69.04 5.61
C THR B 317 -23.89 67.69 4.98
N VAL B 318 -24.89 66.82 4.95
CA VAL B 318 -24.72 65.47 4.42
C VAL B 318 -26.09 64.89 4.14
N THR B 319 -26.13 63.84 3.33
CA THR B 319 -27.32 63.02 3.17
C THR B 319 -27.64 62.27 4.46
N GLY B 320 -28.72 61.50 4.47
CA GLY B 320 -29.04 60.65 5.60
C GLY B 320 -28.04 59.53 5.77
N GLU B 321 -27.00 59.55 4.94
CA GLU B 321 -25.93 58.57 5.00
C GLU B 321 -25.10 58.63 6.26
N GLY B 322 -25.40 59.55 7.18
CA GLY B 322 -24.56 59.75 8.33
C GLY B 322 -23.24 60.37 7.91
N LEU B 323 -22.33 60.48 8.87
CA LEU B 323 -20.95 60.85 8.56
C LEU B 323 -20.12 60.80 9.84
N GLU B 324 -18.87 60.42 9.69
CA GLU B 324 -17.96 60.35 10.83
C GLU B 324 -17.62 61.73 11.35
N TYR B 325 -17.33 61.81 12.65
CA TYR B 325 -16.77 63.02 13.25
C TYR B 325 -16.27 62.77 14.66
N THR B 326 -15.08 63.26 14.99
CA THR B 326 -14.59 63.23 16.37
C THR B 326 -13.44 64.22 16.51
N TRP B 327 -13.64 65.27 17.29
CA TRP B 327 -12.55 66.16 17.70
C TRP B 327 -12.18 65.82 19.12
N GLY B 328 -10.92 65.55 19.35
CA GLY B 328 -10.48 65.15 20.68
C GLY B 328 -10.85 63.73 21.00
N ASN B 329 -10.54 63.36 22.25
CA ASN B 329 -10.75 62.01 22.77
C ASN B 329 -12.18 61.53 22.55
N HIS B 330 -13.07 62.44 22.21
CA HIS B 330 -14.40 62.13 21.73
C HIS B 330 -14.36 60.95 20.76
N PRO B 331 -15.13 59.91 21.00
CA PRO B 331 -15.24 58.84 20.02
C PRO B 331 -15.87 59.37 18.74
N PRO B 332 -15.75 58.66 17.64
CA PRO B 332 -16.42 59.09 16.42
C PRO B 332 -17.90 58.77 16.46
N LYS B 333 -18.70 59.71 15.99
CA LYS B 333 -20.13 59.47 15.85
C LYS B 333 -20.54 59.78 14.42
N ARG B 334 -21.73 59.31 14.06
CA ARG B 334 -22.19 59.29 12.68
C ARG B 334 -23.70 59.38 12.69
N VAL B 335 -24.26 60.44 12.13
CA VAL B 335 -25.70 60.65 12.17
C VAL B 335 -26.20 61.06 10.80
N TRP B 336 -27.15 60.28 10.29
CA TRP B 336 -28.03 60.65 9.20
C TRP B 336 -28.47 62.10 9.33
N ALA B 337 -28.46 62.82 8.22
CA ALA B 337 -29.01 64.17 8.18
C ALA B 337 -30.32 64.14 7.40
N GLN B 338 -31.41 64.45 8.09
CA GLN B 338 -32.74 64.47 7.50
C GLN B 338 -33.61 65.38 8.36
N GLU B 339 -34.92 65.20 8.27
CA GLU B 339 -35.91 66.14 8.79
C GLU B 339 -35.85 67.45 8.03
N SER B 340 -35.61 67.36 6.72
CA SER B 340 -35.51 68.52 5.84
C SER B 340 -36.20 68.15 4.52
N GLY B 341 -37.50 68.39 4.45
CA GLY B 341 -38.22 68.17 3.20
C GLY B 341 -38.12 69.37 2.28
N GLU B 342 -38.53 70.53 2.78
CA GLU B 342 -38.37 71.81 2.09
C GLU B 342 -39.07 71.80 0.73
N GLY B 343 -40.39 71.64 0.75
CA GLY B 343 -41.18 71.73 -0.47
C GLY B 343 -42.58 71.15 -0.35
N ASN B 344 -43.55 71.82 -0.97
CA ASN B 344 -44.95 71.41 -0.92
C ASN B 344 -45.31 70.69 -2.21
N PRO B 345 -45.67 69.40 -2.15
CA PRO B 345 -45.93 68.67 -3.40
C PRO B 345 -47.02 69.28 -4.27
N HIS B 346 -48.07 69.84 -3.68
CA HIS B 346 -49.17 70.39 -4.44
C HIS B 346 -49.64 71.69 -3.81
N GLY B 347 -49.38 72.80 -4.52
CA GLY B 347 -50.03 74.06 -4.24
C GLY B 347 -50.61 74.60 -5.52
N TRP B 348 -50.36 75.86 -5.83
CA TRP B 348 -50.64 76.37 -7.15
C TRP B 348 -49.62 75.80 -8.14
N PRO B 349 -49.91 75.86 -9.45
CA PRO B 349 -48.90 75.44 -10.43
C PRO B 349 -47.56 76.11 -10.24
N HIS B 350 -47.53 77.39 -9.86
CA HIS B 350 -46.25 77.99 -9.51
C HIS B 350 -45.68 77.36 -8.26
N GLU B 351 -46.52 77.03 -7.29
CA GLU B 351 -46.06 76.33 -6.09
C GLU B 351 -45.48 74.98 -6.46
N VAL B 352 -46.23 74.17 -7.20
CA VAL B 352 -45.70 72.87 -7.60
C VAL B 352 -44.46 73.04 -8.46
N VAL B 353 -44.31 74.19 -9.12
CA VAL B 353 -43.06 74.48 -9.84
C VAL B 353 -41.91 74.62 -8.85
N VAL B 354 -42.11 75.41 -7.80
CA VAL B 354 -41.05 75.53 -6.79
C VAL B 354 -40.80 74.18 -6.15
N TYR B 355 -41.81 73.31 -6.12
CA TYR B 355 -41.64 71.98 -5.56
C TYR B 355 -40.75 71.12 -6.45
N TYR B 356 -41.13 70.99 -7.72
CA TYR B 356 -40.34 70.28 -8.72
C TYR B 356 -39.03 71.01 -8.96
N TYR B 357 -38.83 72.12 -8.26
CA TYR B 357 -37.51 72.72 -8.10
C TYR B 357 -36.80 72.21 -6.86
N ASN B 358 -37.54 71.97 -5.77
CA ASN B 358 -36.94 71.72 -4.47
C ASN B 358 -37.08 70.29 -3.96
N ARG B 359 -38.08 69.53 -4.43
CA ARG B 359 -38.31 68.19 -3.89
C ARG B 359 -37.03 67.36 -3.96
N TYR B 360 -36.30 67.48 -5.04
CA TYR B 360 -34.88 67.24 -5.10
C TYR B 360 -34.18 68.58 -5.21
N PRO B 361 -33.00 68.71 -4.68
CA PRO B 361 -32.21 69.93 -4.95
C PRO B 361 -31.90 70.11 -6.43
N LEU B 362 -31.22 69.13 -7.02
CA LEU B 362 -30.69 69.24 -8.38
C LEU B 362 -31.42 68.37 -9.39
N THR B 363 -31.70 67.10 -9.05
CA THR B 363 -32.42 66.25 -9.98
C THR B 363 -33.71 66.92 -10.42
N THR B 364 -34.34 67.66 -9.50
CA THR B 364 -35.40 68.58 -9.88
C THR B 364 -34.94 69.53 -10.97
N ILE B 365 -33.78 70.15 -10.79
CA ILE B 365 -33.34 71.21 -11.71
C ILE B 365 -33.04 70.64 -13.08
N ILE B 366 -32.31 69.53 -13.13
CA ILE B 366 -31.99 68.92 -14.42
C ILE B 366 -33.28 68.45 -15.10
N GLY B 367 -34.19 67.84 -14.34
CA GLY B 367 -35.48 67.47 -14.91
C GLY B 367 -36.24 68.68 -15.43
N LEU B 368 -36.18 69.80 -14.71
CA LEU B 368 -36.87 71.01 -15.12
C LEU B 368 -36.33 71.51 -16.44
N CYS B 369 -35.01 71.66 -16.54
CA CYS B 369 -34.43 72.21 -17.76
C CYS B 369 -34.70 71.30 -18.96
N THR B 370 -34.47 70.00 -18.80
CA THR B 370 -34.68 69.10 -19.93
C THR B 370 -36.16 69.05 -20.31
N CYS B 371 -37.06 69.06 -19.32
CA CYS B 371 -38.48 68.95 -19.61
C CYS B 371 -39.01 70.20 -20.28
N VAL B 372 -38.61 71.38 -19.81
CA VAL B 372 -39.07 72.61 -20.47
C VAL B 372 -38.55 72.64 -21.90
N ALA B 373 -37.29 72.26 -22.11
CA ALA B 373 -36.75 72.23 -23.46
C ALA B 373 -37.59 71.33 -24.37
N ILE B 374 -37.84 70.09 -23.92
CA ILE B 374 -38.50 69.13 -24.81
C ILE B 374 -39.95 69.51 -25.04
N ILE B 375 -40.64 70.04 -24.01
CA ILE B 375 -42.02 70.42 -24.23
C ILE B 375 -42.13 71.60 -25.18
N MET B 376 -41.20 72.57 -25.07
CA MET B 376 -41.23 73.68 -26.01
C MET B 376 -40.97 73.21 -27.43
N VAL B 377 -40.01 72.30 -27.62
CA VAL B 377 -39.74 71.86 -28.98
C VAL B 377 -40.92 71.07 -29.53
N SER B 378 -41.57 70.25 -28.70
CA SER B 378 -42.75 69.54 -29.15
C SER B 378 -43.85 70.50 -29.58
N CYS B 379 -44.10 71.53 -28.77
CA CYS B 379 -45.15 72.47 -29.09
C CYS B 379 -44.85 73.23 -30.38
N VAL B 380 -43.60 73.66 -30.57
CA VAL B 380 -43.28 74.44 -31.76
C VAL B 380 -43.35 73.56 -33.00
N THR B 381 -42.95 72.29 -32.90
CA THR B 381 -43.13 71.37 -34.01
C THR B 381 -44.60 71.23 -34.38
N SER B 382 -45.44 71.05 -33.36
CA SER B 382 -46.88 71.03 -33.59
C SER B 382 -47.34 72.30 -34.30
N VAL B 383 -46.77 73.45 -33.91
CA VAL B 383 -47.17 74.72 -34.50
C VAL B 383 -46.84 74.76 -35.98
N TRP B 384 -45.62 74.35 -36.34
CA TRP B 384 -45.26 74.37 -37.76
C TRP B 384 -46.14 73.42 -38.55
N LEU B 385 -46.40 72.23 -38.00
CA LEU B 385 -47.28 71.30 -38.71
C LEU B 385 -48.66 71.90 -38.87
N LEU B 386 -49.11 72.64 -37.87
CA LEU B 386 -50.37 73.38 -37.95
C LEU B 386 -50.36 74.32 -39.15
N CYS B 387 -49.32 75.14 -39.26
CA CYS B 387 -49.27 76.11 -40.35
C CYS B 387 -49.21 75.42 -41.70
N ARG B 388 -48.40 74.36 -41.80
CA ARG B 388 -48.38 73.53 -43.00
C ARG B 388 -49.79 73.11 -43.39
N THR B 389 -50.47 72.41 -42.49
CA THR B 389 -51.82 71.93 -42.75
C THR B 389 -52.76 73.07 -43.12
N ARG B 390 -52.58 74.24 -42.49
CA ARG B 390 -53.48 75.35 -42.73
C ARG B 390 -53.33 75.89 -44.15
N ASN B 391 -52.09 76.09 -44.59
CA ASN B 391 -51.91 76.54 -45.98
C ASN B 391 -52.35 75.47 -46.96
N LEU B 392 -52.16 74.19 -46.61
CA LEU B 392 -52.68 73.13 -47.45
C LEU B 392 -54.19 73.23 -47.57
N CYS B 393 -54.87 73.52 -46.47
CA CYS B 393 -56.31 73.76 -46.50
C CYS B 393 -56.64 75.02 -47.30
N ILE B 394 -55.71 75.98 -47.34
CA ILE B 394 -55.92 77.15 -48.18
C ILE B 394 -55.96 76.76 -49.64
N THR B 395 -55.02 75.92 -50.05
CA THR B 395 -54.80 75.56 -51.44
C THR B 395 -56.05 75.22 -52.26
N PRO B 396 -57.09 74.56 -51.69
CA PRO B 396 -58.28 74.24 -52.50
C PRO B 396 -58.89 75.38 -53.28
N TYR B 397 -59.24 76.47 -52.59
CA TYR B 397 -60.13 77.48 -53.14
C TYR B 397 -59.53 78.16 -54.36
N LYS B 398 -58.30 77.80 -54.71
CA LYS B 398 -57.69 78.38 -55.90
C LYS B 398 -58.43 78.02 -57.17
N LEU B 399 -59.48 77.21 -57.06
CA LEU B 399 -60.48 77.15 -58.12
C LEU B 399 -61.09 78.51 -58.37
N ALA B 400 -61.49 79.20 -57.29
CA ALA B 400 -62.25 80.45 -57.31
C ALA B 400 -61.64 81.53 -58.20
N PRO B 401 -60.30 81.57 -58.37
CA PRO B 401 -59.72 82.42 -59.41
C PRO B 401 -60.47 82.42 -60.74
N ASN B 402 -61.23 81.36 -61.01
CA ASN B 402 -62.19 81.40 -62.11
C ASN B 402 -63.20 82.54 -61.94
N ALA B 403 -63.42 83.01 -60.70
CA ALA B 403 -64.36 84.08 -60.42
C ALA B 403 -65.79 83.69 -60.77
N GLN B 404 -66.28 82.66 -60.08
CA GLN B 404 -67.58 82.07 -60.38
C GLN B 404 -68.31 81.81 -59.06
N VAL B 405 -69.32 80.94 -59.09
CA VAL B 405 -70.34 80.79 -58.05
C VAL B 405 -69.75 80.36 -56.71
N PRO B 406 -70.34 80.78 -55.59
CA PRO B 406 -69.77 80.48 -54.27
C PRO B 406 -70.24 79.16 -53.69
N ILE B 407 -69.44 78.63 -52.75
CA ILE B 407 -69.65 77.30 -52.21
C ILE B 407 -69.71 77.33 -50.68
N LEU B 408 -70.15 78.46 -50.11
CA LEU B 408 -70.52 78.60 -48.70
C LEU B 408 -69.47 77.98 -47.76
N LEU B 409 -68.36 78.69 -47.62
CA LEU B 409 -67.31 78.31 -46.68
C LEU B 409 -67.04 79.46 -45.71
N ALA B 410 -66.08 79.23 -44.81
CA ALA B 410 -65.81 80.20 -43.74
C ALA B 410 -65.37 81.55 -44.31
N LEU B 411 -64.47 81.54 -45.29
CA LEU B 411 -64.05 82.80 -45.88
C LEU B 411 -65.17 83.34 -46.77
N LEU B 412 -65.10 84.64 -47.07
CA LEU B 412 -66.26 85.37 -47.58
C LEU B 412 -65.95 86.07 -48.90
N CYS B 413 -66.89 85.96 -49.83
CA CYS B 413 -67.05 86.91 -50.94
C CYS B 413 -68.53 86.89 -51.28
N CYS B 414 -69.28 87.83 -50.71
CA CYS B 414 -70.74 87.76 -50.73
C CYS B 414 -71.32 88.18 -52.08
N ASP C 111 -57.73 89.62 -75.70
CA ASP C 111 -56.49 89.35 -74.98
C ASP C 111 -55.48 88.67 -75.89
N LYS C 112 -54.45 89.42 -76.29
CA LYS C 112 -53.44 88.90 -77.20
C LYS C 112 -52.64 87.77 -76.57
N THR C 113 -52.25 86.81 -77.40
CA THR C 113 -51.49 85.66 -76.94
C THR C 113 -50.06 86.06 -76.62
N PHE C 114 -49.88 86.84 -75.55
CA PHE C 114 -48.58 87.37 -75.16
C PHE C 114 -47.58 86.23 -74.98
N PRO C 115 -46.59 86.13 -75.86
CA PRO C 115 -45.63 85.04 -75.77
C PRO C 115 -44.72 85.17 -74.56
N ILE C 116 -44.16 84.04 -74.15
CA ILE C 116 -43.20 83.98 -73.06
C ILE C 116 -41.86 83.62 -73.68
N MET C 117 -40.96 84.60 -73.77
CA MET C 117 -39.70 84.45 -74.50
C MET C 117 -38.72 83.63 -73.67
N LEU C 118 -38.82 82.31 -73.78
CA LEU C 118 -37.89 81.42 -73.10
C LEU C 118 -36.59 81.42 -73.90
N ASN C 119 -35.68 82.31 -73.51
CA ASN C 119 -34.42 82.51 -74.23
C ASN C 119 -34.67 82.76 -75.72
N GLY C 120 -35.68 83.57 -76.00
CA GLY C 120 -36.09 83.83 -77.35
C GLY C 120 -37.22 82.96 -77.87
N GLN C 121 -37.84 82.18 -77.00
CA GLN C 121 -38.96 81.33 -77.38
C GLN C 121 -40.26 82.12 -77.32
N VAL C 122 -41.39 81.42 -77.37
CA VAL C 122 -42.71 81.98 -77.14
C VAL C 122 -43.40 81.10 -76.12
N ASN C 123 -42.62 80.59 -75.17
CA ASN C 123 -42.99 79.43 -74.36
C ASN C 123 -44.45 79.41 -73.97
N GLY C 124 -44.96 80.52 -73.44
CA GLY C 124 -46.38 80.65 -73.26
C GLY C 124 -46.92 81.85 -74.00
N TYR C 125 -47.67 81.61 -75.07
CA TYR C 125 -48.39 82.67 -75.76
C TYR C 125 -49.68 82.98 -74.99
N ALA C 126 -49.49 83.49 -73.78
CA ALA C 126 -50.54 83.55 -72.79
C ALA C 126 -51.34 84.84 -72.93
N CYS C 127 -52.38 84.96 -72.11
CA CYS C 127 -53.26 86.11 -72.12
C CYS C 127 -54.09 86.08 -70.84
N VAL C 128 -55.06 86.97 -70.75
CA VAL C 128 -55.95 87.06 -69.60
C VAL C 128 -57.38 86.94 -70.08
N VAL C 129 -58.08 85.91 -69.64
CA VAL C 129 -59.49 85.73 -70.03
C VAL C 129 -60.29 86.49 -68.98
N GLY C 130 -60.42 87.79 -69.20
CA GLY C 130 -61.16 88.61 -68.26
C GLY C 130 -60.49 88.72 -66.91
N GLY C 131 -59.35 89.38 -66.84
CA GLY C 131 -58.67 89.51 -65.56
C GLY C 131 -57.59 88.47 -65.34
N ARG C 132 -57.92 87.39 -64.65
CA ARG C 132 -56.97 86.31 -64.39
C ARG C 132 -56.27 85.92 -65.67
N VAL C 133 -54.96 86.09 -65.68
CA VAL C 133 -54.14 85.84 -66.85
C VAL C 133 -53.78 84.37 -66.91
N PHE C 134 -53.56 83.86 -68.11
CA PHE C 134 -53.13 82.48 -68.29
C PHE C 134 -51.63 82.37 -67.99
N LYS C 135 -51.27 82.76 -66.77
CA LYS C 135 -49.86 82.73 -66.42
C LYS C 135 -49.45 81.30 -66.16
N PRO C 136 -48.79 80.65 -67.13
CA PRO C 136 -48.38 79.26 -66.96
C PRO C 136 -47.06 79.16 -66.21
N LEU C 137 -47.11 78.65 -64.99
CA LEU C 137 -45.87 78.26 -64.35
C LEU C 137 -45.34 76.96 -64.89
N HIS C 138 -45.99 76.52 -65.96
CA HIS C 138 -45.68 75.23 -66.57
C HIS C 138 -44.21 75.15 -66.95
N VAL C 139 -43.74 76.01 -67.84
CA VAL C 139 -42.39 75.84 -68.33
C VAL C 139 -41.49 77.05 -68.06
N GLU C 140 -41.75 78.18 -68.75
CA GLU C 140 -40.79 79.27 -68.75
C GLU C 140 -41.21 80.43 -69.65
N GLY C 141 -40.31 81.39 -69.82
CA GLY C 141 -40.44 82.42 -70.86
C GLY C 141 -40.48 83.85 -70.37
N ARG C 142 -39.60 84.68 -70.96
CA ARG C 142 -39.66 86.11 -70.73
C ARG C 142 -40.96 86.67 -71.29
N ILE C 143 -41.69 87.40 -70.46
CA ILE C 143 -43.03 87.83 -70.82
C ILE C 143 -43.02 88.75 -72.03
N ASP C 144 -44.08 88.66 -72.84
CA ASP C 144 -44.25 89.61 -73.93
C ASP C 144 -44.70 90.96 -73.39
N ASN C 145 -45.85 90.99 -72.71
CA ASN C 145 -46.30 92.23 -72.08
C ASN C 145 -45.66 92.39 -70.72
N GLU C 146 -44.32 92.28 -70.66
CA GLU C 146 -43.62 92.46 -69.40
C GLU C 146 -43.94 93.81 -68.78
N GLN C 147 -44.18 94.82 -69.61
CA GLN C 147 -44.76 96.06 -69.12
C GLN C 147 -45.97 95.79 -68.25
N LEU C 148 -47.00 95.18 -68.84
CA LEU C 148 -48.11 94.69 -68.03
C LEU C 148 -47.62 93.61 -67.06
N ALA C 149 -46.76 92.72 -67.54
CA ALA C 149 -46.33 91.59 -66.70
C ALA C 149 -45.25 91.94 -65.72
N ALA C 150 -45.02 93.23 -65.46
CA ALA C 150 -44.10 93.61 -64.40
C ALA C 150 -44.56 93.15 -63.03
N ILE C 151 -45.84 92.79 -62.89
CA ILE C 151 -46.40 92.37 -61.61
C ILE C 151 -46.04 90.91 -61.33
N LYS C 152 -46.26 90.47 -60.10
CA LYS C 152 -46.08 89.08 -59.71
C LYS C 152 -47.43 88.37 -59.69
N LEU C 153 -47.40 87.05 -59.54
CA LEU C 153 -48.59 86.23 -59.70
C LEU C 153 -48.65 85.16 -58.62
N LYS C 154 -49.78 84.46 -58.61
CA LYS C 154 -49.99 83.31 -57.72
C LYS C 154 -49.32 82.09 -58.32
N LYS C 155 -49.63 80.91 -57.80
CA LYS C 155 -49.17 79.66 -58.39
C LYS C 155 -50.37 78.80 -58.74
N ALA C 156 -50.10 77.58 -59.22
CA ALA C 156 -51.16 76.58 -59.40
C ALA C 156 -50.50 75.20 -59.30
N SER C 157 -50.60 74.57 -58.14
CA SER C 157 -49.96 73.27 -57.94
C SER C 157 -50.58 72.20 -58.82
N ILE C 158 -51.91 72.14 -58.85
CA ILE C 158 -52.59 71.18 -59.68
C ILE C 158 -52.40 71.44 -61.16
N TYR C 159 -51.82 72.60 -61.52
CA TYR C 159 -51.73 72.97 -62.92
C TYR C 159 -50.39 73.52 -63.38
N ASP C 160 -49.47 73.87 -62.48
CA ASP C 160 -48.23 74.56 -62.85
C ASP C 160 -48.55 75.84 -63.63
N LEU C 161 -49.30 76.72 -62.97
CA LEU C 161 -49.78 77.95 -63.59
C LEU C 161 -49.67 79.06 -62.57
N GLU C 162 -50.29 80.20 -62.89
CA GLU C 162 -50.27 81.36 -62.01
C GLU C 162 -51.49 82.21 -62.33
N TYR C 163 -51.88 83.04 -61.37
CA TYR C 163 -53.08 83.85 -61.49
C TYR C 163 -52.72 85.28 -61.85
N GLY C 164 -53.40 85.82 -62.85
CA GLY C 164 -53.11 87.18 -63.30
C GLY C 164 -53.86 88.25 -62.55
N ASP C 165 -55.18 88.18 -62.53
CA ASP C 165 -56.02 89.21 -61.92
C ASP C 165 -55.62 90.59 -62.44
N VAL C 166 -55.80 90.76 -63.75
CA VAL C 166 -55.19 91.86 -64.51
C VAL C 166 -55.63 93.22 -63.99
N PRO C 167 -54.96 94.29 -64.40
CA PRO C 167 -55.22 95.61 -63.81
C PRO C 167 -56.58 96.16 -64.21
N GLN C 168 -57.03 97.14 -63.44
CA GLN C 168 -58.24 97.88 -63.83
C GLN C 168 -58.03 98.55 -65.17
N CYS C 169 -56.85 99.15 -65.39
CA CYS C 169 -56.47 99.61 -66.70
C CYS C 169 -56.57 98.49 -67.73
N MET C 170 -56.30 97.25 -67.30
CA MET C 170 -56.38 96.10 -68.18
C MET C 170 -57.79 95.53 -68.25
N LYS C 171 -58.81 96.32 -67.89
CA LYS C 171 -60.19 95.87 -68.00
C LYS C 171 -60.54 95.52 -69.44
N SER C 172 -61.60 94.73 -69.60
CA SER C 172 -62.06 94.23 -70.91
C SER C 172 -60.97 93.40 -71.58
N ASP C 173 -60.65 92.26 -70.94
CA ASP C 173 -59.53 91.43 -71.38
C ASP C 173 -59.95 90.35 -72.37
N THR C 174 -60.85 89.46 -71.97
CA THR C 174 -61.29 88.36 -72.82
C THR C 174 -62.46 87.65 -72.17
N LEU C 175 -63.16 86.85 -72.98
CA LEU C 175 -64.31 86.10 -72.48
C LEU C 175 -63.87 84.90 -71.67
N GLN C 176 -64.81 84.34 -70.92
CA GLN C 176 -64.59 83.19 -70.05
C GLN C 176 -65.73 82.19 -70.21
N TYR C 177 -65.97 81.78 -71.47
CA TYR C 177 -67.12 80.96 -71.81
C TYR C 177 -67.30 79.79 -70.84
N THR C 178 -68.56 79.43 -70.62
CA THR C 178 -68.91 78.40 -69.64
C THR C 178 -68.48 77.02 -70.15
N SER C 179 -68.70 76.02 -69.29
CA SER C 179 -68.32 74.65 -69.59
C SER C 179 -69.24 74.01 -70.62
N ASP C 180 -70.35 74.65 -70.99
CA ASP C 180 -71.26 74.08 -71.98
C ASP C 180 -70.57 73.94 -73.32
N LYS C 181 -70.28 72.70 -73.73
CA LYS C 181 -69.56 72.49 -74.97
C LYS C 181 -69.81 71.10 -75.53
N PRO C 182 -70.34 71.00 -76.75
CA PRO C 182 -70.37 69.71 -77.44
C PRO C 182 -69.05 69.47 -78.14
N PRO C 183 -68.96 68.45 -78.99
CA PRO C 183 -67.75 68.32 -79.81
C PRO C 183 -67.73 69.40 -80.87
N GLY C 184 -66.90 70.41 -80.66
CA GLY C 184 -66.94 71.59 -81.50
C GLY C 184 -65.57 72.15 -81.81
N PHE C 185 -65.42 72.69 -83.02
CA PHE C 185 -64.12 73.15 -83.50
C PHE C 185 -63.71 74.44 -82.80
N TYR C 186 -62.93 74.32 -81.72
CA TYR C 186 -62.40 75.47 -80.98
C TYR C 186 -60.99 75.76 -81.50
N ASN C 187 -60.78 76.99 -81.94
CA ASN C 187 -59.55 77.33 -82.67
C ASN C 187 -58.36 77.37 -81.72
N TRP C 188 -57.17 77.35 -82.33
CA TRP C 188 -55.91 77.45 -81.62
C TRP C 188 -54.86 77.95 -82.60
N HIS C 189 -53.62 78.04 -82.13
CA HIS C 189 -52.51 78.33 -83.05
C HIS C 189 -52.48 77.30 -84.17
N HIS C 190 -52.68 76.03 -83.82
CA HIS C 190 -52.84 74.98 -84.82
C HIS C 190 -54.22 74.99 -85.46
N GLY C 191 -55.16 75.78 -84.95
CA GLY C 191 -56.50 75.83 -85.49
C GLY C 191 -57.53 75.17 -84.59
N ALA C 192 -58.61 74.75 -85.22
CA ALA C 192 -59.79 74.27 -84.50
C ALA C 192 -59.90 72.74 -84.60
N VAL C 193 -60.71 72.19 -83.70
CA VAL C 193 -60.88 70.73 -83.59
C VAL C 193 -62.13 70.44 -82.78
N GLN C 194 -62.85 69.38 -83.15
CA GLN C 194 -64.21 69.14 -82.65
C GLN C 194 -64.36 67.72 -82.08
N TYR C 195 -64.08 67.56 -80.79
CA TYR C 195 -64.42 66.33 -80.09
C TYR C 195 -64.58 66.64 -78.61
N GLU C 196 -65.54 65.99 -77.96
CA GLU C 196 -65.91 66.31 -76.59
C GLU C 196 -65.58 65.21 -75.61
N ASN C 197 -66.06 63.99 -75.82
CA ASN C 197 -65.76 62.88 -74.93
C ASN C 197 -64.25 62.73 -74.87
N ASN C 198 -63.66 62.32 -75.98
CA ASN C 198 -62.25 62.59 -76.20
C ASN C 198 -62.07 64.06 -76.51
N ARG C 199 -60.90 64.59 -76.17
CA ARG C 199 -60.66 66.01 -76.39
C ARG C 199 -60.73 66.33 -77.89
N PHE C 200 -60.70 67.63 -78.18
CA PHE C 200 -61.01 68.16 -79.50
C PHE C 200 -60.32 67.36 -80.60
N THR C 201 -61.04 67.13 -81.69
CA THR C 201 -60.63 66.18 -82.72
C THR C 201 -59.58 66.82 -83.65
N VAL C 202 -58.44 67.15 -83.08
CA VAL C 202 -57.30 67.59 -83.87
C VAL C 202 -56.67 66.33 -84.46
N PRO C 203 -55.91 66.43 -85.55
CA PRO C 203 -55.19 65.25 -86.04
C PRO C 203 -53.79 65.19 -85.47
N ARG C 204 -53.28 63.97 -85.34
CA ARG C 204 -51.88 63.79 -85.00
C ARG C 204 -51.03 64.49 -86.05
N GLY C 205 -50.05 65.26 -85.58
CA GLY C 205 -49.24 66.05 -86.49
C GLY C 205 -49.06 67.49 -86.07
N VAL C 206 -49.46 67.80 -84.84
CA VAL C 206 -49.25 69.12 -84.25
C VAL C 206 -48.39 68.94 -83.00
N GLY C 207 -47.39 69.80 -82.85
CA GLY C 207 -46.45 69.64 -81.75
C GLY C 207 -46.93 70.32 -80.49
N GLY C 208 -47.53 69.54 -79.59
CA GLY C 208 -48.06 70.11 -78.37
C GLY C 208 -46.99 70.77 -77.52
N LYS C 209 -45.84 70.11 -77.40
CA LYS C 209 -44.69 70.74 -76.77
C LYS C 209 -44.40 72.07 -77.43
N GLY C 210 -44.43 73.13 -76.64
CA GLY C 210 -44.34 74.47 -77.19
C GLY C 210 -45.70 75.03 -77.54
N ASP C 211 -46.61 74.17 -77.98
CA ASP C 211 -47.96 74.62 -78.30
C ASP C 211 -48.80 74.92 -77.07
N SER C 212 -48.28 74.67 -75.87
CA SER C 212 -48.99 75.04 -74.65
C SER C 212 -49.25 76.54 -74.65
N GLY C 213 -50.47 76.90 -74.26
CA GLY C 213 -50.92 78.27 -74.36
C GLY C 213 -51.97 78.51 -75.42
N ARG C 214 -52.42 77.46 -76.11
CA ARG C 214 -53.51 77.60 -77.05
C ARG C 214 -54.83 77.40 -76.32
N PRO C 215 -55.76 78.34 -76.41
CA PRO C 215 -57.02 78.21 -75.68
C PRO C 215 -58.11 77.58 -76.55
N ILE C 216 -59.24 77.29 -75.91
CA ILE C 216 -60.37 76.75 -76.63
C ILE C 216 -61.11 77.91 -77.27
N LEU C 217 -60.67 78.28 -78.47
CA LEU C 217 -61.29 79.38 -79.22
C LEU C 217 -62.51 78.83 -79.96
N ASP C 218 -63.55 78.55 -79.19
CA ASP C 218 -64.78 78.01 -79.76
C ASP C 218 -65.39 79.03 -80.71
N ASN C 219 -66.05 78.51 -81.76
CA ASN C 219 -66.48 79.33 -82.88
C ASN C 219 -67.48 80.40 -82.49
N LYS C 220 -68.10 80.29 -81.31
CA LYS C 220 -69.06 81.29 -80.85
C LYS C 220 -68.38 82.46 -80.17
N GLY C 221 -67.11 82.69 -80.45
CA GLY C 221 -66.34 83.62 -79.64
C GLY C 221 -66.16 83.14 -78.23
N ARG C 222 -66.24 81.84 -78.02
CA ARG C 222 -66.24 81.24 -76.69
C ARG C 222 -64.85 80.75 -76.33
N VAL C 223 -64.39 81.12 -75.15
CA VAL C 223 -63.14 80.64 -74.58
C VAL C 223 -63.47 79.98 -73.26
N VAL C 224 -63.23 78.66 -73.18
CA VAL C 224 -63.64 77.90 -72.01
C VAL C 224 -62.51 76.99 -71.55
N ALA C 225 -61.47 76.83 -72.37
CA ALA C 225 -60.43 75.87 -72.07
C ALA C 225 -59.10 76.31 -72.67
N ILE C 226 -58.03 75.64 -72.24
CA ILE C 226 -56.69 75.86 -72.76
C ILE C 226 -55.88 74.59 -72.55
N VAL C 227 -54.84 74.43 -73.37
CA VAL C 227 -54.20 73.12 -73.51
C VAL C 227 -53.41 72.75 -72.26
N LEU C 228 -53.16 71.45 -72.11
CA LEU C 228 -52.27 70.94 -71.08
C LEU C 228 -51.27 69.89 -71.57
N GLY C 229 -51.52 69.20 -72.68
CA GLY C 229 -50.60 68.21 -73.19
C GLY C 229 -51.32 67.03 -73.81
N GLY C 230 -50.62 65.91 -73.91
CA GLY C 230 -51.24 64.67 -74.36
C GLY C 230 -51.53 64.61 -75.84
N VAL C 231 -50.50 64.58 -76.68
CA VAL C 231 -50.67 64.90 -78.10
C VAL C 231 -51.50 63.88 -78.86
N ASN C 232 -50.97 62.66 -79.04
CA ASN C 232 -51.63 61.75 -79.97
C ASN C 232 -50.96 60.39 -79.93
N GLU C 233 -51.76 59.36 -80.19
CA GLU C 233 -51.27 58.05 -80.60
C GLU C 233 -51.86 57.64 -81.94
N GLY C 234 -53.17 57.73 -82.10
CA GLY C 234 -53.80 57.57 -83.39
C GLY C 234 -53.62 58.81 -84.25
N SER C 235 -54.15 58.71 -85.49
CA SER C 235 -54.01 59.82 -86.43
C SER C 235 -54.69 61.10 -85.95
N ARG C 236 -55.68 60.98 -85.08
CA ARG C 236 -56.27 62.17 -84.48
C ARG C 236 -55.43 62.62 -83.30
N THR C 237 -55.75 63.80 -82.77
CA THR C 237 -55.04 64.36 -81.63
C THR C 237 -56.06 64.98 -80.68
N ALA C 238 -56.57 64.18 -79.76
CA ALA C 238 -57.15 64.72 -78.54
C ALA C 238 -56.01 64.99 -77.58
N LEU C 239 -56.26 65.86 -76.60
CA LEU C 239 -55.15 66.39 -75.81
C LEU C 239 -55.59 66.68 -74.38
N SER C 240 -54.62 67.01 -73.55
CA SER C 240 -54.87 67.45 -72.18
C SER C 240 -55.09 68.96 -72.18
N VAL C 241 -55.99 69.41 -71.31
CA VAL C 241 -56.43 70.81 -71.32
C VAL C 241 -56.61 71.32 -69.90
N VAL C 242 -57.08 72.56 -69.78
CA VAL C 242 -57.58 73.10 -68.53
C VAL C 242 -58.84 73.88 -68.85
N THR C 243 -59.89 73.70 -68.05
CA THR C 243 -61.20 74.24 -68.40
C THR C 243 -62.08 74.29 -67.16
N TRP C 244 -63.36 74.57 -67.38
CA TRP C 244 -64.39 74.46 -66.36
C TRP C 244 -64.99 73.06 -66.40
N ASN C 245 -65.34 72.55 -65.22
CA ASN C 245 -65.79 71.17 -65.10
C ASN C 245 -67.31 71.09 -65.29
N GLN C 246 -67.86 69.90 -65.02
CA GLN C 246 -69.31 69.71 -65.17
C GLN C 246 -70.07 70.66 -64.27
N LYS C 247 -69.67 70.74 -63.01
CA LYS C 247 -70.16 71.77 -62.13
C LYS C 247 -69.48 73.11 -62.37
N GLY C 248 -68.72 73.24 -63.46
CA GLY C 248 -67.95 74.43 -63.71
C GLY C 248 -66.66 74.51 -62.94
N VAL C 249 -66.30 73.47 -62.19
CA VAL C 249 -65.05 73.49 -61.45
C VAL C 249 -63.87 73.64 -62.40
N THR C 250 -62.74 74.07 -61.85
CA THR C 250 -61.57 74.36 -62.67
C THR C 250 -61.03 73.05 -63.19
N VAL C 251 -61.65 72.55 -64.26
CA VAL C 251 -61.30 71.27 -64.83
C VAL C 251 -59.89 71.33 -65.39
N LYS C 252 -58.98 70.59 -64.77
CA LYS C 252 -57.61 70.45 -65.24
C LYS C 252 -57.53 69.14 -66.02
N ASP C 253 -57.68 69.21 -67.33
CA ASP C 253 -57.80 68.02 -68.15
C ASP C 253 -56.43 67.40 -68.38
N THR C 254 -56.33 66.10 -68.13
CA THR C 254 -55.06 65.38 -68.20
C THR C 254 -55.25 64.17 -69.10
N PRO C 255 -55.05 64.32 -70.41
CA PRO C 255 -55.00 63.15 -71.28
C PRO C 255 -53.98 62.15 -70.79
N GLU C 256 -54.44 60.97 -70.39
CA GLU C 256 -53.57 59.95 -69.82
C GLU C 256 -52.41 59.66 -70.76
N GLY C 257 -51.20 59.65 -70.20
CA GLY C 257 -50.00 59.55 -71.02
C GLY C 257 -49.80 60.80 -71.84
N SER C 258 -49.52 61.90 -71.16
CA SER C 258 -49.55 63.21 -71.79
C SER C 258 -48.18 63.58 -72.34
N GLU C 259 -48.12 63.89 -73.63
CA GLU C 259 -46.94 64.53 -74.18
C GLU C 259 -46.77 65.88 -73.50
N PRO C 260 -45.57 66.20 -73.00
CA PRO C 260 -45.39 67.47 -72.28
C PRO C 260 -45.81 68.64 -73.14
N TRP C 261 -46.84 69.36 -72.69
CA TRP C 261 -47.44 70.47 -73.40
C TRP C 261 -48.08 70.02 -74.72
N TYR D 1 30.87 48.08 -12.07
CA TYR D 1 30.04 48.25 -13.26
C TYR D 1 28.87 47.26 -13.26
N GLU D 2 27.69 47.71 -13.66
CA GLU D 2 26.53 46.84 -13.74
C GLU D 2 26.16 46.60 -15.19
N HIS D 3 25.91 45.33 -15.52
CA HIS D 3 25.31 44.97 -16.79
C HIS D 3 24.13 44.05 -16.54
N THR D 4 23.03 44.29 -17.25
CA THR D 4 21.83 43.50 -17.12
C THR D 4 21.53 42.78 -18.42
N ALA D 5 20.53 41.90 -18.36
CA ALA D 5 20.11 41.13 -19.52
C ALA D 5 18.77 40.49 -19.19
N VAL D 6 18.23 39.76 -20.16
CA VAL D 6 17.02 38.99 -19.98
C VAL D 6 17.36 37.55 -20.37
N MET D 7 17.55 36.70 -19.37
CA MET D 7 17.92 35.40 -19.91
C MET D 7 16.71 34.48 -19.95
N PRO D 8 16.61 33.71 -21.03
CA PRO D 8 15.54 32.70 -21.10
C PRO D 8 15.69 31.66 -20.01
N ASN D 9 14.58 31.01 -19.68
CA ASN D 9 14.59 29.98 -18.65
C ASN D 9 15.35 28.76 -19.15
N LYS D 10 16.57 28.58 -18.65
CA LYS D 10 17.42 27.45 -19.01
C LYS D 10 17.87 26.83 -17.69
N VAL D 11 17.03 25.93 -17.17
CA VAL D 11 17.27 25.39 -15.82
C VAL D 11 18.60 24.66 -15.77
N GLY D 12 18.89 23.83 -16.76
CA GLY D 12 20.10 23.05 -16.75
C GLY D 12 21.28 23.69 -17.44
N ILE D 13 21.06 24.19 -18.65
CA ILE D 13 22.14 24.63 -19.54
C ILE D 13 22.86 25.83 -18.93
N PRO D 14 24.16 25.96 -19.16
CA PRO D 14 24.89 27.13 -18.68
C PRO D 14 24.64 28.36 -19.53
N TYR D 15 25.28 29.48 -19.21
CA TYR D 15 25.18 30.64 -20.07
C TYR D 15 26.39 31.54 -19.84
N LYS D 16 27.27 31.59 -20.82
CA LYS D 16 28.35 32.54 -20.87
C LYS D 16 27.96 33.70 -21.77
N ALA D 17 28.54 34.86 -21.49
CA ALA D 17 28.51 35.96 -22.45
C ALA D 17 29.65 36.91 -22.12
N LEU D 18 30.47 37.20 -23.12
CA LEU D 18 31.54 38.16 -22.96
C LEU D 18 30.96 39.56 -22.82
N VAL D 19 31.53 40.34 -21.91
CA VAL D 19 31.09 41.72 -21.66
C VAL D 19 32.30 42.62 -21.77
N GLU D 20 32.19 43.66 -22.59
CA GLU D 20 33.29 44.54 -22.92
C GLU D 20 32.97 45.97 -22.53
N ARG D 21 33.86 46.87 -22.92
CA ARG D 21 33.76 48.30 -22.66
C ARG D 21 34.80 49.04 -23.48
N PRO D 22 34.48 50.21 -24.03
CA PRO D 22 35.49 50.98 -24.77
C PRO D 22 36.69 51.28 -23.89
N GLY D 23 37.88 51.19 -24.49
CA GLY D 23 39.10 51.34 -23.74
C GLY D 23 39.34 50.27 -22.69
N TYR D 24 38.48 49.26 -22.63
CA TYR D 24 38.55 48.23 -21.60
C TYR D 24 38.56 46.86 -22.24
N ALA D 25 39.40 45.98 -21.71
CA ALA D 25 39.36 44.59 -22.15
C ALA D 25 38.08 43.91 -21.65
N PRO D 26 37.52 43.00 -22.43
CA PRO D 26 36.25 42.38 -22.07
C PRO D 26 36.43 41.28 -21.03
N VAL D 27 35.30 40.81 -20.51
CA VAL D 27 35.27 39.67 -19.61
C VAL D 27 33.99 38.90 -19.85
N HIS D 28 34.06 37.59 -19.66
CA HIS D 28 32.94 36.70 -19.92
C HIS D 28 32.14 36.49 -18.64
N LEU D 29 31.09 35.68 -18.76
CA LEU D 29 30.35 35.21 -17.60
C LEU D 29 30.10 33.72 -17.76
N GLN D 30 29.41 33.14 -16.78
CA GLN D 30 28.81 31.82 -16.97
C GLN D 30 27.70 31.70 -15.92
N ILE D 31 26.47 31.91 -16.34
CA ILE D 31 25.34 31.74 -15.46
C ILE D 31 24.73 30.38 -15.76
N GLN D 32 24.25 29.71 -14.72
CA GLN D 32 23.65 28.39 -14.90
C GLN D 32 22.71 28.13 -13.74
N LEU D 33 21.43 27.99 -14.04
CA LEU D 33 20.44 27.77 -13.01
C LEU D 33 20.74 26.48 -12.25
N VAL D 34 20.50 26.51 -10.95
CA VAL D 34 20.65 25.34 -10.10
C VAL D 34 19.31 24.84 -9.59
N ASN D 35 18.47 25.72 -9.07
CA ASN D 35 17.15 25.35 -8.63
C ASN D 35 16.13 26.29 -9.26
N THR D 36 14.89 25.85 -9.23
CA THR D 36 13.73 26.72 -9.43
C THR D 36 12.74 26.34 -8.35
N ARG D 37 12.26 27.33 -7.62
CA ARG D 37 11.55 27.09 -6.37
C ARG D 37 10.31 27.99 -6.35
N ILE D 38 9.15 27.39 -6.52
CA ILE D 38 7.90 28.10 -6.70
C ILE D 38 7.07 27.83 -5.46
N ILE D 39 7.01 28.79 -4.54
CA ILE D 39 6.42 28.54 -3.23
C ILE D 39 5.11 29.30 -3.16
N PRO D 40 3.96 28.64 -3.28
CA PRO D 40 2.68 29.31 -3.05
C PRO D 40 2.49 29.60 -1.58
N SER D 41 1.55 30.50 -1.30
CA SER D 41 1.29 30.92 0.08
C SER D 41 0.22 30.05 0.71
N THR D 42 0.40 28.75 0.61
CA THR D 42 -0.67 27.79 0.90
C THR D 42 -0.87 27.62 2.40
N ASN D 43 -1.72 26.66 2.74
CA ASN D 43 -2.03 26.28 4.10
C ASN D 43 -2.94 25.07 4.04
N LEU D 44 -2.98 24.31 5.13
CA LEU D 44 -3.94 23.22 5.27
C LEU D 44 -5.22 23.76 5.89
N GLU D 45 -6.33 23.09 5.60
CA GLU D 45 -7.63 23.51 6.11
C GLU D 45 -8.17 22.55 7.16
N TYR D 46 -8.29 21.27 6.84
CA TYR D 46 -8.83 20.31 7.78
C TYR D 46 -8.24 18.94 7.42
N ILE D 47 -8.48 17.96 8.29
CA ILE D 47 -7.93 16.63 8.11
C ILE D 47 -9.07 15.62 8.13
N THR D 48 -8.74 14.39 7.74
CA THR D 48 -9.67 13.28 7.72
C THR D 48 -8.86 11.99 7.77
N CYS D 49 -9.46 10.97 8.37
CA CYS D 49 -8.82 9.67 8.57
C CYS D 49 -9.86 8.71 9.14
N LYS D 50 -9.49 7.46 9.36
CA LYS D 50 -10.47 6.47 9.76
C LYS D 50 -11.07 6.81 11.13
N TYR D 51 -12.30 6.35 11.34
CA TYR D 51 -13.07 6.62 12.54
C TYR D 51 -12.82 5.54 13.58
N LYS D 52 -13.65 5.51 14.61
CA LYS D 52 -13.76 4.35 15.47
C LYS D 52 -15.13 4.38 16.14
N THR D 53 -15.57 3.21 16.59
CA THR D 53 -16.91 3.07 17.14
C THR D 53 -16.84 2.16 18.35
N LYS D 54 -17.25 2.67 19.51
CA LYS D 54 -17.23 1.91 20.75
C LYS D 54 -18.65 1.86 21.33
N VAL D 55 -18.86 0.95 22.27
CA VAL D 55 -20.17 0.78 22.87
C VAL D 55 -20.03 0.70 24.39
N PRO D 56 -20.79 1.49 25.14
CA PRO D 56 -20.78 1.35 26.59
C PRO D 56 -21.56 0.13 27.04
N SER D 57 -21.75 -0.03 28.33
CA SER D 57 -22.47 -1.20 28.83
C SER D 57 -23.97 -1.05 28.55
N PRO D 58 -24.56 -1.92 27.75
CA PRO D 58 -26.00 -1.83 27.48
C PRO D 58 -26.81 -2.20 28.71
N VAL D 59 -27.81 -1.39 29.02
CA VAL D 59 -28.50 -1.52 30.30
C VAL D 59 -29.30 -2.81 30.35
N VAL D 60 -29.66 -3.21 31.56
CA VAL D 60 -30.34 -4.48 31.79
C VAL D 60 -30.97 -4.48 33.17
N LYS D 61 -32.08 -5.18 33.33
CA LYS D 61 -32.76 -5.34 34.62
C LYS D 61 -33.48 -6.68 34.63
N CYS D 62 -34.31 -6.88 35.64
CA CYS D 62 -35.30 -7.95 35.63
C CYS D 62 -36.59 -7.50 34.94
N CYS D 63 -37.00 -6.26 35.19
CA CYS D 63 -38.16 -5.68 34.54
C CYS D 63 -37.94 -4.18 34.40
N GLY D 64 -38.88 -3.51 33.74
CA GLY D 64 -38.78 -2.09 33.54
C GLY D 64 -37.66 -1.75 32.58
N ALA D 65 -37.37 -0.45 32.48
CA ALA D 65 -36.35 0.00 31.55
C ALA D 65 -35.66 1.23 32.09
N THR D 66 -34.41 1.40 31.70
CA THR D 66 -33.73 2.67 31.85
C THR D 66 -34.00 3.50 30.59
N GLN D 67 -33.31 4.62 30.44
CA GLN D 67 -33.65 5.57 29.39
C GLN D 67 -32.43 5.91 28.56
N CYS D 68 -32.67 6.11 27.27
CA CYS D 68 -31.60 6.52 26.36
C CYS D 68 -31.51 8.05 26.32
N THR D 69 -30.27 8.54 26.31
CA THR D 69 -29.98 9.96 26.42
C THR D 69 -29.20 10.42 25.21
N SER D 70 -28.72 11.67 25.26
CA SER D 70 -27.84 12.22 24.24
C SER D 70 -26.39 12.12 24.69
N LYS D 71 -25.93 10.89 24.82
CA LYS D 71 -24.52 10.65 25.11
C LYS D 71 -23.71 11.25 23.97
N PRO D 72 -23.01 12.37 24.20
CA PRO D 72 -22.53 13.16 23.07
C PRO D 72 -21.41 12.48 22.32
N HIS D 73 -21.74 11.92 21.16
CA HIS D 73 -20.76 11.34 20.25
C HIS D 73 -21.27 11.58 18.85
N PRO D 74 -20.38 11.63 17.85
CA PRO D 74 -20.85 11.66 16.47
C PRO D 74 -21.71 10.44 16.18
N ASP D 75 -22.81 10.67 15.47
CA ASP D 75 -23.67 9.59 14.97
C ASP D 75 -24.15 8.66 16.08
N TYR D 76 -24.02 9.09 17.34
CA TYR D 76 -24.36 8.23 18.46
C TYR D 76 -25.84 7.91 18.46
N GLN D 77 -26.17 6.68 18.84
CA GLN D 77 -27.56 6.25 18.95
C GLN D 77 -27.76 5.49 20.26
N CYS D 78 -29.03 5.31 20.60
CA CYS D 78 -29.45 4.58 21.78
C CYS D 78 -30.95 4.37 21.69
N GLN D 79 -31.42 3.19 22.08
CA GLN D 79 -32.85 2.91 22.01
C GLN D 79 -33.21 1.86 23.05
N VAL D 80 -34.33 2.06 23.74
CA VAL D 80 -34.80 1.06 24.67
C VAL D 80 -35.13 -0.22 23.90
N PHE D 81 -35.11 -1.34 24.62
CA PHE D 81 -35.50 -2.61 24.05
C PHE D 81 -36.25 -3.40 25.11
N SER D 82 -37.44 -3.87 24.75
CA SER D 82 -38.42 -4.36 25.71
C SER D 82 -38.57 -5.87 25.62
N GLY D 83 -38.83 -6.48 26.78
CA GLY D 83 -38.94 -7.91 26.86
C GLY D 83 -37.67 -8.58 26.38
N VAL D 84 -36.53 -8.09 26.88
CA VAL D 84 -35.24 -8.51 26.33
C VAL D 84 -35.03 -10.00 26.50
N TYR D 85 -35.30 -10.50 27.71
CA TYR D 85 -35.11 -11.91 28.05
C TYR D 85 -33.77 -12.50 27.62
N PRO D 86 -32.64 -11.86 27.97
CA PRO D 86 -31.35 -12.45 27.64
C PRO D 86 -30.79 -13.29 28.78
N PHE D 87 -30.14 -14.39 28.40
CA PHE D 87 -29.52 -15.28 29.36
C PHE D 87 -28.04 -14.94 29.51
N MET D 88 -27.48 -15.37 30.62
CA MET D 88 -26.04 -15.40 30.82
C MET D 88 -25.63 -16.81 31.22
N TYR D 89 -24.41 -17.19 30.82
CA TYR D 89 -23.93 -18.54 31.08
C TYR D 89 -24.00 -18.84 32.57
N GLY D 90 -24.51 -20.02 32.90
CA GLY D 90 -24.64 -20.43 34.29
C GLY D 90 -25.38 -19.39 35.11
N GLY D 91 -26.34 -18.72 34.48
CA GLY D 91 -27.03 -17.63 35.12
C GLY D 91 -28.48 -17.92 35.45
N ALA D 92 -29.29 -16.87 35.51
CA ALA D 92 -30.72 -16.99 35.72
C ALA D 92 -31.48 -16.02 34.82
N TYR D 93 -30.92 -15.73 33.65
CA TYR D 93 -31.55 -14.94 32.60
C TYR D 93 -31.71 -13.46 32.98
N CYS D 94 -31.18 -13.05 34.12
CA CYS D 94 -31.15 -11.66 34.55
C CYS D 94 -32.54 -11.11 34.85
N PHE D 95 -33.57 -11.95 34.81
CA PHE D 95 -34.94 -11.50 35.06
C PHE D 95 -35.69 -12.49 35.92
N CYS D 96 -36.95 -12.12 36.21
CA CYS D 96 -38.00 -13.06 36.51
C CYS D 96 -39.15 -12.96 35.52
N ASP D 97 -39.11 -11.98 34.62
CA ASP D 97 -40.21 -11.64 33.74
C ASP D 97 -39.64 -10.89 32.53
N THR D 98 -40.51 -10.19 31.81
CA THR D 98 -40.07 -9.27 30.77
C THR D 98 -38.98 -8.35 31.30
N GLU D 99 -37.80 -8.45 30.69
CA GLU D 99 -36.69 -7.60 31.10
C GLU D 99 -36.97 -6.13 30.81
N ASN D 100 -37.33 -5.84 29.56
CA ASN D 100 -37.72 -4.51 29.10
C ASN D 100 -36.56 -3.53 29.14
N THR D 101 -35.40 -3.95 29.64
CA THR D 101 -34.30 -3.06 29.96
C THR D 101 -33.13 -3.34 29.04
N GLN D 102 -33.01 -2.55 27.97
CA GLN D 102 -31.83 -2.63 27.10
C GLN D 102 -31.76 -1.34 26.28
N MET D 103 -30.74 -0.53 26.54
CA MET D 103 -30.60 0.74 25.86
C MET D 103 -29.74 0.68 24.61
N SER D 104 -28.77 -0.24 24.57
CA SER D 104 -27.86 -0.37 23.43
C SER D 104 -27.21 0.97 23.09
N GLU D 105 -26.83 1.71 24.12
CA GLU D 105 -26.18 3.00 23.93
C GLU D 105 -24.90 2.83 23.13
N ALA D 106 -24.64 3.77 22.23
CA ALA D 106 -23.58 3.65 21.24
C ALA D 106 -22.56 4.78 21.42
N TYR D 107 -21.56 4.78 20.54
CA TYR D 107 -20.50 5.77 20.55
C TYR D 107 -19.68 5.67 19.27
N VAL D 108 -19.39 6.79 18.63
CA VAL D 108 -18.50 6.84 17.49
C VAL D 108 -17.34 7.76 17.81
N GLU D 109 -16.14 7.36 17.41
CA GLU D 109 -14.92 8.11 17.71
C GLU D 109 -13.97 7.92 16.53
N ARG D 110 -12.69 8.21 16.75
CA ARG D 110 -11.72 8.30 15.67
C ARG D 110 -10.66 7.22 15.82
N SER D 111 -10.04 6.86 14.69
CA SER D 111 -9.02 5.83 14.69
C SER D 111 -7.71 6.40 15.24
N GLU D 112 -6.67 5.57 15.25
CA GLU D 112 -5.38 5.94 15.82
C GLU D 112 -4.31 6.15 14.78
N GLU D 113 -4.48 5.59 13.58
CA GLU D 113 -3.64 6.00 12.46
C GLU D 113 -3.71 7.49 12.25
N CYS D 114 -4.86 8.10 12.57
CA CYS D 114 -5.05 9.54 12.49
C CYS D 114 -3.84 10.29 12.99
N SER D 115 -3.34 9.90 14.16
CA SER D 115 -2.07 10.41 14.65
C SER D 115 -0.98 10.26 13.60
N ILE D 116 -0.69 9.03 13.22
CA ILE D 116 0.35 8.79 12.22
C ILE D 116 -0.07 9.34 10.87
N ASP D 117 -1.32 9.09 10.49
CA ASP D 117 -1.74 9.27 9.11
C ASP D 117 -3.17 9.79 9.09
N HIS D 118 -3.38 10.88 8.39
CA HIS D 118 -4.69 11.50 8.28
C HIS D 118 -4.67 12.32 7.00
N ALA D 119 -5.79 12.98 6.70
CA ALA D 119 -5.79 13.76 5.48
C ALA D 119 -5.00 15.04 5.70
N LYS D 120 -4.57 15.62 4.58
CA LYS D 120 -3.85 16.88 4.55
C LYS D 120 -4.54 17.71 3.49
N ALA D 121 -5.56 18.45 3.90
CA ALA D 121 -6.44 19.16 2.98
C ALA D 121 -6.13 20.65 3.04
N TYR D 122 -5.85 21.24 1.88
CA TYR D 122 -5.18 22.52 1.79
C TYR D 122 -5.96 23.52 0.96
N LYS D 123 -5.83 24.78 1.35
CA LYS D 123 -6.08 25.90 0.47
C LYS D 123 -4.73 26.47 0.07
N VAL D 124 -4.52 26.65 -1.23
CA VAL D 124 -3.22 27.02 -1.77
C VAL D 124 -3.36 28.40 -2.40
N HIS D 125 -2.51 29.32 -1.97
CA HIS D 125 -2.66 30.73 -2.29
C HIS D 125 -1.50 31.14 -3.20
N THR D 126 -1.42 32.44 -3.46
CA THR D 126 -0.50 32.97 -4.45
C THR D 126 0.94 32.58 -4.20
N GLY D 127 1.51 33.08 -3.11
CA GLY D 127 2.89 32.76 -2.81
C GLY D 127 3.89 33.25 -3.85
N THR D 128 5.09 32.70 -3.75
CA THR D 128 6.26 33.23 -4.44
C THR D 128 6.91 32.18 -5.33
N VAL D 129 7.96 32.64 -6.01
CA VAL D 129 8.85 31.81 -6.80
C VAL D 129 10.27 32.25 -6.49
N GLN D 130 11.18 31.29 -6.41
CA GLN D 130 12.59 31.62 -6.41
C GLN D 130 13.35 30.49 -7.09
N ALA D 131 14.67 30.53 -7.01
CA ALA D 131 15.48 29.69 -7.88
C ALA D 131 16.94 29.83 -7.47
N MET D 132 17.71 28.80 -7.79
CA MET D 132 19.16 28.84 -7.59
C MET D 132 19.86 28.81 -8.93
N VAL D 133 21.01 29.46 -8.98
CA VAL D 133 21.82 29.59 -10.18
C VAL D 133 23.25 29.27 -9.81
N ASN D 134 24.11 29.17 -10.81
CA ASN D 134 25.55 29.17 -10.61
C ASN D 134 26.17 30.18 -11.56
N ILE D 135 26.99 31.08 -11.03
CA ILE D 135 27.75 32.01 -11.85
C ILE D 135 29.22 31.58 -11.82
N THR D 136 29.79 31.44 -13.01
CA THR D 136 31.22 31.20 -13.17
C THR D 136 31.70 32.22 -14.20
N TYR D 137 31.84 33.46 -13.78
CA TYR D 137 32.07 34.54 -14.73
C TYR D 137 33.55 34.77 -14.92
N GLY D 138 33.89 35.56 -15.94
CA GLY D 138 35.16 36.26 -16.00
C GLY D 138 36.33 35.41 -15.55
N SER D 139 36.87 35.78 -14.39
CA SER D 139 37.87 35.00 -13.68
C SER D 139 37.29 34.17 -12.54
N VAL D 140 35.97 34.08 -12.45
CA VAL D 140 35.31 33.48 -11.29
C VAL D 140 34.89 32.05 -11.63
N SER D 141 34.99 31.16 -10.64
CA SER D 141 34.66 29.75 -10.75
C SER D 141 33.20 29.53 -10.36
N TRP D 142 32.81 28.28 -10.09
CA TRP D 142 31.45 27.96 -9.69
C TRP D 142 31.04 28.77 -8.47
N ARG D 143 30.09 29.68 -8.65
CA ARG D 143 29.49 30.42 -7.55
C ARG D 143 27.99 30.19 -7.67
N SER D 144 27.51 29.14 -7.00
CA SER D 144 26.09 28.83 -7.07
C SER D 144 25.31 29.74 -6.13
N ALA D 145 24.28 30.39 -6.66
CA ALA D 145 23.55 31.41 -5.92
C ALA D 145 22.07 31.21 -6.11
N ASP D 146 21.30 31.54 -5.07
CA ASP D 146 19.86 31.33 -5.05
C ASP D 146 19.17 32.63 -4.66
N VAL D 147 18.05 32.93 -5.33
CA VAL D 147 17.31 34.15 -5.03
C VAL D 147 15.91 34.12 -5.62
N TYR D 148 15.05 35.00 -5.11
CA TYR D 148 13.64 35.09 -5.46
C TYR D 148 13.43 35.77 -6.81
N VAL D 149 12.29 35.45 -7.42
CA VAL D 149 12.03 35.83 -8.81
C VAL D 149 11.93 37.34 -8.94
N ASN D 150 11.38 38.01 -7.93
CA ASN D 150 11.02 39.42 -8.00
C ASN D 150 12.10 40.24 -8.69
N GLY D 151 11.67 41.14 -9.58
CA GLY D 151 12.58 41.96 -10.33
C GLY D 151 13.30 43.01 -9.51
N GLU D 152 13.12 42.93 -8.20
CA GLU D 152 13.72 43.91 -7.28
C GLU D 152 14.94 43.38 -6.56
N THR D 153 15.00 42.07 -6.28
CA THR D 153 15.91 41.49 -5.30
C THR D 153 17.34 42.00 -5.44
N PRO D 154 17.80 42.82 -4.50
CA PRO D 154 19.21 43.22 -4.50
C PRO D 154 20.08 42.23 -3.75
N ALA D 155 20.88 41.46 -4.48
CA ALA D 155 21.72 40.43 -3.87
C ALA D 155 23.14 40.58 -4.38
N LYS D 156 24.10 40.66 -3.47
CA LYS D 156 25.50 40.81 -3.83
C LYS D 156 26.26 39.55 -3.43
N ILE D 157 26.90 38.93 -4.40
CA ILE D 157 27.83 37.84 -4.15
C ILE D 157 29.16 38.24 -4.76
N GLY D 158 30.22 38.27 -3.95
CA GLY D 158 31.46 38.85 -4.41
C GLY D 158 31.22 40.26 -4.88
N ASP D 159 31.35 40.48 -6.19
CA ASP D 159 31.02 41.76 -6.80
C ASP D 159 29.72 41.69 -7.60
N ALA D 160 28.97 40.61 -7.52
CA ALA D 160 27.79 40.42 -8.36
C ALA D 160 26.56 40.91 -7.60
N LYS D 161 26.14 42.14 -7.87
CA LYS D 161 24.88 42.65 -7.33
C LYS D 161 23.75 42.09 -8.19
N LEU D 162 23.27 40.93 -7.79
CA LEU D 162 22.22 40.25 -8.53
C LEU D 162 20.90 41.00 -8.39
N ILE D 163 20.24 41.23 -9.52
CA ILE D 163 18.84 41.59 -9.58
C ILE D 163 18.20 40.69 -10.61
N ILE D 164 17.10 40.02 -10.24
CA ILE D 164 16.61 38.86 -10.96
C ILE D 164 15.23 39.15 -11.52
N GLY D 165 15.06 38.91 -12.82
CA GLY D 165 13.76 38.90 -13.44
C GLY D 165 12.94 40.15 -13.22
N PRO D 166 11.64 39.97 -12.91
CA PRO D 166 11.03 38.67 -12.67
C PRO D 166 10.73 37.93 -13.97
N LEU D 167 10.41 36.64 -13.85
CA LEU D 167 10.23 35.81 -15.03
C LEU D 167 9.09 36.31 -15.90
N SER D 168 9.29 36.26 -17.21
CA SER D 168 8.23 36.54 -18.16
C SER D 168 7.00 35.68 -17.88
N SER D 169 7.17 34.36 -17.88
CA SER D 169 6.05 33.45 -17.61
C SER D 169 5.60 33.60 -16.16
N ALA D 170 4.31 33.35 -15.93
CA ALA D 170 3.69 33.67 -14.65
C ALA D 170 2.73 32.58 -14.18
N TRP D 171 3.13 31.33 -14.24
CA TRP D 171 2.23 30.29 -13.76
C TRP D 171 2.98 29.01 -13.44
N SER D 172 2.48 28.30 -12.43
CA SER D 172 2.86 26.93 -12.12
C SER D 172 1.61 26.08 -12.00
N PRO D 173 1.66 24.82 -12.42
CA PRO D 173 0.47 23.98 -12.28
C PRO D 173 0.24 23.60 -10.84
N PHE D 174 -0.70 24.29 -10.20
CA PHE D 174 -1.09 24.04 -8.82
C PHE D 174 -2.61 24.14 -8.76
N ASP D 175 -3.14 24.13 -7.54
CA ASP D 175 -4.55 24.45 -7.32
C ASP D 175 -4.74 24.76 -5.85
N ASN D 176 -5.69 25.65 -5.57
CA ASN D 176 -6.00 26.01 -4.20
C ASN D 176 -6.34 24.77 -3.37
N LYS D 177 -7.17 23.89 -3.91
CA LYS D 177 -7.66 22.74 -3.16
C LYS D 177 -6.89 21.51 -3.64
N VAL D 178 -5.79 21.22 -2.97
CA VAL D 178 -4.95 20.07 -3.28
C VAL D 178 -4.62 19.38 -1.96
N VAL D 179 -4.76 18.06 -1.94
CA VAL D 179 -4.54 17.28 -0.75
C VAL D 179 -3.35 16.35 -0.96
N VAL D 180 -2.97 15.67 0.13
CA VAL D 180 -1.75 14.88 0.11
C VAL D 180 -1.78 13.84 1.22
N TYR D 181 -1.38 12.62 0.89
CA TYR D 181 -0.92 11.64 1.86
C TYR D 181 0.54 11.37 1.58
N GLY D 182 1.24 10.79 2.54
CA GLY D 182 2.60 10.32 2.34
C GLY D 182 3.46 11.26 1.51
N HIS D 183 4.23 10.69 0.60
CA HIS D 183 4.92 11.50 -0.39
C HIS D 183 3.96 12.01 -1.46
N GLU D 184 2.91 11.24 -1.76
CA GLU D 184 2.00 11.58 -2.84
C GLU D 184 1.25 12.86 -2.51
N VAL D 185 0.52 13.35 -3.51
CA VAL D 185 -0.21 14.61 -3.35
C VAL D 185 -1.23 14.68 -4.47
N TYR D 186 -2.41 15.23 -4.17
CA TYR D 186 -3.52 15.14 -5.10
C TYR D 186 -4.35 16.40 -5.02
N ASN D 187 -4.69 16.96 -6.17
CA ASN D 187 -5.72 17.97 -6.20
C ASN D 187 -7.03 17.28 -5.88
N TYR D 188 -7.49 17.42 -4.64
CA TYR D 188 -8.88 17.14 -4.34
C TYR D 188 -9.67 18.40 -4.69
N ASP D 189 -10.58 18.26 -5.66
CA ASP D 189 -11.40 19.37 -6.13
C ASP D 189 -11.80 20.29 -4.99
N PHE D 190 -12.36 19.72 -3.95
CA PHE D 190 -12.63 20.43 -2.72
C PHE D 190 -12.82 19.39 -1.63
N PRO D 191 -12.08 19.49 -0.55
CA PRO D 191 -12.40 18.65 0.61
C PRO D 191 -13.56 19.26 1.37
N GLU D 192 -14.69 18.56 1.37
CA GLU D 192 -15.94 19.15 1.84
C GLU D 192 -15.86 19.27 3.36
N TYR D 193 -15.20 20.35 3.79
CA TYR D 193 -14.74 20.48 5.17
C TYR D 193 -15.89 20.43 6.16
N GLY D 194 -16.75 21.45 6.15
CA GLY D 194 -17.85 21.47 7.11
C GLY D 194 -18.91 20.43 6.80
N THR D 195 -19.08 20.10 5.53
CA THR D 195 -20.19 19.25 5.09
C THR D 195 -19.80 17.78 5.23
N GLY D 196 -20.47 17.08 6.16
CA GLY D 196 -20.29 15.65 6.27
C GLY D 196 -20.72 14.94 5.01
N LYS D 197 -19.75 14.43 4.24
CA LYS D 197 -20.05 13.79 2.98
C LYS D 197 -20.43 12.33 3.18
N ALA D 198 -21.37 12.10 4.09
CA ALA D 198 -21.79 10.74 4.46
C ALA D 198 -20.61 9.88 4.92
N GLY D 199 -19.51 10.53 5.26
CA GLY D 199 -18.25 9.83 5.47
C GLY D 199 -17.66 9.25 4.21
N SER D 200 -18.24 9.54 3.04
CA SER D 200 -17.74 8.98 1.80
C SER D 200 -16.33 9.45 1.52
N PHE D 201 -16.03 10.70 1.81
CA PHE D 201 -14.64 11.17 1.79
C PHE D 201 -14.35 11.89 3.10
N GLY D 202 -15.35 12.58 3.64
CA GLY D 202 -15.21 13.22 4.93
C GLY D 202 -15.48 12.24 6.04
N ASP D 203 -14.76 11.12 6.04
CA ASP D 203 -14.97 10.12 7.08
C ASP D 203 -14.61 10.69 8.46
N LEU D 204 -13.58 11.53 8.51
CA LEU D 204 -13.23 12.27 9.72
C LEU D 204 -13.34 13.75 9.39
N GLN D 205 -14.54 14.31 9.59
CA GLN D 205 -14.79 15.71 9.26
C GLN D 205 -14.33 16.59 10.41
N SER D 206 -13.02 16.89 10.44
CA SER D 206 -12.43 17.61 11.56
C SER D 206 -11.41 18.64 11.07
N ARG D 207 -11.39 19.78 11.75
CA ARG D 207 -10.44 20.85 11.41
C ARG D 207 -9.00 20.37 11.52
N THR D 208 -8.66 19.70 12.61
CA THR D 208 -7.31 19.24 12.85
C THR D 208 -7.35 17.84 13.41
N SER D 209 -6.17 17.28 13.67
CA SER D 209 -6.09 16.06 14.46
C SER D 209 -6.64 16.29 15.86
N THR D 210 -6.17 17.33 16.53
CA THR D 210 -6.64 17.64 17.87
C THR D 210 -8.00 18.31 17.88
N SER D 211 -8.42 18.90 16.77
CA SER D 211 -9.78 19.42 16.68
C SER D 211 -10.73 18.24 16.73
N ASN D 212 -11.38 18.04 17.87
CA ASN D 212 -12.27 16.90 18.05
C ASN D 212 -13.69 17.25 17.66
N ASP D 213 -13.82 17.84 16.47
CA ASP D 213 -15.09 18.26 15.90
C ASP D 213 -15.38 17.34 14.73
N LEU D 214 -16.24 16.35 14.94
CA LEU D 214 -16.53 15.35 13.91
C LEU D 214 -17.88 15.68 13.28
N TYR D 215 -17.85 16.61 12.32
CA TYR D 215 -19.06 16.92 11.57
C TYR D 215 -19.21 15.93 10.43
N ALA D 216 -19.14 14.65 10.77
CA ALA D 216 -19.27 13.56 9.81
C ALA D 216 -20.35 12.61 10.29
N ASN D 217 -20.84 11.80 9.35
CA ASN D 217 -21.92 10.86 9.64
C ASN D 217 -21.56 9.48 9.13
N THR D 218 -21.22 8.57 10.05
CA THR D 218 -21.15 7.15 9.73
C THR D 218 -22.54 6.54 9.61
N ASN D 219 -23.59 7.35 9.80
CA ASN D 219 -24.96 6.89 9.67
C ASN D 219 -25.18 5.66 10.55
N LEU D 220 -24.66 5.74 11.77
CA LEU D 220 -24.77 4.63 12.71
C LEU D 220 -26.24 4.42 13.08
N LYS D 221 -26.71 3.19 12.91
CA LYS D 221 -28.05 2.81 13.30
C LYS D 221 -27.98 1.49 14.04
N LEU D 222 -28.70 1.40 15.14
CA LEU D 222 -28.68 0.22 15.99
C LEU D 222 -29.73 -0.78 15.51
N GLN D 223 -29.47 -2.06 15.80
CA GLN D 223 -30.44 -3.12 15.60
C GLN D 223 -30.80 -3.69 16.96
N ARG D 224 -31.94 -4.36 17.02
CA ARG D 224 -32.41 -4.83 18.31
C ARG D 224 -31.58 -6.02 18.79
N PRO D 225 -30.92 -5.93 19.95
CA PRO D 225 -30.35 -7.13 20.55
C PRO D 225 -31.46 -8.13 20.87
N GLN D 226 -31.13 -9.40 20.68
CA GLN D 226 -32.14 -10.45 20.64
C GLN D 226 -31.46 -11.78 20.91
N ALA D 227 -32.21 -12.87 20.73
CA ALA D 227 -31.71 -14.24 20.83
C ALA D 227 -31.10 -14.53 22.20
N GLY D 228 -31.53 -13.80 23.22
CA GLY D 228 -30.94 -13.94 24.54
C GLY D 228 -29.49 -13.51 24.57
N ILE D 229 -29.04 -12.86 23.50
CA ILE D 229 -27.66 -12.44 23.36
C ILE D 229 -27.52 -11.01 23.85
N VAL D 230 -26.63 -10.79 24.81
CA VAL D 230 -26.27 -9.43 25.21
C VAL D 230 -25.32 -8.88 24.16
N HIS D 231 -25.81 -7.92 23.38
CA HIS D 231 -25.01 -7.33 22.31
C HIS D 231 -25.72 -6.07 21.85
N THR D 232 -25.09 -5.36 20.93
CA THR D 232 -25.64 -4.16 20.32
C THR D 232 -25.55 -4.30 18.81
N PRO D 233 -26.39 -5.15 18.22
CA PRO D 233 -26.44 -5.21 16.76
C PRO D 233 -26.81 -3.84 16.22
N PHE D 234 -26.24 -3.50 15.09
CA PHE D 234 -26.30 -2.13 14.63
C PHE D 234 -25.86 -2.09 13.17
N THR D 235 -25.77 -0.87 12.64
CA THR D 235 -25.15 -0.64 11.35
C THR D 235 -24.62 0.78 11.34
N GLN D 236 -23.68 1.03 10.43
CA GLN D 236 -23.06 2.33 10.26
C GLN D 236 -22.36 2.32 8.91
N VAL D 237 -21.63 3.38 8.61
CA VAL D 237 -21.04 3.48 7.27
C VAL D 237 -19.63 2.94 7.29
N PRO D 238 -19.20 2.23 6.26
CA PRO D 238 -17.78 1.89 6.13
C PRO D 238 -16.95 3.13 5.88
N SER D 239 -15.67 3.04 6.20
CA SER D 239 -14.82 4.22 6.13
C SER D 239 -14.66 4.65 4.68
N GLY D 240 -15.53 5.57 4.25
CA GLY D 240 -15.60 5.93 2.84
C GLY D 240 -14.30 6.51 2.31
N PHE D 241 -13.70 7.42 3.07
CA PHE D 241 -12.43 7.98 2.64
C PHE D 241 -11.39 6.89 2.44
N GLU D 242 -11.44 5.85 3.27
CA GLU D 242 -10.63 4.66 3.03
C GLU D 242 -11.05 3.97 1.74
N ARG D 243 -12.36 3.85 1.52
CA ARG D 243 -12.84 3.25 0.27
C ARG D 243 -12.20 3.95 -0.91
N TRP D 244 -12.09 5.28 -0.86
CA TRP D 244 -11.29 5.97 -1.85
C TRP D 244 -9.82 5.63 -1.73
N LYS D 245 -9.33 5.41 -0.51
CA LYS D 245 -7.94 5.02 -0.38
C LYS D 245 -7.66 3.73 -1.10
N LYS D 246 -8.70 3.06 -1.57
CA LYS D 246 -8.57 2.10 -2.66
C LYS D 246 -8.56 2.75 -4.03
N ASP D 247 -9.25 3.88 -4.20
CA ASP D 247 -9.41 4.52 -5.51
C ASP D 247 -8.48 5.71 -5.70
N LYS D 248 -7.33 5.70 -5.03
CA LYS D 248 -6.36 6.77 -5.23
C LYS D 248 -5.86 6.76 -6.66
N GLY D 249 -5.46 7.93 -7.14
CA GLY D 249 -5.09 8.08 -8.54
C GLY D 249 -3.64 8.45 -8.78
N ALA D 250 -3.41 9.27 -9.80
CA ALA D 250 -2.07 9.67 -10.18
C ALA D 250 -1.71 10.98 -9.53
N PRO D 251 -0.69 11.02 -8.66
CA PRO D 251 -0.32 12.27 -8.01
C PRO D 251 0.14 13.29 -9.04
N LEU D 252 -0.11 14.56 -8.72
CA LEU D 252 0.14 15.64 -9.66
C LEU D 252 1.62 15.71 -10.04
N ASN D 253 2.51 15.53 -9.06
CA ASN D 253 3.94 15.49 -9.36
C ASN D 253 4.24 14.53 -10.50
N ASP D 254 3.52 13.41 -10.55
CA ASP D 254 3.68 12.46 -11.63
C ASP D 254 3.03 12.94 -12.91
N VAL D 255 2.15 13.94 -12.83
CA VAL D 255 1.50 14.49 -14.02
C VAL D 255 2.06 15.85 -14.39
N ALA D 256 2.95 16.39 -13.59
CA ALA D 256 3.46 17.74 -13.83
C ALA D 256 4.20 17.80 -15.16
N PRO D 257 3.77 18.64 -16.09
CA PRO D 257 4.48 18.75 -17.37
C PRO D 257 5.81 19.45 -17.23
N PHE D 258 6.45 19.76 -18.36
CA PHE D 258 7.78 20.36 -18.39
C PHE D 258 8.78 19.53 -17.60
N GLY D 259 8.52 18.22 -17.55
CA GLY D 259 9.40 17.24 -16.94
C GLY D 259 10.00 17.69 -15.63
N CYS D 260 9.22 18.40 -14.82
CA CYS D 260 9.75 19.01 -13.62
C CYS D 260 8.91 18.59 -12.43
N SER D 261 9.44 18.84 -11.23
CA SER D 261 8.93 18.20 -10.04
C SER D 261 8.56 19.19 -8.95
N ILE D 262 8.28 18.67 -7.75
CA ILE D 262 7.69 19.46 -6.68
C ILE D 262 8.45 19.18 -5.38
N ALA D 263 8.48 20.18 -4.51
CA ALA D 263 9.04 20.03 -3.17
C ALA D 263 7.91 19.97 -2.14
N LEU D 264 8.09 19.10 -1.14
CA LEU D 264 7.05 18.82 -0.18
C LEU D 264 6.64 20.04 0.64
N GLU D 265 7.56 20.56 1.45
CA GLU D 265 7.17 21.55 2.44
C GLU D 265 6.65 22.85 1.85
N PRO D 266 7.28 23.47 0.85
CA PRO D 266 6.77 24.76 0.35
C PRO D 266 5.88 24.66 -0.87
N LEU D 267 5.58 23.44 -1.33
CA LEU D 267 5.04 23.20 -2.66
C LEU D 267 5.93 23.87 -3.70
N ARG D 268 7.24 23.87 -3.45
CA ARG D 268 8.18 24.42 -4.41
C ARG D 268 8.12 23.57 -5.68
N ALA D 269 7.60 24.15 -6.76
CA ALA D 269 7.75 23.54 -8.06
C ALA D 269 9.22 23.56 -8.44
N GLU D 270 9.66 22.53 -9.14
CA GLU D 270 11.10 22.32 -9.33
C GLU D 270 11.45 22.31 -10.81
N ASN D 271 11.76 23.49 -11.33
CA ASN D 271 12.51 23.64 -12.58
C ASN D 271 11.71 23.20 -13.80
N CYS D 272 10.51 23.76 -13.95
CA CYS D 272 9.80 23.73 -15.22
C CYS D 272 10.33 24.89 -16.05
N ALA D 273 11.35 24.61 -16.85
CA ALA D 273 12.18 25.64 -17.48
C ALA D 273 11.43 26.32 -18.63
N VAL D 274 10.59 27.29 -18.28
CA VAL D 274 9.83 28.06 -19.25
C VAL D 274 9.99 29.54 -18.95
N GLY D 275 10.15 30.35 -19.99
CA GLY D 275 10.14 31.79 -19.87
C GLY D 275 11.52 32.41 -20.03
N SER D 276 11.57 33.73 -19.80
CA SER D 276 12.81 34.47 -19.85
C SER D 276 12.91 35.37 -18.63
N ILE D 277 14.14 35.63 -18.21
CA ILE D 277 14.38 36.28 -16.92
C ILE D 277 15.21 37.54 -17.11
N PRO D 278 14.61 38.72 -16.93
CA PRO D 278 15.40 39.96 -16.99
C PRO D 278 16.26 40.16 -15.76
N ILE D 279 17.45 39.58 -15.79
CA ILE D 279 18.38 39.69 -14.68
C ILE D 279 19.20 40.96 -14.80
N SER D 280 19.73 41.42 -13.67
CA SER D 280 20.57 42.61 -13.63
C SER D 280 21.65 42.39 -12.58
N ILE D 281 22.90 42.42 -12.98
CA ILE D 281 24.02 42.09 -12.10
C ILE D 281 25.10 43.15 -12.23
N ASP D 282 25.64 43.58 -11.09
CA ASP D 282 26.81 44.45 -11.09
C ASP D 282 28.08 43.61 -11.22
N ILE D 283 29.06 44.16 -11.92
CA ILE D 283 30.33 43.48 -12.14
C ILE D 283 31.42 44.36 -11.53
N PRO D 284 32.57 43.78 -11.19
CA PRO D 284 33.69 44.62 -10.78
C PRO D 284 34.29 45.35 -11.98
N ASP D 285 34.04 46.66 -12.08
CA ASP D 285 34.70 47.43 -13.13
C ASP D 285 36.21 47.46 -12.92
N ALA D 286 36.66 47.20 -11.70
CA ALA D 286 38.09 47.02 -11.45
C ALA D 286 38.63 45.78 -12.15
N ALA D 287 37.79 44.74 -12.27
CA ALA D 287 38.24 43.53 -12.97
C ALA D 287 38.53 43.80 -14.44
N PHE D 288 38.07 44.93 -14.96
CA PHE D 288 38.45 45.36 -16.30
C PHE D 288 39.94 45.63 -16.38
N THR D 289 40.42 45.85 -17.60
CA THR D 289 41.74 46.39 -17.86
C THR D 289 41.61 47.32 -19.04
N ARG D 290 42.74 47.69 -19.63
CA ARG D 290 42.73 48.63 -20.75
C ARG D 290 42.38 47.89 -22.04
N ILE D 291 42.53 48.57 -23.16
CA ILE D 291 42.24 47.97 -24.46
C ILE D 291 43.48 48.06 -25.33
N SER D 292 44.33 49.06 -25.07
CA SER D 292 45.52 49.28 -25.89
C SER D 292 46.68 48.40 -25.48
N GLU D 293 46.80 48.09 -24.19
CA GLU D 293 47.87 47.22 -23.71
C GLU D 293 47.75 45.80 -24.25
N THR D 294 46.62 45.46 -24.85
CA THR D 294 46.34 44.08 -25.20
C THR D 294 47.19 43.60 -26.38
N PRO D 295 47.61 42.34 -26.37
CA PRO D 295 48.04 41.68 -27.62
C PRO D 295 46.95 41.78 -28.67
N THR D 296 47.27 42.48 -29.76
CA THR D 296 46.25 42.88 -30.72
C THR D 296 46.00 41.80 -31.77
N VAL D 297 44.80 41.83 -32.34
CA VAL D 297 44.41 40.95 -33.43
C VAL D 297 45.08 41.38 -34.72
N SER D 298 45.04 40.53 -35.72
CA SER D 298 45.54 40.81 -37.07
C SER D 298 45.02 39.69 -37.97
N ASP D 299 45.48 39.69 -39.22
CA ASP D 299 45.58 38.48 -40.06
C ASP D 299 44.43 37.50 -39.82
N LEU D 300 43.21 38.03 -39.86
CA LEU D 300 42.05 37.23 -39.50
C LEU D 300 41.67 36.26 -40.61
N GLU D 301 41.48 34.98 -40.23
CA GLU D 301 40.92 33.96 -41.10
C GLU D 301 40.64 32.72 -40.27
N CYS D 302 39.50 32.09 -40.53
CA CYS D 302 39.14 30.82 -39.89
C CYS D 302 38.74 29.81 -40.94
N LYS D 303 39.20 28.58 -40.75
CA LYS D 303 38.85 27.46 -41.61
C LYS D 303 37.66 26.71 -41.03
N ILE D 304 36.62 26.55 -41.85
CA ILE D 304 35.47 25.75 -41.45
C ILE D 304 35.80 24.29 -41.73
N THR D 305 36.34 23.60 -40.74
CA THR D 305 36.73 22.21 -40.95
C THR D 305 35.52 21.33 -41.25
N GLU D 306 34.65 21.14 -40.26
CA GLU D 306 33.44 20.35 -40.47
C GLU D 306 32.52 20.37 -39.25
N CYS D 307 31.22 20.28 -39.49
CA CYS D 307 30.24 20.00 -38.45
C CYS D 307 29.16 19.09 -39.00
N THR D 308 28.69 18.18 -38.17
CA THR D 308 27.48 17.41 -38.45
C THR D 308 26.41 17.83 -37.45
N TYR D 309 25.21 18.12 -37.94
CA TYR D 309 24.19 18.66 -37.05
C TYR D 309 23.77 17.58 -36.05
N ALA D 310 24.22 17.74 -34.81
CA ALA D 310 23.95 16.80 -33.74
C ALA D 310 23.90 17.57 -32.44
N PHE D 311 23.42 16.91 -31.38
CA PHE D 311 23.22 17.59 -30.12
C PHE D 311 24.54 18.09 -29.54
N ASP D 312 25.45 17.17 -29.23
CA ASP D 312 26.78 17.53 -28.75
C ASP D 312 27.40 18.55 -29.68
N PHE D 313 28.36 19.35 -29.22
CA PHE D 313 28.84 20.41 -30.10
C PHE D 313 29.61 19.77 -31.26
N GLY D 314 28.88 18.99 -32.05
CA GLY D 314 29.44 18.08 -33.03
C GLY D 314 29.93 18.77 -34.28
N GLY D 315 30.74 19.79 -34.11
CA GLY D 315 31.40 20.39 -35.23
C GLY D 315 32.68 21.09 -34.87
N ILE D 316 33.74 20.77 -35.60
CA ILE D 316 35.07 21.29 -35.34
C ILE D 316 35.48 22.15 -36.53
N ALA D 317 36.06 23.32 -36.24
CA ALA D 317 36.61 24.16 -37.28
C ALA D 317 37.76 24.95 -36.68
N THR D 318 38.65 25.42 -37.54
CA THR D 318 39.88 26.03 -37.07
C THR D 318 40.03 27.43 -37.65
N VAL D 319 41.16 28.04 -37.32
CA VAL D 319 41.52 29.36 -37.83
C VAL D 319 42.94 29.31 -38.35
N ALA D 320 43.26 30.27 -39.22
CA ALA D 320 44.60 30.48 -39.72
C ALA D 320 44.87 31.98 -39.62
N TYR D 321 45.97 32.34 -38.96
CA TYR D 321 46.05 33.71 -38.48
C TYR D 321 47.48 34.01 -38.02
N LYS D 322 47.81 35.30 -37.99
CA LYS D 322 49.06 35.79 -37.43
C LYS D 322 48.72 36.93 -36.47
N SER D 323 49.37 36.92 -35.32
CA SER D 323 49.05 37.84 -34.23
C SER D 323 50.00 39.01 -34.18
N SER D 324 49.54 40.08 -33.51
CA SER D 324 50.45 41.16 -33.14
C SER D 324 51.47 40.69 -32.13
N LYS D 325 51.00 40.06 -31.05
CA LYS D 325 51.86 39.39 -30.09
C LYS D 325 51.03 38.33 -29.38
N ALA D 326 51.72 37.35 -28.81
CA ALA D 326 51.05 36.21 -28.20
C ALA D 326 50.29 36.62 -26.94
N GLY D 327 49.49 35.69 -26.44
CA GLY D 327 48.81 35.88 -25.18
C GLY D 327 47.50 35.09 -25.16
N ASN D 328 46.46 35.74 -24.66
CA ASN D 328 45.13 35.15 -24.55
C ASN D 328 44.10 36.21 -24.89
N CYS D 329 42.94 35.74 -25.35
CA CYS D 329 41.85 36.65 -25.70
C CYS D 329 40.56 35.87 -25.90
N PRO D 330 39.43 36.39 -25.43
CA PRO D 330 38.18 35.63 -25.48
C PRO D 330 37.66 35.48 -26.90
N ILE D 331 36.89 34.42 -27.10
CA ILE D 331 36.21 34.18 -28.37
C ILE D 331 34.72 34.04 -28.04
N HIS D 332 34.00 35.15 -28.05
CA HIS D 332 32.59 35.10 -27.73
C HIS D 332 31.79 34.65 -28.95
N SER D 333 30.63 34.07 -28.69
CA SER D 333 29.73 33.72 -29.78
C SER D 333 28.52 34.63 -29.74
N PRO D 334 28.61 35.84 -30.29
CA PRO D 334 27.40 36.68 -30.39
C PRO D 334 26.29 35.99 -31.18
N SER D 335 26.67 35.24 -32.20
CA SER D 335 25.75 34.34 -32.91
C SER D 335 26.07 32.93 -32.46
N GLY D 336 25.27 32.41 -31.53
CA GLY D 336 25.46 31.06 -31.04
C GLY D 336 24.82 30.03 -31.92
N VAL D 337 24.94 30.19 -33.24
CA VAL D 337 24.30 29.26 -34.17
C VAL D 337 25.00 27.91 -34.05
N ALA D 338 26.27 27.85 -34.40
CA ALA D 338 27.10 26.70 -34.12
C ALA D 338 27.50 26.81 -32.66
N VAL D 339 26.83 26.09 -31.77
CA VAL D 339 26.97 26.39 -30.35
C VAL D 339 28.37 25.98 -29.92
N ILE D 340 29.24 26.99 -29.78
CA ILE D 340 30.66 26.73 -29.64
C ILE D 340 30.95 26.03 -28.33
N LYS D 341 31.75 24.97 -28.38
CA LYS D 341 32.31 24.43 -27.15
C LYS D 341 33.09 25.49 -26.40
N GLU D 342 33.72 26.41 -27.11
CA GLU D 342 34.65 27.37 -26.55
C GLU D 342 34.02 28.74 -26.43
N ASN D 343 34.50 29.50 -25.46
CA ASN D 343 34.10 30.88 -25.23
C ASN D 343 35.27 31.82 -25.05
N ASP D 344 36.44 31.30 -24.71
CA ASP D 344 37.64 32.09 -24.49
C ASP D 344 38.82 31.15 -24.66
N VAL D 345 39.84 31.59 -25.39
CA VAL D 345 41.02 30.78 -25.64
C VAL D 345 42.25 31.65 -25.53
N THR D 346 43.40 31.00 -25.33
CA THR D 346 44.65 31.71 -25.46
C THR D 346 44.84 32.10 -26.92
N LEU D 347 45.55 33.21 -27.13
CA LEU D 347 45.86 33.68 -28.48
C LEU D 347 47.37 33.80 -28.56
N ALA D 348 48.03 32.69 -28.90
CA ALA D 348 49.45 32.73 -29.14
C ALA D 348 49.74 33.49 -30.44
N GLU D 349 51.00 33.84 -30.62
CA GLU D 349 51.42 34.48 -31.86
C GLU D 349 51.06 33.57 -33.04
N SER D 350 50.44 34.16 -34.04
CA SER D 350 49.86 33.41 -35.15
C SER D 350 48.87 32.36 -34.63
N GLY D 351 47.99 32.80 -33.73
CA GLY D 351 46.99 31.89 -33.23
C GLY D 351 46.16 31.34 -34.38
N SER D 352 46.48 30.11 -34.78
CA SER D 352 45.85 29.46 -35.93
C SER D 352 45.47 28.07 -35.44
N PHE D 353 44.26 27.96 -34.92
CA PHE D 353 43.86 26.79 -34.13
C PHE D 353 42.36 26.63 -34.29
N THR D 354 41.79 25.70 -33.52
CA THR D 354 40.47 25.19 -33.79
C THR D 354 39.54 25.35 -32.58
N PHE D 355 38.37 24.75 -32.69
CA PHE D 355 37.27 24.93 -31.76
C PHE D 355 36.16 23.96 -32.14
N HIS D 356 35.14 23.88 -31.30
CA HIS D 356 34.06 22.94 -31.51
C HIS D 356 32.72 23.61 -31.22
N PHE D 357 31.67 23.06 -31.82
CA PHE D 357 30.40 23.77 -31.92
C PHE D 357 29.35 22.83 -32.48
N SER D 358 28.10 23.05 -32.10
CA SER D 358 26.98 22.37 -32.72
C SER D 358 25.98 23.38 -33.27
N THR D 359 25.51 23.12 -34.48
CA THR D 359 24.32 23.78 -34.98
C THR D 359 23.44 22.72 -35.62
N ALA D 360 22.13 22.96 -35.56
CA ALA D 360 21.20 22.07 -36.23
C ALA D 360 21.27 22.21 -37.75
N ASN D 361 22.05 23.18 -38.24
CA ASN D 361 22.07 23.50 -39.65
C ASN D 361 22.51 22.32 -40.50
N ILE D 362 21.89 22.18 -41.67
CA ILE D 362 22.52 21.46 -42.76
C ILE D 362 23.78 22.20 -43.20
N HIS D 363 23.73 23.54 -43.18
CA HIS D 363 24.91 24.40 -43.28
C HIS D 363 24.56 25.84 -42.96
N PRO D 364 25.37 26.52 -42.16
CA PRO D 364 25.23 27.97 -42.01
C PRO D 364 26.10 28.74 -43.00
N ALA D 365 26.05 30.06 -42.89
CA ALA D 365 27.00 30.96 -43.54
C ALA D 365 27.43 32.07 -42.60
N PHE D 366 27.42 31.80 -41.30
CA PHE D 366 27.42 32.84 -40.29
C PHE D 366 28.82 33.07 -39.73
N LYS D 367 28.90 33.90 -38.69
CA LYS D 367 30.16 34.34 -38.13
C LYS D 367 29.91 34.70 -36.67
N LEU D 368 31.00 34.96 -35.95
CA LEU D 368 30.92 35.45 -34.57
C LEU D 368 32.25 36.09 -34.23
N GLN D 369 32.42 36.44 -32.95
CA GLN D 369 33.50 37.29 -32.52
C GLN D 369 34.65 36.49 -31.93
N VAL D 370 35.83 37.10 -31.95
CA VAL D 370 37.01 36.60 -31.25
C VAL D 370 37.93 37.78 -30.97
N CYS D 371 38.32 37.95 -29.70
CA CYS D 371 39.28 38.96 -29.28
C CYS D 371 38.88 40.35 -29.80
N THR D 372 37.62 40.72 -29.55
CA THR D 372 37.09 42.00 -30.01
C THR D 372 37.21 42.14 -31.52
N SER D 373 37.23 41.02 -32.22
CA SER D 373 37.42 40.99 -33.68
C SER D 373 36.53 39.90 -34.23
N ALA D 374 35.37 40.28 -34.73
CA ALA D 374 34.40 39.34 -35.27
C ALA D 374 34.89 38.84 -36.63
N VAL D 375 35.07 37.54 -36.76
CA VAL D 375 35.58 36.94 -38.00
C VAL D 375 34.55 35.94 -38.51
N THR D 376 34.64 35.66 -39.81
CA THR D 376 33.60 34.91 -40.51
C THR D 376 34.11 33.54 -40.92
N CYS D 377 33.40 32.51 -40.47
CA CYS D 377 33.62 31.12 -40.89
C CYS D 377 32.23 30.58 -41.17
N LYS D 378 31.91 30.40 -42.45
CA LYS D 378 30.51 30.31 -42.86
C LYS D 378 29.82 29.10 -42.23
N GLY D 379 30.43 27.92 -42.33
CA GLY D 379 29.79 26.71 -41.84
C GLY D 379 29.40 25.74 -42.95
N ASP D 380 30.21 24.71 -43.13
CA ASP D 380 30.06 23.79 -44.26
C ASP D 380 28.78 22.96 -44.12
N CYS D 381 28.51 22.16 -45.14
CA CYS D 381 27.38 21.25 -45.09
C CYS D 381 27.56 20.25 -43.96
N LYS D 382 26.45 19.85 -43.35
CA LYS D 382 26.51 19.07 -42.13
C LYS D 382 25.78 17.75 -42.30
N PRO D 383 26.40 16.63 -41.94
CA PRO D 383 25.69 15.37 -41.87
C PRO D 383 24.72 15.34 -40.70
N PRO D 384 23.69 14.51 -40.76
CA PRO D 384 22.93 14.18 -39.56
C PRO D 384 23.73 13.24 -38.68
N LYS D 385 23.10 12.71 -37.64
CA LYS D 385 23.70 11.64 -36.85
C LYS D 385 24.38 10.59 -37.74
N GLN D 394 17.85 16.30 -24.61
CA GLN D 394 19.19 16.34 -24.04
C GLN D 394 19.72 17.76 -23.97
N HIS D 395 19.71 18.45 -25.12
CA HIS D 395 20.26 19.79 -25.19
C HIS D 395 19.77 20.45 -26.48
N THR D 396 19.99 21.76 -26.56
CA THR D 396 19.43 22.60 -27.62
C THR D 396 20.23 22.48 -28.91
N GLU D 397 19.91 23.35 -29.86
CA GLU D 397 20.63 23.55 -31.12
C GLU D 397 20.40 25.00 -31.54
N SER D 398 20.63 25.31 -32.81
CA SER D 398 20.22 26.59 -33.38
C SER D 398 18.79 26.50 -33.94
N PHE D 399 18.59 25.59 -34.89
CA PHE D 399 17.31 24.94 -35.21
C PHE D 399 16.18 25.81 -35.73
N THR D 400 16.32 27.14 -35.74
CA THR D 400 15.16 27.95 -36.12
C THR D 400 14.84 27.78 -37.60
N SER D 401 15.75 28.23 -38.46
CA SER D 401 15.66 27.97 -39.89
C SER D 401 17.05 27.88 -40.50
N ALA D 402 18.09 27.96 -39.68
CA ALA D 402 19.49 28.03 -40.11
C ALA D 402 19.96 26.78 -40.82
N ILE D 403 19.09 25.79 -40.99
CA ILE D 403 19.45 24.50 -41.58
C ILE D 403 19.45 24.65 -43.10
N SER D 404 19.35 25.90 -43.55
CA SER D 404 19.31 26.22 -44.97
C SER D 404 20.40 25.49 -45.75
N ALA D 405 20.07 25.13 -46.98
CA ALA D 405 20.96 24.42 -47.88
C ALA D 405 20.93 25.09 -49.25
N THR D 406 21.72 24.53 -50.17
CA THR D 406 21.93 25.15 -51.48
C THR D 406 20.63 25.18 -52.29
N ALA D 407 20.00 24.01 -52.47
CA ALA D 407 18.86 23.91 -53.36
C ALA D 407 17.71 24.81 -52.93
N TRP D 408 17.63 25.12 -51.65
CA TRP D 408 16.54 25.95 -51.14
C TRP D 408 16.62 27.35 -51.72
N SER D 409 17.72 28.05 -51.42
CA SER D 409 17.94 29.38 -51.97
C SER D 409 18.10 29.34 -53.48
N TRP D 410 18.42 28.18 -54.05
CA TRP D 410 18.47 28.05 -55.49
C TRP D 410 17.08 28.12 -56.10
N ILE D 411 16.21 27.19 -55.72
CA ILE D 411 14.90 27.06 -56.37
C ILE D 411 14.00 28.23 -56.00
N LYS D 412 14.12 28.75 -54.78
CA LYS D 412 13.25 29.86 -54.40
C LYS D 412 13.45 31.04 -55.34
N VAL D 413 14.70 31.44 -55.57
CA VAL D 413 14.98 32.55 -56.48
C VAL D 413 14.68 32.14 -57.91
N LEU D 414 14.93 30.87 -58.28
CA LEU D 414 14.54 30.39 -59.60
C LEU D 414 13.08 30.73 -59.91
N VAL D 415 12.18 30.21 -59.08
CA VAL D 415 10.76 30.34 -59.35
C VAL D 415 10.32 31.79 -59.24
N GLY D 416 10.82 32.52 -58.23
CA GLY D 416 10.41 33.90 -58.07
C GLY D 416 10.81 34.75 -59.26
N GLY D 417 12.07 34.62 -59.71
CA GLY D 417 12.52 35.38 -60.86
C GLY D 417 11.79 35.02 -62.13
N THR D 418 11.55 33.71 -62.34
CA THR D 418 10.84 33.30 -63.55
C THR D 418 9.45 33.95 -63.60
N SER D 419 8.69 33.80 -62.52
CA SER D 419 7.34 34.37 -62.49
C SER D 419 7.38 35.89 -62.68
N ALA D 420 8.27 36.56 -61.94
CA ALA D 420 8.35 38.01 -62.05
C ALA D 420 8.65 38.45 -63.47
N PHE D 421 9.68 37.87 -64.09
CA PHE D 421 10.09 38.31 -65.42
C PHE D 421 8.99 38.07 -66.44
N ILE D 422 8.36 36.89 -66.39
CA ILE D 422 7.33 36.61 -67.40
C ILE D 422 6.16 37.58 -67.25
N VAL D 423 5.71 37.82 -66.01
CA VAL D 423 4.58 38.73 -65.86
C VAL D 423 4.97 40.16 -66.25
N LEU D 424 6.24 40.53 -66.05
CA LEU D 424 6.68 41.87 -66.44
C LEU D 424 6.63 42.05 -67.96
N GLY D 425 7.15 41.08 -68.70
CA GLY D 425 7.01 41.15 -70.15
C GLY D 425 5.55 41.20 -70.56
N LEU D 426 4.72 40.41 -69.88
CA LEU D 426 3.29 40.37 -70.21
C LEU D 426 2.65 41.74 -70.08
N ILE D 427 2.89 42.43 -68.96
CA ILE D 427 2.30 43.76 -68.80
C ILE D 427 2.88 44.73 -69.82
N ALA D 428 4.19 44.64 -70.09
CA ALA D 428 4.80 45.52 -71.07
C ALA D 428 4.06 45.48 -72.41
N THR D 429 3.75 44.26 -72.88
CA THR D 429 3.11 44.05 -74.18
C THR D 429 2.04 45.07 -74.53
N ALA D 430 1.15 45.37 -73.58
CA ALA D 430 -0.03 46.17 -73.88
C ALA D 430 0.32 47.56 -74.38
N VAL D 431 0.98 48.36 -73.53
CA VAL D 431 1.37 49.69 -73.94
C VAL D 431 2.36 49.63 -75.09
N VAL D 432 3.18 48.57 -75.16
CA VAL D 432 4.09 48.40 -76.28
C VAL D 432 3.31 48.44 -77.58
N ALA D 433 2.18 47.73 -77.62
CA ALA D 433 1.32 47.80 -78.79
C ALA D 433 0.69 49.18 -78.93
N LEU D 434 0.13 49.70 -77.83
CA LEU D 434 -0.75 50.87 -77.92
C LEU D 434 -0.05 52.11 -78.41
N VAL D 435 1.25 52.24 -78.16
CA VAL D 435 1.93 53.50 -78.42
C VAL D 435 1.84 53.88 -79.89
N LEU D 436 2.17 52.95 -80.79
CA LEU D 436 2.15 53.30 -82.21
C LEU D 436 0.73 53.48 -82.71
N PHE D 437 -0.23 52.78 -82.11
CA PHE D 437 -1.63 53.03 -82.45
C PHE D 437 -1.99 54.47 -82.18
N PHE D 438 -1.53 54.99 -81.05
CA PHE D 438 -1.66 56.42 -80.79
C PHE D 438 -0.92 57.22 -81.85
N HIS D 439 0.27 56.76 -82.23
CA HIS D 439 1.07 57.45 -83.24
C HIS D 439 0.32 57.58 -84.56
N ARG D 440 -0.64 56.70 -84.81
CA ARG D 440 -1.30 56.65 -86.11
C ARG D 440 -1.79 58.03 -86.56
N HIS D 441 -2.43 58.76 -85.66
CA HIS D 441 -3.03 60.04 -86.02
C HIS D 441 -1.99 61.15 -86.04
N ASP E 1 8.90 -3.05 28.97
CA ASP E 1 9.42 -2.88 30.31
C ASP E 1 8.82 -3.92 31.25
N LEU E 2 8.73 -3.57 32.53
CA LEU E 2 7.95 -4.35 33.50
C LEU E 2 7.10 -3.40 34.34
N ASP E 3 7.54 -2.15 34.46
CA ASP E 3 6.89 -1.20 35.35
C ASP E 3 5.51 -0.83 34.83
N THR E 4 5.39 -0.56 33.53
CA THR E 4 4.07 -0.42 32.94
C THR E 4 3.34 -1.75 32.89
N HIS E 5 4.09 -2.85 32.75
CA HIS E 5 3.48 -4.17 32.87
C HIS E 5 2.93 -4.38 34.27
N PHE E 6 3.67 -3.93 35.29
CA PHE E 6 3.16 -4.04 36.65
C PHE E 6 2.02 -3.08 36.90
N THR E 7 2.03 -1.92 36.23
CA THR E 7 0.86 -1.06 36.24
C THR E 7 -0.36 -1.81 35.71
N GLN E 8 -0.17 -2.55 34.61
CA GLN E 8 -1.22 -3.41 34.09
C GLN E 8 -1.68 -4.43 35.13
N TYR E 9 -0.72 -5.16 35.70
CA TYR E 9 -1.02 -6.39 36.44
C TYR E 9 -1.32 -6.17 37.91
N LYS E 10 -1.04 -4.99 38.46
CA LYS E 10 -1.19 -4.79 39.90
C LYS E 10 -2.65 -4.79 40.31
N LEU E 11 -3.52 -4.21 39.49
CA LEU E 11 -4.91 -3.99 39.87
C LEU E 11 -5.89 -4.46 38.79
N ALA E 12 -5.43 -5.22 37.81
CA ALA E 12 -6.32 -5.78 36.80
C ALA E 12 -6.39 -7.30 36.97
N ARG E 13 -7.54 -7.86 36.65
CA ARG E 13 -7.80 -9.28 36.75
C ARG E 13 -8.21 -9.82 35.39
N PRO E 14 -8.15 -11.12 35.21
CA PRO E 14 -8.74 -11.69 34.00
C PRO E 14 -10.25 -11.57 34.02
N TYR E 15 -10.89 -12.04 32.97
CA TYR E 15 -12.29 -12.41 33.03
C TYR E 15 -12.56 -13.32 31.84
N ILE E 16 -13.81 -13.75 31.70
CA ILE E 16 -14.23 -14.55 30.57
C ILE E 16 -15.40 -13.83 29.93
N ALA E 17 -15.75 -14.29 28.73
CA ALA E 17 -16.89 -13.72 28.02
C ALA E 17 -17.40 -14.75 27.05
N ASP E 18 -18.68 -14.63 26.70
CA ASP E 18 -19.31 -15.60 25.82
C ASP E 18 -18.84 -15.38 24.39
N CYS E 19 -17.56 -15.64 24.16
CA CYS E 19 -16.99 -15.42 22.84
C CYS E 19 -17.75 -16.23 21.80
N PRO E 20 -18.20 -15.61 20.72
CA PRO E 20 -18.91 -16.36 19.69
C PRO E 20 -17.97 -17.29 18.93
N ASN E 21 -17.63 -18.42 19.56
CA ASN E 21 -16.69 -19.37 18.99
C ASN E 21 -17.26 -19.99 17.72
N CYS E 22 -16.54 -20.93 17.13
CA CYS E 22 -17.06 -21.62 15.95
C CYS E 22 -17.43 -23.07 16.20
N GLY E 23 -16.96 -23.67 17.30
CA GLY E 23 -17.35 -25.04 17.58
C GLY E 23 -18.85 -25.19 17.74
N HIS E 24 -19.46 -24.34 18.56
CA HIS E 24 -20.91 -24.26 18.69
C HIS E 24 -21.35 -22.81 18.76
N SER E 25 -20.77 -21.97 17.92
CA SER E 25 -21.18 -20.58 17.69
C SER E 25 -20.91 -19.67 18.88
N ARG E 26 -20.46 -20.19 20.01
CA ARG E 26 -20.36 -19.37 21.20
C ARG E 26 -19.62 -20.13 22.30
N CYS E 27 -18.91 -19.39 23.13
CA CYS E 27 -18.06 -19.99 24.16
C CYS E 27 -17.70 -18.96 25.21
N ASP E 28 -17.72 -19.37 26.48
CA ASP E 28 -17.48 -18.49 27.62
C ASP E 28 -16.06 -18.59 28.17
N SER E 29 -15.08 -18.81 27.31
CA SER E 29 -13.72 -19.02 27.78
C SER E 29 -13.11 -17.72 28.31
N PRO E 30 -12.09 -17.83 29.17
CA PRO E 30 -11.20 -16.68 29.41
C PRO E 30 -10.45 -16.29 28.15
N ILE E 31 -10.42 -17.17 27.16
CA ILE E 31 -9.76 -16.96 25.88
C ILE E 31 -10.69 -16.13 25.00
N ALA E 32 -11.76 -15.61 25.61
CA ALA E 32 -12.76 -14.83 24.90
C ALA E 32 -12.11 -13.79 24.01
N ILE E 33 -12.33 -13.93 22.70
CA ILE E 33 -11.64 -13.08 21.73
C ILE E 33 -11.98 -11.63 21.97
N GLU E 34 -10.97 -10.77 21.86
CA GLU E 34 -11.17 -9.33 22.00
C GLU E 34 -9.95 -8.61 21.45
N GLU E 35 -10.02 -7.28 21.48
CA GLU E 35 -8.89 -6.40 21.15
C GLU E 35 -8.26 -6.75 19.81
N VAL E 36 -9.08 -7.27 18.89
CA VAL E 36 -8.59 -7.62 17.56
C VAL E 36 -8.00 -6.37 16.92
N ARG E 37 -6.69 -6.40 16.67
CA ARG E 37 -6.03 -5.22 16.10
C ARG E 37 -4.74 -5.68 15.41
N GLY E 38 -4.81 -5.82 14.08
CA GLY E 38 -3.62 -6.04 13.30
C GLY E 38 -3.57 -5.11 12.11
N ASP E 39 -2.66 -4.14 12.14
CA ASP E 39 -2.56 -3.17 11.07
C ASP E 39 -1.11 -2.81 10.72
N ALA E 40 -0.14 -3.60 11.17
CA ALA E 40 1.24 -3.38 10.76
C ALA E 40 1.42 -3.73 9.29
N HIS E 41 2.45 -3.14 8.68
CA HIS E 41 2.81 -3.56 7.32
C HIS E 41 3.19 -5.02 7.29
N ALA E 42 3.85 -5.52 8.34
CA ALA E 42 4.11 -6.94 8.44
C ALA E 42 2.85 -7.75 8.69
N GLY E 43 1.74 -7.09 8.96
CA GLY E 43 0.51 -7.81 9.28
C GLY E 43 0.54 -8.43 10.65
N VAL E 44 1.35 -7.90 11.56
CA VAL E 44 1.32 -8.36 12.94
C VAL E 44 0.08 -7.82 13.62
N ILE E 45 -0.39 -8.53 14.64
CA ILE E 45 -1.67 -8.26 15.27
C ILE E 45 -1.42 -8.16 16.76
N ARG E 46 -1.65 -6.98 17.32
CA ARG E 46 -1.60 -6.82 18.76
C ARG E 46 -3.02 -6.88 19.29
N ILE E 47 -3.27 -7.86 20.15
CA ILE E 47 -4.60 -8.20 20.63
C ILE E 47 -4.53 -8.41 22.13
N GLN E 48 -5.66 -8.79 22.70
CA GLN E 48 -5.84 -9.04 24.12
C GLN E 48 -7.21 -9.65 24.28
N THR E 49 -7.37 -10.47 25.31
CA THR E 49 -8.61 -11.21 25.47
C THR E 49 -9.27 -10.81 26.78
N SER E 50 -10.34 -11.52 27.13
CA SER E 50 -11.04 -11.28 28.37
C SER E 50 -10.18 -11.54 29.60
N ALA E 51 -9.12 -12.33 29.45
CA ALA E 51 -8.28 -12.71 30.57
C ALA E 51 -6.88 -12.18 30.37
N MET E 52 -6.20 -11.88 31.48
CA MET E 52 -4.78 -11.56 31.39
C MET E 52 -4.02 -12.78 30.92
N PHE E 53 -2.97 -12.56 30.14
CA PHE E 53 -2.21 -13.63 29.53
C PHE E 53 -0.75 -13.26 29.67
N GLY E 54 0.10 -13.88 28.87
CA GLY E 54 1.50 -13.55 28.94
C GLY E 54 2.02 -13.73 30.34
N LEU E 55 2.30 -12.61 31.02
CA LEU E 55 2.76 -12.66 32.39
C LEU E 55 1.66 -13.19 33.32
N LYS E 56 2.11 -13.75 34.44
CA LYS E 56 1.21 -14.09 35.54
C LYS E 56 0.61 -12.81 36.12
N THR E 57 -0.40 -12.97 36.99
CA THR E 57 -1.18 -11.85 37.50
C THR E 57 -0.33 -10.82 38.22
N ASP E 58 0.87 -11.20 38.70
CA ASP E 58 1.78 -10.22 39.25
C ASP E 58 2.44 -9.39 38.15
N GLY E 59 2.76 -10.01 37.03
CA GLY E 59 3.51 -9.37 35.97
C GLY E 59 4.79 -10.10 35.66
N VAL E 60 4.81 -11.41 35.94
CA VAL E 60 5.98 -12.26 35.71
C VAL E 60 5.52 -13.48 34.93
N ASP E 61 6.51 -14.23 34.42
CA ASP E 61 6.26 -15.48 33.70
C ASP E 61 5.38 -15.25 32.47
N LEU E 62 5.98 -14.58 31.48
CA LEU E 62 5.30 -14.29 30.22
C LEU E 62 4.68 -15.54 29.60
N ALA E 63 5.04 -16.72 30.09
CA ALA E 63 4.38 -17.96 29.72
C ALA E 63 3.34 -18.39 30.75
N TYR E 64 2.79 -17.46 31.52
CA TYR E 64 1.75 -17.78 32.50
C TYR E 64 0.48 -17.00 32.21
N MET E 65 -0.50 -17.67 31.63
CA MET E 65 -1.75 -17.05 31.23
C MET E 65 -2.61 -16.81 32.47
N SER E 66 -2.60 -15.56 32.96
CA SER E 66 -3.36 -15.21 34.15
C SER E 66 -4.83 -15.15 33.79
N PHE E 67 -5.41 -16.33 33.59
CA PHE E 67 -6.73 -16.48 32.98
C PHE E 67 -7.79 -16.82 34.02
N MET E 68 -9.00 -16.28 33.82
CA MET E 68 -10.10 -16.46 34.75
C MET E 68 -10.68 -17.86 34.56
N ASN E 69 -10.04 -18.84 35.19
CA ASN E 69 -10.55 -20.21 35.09
C ASN E 69 -11.92 -20.30 35.73
N GLY E 70 -12.96 -20.38 34.90
CA GLY E 70 -14.31 -20.32 35.41
C GLY E 70 -14.56 -19.04 36.19
N LYS E 71 -15.22 -19.18 37.33
CA LYS E 71 -15.39 -18.03 38.22
C LYS E 71 -14.06 -17.55 38.76
N THR E 72 -13.18 -18.47 39.14
CA THR E 72 -11.90 -18.10 39.74
C THR E 72 -10.94 -17.57 38.67
N GLN E 73 -9.77 -17.15 39.13
CA GLN E 73 -8.70 -16.65 38.28
C GLN E 73 -7.49 -17.57 38.44
N LYS E 74 -6.81 -17.86 37.33
CA LYS E 74 -5.70 -18.79 37.33
C LYS E 74 -4.64 -18.32 36.36
N SER E 75 -3.39 -18.67 36.64
CA SER E 75 -2.26 -18.39 35.76
C SER E 75 -1.49 -19.68 35.56
N ILE E 76 -1.78 -20.38 34.47
CA ILE E 76 -1.11 -21.64 34.16
C ILE E 76 -0.16 -21.39 33.00
N LYS E 77 0.61 -22.41 32.65
CA LYS E 77 1.56 -22.27 31.55
C LYS E 77 0.85 -21.92 30.25
N ILE E 78 1.56 -21.21 29.38
CA ILE E 78 1.08 -20.86 28.05
C ILE E 78 1.79 -21.82 27.12
N ASP E 79 2.03 -23.02 27.65
CA ASP E 79 2.71 -24.11 26.94
C ASP E 79 2.30 -24.20 25.49
N ASN E 80 1.00 -24.34 25.22
CA ASN E 80 0.55 -24.58 23.85
C ASN E 80 -0.77 -23.89 23.60
N LEU E 81 -0.76 -22.94 22.68
CA LEU E 81 -1.95 -22.45 22.01
C LEU E 81 -1.69 -22.54 20.52
N HIS E 82 -2.71 -22.91 19.76
CA HIS E 82 -2.57 -23.02 18.31
C HIS E 82 -2.70 -21.64 17.70
N VAL E 83 -1.58 -21.04 17.34
CA VAL E 83 -1.57 -19.71 16.75
C VAL E 83 -1.76 -19.88 15.24
N ARG E 84 -2.95 -19.58 14.76
CA ARG E 84 -3.26 -19.89 13.37
C ARG E 84 -4.46 -19.07 12.90
N THR E 85 -4.25 -18.24 11.88
CA THR E 85 -5.31 -17.67 11.07
C THR E 85 -5.76 -18.75 10.10
N SER E 86 -6.33 -18.35 8.98
CA SER E 86 -6.50 -19.28 7.86
C SER E 86 -5.32 -20.23 7.77
N ALA E 87 -4.11 -19.69 7.79
CA ALA E 87 -2.88 -20.46 7.87
C ALA E 87 -2.25 -20.30 9.24
N PRO E 88 -1.26 -21.14 9.58
CA PRO E 88 -0.59 -20.99 10.89
C PRO E 88 -0.04 -19.59 11.08
N CYS E 89 -0.44 -18.97 12.19
CA CYS E 89 -0.05 -17.59 12.47
C CYS E 89 1.44 -17.47 12.74
N SER E 90 2.02 -16.38 12.25
CA SER E 90 3.44 -16.11 12.46
C SER E 90 3.62 -15.31 13.75
N LEU E 91 3.21 -15.93 14.86
CA LEU E 91 3.15 -15.25 16.14
C LEU E 91 4.51 -14.70 16.53
N VAL E 92 4.50 -13.50 17.11
CA VAL E 92 5.71 -12.85 17.61
C VAL E 92 5.80 -12.90 19.12
N SER E 93 4.84 -12.30 19.82
CA SER E 93 4.97 -12.12 21.26
C SER E 93 3.59 -11.88 21.87
N HIS E 94 3.59 -11.38 23.09
CA HIS E 94 2.40 -10.88 23.76
C HIS E 94 2.86 -9.92 24.84
N HIS E 95 1.90 -9.42 25.62
CA HIS E 95 2.24 -8.65 26.80
C HIS E 95 1.07 -8.76 27.77
N GLY E 96 1.22 -9.61 28.77
CA GLY E 96 0.20 -9.68 29.79
C GLY E 96 -1.17 -9.90 29.16
N TYR E 97 -2.12 -9.07 29.55
CA TYR E 97 -3.41 -9.05 28.87
C TYR E 97 -3.23 -8.96 27.36
N TYR E 98 -2.37 -8.05 26.90
CA TYR E 98 -2.16 -7.86 25.47
C TYR E 98 -1.42 -9.03 24.86
N ILE E 99 -1.65 -9.24 23.57
CA ILE E 99 -0.90 -10.21 22.77
C ILE E 99 -0.54 -9.56 21.45
N LEU E 100 0.73 -9.64 21.06
CA LEU E 100 1.19 -9.11 19.78
C LEU E 100 1.77 -10.28 18.97
N ALA E 101 0.95 -10.81 18.06
CA ALA E 101 1.36 -11.88 17.18
C ALA E 101 1.16 -11.43 15.73
N GLN E 102 1.74 -12.19 14.82
CA GLN E 102 1.52 -11.97 13.39
C GLN E 102 0.88 -13.21 12.79
N CYS E 103 0.25 -13.03 11.64
CA CYS E 103 -0.42 -14.11 10.95
C CYS E 103 -0.27 -13.92 9.46
N PRO E 104 -0.31 -14.99 8.69
CA PRO E 104 -0.40 -14.88 7.24
C PRO E 104 -1.78 -14.40 6.83
N PRO E 105 -1.97 -13.99 5.58
CA PRO E 105 -3.29 -13.54 5.15
C PRO E 105 -4.32 -14.64 5.26
N GLY E 106 -5.58 -14.25 5.04
CA GLY E 106 -6.71 -15.14 5.23
C GLY E 106 -7.89 -14.37 5.80
N ASP E 107 -8.78 -15.06 6.52
CA ASP E 107 -9.90 -14.34 7.13
C ASP E 107 -10.21 -14.74 8.57
N THR E 108 -9.91 -15.94 9.04
CA THR E 108 -10.43 -16.34 10.33
C THR E 108 -9.30 -16.80 11.24
N VAL E 109 -9.27 -16.24 12.43
CA VAL E 109 -8.30 -16.64 13.44
C VAL E 109 -8.77 -17.93 14.09
N THR E 110 -7.82 -18.82 14.37
CA THR E 110 -8.09 -20.11 15.00
C THR E 110 -7.09 -20.25 16.13
N VAL E 111 -7.48 -19.87 17.33
CA VAL E 111 -6.58 -19.82 18.47
C VAL E 111 -7.30 -20.32 19.72
N GLY E 112 -6.56 -21.06 20.55
CA GLY E 112 -7.07 -21.58 21.80
C GLY E 112 -5.97 -22.36 22.51
N PHE E 113 -5.79 -22.11 23.80
CA PHE E 113 -4.66 -22.70 24.51
C PHE E 113 -4.92 -24.17 24.76
N HIS E 114 -3.90 -25.00 24.49
CA HIS E 114 -4.04 -26.45 24.62
C HIS E 114 -4.02 -26.79 26.10
N ASP E 115 -5.18 -26.60 26.75
CA ASP E 115 -5.30 -26.95 28.15
C ASP E 115 -5.04 -28.43 28.38
N GLY E 116 -5.48 -29.27 27.45
CA GLY E 116 -5.38 -30.70 27.59
C GLY E 116 -6.73 -31.38 27.59
N PRO E 117 -7.71 -30.82 28.32
CA PRO E 117 -9.09 -31.28 28.13
C PRO E 117 -9.80 -30.51 27.03
N ASN E 118 -9.25 -29.34 26.68
CA ASN E 118 -9.93 -28.43 25.78
C ASN E 118 -8.94 -27.38 25.32
N ARG E 119 -9.29 -26.70 24.22
CA ARG E 119 -8.56 -25.52 23.81
C ARG E 119 -9.18 -24.25 24.35
N HIS E 120 -10.44 -24.31 24.78
CA HIS E 120 -11.18 -23.14 25.23
C HIS E 120 -11.15 -22.06 24.16
N THR E 121 -11.08 -22.50 22.91
CA THR E 121 -10.73 -21.63 21.81
C THR E 121 -11.83 -20.61 21.54
N CYS E 122 -11.42 -19.49 20.98
CA CYS E 122 -12.32 -18.50 20.43
C CYS E 122 -11.80 -18.13 19.05
N THR E 123 -12.71 -18.05 18.10
CA THR E 123 -12.36 -17.88 16.70
C THR E 123 -13.22 -16.79 16.08
N VAL E 124 -12.63 -16.03 15.16
CA VAL E 124 -13.28 -14.85 14.61
C VAL E 124 -12.81 -14.65 13.17
N ALA E 125 -13.75 -14.36 12.29
CA ALA E 125 -13.44 -14.04 10.91
C ALA E 125 -13.09 -12.56 10.76
N HIS E 126 -11.95 -12.29 10.15
CA HIS E 126 -11.55 -10.93 9.81
C HIS E 126 -10.52 -11.04 8.69
N LYS E 127 -10.87 -10.56 7.50
CA LYS E 127 -10.03 -10.77 6.33
C LYS E 127 -8.62 -10.24 6.58
N VAL E 128 -7.63 -11.03 6.18
CA VAL E 128 -6.22 -10.75 6.46
C VAL E 128 -5.51 -10.50 5.15
N GLU E 129 -4.47 -9.65 5.21
CA GLU E 129 -3.79 -9.17 4.02
C GLU E 129 -2.30 -9.05 4.30
N PHE E 130 -1.50 -9.20 3.25
CA PHE E 130 -0.10 -8.82 3.25
C PHE E 130 0.01 -7.41 2.69
N ARG E 131 0.68 -6.52 3.41
CA ARG E 131 0.79 -5.15 2.96
C ARG E 131 1.49 -5.13 1.61
N PRO E 132 0.88 -4.56 0.57
CA PRO E 132 1.50 -4.60 -0.75
C PRO E 132 2.83 -3.86 -0.74
N VAL E 133 3.69 -4.27 -1.66
CA VAL E 133 5.08 -3.78 -1.65
C VAL E 133 5.06 -2.46 -2.41
N GLY E 134 4.64 -1.41 -1.69
CA GLY E 134 4.66 -0.06 -2.19
C GLY E 134 4.20 0.10 -3.63
N ARG E 135 5.15 0.44 -4.48
CA ARG E 135 4.95 0.73 -5.89
C ARG E 135 4.56 -0.49 -6.73
N GLU E 136 4.50 -1.69 -6.14
CA GLU E 136 4.32 -2.92 -6.89
C GLU E 136 3.26 -3.81 -6.26
N LYS E 137 2.68 -4.68 -7.10
CA LYS E 137 1.74 -5.69 -6.66
C LYS E 137 2.48 -7.02 -6.55
N TYR E 138 2.60 -7.53 -5.33
CA TYR E 138 3.27 -8.80 -5.08
C TYR E 138 2.57 -9.52 -3.94
N ARG E 139 3.09 -10.68 -3.60
CA ARG E 139 2.65 -11.44 -2.44
C ARG E 139 3.68 -11.43 -1.32
N HIS E 140 4.87 -11.74 -1.63
CA HIS E 140 5.77 -11.81 -0.49
C HIS E 140 6.54 -10.51 -0.33
N PRO E 141 6.96 -10.18 0.89
CA PRO E 141 7.94 -9.11 1.05
C PRO E 141 9.31 -9.57 0.57
N PRO E 142 9.82 -8.98 -0.51
CA PRO E 142 11.10 -9.44 -1.05
C PRO E 142 12.21 -9.33 -0.02
N GLU E 143 13.08 -10.33 -0.01
CA GLU E 143 14.15 -10.38 0.99
C GLU E 143 15.08 -9.18 0.87
N HIS E 144 15.29 -8.69 -0.35
CA HIS E 144 16.19 -7.57 -0.57
C HIS E 144 15.68 -6.74 -1.73
N GLY E 145 16.53 -5.85 -2.24
CA GLY E 145 16.19 -4.99 -3.35
C GLY E 145 16.02 -3.53 -2.96
N VAL E 146 14.79 -3.05 -2.95
CA VAL E 146 14.49 -1.64 -2.71
C VAL E 146 13.93 -1.47 -1.30
N GLU E 147 14.51 -0.57 -0.52
CA GLU E 147 14.17 -0.37 0.87
C GLU E 147 13.12 0.72 1.02
N LEU E 148 12.05 0.42 1.75
CA LEU E 148 10.92 1.32 1.84
C LEU E 148 10.44 1.45 3.28
N PRO E 149 9.88 2.60 3.65
CA PRO E 149 9.21 2.70 4.95
C PRO E 149 8.02 1.76 5.02
N CYS E 150 7.75 1.26 6.23
CA CYS E 150 6.61 0.38 6.40
C CYS E 150 6.18 0.39 7.86
N ASN E 151 4.91 0.69 8.10
CA ASN E 151 4.41 0.83 9.46
C ASN E 151 4.45 -0.50 10.19
N ARG E 152 4.44 -0.42 11.52
CA ARG E 152 4.41 -1.64 12.31
C ARG E 152 4.11 -1.30 13.77
N TYR E 153 3.31 -2.16 14.42
CA TYR E 153 3.23 -2.16 15.86
C TYR E 153 4.62 -2.42 16.42
N THR E 154 5.22 -1.45 17.11
CA THR E 154 6.54 -1.70 17.67
C THR E 154 6.42 -2.77 18.76
N HIS E 155 7.20 -3.84 18.62
CA HIS E 155 7.12 -4.96 19.54
C HIS E 155 7.44 -4.56 20.96
N LYS E 156 8.15 -3.45 21.16
CA LYS E 156 8.51 -3.03 22.51
C LYS E 156 7.26 -2.89 23.36
N ARG E 157 7.32 -3.47 24.54
CA ARG E 157 6.23 -3.39 25.50
C ARG E 157 6.42 -2.25 26.49
N ALA E 158 7.52 -1.51 26.38
CA ALA E 158 7.82 -0.38 27.25
C ALA E 158 7.16 0.87 26.69
N ASP E 159 5.86 0.98 26.91
CA ASP E 159 5.10 2.17 26.53
C ASP E 159 4.32 2.66 27.73
N GLN E 160 4.10 3.98 27.78
CA GLN E 160 2.98 4.53 28.53
C GLN E 160 2.31 5.66 27.78
N GLY E 161 2.78 6.00 26.57
CA GLY E 161 2.07 6.97 25.76
C GLY E 161 0.66 6.51 25.43
N HIS E 162 0.49 5.20 25.30
CA HIS E 162 -0.83 4.59 25.19
C HIS E 162 -1.25 4.10 26.56
N TYR E 163 -2.55 3.85 26.70
CA TYR E 163 -3.10 3.47 28.00
C TYR E 163 -4.55 3.03 27.83
N VAL E 164 -5.00 2.20 28.77
CA VAL E 164 -6.38 1.77 28.87
C VAL E 164 -6.77 1.84 30.35
N GLU E 165 -7.98 2.31 30.62
CA GLU E 165 -8.42 2.48 32.00
C GLU E 165 -8.95 1.15 32.52
N MET E 166 -8.33 0.64 33.59
CA MET E 166 -8.76 -0.61 34.21
C MET E 166 -10.01 -0.30 35.02
N HIS E 167 -11.16 -0.37 34.36
CA HIS E 167 -12.37 0.14 34.95
C HIS E 167 -12.77 -0.67 36.19
N GLN E 168 -13.55 -0.02 37.05
CA GLN E 168 -14.10 -0.71 38.19
C GLN E 168 -15.04 -1.81 37.70
N PRO E 169 -14.84 -3.06 38.12
CA PRO E 169 -15.79 -4.10 37.74
C PRO E 169 -17.12 -3.90 38.45
N GLY E 170 -18.06 -4.80 38.19
CA GLY E 170 -19.39 -4.61 38.71
C GLY E 170 -20.07 -5.79 39.38
N LEU E 171 -21.23 -6.12 38.85
CA LEU E 171 -22.15 -7.07 39.45
C LEU E 171 -22.02 -8.44 38.80
N VAL E 172 -22.40 -9.47 39.55
CA VAL E 172 -22.39 -10.84 39.05
C VAL E 172 -23.48 -11.62 39.77
N ALA E 173 -24.42 -12.15 39.01
CA ALA E 173 -25.46 -13.01 39.58
C ALA E 173 -24.92 -14.42 39.74
N ASP E 174 -25.45 -15.13 40.74
CA ASP E 174 -25.01 -16.50 41.00
C ASP E 174 -26.22 -17.36 41.34
N HIS E 175 -25.99 -18.67 41.38
CA HIS E 175 -27.03 -19.62 41.72
C HIS E 175 -26.58 -20.58 42.81
N SER E 176 -25.30 -20.96 42.79
CA SER E 176 -24.84 -22.09 43.59
C SER E 176 -24.87 -21.80 45.09
N LEU E 177 -24.71 -20.53 45.48
CA LEU E 177 -24.73 -20.19 46.90
C LEU E 177 -26.09 -20.48 47.53
N LEU E 178 -27.15 -20.57 46.73
CA LEU E 178 -28.50 -20.86 47.23
C LEU E 178 -28.63 -22.36 47.44
N SER E 179 -28.03 -22.85 48.52
CA SER E 179 -28.17 -24.25 48.89
C SER E 179 -29.52 -24.49 49.56
N ILE E 180 -29.74 -25.70 50.03
CA ILE E 180 -31.01 -26.07 50.66
C ILE E 180 -30.82 -26.13 52.18
N HIS E 181 -31.83 -25.67 52.91
CA HIS E 181 -31.83 -25.69 54.37
C HIS E 181 -32.43 -26.98 54.92
N SER E 182 -32.44 -28.04 54.10
CA SER E 182 -33.05 -29.33 54.40
C SER E 182 -34.57 -29.21 54.37
N ALA E 183 -35.07 -27.99 54.25
CA ALA E 183 -36.49 -27.75 53.98
C ALA E 183 -36.74 -26.65 52.97
N LYS E 184 -35.77 -25.80 52.67
CA LYS E 184 -35.96 -24.61 51.86
C LYS E 184 -34.58 -24.05 51.54
N VAL E 185 -34.54 -22.82 51.02
CA VAL E 185 -33.28 -22.23 50.57
C VAL E 185 -32.28 -22.15 51.72
N LYS E 186 -31.00 -22.06 51.34
CA LYS E 186 -29.92 -21.91 52.32
C LYS E 186 -28.77 -21.21 51.62
N ILE E 187 -28.64 -19.90 51.85
CA ILE E 187 -27.51 -19.18 51.28
C ILE E 187 -26.23 -19.71 51.90
N THR E 188 -25.18 -19.80 51.08
CA THR E 188 -23.84 -20.18 51.54
C THR E 188 -22.84 -19.28 50.85
N VAL E 189 -22.30 -18.32 51.59
CA VAL E 189 -21.42 -17.29 51.05
C VAL E 189 -19.98 -17.66 51.38
N PRO E 190 -19.08 -17.72 50.39
CA PRO E 190 -17.67 -18.02 50.68
C PRO E 190 -17.00 -16.96 51.53
N SER E 191 -16.95 -15.73 51.04
CA SER E 191 -16.24 -14.66 51.74
C SER E 191 -16.58 -13.28 51.19
N GLY E 192 -17.06 -12.38 52.05
CA GLY E 192 -17.30 -11.00 51.70
C GLY E 192 -18.21 -10.77 50.51
N ALA E 193 -18.79 -11.86 50.00
CA ALA E 193 -19.65 -11.80 48.83
C ALA E 193 -21.05 -11.44 49.27
N GLN E 194 -21.32 -10.14 49.34
CA GLN E 194 -22.65 -9.68 49.71
C GLN E 194 -23.59 -9.99 48.56
N VAL E 195 -23.92 -11.27 48.41
CA VAL E 195 -24.66 -11.75 47.25
C VAL E 195 -26.11 -11.32 47.38
N LYS E 196 -26.49 -10.27 46.65
CA LYS E 196 -27.88 -9.88 46.56
C LYS E 196 -28.73 -11.10 46.29
N TYR E 197 -29.69 -11.36 47.19
CA TYR E 197 -30.61 -12.47 47.02
C TYR E 197 -32.02 -11.98 47.31
N TYR E 198 -32.96 -12.37 46.46
CA TYR E 198 -34.35 -11.97 46.59
C TYR E 198 -35.23 -13.18 46.30
N CYS E 199 -35.74 -13.80 47.36
CA CYS E 199 -36.75 -14.84 47.24
C CYS E 199 -38.10 -14.18 47.02
N LYS E 200 -39.20 -14.91 47.20
CA LYS E 200 -40.52 -14.35 46.91
C LYS E 200 -40.72 -13.01 47.63
N CYS E 201 -40.45 -12.97 48.93
CA CYS E 201 -40.40 -11.71 49.64
C CYS E 201 -39.04 -11.07 49.46
N PRO E 202 -38.92 -9.76 49.71
CA PRO E 202 -37.60 -9.13 49.69
C PRO E 202 -36.68 -9.66 50.78
N ASP E 203 -35.63 -10.36 50.38
CA ASP E 203 -34.56 -10.73 51.29
C ASP E 203 -33.58 -9.57 51.36
N VAL E 204 -32.35 -9.82 51.76
CA VAL E 204 -31.35 -8.76 51.74
C VAL E 204 -30.86 -8.64 50.30
N ARG E 205 -31.53 -7.79 49.52
CA ARG E 205 -31.05 -7.45 48.19
C ARG E 205 -29.77 -6.65 48.24
N LYS E 206 -29.41 -6.11 49.41
CA LYS E 206 -28.07 -5.61 49.62
C LYS E 206 -27.04 -6.73 49.64
N GLY E 207 -27.48 -7.97 49.75
CA GLY E 207 -26.58 -9.10 49.81
C GLY E 207 -26.08 -9.36 51.22
N ILE E 208 -25.67 -10.60 51.44
CA ILE E 208 -25.19 -11.04 52.74
C ILE E 208 -23.91 -11.85 52.54
N THR E 209 -22.97 -11.69 53.47
CA THR E 209 -21.95 -12.72 53.67
C THR E 209 -22.44 -13.81 54.62
N SER E 210 -23.54 -13.56 55.31
CA SER E 210 -24.16 -14.56 56.17
C SER E 210 -24.78 -15.66 55.32
N SER E 211 -25.27 -16.70 56.00
CA SER E 211 -25.94 -17.82 55.35
C SER E 211 -27.45 -17.72 55.50
N ASP E 212 -27.96 -16.49 55.48
CA ASP E 212 -29.36 -16.23 55.76
C ASP E 212 -30.25 -16.68 54.61
N HIS E 213 -31.41 -17.23 54.97
CA HIS E 213 -32.30 -17.89 54.02
C HIS E 213 -33.74 -17.73 54.52
N THR E 214 -34.66 -17.46 53.61
CA THR E 214 -36.02 -17.08 53.97
C THR E 214 -37.03 -18.07 53.40
N THR E 215 -38.03 -18.42 54.21
CA THR E 215 -39.05 -19.39 53.84
C THR E 215 -40.10 -18.84 52.88
N THR E 216 -40.05 -17.53 52.59
CA THR E 216 -40.98 -16.96 51.63
C THR E 216 -40.90 -17.67 50.29
N CYS E 217 -39.71 -18.18 49.93
CA CYS E 217 -39.52 -19.09 48.81
C CYS E 217 -38.85 -20.33 49.38
N THR E 218 -39.66 -21.33 49.74
CA THR E 218 -39.12 -22.65 49.99
C THR E 218 -38.32 -23.13 48.78
N ASP E 219 -38.80 -22.82 47.59
CA ASP E 219 -38.04 -22.98 46.36
C ASP E 219 -36.86 -22.02 46.31
N VAL E 220 -35.79 -22.43 45.63
CA VAL E 220 -34.62 -21.59 45.46
C VAL E 220 -34.75 -20.82 44.15
N LYS E 221 -35.93 -20.87 43.54
CA LYS E 221 -36.09 -20.42 42.16
C LYS E 221 -36.16 -18.90 42.07
N GLN E 222 -37.18 -18.29 42.69
CA GLN E 222 -37.28 -16.84 42.67
C GLN E 222 -36.08 -16.20 43.34
N CYS E 223 -35.48 -16.88 44.32
CA CYS E 223 -34.32 -16.36 45.04
C CYS E 223 -33.23 -15.97 44.06
N ARG E 224 -32.91 -14.68 44.02
CA ARG E 224 -32.05 -14.09 42.98
C ARG E 224 -30.70 -13.76 43.58
N ALA E 225 -29.76 -14.72 43.51
CA ALA E 225 -28.44 -14.57 44.12
C ALA E 225 -27.53 -13.77 43.20
N TYR E 226 -26.99 -12.65 43.70
CA TYR E 226 -26.24 -11.71 42.87
C TYR E 226 -25.02 -11.21 43.65
N LEU E 227 -23.84 -11.66 43.25
CA LEU E 227 -22.59 -11.19 43.82
C LEU E 227 -22.17 -9.87 43.19
N ILE E 228 -21.27 -9.16 43.86
CA ILE E 228 -20.67 -7.93 43.35
C ILE E 228 -19.20 -7.94 43.75
N ASP E 229 -18.33 -7.45 42.85
CA ASP E 229 -16.90 -7.51 43.11
C ASP E 229 -16.19 -6.28 42.54
N ASN E 230 -15.08 -5.91 43.20
CA ASN E 230 -14.16 -4.90 42.70
C ASN E 230 -12.71 -5.23 43.06
N LYS E 231 -12.37 -6.52 43.15
CA LYS E 231 -11.05 -6.92 43.64
C LYS E 231 -9.94 -6.34 42.78
N LYS E 232 -9.82 -6.81 41.55
CA LYS E 232 -9.00 -6.16 40.55
C LYS E 232 -9.92 -5.40 39.60
N TRP E 233 -9.36 -4.82 38.56
CA TRP E 233 -10.09 -3.84 37.77
C TRP E 233 -9.90 -4.09 36.28
N VAL E 234 -11.02 -4.23 35.56
CA VAL E 234 -11.01 -4.48 34.13
C VAL E 234 -11.90 -3.46 33.44
N TYR E 235 -11.60 -3.20 32.17
CA TYR E 235 -12.37 -2.22 31.42
C TYR E 235 -13.68 -2.81 30.94
N ASN E 236 -14.72 -1.99 30.97
CA ASN E 236 -16.05 -2.41 30.59
C ASN E 236 -16.14 -2.58 29.07
N SER E 237 -17.34 -2.96 28.61
CA SER E 237 -17.58 -3.14 27.19
C SER E 237 -19.07 -3.26 26.95
N GLY E 238 -19.43 -3.30 25.67
CA GLY E 238 -20.79 -3.69 25.31
C GLY E 238 -21.07 -5.13 25.72
N ARG E 239 -20.09 -6.01 25.54
CA ARG E 239 -20.25 -7.37 26.02
C ARG E 239 -19.92 -7.43 27.50
N LEU E 240 -20.54 -6.53 28.26
CA LEU E 240 -20.36 -6.36 29.70
C LEU E 240 -21.50 -5.50 30.21
N PRO E 241 -22.24 -5.95 31.23
CA PRO E 241 -23.38 -5.16 31.72
C PRO E 241 -22.89 -3.92 32.43
N ARG E 242 -23.85 -3.10 32.86
CA ARG E 242 -23.51 -1.92 33.62
C ARG E 242 -23.04 -2.36 34.99
N GLY E 243 -21.75 -2.65 35.10
CA GLY E 243 -21.21 -3.05 36.39
C GLY E 243 -21.40 -1.94 37.42
N GLU E 244 -21.57 -2.37 38.67
CA GLU E 244 -21.80 -1.42 39.76
C GLU E 244 -20.69 -0.38 39.85
N GLY E 245 -19.46 -0.76 39.54
CA GLY E 245 -18.35 0.17 39.62
C GLY E 245 -18.13 0.99 38.38
N ASP E 246 -18.56 2.25 38.41
CA ASP E 246 -18.27 3.20 37.34
C ASP E 246 -17.04 4.05 37.68
N THR E 247 -15.96 3.38 38.07
CA THR E 247 -14.81 4.07 38.63
C THR E 247 -13.54 3.40 38.11
N PHE E 248 -12.42 3.76 38.75
CA PHE E 248 -11.11 3.19 38.47
C PHE E 248 -10.69 3.45 37.02
N LYS E 249 -10.57 4.74 36.69
CA LYS E 249 -10.07 5.14 35.38
C LYS E 249 -8.54 5.10 35.38
N GLY E 250 -8.01 3.94 35.71
CA GLY E 250 -6.57 3.77 35.77
C GLY E 250 -6.00 3.44 34.41
N LYS E 251 -5.45 4.45 33.75
CA LYS E 251 -5.03 4.32 32.36
C LYS E 251 -3.76 3.49 32.25
N LEU E 252 -3.92 2.18 32.12
CA LEU E 252 -2.81 1.26 32.05
C LEU E 252 -2.32 1.16 30.61
N HIS E 253 -1.00 1.26 30.44
CA HIS E 253 -0.40 1.37 29.12
C HIS E 253 -0.83 0.22 28.21
N VAL E 254 -0.89 0.51 26.92
CA VAL E 254 -0.88 -0.58 25.95
C VAL E 254 0.59 -0.72 25.56
N PRO E 255 1.10 -1.94 25.50
CA PRO E 255 2.55 -2.13 25.41
C PRO E 255 3.16 -1.72 24.08
N PHE E 256 2.58 -2.24 23.00
CA PHE E 256 3.10 -2.03 21.67
C PHE E 256 2.53 -0.76 21.08
N VAL E 257 3.17 -0.27 20.02
CA VAL E 257 2.73 0.97 19.40
C VAL E 257 2.88 0.86 17.88
N PRO E 258 1.83 1.11 17.13
CA PRO E 258 1.98 1.22 15.67
C PRO E 258 2.98 2.31 15.30
N VAL E 259 4.11 1.91 14.72
CA VAL E 259 5.17 2.85 14.36
C VAL E 259 5.60 2.58 12.93
N LYS E 260 5.99 3.64 12.23
CA LYS E 260 6.46 3.52 10.86
C LYS E 260 7.90 3.01 10.88
N ALA E 261 8.09 1.77 10.46
CA ALA E 261 9.42 1.22 10.28
C ALA E 261 9.81 1.31 8.81
N LYS E 262 10.95 0.71 8.49
CA LYS E 262 11.46 0.64 7.13
C LYS E 262 11.73 -0.82 6.80
N CYS E 263 11.34 -1.24 5.60
CA CYS E 263 11.64 -2.60 5.18
C CYS E 263 11.76 -2.65 3.66
N ILE E 264 12.43 -3.68 3.17
CA ILE E 264 12.98 -3.69 1.83
C ILE E 264 12.15 -4.61 0.94
N ALA E 265 11.73 -4.08 -0.20
CA ALA E 265 11.19 -4.83 -1.33
C ALA E 265 12.29 -4.94 -2.37
N THR E 266 11.96 -5.47 -3.55
CA THR E 266 12.96 -5.63 -4.60
C THR E 266 12.58 -4.82 -5.83
N LEU E 267 13.60 -4.48 -6.61
CA LEU E 267 13.40 -3.69 -7.82
C LEU E 267 12.75 -4.53 -8.91
N ALA E 268 12.21 -3.84 -9.92
CA ALA E 268 11.58 -4.49 -11.04
C ALA E 268 12.64 -5.14 -11.94
N PRO E 269 12.22 -5.96 -12.90
CA PRO E 269 13.15 -6.38 -13.95
C PRO E 269 13.15 -5.36 -15.07
N GLU E 270 14.34 -5.04 -15.57
CA GLU E 270 14.44 -4.07 -16.63
C GLU E 270 13.79 -4.62 -17.89
N PRO E 271 13.25 -3.76 -18.72
CA PRO E 271 12.63 -4.24 -19.97
C PRO E 271 13.61 -4.30 -21.12
N LEU E 272 13.07 -4.70 -22.27
CA LEU E 272 13.76 -4.62 -23.55
C LEU E 272 13.33 -3.31 -24.19
N VAL E 273 14.29 -2.56 -24.70
CA VAL E 273 13.99 -1.23 -25.21
C VAL E 273 14.91 -0.90 -26.38
N GLU E 274 14.33 -0.58 -27.54
CA GLU E 274 15.10 -0.49 -28.77
C GLU E 274 14.82 0.83 -29.46
N HIS E 275 15.87 1.63 -29.63
CA HIS E 275 15.76 2.95 -30.24
C HIS E 275 15.59 2.83 -31.74
N LYS E 276 14.43 2.38 -32.20
CA LYS E 276 14.13 2.43 -33.62
C LYS E 276 13.85 3.89 -33.95
N HIS E 277 14.94 4.61 -34.23
CA HIS E 277 14.93 6.06 -34.39
C HIS E 277 13.71 6.52 -35.19
N ARG E 278 13.05 7.55 -34.67
CA ARG E 278 11.64 7.94 -34.87
C ARG E 278 10.70 7.15 -33.98
N THR E 279 11.18 6.22 -33.15
CA THR E 279 10.37 5.61 -32.11
C THR E 279 11.28 4.80 -31.18
N LEU E 280 10.66 4.13 -30.22
CA LEU E 280 11.37 3.18 -29.37
C LEU E 280 10.38 2.13 -28.91
N ILE E 281 10.82 0.88 -28.90
CA ILE E 281 9.97 -0.26 -28.58
C ILE E 281 10.40 -0.82 -27.24
N LEU E 282 9.43 -1.08 -26.38
CA LEU E 282 9.67 -1.35 -24.97
C LEU E 282 9.01 -2.67 -24.61
N HIS E 283 9.80 -3.63 -24.13
CA HIS E 283 9.35 -4.99 -23.94
C HIS E 283 9.84 -5.50 -22.59
N LEU E 284 8.92 -5.96 -21.76
CA LEU E 284 9.29 -6.53 -20.47
C LEU E 284 8.58 -7.84 -20.28
N HIS E 285 9.23 -8.77 -19.59
CA HIS E 285 8.69 -10.08 -19.30
C HIS E 285 8.76 -10.28 -17.79
N PRO E 286 7.89 -9.61 -17.04
CA PRO E 286 8.07 -9.52 -15.58
C PRO E 286 7.44 -10.68 -14.82
N ASP E 287 7.48 -10.59 -13.49
CA ASP E 287 6.90 -11.61 -12.62
C ASP E 287 5.70 -11.10 -11.83
N HIS E 288 5.33 -9.83 -11.95
CA HIS E 288 4.21 -9.27 -11.20
C HIS E 288 3.79 -7.97 -11.87
N PRO E 289 2.58 -7.49 -11.59
CA PRO E 289 2.15 -6.22 -12.18
C PRO E 289 2.62 -5.04 -11.35
N THR E 290 3.42 -4.18 -11.96
CA THR E 290 3.69 -2.84 -11.46
C THR E 290 2.92 -1.86 -12.33
N LEU E 291 3.25 -0.59 -12.23
CA LEU E 291 2.75 0.39 -13.18
C LEU E 291 3.93 1.14 -13.78
N LEU E 292 3.76 1.52 -15.04
CA LEU E 292 4.66 2.45 -15.70
C LEU E 292 3.84 3.62 -16.21
N THR E 293 4.25 4.82 -15.84
CA THR E 293 3.73 6.01 -16.48
C THR E 293 4.70 6.48 -17.54
N THR E 294 4.19 7.31 -18.43
CA THR E 294 5.02 7.94 -19.46
C THR E 294 4.51 9.37 -19.60
N ARG E 295 5.05 10.25 -18.77
CA ARG E 295 4.60 11.63 -18.72
C ARG E 295 5.43 12.45 -19.69
N SER E 296 4.75 13.16 -20.59
CA SER E 296 5.44 14.09 -21.47
C SER E 296 6.23 15.10 -20.65
N LEU E 297 7.45 15.37 -21.06
CA LEU E 297 8.25 16.42 -20.45
C LEU E 297 7.95 17.78 -21.04
N GLY E 298 7.05 17.84 -22.03
CA GLY E 298 6.70 19.09 -22.65
C GLY E 298 5.62 19.85 -21.89
N SER E 299 4.77 20.53 -22.65
CA SER E 299 3.67 21.30 -22.07
C SER E 299 2.62 20.41 -21.43
N ASP E 300 2.68 19.10 -21.63
CA ASP E 300 1.65 18.19 -21.15
C ASP E 300 2.26 16.99 -20.45
N ALA E 301 1.43 16.02 -20.07
CA ALA E 301 1.91 14.77 -19.50
C ALA E 301 1.53 13.56 -20.33
N ASN E 302 0.23 13.40 -20.63
CA ASN E 302 -0.32 12.26 -21.35
C ASN E 302 0.34 10.93 -20.91
N PRO E 303 0.24 10.60 -19.63
CA PRO E 303 0.99 9.43 -19.13
C PRO E 303 0.23 8.13 -19.28
N THR E 304 0.81 7.06 -18.78
CA THR E 304 0.21 5.73 -18.87
C THR E 304 0.04 5.15 -17.48
N ARG E 305 -1.02 4.37 -17.31
CA ARG E 305 -1.27 3.70 -16.05
C ARG E 305 -1.82 2.31 -16.35
N GLN E 306 -1.20 1.29 -15.78
CA GLN E 306 -1.52 -0.10 -16.13
C GLN E 306 -0.71 -1.03 -15.23
N TRP E 307 -1.16 -2.27 -15.17
CA TRP E 307 -0.59 -3.26 -14.26
C TRP E 307 -0.61 -4.61 -14.96
N ILE E 308 0.57 -5.09 -15.36
CA ILE E 308 0.66 -6.35 -16.10
C ILE E 308 1.83 -7.14 -15.53
N GLU E 309 1.66 -8.46 -15.47
CA GLU E 309 2.69 -9.35 -14.96
C GLU E 309 3.36 -10.18 -16.04
N ARG E 310 2.76 -10.33 -17.15
CA ARG E 310 3.16 -11.33 -18.11
C ARG E 310 4.07 -10.75 -19.20
N PRO E 311 4.90 -11.60 -19.79
CA PRO E 311 5.81 -11.15 -20.86
C PRO E 311 5.09 -10.31 -21.89
N THR E 312 5.63 -9.12 -22.16
CA THR E 312 4.89 -8.11 -22.86
C THR E 312 5.86 -7.20 -23.61
N THR E 313 5.29 -6.24 -24.33
CA THR E 313 6.07 -5.30 -25.12
C THR E 313 5.17 -4.14 -25.50
N VAL E 314 5.79 -3.05 -25.92
CA VAL E 314 5.07 -1.88 -26.42
C VAL E 314 6.06 -1.02 -27.19
N ASN E 315 5.55 -0.17 -28.07
CA ASN E 315 6.35 0.78 -28.83
C ASN E 315 5.88 2.19 -28.54
N PHE E 316 6.82 3.13 -28.56
CA PHE E 316 6.49 4.53 -28.34
C PHE E 316 7.50 5.42 -29.03
N THR E 317 7.10 6.67 -29.23
CA THR E 317 7.95 7.65 -29.89
C THR E 317 7.72 9.01 -29.24
N VAL E 318 8.69 9.90 -29.42
CA VAL E 318 8.65 11.22 -28.81
C VAL E 318 9.65 12.11 -29.53
N THR E 319 9.49 13.42 -29.37
CA THR E 319 10.51 14.38 -29.78
C THR E 319 11.75 14.24 -28.90
N GLY E 320 12.78 15.04 -29.18
CA GLY E 320 13.95 15.07 -28.33
C GLY E 320 13.66 15.65 -26.96
N GLU E 321 12.40 15.92 -26.71
CA GLU E 321 11.93 16.45 -25.43
C GLU E 321 12.08 15.46 -24.29
N GLY E 322 12.59 14.26 -24.54
CA GLY E 322 12.62 13.25 -23.51
C GLY E 322 11.21 12.78 -23.20
N LEU E 323 11.11 11.92 -22.19
CA LEU E 323 9.80 11.55 -21.66
C LEU E 323 9.99 10.66 -20.44
N GLU E 324 9.09 10.80 -19.48
CA GLU E 324 9.15 10.01 -18.26
C GLU E 324 8.80 8.55 -18.55
N TYR E 325 9.36 7.64 -17.75
CA TYR E 325 8.96 6.23 -17.77
C TYR E 325 9.55 5.48 -16.58
N THR E 326 8.73 4.67 -15.91
CA THR E 326 9.22 3.76 -14.87
C THR E 326 8.17 2.70 -14.61
N TRP E 327 8.48 1.45 -14.92
CA TRP E 327 7.68 0.31 -14.52
C TRP E 327 8.38 -0.38 -13.36
N GLY E 328 7.68 -0.54 -12.26
CA GLY E 328 8.28 -1.13 -11.09
C GLY E 328 9.18 -0.15 -10.36
N ASN E 329 9.83 -0.68 -9.33
CA ASN E 329 10.70 0.09 -8.43
C ASN E 329 11.75 0.88 -9.20
N HIS E 330 11.93 0.54 -10.47
CA HIS E 330 12.70 1.33 -11.41
C HIS E 330 12.42 2.81 -11.21
N PRO E 331 13.45 3.63 -11.00
CA PRO E 331 13.25 5.07 -10.98
C PRO E 331 12.76 5.55 -12.33
N PRO E 332 12.21 6.76 -12.41
CA PRO E 332 11.82 7.29 -13.72
C PRO E 332 13.02 7.79 -14.48
N LYS E 333 13.04 7.50 -15.78
CA LYS E 333 14.07 8.05 -16.65
C LYS E 333 13.40 8.76 -17.81
N ARG E 334 14.20 9.57 -18.50
CA ARG E 334 13.69 10.50 -19.50
C ARG E 334 14.78 10.74 -20.53
N VAL E 335 14.52 10.36 -21.77
CA VAL E 335 15.55 10.45 -22.80
C VAL E 335 14.95 11.07 -24.06
N TRP E 336 15.56 12.16 -24.51
CA TRP E 336 15.43 12.71 -25.85
C TRP E 336 15.40 11.58 -26.88
N ALA E 337 14.49 11.71 -27.85
CA ALA E 337 14.47 10.79 -28.98
C ALA E 337 14.97 11.54 -30.21
N GLN E 338 16.09 11.09 -30.75
CA GLN E 338 16.70 11.69 -31.92
C GLN E 338 17.60 10.63 -32.56
N GLU E 339 18.56 11.08 -33.37
CA GLU E 339 19.32 10.24 -34.28
C GLU E 339 18.42 9.67 -35.37
N SER E 340 17.48 10.49 -35.82
CA SER E 340 16.51 10.11 -36.86
C SER E 340 16.32 11.32 -37.76
N GLY E 341 17.15 11.43 -38.79
CA GLY E 341 16.99 12.49 -39.76
C GLY E 341 15.99 12.11 -40.84
N GLU E 342 16.25 10.99 -41.51
CA GLU E 342 15.34 10.39 -42.48
C GLU E 342 15.00 11.37 -43.62
N GLY E 343 16.04 11.73 -44.37
CA GLY E 343 15.84 12.55 -45.56
C GLY E 343 17.10 13.20 -46.09
N ASN E 344 17.23 13.25 -47.42
CA ASN E 344 18.41 13.80 -48.07
C ASN E 344 18.10 15.20 -48.56
N PRO E 345 18.78 16.23 -48.05
CA PRO E 345 18.42 17.61 -48.44
C PRO E 345 18.50 17.86 -49.93
N HIS E 346 19.48 17.29 -50.63
CA HIS E 346 19.65 17.54 -52.05
C HIS E 346 20.00 16.25 -52.77
N GLY E 347 19.05 15.77 -53.57
CA GLY E 347 19.32 14.75 -54.57
C GLY E 347 18.79 15.23 -55.90
N TRP E 348 18.04 14.38 -56.60
CA TRP E 348 17.28 14.85 -57.74
C TRP E 348 16.10 15.69 -57.26
N PRO E 349 15.50 16.48 -58.14
CA PRO E 349 14.28 17.21 -57.74
C PRO E 349 13.22 16.31 -57.16
N HIS E 350 13.04 15.09 -57.66
CA HIS E 350 12.15 14.17 -56.99
C HIS E 350 12.68 13.78 -55.61
N GLU E 351 14.00 13.61 -55.50
CA GLU E 351 14.59 13.34 -54.20
C GLU E 351 14.35 14.49 -53.23
N VAL E 352 14.68 15.72 -53.65
CA VAL E 352 14.43 16.85 -52.77
C VAL E 352 12.95 17.00 -52.49
N VAL E 353 12.09 16.49 -53.38
CA VAL E 353 10.66 16.46 -53.10
C VAL E 353 10.37 15.52 -51.92
N VAL E 354 10.94 14.32 -51.96
CA VAL E 354 10.74 13.41 -50.83
C VAL E 354 11.35 14.02 -49.57
N TYR E 355 12.37 14.86 -49.74
CA TYR E 355 12.98 15.52 -48.58
C TYR E 355 12.04 16.55 -47.97
N TYR E 356 11.57 17.49 -48.79
CA TYR E 356 10.59 18.50 -48.39
C TYR E 356 9.27 17.83 -48.07
N TYR E 357 9.23 16.50 -48.20
CA TYR E 357 8.18 15.69 -47.59
C TYR E 357 8.57 15.19 -46.21
N ASN E 358 9.85 14.86 -46.01
CA ASN E 358 10.28 14.15 -44.82
C ASN E 358 11.13 14.97 -43.85
N ARG E 359 11.79 16.04 -44.31
CA ARG E 359 12.69 16.80 -43.44
C ARG E 359 11.96 17.22 -42.17
N TYR E 360 10.72 17.65 -42.32
CA TYR E 360 9.72 17.60 -41.28
C TYR E 360 8.74 16.49 -41.63
N PRO E 361 8.15 15.83 -40.66
CA PRO E 361 7.06 14.91 -40.98
C PRO E 361 5.88 15.60 -41.62
N LEU E 362 5.30 16.58 -40.92
CA LEU E 362 4.05 17.22 -41.32
C LEU E 362 4.22 18.64 -41.82
N THR E 363 5.01 19.47 -41.12
CA THR E 363 5.22 20.83 -41.58
C THR E 363 5.70 20.83 -43.03
N THR E 364 6.50 19.82 -43.40
CA THR E 364 6.77 19.55 -44.79
C THR E 364 5.49 19.39 -45.59
N ILE E 365 4.56 18.57 -45.08
CA ILE E 365 3.37 18.22 -45.86
C ILE E 365 2.47 19.44 -46.04
N ILE E 366 2.23 20.18 -44.96
CA ILE E 366 1.40 21.38 -45.07
C ILE E 366 2.05 22.40 -45.99
N GLY E 367 3.37 22.58 -45.86
CA GLY E 367 4.07 23.45 -46.78
C GLY E 367 3.94 23.00 -48.22
N LEU E 368 4.03 21.68 -48.44
CA LEU E 368 3.91 21.14 -49.78
C LEU E 368 2.55 21.44 -50.39
N CYS E 369 1.48 21.13 -49.65
CA CYS E 369 0.15 21.32 -50.21
C CYS E 369 -0.12 22.81 -50.49
N THR E 370 0.19 23.67 -49.51
CA THR E 370 -0.08 25.09 -49.73
C THR E 370 0.79 25.64 -50.85
N CYS E 371 2.05 25.21 -50.95
CA CYS E 371 2.95 25.74 -51.95
C CYS E 371 2.55 25.30 -53.35
N VAL E 372 2.19 24.02 -53.51
CA VAL E 372 1.78 23.57 -54.83
C VAL E 372 0.50 24.29 -55.24
N ALA E 373 -0.44 24.47 -54.30
CA ALA E 373 -1.66 25.21 -54.63
C ALA E 373 -1.33 26.62 -55.12
N ILE E 374 -0.51 27.35 -54.37
CA ILE E 374 -0.28 28.76 -54.71
C ILE E 374 0.54 28.89 -55.99
N ILE E 375 1.49 27.99 -56.21
CA ILE E 375 2.27 28.10 -57.44
C ILE E 375 1.41 27.79 -58.65
N MET E 376 0.52 26.78 -58.54
CA MET E 376 -0.37 26.49 -59.65
C MET E 376 -1.29 27.67 -59.94
N VAL E 377 -1.84 28.30 -58.91
CA VAL E 377 -2.75 29.41 -59.17
C VAL E 377 -1.99 30.59 -59.77
N SER E 378 -0.75 30.84 -59.32
CA SER E 378 0.04 31.90 -59.92
C SER E 378 0.30 31.63 -61.40
N CYS E 379 0.68 30.39 -61.72
CA CYS E 379 0.97 30.06 -63.12
C CYS E 379 -0.27 30.20 -64.00
N VAL E 380 -1.42 29.72 -63.51
CA VAL E 380 -2.62 29.79 -64.34
C VAL E 380 -3.08 31.24 -64.52
N THR E 381 -2.92 32.07 -63.49
CA THR E 381 -3.21 33.50 -63.66
C THR E 381 -2.31 34.10 -64.73
N SER E 382 -1.01 33.79 -64.66
CA SER E 382 -0.10 34.22 -65.71
C SER E 382 -0.58 33.77 -67.09
N VAL E 383 -1.09 32.54 -67.16
CA VAL E 383 -1.53 31.98 -68.44
C VAL E 383 -2.70 32.79 -68.99
N TRP E 384 -3.69 33.08 -68.15
CA TRP E 384 -4.82 33.85 -68.65
C TRP E 384 -4.38 35.24 -69.09
N LEU E 385 -3.51 35.88 -68.31
CA LEU E 385 -3.03 37.19 -68.72
C LEU E 385 -2.29 37.10 -70.05
N LEU E 386 -1.56 36.00 -70.24
CA LEU E 386 -0.92 35.74 -71.52
C LEU E 386 -1.94 35.73 -72.65
N CYS E 387 -3.01 34.96 -72.50
CA CYS E 387 -4.01 34.86 -73.55
C CYS E 387 -4.66 36.20 -73.82
N ARG E 388 -5.01 36.92 -72.75
CA ARG E 388 -5.51 38.28 -72.87
C ARG E 388 -4.59 39.11 -73.76
N THR E 389 -3.33 39.25 -73.35
CA THR E 389 -2.37 40.04 -74.10
C THR E 389 -2.24 39.56 -75.53
N ARG E 390 -2.34 38.25 -75.75
CA ARG E 390 -2.16 37.71 -77.08
C ARG E 390 -3.29 38.13 -78.00
N ASN E 391 -4.54 37.99 -77.55
CA ASN E 391 -5.65 38.45 -78.38
C ASN E 391 -5.61 39.96 -78.56
N LEU E 392 -5.15 40.69 -77.54
CA LEU E 392 -4.97 42.12 -77.71
C LEU E 392 -3.97 42.41 -78.82
N CYS E 393 -2.88 41.64 -78.86
CA CYS E 393 -1.93 41.76 -79.95
C CYS E 393 -2.55 41.35 -81.28
N ILE E 394 -3.54 40.45 -81.24
CA ILE E 394 -4.23 40.08 -82.47
C ILE E 394 -5.00 41.28 -83.01
N THR E 395 -5.68 41.99 -82.13
CA THR E 395 -6.60 43.07 -82.49
C THR E 395 -6.08 44.06 -83.53
N PRO E 396 -4.78 44.45 -83.55
CA PRO E 396 -4.30 45.41 -84.55
C PRO E 396 -4.68 45.11 -86.00
N TYR E 397 -4.31 43.92 -86.48
CA TYR E 397 -4.30 43.64 -87.91
C TYR E 397 -5.69 43.75 -88.52
N LYS E 398 -6.71 43.99 -87.70
CA LYS E 398 -8.05 44.14 -88.23
C LYS E 398 -8.18 45.34 -89.15
N LEU E 399 -7.10 46.09 -89.33
CA LEU E 399 -7.01 46.99 -90.48
C LEU E 399 -7.12 46.20 -91.77
N ALA E 400 -6.36 45.10 -91.88
CA ALA E 400 -6.19 44.29 -93.09
C ALA E 400 -7.50 43.88 -93.74
N PRO E 401 -8.59 43.69 -92.98
CA PRO E 401 -9.92 43.55 -93.61
C PRO E 401 -10.19 44.50 -94.77
N ASN E 402 -9.48 45.63 -94.81
CA ASN E 402 -9.46 46.44 -96.02
C ASN E 402 -8.95 45.66 -97.23
N ALA E 403 -8.18 44.60 -97.00
CA ALA E 403 -7.63 43.78 -98.07
C ALA E 403 -6.68 44.58 -98.97
N GLN E 404 -5.59 45.04 -98.36
CA GLN E 404 -4.65 45.92 -99.03
C GLN E 404 -3.22 45.46 -98.70
N VAL E 405 -2.25 46.36 -98.89
CA VAL E 405 -0.82 46.04 -98.93
C VAL E 405 -0.31 45.45 -97.63
N PRO E 406 0.69 44.57 -97.67
CA PRO E 406 1.18 43.88 -96.47
C PRO E 406 2.27 44.65 -95.73
N ILE E 407 2.40 44.33 -94.45
CA ILE E 407 3.29 45.07 -93.55
C ILE E 407 4.25 44.13 -92.84
N LEU E 408 4.59 43.01 -93.47
CA LEU E 408 5.69 42.12 -93.07
C LEU E 408 5.68 41.82 -91.56
N LEU E 409 4.74 40.97 -91.17
CA LEU E 409 4.67 40.50 -89.79
C LEU E 409 4.73 38.97 -89.76
N ALA E 410 4.65 38.41 -88.55
CA ALA E 410 4.80 36.97 -88.38
C ALA E 410 3.75 36.19 -89.14
N LEU E 411 2.48 36.61 -89.04
CA LEU E 411 1.44 35.91 -89.78
C LEU E 411 1.57 36.25 -91.27
N LEU E 412 0.95 35.42 -92.10
CA LEU E 412 1.25 35.38 -93.52
C LEU E 412 0.02 35.59 -94.38
N CYS E 413 0.17 36.42 -95.41
CA CYS E 413 -0.68 36.37 -96.60
C CYS E 413 0.20 36.89 -97.74
N CYS E 414 0.81 35.96 -98.47
CA CYS E 414 1.89 36.31 -99.40
C CYS E 414 1.37 36.92 -100.70
N ASP F 111 -25.20 46.19 -105.77
CA ASP F 111 -25.59 45.72 -104.45
C ASP F 111 -26.73 46.56 -103.88
N LYS F 112 -27.91 45.97 -103.84
CA LYS F 112 -29.09 46.68 -103.38
C LYS F 112 -28.99 47.03 -101.91
N THR F 113 -29.56 48.19 -101.54
CA THR F 113 -29.52 48.65 -100.17
C THR F 113 -30.46 47.84 -99.30
N PHE F 114 -30.13 46.58 -99.06
CA PHE F 114 -30.96 45.65 -98.32
C PHE F 114 -31.30 46.23 -96.94
N PRO F 115 -32.54 46.60 -96.70
CA PRO F 115 -32.90 47.20 -95.42
C PRO F 115 -32.84 46.19 -94.28
N ILE F 116 -32.69 46.73 -93.07
CA ILE F 116 -32.70 45.94 -91.86
C ILE F 116 -33.98 46.28 -91.11
N MET F 117 -34.95 45.37 -91.12
CA MET F 117 -36.29 45.64 -90.60
C MET F 117 -36.27 45.59 -89.08
N LEU F 118 -35.92 46.71 -88.47
CA LEU F 118 -35.94 46.82 -87.01
C LEU F 118 -37.39 46.99 -86.58
N ASN F 119 -38.05 45.86 -86.29
CA ASN F 119 -39.48 45.85 -85.96
C ASN F 119 -40.29 46.56 -87.04
N GLY F 120 -39.94 46.30 -88.29
CA GLY F 120 -40.56 46.97 -89.42
C GLY F 120 -39.83 48.20 -89.92
N GLN F 121 -38.63 48.45 -89.42
CA GLN F 121 -37.84 49.59 -89.87
C GLN F 121 -37.05 49.21 -91.12
N VAL F 122 -36.08 50.05 -91.49
CA VAL F 122 -35.12 49.75 -92.54
C VAL F 122 -33.74 50.02 -91.96
N ASN F 123 -33.57 49.69 -90.68
CA ASN F 123 -32.50 50.23 -89.84
C ASN F 123 -31.17 50.34 -90.58
N GLY F 124 -30.76 49.27 -91.25
CA GLY F 124 -29.64 49.37 -92.15
C GLY F 124 -30.02 48.97 -93.55
N TYR F 125 -30.08 49.94 -94.47
CA TYR F 125 -30.27 49.66 -95.89
C TYR F 125 -28.93 49.26 -96.49
N ALA F 126 -28.43 48.12 -96.01
CA ALA F 126 -27.05 47.73 -96.22
C ALA F 126 -26.89 46.96 -97.53
N CYS F 127 -25.64 46.63 -97.85
CA CYS F 127 -25.30 45.92 -99.06
C CYS F 127 -23.88 45.39 -98.91
N VAL F 128 -23.33 44.84 -100.00
CA VAL F 128 -21.99 44.30 -100.01
C VAL F 128 -21.22 44.98 -101.13
N VAL F 129 -20.17 45.70 -100.78
CA VAL F 129 -19.34 46.37 -101.78
C VAL F 129 -18.28 45.35 -102.17
N GLY F 130 -18.65 44.48 -103.10
CA GLY F 130 -17.74 43.46 -103.56
C GLY F 130 -17.41 42.44 -102.48
N GLY F 131 -18.37 41.62 -102.07
CA GLY F 131 -18.09 40.65 -101.05
C GLY F 131 -18.46 41.10 -99.66
N ARG F 132 -17.50 41.62 -98.91
CA ARG F 132 -17.76 42.12 -97.55
C ARG F 132 -18.98 43.01 -97.54
N VAL F 133 -19.98 42.60 -96.80
CA VAL F 133 -21.26 43.30 -96.75
C VAL F 133 -21.17 44.41 -95.72
N PHE F 134 -21.97 45.45 -95.92
CA PHE F 134 -22.05 46.54 -94.95
C PHE F 134 -22.93 46.13 -93.77
N LYS F 135 -22.52 45.04 -93.12
CA LYS F 135 -23.32 44.55 -92.01
C LYS F 135 -23.08 45.45 -90.81
N PRO F 136 -24.00 46.36 -90.53
CA PRO F 136 -23.83 47.28 -89.39
C PRO F 136 -24.31 46.64 -88.10
N LEU F 137 -23.37 46.34 -87.21
CA LEU F 137 -23.76 46.01 -85.86
C LEU F 137 -24.15 47.24 -85.07
N HIS F 138 -24.25 48.35 -85.81
CA HIS F 138 -24.52 49.63 -85.20
C HIS F 138 -25.82 49.60 -84.38
N VAL F 139 -26.95 49.33 -85.05
CA VAL F 139 -28.20 49.45 -84.32
C VAL F 139 -28.99 48.15 -84.29
N GLU F 140 -29.53 47.71 -85.42
CA GLU F 140 -30.53 46.64 -85.43
C GLU F 140 -31.08 46.34 -86.81
N GLY F 141 -32.10 45.48 -86.86
CA GLY F 141 -32.92 45.30 -88.05
C GLY F 141 -32.96 43.89 -88.63
N ARG F 142 -34.18 43.40 -88.83
CA ARG F 142 -34.36 42.14 -89.55
C ARG F 142 -33.92 42.31 -90.99
N ILE F 143 -33.04 41.41 -91.45
CA ILE F 143 -32.40 41.58 -92.74
C ILE F 143 -33.42 41.55 -93.87
N ASP F 144 -33.13 42.32 -94.92
CA ASP F 144 -33.93 42.23 -96.13
C ASP F 144 -33.61 40.95 -96.89
N ASN F 145 -32.36 40.79 -97.30
CA ASN F 145 -31.95 39.55 -97.97
C ASN F 145 -31.60 38.49 -96.93
N GLU F 146 -32.51 38.26 -95.97
CA GLU F 146 -32.27 37.24 -94.96
C GLU F 146 -31.99 35.89 -95.59
N GLN F 147 -32.61 35.63 -96.75
CA GLN F 147 -32.20 34.49 -97.57
C GLN F 147 -30.69 34.48 -97.75
N LEU F 148 -30.16 35.51 -98.38
CA LEU F 148 -28.71 35.68 -98.40
C LEU F 148 -28.18 35.86 -96.98
N ALA F 149 -28.87 36.64 -96.17
CA ALA F 149 -28.36 36.97 -94.83
C ALA F 149 -28.63 35.89 -93.82
N ALA F 150 -28.96 34.68 -94.25
CA ALA F 150 -29.06 33.56 -93.31
C ALA F 150 -27.74 33.24 -92.65
N ILE F 151 -26.62 33.72 -93.20
CA ILE F 151 -25.30 33.43 -92.66
C ILE F 151 -25.01 34.34 -91.48
N LYS F 152 -23.95 34.03 -90.72
CA LYS F 152 -23.48 34.87 -89.63
C LYS F 152 -22.30 35.70 -90.09
N LEU F 153 -21.89 36.65 -89.25
CA LEU F 153 -20.90 37.64 -89.66
C LEU F 153 -19.90 37.89 -88.54
N LYS F 154 -18.88 38.68 -88.86
CA LYS F 154 -17.88 39.12 -87.90
C LYS F 154 -18.44 40.28 -87.09
N LYS F 155 -17.57 40.97 -86.37
CA LYS F 155 -17.95 42.20 -85.68
C LYS F 155 -17.08 43.34 -86.15
N ALA F 156 -17.26 44.52 -85.55
CA ALA F 156 -16.34 45.65 -85.76
C ALA F 156 -16.41 46.53 -84.52
N SER F 157 -15.43 46.38 -83.63
CA SER F 157 -15.44 47.14 -82.38
C SER F 157 -15.27 48.62 -82.65
N ILE F 158 -14.30 48.99 -83.48
CA ILE F 158 -14.08 50.38 -83.82
C ILE F 158 -15.22 50.97 -84.61
N TYR F 159 -16.17 50.15 -85.07
CA TYR F 159 -17.21 50.65 -85.95
C TYR F 159 -18.63 50.18 -85.63
N ASP F 160 -18.82 49.19 -84.76
CA ASP F 160 -20.13 48.57 -84.53
C ASP F 160 -20.72 48.08 -85.86
N LEU F 161 -19.99 47.19 -86.50
CA LEU F 161 -20.35 46.67 -87.82
C LEU F 161 -20.07 45.18 -87.84
N GLU F 162 -20.12 44.61 -89.03
CA GLU F 162 -19.87 43.19 -89.21
C GLU F 162 -19.41 42.97 -90.65
N TYR F 163 -18.73 41.84 -90.87
CA TYR F 163 -18.13 41.54 -92.16
C TYR F 163 -18.99 40.53 -92.91
N GLY F 164 -19.27 40.83 -94.18
CA GLY F 164 -20.12 39.96 -94.97
C GLY F 164 -19.38 38.85 -95.67
N ASP F 165 -18.38 39.18 -96.48
CA ASP F 165 -17.64 38.21 -97.28
C ASP F 165 -18.62 37.33 -98.07
N VAL F 166 -19.36 37.98 -98.96
CA VAL F 166 -20.57 37.43 -99.56
C VAL F 166 -20.27 36.15 -100.34
N PRO F 167 -21.31 35.40 -100.72
CA PRO F 167 -21.07 34.07 -101.31
C PRO F 167 -20.49 34.17 -102.71
N GLN F 168 -19.92 33.05 -103.16
CA GLN F 168 -19.48 32.96 -104.55
C GLN F 168 -20.65 33.15 -105.48
N CYS F 169 -21.80 32.54 -105.16
CA CYS F 169 -23.03 32.87 -105.86
C CYS F 169 -23.30 34.36 -105.83
N MET F 170 -22.93 35.03 -104.75
CA MET F 170 -23.12 36.46 -104.61
C MET F 170 -21.98 37.26 -105.24
N LYS F 171 -21.22 36.65 -106.15
CA LYS F 171 -20.16 37.37 -106.85
C LYS F 171 -20.73 38.56 -107.63
N SER F 172 -19.84 39.50 -107.96
CA SER F 172 -20.20 40.74 -108.65
C SER F 172 -21.21 41.55 -107.83
N ASP F 173 -20.75 42.00 -106.67
CA ASP F 173 -21.62 42.66 -105.71
C ASP F 173 -21.67 44.18 -105.89
N THR F 174 -20.52 44.85 -105.75
CA THR F 174 -20.46 46.30 -105.87
C THR F 174 -19.00 46.74 -105.89
N LEU F 175 -18.79 47.98 -106.32
CA LEU F 175 -17.45 48.55 -106.38
C LEU F 175 -16.95 48.93 -105.00
N GLN F 176 -15.63 49.14 -104.91
CA GLN F 176 -14.96 49.50 -103.68
C GLN F 176 -13.97 50.63 -103.94
N TYR F 177 -14.47 51.73 -104.52
CA TYR F 177 -13.64 52.82 -104.98
C TYR F 177 -12.60 53.23 -103.94
N THR F 178 -11.44 53.66 -104.44
CA THR F 178 -10.31 53.98 -103.59
C THR F 178 -10.57 55.26 -102.80
N SER F 179 -9.62 55.60 -101.92
CA SER F 179 -9.72 56.78 -101.08
C SER F 179 -9.54 58.08 -101.84
N ASP F 180 -9.13 58.02 -103.11
CA ASP F 180 -8.94 59.23 -103.90
C ASP F 180 -10.25 59.98 -104.07
N LYS F 181 -10.40 61.12 -103.41
CA LYS F 181 -11.66 61.85 -103.46
C LYS F 181 -11.46 63.33 -103.14
N PRO F 182 -11.83 64.22 -104.06
CA PRO F 182 -11.91 65.64 -103.72
C PRO F 182 -13.25 65.95 -103.08
N PRO F 183 -13.59 67.23 -102.90
CA PRO F 183 -14.95 67.54 -102.47
C PRO F 183 -15.92 67.29 -103.62
N GLY F 184 -16.66 66.19 -103.54
CA GLY F 184 -17.47 65.76 -104.66
C GLY F 184 -18.80 65.18 -104.26
N PHE F 185 -19.83 65.42 -105.08
CA PHE F 185 -21.19 65.05 -104.74
C PHE F 185 -21.39 63.54 -104.83
N TYR F 186 -21.24 62.84 -103.70
CA TYR F 186 -21.47 61.40 -103.62
C TYR F 186 -22.89 61.16 -103.14
N ASN F 187 -23.65 60.39 -103.92
CA ASN F 187 -25.07 60.28 -103.70
C ASN F 187 -25.38 59.45 -102.46
N TRP F 188 -26.62 59.55 -102.00
CA TRP F 188 -27.13 58.79 -100.87
C TRP F 188 -28.64 58.73 -100.98
N HIS F 189 -29.28 58.11 -99.99
CA HIS F 189 -30.73 58.18 -99.90
C HIS F 189 -31.20 59.61 -99.89
N HIS F 190 -30.50 60.47 -99.14
CA HIS F 190 -30.74 61.90 -99.17
C HIS F 190 -30.14 62.56 -100.40
N GLY F 191 -29.34 61.85 -101.17
CA GLY F 191 -28.72 62.42 -102.35
C GLY F 191 -27.24 62.64 -102.18
N ALA F 192 -26.71 63.58 -102.98
CA ALA F 192 -25.29 63.80 -103.09
C ALA F 192 -24.87 65.08 -102.37
N VAL F 193 -23.56 65.18 -102.11
CA VAL F 193 -23.00 66.29 -101.35
C VAL F 193 -21.49 66.34 -101.57
N GLN F 194 -20.93 67.54 -101.64
CA GLN F 194 -19.56 67.74 -102.12
C GLN F 194 -18.73 68.57 -101.12
N TYR F 195 -18.07 67.89 -100.20
CA TYR F 195 -17.06 68.53 -99.36
C TYR F 195 -16.09 67.47 -98.86
N GLU F 196 -14.81 67.83 -98.79
CA GLU F 196 -13.76 66.86 -98.50
C GLU F 196 -13.09 67.08 -97.15
N ASN F 197 -12.56 68.28 -96.90
CA ASN F 197 -11.93 68.57 -95.61
C ASN F 197 -12.96 68.32 -94.52
N ASN F 198 -13.99 69.15 -94.48
CA ASN F 198 -15.22 68.76 -93.83
C ASN F 198 -15.93 67.74 -94.71
N ARG F 199 -16.71 66.87 -94.09
CA ARG F 199 -17.39 65.83 -94.83
C ARG F 199 -18.36 66.45 -95.84
N PHE F 200 -18.90 65.59 -96.69
CA PHE F 200 -19.65 66.01 -97.88
C PHE F 200 -20.65 67.11 -97.54
N THR F 201 -20.74 68.08 -98.45
CA THR F 201 -21.46 69.33 -98.19
C THR F 201 -22.97 69.14 -98.36
N VAL F 202 -23.53 68.30 -97.51
CA VAL F 202 -24.98 68.16 -97.43
C VAL F 202 -25.47 69.35 -96.62
N PRO F 203 -26.75 69.74 -96.75
CA PRO F 203 -27.28 70.79 -95.88
C PRO F 203 -27.94 70.20 -94.65
N ARG F 204 -27.90 70.98 -93.57
CA ARG F 204 -28.67 70.61 -92.39
C ARG F 204 -30.13 70.48 -92.77
N GLY F 205 -30.76 69.39 -92.33
CA GLY F 205 -32.13 69.12 -92.72
C GLY F 205 -32.35 67.70 -93.18
N VAL F 206 -31.37 66.83 -92.98
CA VAL F 206 -31.50 65.41 -93.26
C VAL F 206 -31.29 64.65 -91.97
N GLY F 207 -32.15 63.66 -91.73
CA GLY F 207 -32.10 62.96 -90.46
C GLY F 207 -31.13 61.79 -90.48
N GLY F 208 -29.92 62.02 -89.98
CA GLY F 208 -28.90 60.98 -90.01
C GLY F 208 -29.32 59.75 -89.24
N LYS F 209 -29.92 59.94 -88.07
CA LYS F 209 -30.52 58.83 -87.34
C LYS F 209 -31.49 58.10 -88.25
N GLY F 210 -31.25 56.81 -88.45
CA GLY F 210 -32.01 56.06 -89.42
C GLY F 210 -31.38 56.11 -90.79
N ASP F 211 -30.77 57.25 -91.14
CA ASP F 211 -30.10 57.38 -92.43
C ASP F 211 -28.79 56.60 -92.50
N SER F 212 -28.35 56.00 -91.39
CA SER F 212 -27.17 55.17 -91.42
C SER F 212 -27.35 54.04 -92.43
N GLY F 213 -26.31 53.80 -93.22
CA GLY F 213 -26.40 52.86 -94.33
C GLY F 213 -26.36 53.53 -95.69
N ARG F 214 -26.20 54.84 -95.75
CA ARG F 214 -26.03 55.53 -97.02
C ARG F 214 -24.56 55.54 -97.39
N PRO F 215 -24.17 55.05 -98.56
CA PRO F 215 -22.76 55.01 -98.93
C PRO F 215 -22.35 56.24 -99.73
N ILE F 216 -21.04 56.34 -99.97
CA ILE F 216 -20.53 57.45 -100.77
C ILE F 216 -20.70 57.05 -102.23
N LEU F 217 -21.86 57.36 -102.78
CA LEU F 217 -22.18 57.06 -104.17
C LEU F 217 -21.61 58.18 -105.04
N ASP F 218 -20.29 58.20 -105.15
CA ASP F 218 -19.61 59.21 -105.95
C ASP F 218 -20.03 59.10 -107.40
N ASN F 219 -20.07 60.25 -108.08
CA ASN F 219 -20.68 60.35 -109.41
C ASN F 219 -19.97 59.49 -110.44
N LYS F 220 -18.75 59.04 -110.18
CA LYS F 220 -18.02 58.20 -111.11
C LYS F 220 -18.39 56.73 -110.97
N GLY F 221 -19.55 56.43 -110.42
CA GLY F 221 -19.84 55.07 -110.03
C GLY F 221 -18.97 54.59 -108.91
N ARG F 222 -18.44 55.51 -108.12
CA ARG F 222 -17.44 55.22 -107.11
C ARG F 222 -18.10 55.10 -105.75
N VAL F 223 -17.78 54.02 -105.04
CA VAL F 223 -18.23 53.80 -103.67
C VAL F 223 -16.97 53.64 -102.82
N VAL F 224 -16.76 54.57 -101.89
CA VAL F 224 -15.52 54.58 -101.12
C VAL F 224 -15.81 54.79 -99.64
N ALA F 225 -17.06 55.16 -99.32
CA ALA F 225 -17.39 55.53 -97.94
C ALA F 225 -18.84 55.23 -97.65
N ILE F 226 -19.18 55.27 -96.36
CA ILE F 226 -20.55 55.11 -95.88
C ILE F 226 -20.68 55.81 -94.54
N VAL F 227 -21.91 56.19 -94.20
CA VAL F 227 -22.14 57.17 -93.13
C VAL F 227 -21.82 56.56 -91.76
N LEU F 228 -21.57 57.45 -90.80
CA LEU F 228 -21.44 57.06 -89.39
C LEU F 228 -22.21 57.95 -88.42
N GLY F 229 -22.55 59.19 -88.78
CA GLY F 229 -23.30 60.05 -87.90
C GLY F 229 -22.86 61.49 -88.03
N GLY F 230 -23.13 62.29 -86.99
CA GLY F 230 -22.65 63.66 -86.93
C GLY F 230 -23.35 64.63 -87.86
N VAL F 231 -24.63 64.91 -87.61
CA VAL F 231 -25.48 65.51 -88.64
C VAL F 231 -25.09 66.94 -88.99
N ASN F 232 -25.28 67.87 -88.07
CA ASN F 232 -25.15 69.28 -88.46
C ASN F 232 -25.26 70.18 -87.25
N GLU F 233 -24.56 71.31 -87.33
CA GLU F 233 -24.85 72.47 -86.50
C GLU F 233 -25.17 73.69 -87.34
N GLY F 234 -24.34 74.00 -88.34
CA GLY F 234 -24.64 75.00 -89.32
C GLY F 234 -25.63 74.49 -90.34
N SER F 235 -26.00 75.39 -91.27
CA SER F 235 -26.99 75.04 -92.28
C SER F 235 -26.52 73.90 -93.18
N ARG F 236 -25.21 73.71 -93.31
CA ARG F 236 -24.72 72.56 -94.05
C ARG F 236 -24.70 71.33 -93.13
N THR F 237 -24.44 70.17 -93.74
CA THR F 237 -24.38 68.92 -92.99
C THR F 237 -23.19 68.10 -93.51
N ALA F 238 -22.03 68.32 -92.92
CA ALA F 238 -20.98 67.32 -92.95
C ALA F 238 -21.28 66.30 -91.86
N LEU F 239 -20.71 65.10 -92.01
CA LEU F 239 -21.15 63.99 -91.18
C LEU F 239 -20.00 63.04 -90.89
N SER F 240 -20.27 62.08 -90.00
CA SER F 240 -19.34 61.00 -89.70
C SER F 240 -19.56 59.86 -90.68
N VAL F 241 -18.47 59.20 -91.07
CA VAL F 241 -18.52 58.20 -92.13
C VAL F 241 -17.63 57.02 -91.81
N VAL F 242 -17.54 56.08 -92.74
CA VAL F 242 -16.51 55.04 -92.71
C VAL F 242 -16.00 54.88 -94.14
N THR F 243 -14.68 54.80 -94.29
CA THR F 243 -14.08 54.87 -95.62
C THR F 243 -12.67 54.30 -95.58
N TRP F 244 -11.95 54.48 -96.68
CA TRP F 244 -10.52 54.22 -96.75
C TRP F 244 -9.74 55.47 -96.38
N ASN F 245 -8.60 55.27 -95.71
CA ASN F 245 -7.84 56.39 -95.16
C ASN F 245 -6.83 56.89 -96.19
N GLN F 246 -5.95 57.80 -95.75
CA GLN F 246 -4.94 58.35 -96.66
C GLN F 246 -4.05 57.25 -97.21
N LYS F 247 -3.58 56.37 -96.34
CA LYS F 247 -2.92 55.15 -96.78
C LYS F 247 -3.92 54.09 -97.21
N GLY F 248 -5.19 54.46 -97.35
CA GLY F 248 -6.23 53.49 -97.66
C GLY F 248 -6.72 52.70 -96.47
N VAL F 249 -6.23 53.01 -95.26
CA VAL F 249 -6.67 52.28 -94.08
C VAL F 249 -8.18 52.46 -93.90
N THR F 250 -8.77 51.57 -93.12
CA THR F 250 -10.22 51.55 -92.97
C THR F 250 -10.61 52.76 -92.13
N VAL F 251 -10.69 53.91 -92.83
CA VAL F 251 -10.98 55.18 -92.18
C VAL F 251 -12.38 55.13 -91.59
N LYS F 252 -12.46 55.16 -90.26
CA LYS F 252 -13.73 55.24 -89.54
C LYS F 252 -13.94 56.71 -89.16
N ASP F 253 -14.68 57.43 -89.99
CA ASP F 253 -14.79 58.87 -89.82
C ASP F 253 -15.78 59.19 -88.71
N THR F 254 -15.36 60.05 -87.78
CA THR F 254 -16.15 60.39 -86.60
C THR F 254 -16.26 61.90 -86.52
N PRO F 255 -17.27 62.49 -87.15
CA PRO F 255 -17.55 63.91 -86.92
C PRO F 255 -17.74 64.18 -85.44
N GLU F 256 -16.84 64.99 -84.87
CA GLU F 256 -16.86 65.26 -83.44
C GLU F 256 -18.22 65.78 -83.01
N GLY F 257 -18.76 65.21 -81.94
CA GLY F 257 -20.11 65.51 -81.54
C GLY F 257 -21.11 64.94 -82.54
N SER F 258 -21.17 63.62 -82.63
CA SER F 258 -21.88 62.95 -83.70
C SER F 258 -23.33 62.69 -83.30
N GLU F 259 -24.26 63.17 -84.10
CA GLU F 259 -25.64 62.73 -83.98
C GLU F 259 -25.69 61.23 -84.27
N PRO F 260 -26.32 60.43 -83.41
CA PRO F 260 -26.34 58.98 -83.64
C PRO F 260 -26.89 58.64 -85.01
N TRP F 261 -26.02 58.04 -85.83
CA TRP F 261 -26.31 57.70 -87.23
C TRP F 261 -26.57 58.95 -88.07
N TYR G 1 -84.53 -7.31 1.35
CA TYR G 1 -84.37 -6.73 0.02
C TYR G 1 -83.02 -7.07 -0.60
N GLU G 2 -83.00 -7.38 -1.89
CA GLU G 2 -81.75 -7.69 -2.58
C GLU G 2 -81.41 -6.57 -3.55
N HIS G 3 -80.15 -6.13 -3.51
CA HIS G 3 -79.61 -5.26 -4.53
C HIS G 3 -78.31 -5.85 -5.05
N THR G 4 -78.13 -5.80 -6.36
CA THR G 4 -76.93 -6.32 -7.00
C THR G 4 -76.17 -5.20 -7.69
N ALA G 5 -74.98 -5.54 -8.17
CA ALA G 5 -74.12 -4.59 -8.87
C ALA G 5 -73.02 -5.38 -9.56
N VAL G 6 -72.15 -4.65 -10.25
CA VAL G 6 -70.97 -5.22 -10.87
C VAL G 6 -69.78 -4.43 -10.35
N MET G 7 -69.05 -5.01 -9.41
CA MET G 7 -68.00 -4.10 -8.98
C MET G 7 -66.69 -4.44 -9.68
N PRO G 8 -65.94 -3.41 -10.07
CA PRO G 8 -64.61 -3.64 -10.64
C PRO G 8 -63.69 -4.29 -9.62
N ASN G 9 -62.67 -4.95 -10.12
CA ASN G 9 -61.71 -5.62 -9.25
C ASN G 9 -60.87 -4.57 -8.53
N LYS G 10 -61.16 -4.39 -7.24
CA LYS G 10 -60.44 -3.43 -6.39
C LYS G 10 -60.02 -4.23 -5.15
N VAL G 11 -58.86 -4.88 -5.26
CA VAL G 11 -58.43 -5.80 -4.21
C VAL G 11 -58.26 -5.07 -2.89
N GLY G 12 -57.62 -3.90 -2.92
CA GLY G 12 -57.35 -3.18 -1.69
C GLY G 12 -58.41 -2.16 -1.33
N ILE G 13 -58.80 -1.33 -2.29
CA ILE G 13 -59.62 -0.17 -2.02
C ILE G 13 -61.00 -0.57 -1.52
N PRO G 14 -61.63 0.21 -0.65
CA PRO G 14 -62.99 -0.11 -0.19
C PRO G 14 -64.02 0.24 -1.23
N TYR G 15 -65.30 0.04 -0.89
CA TYR G 15 -66.36 0.48 -1.79
C TYR G 15 -67.64 0.67 -1.00
N LYS G 16 -68.03 1.92 -0.82
CA LYS G 16 -69.33 2.28 -0.29
C LYS G 16 -70.27 2.62 -1.44
N ALA G 17 -71.56 2.40 -1.21
CA ALA G 17 -72.58 2.98 -2.07
C ALA G 17 -73.88 3.04 -1.28
N LEU G 18 -74.48 4.23 -1.26
CA LEU G 18 -75.78 4.40 -0.63
C LEU G 18 -76.84 3.70 -1.46
N VAL G 19 -77.77 3.03 -0.78
CA VAL G 19 -78.87 2.32 -1.44
C VAL G 19 -80.17 2.81 -0.82
N GLU G 20 -81.09 3.24 -1.67
CA GLU G 20 -82.34 3.87 -1.23
C GLU G 20 -83.54 3.07 -1.73
N ARG G 21 -84.72 3.65 -1.52
CA ARG G 21 -85.99 3.06 -1.92
C ARG G 21 -87.08 4.11 -1.75
N PRO G 22 -88.06 4.17 -2.67
CA PRO G 22 -89.15 5.13 -2.50
C PRO G 22 -89.88 4.89 -1.18
N GLY G 23 -90.25 5.98 -0.52
CA GLY G 23 -90.84 5.90 0.79
C GLY G 23 -89.94 5.34 1.86
N TYR G 24 -88.67 5.07 1.54
CA TYR G 24 -87.73 4.45 2.45
C TYR G 24 -86.48 5.30 2.57
N ALA G 25 -85.95 5.42 3.78
CA ALA G 25 -84.68 6.07 3.96
C ALA G 25 -83.56 5.18 3.42
N PRO G 26 -82.51 5.78 2.86
CA PRO G 26 -81.45 4.98 2.24
C PRO G 26 -80.49 4.41 3.28
N VAL G 27 -79.61 3.54 2.79
CA VAL G 27 -78.53 2.98 3.60
C VAL G 27 -77.34 2.75 2.69
N HIS G 28 -76.14 2.90 3.27
CA HIS G 28 -74.90 2.77 2.52
C HIS G 28 -74.39 1.34 2.61
N LEU G 29 -73.24 1.11 1.98
CA LEU G 29 -72.50 -0.13 2.14
C LEU G 29 -71.04 0.20 2.33
N GLN G 30 -70.22 -0.85 2.48
CA GLN G 30 -68.77 -0.69 2.32
C GLN G 30 -68.22 -2.08 2.03
N ILE G 31 -67.97 -2.35 0.76
CA ILE G 31 -67.35 -3.62 0.38
C ILE G 31 -65.87 -3.36 0.17
N GLN G 32 -65.06 -4.34 0.55
CA GLN G 32 -63.61 -4.20 0.38
C GLN G 32 -63.00 -5.58 0.32
N LEU G 33 -62.39 -5.90 -0.81
CA LEU G 33 -61.78 -7.21 -0.99
C LEU G 33 -60.70 -7.44 0.05
N VAL G 34 -60.61 -8.68 0.52
CA VAL G 34 -59.58 -9.08 1.46
C VAL G 34 -58.59 -10.04 0.82
N ASN G 35 -59.09 -11.07 0.15
CA ASN G 35 -58.24 -12.01 -0.56
C ASN G 35 -58.72 -12.14 -1.99
N THR G 36 -57.84 -12.67 -2.83
CA THR G 36 -58.21 -13.22 -4.13
C THR G 36 -57.46 -14.54 -4.23
N ARG G 37 -58.19 -15.60 -4.55
CA ARG G 37 -57.68 -16.96 -4.39
C ARG G 37 -58.04 -17.74 -5.64
N ILE G 38 -57.04 -18.03 -6.46
CA ILE G 38 -57.23 -18.62 -7.78
C ILE G 38 -56.65 -20.02 -7.71
N ILE G 39 -57.49 -21.02 -7.58
CA ILE G 39 -57.03 -22.37 -7.29
C ILE G 39 -57.23 -23.22 -8.54
N PRO G 40 -56.19 -23.52 -9.29
CA PRO G 40 -56.31 -24.47 -10.40
C PRO G 40 -56.49 -25.88 -9.89
N SER G 41 -56.95 -26.76 -10.78
CA SER G 41 -57.22 -28.14 -10.41
C SER G 41 -56.01 -29.01 -10.64
N THR G 42 -54.86 -28.56 -10.14
CA THR G 42 -53.58 -29.11 -10.54
C THR G 42 -53.31 -30.45 -9.87
N ASN G 43 -52.10 -30.94 -10.06
CA ASN G 43 -51.60 -32.18 -9.49
C ASN G 43 -50.13 -32.31 -9.86
N LEU G 44 -49.40 -33.09 -9.08
CA LEU G 44 -48.03 -33.44 -9.42
C LEU G 44 -48.03 -34.70 -10.29
N GLU G 45 -47.00 -34.84 -11.11
CA GLU G 45 -46.88 -35.98 -12.01
C GLU G 45 -45.77 -36.93 -11.59
N TYR G 46 -44.55 -36.44 -11.45
CA TYR G 46 -43.44 -37.30 -11.08
C TYR G 46 -42.41 -36.44 -10.36
N ILE G 47 -41.39 -37.09 -9.79
CA ILE G 47 -40.37 -36.39 -9.03
C ILE G 47 -39.00 -36.73 -9.60
N THR G 48 -38.00 -35.99 -9.15
CA THR G 48 -36.62 -36.18 -9.55
C THR G 48 -35.73 -35.56 -8.48
N CYS G 49 -34.54 -36.14 -8.32
CA CYS G 49 -33.59 -35.74 -7.29
C CYS G 49 -32.31 -36.53 -7.52
N LYS G 50 -31.28 -36.27 -6.71
CA LYS G 50 -29.98 -36.88 -6.97
C LYS G 50 -30.05 -38.40 -6.84
N TYR G 51 -29.15 -39.06 -7.56
CA TYR G 51 -29.10 -40.51 -7.63
C TYR G 51 -28.17 -41.06 -6.55
N LYS G 52 -27.81 -42.33 -6.68
CA LYS G 52 -26.69 -42.87 -5.95
C LYS G 52 -26.18 -44.10 -6.70
N THR G 53 -24.93 -44.46 -6.44
CA THR G 53 -24.29 -45.53 -7.18
C THR G 53 -23.44 -46.34 -6.21
N LYS G 54 -23.74 -47.63 -6.09
CA LYS G 54 -23.02 -48.53 -5.21
C LYS G 54 -22.44 -49.68 -6.01
N VAL G 55 -21.50 -50.39 -5.39
CA VAL G 55 -20.83 -51.49 -6.07
C VAL G 55 -20.78 -52.71 -5.15
N PRO G 56 -21.22 -53.88 -5.62
CA PRO G 56 -21.07 -55.09 -4.81
C PRO G 56 -19.64 -55.58 -4.81
N SER G 57 -19.39 -56.75 -4.24
CA SER G 57 -18.04 -57.27 -4.18
C SER G 57 -17.61 -57.77 -5.56
N PRO G 58 -16.58 -57.17 -6.17
CA PRO G 58 -16.14 -57.65 -7.48
C PRO G 58 -15.46 -59.01 -7.36
N VAL G 59 -15.83 -59.92 -8.26
CA VAL G 59 -15.43 -61.32 -8.10
C VAL G 59 -13.92 -61.47 -8.30
N VAL G 60 -13.40 -62.60 -7.83
CA VAL G 60 -11.96 -62.84 -7.85
C VAL G 60 -11.70 -64.33 -7.63
N LYS G 61 -10.62 -64.84 -8.22
CA LYS G 61 -10.20 -66.23 -8.04
C LYS G 61 -8.70 -66.30 -8.18
N CYS G 62 -8.17 -67.52 -8.24
CA CYS G 62 -6.81 -67.75 -8.71
C CYS G 62 -6.74 -67.87 -10.21
N CYS G 63 -7.74 -68.54 -10.82
CA CYS G 63 -7.84 -68.65 -12.26
C CYS G 63 -9.32 -68.74 -12.62
N GLY G 64 -9.58 -68.77 -13.93
CA GLY G 64 -10.94 -68.85 -14.40
C GLY G 64 -11.70 -67.56 -14.11
N ALA G 65 -13.00 -67.61 -14.35
CA ALA G 65 -13.82 -66.42 -14.17
C ALA G 65 -15.22 -66.83 -13.73
N THR G 66 -15.85 -65.92 -12.99
CA THR G 66 -17.29 -66.00 -12.78
C THR G 66 -17.97 -65.23 -13.91
N GLN G 67 -19.27 -65.01 -13.80
CA GLN G 67 -20.04 -64.48 -14.92
C GLN G 67 -20.82 -63.25 -14.48
N CYS G 68 -20.95 -62.29 -15.39
CA CYS G 68 -21.75 -61.11 -15.16
C CYS G 68 -23.19 -61.35 -15.57
N THR G 69 -24.12 -60.86 -14.76
CA THR G 69 -25.54 -61.12 -14.93
C THR G 69 -26.28 -59.79 -15.08
N SER G 70 -27.61 -59.88 -15.07
CA SER G 70 -28.47 -58.70 -15.08
C SER G 70 -28.93 -58.38 -13.65
N LYS G 71 -27.96 -58.01 -12.83
CA LYS G 71 -28.28 -57.54 -11.49
C LYS G 71 -29.16 -56.31 -11.64
N PRO G 72 -30.45 -56.41 -11.31
CA PRO G 72 -31.38 -55.38 -11.77
C PRO G 72 -31.19 -54.06 -11.05
N HIS G 73 -30.56 -53.11 -11.73
CA HIS G 73 -30.42 -51.75 -11.25
C HIS G 73 -30.47 -50.84 -12.46
N PRO G 74 -30.86 -49.59 -12.27
CA PRO G 74 -30.74 -48.61 -13.38
C PRO G 74 -29.29 -48.53 -13.83
N ASP G 75 -29.09 -48.49 -15.14
CA ASP G 75 -27.78 -48.26 -15.74
C ASP G 75 -26.72 -49.22 -15.25
N TYR G 76 -27.15 -50.32 -14.63
CA TYR G 76 -26.20 -51.26 -14.05
C TYR G 76 -25.34 -51.91 -15.11
N GLN G 77 -24.07 -52.13 -14.80
CA GLN G 77 -23.14 -52.80 -15.69
C GLN G 77 -22.35 -53.85 -14.94
N CYS G 78 -21.69 -54.71 -15.71
CA CYS G 78 -20.84 -55.76 -15.20
C CYS G 78 -20.08 -56.35 -16.39
N GLN G 79 -18.81 -56.66 -16.18
CA GLN G 79 -18.00 -57.23 -17.26
C GLN G 79 -16.88 -58.06 -16.67
N VAL G 80 -16.63 -59.22 -17.27
CA VAL G 80 -15.51 -60.03 -16.84
C VAL G 80 -14.21 -59.27 -17.10
N PHE G 81 -13.17 -59.64 -16.36
CA PHE G 81 -11.85 -59.07 -16.56
C PHE G 81 -10.82 -60.17 -16.35
N SER G 82 -9.93 -60.32 -17.34
CA SER G 82 -9.11 -61.50 -17.46
C SER G 82 -7.65 -61.19 -17.14
N GLY G 83 -6.97 -62.18 -16.57
CA GLY G 83 -5.60 -61.99 -16.15
C GLY G 83 -5.47 -60.84 -15.17
N VAL G 84 -6.35 -60.82 -14.17
CA VAL G 84 -6.47 -59.66 -13.29
C VAL G 84 -5.15 -59.40 -12.57
N TYR G 85 -4.57 -60.45 -12.00
CA TYR G 85 -3.34 -60.36 -11.22
C TYR G 85 -3.31 -59.22 -10.19
N PRO G 86 -4.32 -59.13 -9.32
CA PRO G 86 -4.27 -58.11 -8.27
C PRO G 86 -3.68 -58.64 -6.97
N PHE G 87 -2.93 -57.77 -6.32
CA PHE G 87 -2.33 -58.11 -5.04
C PHE G 87 -3.19 -57.60 -3.89
N MET G 88 -3.00 -58.21 -2.73
CA MET G 88 -3.52 -57.70 -1.47
C MET G 88 -2.36 -57.54 -0.51
N TYR G 89 -2.47 -56.55 0.38
CA TYR G 89 -1.40 -56.25 1.33
C TYR G 89 -1.07 -57.49 2.14
N GLY G 90 0.22 -57.77 2.28
CA GLY G 90 0.65 -58.93 3.04
C GLY G 90 0.00 -60.20 2.54
N GLY G 91 -0.27 -60.26 1.24
CA GLY G 91 -1.00 -61.37 0.68
C GLY G 91 -0.17 -62.27 -0.22
N ALA G 92 -0.84 -62.93 -1.16
CA ALA G 92 -0.19 -63.76 -2.15
C ALA G 92 -0.81 -63.56 -3.53
N TYR G 93 -1.31 -62.35 -3.79
CA TYR G 93 -1.82 -61.91 -5.07
C TYR G 93 -3.11 -62.62 -5.48
N CYS G 94 -3.68 -63.43 -4.59
CA CYS G 94 -4.97 -64.10 -4.78
C CYS G 94 -4.95 -65.12 -5.91
N PHE G 95 -3.78 -65.40 -6.48
CA PHE G 95 -3.67 -66.35 -7.59
C PHE G 95 -2.46 -67.24 -7.42
N CYS G 96 -2.32 -68.15 -8.38
CA CYS G 96 -1.04 -68.72 -8.76
C CYS G 96 -0.72 -68.43 -10.22
N ASP G 97 -1.65 -67.85 -10.96
CA ASP G 97 -1.57 -67.69 -12.41
C ASP G 97 -2.49 -66.55 -12.82
N THR G 98 -2.82 -66.49 -14.11
CA THR G 98 -3.86 -65.59 -14.59
C THR G 98 -5.10 -65.71 -13.74
N GLU G 99 -5.48 -64.61 -13.08
CA GLU G 99 -6.68 -64.61 -12.26
C GLU G 99 -7.92 -64.81 -13.11
N ASN G 100 -8.09 -63.97 -14.13
CA ASN G 100 -9.18 -64.04 -15.09
C ASN G 100 -10.52 -63.72 -14.46
N THR G 101 -10.56 -63.52 -13.15
CA THR G 101 -11.81 -63.46 -12.39
C THR G 101 -12.01 -62.05 -11.84
N GLN G 102 -12.79 -61.25 -12.56
CA GLN G 102 -13.18 -59.93 -12.06
C GLN G 102 -14.41 -59.46 -12.83
N MET G 103 -15.55 -59.36 -12.14
CA MET G 103 -16.79 -59.00 -12.79
C MET G 103 -17.08 -57.50 -12.73
N SER G 104 -16.59 -56.82 -11.70
CA SER G 104 -16.84 -55.38 -11.53
C SER G 104 -18.33 -55.06 -11.61
N GLU G 105 -19.15 -55.92 -11.01
CA GLU G 105 -20.59 -55.72 -11.00
C GLU G 105 -20.93 -54.38 -10.34
N ALA G 106 -21.91 -53.70 -10.90
CA ALA G 106 -22.22 -52.32 -10.52
C ALA G 106 -23.65 -52.23 -9.99
N TYR G 107 -24.05 -50.99 -9.65
CA TYR G 107 -25.36 -50.71 -9.12
C TYR G 107 -25.60 -49.21 -9.10
N VAL G 108 -26.76 -48.76 -9.56
CA VAL G 108 -27.16 -47.36 -9.45
C VAL G 108 -28.45 -47.29 -8.65
N GLU G 109 -28.54 -46.29 -7.79
CA GLU G 109 -29.69 -46.12 -6.90
C GLU G 109 -29.90 -44.62 -6.69
N ARG G 110 -30.64 -44.27 -5.66
CA ARG G 110 -31.11 -42.90 -5.47
C ARG G 110 -30.52 -42.29 -4.21
N SER G 111 -30.43 -40.97 -4.20
CA SER G 111 -29.87 -40.26 -3.05
C SER G 111 -30.88 -40.23 -1.92
N GLU G 112 -30.51 -39.57 -0.82
CA GLU G 112 -31.33 -39.52 0.38
C GLU G 112 -31.96 -38.16 0.63
N GLU G 113 -31.39 -37.10 0.05
CA GLU G 113 -32.11 -35.83 0.00
C GLU G 113 -33.46 -36.00 -0.64
N CYS G 114 -33.58 -36.95 -1.58
CA CYS G 114 -34.84 -37.27 -2.23
C CYS G 114 -35.99 -37.29 -1.24
N SER G 115 -35.79 -37.97 -0.11
CA SER G 115 -36.74 -37.89 0.99
C SER G 115 -37.04 -36.45 1.35
N ILE G 116 -36.00 -35.72 1.78
CA ILE G 116 -36.20 -34.33 2.17
C ILE G 116 -36.57 -33.49 0.96
N ASP G 117 -35.86 -33.70 -0.15
CA ASP G 117 -35.89 -32.76 -1.27
C ASP G 117 -35.84 -33.53 -2.57
N HIS G 118 -36.79 -33.26 -3.45
CA HIS G 118 -36.86 -33.92 -4.75
C HIS G 118 -37.65 -32.99 -5.66
N ALA G 119 -37.83 -33.40 -6.90
CA ALA G 119 -38.58 -32.52 -7.78
C ALA G 119 -40.06 -32.59 -7.45
N LYS G 120 -40.77 -31.55 -7.87
CA LYS G 120 -42.21 -31.46 -7.71
C LYS G 120 -42.74 -31.05 -9.08
N ALA G 121 -43.03 -32.05 -9.91
CA ALA G 121 -43.37 -31.83 -11.31
C ALA G 121 -44.87 -32.03 -11.49
N TYR G 122 -45.52 -31.03 -12.07
CA TYR G 122 -46.96 -30.91 -11.99
C TYR G 122 -47.61 -30.79 -13.35
N LYS G 123 -48.82 -31.33 -13.44
CA LYS G 123 -49.77 -30.93 -14.46
C LYS G 123 -50.82 -30.06 -13.77
N VAL G 124 -51.08 -28.88 -14.34
CA VAL G 124 -51.93 -27.88 -13.71
C VAL G 124 -53.16 -27.71 -14.58
N HIS G 125 -54.33 -27.87 -13.98
CA HIS G 125 -55.58 -27.94 -14.71
C HIS G 125 -56.41 -26.71 -14.39
N THR G 126 -57.65 -26.72 -14.88
CA THR G 126 -58.51 -25.54 -14.84
C THR G 126 -58.70 -25.00 -13.42
N GLY G 127 -59.35 -25.77 -12.56
CA GLY G 127 -59.58 -25.30 -11.22
C GLY G 127 -60.43 -24.04 -11.12
N THR G 128 -60.37 -23.44 -9.93
CA THR G 128 -61.32 -22.41 -9.54
C THR G 128 -60.61 -21.11 -9.14
N VAL G 129 -61.44 -20.14 -8.81
CA VAL G 129 -61.03 -18.86 -8.24
C VAL G 129 -61.97 -18.54 -7.10
N GLN G 130 -61.43 -17.98 -6.03
CA GLN G 130 -62.27 -17.38 -5.02
C GLN G 130 -61.51 -16.20 -4.41
N ALA G 131 -62.06 -15.65 -3.34
CA ALA G 131 -61.60 -14.35 -2.88
C ALA G 131 -62.28 -14.02 -1.55
N MET G 132 -61.62 -13.17 -0.77
CA MET G 132 -62.20 -12.67 0.47
C MET G 132 -62.46 -11.17 0.34
N VAL G 133 -63.51 -10.73 1.02
CA VAL G 133 -63.96 -9.35 1.00
C VAL G 133 -64.20 -8.92 2.44
N ASN G 134 -64.44 -7.62 2.62
CA ASN G 134 -64.99 -7.12 3.87
C ASN G 134 -66.17 -6.22 3.55
N ILE G 135 -67.30 -6.48 4.20
CA ILE G 135 -68.47 -5.61 4.09
C ILE G 135 -68.62 -4.86 5.39
N THR G 136 -68.73 -3.53 5.28
CA THR G 136 -69.06 -2.66 6.40
C THR G 136 -70.19 -1.76 5.92
N TYR G 137 -71.40 -2.32 5.86
CA TYR G 137 -72.48 -1.63 5.21
C TYR G 137 -73.28 -0.81 6.22
N GLY G 138 -74.14 0.06 5.70
CA GLY G 138 -75.28 0.56 6.46
C GLY G 138 -74.94 0.90 7.89
N SER G 139 -75.46 0.10 8.81
CA SER G 139 -75.10 0.14 10.22
C SER G 139 -74.10 -0.94 10.60
N VAL G 140 -73.51 -1.64 9.63
CA VAL G 140 -72.69 -2.81 9.91
C VAL G 140 -71.22 -2.42 9.85
N SER G 141 -70.41 -3.03 10.72
CA SER G 141 -68.98 -2.80 10.85
C SER G 141 -68.22 -3.78 9.96
N TRP G 142 -66.91 -3.93 10.20
CA TRP G 142 -66.10 -4.85 9.42
C TRP G 142 -66.67 -6.27 9.47
N ARG G 143 -67.16 -6.74 8.33
CA ARG G 143 -67.59 -8.13 8.19
C ARG G 143 -66.82 -8.70 7.01
N SER G 144 -65.65 -9.27 7.30
CA SER G 144 -64.82 -9.82 6.24
C SER G 144 -65.34 -11.18 5.83
N ALA G 145 -65.57 -11.36 4.53
CA ALA G 145 -66.22 -12.55 4.02
C ALA G 145 -65.48 -13.04 2.79
N ASP G 146 -65.48 -14.36 2.62
CA ASP G 146 -64.73 -15.03 1.56
C ASP G 146 -65.67 -15.95 0.79
N VAL G 147 -65.52 -15.98 -0.53
CA VAL G 147 -66.38 -16.83 -1.35
C VAL G 147 -65.82 -17.00 -2.76
N TYR G 148 -66.30 -18.02 -3.46
CA TYR G 148 -65.86 -18.41 -4.78
C TYR G 148 -66.42 -17.50 -5.87
N VAL G 149 -65.70 -17.45 -7.00
CA VAL G 149 -65.98 -16.47 -8.04
C VAL G 149 -67.34 -16.72 -8.67
N ASN G 150 -67.74 -17.99 -8.79
CA ASN G 150 -68.91 -18.39 -9.55
C ASN G 150 -70.10 -17.47 -9.32
N GLY G 151 -70.76 -17.10 -10.42
CA GLY G 151 -71.90 -16.19 -10.34
C GLY G 151 -73.11 -16.78 -9.68
N GLU G 152 -72.96 -17.96 -9.10
CA GLU G 152 -74.06 -18.66 -8.46
C GLU G 152 -74.04 -18.60 -6.95
N THR G 153 -72.84 -18.54 -6.35
CA THR G 153 -72.63 -18.82 -4.93
C THR G 153 -73.65 -18.13 -4.04
N PRO G 154 -74.57 -18.88 -3.44
CA PRO G 154 -75.49 -18.30 -2.45
C PRO G 154 -74.89 -18.31 -1.06
N ALA G 155 -74.48 -17.15 -0.55
CA ALA G 155 -73.84 -17.06 0.75
C ALA G 155 -74.53 -15.98 1.57
N LYS G 156 -74.95 -16.32 2.77
CA LYS G 156 -75.62 -15.39 3.66
C LYS G 156 -74.75 -15.10 4.87
N ILE G 157 -74.43 -13.83 5.08
CA ILE G 157 -73.77 -13.38 6.29
C ILE G 157 -74.65 -12.30 6.89
N GLY G 158 -75.07 -12.50 8.15
CA GLY G 158 -76.09 -11.65 8.71
C GLY G 158 -77.31 -11.65 7.83
N ASP G 159 -77.57 -10.52 7.19
CA ASP G 159 -78.64 -10.42 6.20
C ASP G 159 -78.11 -10.35 4.77
N ALA G 160 -76.81 -10.53 4.56
CA ALA G 160 -76.21 -10.34 3.25
C ALA G 160 -76.18 -11.67 2.50
N LYS G 161 -77.16 -11.90 1.65
CA LYS G 161 -77.15 -13.07 0.77
C LYS G 161 -76.22 -12.75 -0.39
N LEU G 162 -74.95 -13.07 -0.20
CA LEU G 162 -73.94 -12.81 -1.20
C LEU G 162 -74.12 -13.70 -2.42
N ILE G 163 -74.11 -13.09 -3.60
CA ILE G 163 -73.92 -13.80 -4.86
C ILE G 163 -72.85 -13.02 -5.61
N ILE G 164 -71.81 -13.72 -6.09
CA ILE G 164 -70.56 -13.10 -6.48
C ILE G 164 -70.31 -13.34 -7.95
N GLY G 165 -70.05 -12.26 -8.69
CA GLY G 165 -69.55 -12.34 -10.04
C GLY G 165 -70.39 -13.17 -10.98
N PRO G 166 -69.74 -14.02 -11.79
CA PRO G 166 -68.29 -14.24 -11.74
C PRO G 166 -67.51 -13.12 -12.42
N LEU G 167 -66.20 -13.09 -12.20
CA LEU G 167 -65.38 -12.00 -12.69
C LEU G 167 -65.42 -11.92 -14.20
N SER G 168 -65.49 -10.68 -14.71
CA SER G 168 -65.34 -10.43 -16.14
C SER G 168 -64.07 -11.08 -16.69
N SER G 169 -62.91 -10.72 -16.14
CA SER G 169 -61.66 -11.29 -16.59
C SER G 169 -61.60 -12.78 -16.25
N ALA G 170 -60.88 -13.53 -17.07
CA ALA G 170 -60.92 -14.99 -17.01
C ALA G 170 -59.54 -15.63 -17.18
N TRP G 171 -58.52 -15.11 -16.50
CA TRP G 171 -57.22 -15.73 -16.64
C TRP G 171 -56.31 -15.38 -15.46
N SER G 172 -55.44 -16.33 -15.12
CA SER G 172 -54.32 -16.13 -14.22
C SER G 172 -53.06 -16.65 -14.87
N PRO G 173 -51.92 -16.00 -14.66
CA PRO G 173 -50.69 -16.51 -15.26
C PRO G 173 -50.23 -17.78 -14.57
N PHE G 174 -50.50 -18.91 -15.21
CA PHE G 174 -50.09 -20.21 -14.73
C PHE G 174 -49.60 -21.02 -15.93
N ASP G 175 -49.38 -22.31 -15.72
CA ASP G 175 -49.14 -23.23 -16.82
C ASP G 175 -49.33 -24.65 -16.31
N ASN G 176 -49.78 -25.52 -17.21
CA ASN G 176 -49.97 -26.92 -16.85
C ASN G 176 -48.70 -27.53 -16.31
N LYS G 177 -47.57 -27.27 -16.96
CA LYS G 177 -46.31 -27.90 -16.60
C LYS G 177 -45.48 -26.87 -15.85
N VAL G 178 -45.62 -26.86 -14.52
CA VAL G 178 -44.87 -25.97 -13.66
C VAL G 178 -44.33 -26.78 -12.50
N VAL G 179 -43.06 -26.59 -12.18
CA VAL G 179 -42.40 -27.35 -11.13
C VAL G 179 -42.00 -26.41 -10.00
N VAL G 180 -41.50 -27.00 -8.93
CA VAL G 180 -41.23 -26.24 -7.71
C VAL G 180 -40.24 -26.99 -6.83
N TYR G 181 -39.27 -26.27 -6.30
CA TYR G 181 -38.52 -26.68 -5.12
C TYR G 181 -38.83 -25.67 -4.03
N GLY G 182 -38.53 -26.05 -2.78
CA GLY G 182 -38.63 -25.14 -1.66
C GLY G 182 -39.83 -24.22 -1.71
N HIS G 183 -39.62 -22.94 -1.38
CA HIS G 183 -40.65 -21.94 -1.61
C HIS G 183 -40.77 -21.59 -3.08
N GLU G 184 -39.67 -21.68 -3.83
CA GLU G 184 -39.64 -21.26 -5.21
C GLU G 184 -40.53 -22.16 -6.06
N VAL G 185 -40.74 -21.76 -7.31
CA VAL G 185 -41.61 -22.50 -8.20
C VAL G 185 -41.30 -22.04 -9.62
N TYR G 186 -41.37 -22.97 -10.57
CA TYR G 186 -40.88 -22.69 -11.91
C TYR G 186 -41.73 -23.42 -12.93
N ASN G 187 -42.14 -22.70 -13.97
CA ASN G 187 -42.69 -23.38 -15.13
C ASN G 187 -41.54 -24.14 -15.77
N TYR G 188 -41.48 -25.45 -15.55
CA TYR G 188 -40.69 -26.30 -16.41
C TYR G 188 -41.56 -26.64 -17.61
N ASP G 189 -41.09 -26.22 -18.79
CA ASP G 189 -41.81 -26.44 -20.04
C ASP G 189 -42.50 -27.79 -20.06
N PHE G 190 -41.75 -28.82 -19.78
CA PHE G 190 -42.28 -30.16 -19.58
C PHE G 190 -41.24 -30.96 -18.84
N PRO G 191 -41.58 -31.56 -17.73
CA PRO G 191 -40.67 -32.52 -17.10
C PRO G 191 -40.78 -33.85 -17.82
N GLU G 192 -39.71 -34.24 -18.51
CA GLU G 192 -39.76 -35.36 -19.44
C GLU G 192 -39.88 -36.64 -18.62
N TYR G 193 -41.12 -36.93 -18.21
CA TYR G 193 -41.39 -37.91 -17.18
C TYR G 193 -40.90 -39.30 -17.56
N GLY G 194 -41.51 -39.91 -18.58
CA GLY G 194 -41.10 -41.25 -18.96
C GLY G 194 -39.73 -41.28 -19.63
N THR G 195 -39.38 -40.20 -20.31
CA THR G 195 -38.19 -40.17 -21.16
C THR G 195 -36.98 -39.80 -20.31
N GLY G 196 -36.07 -40.76 -20.14
CA GLY G 196 -34.81 -40.48 -19.48
C GLY G 196 -34.00 -39.45 -20.25
N LYS G 197 -33.92 -38.24 -19.73
CA LYS G 197 -33.23 -37.15 -20.41
C LYS G 197 -31.74 -37.21 -20.15
N ALA G 198 -31.13 -38.39 -20.35
CA ALA G 198 -29.72 -38.62 -20.06
C ALA G 198 -29.37 -38.27 -18.62
N GLY G 199 -30.38 -38.17 -17.76
CA GLY G 199 -30.20 -37.60 -16.44
C GLY G 199 -29.91 -36.12 -16.43
N SER G 200 -29.98 -35.47 -17.59
CA SER G 200 -29.67 -34.04 -17.67
C SER G 200 -30.65 -33.22 -16.84
N PHE G 201 -31.93 -33.60 -16.85
CA PHE G 201 -32.88 -33.03 -15.91
C PHE G 201 -33.64 -34.16 -15.22
N GLY G 202 -33.89 -35.23 -15.95
CA GLY G 202 -34.51 -36.40 -15.38
C GLY G 202 -33.48 -37.28 -14.70
N ASP G 203 -32.72 -36.70 -13.78
CA ASP G 203 -31.70 -37.49 -13.08
C ASP G 203 -32.35 -38.60 -12.27
N LEU G 204 -33.51 -38.34 -11.69
CA LEU G 204 -34.31 -39.36 -11.02
C LEU G 204 -35.64 -39.44 -11.75
N GLN G 205 -35.70 -40.31 -12.76
CA GLN G 205 -36.89 -40.44 -13.59
C GLN G 205 -37.87 -41.38 -12.91
N SER G 206 -38.64 -40.85 -11.95
CA SER G 206 -39.52 -41.67 -11.13
C SER G 206 -40.86 -41.00 -10.90
N ARG G 207 -41.92 -41.80 -10.90
CA ARG G 207 -43.27 -41.29 -10.65
C ARG G 207 -43.37 -40.60 -9.30
N THR G 208 -42.86 -41.23 -8.25
CA THR G 208 -42.95 -40.69 -6.90
C THR G 208 -41.62 -40.91 -6.21
N SER G 209 -41.55 -40.44 -4.95
CA SER G 209 -40.45 -40.82 -4.09
C SER G 209 -40.42 -42.33 -3.88
N THR G 210 -41.56 -42.90 -3.48
CA THR G 210 -41.64 -44.33 -3.26
C THR G 210 -41.75 -45.13 -4.55
N SER G 211 -42.16 -44.50 -5.65
CA SER G 211 -42.12 -45.18 -6.94
C SER G 211 -40.66 -45.43 -7.29
N ASN G 212 -40.21 -46.66 -7.16
CA ASN G 212 -38.82 -47.00 -7.41
C ASN G 212 -38.61 -47.41 -8.85
N ASP G 213 -39.13 -46.58 -9.75
CA ASP G 213 -39.05 -46.79 -11.20
C ASP G 213 -38.10 -45.73 -11.74
N LEU G 214 -36.84 -46.11 -11.99
CA LEU G 214 -35.84 -45.15 -12.45
C LEU G 214 -35.64 -45.33 -13.95
N TYR G 215 -36.52 -44.69 -14.72
CA TYR G 215 -36.37 -44.69 -16.17
C TYR G 215 -35.41 -43.57 -16.56
N ALA G 216 -34.24 -43.56 -15.93
CA ALA G 216 -33.20 -42.57 -16.18
C ALA G 216 -31.90 -43.29 -16.49
N ASN G 217 -30.98 -42.57 -17.11
CA ASN G 217 -29.69 -43.13 -17.51
C ASN G 217 -28.57 -42.23 -17.05
N THR G 218 -27.85 -42.66 -16.01
CA THR G 218 -26.56 -42.06 -15.69
C THR G 218 -25.48 -42.49 -16.66
N ASN G 219 -25.81 -43.32 -17.64
CA ASN G 219 -24.87 -43.76 -18.65
C ASN G 219 -23.64 -44.36 -17.99
N LEU G 220 -23.88 -45.17 -16.96
CA LEU G 220 -22.81 -45.80 -16.22
C LEU G 220 -22.05 -46.76 -17.11
N LYS G 221 -20.74 -46.58 -17.19
CA LYS G 221 -19.87 -47.47 -17.93
C LYS G 221 -18.66 -47.80 -17.07
N LEU G 222 -18.29 -49.07 -17.05
CA LEU G 222 -17.18 -49.53 -16.22
C LEU G 222 -15.87 -49.41 -16.98
N GLN G 223 -14.79 -49.27 -16.22
CA GLN G 223 -13.45 -49.34 -16.77
C GLN G 223 -12.76 -50.55 -16.16
N ARG G 224 -11.70 -51.01 -16.82
CA ARG G 224 -11.06 -52.23 -16.36
C ARG G 224 -10.29 -51.99 -15.09
N PRO G 225 -10.59 -52.69 -14.00
CA PRO G 225 -9.68 -52.69 -12.85
C PRO G 225 -8.34 -53.27 -13.24
N GLN G 226 -7.28 -52.68 -12.68
CA GLN G 226 -5.93 -52.92 -13.17
C GLN G 226 -4.95 -52.55 -12.06
N ALA G 227 -3.67 -52.51 -12.41
CA ALA G 227 -2.59 -52.08 -11.52
C ALA G 227 -2.54 -52.90 -10.24
N GLY G 228 -3.03 -54.14 -10.28
CA GLY G 228 -3.09 -54.95 -9.09
C GLY G 228 -4.05 -54.38 -8.06
N ILE G 229 -4.83 -53.39 -8.46
CA ILE G 229 -5.75 -52.70 -7.56
C ILE G 229 -7.12 -53.36 -7.66
N VAL G 230 -7.65 -53.78 -6.53
CA VAL G 230 -9.03 -54.25 -6.46
C VAL G 230 -9.93 -53.01 -6.44
N HIS G 231 -10.64 -52.78 -7.53
CA HIS G 231 -11.50 -51.62 -7.63
C HIS G 231 -12.40 -51.82 -8.83
N THR G 232 -13.32 -50.88 -9.03
CA THR G 232 -14.23 -50.88 -10.18
C THR G 232 -14.15 -49.51 -10.84
N PRO G 233 -13.06 -49.22 -11.54
CA PRO G 233 -13.00 -47.99 -12.32
C PRO G 233 -14.14 -47.98 -13.33
N PHE G 234 -14.70 -46.82 -13.57
CA PHE G 234 -15.95 -46.75 -14.29
C PHE G 234 -16.17 -45.30 -14.71
N THR G 235 -17.34 -45.05 -15.30
CA THR G 235 -17.81 -43.71 -15.55
C THR G 235 -19.33 -43.75 -15.58
N GLN G 236 -19.92 -42.58 -15.39
CA GLN G 236 -21.37 -42.41 -15.40
C GLN G 236 -21.64 -40.93 -15.53
N VAL G 237 -22.90 -40.53 -15.45
CA VAL G 237 -23.25 -39.14 -15.71
C VAL G 237 -23.28 -38.37 -14.39
N PRO G 238 -22.81 -37.13 -14.37
CA PRO G 238 -23.03 -36.29 -13.20
C PRO G 238 -24.49 -35.94 -13.08
N SER G 239 -24.89 -35.58 -11.86
CA SER G 239 -26.31 -35.37 -11.59
C SER G 239 -26.80 -34.14 -12.36
N GLY G 240 -27.32 -34.38 -13.56
CA GLY G 240 -27.65 -33.28 -14.46
C GLY G 240 -28.68 -32.33 -13.89
N PHE G 241 -29.75 -32.88 -13.31
CA PHE G 241 -30.76 -32.03 -12.70
C PHE G 241 -30.14 -31.15 -11.63
N GLU G 242 -29.15 -31.66 -10.91
CA GLU G 242 -28.37 -30.82 -10.02
C GLU G 242 -27.58 -29.76 -10.79
N ARG G 243 -26.97 -30.18 -11.90
CA ARG G 243 -26.27 -29.22 -12.75
C ARG G 243 -27.17 -28.05 -13.08
N TRP G 244 -28.44 -28.32 -13.38
CA TRP G 244 -29.41 -27.23 -13.49
C TRP G 244 -29.64 -26.56 -12.14
N LYS G 245 -29.61 -27.33 -11.06
CA LYS G 245 -29.78 -26.70 -9.75
C LYS G 245 -28.69 -25.68 -9.50
N LYS G 246 -27.67 -25.63 -10.36
CA LYS G 246 -26.86 -24.44 -10.52
C LYS G 246 -27.49 -23.40 -11.43
N ASP G 247 -28.28 -23.82 -12.42
CA ASP G 247 -28.82 -22.91 -13.42
C ASP G 247 -30.29 -22.56 -13.16
N LYS G 248 -30.70 -22.58 -11.91
CA LYS G 248 -32.06 -22.18 -11.58
C LYS G 248 -32.28 -20.71 -11.91
N GLY G 249 -33.52 -20.36 -12.23
CA GLY G 249 -33.80 -19.02 -12.70
C GLY G 249 -34.71 -18.21 -11.80
N ALA G 250 -35.57 -17.39 -12.40
CA ALA G 250 -36.45 -16.50 -11.66
C ALA G 250 -37.79 -17.17 -11.44
N PRO G 251 -38.19 -17.45 -10.20
CA PRO G 251 -39.49 -18.08 -9.97
C PRO G 251 -40.63 -17.20 -10.46
N LEU G 252 -41.70 -17.86 -10.89
CA LEU G 252 -42.81 -17.16 -11.51
C LEU G 252 -43.44 -16.14 -10.57
N ASN G 253 -43.59 -16.51 -9.30
CA ASN G 253 -44.10 -15.58 -8.30
C ASN G 253 -43.36 -14.27 -8.35
N ASP G 254 -42.05 -14.33 -8.59
CA ASP G 254 -41.24 -13.13 -8.72
C ASP G 254 -41.47 -12.43 -10.06
N VAL G 255 -42.05 -13.14 -11.03
CA VAL G 255 -42.32 -12.55 -12.33
C VAL G 255 -43.80 -12.24 -12.51
N ALA G 256 -44.64 -12.62 -11.56
CA ALA G 256 -46.07 -12.46 -11.71
C ALA G 256 -46.43 -10.99 -11.84
N PRO G 257 -47.07 -10.57 -12.93
CA PRO G 257 -47.45 -9.16 -13.07
C PRO G 257 -48.61 -8.80 -12.15
N PHE G 258 -49.14 -7.59 -12.33
CA PHE G 258 -50.22 -7.06 -11.48
C PHE G 258 -49.80 -7.09 -10.01
N GLY G 259 -48.49 -6.98 -9.78
CA GLY G 259 -47.92 -6.88 -8.46
C GLY G 259 -48.54 -7.80 -7.44
N CYS G 260 -48.89 -9.01 -7.87
CA CYS G 260 -49.64 -9.91 -7.01
C CYS G 260 -48.91 -11.25 -6.94
N SER G 261 -49.33 -12.08 -5.97
CA SER G 261 -48.51 -13.19 -5.55
C SER G 261 -49.28 -14.52 -5.59
N ILE G 262 -48.67 -15.56 -5.03
CA ILE G 262 -49.16 -16.92 -5.18
C ILE G 262 -49.17 -17.61 -3.82
N ALA G 263 -50.09 -18.56 -3.66
CA ALA G 263 -50.14 -19.40 -2.49
C ALA G 263 -49.64 -20.80 -2.82
N LEU G 264 -48.90 -21.39 -1.89
CA LEU G 264 -48.22 -22.65 -2.13
C LEU G 264 -49.18 -23.81 -2.41
N GLU G 265 -50.00 -24.16 -1.42
CA GLU G 265 -50.75 -25.42 -1.53
C GLU G 265 -51.77 -25.42 -2.67
N PRO G 266 -52.59 -24.40 -2.89
CA PRO G 266 -53.60 -24.48 -3.95
C PRO G 266 -53.18 -23.84 -5.26
N LEU G 267 -51.95 -23.34 -5.35
CA LEU G 267 -51.56 -22.40 -6.40
C LEU G 267 -52.52 -21.23 -6.44
N ARG G 268 -53.01 -20.83 -5.28
CA ARG G 268 -53.89 -19.67 -5.19
C ARG G 268 -53.11 -18.43 -5.64
N ALA G 269 -53.47 -17.88 -6.79
CA ALA G 269 -52.98 -16.56 -7.16
C ALA G 269 -53.56 -15.56 -6.19
N GLU G 270 -52.79 -14.52 -5.87
CA GLU G 270 -53.14 -13.64 -4.77
C GLU G 270 -53.28 -12.21 -5.25
N ASN G 271 -54.51 -11.86 -5.65
CA ASN G 271 -54.95 -10.47 -5.75
C ASN G 271 -54.26 -9.70 -6.89
N CYS G 272 -54.32 -10.27 -8.08
CA CYS G 272 -54.04 -9.52 -9.31
C CYS G 272 -55.33 -8.79 -9.69
N ALA G 273 -55.48 -7.57 -9.19
CA ALA G 273 -56.76 -6.86 -9.18
C ALA G 273 -57.11 -6.37 -10.59
N VAL G 274 -57.69 -7.27 -11.39
CA VAL G 274 -58.13 -6.96 -12.74
C VAL G 274 -59.56 -7.46 -12.93
N GLY G 275 -60.38 -6.65 -13.60
CA GLY G 275 -61.71 -7.07 -14.00
C GLY G 275 -62.80 -6.41 -13.19
N SER G 276 -64.04 -6.85 -13.45
CA SER G 276 -65.20 -6.38 -12.72
C SER G 276 -66.06 -7.56 -12.29
N ILE G 277 -66.75 -7.40 -11.17
CA ILE G 277 -67.42 -8.52 -10.53
C ILE G 277 -68.90 -8.23 -10.37
N PRO G 278 -69.76 -8.90 -11.12
CA PRO G 278 -71.21 -8.75 -10.92
C PRO G 278 -71.71 -9.42 -9.66
N ILE G 279 -71.63 -8.71 -8.54
CA ILE G 279 -72.06 -9.24 -7.26
C ILE G 279 -73.54 -9.02 -7.08
N SER G 280 -74.16 -9.84 -6.22
CA SER G 280 -75.57 -9.72 -5.90
C SER G 280 -75.76 -10.07 -4.43
N ILE G 281 -76.28 -9.12 -3.66
CA ILE G 281 -76.38 -9.28 -2.21
C ILE G 281 -77.77 -8.88 -1.75
N ASP G 282 -78.35 -9.69 -0.87
CA ASP G 282 -79.60 -9.31 -0.22
C ASP G 282 -79.31 -8.42 0.98
N ILE G 283 -80.20 -7.48 1.24
CA ILE G 283 -80.07 -6.55 2.35
C ILE G 283 -81.29 -6.72 3.24
N PRO G 284 -81.18 -6.36 4.51
CA PRO G 284 -82.38 -6.35 5.35
C PRO G 284 -83.29 -5.19 4.98
N ASP G 285 -84.40 -5.50 4.31
CA ASP G 285 -85.39 -4.45 4.05
C ASP G 285 -85.98 -3.92 5.34
N ALA G 286 -85.89 -4.69 6.42
CA ALA G 286 -86.27 -4.19 7.74
C ALA G 286 -85.34 -3.08 8.19
N ALA G 287 -84.06 -3.14 7.80
CA ALA G 287 -83.12 -2.10 8.16
C ALA G 287 -83.51 -0.75 7.56
N PHE G 288 -84.39 -0.76 6.56
CA PHE G 288 -84.95 0.47 6.03
C PHE G 288 -85.77 1.20 7.09
N THR G 289 -86.16 2.42 6.76
CA THR G 289 -87.17 3.15 7.51
C THR G 289 -88.01 3.91 6.50
N ARG G 290 -88.79 4.87 6.97
CA ARG G 290 -89.66 5.62 6.09
C ARG G 290 -88.88 6.71 5.38
N ILE G 291 -89.57 7.60 4.70
CA ILE G 291 -88.94 8.70 3.99
C ILE G 291 -89.51 10.03 4.48
N SER G 292 -90.74 9.99 4.97
CA SER G 292 -91.41 11.21 5.43
C SER G 292 -91.03 11.60 6.84
N GLU G 293 -90.77 10.61 7.70
CA GLU G 293 -90.36 10.88 9.08
C GLU G 293 -89.01 11.59 9.15
N THR G 294 -88.27 11.65 8.06
CA THR G 294 -86.90 12.10 8.09
C THR G 294 -86.81 13.61 8.30
N PRO G 295 -85.79 14.06 9.04
CA PRO G 295 -85.37 15.47 8.95
C PRO G 295 -85.07 15.84 7.50
N THR G 296 -85.84 16.77 6.97
CA THR G 296 -85.84 17.03 5.54
C THR G 296 -84.77 18.03 5.14
N VAL G 297 -84.35 17.94 3.88
CA VAL G 297 -83.40 18.87 3.28
C VAL G 297 -84.09 20.20 3.00
N SER G 298 -83.29 21.22 2.72
CA SER G 298 -83.76 22.55 2.34
C SER G 298 -82.56 23.31 1.80
N ASP G 299 -82.74 24.59 1.53
CA ASP G 299 -81.68 25.61 1.55
C ASP G 299 -80.33 25.07 1.07
N LEU G 300 -80.35 24.40 -0.08
CA LEU G 300 -79.16 23.71 -0.58
C LEU G 300 -78.13 24.69 -1.13
N GLU G 301 -76.88 24.54 -0.68
CA GLU G 301 -75.74 25.24 -1.26
C GLU G 301 -74.47 24.64 -0.65
N CYS G 302 -73.45 24.46 -1.50
CA CYS G 302 -72.14 24.01 -1.05
C CYS G 302 -71.06 24.93 -1.59
N LYS G 303 -70.10 25.24 -0.73
CA LYS G 303 -68.95 26.06 -1.10
C LYS G 303 -67.80 25.15 -1.50
N ILE G 304 -67.27 25.39 -2.70
CA ILE G 304 -66.09 24.67 -3.16
C ILE G 304 -64.86 25.36 -2.58
N THR G 305 -64.40 24.92 -1.41
CA THR G 305 -63.28 25.59 -0.78
C THR G 305 -62.00 25.45 -1.61
N GLU G 306 -61.48 24.23 -1.73
CA GLU G 306 -60.30 24.00 -2.55
C GLU G 306 -59.95 22.52 -2.65
N CYS G 307 -59.37 22.12 -3.78
CA CYS G 307 -58.73 20.82 -3.93
C CYS G 307 -57.49 20.98 -4.79
N THR G 308 -56.45 20.23 -4.45
CA THR G 308 -55.28 20.06 -5.31
C THR G 308 -55.24 18.61 -5.76
N TYR G 309 -55.07 18.39 -7.07
CA TYR G 309 -55.17 17.04 -7.59
C TYR G 309 -54.00 16.21 -7.07
N ALA G 310 -54.29 15.33 -6.11
CA ALA G 310 -53.29 14.49 -5.47
C ALA G 310 -53.98 13.19 -5.08
N PHE G 311 -53.16 12.20 -4.71
CA PHE G 311 -53.70 10.87 -4.42
C PHE G 311 -54.66 10.90 -3.23
N ASP G 312 -54.15 11.25 -2.06
CA ASP G 312 -54.97 11.40 -0.86
C ASP G 312 -56.17 12.28 -1.19
N PHE G 313 -57.26 12.19 -0.43
CA PHE G 313 -58.44 12.94 -0.84
C PHE G 313 -58.16 14.43 -0.63
N GLY G 314 -57.17 14.92 -1.38
CA GLY G 314 -56.57 16.21 -1.15
C GLY G 314 -57.40 17.37 -1.63
N GLY G 315 -58.66 17.40 -1.21
CA GLY G 315 -59.48 18.55 -1.47
C GLY G 315 -60.61 18.70 -0.48
N ILE G 316 -60.73 19.89 0.08
CA ILE G 316 -61.71 20.19 1.11
C ILE G 316 -62.67 21.22 0.55
N ALA G 317 -63.97 21.00 0.78
CA ALA G 317 -64.98 21.98 0.41
C ALA G 317 -66.13 21.84 1.38
N THR G 318 -66.91 22.91 1.51
CA THR G 318 -67.95 22.96 2.52
C THR G 318 -69.31 23.23 1.90
N VAL G 319 -70.30 23.36 2.77
CA VAL G 319 -71.66 23.69 2.37
C VAL G 319 -72.16 24.82 3.25
N ALA G 320 -73.18 25.51 2.75
CA ALA G 320 -73.90 26.53 3.49
C ALA G 320 -75.38 26.26 3.29
N TYR G 321 -76.12 26.13 4.38
CA TYR G 321 -77.42 25.49 4.26
C TYR G 321 -78.22 25.71 5.53
N LYS G 322 -79.54 25.57 5.41
CA LYS G 322 -80.47 25.57 6.52
C LYS G 322 -81.38 24.36 6.40
N SER G 323 -81.59 23.68 7.52
CA SER G 323 -82.30 22.41 7.54
C SER G 323 -83.75 22.57 7.95
N SER G 324 -84.55 21.55 7.60
CA SER G 324 -85.90 21.45 8.16
C SER G 324 -85.82 21.16 9.64
N LYS G 325 -85.05 20.15 10.03
CA LYS G 325 -84.74 19.89 11.43
C LYS G 325 -83.44 19.10 11.47
N ALA G 326 -82.78 19.13 12.63
CA ALA G 326 -81.46 18.54 12.76
C ALA G 326 -81.53 17.02 12.68
N GLY G 327 -80.36 16.40 12.62
CA GLY G 327 -80.25 14.96 12.66
C GLY G 327 -79.03 14.50 11.88
N ASN G 328 -79.23 13.43 11.11
CA ASN G 328 -78.18 12.84 10.30
C ASN G 328 -78.77 12.42 8.97
N CYS G 329 -77.90 12.35 7.95
CA CYS G 329 -78.33 11.95 6.62
C CYS G 329 -77.12 11.67 5.74
N PRO G 330 -77.17 10.62 4.92
CA PRO G 330 -75.98 10.24 4.14
C PRO G 330 -75.69 11.23 3.04
N ILE G 331 -74.41 11.27 2.66
CA ILE G 331 -73.95 12.07 1.53
C ILE G 331 -73.25 11.11 0.57
N HIS G 332 -74.01 10.55 -0.36
CA HIS G 332 -73.41 9.61 -1.30
C HIS G 332 -72.73 10.37 -2.42
N SER G 333 -71.74 9.73 -3.02
CA SER G 333 -71.08 10.30 -4.19
C SER G 333 -71.47 9.49 -5.42
N PRO G 334 -72.63 9.76 -6.03
CA PRO G 334 -72.94 9.10 -7.30
C PRO G 334 -71.90 9.38 -8.36
N SER G 335 -71.37 10.60 -8.35
CA SER G 335 -70.21 10.95 -9.17
C SER G 335 -69.01 11.01 -8.24
N GLY G 336 -68.22 9.95 -8.23
CA GLY G 336 -67.03 9.91 -7.39
C GLY G 336 -65.84 10.57 -8.04
N VAL G 337 -66.05 11.72 -8.67
CA VAL G 337 -64.97 12.41 -9.37
C VAL G 337 -63.98 12.92 -8.32
N ALA G 338 -64.42 13.84 -7.48
CA ALA G 338 -63.66 14.22 -6.31
C ALA G 338 -63.90 13.15 -5.26
N VAL G 339 -62.96 12.21 -5.11
CA VAL G 339 -63.27 11.00 -4.36
C VAL G 339 -63.42 11.39 -2.89
N ILE G 340 -64.67 11.47 -2.44
CA ILE G 340 -64.97 12.10 -1.17
C ILE G 340 -64.41 11.24 -0.04
N LYS G 341 -63.74 11.90 0.92
CA LYS G 341 -63.43 11.22 2.17
C LYS G 341 -64.70 10.71 2.84
N GLU G 342 -65.80 11.45 2.68
CA GLU G 342 -67.02 11.20 3.40
C GLU G 342 -68.05 10.51 2.53
N ASN G 343 -68.93 9.75 3.18
CA ASN G 343 -70.04 9.07 2.53
C ASN G 343 -71.36 9.29 3.26
N ASP G 344 -71.32 9.65 4.54
CA ASP G 344 -72.50 9.87 5.35
C ASP G 344 -72.08 10.77 6.50
N VAL G 345 -72.89 11.79 6.79
CA VAL G 345 -72.59 12.74 7.85
C VAL G 345 -73.86 13.04 8.61
N THR G 346 -73.69 13.54 9.83
CA THR G 346 -74.82 14.11 10.53
C THR G 346 -75.28 15.37 9.80
N LEU G 347 -76.57 15.65 9.90
CA LEU G 347 -77.16 16.85 9.30
C LEU G 347 -77.84 17.62 10.42
N ALA G 348 -77.07 18.44 11.12
CA ALA G 348 -77.66 19.32 12.12
C ALA G 348 -78.48 20.40 11.43
N GLU G 349 -79.29 21.09 12.23
CA GLU G 349 -80.05 22.21 11.71
C GLU G 349 -79.11 23.23 11.11
N SER G 350 -79.43 23.68 9.90
CA SER G 350 -78.52 24.51 9.10
C SER G 350 -77.18 23.81 8.92
N GLY G 351 -77.23 22.54 8.54
CA GLY G 351 -76.00 21.82 8.30
C GLY G 351 -75.19 22.53 7.22
N SER G 352 -74.19 23.28 7.65
CA SER G 352 -73.37 24.10 6.77
C SER G 352 -71.93 23.79 7.16
N PHE G 353 -71.36 22.80 6.51
CA PHE G 353 -70.12 22.18 6.96
C PHE G 353 -69.39 21.63 5.74
N THR G 354 -68.31 20.90 6.00
CA THR G 354 -67.33 20.61 4.96
C THR G 354 -67.12 19.11 4.80
N PHE G 355 -66.11 18.77 4.00
CA PHE G 355 -65.85 17.41 3.55
C PHE G 355 -64.54 17.42 2.78
N HIS G 356 -64.06 16.23 2.44
CA HIS G 356 -62.79 16.10 1.76
C HIS G 356 -62.90 15.07 0.64
N PHE G 357 -62.00 15.19 -0.33
CA PHE G 357 -62.17 14.53 -1.61
C PHE G 357 -60.92 14.70 -2.45
N SER G 358 -60.64 13.73 -3.31
CA SER G 358 -59.59 13.87 -4.31
C SER G 358 -60.16 13.68 -5.70
N THR G 359 -59.74 14.54 -6.62
CA THR G 359 -59.92 14.26 -8.03
C THR G 359 -58.62 14.61 -8.74
N ALA G 360 -58.34 13.89 -9.81
CA ALA G 360 -57.17 14.21 -10.62
C ALA G 360 -57.36 15.51 -11.39
N ASN G 361 -58.55 16.09 -11.34
CA ASN G 361 -58.88 17.25 -12.16
C ASN G 361 -57.97 18.42 -11.87
N ILE G 362 -57.63 19.16 -12.93
CA ILE G 362 -57.22 20.54 -12.75
C ILE G 362 -58.39 21.36 -12.23
N HIS G 363 -59.61 21.03 -12.69
CA HIS G 363 -60.84 21.51 -12.07
C HIS G 363 -62.05 20.77 -12.64
N PRO G 364 -62.96 20.32 -11.80
CA PRO G 364 -64.26 19.82 -12.29
C PRO G 364 -65.32 20.91 -12.34
N ALA G 365 -66.52 20.53 -12.75
CA ALA G 365 -67.72 21.35 -12.62
C ALA G 365 -68.90 20.52 -12.14
N PHE G 366 -68.62 19.46 -11.39
CA PHE G 366 -69.56 18.37 -11.20
C PHE G 366 -70.30 18.51 -9.88
N LYS G 367 -71.08 17.49 -9.53
CA LYS G 367 -71.95 17.50 -8.38
C LYS G 367 -72.18 16.06 -7.93
N LEU G 368 -72.81 15.91 -6.78
CA LEU G 368 -73.21 14.60 -6.28
C LEU G 368 -74.31 14.79 -5.24
N GLN G 369 -74.67 13.72 -4.57
CA GLN G 369 -75.87 13.69 -3.75
C GLN G 369 -75.56 13.89 -2.27
N VAL G 370 -76.57 14.34 -1.54
CA VAL G 370 -76.55 14.40 -0.08
C VAL G 370 -77.98 14.35 0.41
N CYS G 371 -78.25 13.42 1.33
CA CYS G 371 -79.56 13.31 1.98
C CYS G 371 -80.69 13.27 0.96
N THR G 372 -80.56 12.38 -0.02
CA THR G 372 -81.54 12.25 -1.09
C THR G 372 -81.75 13.57 -1.82
N SER G 373 -80.72 14.42 -1.82
CA SER G 373 -80.80 15.75 -2.42
C SER G 373 -79.45 16.03 -3.06
N ALA G 374 -79.38 15.83 -4.37
CA ALA G 374 -78.15 16.03 -5.11
C ALA G 374 -77.90 17.53 -5.28
N VAL G 375 -76.76 18.01 -4.78
CA VAL G 375 -76.42 19.42 -4.83
C VAL G 375 -75.11 19.59 -5.60
N THR G 376 -74.91 20.79 -6.12
CA THR G 376 -73.83 21.07 -7.06
C THR G 376 -72.76 21.94 -6.44
N CYS G 377 -71.53 21.44 -6.43
CA CYS G 377 -70.34 22.19 -6.03
C CYS G 377 -69.31 21.88 -7.11
N LYS G 378 -69.04 22.87 -7.98
CA LYS G 378 -68.44 22.56 -9.27
C LYS G 378 -67.04 21.95 -9.12
N GLY G 379 -66.18 22.57 -8.31
CA GLY G 379 -64.81 22.11 -8.18
C GLY G 379 -63.79 23.07 -8.75
N ASP G 380 -63.14 23.83 -7.87
CA ASP G 380 -62.26 24.91 -8.29
C ASP G 380 -61.01 24.36 -8.98
N CYS G 381 -60.17 25.27 -9.47
CA CYS G 381 -58.90 24.87 -10.06
C CYS G 381 -58.03 24.22 -9.00
N LYS G 382 -57.23 23.24 -9.44
CA LYS G 382 -56.51 22.40 -8.50
C LYS G 382 -55.02 22.47 -8.76
N PRO G 383 -54.21 22.70 -7.72
CA PRO G 383 -52.76 22.56 -7.85
C PRO G 383 -52.37 21.10 -8.01
N PRO G 384 -51.21 20.85 -8.59
CA PRO G 384 -50.58 19.53 -8.47
C PRO G 384 -50.01 19.35 -7.08
N LYS G 385 -49.26 18.28 -6.87
CA LYS G 385 -48.48 18.11 -5.64
C LYS G 385 -47.79 19.41 -5.23
N GLN G 394 -50.37 3.90 -5.42
CA GLN G 394 -50.92 4.03 -4.07
C GLN G 394 -52.43 3.93 -4.07
N HIS G 395 -53.08 4.76 -4.90
CA HIS G 395 -54.53 4.80 -4.92
C HIS G 395 -54.98 5.54 -6.18
N THR G 396 -56.28 5.43 -6.47
CA THR G 396 -56.85 5.89 -7.72
C THR G 396 -57.08 7.40 -7.71
N GLU G 397 -57.77 7.88 -8.75
CA GLU G 397 -58.25 9.25 -8.88
C GLU G 397 -59.51 9.20 -9.75
N SER G 398 -59.90 10.34 -10.32
CA SER G 398 -60.93 10.35 -11.35
C SER G 398 -60.33 10.17 -12.74
N PHE G 399 -59.43 11.08 -13.12
CA PHE G 399 -58.34 10.89 -14.09
C PHE G 399 -58.73 10.60 -15.54
N THR G 400 -60.00 10.40 -15.85
CA THR G 400 -60.32 10.02 -17.22
C THR G 400 -60.06 11.15 -18.20
N SER G 401 -60.84 12.23 -18.06
CA SER G 401 -60.58 13.47 -18.79
C SER G 401 -61.05 14.66 -17.97
N ALA G 402 -61.50 14.45 -16.74
CA ALA G 402 -62.10 15.45 -15.88
C ALA G 402 -61.12 16.55 -15.47
N ILE G 403 -59.89 16.50 -15.95
CA ILE G 403 -58.84 17.44 -15.55
C ILE G 403 -59.00 18.69 -16.39
N SER G 404 -60.13 18.79 -17.10
CA SER G 404 -60.43 19.91 -17.97
C SER G 404 -60.19 21.24 -17.28
N ALA G 405 -59.75 22.22 -18.06
CA ALA G 405 -59.45 23.55 -17.59
C ALA G 405 -60.08 24.58 -18.54
N THR G 406 -59.86 25.85 -18.21
CA THR G 406 -60.53 26.93 -18.93
C THR G 406 -60.08 27.02 -20.38
N ALA G 407 -58.77 27.10 -20.61
CA ALA G 407 -58.26 27.36 -21.95
C ALA G 407 -58.66 26.26 -22.92
N TRP G 408 -58.88 25.05 -22.42
CA TRP G 408 -59.22 23.93 -23.28
C TRP G 408 -60.57 24.17 -23.96
N SER G 409 -61.62 24.29 -23.15
CA SER G 409 -62.95 24.58 -23.69
C SER G 409 -63.01 25.95 -24.33
N TRP G 410 -62.04 26.83 -24.00
CA TRP G 410 -61.97 28.13 -24.68
C TRP G 410 -61.52 27.97 -26.12
N ILE G 411 -60.32 27.42 -26.31
CA ILE G 411 -59.71 27.38 -27.64
C ILE G 411 -60.44 26.39 -28.54
N LYS G 412 -60.95 25.29 -27.98
CA LYS G 412 -61.65 24.33 -28.83
C LYS G 412 -62.83 24.98 -29.53
N VAL G 413 -63.67 25.70 -28.77
CA VAL G 413 -64.81 26.36 -29.37
C VAL G 413 -64.36 27.54 -30.23
N LEU G 414 -63.28 28.23 -29.82
CA LEU G 414 -62.72 29.27 -30.66
C LEU G 414 -62.48 28.78 -32.09
N VAL G 415 -61.64 27.75 -32.20
CA VAL G 415 -61.22 27.28 -33.53
C VAL G 415 -62.40 26.67 -34.28
N GLY G 416 -63.24 25.89 -33.58
CA GLY G 416 -64.38 25.28 -34.26
C GLY G 416 -65.33 26.31 -34.83
N GLY G 417 -65.69 27.30 -34.02
CA GLY G 417 -66.59 28.35 -34.50
C GLY G 417 -65.99 29.16 -35.62
N THR G 418 -64.70 29.52 -35.51
CA THR G 418 -64.07 30.29 -36.58
C THR G 418 -64.14 29.54 -37.90
N SER G 419 -63.70 28.27 -37.91
CA SER G 419 -63.72 27.50 -39.14
C SER G 419 -65.14 27.36 -39.69
N ALA G 420 -66.08 27.02 -38.81
CA ALA G 420 -67.46 26.83 -39.27
C ALA G 420 -68.00 28.10 -39.90
N PHE G 421 -67.86 29.23 -39.22
CA PHE G 421 -68.45 30.47 -39.73
C PHE G 421 -67.82 30.89 -41.05
N ILE G 422 -66.49 30.79 -41.16
CA ILE G 422 -65.86 31.22 -42.40
C ILE G 422 -66.31 30.33 -43.55
N VAL G 423 -66.33 29.01 -43.36
CA VAL G 423 -66.75 28.15 -44.47
C VAL G 423 -68.22 28.38 -44.80
N LEU G 424 -69.04 28.74 -43.82
CA LEU G 424 -70.46 28.99 -44.09
C LEU G 424 -70.63 30.22 -44.97
N GLY G 425 -69.95 31.31 -44.64
CA GLY G 425 -69.97 32.47 -45.52
C GLY G 425 -69.47 32.12 -46.92
N LEU G 426 -68.42 31.31 -46.98
CA LEU G 426 -67.84 30.92 -48.25
C LEU G 426 -68.87 30.22 -49.14
N ILE G 427 -69.58 29.23 -48.59
CA ILE G 427 -70.58 28.53 -49.39
C ILE G 427 -71.72 29.48 -49.77
N ALA G 428 -72.13 30.35 -48.84
CA ALA G 428 -73.20 31.30 -49.14
C ALA G 428 -72.89 32.09 -50.42
N THR G 429 -71.66 32.60 -50.51
CA THR G 429 -71.24 33.46 -51.63
C THR G 429 -71.78 33.04 -52.99
N ALA G 430 -71.70 31.74 -53.29
CA ALA G 430 -72.00 31.26 -54.64
C ALA G 430 -73.43 31.56 -55.06
N VAL G 431 -74.40 30.99 -54.35
CA VAL G 431 -75.80 31.24 -54.67
C VAL G 431 -76.14 32.71 -54.47
N VAL G 432 -75.47 33.37 -53.51
CA VAL G 432 -75.67 34.80 -53.32
C VAL G 432 -75.42 35.54 -54.62
N ALA G 433 -74.35 35.18 -55.32
CA ALA G 433 -74.10 35.76 -56.64
C ALA G 433 -75.14 35.29 -57.64
N LEU G 434 -75.40 33.98 -57.68
CA LEU G 434 -76.13 33.39 -58.79
C LEU G 434 -77.57 33.88 -58.89
N VAL G 435 -78.17 34.26 -57.77
CA VAL G 435 -79.61 34.54 -57.76
C VAL G 435 -79.94 35.67 -58.72
N LEU G 436 -79.23 36.80 -58.63
CA LEU G 436 -79.55 37.92 -59.49
C LEU G 436 -79.20 37.64 -60.94
N PHE G 437 -78.18 36.81 -61.17
CA PHE G 437 -77.87 36.40 -62.53
C PHE G 437 -79.07 35.69 -63.13
N PHE G 438 -79.71 34.83 -62.34
CA PHE G 438 -80.97 34.25 -62.76
C PHE G 438 -82.02 35.34 -62.98
N HIS G 439 -82.05 36.32 -62.08
CA HIS G 439 -83.00 37.42 -62.20
C HIS G 439 -82.87 38.16 -63.52
N ARG G 440 -81.69 38.12 -64.13
CA ARG G 440 -81.41 38.92 -65.32
C ARG G 440 -82.50 38.79 -66.37
N HIS G 441 -82.93 37.56 -66.65
CA HIS G 441 -83.88 37.31 -67.71
C HIS G 441 -85.31 37.58 -67.25
N ASP H 1 -28.05 -42.59 21.04
CA ASP H 1 -28.38 -43.56 22.08
C ASP H 1 -27.19 -44.43 22.39
N LEU H 2 -27.45 -45.66 22.85
CA LEU H 2 -26.42 -46.69 22.95
C LEU H 2 -26.96 -48.00 22.39
N ASP H 3 -28.29 -48.15 22.41
CA ASP H 3 -28.90 -49.42 22.01
C ASP H 3 -28.73 -49.67 20.52
N THR H 4 -28.95 -48.65 19.69
CA THR H 4 -28.60 -48.77 18.29
C THR H 4 -27.09 -48.79 18.11
N HIS H 5 -26.36 -48.10 18.99
CA HIS H 5 -24.90 -48.22 18.99
C HIS H 5 -24.47 -49.64 19.31
N PHE H 6 -25.15 -50.28 20.26
CA PHE H 6 -24.84 -51.66 20.58
C PHE H 6 -25.30 -52.60 19.47
N THR H 7 -26.37 -52.25 18.77
CA THR H 7 -26.73 -52.97 17.55
C THR H 7 -25.58 -52.90 16.55
N GLN H 8 -24.98 -51.72 16.40
CA GLN H 8 -23.80 -51.57 15.56
C GLN H 8 -22.67 -52.47 16.05
N TYR H 9 -22.33 -52.38 17.33
CA TYR H 9 -21.09 -52.91 17.85
C TYR H 9 -21.14 -54.38 18.27
N LYS H 10 -22.33 -54.96 18.39
CA LYS H 10 -22.44 -56.30 18.93
C LYS H 10 -21.87 -57.33 17.96
N LEU H 11 -22.10 -57.14 16.66
CA LEU H 11 -21.76 -58.14 15.66
C LEU H 11 -20.97 -57.57 14.49
N ALA H 12 -20.46 -56.34 14.61
CA ALA H 12 -19.62 -55.77 13.58
C ALA H 12 -18.20 -55.64 14.09
N ARG H 13 -17.24 -55.77 13.19
CA ARG H 13 -15.83 -55.69 13.50
C ARG H 13 -15.20 -54.59 12.65
N PRO H 14 -14.02 -54.14 13.01
CA PRO H 14 -13.29 -53.24 12.12
C PRO H 14 -12.83 -53.97 10.88
N TYR H 15 -12.16 -53.26 9.99
CA TYR H 15 -11.29 -53.88 9.02
C TYR H 15 -10.36 -52.79 8.51
N ILE H 16 -9.50 -53.15 7.57
CA ILE H 16 -8.62 -52.20 6.92
C ILE H 16 -8.85 -52.32 5.42
N ALA H 17 -8.31 -51.35 4.69
CA ALA H 17 -8.42 -51.36 3.24
C ALA H 17 -7.28 -50.54 2.67
N ASP H 18 -6.92 -50.85 1.43
CA ASP H 18 -5.80 -50.18 0.79
C ASP H 18 -6.21 -48.78 0.39
N CYS H 19 -6.44 -47.93 1.39
CA CYS H 19 -6.90 -46.57 1.12
C CYS H 19 -5.87 -45.86 0.24
N PRO H 20 -6.29 -45.25 -0.86
CA PRO H 20 -5.34 -44.52 -1.69
C PRO H 20 -4.85 -43.25 -1.02
N ASN H 21 -3.93 -43.42 -0.07
CA ASN H 21 -3.40 -42.30 0.70
C ASN H 21 -2.64 -41.34 -0.19
N CYS H 22 -2.06 -40.30 0.40
CA CYS H 22 -1.25 -39.38 -0.38
C CYS H 22 0.24 -39.47 -0.09
N GLY H 23 0.64 -40.09 1.03
CA GLY H 23 2.06 -40.24 1.30
C GLY H 23 2.77 -41.03 0.21
N HIS H 24 2.22 -42.19 -0.13
CA HIS H 24 2.70 -42.97 -1.26
C HIS H 24 1.54 -43.53 -2.05
N SER H 25 0.52 -42.71 -2.27
CA SER H 25 -0.61 -42.97 -3.16
C SER H 25 -1.53 -44.07 -2.65
N ARG H 26 -1.21 -44.73 -1.55
CA ARG H 26 -1.98 -45.89 -1.15
C ARG H 26 -1.55 -46.35 0.24
N CYS H 27 -2.49 -46.90 1.00
CA CYS H 27 -2.24 -47.28 2.39
C CYS H 27 -3.31 -48.24 2.87
N ASP H 28 -2.90 -49.27 3.61
CA ASP H 28 -3.79 -50.32 4.08
C ASP H 28 -4.23 -50.12 5.54
N SER H 29 -4.40 -48.89 5.98
CA SER H 29 -4.72 -48.65 7.37
C SER H 29 -6.14 -49.08 7.71
N PRO H 30 -6.42 -49.34 8.99
CA PRO H 30 -7.81 -49.37 9.46
C PRO H 30 -8.48 -48.03 9.31
N ILE H 31 -7.69 -46.97 9.11
CA ILE H 31 -8.16 -45.60 8.95
C ILE H 31 -8.59 -45.44 7.50
N ALA H 32 -8.65 -46.55 6.78
CA ALA H 32 -9.01 -46.55 5.36
C ALA H 32 -10.24 -45.70 5.12
N ILE H 33 -10.05 -44.64 4.33
CA ILE H 33 -11.10 -43.65 4.12
C ILE H 33 -12.32 -44.31 3.50
N GLU H 34 -13.50 -43.93 3.98
CA GLU H 34 -14.75 -44.43 3.42
C GLU H 34 -15.88 -43.55 3.90
N GLU H 35 -17.09 -43.87 3.43
CA GLU H 35 -18.33 -43.24 3.91
C GLU H 35 -18.27 -41.73 3.85
N VAL H 36 -17.50 -41.20 2.90
CA VAL H 36 -17.38 -39.75 2.75
C VAL H 36 -18.77 -39.18 2.50
N ARG H 37 -19.25 -38.36 3.44
CA ARG H 37 -20.59 -37.81 3.31
C ARG H 37 -20.67 -36.52 4.15
N GLY H 38 -20.53 -35.38 3.48
CA GLY H 38 -20.80 -34.11 4.11
C GLY H 38 -21.70 -33.24 3.27
N ASP H 39 -22.95 -33.05 3.71
CA ASP H 39 -23.91 -32.27 2.94
C ASP H 39 -24.79 -31.39 3.82
N ALA H 40 -24.42 -31.17 5.07
CA ALA H 40 -25.15 -30.23 5.91
C ALA H 40 -24.92 -28.81 5.43
N HIS H 41 -25.86 -27.92 5.76
CA HIS H 41 -25.64 -26.51 5.52
C HIS H 41 -24.42 -26.00 6.28
N ALA H 42 -24.20 -26.51 7.49
CA ALA H 42 -22.98 -26.19 8.21
C ALA H 42 -21.75 -26.82 7.59
N GLY H 43 -21.93 -27.69 6.60
CA GLY H 43 -20.80 -28.38 6.01
C GLY H 43 -20.22 -29.44 6.92
N VAL H 44 -21.00 -29.96 7.84
CA VAL H 44 -20.53 -31.07 8.66
C VAL H 44 -20.56 -32.34 7.82
N ILE H 45 -19.70 -33.29 8.19
CA ILE H 45 -19.45 -34.47 7.38
C ILE H 45 -19.63 -35.67 8.29
N ARG H 46 -20.61 -36.51 8.01
CA ARG H 46 -20.75 -37.77 8.71
C ARG H 46 -20.15 -38.86 7.85
N ILE H 47 -19.14 -39.53 8.40
CA ILE H 47 -18.31 -40.47 7.68
C ILE H 47 -18.12 -41.70 8.54
N GLN H 48 -17.33 -42.64 8.04
CA GLN H 48 -17.01 -43.89 8.69
C GLN H 48 -15.92 -44.53 7.86
N THR H 49 -15.08 -45.33 8.51
CA THR H 49 -13.92 -45.89 7.83
C THR H 49 -14.02 -47.41 7.81
N SER H 50 -12.95 -48.05 7.36
CA SER H 50 -12.89 -49.50 7.33
C SER H 50 -12.95 -50.11 8.72
N ALA H 51 -12.63 -49.34 9.76
CA ALA H 51 -12.58 -49.86 11.11
C ALA H 51 -13.61 -49.15 11.98
N MET H 52 -14.12 -49.86 12.98
CA MET H 52 -14.95 -49.20 13.97
C MET H 52 -14.11 -48.20 14.75
N PHE H 53 -14.75 -47.10 15.13
CA PHE H 53 -14.04 -46.00 15.78
C PHE H 53 -14.94 -45.53 16.91
N GLY H 54 -14.69 -44.32 17.40
CA GLY H 54 -15.55 -43.81 18.45
C GLY H 54 -15.55 -44.76 19.63
N LEU H 55 -16.67 -45.44 19.82
CA LEU H 55 -16.78 -46.42 20.89
C LEU H 55 -15.86 -47.61 20.65
N LYS H 56 -15.49 -48.26 21.74
CA LYS H 56 -14.83 -49.56 21.68
C LYS H 56 -15.77 -50.60 21.06
N THR H 57 -15.21 -51.77 20.74
CA THR H 57 -15.95 -52.79 20.01
C THR H 57 -17.22 -53.24 20.73
N ASP H 58 -17.31 -53.03 22.04
CA ASP H 58 -18.56 -53.30 22.74
C ASP H 58 -19.59 -52.21 22.46
N GLY H 59 -19.15 -50.98 22.35
CA GLY H 59 -20.05 -49.84 22.23
C GLY H 59 -19.85 -48.84 23.34
N VAL H 60 -18.66 -48.80 23.92
CA VAL H 60 -18.32 -47.90 25.01
C VAL H 60 -17.03 -47.18 24.65
N ASP H 61 -16.72 -46.14 25.43
CA ASP H 61 -15.48 -45.38 25.27
C ASP H 61 -15.39 -44.76 23.88
N LEU H 62 -16.24 -43.76 23.65
CA LEU H 62 -16.27 -43.04 22.38
C LEU H 62 -14.88 -42.53 21.97
N ALA H 63 -13.93 -42.56 22.89
CA ALA H 63 -12.53 -42.28 22.57
C ALA H 63 -11.72 -43.56 22.38
N TYR H 64 -12.36 -44.68 22.02
CA TYR H 64 -11.66 -45.93 21.78
C TYR H 64 -11.91 -46.42 20.37
N MET H 65 -10.91 -46.23 19.50
CA MET H 65 -11.02 -46.57 18.09
C MET H 65 -10.91 -48.08 17.94
N SER H 66 -12.05 -48.76 17.80
CA SER H 66 -12.08 -50.21 17.67
C SER H 66 -11.57 -50.58 16.28
N PHE H 67 -10.26 -50.43 16.08
CA PHE H 67 -9.64 -50.48 14.77
C PHE H 67 -8.90 -51.79 14.55
N MET H 68 -8.95 -52.27 13.30
CA MET H 68 -8.35 -53.55 12.94
C MET H 68 -6.84 -53.37 12.83
N ASN H 69 -6.16 -53.43 13.98
CA ASN H 69 -4.71 -53.29 13.95
C ASN H 69 -4.08 -54.45 13.19
N GLY H 70 -3.63 -54.19 11.97
CA GLY H 70 -3.16 -55.27 11.12
C GLY H 70 -4.24 -56.30 10.89
N LYS H 71 -3.85 -57.57 10.98
CA LYS H 71 -4.82 -58.65 10.92
C LYS H 71 -5.78 -58.61 12.09
N THR H 72 -5.26 -58.36 13.29
CA THR H 72 -6.07 -58.37 14.49
C THR H 72 -6.94 -57.11 14.58
N GLN H 73 -7.76 -57.06 15.61
CA GLN H 73 -8.64 -55.93 15.90
C GLN H 73 -8.25 -55.33 17.24
N LYS H 74 -8.25 -54.00 17.31
CA LYS H 74 -7.82 -53.31 18.51
C LYS H 74 -8.67 -52.07 18.74
N SER H 75 -8.82 -51.68 20.00
CA SER H 75 -9.52 -50.45 20.37
C SER H 75 -8.62 -49.67 21.31
N ILE H 76 -7.88 -48.72 20.76
CA ILE H 76 -6.98 -47.89 21.54
C ILE H 76 -7.59 -46.50 21.64
N LYS H 77 -6.95 -45.64 22.42
CA LYS H 77 -7.45 -44.28 22.60
C LYS H 77 -7.52 -43.56 21.27
N ILE H 78 -8.47 -42.62 21.18
CA ILE H 78 -8.63 -41.76 20.01
C ILE H 78 -8.03 -40.43 20.43
N ASP H 79 -7.00 -40.53 21.28
CA ASP H 79 -6.26 -39.40 21.81
C ASP H 79 -6.04 -38.30 20.79
N ASN H 80 -5.43 -38.63 19.66
CA ASN H 80 -5.06 -37.61 18.69
C ASN H 80 -5.21 -38.13 17.28
N LEU H 81 -6.10 -37.52 16.52
CA LEU H 81 -6.11 -37.58 15.07
C LEU H 81 -6.15 -36.15 14.57
N HIS H 82 -5.43 -35.88 13.48
CA HIS H 82 -5.41 -34.54 12.93
C HIS H 82 -6.64 -34.36 12.06
N VAL H 83 -7.63 -33.65 12.59
CA VAL H 83 -8.89 -33.39 11.88
C VAL H 83 -8.68 -32.15 11.03
N ARG H 84 -8.51 -32.33 9.72
CA ARG H 84 -8.12 -31.21 8.88
C ARG H 84 -8.44 -31.52 7.43
N THR H 85 -9.30 -30.70 6.83
CA THR H 85 -9.43 -30.60 5.38
C THR H 85 -8.28 -29.75 4.88
N SER H 86 -8.46 -29.10 3.73
CA SER H 86 -7.55 -28.03 3.33
C SER H 86 -7.11 -27.23 4.55
N ALA H 87 -8.07 -26.80 5.36
CA ALA H 87 -7.83 -26.15 6.63
C ALA H 87 -8.20 -27.09 7.79
N PRO H 88 -7.80 -26.76 9.01
CA PRO H 88 -8.16 -27.61 10.15
C PRO H 88 -9.66 -27.82 10.25
N CYS H 89 -10.07 -29.08 10.28
CA CYS H 89 -11.49 -29.43 10.28
C CYS H 89 -12.15 -29.00 11.57
N SER H 90 -13.39 -28.54 11.46
CA SER H 90 -14.19 -28.12 12.62
C SER H 90 -14.97 -29.33 13.15
N LEU H 91 -14.21 -30.35 13.57
CA LEU H 91 -14.81 -31.63 13.94
C LEU H 91 -15.82 -31.46 15.06
N VAL H 92 -16.92 -32.21 14.96
CA VAL H 92 -17.97 -32.21 15.95
C VAL H 92 -17.93 -33.47 16.81
N SER H 93 -18.12 -34.63 16.18
CA SER H 93 -18.30 -35.86 16.95
C SER H 93 -18.00 -37.07 16.07
N HIS H 94 -18.44 -38.23 16.52
CA HIS H 94 -18.43 -39.45 15.74
C HIS H 94 -19.49 -40.38 16.33
N HIS H 95 -19.56 -41.58 15.79
CA HIS H 95 -20.39 -42.61 16.40
C HIS H 95 -19.82 -43.97 15.99
N GLY H 96 -19.07 -44.59 16.87
CA GLY H 96 -18.60 -45.93 16.57
C GLY H 96 -17.89 -45.96 15.24
N TYR H 97 -18.30 -46.90 14.39
CA TYR H 97 -17.84 -46.91 13.00
C TYR H 97 -18.02 -45.53 12.37
N TYR H 98 -19.19 -44.92 12.55
CA TYR H 98 -19.47 -43.63 11.94
C TYR H 98 -18.68 -42.52 12.62
N ILE H 99 -18.43 -41.46 11.85
CA ILE H 99 -17.82 -40.24 12.36
C ILE H 99 -18.57 -39.06 11.78
N LEU H 100 -19.00 -38.13 12.65
CA LEU H 100 -19.68 -36.91 12.21
C LEU H 100 -18.83 -35.72 12.63
N ALA H 101 -18.04 -35.20 11.71
CA ALA H 101 -17.23 -34.02 11.93
C ALA H 101 -17.59 -32.95 10.92
N GLN H 102 -17.12 -31.74 11.16
CA GLN H 102 -17.27 -30.64 10.21
C GLN H 102 -15.89 -30.17 9.79
N CYS H 103 -15.83 -29.51 8.65
CA CYS H 103 -14.59 -28.99 8.11
C CYS H 103 -14.85 -27.66 7.43
N PRO H 104 -13.85 -26.80 7.37
CA PRO H 104 -13.94 -25.60 6.52
C PRO H 104 -13.88 -25.97 5.05
N PRO H 105 -14.21 -25.06 4.15
CA PRO H 105 -14.13 -25.37 2.73
C PRO H 105 -12.71 -25.73 2.30
N GLY H 106 -12.61 -26.18 1.06
CA GLY H 106 -11.36 -26.69 0.53
C GLY H 106 -11.60 -27.87 -0.38
N ASP H 107 -10.62 -28.77 -0.53
CA ASP H 107 -10.84 -29.95 -1.35
C ASP H 107 -10.33 -31.26 -0.76
N THR H 108 -9.32 -31.28 0.10
CA THR H 108 -8.73 -32.56 0.46
C THR H 108 -8.72 -32.74 1.97
N VAL H 109 -9.24 -33.87 2.42
CA VAL H 109 -9.21 -34.22 3.82
C VAL H 109 -7.83 -34.73 4.18
N THR H 110 -7.37 -34.37 5.37
CA THR H 110 -6.06 -34.77 5.88
C THR H 110 -6.29 -35.26 7.31
N VAL H 111 -6.48 -36.57 7.46
CA VAL H 111 -6.84 -37.16 8.74
C VAL H 111 -6.09 -38.46 8.94
N GLY H 112 -5.66 -38.69 10.19
CA GLY H 112 -4.98 -39.90 10.57
C GLY H 112 -4.65 -39.87 12.05
N PHE H 113 -4.94 -40.94 12.77
CA PHE H 113 -4.81 -40.92 14.22
C PHE H 113 -3.35 -40.96 14.61
N HIS H 114 -2.97 -40.10 15.55
CA HIS H 114 -1.58 -39.99 15.97
C HIS H 114 -1.24 -41.19 16.84
N ASP H 115 -0.96 -42.31 16.17
CA ASP H 115 -0.57 -43.53 16.88
C ASP H 115 0.70 -43.29 17.68
N GLY H 116 1.63 -42.52 17.14
CA GLY H 116 2.92 -42.30 17.74
C GLY H 116 4.06 -42.79 16.88
N PRO H 117 3.93 -43.98 16.27
CA PRO H 117 4.86 -44.35 15.21
C PRO H 117 4.40 -43.87 13.85
N ASN H 118 3.10 -43.57 13.74
CA ASN H 118 2.51 -43.27 12.44
C ASN H 118 1.15 -42.63 12.68
N ARG H 119 0.65 -41.98 11.63
CA ARG H 119 -0.73 -41.53 11.63
C ARG H 119 -1.66 -42.54 11.00
N HIS H 120 -1.12 -43.48 10.22
CA HIS H 120 -1.91 -44.44 9.47
C HIS H 120 -2.94 -43.72 8.61
N THR H 121 -2.57 -42.51 8.19
CA THR H 121 -3.54 -41.58 7.64
C THR H 121 -4.07 -42.04 6.30
N CYS H 122 -5.28 -41.61 5.98
CA CYS H 122 -5.85 -41.74 4.67
C CYS H 122 -6.42 -40.38 4.27
N THR H 123 -6.15 -39.98 3.03
CA THR H 123 -6.48 -38.64 2.58
C THR H 123 -7.17 -38.73 1.23
N VAL H 124 -8.11 -37.81 1.00
CA VAL H 124 -8.96 -37.86 -0.18
C VAL H 124 -9.35 -36.45 -0.58
N ALA H 125 -9.27 -36.18 -1.88
CA ALA H 125 -9.71 -34.89 -2.41
C ALA H 125 -11.21 -34.91 -2.68
N HIS H 126 -11.91 -33.91 -2.16
CA HIS H 126 -13.33 -33.71 -2.44
C HIS H 126 -13.63 -32.25 -2.13
N LYS H 127 -13.97 -31.48 -3.17
CA LYS H 127 -14.11 -30.03 -3.00
C LYS H 127 -15.13 -29.71 -1.91
N VAL H 128 -14.78 -28.76 -1.06
CA VAL H 128 -15.57 -28.42 0.13
C VAL H 128 -16.09 -27.00 -0.03
N GLU H 129 -17.27 -26.76 0.55
CA GLU H 129 -17.99 -25.51 0.36
C GLU H 129 -18.67 -25.10 1.67
N PHE H 130 -18.85 -23.80 1.82
CA PHE H 130 -19.73 -23.24 2.84
C PHE H 130 -21.09 -22.98 2.19
N ARG H 131 -22.15 -23.49 2.80
CA ARG H 131 -23.47 -23.32 2.22
C ARG H 131 -23.77 -21.83 2.11
N PRO H 132 -24.08 -21.33 0.92
CA PRO H 132 -24.30 -19.89 0.77
C PRO H 132 -25.48 -19.44 1.61
N VAL H 133 -25.46 -18.17 1.98
CA VAL H 133 -26.44 -17.64 2.94
C VAL H 133 -27.67 -17.27 2.12
N GLY H 134 -28.45 -18.29 1.81
CA GLY H 134 -29.74 -18.12 1.13
C GLY H 134 -29.73 -17.12 0.00
N ARG H 135 -30.42 -16.01 0.23
CA ARG H 135 -30.63 -14.94 -0.73
C ARG H 135 -29.37 -14.15 -1.06
N GLU H 136 -28.22 -14.45 -0.43
CA GLU H 136 -27.04 -13.61 -0.56
C GLU H 136 -25.80 -14.46 -0.82
N LYS H 137 -24.79 -13.83 -1.41
CA LYS H 137 -23.48 -14.44 -1.63
C LYS H 137 -22.53 -13.93 -0.55
N TYR H 138 -22.09 -14.83 0.32
CA TYR H 138 -21.17 -14.48 1.39
C TYR H 138 -20.22 -15.65 1.62
N ARG H 139 -19.33 -15.46 2.59
CA ARG H 139 -18.44 -16.52 3.05
C ARG H 139 -18.82 -17.03 4.44
N HIS H 140 -19.00 -16.16 5.34
CA HIS H 140 -19.25 -16.72 6.65
C HIS H 140 -20.74 -16.77 6.94
N PRO H 141 -21.19 -17.69 7.78
CA PRO H 141 -22.55 -17.60 8.31
C PRO H 141 -22.66 -16.48 9.32
N PRO H 142 -23.41 -15.42 9.00
CA PRO H 142 -23.48 -14.27 9.91
C PRO H 142 -23.99 -14.69 11.28
N GLU H 143 -23.39 -14.10 12.31
CA GLU H 143 -23.73 -14.46 13.68
C GLU H 143 -25.20 -14.18 13.99
N HIS H 144 -25.76 -13.13 13.39
CA HIS H 144 -27.14 -12.75 13.65
C HIS H 144 -27.72 -12.15 12.39
N GLY H 145 -28.87 -11.50 12.53
CA GLY H 145 -29.56 -10.87 11.42
C GLY H 145 -30.84 -11.57 11.02
N VAL H 146 -30.82 -12.25 9.87
CA VAL H 146 -32.01 -12.88 9.31
C VAL H 146 -31.93 -14.38 9.50
N GLU H 147 -32.97 -14.97 10.06
CA GLU H 147 -32.99 -16.38 10.43
C GLU H 147 -33.60 -17.20 9.31
N LEU H 148 -32.91 -18.27 8.90
CA LEU H 148 -33.32 -19.05 7.74
C LEU H 148 -33.24 -20.53 8.03
N PRO H 149 -34.07 -21.34 7.40
CA PRO H 149 -33.89 -22.79 7.49
C PRO H 149 -32.57 -23.20 6.86
N CYS H 150 -31.99 -24.28 7.39
CA CYS H 150 -30.73 -24.77 6.85
C CYS H 150 -30.56 -26.23 7.23
N ASN H 151 -30.35 -27.08 6.23
CA ASN H 151 -30.27 -28.51 6.45
C ASN H 151 -29.04 -28.86 7.28
N ARG H 152 -29.08 -30.03 7.91
CA ARG H 152 -27.93 -30.49 8.67
C ARG H 152 -28.11 -31.96 9.06
N TYR H 153 -27.01 -32.70 9.01
CA TYR H 153 -26.95 -33.99 9.66
C TYR H 153 -27.22 -33.80 11.15
N THR H 154 -28.34 -34.32 11.66
CA THR H 154 -28.59 -34.15 13.08
C THR H 154 -27.54 -34.93 13.87
N HIS H 155 -26.86 -34.24 14.78
CA HIS H 155 -25.77 -34.84 15.53
C HIS H 155 -26.24 -36.02 16.37
N LYS H 156 -27.53 -36.09 16.68
CA LYS H 156 -28.03 -37.17 17.51
C LYS H 156 -27.68 -38.51 16.88
N ARG H 157 -27.14 -39.40 17.70
CA ARG H 157 -26.78 -40.74 17.27
C ARG H 157 -27.89 -41.74 17.55
N ALA H 158 -29.00 -41.28 18.15
CA ALA H 158 -30.14 -42.14 18.46
C ALA H 158 -31.07 -42.21 17.25
N ASP H 159 -30.66 -43.01 16.27
CA ASP H 159 -31.49 -43.27 15.10
C ASP H 159 -31.62 -44.76 14.91
N GLN H 160 -32.75 -45.17 14.33
CA GLN H 160 -32.83 -46.45 13.63
C GLN H 160 -33.64 -46.32 12.35
N GLY H 161 -34.14 -45.14 12.01
CA GLY H 161 -34.79 -44.95 10.73
C GLY H 161 -33.83 -45.21 9.58
N HIS H 162 -32.56 -44.91 9.79
CA HIS H 162 -31.50 -45.29 8.87
C HIS H 162 -30.86 -46.58 9.37
N TYR H 163 -30.13 -47.25 8.48
CA TYR H 163 -29.55 -48.55 8.79
C TYR H 163 -28.61 -48.97 7.69
N VAL H 164 -27.65 -49.81 8.07
CA VAL H 164 -26.72 -50.45 7.15
C VAL H 164 -26.61 -51.92 7.54
N GLU H 165 -26.59 -52.81 6.56
CA GLU H 165 -26.55 -54.24 6.84
C GLU H 165 -25.10 -54.66 7.10
N MET H 166 -24.86 -55.19 8.30
CA MET H 166 -23.53 -55.68 8.65
C MET H 166 -23.32 -57.01 7.95
N HIS H 167 -22.83 -56.95 6.72
CA HIS H 167 -22.83 -58.12 5.88
C HIS H 167 -21.93 -59.21 6.43
N GLN H 168 -22.21 -60.43 6.02
CA GLN H 168 -21.34 -61.54 6.38
C GLN H 168 -19.98 -61.32 5.73
N PRO H 169 -18.89 -61.34 6.49
CA PRO H 169 -17.56 -61.24 5.87
C PRO H 169 -17.24 -62.50 5.09
N GLY H 170 -16.05 -62.52 4.50
CA GLY H 170 -15.72 -63.62 3.63
C GLY H 170 -14.36 -64.26 3.79
N LEU H 171 -13.62 -64.28 2.69
CA LEU H 171 -12.38 -65.01 2.55
C LEU H 171 -11.17 -64.12 2.78
N VAL H 172 -10.07 -64.73 3.18
CA VAL H 172 -8.81 -64.01 3.37
C VAL H 172 -7.66 -64.98 3.12
N ALA H 173 -6.82 -64.65 2.14
CA ALA H 173 -5.63 -65.43 1.86
C ALA H 173 -4.53 -65.05 2.83
N ASP H 174 -3.65 -66.01 3.14
CA ASP H 174 -2.56 -65.75 4.06
C ASP H 174 -1.30 -66.43 3.54
N HIS H 175 -0.17 -66.09 4.16
CA HIS H 175 1.12 -66.66 3.80
C HIS H 175 1.86 -67.22 5.01
N SER H 176 1.72 -66.54 6.15
CA SER H 176 2.60 -66.79 7.29
C SER H 176 2.37 -68.16 7.91
N LEU H 177 1.14 -68.68 7.83
CA LEU H 177 0.86 -69.99 8.41
C LEU H 177 1.64 -71.10 7.73
N LEU H 178 2.12 -70.87 6.50
CA LEU H 178 2.91 -71.86 5.77
C LEU H 178 4.35 -71.79 6.24
N SER H 179 4.60 -72.35 7.41
CA SER H 179 5.95 -72.46 7.95
C SER H 179 6.69 -73.61 7.26
N ILE H 180 7.91 -73.88 7.71
CA ILE H 180 8.74 -74.93 7.12
C ILE H 180 8.74 -76.13 8.04
N HIS H 181 8.71 -77.33 7.45
CA HIS H 181 8.76 -78.58 8.18
C HIS H 181 10.19 -79.07 8.38
N SER H 182 11.16 -78.15 8.32
CA SER H 182 12.60 -78.43 8.39
C SER H 182 13.06 -79.12 7.12
N ALA H 183 12.12 -79.50 6.26
CA ALA H 183 12.43 -79.95 4.91
C ALA H 183 11.49 -79.42 3.85
N LYS H 184 10.33 -78.90 4.21
CA LYS H 184 9.28 -78.51 3.27
C LYS H 184 8.23 -77.72 4.03
N VAL H 185 7.08 -77.49 3.41
CA VAL H 185 6.05 -76.65 4.01
C VAL H 185 5.60 -77.22 5.36
N LYS H 186 5.04 -76.32 6.18
CA LYS H 186 4.51 -76.72 7.48
C LYS H 186 3.41 -75.72 7.84
N ILE H 187 2.15 -76.13 7.64
CA ILE H 187 1.05 -75.27 8.03
C ILE H 187 1.06 -75.11 9.55
N THR H 188 0.74 -73.90 10.01
CA THR H 188 0.60 -73.62 11.44
C THR H 188 -0.64 -72.74 11.61
N VAL H 189 -1.72 -73.34 12.11
CA VAL H 189 -3.01 -72.67 12.22
C VAL H 189 -3.22 -72.21 13.66
N PRO H 190 -3.51 -70.94 13.90
CA PRO H 190 -3.76 -70.49 15.28
C PRO H 190 -4.99 -71.14 15.91
N SER H 191 -6.16 -70.94 15.31
CA SER H 191 -7.40 -71.44 15.88
C SER H 191 -8.55 -71.39 14.89
N GLY H 192 -9.19 -72.54 14.65
CA GLY H 192 -10.39 -72.63 13.84
C GLY H 192 -10.27 -72.05 12.44
N ALA H 193 -9.06 -71.67 12.06
CA ALA H 193 -8.80 -71.04 10.77
C ALA H 193 -8.60 -72.15 9.75
N GLN H 194 -9.69 -72.59 9.14
CA GLN H 194 -9.60 -73.61 8.11
C GLN H 194 -8.99 -72.98 6.88
N VAL H 195 -7.68 -72.73 6.95
CA VAL H 195 -6.98 -71.97 5.93
C VAL H 195 -6.82 -72.83 4.69
N LYS H 196 -7.66 -72.59 3.68
CA LYS H 196 -7.49 -73.22 2.39
C LYS H 196 -6.04 -73.13 1.97
N TYR H 197 -5.43 -74.29 1.73
CA TYR H 197 -4.05 -74.34 1.25
C TYR H 197 -3.98 -75.33 0.11
N TYR H 198 -3.26 -74.95 -0.94
CA TYR H 198 -3.11 -75.78 -2.14
C TYR H 198 -1.66 -75.68 -2.60
N CYS H 199 -0.88 -76.70 -2.28
CA CYS H 199 0.47 -76.84 -2.82
C CYS H 199 0.37 -77.41 -4.23
N LYS H 200 1.47 -77.91 -4.79
CA LYS H 200 1.44 -78.39 -6.17
C LYS H 200 0.30 -79.37 -6.40
N CYS H 201 0.18 -80.38 -5.55
CA CYS H 201 -1.00 -81.24 -5.57
C CYS H 201 -2.12 -80.59 -4.76
N PRO H 202 -3.36 -81.02 -4.97
CA PRO H 202 -4.45 -80.52 -4.12
C PRO H 202 -4.28 -80.94 -2.66
N ASP H 203 -4.05 -79.97 -1.79
CA ASP H 203 -4.09 -80.20 -0.36
C ASP H 203 -5.54 -80.04 0.10
N VAL H 204 -5.77 -79.78 1.38
CA VAL H 204 -7.13 -79.52 1.82
C VAL H 204 -7.45 -78.08 1.46
N ARG H 205 -7.99 -77.88 0.26
CA ARG H 205 -8.51 -76.57 -0.13
C ARG H 205 -9.74 -76.20 0.67
N LYS H 206 -10.36 -77.15 1.37
CA LYS H 206 -11.33 -76.82 2.40
C LYS H 206 -10.68 -76.14 3.60
N GLY H 207 -9.36 -76.19 3.69
CA GLY H 207 -8.65 -75.61 4.81
C GLY H 207 -8.58 -76.55 6.00
N ILE H 208 -7.58 -76.31 6.83
CA ILE H 208 -7.34 -77.12 8.02
C ILE H 208 -7.08 -76.20 9.21
N THR H 209 -7.56 -76.60 10.38
CA THR H 209 -7.00 -76.11 11.63
C THR H 209 -5.79 -76.93 12.05
N SER H 210 -5.59 -78.09 11.44
CA SER H 210 -4.41 -78.90 11.69
C SER H 210 -3.18 -78.23 11.11
N SER H 211 -2.02 -78.83 11.40
CA SER H 211 -0.74 -78.34 10.90
C SER H 211 -0.26 -79.18 9.71
N ASP H 212 -1.20 -79.65 8.90
CA ASP H 212 -0.90 -80.59 7.83
C ASP H 212 -0.16 -79.90 6.68
N HIS H 213 0.79 -80.63 6.10
CA HIS H 213 1.71 -80.09 5.12
C HIS H 213 2.12 -81.21 4.17
N THR H 214 2.21 -80.89 2.89
CA THR H 214 2.39 -81.90 1.85
C THR H 214 3.67 -81.65 1.06
N THR H 215 4.38 -82.75 0.78
CA THR H 215 5.67 -82.69 0.09
C THR H 215 5.53 -82.45 -1.41
N THR H 216 4.31 -82.45 -1.94
CA THR H 216 4.10 -82.15 -3.36
C THR H 216 4.72 -80.80 -3.73
N CYS H 217 4.73 -79.86 -2.78
CA CYS H 217 5.48 -78.62 -2.90
C CYS H 217 6.38 -78.55 -1.68
N THR H 218 7.62 -79.02 -1.84
CA THR H 218 8.64 -78.73 -0.84
C THR H 218 8.76 -77.23 -0.65
N ASP H 219 8.63 -76.47 -1.74
CA ASP H 219 8.48 -75.03 -1.68
C ASP H 219 7.14 -74.65 -1.06
N VAL H 220 7.11 -73.49 -0.40
CA VAL H 220 5.88 -72.96 0.18
C VAL H 220 5.19 -72.04 -0.82
N LYS H 221 5.68 -72.05 -2.06
CA LYS H 221 5.29 -71.02 -3.02
C LYS H 221 3.92 -71.28 -3.62
N GLN H 222 3.76 -72.40 -4.32
CA GLN H 222 2.45 -72.73 -4.88
C GLN H 222 1.40 -72.89 -3.78
N CYS H 223 1.83 -73.33 -2.59
CA CYS H 223 0.92 -73.53 -1.47
C CYS H 223 0.13 -72.26 -1.20
N ARG H 224 -1.19 -72.34 -1.38
CA ARG H 224 -2.07 -71.17 -1.40
C ARG H 224 -2.88 -71.13 -0.11
N ALA H 225 -2.35 -70.46 0.91
CA ALA H 225 -2.99 -70.42 2.23
C ALA H 225 -4.08 -69.36 2.25
N TYR H 226 -5.31 -69.77 2.57
CA TYR H 226 -6.49 -68.90 2.47
C TYR H 226 -7.40 -69.12 3.68
N LEU H 227 -7.44 -68.15 4.57
CA LEU H 227 -8.34 -68.16 5.71
C LEU H 227 -9.73 -67.69 5.31
N ILE H 228 -10.71 -68.01 6.14
CA ILE H 228 -12.09 -67.54 5.98
C ILE H 228 -12.63 -67.22 7.36
N ASP H 229 -13.43 -66.15 7.45
CA ASP H 229 -13.92 -65.71 8.76
C ASP H 229 -15.32 -65.14 8.65
N ASN H 230 -16.07 -65.27 9.75
CA ASN H 230 -17.37 -64.63 9.92
C ASN H 230 -17.60 -64.21 11.37
N LYS H 231 -16.54 -63.88 12.10
CA LYS H 231 -16.66 -63.62 13.53
C LYS H 231 -17.64 -62.48 13.81
N LYS H 232 -17.27 -61.27 13.45
CA LYS H 232 -18.20 -60.17 13.41
C LYS H 232 -18.56 -59.91 11.94
N TRP H 233 -19.34 -58.86 11.69
CA TRP H 233 -19.97 -58.70 10.39
C TRP H 233 -19.85 -57.29 9.88
N VAL H 234 -19.30 -57.14 8.68
CA VAL H 234 -19.10 -55.85 8.04
C VAL H 234 -19.72 -55.87 6.66
N TYR H 235 -20.08 -54.68 6.18
CA TYR H 235 -20.72 -54.57 4.88
C TYR H 235 -19.67 -54.65 3.77
N ASN H 236 -20.04 -55.32 2.69
CA ASN H 236 -19.16 -55.50 1.55
C ASN H 236 -18.99 -54.20 0.78
N SER H 237 -18.20 -54.26 -0.29
CA SER H 237 -17.96 -53.09 -1.13
C SER H 237 -17.29 -53.55 -2.41
N GLY H 238 -17.13 -52.59 -3.34
CA GLY H 238 -16.26 -52.84 -4.47
C GLY H 238 -14.83 -53.02 -4.05
N ARG H 239 -14.38 -52.24 -3.06
CA ARG H 239 -13.04 -52.44 -2.50
C ARG H 239 -13.10 -53.56 -1.49
N LEU H 240 -13.68 -54.69 -1.89
CA LEU H 240 -13.88 -55.89 -1.09
C LEU H 240 -14.23 -57.03 -2.03
N PRO H 241 -13.52 -58.15 -1.98
CA PRO H 241 -13.81 -59.26 -2.90
C PRO H 241 -15.14 -59.90 -2.55
N ARG H 242 -15.52 -60.89 -3.37
CA ARG H 242 -16.74 -61.63 -3.09
C ARG H 242 -16.48 -62.52 -1.89
N GLY H 243 -16.69 -61.96 -0.70
CA GLY H 243 -16.52 -62.76 0.50
C GLY H 243 -17.45 -63.95 0.51
N GLU H 244 -16.97 -65.03 1.13
CA GLU H 244 -17.74 -66.27 1.18
C GLU H 244 -19.13 -66.05 1.79
N GLY H 245 -19.24 -65.14 2.74
CA GLY H 245 -20.51 -64.90 3.39
C GLY H 245 -21.39 -63.89 2.67
N ASP H 246 -22.38 -64.36 1.94
CA ASP H 246 -23.40 -63.50 1.34
C ASP H 246 -24.64 -63.41 2.22
N THR H 247 -24.42 -63.11 3.50
CA THR H 247 -25.49 -63.21 4.49
C THR H 247 -25.37 -62.05 5.47
N PHE H 248 -26.11 -62.16 6.56
CA PHE H 248 -26.09 -61.21 7.66
C PHE H 248 -26.50 -59.82 7.19
N LYS H 249 -27.75 -59.74 6.72
CA LYS H 249 -28.33 -58.46 6.33
C LYS H 249 -28.88 -57.74 7.57
N GLY H 250 -28.00 -57.56 8.55
CA GLY H 250 -28.39 -56.93 9.78
C GLY H 250 -28.31 -55.42 9.68
N LYS H 251 -29.47 -54.80 9.47
CA LYS H 251 -29.54 -53.37 9.16
C LYS H 251 -29.25 -52.52 10.39
N LEU H 252 -27.98 -52.23 10.61
CA LEU H 252 -27.55 -51.47 11.77
C LEU H 252 -27.67 -49.98 11.48
N HIS H 253 -28.27 -49.25 12.42
CA HIS H 253 -28.61 -47.86 12.20
C HIS H 253 -27.41 -47.03 11.78
N VAL H 254 -27.67 -46.00 10.99
CA VAL H 254 -26.68 -44.94 10.88
C VAL H 254 -27.11 -43.90 11.91
N PRO H 255 -26.18 -43.36 12.68
CA PRO H 255 -26.55 -42.59 13.87
C PRO H 255 -27.19 -41.25 13.56
N PHE H 256 -26.51 -40.46 12.73
CA PHE H 256 -26.92 -39.11 12.41
C PHE H 256 -27.89 -39.13 11.24
N VAL H 257 -28.60 -38.02 11.08
CA VAL H 257 -29.60 -37.93 10.02
C VAL H 257 -29.57 -36.52 9.42
N PRO H 258 -29.42 -36.40 8.11
CA PRO H 258 -29.60 -35.08 7.47
C PRO H 258 -30.99 -34.53 7.74
N VAL H 259 -31.07 -33.43 8.49
CA VAL H 259 -32.34 -32.83 8.87
C VAL H 259 -32.27 -31.33 8.58
N LYS H 260 -33.42 -30.78 8.21
CA LYS H 260 -33.51 -29.34 7.95
C LYS H 260 -33.58 -28.60 9.28
N ALA H 261 -32.51 -27.90 9.62
CA ALA H 261 -32.52 -27.03 10.78
C ALA H 261 -32.76 -25.59 10.34
N LYS H 262 -32.66 -24.68 11.28
CA LYS H 262 -32.80 -23.25 11.03
C LYS H 262 -31.56 -22.54 11.56
N CYS H 263 -31.04 -21.60 10.78
CA CYS H 263 -29.90 -20.82 11.25
C CYS H 263 -29.93 -19.44 10.60
N ILE H 264 -29.24 -18.50 11.23
CA ILE H 264 -29.45 -17.08 11.02
C ILE H 264 -28.31 -16.50 10.19
N ALA H 265 -28.66 -15.81 9.11
CA ALA H 265 -27.79 -14.93 8.36
C ALA H 265 -28.11 -13.49 8.76
N THR H 266 -27.51 -12.52 8.09
CA THR H 266 -27.76 -11.13 8.41
C THR H 266 -28.39 -10.40 7.24
N LEU H 267 -29.10 -9.32 7.55
CA LEU H 267 -29.78 -8.53 6.54
C LEU H 267 -28.77 -7.70 5.74
N ALA H 268 -29.22 -7.22 4.58
CA ALA H 268 -28.41 -6.40 3.71
C ALA H 268 -28.22 -5.01 4.33
N PRO H 269 -27.31 -4.21 3.79
CA PRO H 269 -27.29 -2.79 4.15
C PRO H 269 -28.26 -2.02 3.26
N GLU H 270 -29.02 -1.11 3.87
CA GLU H 270 -29.97 -0.33 3.11
C GLU H 270 -29.24 0.58 2.13
N PRO H 271 -29.85 0.87 1.00
CA PRO H 271 -29.19 1.77 0.04
C PRO H 271 -29.52 3.22 0.27
N LEU H 272 -28.96 4.05 -0.59
CA LEU H 272 -29.31 5.45 -0.72
C LEU H 272 -30.38 5.56 -1.80
N VAL H 273 -31.44 6.29 -1.53
CA VAL H 273 -32.57 6.32 -2.46
C VAL H 273 -33.25 7.69 -2.40
N GLU H 274 -33.34 8.36 -3.54
CA GLU H 274 -33.74 9.76 -3.57
C GLU H 274 -34.87 9.97 -4.56
N HIS H 275 -36.01 10.43 -4.05
CA HIS H 275 -37.19 10.63 -4.87
C HIS H 275 -37.05 11.89 -5.71
N LYS H 276 -36.20 11.85 -6.73
CA LYS H 276 -36.15 12.94 -7.71
C LYS H 276 -37.41 12.80 -8.55
N HIS H 277 -38.49 13.39 -8.05
CA HIS H 277 -39.82 13.23 -8.61
C HIS H 277 -39.80 13.27 -10.14
N ARG H 278 -40.49 12.31 -10.74
CA ARG H 278 -40.32 11.77 -12.10
C ARG H 278 -39.22 10.72 -12.16
N THR H 279 -38.54 10.41 -11.06
CA THR H 279 -37.63 9.26 -11.00
C THR H 279 -37.22 9.04 -9.55
N LEU H 280 -36.35 8.06 -9.34
CA LEU H 280 -35.72 7.84 -8.05
C LEU H 280 -34.37 7.20 -8.28
N ILE H 281 -33.37 7.65 -7.51
CA ILE H 281 -32.01 7.21 -7.68
C ILE H 281 -31.62 6.36 -6.48
N LEU H 282 -30.99 5.22 -6.74
CA LEU H 282 -30.82 4.17 -5.77
C LEU H 282 -29.34 3.82 -5.70
N HIS H 283 -28.75 3.96 -4.51
CA HIS H 283 -27.31 3.87 -4.33
C HIS H 283 -27.01 3.03 -3.11
N LEU H 284 -26.22 1.97 -3.29
CA LEU H 284 -25.81 1.14 -2.16
C LEU H 284 -24.32 0.91 -2.23
N HIS H 285 -23.70 0.81 -1.06
CA HIS H 285 -22.26 0.57 -0.92
C HIS H 285 -22.09 -0.66 -0.04
N PRO H 286 -22.36 -1.85 -0.59
CA PRO H 286 -22.50 -3.04 0.24
C PRO H 286 -21.17 -3.75 0.50
N ASP H 287 -21.24 -4.91 1.16
CA ASP H 287 -20.08 -5.73 1.45
C ASP H 287 -20.07 -7.06 0.72
N HIS H 288 -21.12 -7.38 -0.05
CA HIS H 288 -21.19 -8.65 -0.75
C HIS H 288 -22.24 -8.52 -1.84
N PRO H 289 -22.22 -9.42 -2.83
CA PRO H 289 -23.25 -9.36 -3.88
C PRO H 289 -24.51 -10.11 -3.47
N THR H 290 -25.61 -9.39 -3.40
CA THR H 290 -26.94 -9.96 -3.37
C THR H 290 -27.57 -9.77 -4.74
N LEU H 291 -28.88 -9.96 -4.83
CA LEU H 291 -29.61 -9.57 -6.01
C LEU H 291 -30.74 -8.65 -5.62
N LEU H 292 -31.06 -7.71 -6.50
CA LEU H 292 -32.28 -6.92 -6.41
C LEU H 292 -33.06 -7.09 -7.69
N THR H 293 -34.31 -7.47 -7.57
CA THR H 293 -35.22 -7.40 -8.68
C THR H 293 -36.05 -6.12 -8.58
N THR H 294 -36.64 -5.75 -9.70
CA THR H 294 -37.55 -4.61 -9.74
C THR H 294 -38.69 -5.01 -10.69
N ARG H 295 -39.68 -5.66 -10.13
CA ARG H 295 -40.80 -6.19 -10.91
C ARG H 295 -41.89 -5.14 -10.99
N SER H 296 -42.31 -4.82 -12.20
CA SER H 296 -43.44 -3.93 -12.39
C SER H 296 -44.66 -4.48 -11.67
N LEU H 297 -45.37 -3.61 -10.97
CA LEU H 297 -46.63 -4.00 -10.37
C LEU H 297 -47.80 -3.89 -11.34
N GLY H 298 -47.53 -3.47 -12.58
CA GLY H 298 -48.56 -3.33 -13.58
C GLY H 298 -48.84 -4.63 -14.30
N SER H 299 -49.16 -4.51 -15.59
CA SER H 299 -49.44 -5.67 -16.42
C SER H 299 -48.22 -6.53 -16.67
N ASP H 300 -47.03 -6.05 -16.29
CA ASP H 300 -45.78 -6.75 -16.60
C ASP H 300 -44.89 -6.84 -15.36
N ALA H 301 -43.67 -7.35 -15.53
CA ALA H 301 -42.69 -7.37 -14.47
C ALA H 301 -41.44 -6.58 -14.81
N ASN H 302 -40.80 -6.88 -15.94
CA ASN H 302 -39.56 -6.27 -16.39
C ASN H 302 -38.57 -6.08 -15.21
N PRO H 303 -38.20 -7.18 -14.54
CA PRO H 303 -37.41 -7.04 -13.31
C PRO H 303 -35.91 -6.99 -13.58
N THR H 304 -35.13 -6.94 -12.51
CA THR H 304 -33.68 -6.86 -12.62
C THR H 304 -33.05 -8.03 -11.88
N ARG H 305 -31.93 -8.51 -12.40
CA ARG H 305 -31.19 -9.58 -11.75
C ARG H 305 -29.70 -9.28 -11.90
N GLN H 306 -28.98 -9.29 -10.79
CA GLN H 306 -27.59 -8.85 -10.77
C GLN H 306 -27.02 -9.06 -9.38
N TRP H 307 -25.70 -9.08 -9.30
CA TRP H 307 -24.97 -9.40 -8.07
C TRP H 307 -23.73 -8.53 -8.01
N ILE H 308 -23.73 -7.55 -7.11
CA ILE H 308 -22.63 -6.62 -7.00
C ILE H 308 -22.33 -6.42 -5.51
N GLU H 309 -21.04 -6.28 -5.20
CA GLU H 309 -20.61 -6.07 -3.83
C GLU H 309 -20.11 -4.67 -3.56
N ARG H 310 -19.77 -3.94 -4.55
CA ARG H 310 -18.99 -2.72 -4.38
C ARG H 310 -19.90 -1.49 -4.38
N PRO H 311 -19.44 -0.42 -3.73
CA PRO H 311 -20.22 0.82 -3.68
C PRO H 311 -20.74 1.22 -5.05
N THR H 312 -22.04 1.46 -5.11
CA THR H 312 -22.72 1.53 -6.40
C THR H 312 -23.94 2.42 -6.28
N THR H 313 -24.62 2.61 -7.40
CA THR H 313 -25.80 3.45 -7.46
C THR H 313 -26.54 3.13 -8.76
N VAL H 314 -27.80 3.58 -8.82
CA VAL H 314 -28.61 3.43 -10.02
C VAL H 314 -29.80 4.38 -9.88
N ASN H 315 -30.40 4.73 -11.01
CA ASN H 315 -31.58 5.57 -11.04
C ASN H 315 -32.71 4.82 -11.73
N PHE H 316 -33.94 5.07 -11.29
CA PHE H 316 -35.10 4.45 -11.90
C PHE H 316 -36.32 5.33 -11.72
N THR H 317 -37.33 5.07 -12.54
CA THR H 317 -38.58 5.82 -12.50
C THR H 317 -39.73 4.87 -12.79
N VAL H 318 -40.92 5.30 -12.39
CA VAL H 318 -42.12 4.48 -12.54
C VAL H 318 -43.34 5.38 -12.38
N THR H 319 -44.48 4.91 -12.85
CA THR H 319 -45.77 5.52 -12.54
C THR H 319 -46.10 5.36 -11.06
N GLY H 320 -47.23 5.91 -10.63
CA GLY H 320 -47.69 5.71 -9.26
C GLY H 320 -48.09 4.26 -9.00
N GLU H 321 -47.86 3.41 -9.99
CA GLU H 321 -48.14 2.00 -9.90
C GLU H 321 -47.27 1.28 -8.88
N GLY H 322 -46.36 1.96 -8.21
CA GLY H 322 -45.42 1.29 -7.35
C GLY H 322 -44.43 0.48 -8.18
N LEU H 323 -43.59 -0.28 -7.49
CA LEU H 323 -42.75 -1.26 -8.15
C LEU H 323 -41.97 -2.05 -7.11
N GLU H 324 -41.75 -3.32 -7.40
CA GLU H 324 -41.00 -4.18 -6.48
C GLU H 324 -39.54 -3.79 -6.45
N TYR H 325 -38.89 -4.05 -5.30
CA TYR H 325 -37.45 -3.94 -5.18
C TYR H 325 -36.95 -4.54 -3.87
N THR H 326 -35.87 -5.33 -3.95
CA THR H 326 -35.21 -5.82 -2.74
C THR H 326 -33.82 -6.32 -3.11
N TRP H 327 -32.79 -5.64 -2.60
CA TRP H 327 -31.42 -6.14 -2.70
C TRP H 327 -31.03 -6.67 -1.33
N GLY H 328 -30.60 -7.92 -1.29
CA GLY H 328 -30.26 -8.54 -0.03
C GLY H 328 -31.49 -8.97 0.74
N ASN H 329 -31.25 -9.46 1.95
CA ASN H 329 -32.26 -9.99 2.84
C ASN H 329 -33.40 -9.00 3.06
N HIS H 330 -33.19 -7.75 2.67
CA HIS H 330 -34.23 -6.75 2.57
C HIS H 330 -35.49 -7.35 1.97
N PRO H 331 -36.62 -7.23 2.64
CA PRO H 331 -37.88 -7.62 2.03
C PRO H 331 -38.17 -6.77 0.80
N PRO H 332 -39.07 -7.21 -0.06
CA PRO H 332 -39.43 -6.36 -1.21
C PRO H 332 -40.37 -5.25 -0.77
N LYS H 333 -40.13 -4.05 -1.31
CA LYS H 333 -41.05 -2.95 -1.10
C LYS H 333 -41.46 -2.38 -2.44
N ARG H 334 -42.53 -1.59 -2.40
CA ARG H 334 -43.22 -1.14 -3.61
C ARG H 334 -43.86 0.20 -3.32
N VAL H 335 -43.43 1.24 -4.03
CA VAL H 335 -43.93 2.58 -3.75
C VAL H 335 -44.29 3.27 -5.05
N TRP H 336 -45.55 3.71 -5.13
CA TRP H 336 -46.01 4.70 -6.08
C TRP H 336 -44.99 5.81 -6.26
N ALA H 337 -44.77 6.21 -7.51
CA ALA H 337 -43.94 7.37 -7.80
C ALA H 337 -44.84 8.51 -8.25
N GLN H 338 -44.86 9.58 -7.47
CA GLN H 338 -45.66 10.75 -7.76
C GLN H 338 -45.04 11.93 -7.01
N GLU H 339 -45.83 12.97 -6.79
CA GLU H 339 -45.35 14.29 -6.35
C GLU H 339 -44.51 14.94 -7.44
N SER H 340 -44.91 14.74 -8.70
CA SER H 340 -44.21 15.27 -9.86
C SER H 340 -45.27 15.71 -10.86
N GLY H 341 -45.71 16.97 -10.74
CA GLY H 341 -46.64 17.51 -11.70
C GLY H 341 -45.93 18.08 -12.91
N GLU H 342 -45.00 19.00 -12.67
CA GLU H 342 -44.12 19.54 -13.70
C GLU H 342 -44.91 20.19 -14.85
N GLY H 343 -45.65 21.24 -14.51
CA GLY H 343 -46.36 22.01 -15.52
C GLY H 343 -47.44 22.92 -14.99
N ASN H 344 -47.56 24.12 -15.55
CA ASN H 344 -48.52 25.11 -15.11
C ASN H 344 -49.72 25.10 -16.05
N PRO H 345 -50.92 24.76 -15.59
CA PRO H 345 -52.06 24.66 -16.50
C PRO H 345 -52.35 25.94 -17.27
N HIS H 346 -52.20 27.10 -16.64
CA HIS H 346 -52.53 28.36 -17.30
C HIS H 346 -51.46 29.40 -16.97
N GLY H 347 -50.68 29.76 -17.97
CA GLY H 347 -49.86 30.96 -17.93
C GLY H 347 -50.12 31.78 -19.16
N TRP H 348 -49.07 32.22 -19.84
CA TRP H 348 -49.23 32.76 -21.17
C TRP H 348 -49.55 31.64 -22.16
N PRO H 349 -50.07 31.97 -23.34
CA PRO H 349 -50.28 30.92 -24.35
C PRO H 349 -49.04 30.10 -24.63
N HIS H 350 -47.85 30.71 -24.62
CA HIS H 350 -46.64 29.91 -24.72
C HIS H 350 -46.47 29.03 -23.48
N GLU H 351 -46.81 29.56 -22.30
CA GLU H 351 -46.75 28.76 -21.09
C GLU H 351 -47.72 27.59 -21.18
N VAL H 352 -48.98 27.86 -21.51
CA VAL H 352 -49.92 26.75 -21.64
C VAL H 352 -49.49 25.80 -22.74
N VAL H 353 -48.70 26.28 -23.71
CA VAL H 353 -48.13 25.39 -24.72
C VAL H 353 -47.14 24.44 -24.05
N VAL H 354 -46.23 24.97 -23.24
CA VAL H 354 -45.30 24.08 -22.54
C VAL H 354 -46.08 23.15 -21.62
N TYR H 355 -47.25 23.58 -21.15
CA TYR H 355 -48.07 22.73 -20.29
C TYR H 355 -48.66 21.57 -21.08
N TYR H 356 -49.36 21.86 -22.17
CA TYR H 356 -49.91 20.86 -23.07
C TYR H 356 -48.79 20.12 -23.77
N TYR H 357 -47.55 20.48 -23.44
CA TYR H 357 -46.39 19.65 -23.71
C TYR H 357 -46.06 18.73 -22.56
N ASN H 358 -46.23 19.21 -21.31
CA ASN H 358 -45.72 18.51 -20.15
C ASN H 358 -46.78 17.90 -19.25
N ARG H 359 -48.03 18.38 -19.29
CA ARG H 359 -49.04 17.88 -18.37
C ARG H 359 -49.15 16.36 -18.47
N TYR H 360 -49.08 15.84 -19.67
CA TYR H 360 -48.63 14.49 -19.94
C TYR H 360 -47.25 14.57 -20.56
N PRO H 361 -46.40 13.59 -20.33
CA PRO H 361 -45.12 13.56 -21.06
C PRO H 361 -45.33 13.43 -22.57
N LEU H 362 -46.02 12.37 -23.00
CA LEU H 362 -46.13 12.02 -24.41
C LEU H 362 -47.53 12.24 -24.98
N THR H 363 -48.57 11.83 -24.26
CA THR H 363 -49.92 12.06 -24.75
C THR H 363 -50.13 13.52 -25.09
N THR H 364 -49.50 14.40 -24.31
CA THR H 364 -49.38 15.80 -24.70
C THR H 364 -48.76 15.93 -26.07
N ILE H 365 -47.64 15.24 -26.31
CA ILE H 365 -46.88 15.44 -27.54
C ILE H 365 -47.66 14.94 -28.75
N ILE H 366 -48.24 13.75 -28.64
CA ILE H 366 -49.03 13.22 -29.75
C ILE H 366 -50.24 14.10 -30.01
N GLY H 367 -50.91 14.55 -28.94
CA GLY H 367 -52.00 15.49 -29.11
C GLY H 367 -51.55 16.78 -29.79
N LEU H 368 -50.37 17.27 -29.41
CA LEU H 368 -49.84 18.50 -29.99
C LEU H 368 -49.62 18.34 -31.49
N CYS H 369 -48.91 17.28 -31.88
CA CYS H 369 -48.59 17.12 -33.30
C CYS H 369 -49.87 16.93 -34.12
N THR H 370 -50.77 16.06 -33.67
CA THR H 370 -51.99 15.83 -34.44
C THR H 370 -52.85 17.09 -34.49
N CYS H 371 -52.92 17.83 -33.38
CA CYS H 371 -53.78 19.00 -33.33
C CYS H 371 -53.23 20.13 -34.21
N VAL H 372 -51.93 20.37 -34.16
CA VAL H 372 -51.36 21.41 -35.02
C VAL H 372 -51.56 21.03 -36.48
N ALA H 373 -51.36 19.75 -36.82
CA ALA H 373 -51.58 19.34 -38.20
C ALA H 373 -53.01 19.63 -38.64
N ILE H 374 -53.99 19.19 -37.85
CA ILE H 374 -55.39 19.31 -38.28
C ILE H 374 -55.84 20.77 -38.30
N ILE H 375 -55.37 21.58 -37.34
CA ILE H 375 -55.79 22.98 -37.37
C ILE H 375 -55.18 23.70 -38.56
N MET H 376 -53.94 23.40 -38.90
CA MET H 376 -53.34 24.02 -40.08
C MET H 376 -54.09 23.61 -41.35
N VAL H 377 -54.44 22.33 -41.47
CA VAL H 377 -55.13 21.91 -42.69
C VAL H 377 -56.52 22.56 -42.77
N SER H 378 -57.21 22.67 -41.63
CA SER H 378 -58.50 23.35 -41.62
C SER H 378 -58.36 24.79 -42.07
N CYS H 379 -57.37 25.49 -41.53
CA CYS H 379 -57.20 26.90 -41.87
C CYS H 379 -56.88 27.07 -43.36
N VAL H 380 -55.99 26.23 -43.90
CA VAL H 380 -55.62 26.38 -45.29
C VAL H 380 -56.79 26.04 -46.21
N THR H 381 -57.60 25.06 -45.85
CA THR H 381 -58.81 24.78 -46.62
C THR H 381 -59.72 25.98 -46.62
N SER H 382 -59.93 26.59 -45.45
CA SER H 382 -60.70 27.83 -45.37
C SER H 382 -60.11 28.89 -46.29
N VAL H 383 -58.78 28.97 -46.35
CA VAL H 383 -58.12 29.98 -47.16
C VAL H 383 -58.43 29.77 -48.64
N TRP H 384 -58.32 28.53 -49.11
CA TRP H 384 -58.61 28.29 -50.52
C TRP H 384 -60.07 28.59 -50.84
N LEU H 385 -60.98 28.19 -49.94
CA LEU H 385 -62.38 28.50 -50.19
C LEU H 385 -62.60 30.00 -50.22
N LEU H 386 -61.86 30.73 -49.38
CA LEU H 386 -61.87 32.19 -49.41
C LEU H 386 -61.51 32.70 -50.79
N CYS H 387 -60.38 32.23 -51.32
CA CYS H 387 -59.93 32.71 -52.62
C CYS H 387 -60.93 32.37 -53.72
N ARG H 388 -61.44 31.14 -53.70
CA ARG H 388 -62.52 30.74 -54.59
C ARG H 388 -63.65 31.76 -54.57
N THR H 389 -64.23 31.95 -53.39
CA THR H 389 -65.35 32.88 -53.24
C THR H 389 -64.98 34.28 -53.71
N ARG H 390 -63.73 34.69 -53.47
CA ARG H 390 -63.32 36.04 -53.82
C ARG H 390 -63.29 36.24 -55.33
N ASN H 391 -62.69 35.29 -56.05
CA ASN H 391 -62.71 35.42 -57.50
C ASN H 391 -64.12 35.29 -58.06
N LEU H 392 -64.95 34.46 -57.42
CA LEU H 392 -66.35 34.41 -57.81
C LEU H 392 -67.01 35.77 -57.65
N CYS H 393 -66.72 36.45 -56.55
CA CYS H 393 -67.20 37.81 -56.36
C CYS H 393 -66.60 38.76 -57.40
N ILE H 394 -65.41 38.46 -57.87
CA ILE H 394 -64.83 39.27 -58.93
C ILE H 394 -65.65 39.15 -60.20
N THR H 395 -66.03 37.94 -60.55
CA THR H 395 -66.69 37.62 -61.81
C THR H 395 -67.83 38.55 -62.23
N PRO H 396 -68.67 39.09 -61.31
CA PRO H 396 -69.76 39.97 -61.74
C PRO H 396 -69.37 41.11 -62.66
N TYR H 397 -68.42 41.94 -62.23
CA TYR H 397 -68.18 43.24 -62.85
C TYR H 397 -67.76 43.12 -64.30
N LYS H 398 -67.60 41.89 -64.78
CA LYS H 398 -67.23 41.70 -66.18
C LYS H 398 -68.30 42.21 -67.13
N LEU H 399 -69.42 42.70 -66.60
CA LEU H 399 -70.29 43.55 -67.39
C LEU H 399 -69.55 44.79 -67.86
N ALA H 400 -68.82 45.44 -66.95
CA ALA H 400 -68.16 46.74 -67.15
C ALA H 400 -67.28 46.79 -68.40
N PRO H 401 -66.68 45.67 -68.84
CA PRO H 401 -66.06 45.64 -70.18
C PRO H 401 -66.86 46.33 -71.27
N ASN H 402 -68.17 46.46 -71.09
CA ASN H 402 -68.95 47.35 -71.94
C ASN H 402 -68.44 48.79 -71.89
N ALA H 403 -67.74 49.16 -70.80
CA ALA H 403 -67.21 50.51 -70.64
C ALA H 403 -68.32 51.55 -70.57
N GLN H 404 -69.16 51.42 -69.54
CA GLN H 404 -70.35 52.26 -69.40
C GLN H 404 -70.45 52.71 -67.94
N VAL H 405 -71.66 53.14 -67.54
CA VAL H 405 -71.91 53.89 -66.31
C VAL H 405 -71.53 53.11 -65.05
N PRO H 406 -71.09 53.79 -63.98
CA PRO H 406 -70.63 53.11 -62.78
C PRO H 406 -71.74 52.82 -61.78
N ILE H 407 -71.48 51.83 -60.93
CA ILE H 407 -72.48 51.29 -60.00
C ILE H 407 -71.96 51.31 -58.56
N LEU H 408 -71.06 52.24 -58.26
CA LEU H 408 -70.65 52.58 -56.88
C LEU H 408 -70.34 51.33 -56.04
N LEU H 409 -69.20 50.73 -56.32
CA LEU H 409 -68.71 49.60 -55.55
C LEU H 409 -67.32 49.91 -54.99
N ALA H 410 -66.75 48.94 -54.27
CA ALA H 410 -65.47 49.15 -53.60
C ALA H 410 -64.36 49.49 -54.58
N LEU H 411 -64.26 48.74 -55.68
CA LEU H 411 -63.24 49.05 -56.67
C LEU H 411 -63.63 50.32 -57.42
N LEU H 412 -62.63 50.93 -58.07
CA LEU H 412 -62.74 52.31 -58.51
C LEU H 412 -62.47 52.46 -60.01
N CYS H 413 -63.31 53.25 -60.67
CA CYS H 413 -62.98 53.91 -61.93
C CYS H 413 -63.80 55.18 -61.95
N CYS H 414 -63.20 56.29 -61.52
CA CYS H 414 -63.94 57.51 -61.23
C CYS H 414 -64.32 58.26 -62.49
N ASP I 111 -62.64 49.51 -88.10
CA ASP I 111 -62.05 48.26 -87.63
C ASP I 111 -62.40 47.12 -88.57
N LYS I 112 -61.41 46.67 -89.33
CA LYS I 112 -61.62 45.62 -90.31
C LYS I 112 -61.98 44.30 -89.64
N THR I 113 -62.83 43.53 -90.31
CA THR I 113 -63.28 42.25 -89.79
C THR I 113 -62.17 41.21 -89.88
N PHE I 114 -61.13 41.38 -89.07
CA PHE I 114 -59.96 40.52 -89.09
C PHE I 114 -60.36 39.07 -88.91
N PRO I 115 -60.23 38.24 -89.94
CA PRO I 115 -60.65 36.84 -89.82
C PRO I 115 -59.74 36.06 -88.89
N ILE I 116 -60.29 34.96 -88.38
CA ILE I 116 -59.54 34.03 -87.54
C ILE I 116 -59.38 32.74 -88.35
N MET I 117 -58.18 32.49 -88.85
CA MET I 117 -57.91 31.40 -89.78
C MET I 117 -57.87 30.08 -89.03
N LEU I 118 -59.05 29.49 -88.82
CA LEU I 118 -59.14 28.17 -88.19
C LEU I 118 -58.75 27.13 -89.23
N ASN I 119 -57.45 26.80 -89.26
CA ASN I 119 -56.91 25.88 -90.26
C ASN I 119 -57.26 26.34 -91.67
N GLY I 120 -57.16 27.65 -91.89
CA GLY I 120 -57.54 28.24 -93.16
C GLY I 120 -58.95 28.78 -93.20
N GLN I 121 -59.65 28.83 -92.07
CA GLN I 121 -60.99 29.37 -92.01
C GLN I 121 -60.94 30.89 -91.83
N VAL I 122 -62.08 31.48 -91.49
CA VAL I 122 -62.17 32.88 -91.11
C VAL I 122 -62.94 32.93 -89.80
N ASN I 123 -62.71 31.92 -88.94
CA ASN I 123 -63.60 31.57 -87.85
C ASN I 123 -64.20 32.78 -87.15
N GLY I 124 -63.36 33.74 -86.78
CA GLY I 124 -63.88 35.01 -86.32
C GLY I 124 -63.36 36.14 -87.17
N TYR I 125 -64.24 36.75 -87.97
CA TYR I 125 -63.92 37.96 -88.71
C TYR I 125 -64.05 39.16 -87.76
N ALA I 126 -63.19 39.17 -86.75
CA ALA I 126 -63.35 40.03 -85.59
C ALA I 126 -62.70 41.38 -85.82
N CYS I 127 -62.86 42.27 -84.85
CA CYS I 127 -62.33 43.62 -84.92
C CYS I 127 -62.38 44.20 -83.51
N VAL I 128 -62.08 45.49 -83.39
CA VAL I 128 -62.08 46.19 -82.13
C VAL I 128 -63.00 47.40 -82.26
N VAL I 129 -64.06 47.41 -81.47
CA VAL I 129 -65.01 48.55 -81.48
C VAL I 129 -64.45 49.54 -80.47
N GLY I 130 -63.50 50.35 -80.93
CA GLY I 130 -62.91 51.33 -80.05
C GLY I 130 -62.09 50.72 -78.95
N GLY I 131 -60.96 50.08 -79.27
CA GLY I 131 -60.16 49.48 -78.23
C GLY I 131 -60.44 47.99 -78.03
N ARG I 132 -61.29 47.67 -77.06
CA ARG I 132 -61.64 46.28 -76.79
C ARG I 132 -62.01 45.57 -78.07
N VAL I 133 -61.24 44.55 -78.40
CA VAL I 133 -61.41 43.83 -79.65
C VAL I 133 -62.47 42.76 -79.46
N PHE I 134 -63.13 42.39 -80.55
CA PHE I 134 -64.12 41.31 -80.51
C PHE I 134 -63.41 39.96 -80.53
N LYS I 135 -62.54 39.77 -79.53
CA LYS I 135 -61.79 38.53 -79.51
C LYS I 135 -62.70 37.40 -79.04
N PRO I 136 -63.21 36.59 -79.96
CA PRO I 136 -64.12 35.50 -79.59
C PRO I 136 -63.34 34.26 -79.15
N LEU I 137 -63.42 33.96 -77.87
CA LEU I 137 -62.95 32.64 -77.43
C LEU I 137 -63.95 31.57 -77.78
N HIS I 138 -64.94 31.96 -78.57
CA HIS I 138 -66.03 31.07 -78.94
C HIS I 138 -65.51 29.81 -79.59
N VAL I 139 -64.83 29.94 -80.74
CA VAL I 139 -64.48 28.73 -81.46
C VAL I 139 -62.97 28.58 -81.67
N GLU I 140 -62.37 29.43 -82.50
CA GLU I 140 -61.00 29.19 -82.96
C GLU I 140 -60.51 30.21 -83.97
N GLY I 141 -59.33 29.97 -84.53
CA GLY I 141 -58.86 30.70 -85.71
C GLY I 141 -57.55 31.44 -85.56
N ARG I 142 -56.63 31.17 -86.48
CA ARG I 142 -55.40 31.95 -86.56
C ARG I 142 -55.73 33.38 -86.93
N ILE I 143 -55.22 34.32 -86.14
CA ILE I 143 -55.63 35.72 -86.28
C ILE I 143 -55.22 36.28 -87.64
N ASP I 144 -56.04 37.19 -88.16
CA ASP I 144 -55.66 37.92 -89.36
C ASP I 144 -54.60 38.96 -89.03
N ASN I 145 -54.92 39.90 -88.15
CA ASN I 145 -53.93 40.87 -87.72
C ASN I 145 -53.07 40.31 -86.60
N GLU I 146 -52.52 39.12 -86.80
CA GLU I 146 -51.65 38.51 -85.80
C GLU I 146 -50.51 39.43 -85.43
N GLN I 147 -50.04 40.24 -86.39
CA GLN I 147 -49.14 41.33 -86.08
C GLN I 147 -49.70 42.16 -84.92
N LEU I 148 -50.86 42.77 -85.12
CA LEU I 148 -51.56 43.38 -84.01
C LEU I 148 -51.92 42.34 -82.96
N ALA I 149 -52.39 41.17 -83.40
CA ALA I 149 -52.87 40.16 -82.46
C ALA I 149 -51.78 39.35 -81.84
N ALA I 150 -50.52 39.81 -81.90
CA ALA I 150 -49.45 39.13 -81.18
C ALA I 150 -49.64 39.18 -79.68
N ILE I 151 -50.51 40.07 -79.20
CA ILE I 151 -50.75 40.23 -77.76
C ILE I 151 -51.70 39.16 -77.26
N LYS I 152 -51.80 39.01 -75.95
CA LYS I 152 -52.75 38.11 -75.31
C LYS I 152 -53.97 38.88 -74.84
N LEU I 153 -55.00 38.15 -74.42
CA LEU I 153 -56.29 38.76 -74.13
C LEU I 153 -56.89 38.17 -72.87
N LYS I 154 -58.01 38.76 -72.45
CA LYS I 154 -58.79 38.27 -71.33
C LYS I 154 -59.66 37.10 -71.78
N LYS I 155 -60.63 36.71 -70.96
CA LYS I 155 -61.61 35.71 -71.35
C LYS I 155 -63.00 36.32 -71.23
N ALA I 156 -64.03 35.50 -71.48
CA ALA I 156 -65.42 35.88 -71.20
C ALA I 156 -66.21 34.60 -70.97
N SER I 157 -66.43 34.27 -69.69
CA SER I 157 -67.13 33.03 -69.36
C SER I 157 -68.57 33.07 -69.84
N ILE I 158 -69.27 34.17 -69.56
CA ILE I 158 -70.64 34.31 -69.99
C ILE I 158 -70.77 34.40 -71.50
N TYR I 159 -69.65 34.52 -72.22
CA TYR I 159 -69.71 34.77 -73.66
C TYR I 159 -68.75 33.95 -74.50
N ASP I 160 -67.76 33.27 -73.92
CA ASP I 160 -66.70 32.61 -74.69
C ASP I 160 -66.02 33.60 -75.64
N LEU I 161 -65.47 34.66 -75.04
CA LEU I 161 -64.86 35.74 -75.79
C LEU I 161 -63.58 36.16 -75.08
N GLU I 162 -63.03 37.30 -75.50
CA GLU I 162 -61.81 37.82 -74.91
C GLU I 162 -61.79 39.33 -75.14
N TYR I 163 -61.00 40.01 -74.32
CA TYR I 163 -60.94 41.47 -74.34
C TYR I 163 -59.69 41.94 -75.07
N GLY I 164 -59.87 42.87 -76.00
CA GLY I 164 -58.75 43.36 -76.78
C GLY I 164 -57.99 44.50 -76.14
N ASP I 165 -58.69 45.59 -75.82
CA ASP I 165 -58.06 46.79 -75.28
C ASP I 165 -56.88 47.21 -76.15
N VAL I 166 -57.22 47.55 -77.40
CA VAL I 166 -56.24 47.65 -78.48
C VAL I 166 -55.18 48.70 -78.19
N PRO I 167 -54.08 48.72 -78.96
CA PRO I 167 -52.95 49.59 -78.62
C PRO I 167 -53.27 51.06 -78.84
N GLN I 168 -52.44 51.90 -78.21
CA GLN I 168 -52.52 53.32 -78.48
C GLN I 168 -52.26 53.62 -79.95
N CYS I 169 -51.27 52.93 -80.53
CA CYS I 169 -51.11 52.96 -81.98
C CYS I 169 -52.39 52.54 -82.68
N MET I 170 -53.14 51.63 -82.07
CA MET I 170 -54.41 51.17 -82.64
C MET I 170 -55.57 52.08 -82.27
N LYS I 171 -55.30 53.32 -81.89
CA LYS I 171 -56.36 54.27 -81.58
C LYS I 171 -57.25 54.49 -82.81
N SER I 172 -58.45 55.00 -82.56
CA SER I 172 -59.47 55.22 -83.58
C SER I 172 -59.83 53.92 -84.29
N ASP I 173 -60.43 53.01 -83.50
CA ASP I 173 -60.71 51.67 -83.99
C ASP I 173 -62.10 51.53 -84.61
N THR I 174 -63.16 51.79 -83.83
CA THR I 174 -64.53 51.66 -84.31
C THR I 174 -65.48 52.24 -83.29
N LEU I 175 -66.71 52.49 -83.72
CA LEU I 175 -67.74 53.03 -82.85
C LEU I 175 -68.28 51.96 -81.90
N GLN I 176 -68.96 52.42 -80.86
CA GLN I 176 -69.55 51.56 -79.84
C GLN I 176 -70.97 52.03 -79.53
N TYR I 177 -71.79 52.12 -80.58
CA TYR I 177 -73.13 52.69 -80.47
C TYR I 177 -73.89 52.16 -79.26
N THR I 178 -74.73 53.03 -78.71
CA THR I 178 -75.45 52.71 -77.48
C THR I 178 -76.54 51.67 -77.74
N SER I 179 -77.21 51.27 -76.66
CA SER I 179 -78.26 50.26 -76.74
C SER I 179 -79.53 50.78 -77.38
N ASP I 180 -79.63 52.09 -77.63
CA ASP I 180 -80.84 52.64 -78.24
C ASP I 180 -81.03 52.08 -79.64
N LYS I 181 -82.04 51.23 -79.82
CA LYS I 181 -82.24 50.60 -81.12
C LYS I 181 -83.68 50.13 -81.30
N PRO I 182 -84.37 50.62 -82.32
CA PRO I 182 -85.65 50.03 -82.69
C PRO I 182 -85.43 48.82 -83.59
N PRO I 183 -86.48 48.29 -84.20
CA PRO I 183 -86.26 47.26 -85.22
C PRO I 183 -85.67 47.89 -86.47
N GLY I 184 -84.37 47.69 -86.67
CA GLY I 184 -83.67 48.41 -87.72
C GLY I 184 -82.64 47.57 -88.43
N PHE I 185 -82.48 47.79 -89.73
CA PHE I 185 -81.61 46.97 -90.56
C PHE I 185 -80.14 47.23 -90.27
N TYR I 186 -79.56 46.42 -89.38
CA TYR I 186 -78.13 46.52 -89.05
C TYR I 186 -77.37 45.53 -89.91
N ASN I 187 -76.37 46.01 -90.65
CA ASN I 187 -75.74 45.20 -91.67
C ASN I 187 -74.84 44.13 -91.05
N TRP I 188 -74.48 43.17 -91.89
CA TRP I 188 -73.57 42.09 -91.51
C TRP I 188 -72.95 41.53 -92.78
N HIS I 189 -72.14 40.49 -92.62
CA HIS I 189 -71.65 39.77 -93.80
C HIS I 189 -72.80 39.29 -94.65
N HIS I 190 -73.85 38.77 -94.00
CA HIS I 190 -75.09 38.44 -94.68
C HIS I 190 -75.93 39.66 -94.99
N GLY I 191 -75.58 40.83 -94.48
CA GLY I 191 -76.35 42.04 -94.71
C GLY I 191 -77.11 42.50 -93.49
N ALA I 192 -78.17 43.25 -93.75
CA ALA I 192 -78.92 43.95 -92.71
C ALA I 192 -80.26 43.26 -92.45
N VAL I 193 -80.84 43.59 -91.30
CA VAL I 193 -82.08 42.96 -90.84
C VAL I 193 -82.69 43.81 -89.73
N GLN I 194 -84.02 43.91 -89.70
CA GLN I 194 -84.73 44.89 -88.87
C GLN I 194 -85.79 44.23 -88.00
N TYR I 195 -85.41 43.82 -86.79
CA TYR I 195 -86.38 43.41 -85.79
C TYR I 195 -85.76 43.60 -84.41
N GLU I 196 -86.57 44.03 -83.44
CA GLU I 196 -86.07 44.41 -82.13
C GLU I 196 -86.53 43.46 -81.02
N ASN I 197 -87.83 43.26 -80.86
CA ASN I 197 -88.33 42.35 -79.84
C ASN I 197 -87.72 40.99 -80.07
N ASN I 198 -88.11 40.36 -81.17
CA ASN I 198 -87.28 39.31 -81.74
C ASN I 198 -86.06 39.96 -82.40
N ARG I 199 -84.97 39.22 -82.45
CA ARG I 199 -83.75 39.76 -83.02
C ARG I 199 -83.96 40.11 -84.50
N PHE I 200 -82.95 40.78 -85.06
CA PHE I 200 -83.07 41.43 -86.37
C PHE I 200 -83.72 40.50 -87.39
N THR I 201 -84.58 41.09 -88.22
CA THR I 201 -85.46 40.32 -89.09
C THR I 201 -84.73 39.83 -90.34
N VAL I 202 -83.72 38.99 -90.11
CA VAL I 202 -83.06 38.31 -91.22
C VAL I 202 -83.97 37.16 -91.64
N PRO I 203 -83.85 36.65 -92.86
CA PRO I 203 -84.62 35.47 -93.23
C PRO I 203 -83.83 34.19 -92.98
N ARG I 204 -84.56 33.12 -92.70
CA ARG I 204 -83.93 31.81 -92.65
C ARG I 204 -83.25 31.53 -93.98
N GLY I 205 -82.01 31.06 -93.92
CA GLY I 205 -81.25 30.86 -95.14
C GLY I 205 -79.84 31.42 -95.07
N VAL I 206 -79.41 31.83 -93.88
CA VAL I 206 -78.05 32.29 -93.65
C VAL I 206 -77.41 31.37 -92.63
N GLY I 207 -76.18 30.95 -92.88
CA GLY I 207 -75.54 29.99 -92.01
C GLY I 207 -74.83 30.64 -90.85
N GLY I 208 -75.49 30.69 -89.69
CA GLY I 208 -74.91 31.34 -88.54
C GLY I 208 -73.61 30.71 -88.10
N LYS I 209 -73.56 29.38 -88.10
CA LYS I 209 -72.30 28.68 -87.88
C LYS I 209 -71.26 29.19 -88.86
N GLY I 210 -70.16 29.69 -88.34
CA GLY I 210 -69.18 30.36 -89.17
C GLY I 210 -69.47 31.84 -89.32
N ASP I 211 -70.75 32.19 -89.37
CA ASP I 211 -71.12 33.60 -89.47
C ASP I 211 -70.90 34.38 -88.18
N SER I 212 -70.51 33.70 -87.10
CA SER I 212 -70.18 34.40 -85.88
C SER I 212 -69.07 35.42 -86.12
N GLY I 213 -69.23 36.61 -85.57
CA GLY I 213 -68.35 37.71 -85.86
C GLY I 213 -68.97 38.81 -86.69
N ARG I 214 -70.25 38.70 -87.02
CA ARG I 214 -70.95 39.77 -87.71
C ARG I 214 -71.51 40.74 -86.69
N PRO I 215 -71.21 42.03 -86.77
CA PRO I 215 -71.72 42.97 -85.78
C PRO I 215 -73.01 43.64 -86.23
N ILE I 216 -73.60 44.40 -85.30
CA ILE I 216 -74.81 45.13 -85.63
C ILE I 216 -74.39 46.41 -86.33
N LEU I 217 -74.24 46.33 -87.64
CA LEU I 217 -73.84 47.48 -88.46
C LEU I 217 -75.10 48.29 -88.79
N ASP I 218 -75.60 48.97 -87.75
CA ASP I 218 -76.80 49.77 -87.92
C ASP I 218 -76.55 50.90 -88.92
N ASN I 219 -77.60 51.26 -89.65
CA ASN I 219 -77.47 52.15 -90.80
C ASN I 219 -76.93 53.53 -90.44
N LYS I 220 -76.98 53.90 -89.16
CA LYS I 220 -76.48 55.20 -88.73
C LYS I 220 -74.98 55.19 -88.48
N GLY I 221 -74.26 54.24 -89.08
CA GLY I 221 -72.88 54.02 -88.68
C GLY I 221 -72.78 53.51 -87.27
N ARG I 222 -73.82 52.87 -86.77
CA ARG I 222 -73.92 52.47 -85.38
C ARG I 222 -73.56 51.00 -85.23
N VAL I 223 -72.68 50.71 -84.28
CA VAL I 223 -72.31 49.35 -83.92
C VAL I 223 -72.62 49.18 -82.44
N VAL I 224 -73.57 48.30 -82.13
CA VAL I 224 -74.04 48.15 -80.76
C VAL I 224 -74.13 46.68 -80.38
N ALA I 225 -73.99 45.79 -81.35
CA ALA I 225 -74.20 44.37 -81.09
C ALA I 225 -73.38 43.52 -82.04
N ILE I 226 -73.29 42.23 -81.72
CA ILE I 226 -72.62 41.24 -82.57
C ILE I 226 -73.22 39.88 -82.26
N VAL I 227 -73.11 38.97 -83.23
CA VAL I 227 -73.93 37.75 -83.23
C VAL I 227 -73.48 36.80 -82.12
N LEU I 228 -74.39 35.89 -81.76
CA LEU I 228 -74.08 34.79 -80.86
C LEU I 228 -74.61 33.43 -81.32
N GLY I 229 -75.63 33.37 -82.17
CA GLY I 229 -76.15 32.11 -82.65
C GLY I 229 -77.66 32.16 -82.82
N GLY I 230 -78.28 30.99 -82.82
CA GLY I 230 -79.73 30.90 -82.86
C GLY I 230 -80.38 31.23 -84.18
N VAL I 231 -80.15 30.40 -85.20
CA VAL I 231 -80.39 30.82 -86.58
C VAL I 231 -81.86 31.05 -86.91
N ASN I 232 -82.66 29.99 -86.93
CA ASN I 232 -84.00 30.14 -87.47
C ASN I 232 -84.80 28.86 -87.29
N GLU I 233 -86.11 29.03 -87.13
CA GLU I 233 -87.08 27.96 -87.34
C GLU I 233 -88.09 28.34 -88.42
N GLY I 234 -88.69 29.53 -88.30
CA GLY I 234 -89.51 30.08 -89.36
C GLY I 234 -88.66 30.64 -90.49
N SER I 235 -89.35 31.13 -91.52
CA SER I 235 -88.66 31.66 -92.68
C SER I 235 -87.78 32.86 -92.35
N ARG I 236 -88.10 33.58 -91.28
CA ARG I 236 -87.22 34.65 -90.84
C ARG I 236 -86.08 34.07 -90.00
N THR I 237 -85.12 34.93 -89.69
CA THR I 237 -83.97 34.52 -88.86
C THR I 237 -83.67 35.65 -87.89
N ALA I 238 -84.29 35.60 -86.72
CA ALA I 238 -83.77 36.27 -85.55
C ALA I 238 -82.70 35.37 -84.94
N LEU I 239 -81.82 35.96 -84.15
CA LEU I 239 -80.62 35.23 -83.75
C LEU I 239 -80.16 35.65 -82.36
N SER I 240 -79.17 34.93 -81.84
CA SER I 240 -78.53 35.26 -80.59
C SER I 240 -77.38 36.24 -80.86
N VAL I 241 -77.18 37.17 -79.94
CA VAL I 241 -76.25 38.27 -80.16
C VAL I 241 -75.48 38.59 -78.88
N VAL I 242 -74.65 39.62 -78.93
CA VAL I 242 -74.07 40.23 -77.74
C VAL I 242 -74.12 41.74 -77.94
N THR I 243 -74.54 42.47 -76.91
CA THR I 243 -74.84 43.89 -77.08
C THR I 243 -74.84 44.57 -75.71
N TRP I 244 -75.29 45.83 -75.70
CA TRP I 244 -75.56 46.57 -74.49
C TRP I 244 -77.02 46.35 -74.09
N ASN I 245 -77.26 46.30 -72.78
CA ASN I 245 -78.58 45.95 -72.27
C ASN I 245 -79.43 47.21 -72.10
N GLN I 246 -80.60 47.05 -71.46
CA GLN I 246 -81.49 48.18 -71.26
C GLN I 246 -80.81 49.26 -70.43
N LYS I 247 -80.18 48.86 -69.34
CA LYS I 247 -79.29 49.75 -68.61
C LYS I 247 -77.94 49.89 -69.28
N GLY I 248 -77.79 49.39 -70.51
CA GLY I 248 -76.50 49.38 -71.17
C GLY I 248 -75.59 48.26 -70.75
N VAL I 249 -76.06 47.35 -69.88
CA VAL I 249 -75.22 46.24 -69.45
C VAL I 249 -74.81 45.40 -70.65
N THR I 250 -73.76 44.61 -70.47
CA THR I 250 -73.20 43.84 -71.57
C THR I 250 -74.18 42.72 -71.90
N VAL I 251 -75.21 43.09 -72.66
CA VAL I 251 -76.27 42.16 -73.02
C VAL I 251 -75.70 41.03 -73.86
N LYS I 252 -75.70 39.82 -73.31
CA LYS I 252 -75.29 38.62 -74.04
C LYS I 252 -76.58 37.94 -74.50
N ASP I 253 -76.97 38.21 -75.74
CA ASP I 253 -78.26 37.75 -76.24
C ASP I 253 -78.18 36.28 -76.62
N THR I 254 -79.13 35.49 -76.12
CA THR I 254 -79.14 34.05 -76.31
C THR I 254 -80.50 33.64 -76.86
N PRO I 255 -80.67 33.66 -78.18
CA PRO I 255 -81.88 33.07 -78.77
C PRO I 255 -82.07 31.65 -78.30
N GLU I 256 -83.15 31.39 -77.57
CA GLU I 256 -83.39 30.08 -77.00
C GLU I 256 -83.36 29.01 -78.08
N GLY I 257 -82.63 27.92 -77.82
CA GLY I 257 -82.38 26.92 -78.84
C GLY I 257 -81.49 27.47 -79.93
N SER I 258 -80.24 27.76 -79.59
CA SER I 258 -79.36 28.52 -80.46
C SER I 258 -78.57 27.57 -81.36
N GLU I 259 -78.67 27.78 -82.67
CA GLU I 259 -77.74 27.16 -83.59
C GLU I 259 -76.34 27.66 -83.27
N PRO I 260 -75.35 26.77 -83.13
CA PRO I 260 -74.00 27.22 -82.76
C PRO I 260 -73.49 28.26 -83.74
N TRP I 261 -73.25 29.47 -83.23
CA TRP I 261 -72.84 30.62 -84.02
C TRP I 261 -73.91 31.03 -85.04
N TYR J 1 6.97 -60.67 -68.12
CA TYR J 1 6.31 -59.53 -68.77
C TYR J 1 6.21 -58.34 -67.83
N GLU J 2 6.45 -57.14 -68.34
CA GLU J 2 6.33 -55.93 -67.54
C GLU J 2 5.14 -55.12 -67.99
N HIS J 3 4.34 -54.67 -67.02
CA HIS J 3 3.30 -53.69 -67.28
C HIS J 3 3.43 -52.56 -66.27
N THR J 4 3.29 -51.34 -66.75
CA THR J 4 3.40 -50.15 -65.92
C THR J 4 2.07 -49.41 -65.88
N ALA J 5 2.01 -48.41 -65.02
CA ALA J 5 0.82 -47.58 -64.87
C ALA J 5 1.19 -46.34 -64.06
N VAL J 6 0.21 -45.48 -63.85
CA VAL J 6 0.38 -44.31 -63.00
C VAL J 6 -0.73 -44.39 -61.96
N MET J 7 -0.36 -44.79 -60.75
CA MET J 7 -1.52 -44.86 -59.88
C MET J 7 -1.63 -43.61 -59.02
N PRO J 8 -2.85 -43.12 -58.85
CA PRO J 8 -3.07 -41.99 -57.93
C PRO J 8 -2.71 -42.37 -56.50
N ASN J 9 -2.40 -41.34 -55.71
CA ASN J 9 -2.03 -41.58 -54.31
C ASN J 9 -3.25 -42.02 -53.54
N LYS J 10 -3.30 -43.32 -53.22
CA LYS J 10 -4.38 -43.93 -52.45
C LYS J 10 -3.72 -44.68 -51.31
N VAL J 11 -3.46 -43.96 -50.21
CA VAL J 11 -2.69 -44.54 -49.12
C VAL J 11 -3.38 -45.76 -48.54
N GLY J 12 -4.69 -45.65 -48.31
CA GLY J 12 -5.41 -46.74 -47.68
C GLY J 12 -6.04 -47.71 -48.66
N ILE J 13 -6.74 -47.18 -49.67
CA ILE J 13 -7.59 -47.99 -50.53
C ILE J 13 -6.76 -48.96 -51.34
N PRO J 14 -7.29 -50.14 -51.66
CA PRO J 14 -6.54 -51.09 -52.50
C PRO J 14 -6.59 -50.69 -53.96
N TYR J 15 -6.00 -51.51 -54.83
CA TYR J 15 -6.13 -51.28 -56.26
C TYR J 15 -5.88 -52.56 -57.01
N LYS J 16 -6.95 -53.11 -57.58
CA LYS J 16 -6.87 -54.22 -58.51
C LYS J 16 -6.96 -53.68 -59.93
N ALA J 17 -6.35 -54.42 -60.86
CA ALA J 17 -6.60 -54.21 -62.27
C ALA J 17 -6.25 -55.48 -63.01
N LEU J 18 -7.19 -55.98 -63.80
CA LEU J 18 -6.92 -57.15 -64.64
C LEU J 18 -5.96 -56.75 -65.77
N VAL J 19 -5.02 -57.64 -66.05
CA VAL J 19 -4.04 -57.42 -67.11
C VAL J 19 -4.07 -58.63 -68.04
N GLU J 20 -4.23 -58.37 -69.33
CA GLU J 20 -4.42 -59.40 -70.33
C GLU J 20 -3.31 -59.35 -71.38
N ARG J 21 -3.49 -60.16 -72.42
CA ARG J 21 -2.56 -60.28 -73.53
C ARG J 21 -3.22 -61.08 -74.64
N PRO J 22 -3.01 -60.72 -75.91
CA PRO J 22 -3.58 -61.53 -77.00
C PRO J 22 -3.08 -62.96 -76.92
N GLY J 23 -3.98 -63.89 -77.21
CA GLY J 23 -3.67 -65.30 -77.06
C GLY J 23 -3.38 -65.74 -75.65
N TYR J 24 -3.53 -64.85 -74.67
CA TYR J 24 -3.19 -65.13 -73.28
C TYR J 24 -4.37 -64.82 -72.38
N ALA J 25 -4.60 -65.69 -71.40
CA ALA J 25 -5.62 -65.40 -70.40
C ALA J 25 -5.14 -64.27 -69.49
N PRO J 26 -6.04 -63.42 -69.03
CA PRO J 26 -5.63 -62.27 -68.22
C PRO J 26 -5.35 -62.66 -66.77
N VAL J 27 -4.80 -61.69 -66.03
CA VAL J 27 -4.58 -61.83 -64.60
C VAL J 27 -4.75 -60.46 -63.96
N HIS J 28 -5.24 -60.46 -62.73
CA HIS J 28 -5.52 -59.24 -62.00
C HIS J 28 -4.32 -58.83 -61.16
N LEU J 29 -4.48 -57.73 -60.43
CA LEU J 29 -3.52 -57.34 -59.43
C LEU J 29 -4.27 -56.91 -58.18
N GLN J 30 -3.53 -56.49 -57.16
CA GLN J 30 -4.12 -55.74 -56.05
C GLN J 30 -2.99 -55.00 -55.37
N ILE J 31 -2.85 -53.72 -55.69
CA ILE J 31 -1.85 -52.89 -55.03
C ILE J 31 -2.55 -52.10 -53.94
N GLN J 32 -1.86 -51.90 -52.82
CA GLN J 32 -2.44 -51.16 -51.72
C GLN J 32 -1.33 -50.58 -50.88
N LEU J 33 -1.25 -49.26 -50.82
CA LEU J 33 -0.20 -48.61 -50.07
C LEU J 33 -0.27 -49.00 -48.60
N VAL J 34 0.90 -49.16 -47.99
CA VAL J 34 1.00 -49.46 -46.57
C VAL J 34 1.59 -48.29 -45.80
N ASN J 35 2.70 -47.74 -46.28
CA ASN J 35 3.29 -46.56 -45.65
C ASN J 35 3.52 -45.50 -46.71
N THR J 36 3.72 -44.29 -46.23
CA THR J 36 4.31 -43.21 -47.01
C THR J 36 5.34 -42.56 -46.11
N ARG J 37 6.56 -42.41 -46.59
CA ARG J 37 7.70 -42.08 -45.74
C ARG J 37 8.51 -41.00 -46.44
N ILE J 38 8.45 -39.79 -45.92
CA ILE J 38 9.01 -38.61 -46.55
C ILE J 38 10.16 -38.17 -45.67
N ILE J 39 11.39 -38.48 -46.06
CA ILE J 39 12.54 -38.30 -45.18
C ILE J 39 13.37 -37.13 -45.74
N PRO J 40 13.30 -35.95 -45.14
CA PRO J 40 14.19 -34.86 -45.53
C PRO J 40 15.62 -35.14 -45.07
N SER J 41 16.55 -34.42 -45.67
CA SER J 41 17.96 -34.61 -45.37
C SER J 41 18.41 -33.71 -44.22
N THR J 42 17.66 -33.74 -43.14
CA THR J 42 17.77 -32.72 -42.10
C THR J 42 18.99 -32.96 -41.22
N ASN J 43 19.09 -32.16 -40.16
CA ASN J 43 20.13 -32.24 -39.15
C ASN J 43 19.78 -31.24 -38.07
N LEU J 44 20.33 -31.47 -36.88
CA LEU J 44 20.23 -30.50 -35.80
C LEU J 44 21.39 -29.51 -35.90
N GLU J 45 21.17 -28.30 -35.37
CA GLU J 45 22.19 -27.27 -35.41
C GLU J 45 22.77 -26.98 -34.03
N TYR J 46 21.94 -26.66 -33.06
CA TYR J 46 22.43 -26.33 -31.73
C TYR J 46 21.32 -26.66 -30.74
N ILE J 47 21.64 -26.60 -29.45
CA ILE J 47 20.69 -26.94 -28.41
C ILE J 47 20.59 -25.77 -27.44
N THR J 48 19.58 -25.86 -26.57
CA THR J 48 19.32 -24.86 -25.54
C THR J 48 18.51 -25.52 -24.44
N CYS J 49 18.70 -25.04 -23.22
CA CYS J 49 18.07 -25.60 -22.03
C CYS J 49 18.40 -24.69 -20.85
N LYS J 50 17.88 -25.00 -19.67
CA LYS J 50 18.04 -24.09 -18.54
C LYS J 50 19.51 -23.97 -18.15
N TYR J 51 19.85 -22.81 -17.57
CA TYR J 51 21.21 -22.46 -17.19
C TYR J 51 21.48 -22.92 -15.76
N LYS J 52 22.58 -22.43 -15.19
CA LYS J 52 22.78 -22.48 -13.75
C LYS J 52 23.75 -21.38 -13.38
N THR J 53 23.72 -20.99 -12.11
CA THR J 53 24.52 -19.87 -11.64
C THR J 53 25.07 -20.21 -10.26
N LYS J 54 26.38 -20.22 -10.13
CA LYS J 54 27.06 -20.52 -8.88
C LYS J 54 27.93 -19.36 -8.47
N VAL J 55 28.35 -19.37 -7.21
CA VAL J 55 29.17 -18.27 -6.68
C VAL J 55 30.35 -18.85 -5.91
N PRO J 56 31.57 -18.42 -6.19
CA PRO J 56 32.70 -18.86 -5.38
C PRO J 56 32.74 -18.14 -4.05
N SER J 57 33.79 -18.33 -3.27
CA SER J 57 33.87 -17.69 -1.97
C SER J 57 34.16 -16.20 -2.13
N PRO J 58 33.27 -15.31 -1.70
CA PRO J 58 33.53 -13.87 -1.83
C PRO J 58 34.62 -13.44 -0.86
N VAL J 59 35.57 -12.64 -1.36
CA VAL J 59 36.77 -12.36 -0.60
C VAL J 59 36.44 -11.50 0.61
N VAL J 60 37.38 -11.48 1.57
CA VAL J 60 37.18 -10.80 2.83
C VAL J 60 38.52 -10.61 3.53
N LYS J 61 38.65 -9.53 4.29
CA LYS J 61 39.85 -9.27 5.09
C LYS J 61 39.44 -8.46 6.32
N CYS J 62 40.44 -7.95 7.03
CA CYS J 62 40.23 -6.90 8.02
C CYS J 62 40.27 -5.53 7.39
N CYS J 63 41.18 -5.32 6.45
CA CYS J 63 41.27 -4.08 5.70
C CYS J 63 41.79 -4.38 4.30
N GLY J 64 41.86 -3.35 3.47
CA GLY J 64 42.34 -3.53 2.11
C GLY J 64 41.35 -4.33 1.29
N ALA J 65 41.80 -4.69 0.08
CA ALA J 65 40.92 -5.42 -0.81
C ALA J 65 41.74 -6.36 -1.69
N THR J 66 41.11 -7.45 -2.10
CA THR J 66 41.63 -8.25 -3.19
C THR J 66 41.07 -7.69 -4.49
N GLN J 67 41.26 -8.40 -5.60
CA GLN J 67 40.95 -7.85 -6.91
C GLN J 67 40.04 -8.80 -7.68
N CYS J 68 39.14 -8.21 -8.46
CA CYS J 68 38.26 -8.98 -9.33
C CYS J 68 38.91 -9.21 -10.68
N THR J 69 38.77 -10.42 -11.19
CA THR J 69 39.44 -10.85 -12.41
C THR J 69 38.40 -11.28 -13.45
N SER J 70 38.89 -11.87 -14.54
CA SER J 70 38.04 -12.44 -15.57
C SER J 70 37.93 -13.95 -15.36
N LYS J 71 37.31 -14.31 -14.24
CA LYS J 71 37.01 -15.72 -14.00
C LYS J 71 36.10 -16.20 -15.13
N PRO J 72 36.60 -17.03 -16.03
CA PRO J 72 35.90 -17.22 -17.29
C PRO J 72 34.61 -18.01 -17.13
N HIS J 73 33.49 -17.30 -17.16
CA HIS J 73 32.17 -17.89 -17.16
C HIS J 73 31.27 -17.02 -18.00
N PRO J 74 30.20 -17.56 -18.57
CA PRO J 74 29.21 -16.72 -19.23
C PRO J 74 28.66 -15.70 -18.25
N ASP J 75 28.52 -14.46 -18.71
CA ASP J 75 27.87 -13.39 -17.95
C ASP J 75 28.48 -13.19 -16.58
N TYR J 76 29.68 -13.72 -16.36
CA TYR J 76 30.31 -13.67 -15.04
C TYR J 76 30.63 -12.22 -14.67
N GLN J 77 30.44 -11.91 -13.38
CA GLN J 77 30.77 -10.59 -12.86
C GLN J 77 31.55 -10.72 -11.57
N CYS J 78 32.14 -9.59 -11.17
CA CYS J 78 32.90 -9.48 -9.93
C CYS J 78 33.18 -8.01 -9.70
N GLN J 79 33.09 -7.57 -8.46
CA GLN J 79 33.35 -6.17 -8.15
C GLN J 79 33.81 -6.04 -6.71
N VAL J 80 34.82 -5.20 -6.48
CA VAL J 80 35.25 -4.94 -5.13
C VAL J 80 34.13 -4.27 -4.35
N PHE J 81 34.19 -4.41 -3.03
CA PHE J 81 33.23 -3.75 -2.16
C PHE J 81 33.98 -3.28 -0.91
N SER J 82 33.80 -2.00 -0.59
CA SER J 82 34.68 -1.31 0.35
C SER J 82 33.94 -1.00 1.64
N GLY J 83 34.68 -1.04 2.75
CA GLY J 83 34.10 -0.83 4.06
C GLY J 83 33.01 -1.84 4.32
N VAL J 84 33.29 -3.12 4.06
CA VAL J 84 32.26 -4.14 4.08
C VAL J 84 31.64 -4.25 5.47
N TYR J 85 32.48 -4.30 6.50
CA TYR J 85 32.05 -4.46 7.88
C TYR J 85 30.99 -5.55 8.11
N PRO J 86 31.25 -6.78 7.64
CA PRO J 86 30.29 -7.87 7.92
C PRO J 86 30.66 -8.65 9.16
N PHE J 87 29.64 -9.06 9.89
CA PHE J 87 29.82 -9.86 11.09
C PHE J 87 29.64 -11.33 10.77
N MET J 88 30.20 -12.17 11.65
CA MET J 88 29.92 -13.58 11.67
C MET J 88 29.45 -13.96 13.07
N TYR J 89 28.57 -14.96 13.13
CA TYR J 89 28.00 -15.38 14.40
C TYR J 89 29.11 -15.73 15.39
N GLY J 90 28.99 -15.23 16.62
CA GLY J 90 29.98 -15.49 17.63
C GLY J 90 31.37 -15.12 17.17
N GLY J 91 31.46 -14.09 16.34
CA GLY J 91 32.72 -13.72 15.74
C GLY J 91 33.29 -12.41 16.24
N ALA J 92 34.09 -11.77 15.40
CA ALA J 92 34.64 -10.46 15.70
C ALA J 92 34.59 -9.56 14.47
N TYR J 93 33.58 -9.76 13.62
CA TYR J 93 33.28 -8.93 12.46
C TYR J 93 34.34 -9.02 11.37
N CYS J 94 35.32 -9.91 11.51
CA CYS J 94 36.33 -10.19 10.50
C CYS J 94 37.26 -9.01 10.25
N PHE J 95 37.14 -7.93 11.04
CA PHE J 95 37.98 -6.76 10.84
C PHE J 95 38.46 -6.20 12.17
N CYS J 96 39.24 -5.13 12.07
CA CYS J 96 39.38 -4.13 13.11
C CYS J 96 38.96 -2.76 12.61
N ASP J 97 38.66 -2.63 11.32
CA ASP J 97 38.43 -1.34 10.68
C ASP J 97 37.61 -1.59 9.40
N THR J 98 37.61 -0.61 8.50
CA THR J 98 37.04 -0.80 7.17
C THR J 98 37.59 -2.09 6.56
N GLU J 99 36.68 -3.01 6.27
CA GLU J 99 37.08 -4.28 5.65
C GLU J 99 37.62 -4.04 4.24
N ASN J 100 36.83 -3.36 3.41
CA ASN J 100 37.19 -2.97 2.06
C ASN J 100 37.33 -4.18 1.13
N THR J 101 37.19 -5.39 1.68
CA THR J 101 37.55 -6.62 0.97
C THR J 101 36.29 -7.43 0.70
N GLN J 102 35.74 -7.30 -0.51
CA GLN J 102 34.62 -8.14 -0.92
C GLN J 102 34.53 -8.09 -2.45
N MET J 103 34.82 -9.21 -3.11
CA MET J 103 34.82 -9.25 -4.56
C MET J 103 33.49 -9.69 -5.15
N SER J 104 32.72 -10.51 -4.43
CA SER J 104 31.44 -11.02 -4.92
C SER J 104 31.59 -11.67 -6.30
N GLU J 105 32.68 -12.41 -6.48
CA GLU J 105 32.93 -13.09 -7.74
C GLU J 105 31.79 -14.05 -8.06
N ALA J 106 31.41 -14.11 -9.33
CA ALA J 106 30.21 -14.82 -9.76
C ALA J 106 30.59 -15.94 -10.72
N TYR J 107 29.55 -16.62 -11.22
CA TYR J 107 29.71 -17.72 -12.15
C TYR J 107 28.35 -18.12 -12.72
N VAL J 108 28.26 -18.30 -14.03
CA VAL J 108 27.05 -18.81 -14.67
C VAL J 108 27.42 -20.09 -15.40
N GLU J 109 26.53 -21.07 -15.32
CA GLU J 109 26.75 -22.38 -15.91
C GLU J 109 25.40 -22.93 -16.37
N ARG J 110 25.32 -24.23 -16.60
CA ARG J 110 24.18 -24.84 -17.25
C ARG J 110 23.45 -25.80 -16.31
N SER J 111 22.17 -26.01 -16.57
CA SER J 111 21.37 -26.89 -15.73
C SER J 111 21.69 -28.34 -16.06
N GLU J 112 21.00 -29.26 -15.39
CA GLU J 112 21.25 -30.69 -15.54
C GLU J 112 20.15 -31.42 -16.28
N GLU J 113 18.95 -30.85 -16.35
CA GLU J 113 17.96 -31.35 -17.29
C GLU J 113 18.51 -31.35 -18.71
N CYS J 114 19.42 -30.41 -19.00
CA CYS J 114 20.09 -30.33 -20.29
C CYS J 114 20.49 -31.72 -20.79
N SER J 115 21.12 -32.50 -19.92
CA SER J 115 21.38 -33.90 -20.22
C SER J 115 20.10 -34.61 -20.66
N ILE J 116 19.11 -34.66 -19.78
CA ILE J 116 17.86 -35.33 -20.11
C ILE J 116 17.13 -34.57 -21.20
N ASP J 117 17.07 -33.25 -21.08
CA ASP J 117 16.15 -32.45 -21.88
C ASP J 117 16.82 -31.13 -22.25
N HIS J 118 16.83 -30.83 -23.54
CA HIS J 118 17.42 -29.60 -24.05
C HIS J 118 16.74 -29.32 -25.37
N ALA J 119 17.15 -28.22 -26.01
CA ALA J 119 16.51 -27.94 -27.28
C ALA J 119 17.05 -28.87 -28.36
N LYS J 120 16.27 -28.99 -29.42
CA LYS J 120 16.62 -29.79 -30.58
C LYS J 120 16.34 -28.89 -31.78
N ALA J 121 17.35 -28.10 -32.16
CA ALA J 121 17.20 -27.07 -33.18
C ALA J 121 17.84 -27.52 -34.47
N TYR J 122 17.07 -27.49 -35.54
CA TYR J 122 17.41 -28.22 -36.75
C TYR J 122 17.43 -27.33 -37.97
N LYS J 123 18.31 -27.67 -38.91
CA LYS J 123 18.19 -27.28 -40.29
C LYS J 123 17.71 -28.49 -41.07
N VAL J 124 16.65 -28.32 -41.85
CA VAL J 124 15.99 -29.42 -42.53
C VAL J 124 16.16 -29.24 -44.02
N HIS J 125 16.69 -30.25 -44.68
CA HIS J 125 17.13 -30.14 -46.06
C HIS J 125 16.22 -31.01 -46.93
N THR J 126 16.58 -31.12 -48.21
CA THR J 126 15.73 -31.75 -49.21
C THR J 126 15.32 -33.17 -48.84
N GLY J 127 16.29 -34.07 -48.78
CA GLY J 127 15.96 -35.45 -48.47
C GLY J 127 15.02 -36.13 -49.44
N THR J 128 14.48 -37.25 -48.98
CA THR J 128 13.81 -38.19 -49.86
C THR J 128 12.37 -38.47 -49.41
N VAL J 129 11.71 -39.29 -50.20
CA VAL J 129 10.39 -39.83 -49.91
C VAL J 129 10.42 -41.32 -50.24
N GLN J 130 9.76 -42.12 -49.41
CA GLN J 130 9.48 -43.48 -49.80
C GLN J 130 8.16 -43.90 -49.18
N ALA J 131 7.83 -45.18 -49.27
CA ALA J 131 6.47 -45.61 -48.99
C ALA J 131 6.43 -47.12 -49.01
N MET J 132 5.44 -47.68 -48.32
CA MET J 132 5.18 -49.11 -48.35
C MET J 132 3.84 -49.37 -49.01
N VAL J 133 3.76 -50.52 -49.68
CA VAL J 133 2.58 -50.94 -50.41
C VAL J 133 2.29 -52.38 -50.04
N ASN J 134 1.15 -52.88 -50.50
CA ASN J 134 0.88 -54.31 -50.49
C ASN J 134 0.38 -54.71 -51.87
N ILE J 135 0.99 -55.73 -52.45
CA ILE J 135 0.53 -56.29 -53.71
C ILE J 135 -0.10 -57.65 -53.42
N THR J 136 -1.33 -57.83 -53.90
CA THR J 136 -2.01 -59.12 -53.85
C THR J 136 -2.54 -59.35 -55.27
N TYR J 137 -1.63 -59.73 -56.17
CA TYR J 137 -1.99 -59.77 -57.57
C TYR J 137 -2.49 -61.15 -57.97
N GLY J 138 -3.07 -61.22 -59.17
CA GLY J 138 -3.16 -62.48 -59.89
C GLY J 138 -3.55 -63.65 -59.01
N SER J 139 -2.58 -64.54 -58.83
CA SER J 139 -2.68 -65.63 -57.85
C SER J 139 -1.95 -65.34 -56.56
N VAL J 140 -1.49 -64.11 -56.34
CA VAL J 140 -0.63 -63.77 -55.22
C VAL J 140 -1.46 -63.15 -54.11
N SER J 141 -1.09 -63.45 -52.86
CA SER J 141 -1.74 -62.98 -51.65
C SER J 141 -1.08 -61.69 -51.18
N TRP J 142 -1.32 -61.29 -49.93
CA TRP J 142 -0.73 -60.08 -49.38
C TRP J 142 0.79 -60.12 -49.47
N ARG J 143 1.36 -59.25 -50.30
CA ARG J 143 2.80 -59.08 -50.39
C ARG J 143 3.05 -57.60 -50.14
N SER J 144 3.26 -57.24 -48.88
CA SER J 144 3.49 -55.85 -48.54
C SER J 144 4.93 -55.48 -48.83
N ALA J 145 5.12 -54.41 -49.59
CA ALA J 145 6.43 -54.03 -50.09
C ALA J 145 6.63 -52.53 -49.91
N ASP J 146 7.88 -52.15 -49.66
CA ASP J 146 8.25 -50.77 -49.36
C ASP J 146 9.38 -50.34 -50.27
N VAL J 147 9.32 -49.12 -50.78
CA VAL J 147 10.36 -48.61 -51.67
C VAL J 147 10.29 -47.10 -51.82
N TYR J 148 11.39 -46.51 -52.30
CA TYR J 148 11.58 -45.09 -52.46
C TYR J 148 10.83 -44.54 -53.67
N VAL J 149 10.54 -43.24 -53.62
CA VAL J 149 9.65 -42.62 -54.59
C VAL J 149 10.28 -42.62 -55.98
N ASN J 150 11.61 -42.47 -56.05
CA ASN J 150 12.32 -42.24 -57.29
C ASN J 150 11.81 -43.13 -58.42
N GLY J 151 11.62 -42.53 -59.59
CA GLY J 151 11.11 -43.25 -60.74
C GLY J 151 12.07 -44.27 -61.30
N GLU J 152 13.18 -44.50 -60.61
CA GLU J 152 14.20 -45.42 -61.06
C GLU J 152 14.19 -46.75 -60.33
N THR J 153 13.78 -46.77 -59.05
CA THR J 153 14.03 -47.87 -58.14
C THR J 153 13.72 -49.24 -58.75
N PRO J 154 14.75 -50.04 -59.05
CA PRO J 154 14.50 -51.41 -59.50
C PRO J 154 14.39 -52.37 -58.32
N ALA J 155 13.17 -52.84 -58.05
CA ALA J 155 12.94 -53.72 -56.91
C ALA J 155 12.15 -54.93 -57.37
N LYS J 156 12.66 -56.12 -57.08
CA LYS J 156 12.00 -57.36 -57.46
C LYS J 156 11.50 -58.08 -56.22
N ILE J 157 10.21 -58.35 -56.17
CA ILE J 157 9.62 -59.22 -55.16
C ILE J 157 8.89 -60.32 -55.90
N GLY J 158 9.26 -61.57 -55.60
CA GLY J 158 8.78 -62.67 -56.41
C GLY J 158 9.12 -62.43 -57.85
N ASP J 159 8.11 -62.18 -58.67
CA ASP J 159 8.30 -61.80 -60.06
C ASP J 159 8.01 -60.32 -60.31
N ALA J 160 7.77 -59.54 -59.27
CA ALA J 160 7.37 -58.14 -59.43
C ALA J 160 8.60 -57.25 -59.41
N LYS J 161 9.09 -56.89 -60.60
CA LYS J 161 10.16 -55.89 -60.71
C LYS J 161 9.53 -54.53 -60.55
N LEU J 162 9.46 -54.07 -59.31
CA LEU J 162 8.85 -52.79 -59.00
C LEU J 162 9.72 -51.65 -59.51
N ILE J 163 9.09 -50.70 -60.21
CA ILE J 163 9.65 -49.38 -60.46
C ILE J 163 8.56 -48.38 -60.11
N ILE J 164 8.89 -47.40 -59.28
CA ILE J 164 7.90 -46.61 -58.57
C ILE J 164 7.99 -45.15 -59.00
N GLY J 165 6.86 -44.58 -59.40
CA GLY J 165 6.74 -43.16 -59.59
C GLY J 165 7.75 -42.56 -60.54
N PRO J 166 8.33 -41.41 -60.16
CA PRO J 166 8.09 -40.78 -58.86
C PRO J 166 6.77 -40.03 -58.80
N LEU J 167 6.35 -39.66 -57.60
CA LEU J 167 5.04 -39.05 -57.42
C LEU J 167 4.92 -37.75 -58.20
N SER J 168 3.74 -37.54 -58.80
CA SER J 168 3.41 -36.27 -59.42
C SER J 168 3.62 -35.12 -58.45
N SER J 169 2.94 -35.15 -57.31
CA SER J 169 3.08 -34.10 -56.31
C SER J 169 4.49 -34.12 -55.72
N ALA J 170 4.96 -32.93 -55.31
CA ALA J 170 6.36 -32.75 -54.95
C ALA J 170 6.53 -31.88 -53.71
N TRP J 171 5.75 -32.13 -52.65
CA TRP J 171 5.94 -31.31 -51.46
C TRP J 171 5.37 -32.01 -50.22
N SER J 172 6.03 -31.76 -49.10
CA SER J 172 5.52 -32.10 -47.78
C SER J 172 5.60 -30.87 -46.88
N PRO J 173 4.64 -30.68 -46.00
CA PRO J 173 4.72 -29.51 -45.10
C PRO J 173 5.81 -29.69 -44.07
N PHE J 174 6.96 -29.06 -44.32
CA PHE J 174 8.08 -29.07 -43.41
C PHE J 174 8.65 -27.65 -43.37
N ASP J 175 9.82 -27.51 -42.75
CA ASP J 175 10.58 -26.27 -42.82
C ASP J 175 12.00 -26.56 -42.39
N ASN J 176 12.94 -25.81 -42.98
CA ASN J 176 14.34 -25.96 -42.61
C ASN J 176 14.56 -25.78 -41.12
N LYS J 177 13.95 -24.75 -40.55
CA LYS J 177 14.16 -24.40 -39.15
C LYS J 177 12.96 -24.88 -38.36
N VAL J 178 13.04 -26.11 -37.85
CA VAL J 178 11.99 -26.68 -37.04
C VAL J 178 12.64 -27.33 -35.83
N VAL J 179 12.08 -27.09 -34.65
CA VAL J 179 12.65 -27.58 -33.41
C VAL J 179 11.67 -28.56 -32.78
N VAL J 180 12.12 -29.19 -31.70
CA VAL J 180 11.36 -30.27 -31.08
C VAL J 180 11.80 -30.47 -29.63
N TYR J 181 10.83 -30.65 -28.76
CA TYR J 181 11.03 -31.28 -27.46
C TYR J 181 10.22 -32.55 -27.46
N GLY J 182 10.53 -33.46 -26.53
CA GLY J 182 9.73 -34.65 -26.30
C GLY J 182 9.22 -35.29 -27.58
N HIS J 183 7.96 -35.71 -27.57
CA HIS J 183 7.31 -36.14 -28.80
C HIS J 183 6.96 -34.96 -29.68
N GLU J 184 6.68 -33.80 -29.09
CA GLU J 184 6.22 -32.64 -29.83
C GLU J 184 7.32 -32.14 -30.76
N VAL J 185 6.96 -31.20 -31.62
CA VAL J 185 7.89 -30.67 -32.58
C VAL J 185 7.32 -29.37 -33.11
N TYR J 186 8.18 -28.39 -33.38
CA TYR J 186 7.72 -27.05 -33.67
C TYR J 186 8.63 -26.40 -34.68
N ASN J 187 8.04 -25.80 -35.71
CA ASN J 187 8.81 -24.89 -36.54
C ASN J 187 9.16 -23.68 -35.70
N TYR J 188 10.38 -23.62 -35.21
CA TYR J 188 10.93 -22.36 -34.73
C TYR J 188 11.47 -21.63 -35.94
N ASP J 189 10.89 -20.46 -36.22
CA ASP J 189 11.27 -19.64 -37.36
C ASP J 189 12.76 -19.70 -37.61
N PHE J 190 13.53 -19.43 -36.58
CA PHE J 190 14.97 -19.59 -36.59
C PHE J 190 15.43 -19.65 -35.16
N PRO J 191 16.15 -20.67 -34.77
CA PRO J 191 16.81 -20.66 -33.45
C PRO J 191 18.08 -19.83 -33.55
N GLU J 192 18.10 -18.70 -32.88
CA GLU J 192 19.15 -17.70 -33.08
C GLU J 192 20.43 -18.24 -32.47
N TYR J 193 21.10 -19.09 -33.25
CA TYR J 193 22.15 -19.96 -32.74
C TYR J 193 23.31 -19.16 -32.16
N GLY J 194 24.04 -18.42 -33.00
CA GLY J 194 25.18 -17.67 -32.48
C GLY J 194 24.76 -16.48 -31.64
N THR J 195 23.60 -15.90 -31.95
CA THR J 195 23.17 -14.64 -31.35
C THR J 195 22.49 -14.92 -30.02
N GLY J 196 23.12 -14.50 -28.93
CA GLY J 196 22.49 -14.57 -27.62
C GLY J 196 21.24 -13.72 -27.57
N LYS J 197 20.08 -14.36 -27.56
CA LYS J 197 18.81 -13.64 -27.58
C LYS J 197 18.41 -13.21 -26.18
N ALA J 198 19.34 -12.56 -25.47
CA ALA J 198 19.14 -12.15 -24.08
C ALA J 198 18.75 -13.33 -23.20
N GLY J 199 19.00 -14.54 -23.66
CA GLY J 199 18.46 -15.72 -23.03
C GLY J 199 16.96 -15.86 -23.16
N SER J 200 16.31 -14.99 -23.93
CA SER J 200 14.86 -15.04 -24.07
C SER J 200 14.42 -16.34 -24.70
N PHE J 201 15.16 -16.82 -25.70
CA PHE J 201 14.95 -18.17 -26.20
C PHE J 201 16.28 -18.91 -26.23
N GLY J 202 17.35 -18.20 -26.51
CA GLY J 202 18.68 -18.77 -26.46
C GLY J 202 19.22 -18.75 -25.05
N ASP J 203 18.47 -19.33 -24.12
CA ASP J 203 18.93 -19.36 -22.73
C ASP J 203 20.22 -20.16 -22.60
N LEU J 204 20.34 -21.23 -23.38
CA LEU J 204 21.59 -21.99 -23.47
C LEU J 204 22.05 -21.92 -24.92
N GLN J 205 22.85 -20.91 -25.23
CA GLN J 205 23.30 -20.69 -26.60
C GLN J 205 24.53 -21.54 -26.86
N SER J 206 24.31 -22.82 -27.19
CA SER J 206 25.38 -23.80 -27.34
C SER J 206 25.15 -24.71 -28.53
N ARG J 207 26.25 -25.04 -29.22
CA ARG J 207 26.18 -25.93 -30.37
C ARG J 207 25.60 -27.29 -29.99
N THR J 208 26.09 -27.89 -28.90
CA THR J 208 25.65 -29.20 -28.49
C THR J 208 25.47 -29.19 -26.97
N SER J 209 25.06 -30.33 -26.45
CA SER J 209 25.11 -30.54 -25.00
C SER J 209 26.55 -30.45 -24.50
N THR J 210 27.44 -31.20 -25.12
CA THR J 210 28.85 -31.18 -24.72
C THR J 210 29.59 -29.96 -25.23
N SER J 211 29.08 -29.28 -26.25
CA SER J 211 29.66 -28.01 -26.65
C SER J 211 29.43 -27.01 -25.53
N ASN J 212 30.49 -26.72 -24.78
CA ASN J 212 30.37 -25.82 -23.63
C ASN J 212 30.65 -24.38 -24.03
N ASP J 213 29.98 -23.97 -25.10
CA ASP J 213 30.10 -22.62 -25.67
C ASP J 213 28.79 -21.92 -25.39
N LEU J 214 28.75 -21.07 -24.36
CA LEU J 214 27.52 -20.39 -23.98
C LEU J 214 27.56 -18.95 -24.47
N TYR J 215 27.19 -18.77 -25.74
CA TYR J 215 27.09 -17.44 -26.30
C TYR J 215 25.73 -16.86 -25.95
N ALA J 216 25.38 -16.91 -24.67
CA ALA J 216 24.12 -16.40 -24.17
C ALA J 216 24.39 -15.42 -23.04
N ASN J 217 23.40 -14.60 -22.74
CA ASN J 217 23.53 -13.58 -21.70
C ASN J 217 22.33 -13.66 -20.76
N THR J 218 22.56 -14.17 -19.56
CA THR J 218 21.61 -13.99 -18.47
C THR J 218 21.65 -12.59 -17.90
N ASN J 219 22.51 -11.73 -18.44
CA ASN J 219 22.59 -10.34 -18.01
C ASN J 219 22.81 -10.28 -16.50
N LEU J 220 23.69 -11.14 -16.03
CA LEU J 220 23.99 -11.22 -14.60
C LEU J 220 24.64 -9.93 -14.15
N LYS J 221 24.06 -9.32 -13.12
CA LYS J 221 24.62 -8.12 -12.52
C LYS J 221 24.59 -8.29 -11.01
N LEU J 222 25.68 -7.92 -10.36
CA LEU J 222 25.81 -8.07 -8.91
C LEU J 222 25.27 -6.85 -8.20
N GLN J 223 24.83 -7.07 -6.96
CA GLN J 223 24.46 -5.98 -6.07
C GLN J 223 25.42 -5.99 -4.90
N ARG J 224 25.51 -4.88 -4.21
CA ARG J 224 26.50 -4.77 -3.14
C ARG J 224 26.08 -5.60 -1.93
N PRO J 225 26.87 -6.57 -1.50
CA PRO J 225 26.64 -7.18 -0.19
C PRO J 225 26.75 -6.14 0.91
N GLN J 226 25.90 -6.27 1.91
CA GLN J 226 25.68 -5.20 2.87
C GLN J 226 25.08 -5.81 4.13
N ALA J 227 24.64 -4.94 5.04
CA ALA J 227 23.93 -5.32 6.26
C ALA J 227 24.74 -6.28 7.12
N GLY J 228 26.06 -6.24 7.00
CA GLY J 228 26.90 -7.18 7.72
C GLY J 228 26.69 -8.60 7.25
N ILE J 229 25.97 -8.77 6.15
CA ILE J 229 25.63 -10.09 5.62
C ILE J 229 26.68 -10.49 4.59
N VAL J 230 27.28 -11.65 4.80
CA VAL J 230 28.15 -12.24 3.78
C VAL J 230 27.25 -12.87 2.72
N HIS J 231 27.21 -12.26 1.55
CA HIS J 231 26.37 -12.76 0.47
C HIS J 231 26.79 -12.06 -0.80
N THR J 232 26.17 -12.46 -1.91
CA THR J 232 26.41 -11.85 -3.22
C THR J 232 25.06 -11.48 -3.82
N PRO J 233 24.43 -10.43 -3.30
CA PRO J 233 23.20 -9.94 -3.94
C PRO J 233 23.52 -9.55 -5.36
N PHE J 234 22.57 -9.78 -6.24
CA PHE J 234 22.86 -9.72 -7.67
C PHE J 234 21.53 -9.71 -8.42
N THR J 235 21.64 -9.74 -9.74
CA THR J 235 20.49 -9.97 -10.60
C THR J 235 20.99 -10.60 -11.89
N GLN J 236 20.08 -11.24 -12.60
CA GLN J 236 20.35 -11.90 -13.86
C GLN J 236 19.02 -12.15 -14.54
N VAL J 237 19.04 -12.86 -15.66
CA VAL J 237 17.81 -13.03 -16.42
C VAL J 237 17.14 -14.34 -16.03
N PRO J 238 15.81 -14.37 -15.93
CA PRO J 238 15.12 -15.64 -15.78
C PRO J 238 15.24 -16.46 -17.05
N SER J 239 15.08 -17.78 -16.90
CA SER J 239 15.30 -18.67 -18.02
C SER J 239 14.27 -18.42 -19.10
N GLY J 240 14.61 -17.56 -20.06
CA GLY J 240 13.63 -17.10 -21.03
C GLY J 240 13.07 -18.22 -21.88
N PHE J 241 13.95 -19.11 -22.37
CA PHE J 241 13.46 -20.24 -23.14
C PHE J 241 12.47 -21.06 -22.34
N GLU J 242 12.68 -21.17 -21.03
CA GLU J 242 11.68 -21.77 -20.16
C GLU J 242 10.40 -20.92 -20.14
N ARG J 243 10.57 -19.59 -20.04
CA ARG J 243 9.41 -18.72 -20.09
C ARG J 243 8.55 -19.03 -21.31
N TRP J 244 9.19 -19.28 -22.46
CA TRP J 244 8.45 -19.79 -23.59
C TRP J 244 7.94 -21.20 -23.32
N LYS J 245 8.70 -22.01 -22.58
CA LYS J 245 8.20 -23.33 -22.28
C LYS J 245 6.90 -23.27 -21.49
N LYS J 246 6.52 -22.08 -21.07
CA LYS J 246 5.12 -21.78 -20.75
C LYS J 246 4.30 -21.44 -21.98
N ASP J 247 4.90 -20.85 -23.01
CA ASP J 247 4.17 -20.36 -24.17
C ASP J 247 4.30 -21.29 -25.36
N LYS J 248 4.49 -22.58 -25.12
CA LYS J 248 4.54 -23.54 -26.21
C LYS J 248 3.19 -23.60 -26.92
N GLY J 249 3.22 -23.93 -28.21
CA GLY J 249 2.03 -23.88 -29.02
C GLY J 249 1.57 -25.22 -29.56
N ALA J 250 1.03 -25.21 -30.78
CA ALA J 250 0.48 -26.41 -31.39
C ALA J 250 1.54 -27.07 -32.25
N PRO J 251 1.97 -28.29 -31.93
CA PRO J 251 2.98 -28.95 -32.76
C PRO J 251 2.46 -29.18 -34.17
N LEU J 252 3.41 -29.16 -35.11
CA LEU J 252 3.06 -29.22 -36.52
C LEU J 252 2.33 -30.51 -36.87
N ASN J 253 2.77 -31.63 -36.29
CA ASN J 253 2.08 -32.89 -36.49
C ASN J 253 0.59 -32.75 -36.22
N ASP J 254 0.24 -31.95 -35.21
CA ASP J 254 -1.15 -31.70 -34.90
C ASP J 254 -1.78 -30.74 -35.90
N VAL J 255 -0.98 -30.02 -36.67
CA VAL J 255 -1.50 -29.11 -37.68
C VAL J 255 -1.34 -29.64 -39.08
N ALA J 256 -0.69 -30.78 -39.24
CA ALA J 256 -0.41 -31.31 -40.57
C ALA J 256 -1.71 -31.62 -41.30
N PRO J 257 -1.95 -31.02 -42.45
CA PRO J 257 -3.17 -31.31 -43.21
C PRO J 257 -3.14 -32.69 -43.84
N PHE J 258 -4.12 -32.98 -44.68
CA PHE J 258 -4.27 -34.30 -45.31
C PHE J 258 -4.31 -35.40 -44.28
N GLY J 259 -4.81 -35.04 -43.08
CA GLY J 259 -5.03 -35.98 -42.00
C GLY J 259 -3.92 -36.98 -41.81
N CYS J 260 -2.68 -36.55 -41.99
CA CYS J 260 -1.57 -37.46 -41.99
C CYS J 260 -0.52 -36.98 -41.01
N SER J 261 0.42 -37.87 -40.69
CA SER J 261 1.26 -37.69 -39.51
C SER J 261 2.75 -37.75 -39.84
N ILE J 262 3.58 -37.80 -38.80
CA ILE J 262 5.02 -37.63 -38.93
C ILE J 262 5.73 -38.71 -38.13
N ALA J 263 6.92 -39.09 -38.59
CA ALA J 263 7.78 -40.00 -37.86
C ALA J 263 8.94 -39.24 -37.24
N LEU J 264 9.30 -39.63 -36.02
CA LEU J 264 10.29 -38.89 -35.23
C LEU J 264 11.66 -38.87 -35.90
N GLU J 265 12.30 -40.03 -36.02
CA GLU J 265 13.71 -40.05 -36.40
C GLU J 265 14.00 -39.50 -37.79
N PRO J 266 13.26 -39.85 -38.85
CA PRO J 266 13.61 -39.34 -40.19
C PRO J 266 12.83 -38.12 -40.62
N LEU J 267 11.97 -37.59 -39.74
CA LEU J 267 10.92 -36.66 -40.14
C LEU J 267 10.10 -37.25 -41.28
N ARG J 268 9.91 -38.57 -41.24
CA ARG J 268 9.08 -39.22 -42.24
C ARG J 268 7.65 -38.71 -42.10
N ALA J 269 7.20 -37.96 -43.09
CA ALA J 269 5.77 -37.65 -43.18
C ALA J 269 5.03 -38.93 -43.48
N GLU J 270 3.82 -39.05 -42.94
CA GLU J 270 3.14 -40.34 -42.94
C GLU J 270 1.79 -40.22 -43.65
N ASN J 271 1.83 -40.48 -44.96
CA ASN J 271 0.64 -40.82 -45.73
C ASN J 271 -0.34 -39.66 -45.89
N CYS J 272 0.17 -38.53 -46.36
CA CYS J 272 -0.67 -37.46 -46.89
C CYS J 272 -0.98 -37.82 -48.34
N ALA J 273 -2.09 -38.54 -48.54
CA ALA J 273 -2.36 -39.24 -49.80
C ALA J 273 -2.78 -38.24 -50.88
N VAL J 274 -1.77 -37.63 -51.52
CA VAL J 274 -1.97 -36.69 -52.61
C VAL J 274 -1.07 -37.06 -53.78
N GLY J 275 -1.62 -36.99 -54.99
CA GLY J 275 -0.82 -37.15 -56.20
C GLY J 275 -1.09 -38.46 -56.90
N SER J 276 -0.30 -38.69 -57.95
CA SER J 276 -0.36 -39.94 -58.71
C SER J 276 1.04 -40.48 -58.93
N ILE J 277 1.14 -41.80 -59.03
CA ILE J 277 2.44 -42.46 -59.01
C ILE J 277 2.62 -43.31 -60.26
N PRO J 278 3.51 -42.92 -61.16
CA PRO J 278 3.81 -43.75 -62.33
C PRO J 278 4.65 -44.96 -61.98
N ILE J 279 3.99 -46.03 -61.56
CA ILE J 279 4.67 -47.25 -61.18
C ILE J 279 4.92 -48.11 -62.42
N SER J 280 5.92 -48.99 -62.31
CA SER J 280 6.25 -49.92 -63.39
C SER J 280 6.69 -51.23 -62.75
N ILE J 281 5.98 -52.31 -63.06
CA ILE J 281 6.21 -53.60 -62.43
C ILE J 281 6.28 -54.69 -63.48
N ASP J 282 7.26 -55.58 -63.36
CA ASP J 282 7.31 -56.77 -64.20
C ASP J 282 6.42 -57.86 -63.60
N ILE J 283 5.80 -58.63 -64.48
CA ILE J 283 4.92 -59.71 -64.08
C ILE J 283 5.49 -61.01 -64.64
N PRO J 284 5.16 -62.15 -64.04
CA PRO J 284 5.54 -63.41 -64.66
C PRO J 284 4.71 -63.70 -65.89
N ASP J 285 5.31 -63.54 -67.08
CA ASP J 285 4.61 -63.93 -68.29
C ASP J 285 4.35 -65.43 -68.31
N ALA J 286 5.09 -66.20 -67.53
CA ALA J 286 4.78 -67.61 -67.35
C ALA J 286 3.45 -67.80 -66.63
N ALA J 287 3.10 -66.88 -65.73
CA ALA J 287 1.82 -66.97 -65.03
C ALA J 287 0.65 -66.84 -65.98
N PHE J 288 0.89 -66.35 -67.20
CA PHE J 288 -0.13 -66.36 -68.23
C PHE J 288 -0.52 -67.77 -68.61
N THR J 289 -1.59 -67.88 -69.40
CA THR J 289 -1.94 -69.11 -70.09
C THR J 289 -2.45 -68.72 -71.46
N ARG J 290 -3.10 -69.65 -72.14
CA ARG J 290 -3.58 -69.39 -73.49
C ARG J 290 -4.88 -68.61 -73.44
N ILE J 291 -5.54 -68.48 -74.57
CA ILE J 291 -6.81 -67.76 -74.65
C ILE J 291 -7.87 -68.68 -75.23
N SER J 292 -7.44 -69.65 -76.04
CA SER J 292 -8.37 -70.56 -76.69
C SER J 292 -8.81 -71.70 -75.80
N GLU J 293 -7.92 -72.18 -74.93
CA GLU J 293 -8.25 -73.25 -74.00
C GLU J 293 -9.34 -72.85 -73.01
N THR J 294 -9.66 -71.57 -72.92
CA THR J 294 -10.51 -71.07 -71.86
C THR J 294 -11.97 -71.48 -72.06
N PRO J 295 -12.68 -71.76 -70.97
CA PRO J 295 -14.16 -71.75 -71.02
C PRO J 295 -14.66 -70.41 -71.54
N THR J 296 -15.32 -70.44 -72.68
CA THR J 296 -15.61 -69.23 -73.43
C THR J 296 -16.91 -68.58 -72.96
N VAL J 297 -17.01 -67.27 -73.19
CA VAL J 297 -18.20 -66.49 -72.91
C VAL J 297 -19.26 -66.79 -73.95
N SER J 298 -20.48 -66.36 -73.67
CA SER J 298 -21.62 -66.47 -74.59
C SER J 298 -22.73 -65.60 -74.01
N ASP J 299 -23.91 -65.66 -74.63
CA ASP J 299 -25.20 -65.40 -73.97
C ASP J 299 -25.12 -64.28 -72.93
N LEU J 300 -24.53 -63.16 -73.33
CA LEU J 300 -24.25 -62.09 -72.38
C LEU J 300 -25.51 -61.32 -72.02
N GLU J 301 -25.74 -61.12 -70.72
CA GLU J 301 -26.77 -60.25 -70.20
C GLU J 301 -26.58 -60.10 -68.70
N CYS J 302 -26.75 -58.88 -68.20
CA CYS J 302 -26.71 -58.62 -66.76
C CYS J 302 -27.93 -57.84 -66.34
N LYS J 303 -28.50 -58.21 -65.20
CA LYS J 303 -29.63 -57.53 -64.61
C LYS J 303 -29.14 -56.50 -63.60
N ILE J 304 -29.58 -55.26 -63.77
CA ILE J 304 -29.28 -54.21 -62.82
C ILE J 304 -30.28 -54.30 -61.69
N THR J 305 -29.96 -55.05 -60.64
CA THR J 305 -30.91 -55.23 -59.55
C THR J 305 -31.20 -53.91 -58.85
N GLU J 306 -30.21 -53.35 -58.15
CA GLU J 306 -30.38 -52.06 -57.48
C GLU J 306 -29.09 -51.56 -56.85
N CYS J 307 -28.93 -50.24 -56.81
CA CYS J 307 -27.89 -49.61 -56.01
C CYS J 307 -28.46 -48.33 -55.40
N THR J 308 -28.05 -48.04 -54.18
CA THR J 308 -28.28 -46.74 -53.56
C THR J 308 -26.93 -46.07 -53.37
N TYR J 309 -26.83 -44.80 -53.79
CA TYR J 309 -25.52 -44.15 -53.77
C TYR J 309 -25.07 -43.95 -52.33
N ALA J 310 -24.12 -44.76 -51.89
CA ALA J 310 -23.60 -44.74 -50.55
C ALA J 310 -22.14 -45.15 -50.59
N PHE J 311 -21.43 -44.95 -49.49
CA PHE J 311 -19.99 -45.21 -49.46
C PHE J 311 -19.69 -46.67 -49.72
N ASP J 312 -20.13 -47.55 -48.83
CA ASP J 312 -19.99 -48.99 -48.99
C ASP J 312 -20.46 -49.39 -50.37
N PHE J 313 -20.00 -50.52 -50.91
CA PHE J 313 -20.38 -50.81 -52.30
C PHE J 313 -21.87 -51.12 -52.34
N GLY J 314 -22.67 -50.12 -51.99
CA GLY J 314 -24.08 -50.28 -51.69
C GLY J 314 -24.94 -50.44 -52.92
N GLY J 315 -24.56 -51.37 -53.78
CA GLY J 315 -25.41 -51.70 -54.89
C GLY J 315 -25.17 -53.09 -55.41
N ILE J 316 -26.25 -53.85 -55.55
CA ILE J 316 -26.20 -55.24 -55.97
C ILE J 316 -26.90 -55.36 -57.32
N ALA J 317 -26.28 -56.09 -58.24
CA ALA J 317 -26.92 -56.39 -59.51
C ALA J 317 -26.40 -57.73 -59.99
N THR J 318 -27.16 -58.37 -60.86
CA THR J 318 -26.86 -59.73 -61.26
C THR J 318 -26.72 -59.83 -62.78
N VAL J 319 -26.51 -61.06 -63.24
CA VAL J 319 -26.43 -61.36 -64.65
C VAL J 319 -27.32 -62.55 -64.95
N ALA J 320 -27.68 -62.68 -66.22
CA ALA J 320 -28.39 -63.83 -66.74
C ALA J 320 -27.69 -64.26 -68.01
N TYR J 321 -27.30 -65.52 -68.09
CA TYR J 321 -26.30 -65.88 -69.08
C TYR J 321 -26.21 -67.39 -69.20
N LYS J 322 -25.68 -67.83 -70.34
CA LYS J 322 -25.36 -69.23 -70.59
C LYS J 322 -23.93 -69.30 -71.11
N SER J 323 -23.18 -70.26 -70.59
CA SER J 323 -21.75 -70.37 -70.85
C SER J 323 -21.44 -71.41 -71.93
N SER J 324 -20.25 -71.27 -72.51
CA SER J 324 -19.71 -72.33 -73.34
C SER J 324 -19.41 -73.56 -72.51
N LYS J 325 -18.67 -73.38 -71.43
CA LYS J 325 -18.46 -74.43 -70.43
C LYS J 325 -18.11 -73.74 -69.11
N ALA J 326 -18.31 -74.49 -68.02
CA ALA J 326 -18.14 -73.92 -66.69
C ALA J 326 -16.68 -73.62 -66.40
N GLY J 327 -16.45 -72.93 -65.29
CA GLY J 327 -15.12 -72.67 -64.81
C GLY J 327 -15.07 -71.36 -64.03
N ASN J 328 -14.02 -70.58 -64.29
CA ASN J 328 -13.82 -69.30 -63.64
C ASN J 328 -13.28 -68.30 -64.66
N CYS J 329 -13.52 -67.03 -64.39
CA CYS J 329 -13.06 -65.97 -65.29
C CYS J 329 -13.19 -64.61 -64.61
N PRO J 330 -12.21 -63.73 -64.77
CA PRO J 330 -12.24 -62.46 -64.05
C PRO J 330 -13.32 -61.52 -64.56
N ILE J 331 -13.75 -60.64 -63.69
CA ILE J 331 -14.70 -59.58 -64.03
C ILE J 331 -14.04 -58.26 -63.65
N HIS J 332 -13.30 -57.68 -64.58
CA HIS J 332 -12.63 -56.43 -64.29
C HIS J 332 -13.61 -55.27 -64.43
N SER J 333 -13.31 -54.19 -63.72
CA SER J 333 -14.10 -52.98 -63.87
C SER J 333 -13.26 -51.92 -64.57
N PRO J 334 -13.18 -51.95 -65.90
CA PRO J 334 -12.51 -50.84 -66.60
C PRO J 334 -13.14 -49.50 -66.31
N SER J 335 -14.46 -49.48 -66.15
CA SER J 335 -15.18 -48.32 -65.66
C SER J 335 -15.57 -48.62 -64.22
N GLY J 336 -14.81 -48.08 -63.28
CA GLY J 336 -15.08 -48.30 -61.87
C GLY J 336 -16.11 -47.32 -61.34
N VAL J 337 -17.16 -47.06 -62.11
CA VAL J 337 -18.18 -46.10 -61.70
C VAL J 337 -18.93 -46.66 -60.51
N ALA J 338 -19.64 -47.77 -60.72
CA ALA J 338 -20.19 -48.53 -59.61
C ALA J 338 -19.06 -49.37 -59.05
N VAL J 339 -18.45 -48.92 -57.95
CA VAL J 339 -17.18 -49.50 -57.54
C VAL J 339 -17.45 -50.93 -57.06
N ILE J 340 -17.13 -51.88 -57.93
CA ILE J 340 -17.58 -53.26 -57.73
C ILE J 340 -16.90 -53.85 -56.51
N LYS J 341 -17.69 -54.51 -55.67
CA LYS J 341 -17.09 -55.36 -54.64
C LYS J 341 -16.21 -56.42 -55.27
N GLU J 342 -16.57 -56.88 -56.45
CA GLU J 342 -15.93 -58.03 -57.08
C GLU J 342 -14.99 -57.59 -58.20
N ASN J 343 -13.97 -58.41 -58.43
CA ASN J 343 -13.02 -58.21 -59.50
C ASN J 343 -12.78 -59.47 -60.32
N ASP J 344 -13.10 -60.64 -59.77
CA ASP J 344 -12.92 -61.91 -60.44
C ASP J 344 -13.85 -62.90 -59.77
N VAL J 345 -14.57 -63.69 -60.57
CA VAL J 345 -15.52 -64.66 -60.06
C VAL J 345 -15.40 -65.94 -60.85
N THR J 346 -15.87 -67.03 -60.25
CA THR J 346 -16.04 -68.25 -61.03
C THR J 346 -17.13 -68.04 -62.07
N LEU J 347 -17.00 -68.74 -63.19
CA LEU J 347 -17.98 -68.68 -64.26
C LEU J 347 -18.46 -70.10 -64.51
N ALA J 348 -19.45 -70.52 -63.75
CA ALA J 348 -20.07 -71.81 -63.99
C ALA J 348 -20.87 -71.76 -65.29
N GLU J 349 -21.24 -72.95 -65.76
CA GLU J 349 -22.10 -73.02 -66.93
C GLU J 349 -23.38 -72.25 -66.68
N SER J 350 -23.76 -71.41 -67.64
CA SER J 350 -24.85 -70.46 -67.47
C SER J 350 -24.60 -69.58 -66.24
N GLY J 351 -23.39 -69.05 -66.14
CA GLY J 351 -23.10 -68.16 -65.03
C GLY J 351 -24.05 -66.98 -65.04
N SER J 352 -25.06 -67.05 -64.18
CA SER J 352 -26.13 -66.06 -64.12
C SER J 352 -26.27 -65.71 -62.64
N PHE J 353 -25.51 -64.71 -62.21
CA PHE J 353 -25.29 -64.46 -60.79
C PHE J 353 -25.04 -62.97 -60.62
N THR J 354 -24.67 -62.58 -59.40
CA THR J 354 -24.72 -61.19 -58.99
C THR J 354 -23.37 -60.68 -58.51
N PHE J 355 -23.39 -59.49 -57.96
CA PHE J 355 -22.19 -58.74 -57.60
C PHE J 355 -22.63 -57.48 -56.86
N HIS J 356 -21.65 -56.75 -56.32
CA HIS J 356 -21.94 -55.57 -55.53
C HIS J 356 -20.98 -54.46 -55.89
N PHE J 357 -21.40 -53.22 -55.62
CA PHE J 357 -20.76 -52.05 -56.21
C PHE J 357 -21.36 -50.80 -55.59
N SER J 358 -20.54 -49.75 -55.52
CA SER J 358 -21.04 -48.43 -55.14
C SER J 358 -20.73 -47.42 -56.23
N THR J 359 -21.71 -46.58 -56.54
CA THR J 359 -21.44 -45.37 -57.28
C THR J 359 -22.20 -44.23 -56.61
N ALA J 360 -21.63 -43.04 -56.70
CA ALA J 360 -22.33 -41.87 -56.18
C ALA J 360 -23.53 -41.50 -57.03
N ASN J 361 -23.72 -42.18 -58.16
CA ASN J 361 -24.75 -41.80 -59.12
C ASN J 361 -26.13 -41.86 -58.52
N ILE J 362 -26.98 -40.91 -58.92
CA ILE J 362 -28.42 -41.13 -58.83
C ILE J 362 -28.81 -42.24 -59.78
N HIS J 363 -28.14 -42.33 -60.95
CA HIS J 363 -28.20 -43.50 -61.81
C HIS J 363 -27.14 -43.39 -62.91
N PRO J 364 -26.40 -44.46 -63.17
CA PRO J 364 -25.56 -44.52 -64.37
C PRO J 364 -26.27 -45.12 -65.57
N ALA J 365 -25.55 -45.23 -66.67
CA ALA J 365 -25.96 -46.02 -67.83
C ALA J 365 -24.78 -46.81 -68.38
N PHE J 366 -23.83 -47.17 -67.54
CA PHE J 366 -22.50 -47.56 -67.96
C PHE J 366 -22.36 -49.08 -67.99
N LYS J 367 -21.13 -49.53 -68.22
CA LYS J 367 -20.84 -50.94 -68.42
C LYS J 367 -19.39 -51.18 -68.04
N LEU J 368 -19.01 -52.45 -67.98
CA LEU J 368 -17.63 -52.83 -67.75
C LEU J 368 -17.43 -54.26 -68.23
N GLN J 369 -16.27 -54.82 -67.94
CA GLN J 369 -15.84 -56.07 -68.56
C GLN J 369 -16.08 -57.26 -67.65
N VAL J 370 -16.17 -58.43 -68.27
CA VAL J 370 -16.19 -59.71 -67.58
C VAL J 370 -15.67 -60.79 -68.53
N CYS J 371 -14.67 -61.55 -68.09
CA CYS J 371 -14.14 -62.67 -68.86
C CYS J 371 -13.79 -62.27 -70.29
N THR J 372 -13.02 -61.19 -70.42
CA THR J 372 -12.63 -60.65 -71.73
C THR J 372 -13.86 -60.34 -72.58
N SER J 373 -14.98 -60.04 -71.92
CA SER J 373 -16.25 -59.79 -72.61
C SER J 373 -16.94 -58.66 -71.85
N ALA J 374 -16.83 -57.45 -72.36
CA ALA J 374 -17.43 -56.29 -71.72
C ALA J 374 -18.94 -56.30 -71.97
N VAL J 375 -19.72 -56.32 -70.89
CA VAL J 375 -21.17 -56.37 -71.00
C VAL J 375 -21.75 -55.15 -70.29
N THR J 376 -22.98 -54.81 -70.67
CA THR J 376 -23.60 -53.55 -70.29
C THR J 376 -24.75 -53.79 -69.30
N CYS J 377 -24.65 -53.16 -68.14
CA CYS J 377 -25.70 -53.12 -67.14
C CYS J 377 -25.76 -51.66 -66.71
N LYS J 378 -26.81 -50.95 -67.14
CA LYS J 378 -26.76 -49.49 -67.17
C LYS J 378 -26.60 -48.91 -65.76
N GLY J 379 -27.42 -49.35 -64.81
CA GLY J 379 -27.41 -48.78 -63.48
C GLY J 379 -28.66 -47.99 -63.12
N ASP J 380 -29.55 -48.60 -62.36
CA ASP J 380 -30.85 -48.05 -62.08
C ASP J 380 -30.74 -46.79 -61.21
N CYS J 381 -31.88 -46.15 -60.98
CA CYS J 381 -31.93 -45.01 -60.08
C CYS J 381 -31.52 -45.43 -58.68
N LYS J 382 -30.86 -44.53 -57.96
CA LYS J 382 -30.25 -44.88 -56.70
C LYS J 382 -30.78 -44.01 -55.57
N PRO J 383 -31.19 -44.61 -54.47
CA PRO J 383 -31.52 -43.82 -53.28
C PRO J 383 -30.26 -43.26 -52.64
N PRO J 384 -30.40 -42.19 -51.87
CA PRO J 384 -29.32 -41.79 -50.95
C PRO J 384 -29.28 -42.73 -49.77
N LYS J 385 -28.48 -42.39 -48.76
CA LYS J 385 -28.53 -43.10 -47.48
C LYS J 385 -29.95 -43.39 -47.03
N GLN J 394 -14.41 -41.63 -45.36
CA GLN J 394 -14.32 -43.08 -45.22
C GLN J 394 -13.77 -43.72 -46.47
N HIS J 395 -14.39 -43.44 -47.62
CA HIS J 395 -13.98 -44.06 -48.86
C HIS J 395 -14.59 -43.28 -50.03
N THR J 396 -14.10 -43.58 -51.22
CA THR J 396 -14.41 -42.81 -52.43
C THR J 396 -15.78 -43.18 -53.00
N GLU J 397 -16.06 -42.66 -54.19
CA GLU J 397 -17.22 -43.00 -55.00
C GLU J 397 -16.81 -42.78 -56.46
N SER J 398 -17.80 -42.65 -57.35
CA SER J 398 -17.53 -42.21 -58.71
C SER J 398 -17.60 -40.68 -58.81
N PHE J 399 -18.75 -40.11 -58.47
CA PHE J 399 -18.94 -38.75 -57.96
C PHE J 399 -18.61 -37.58 -58.90
N THR J 400 -18.03 -37.84 -60.08
CA THR J 400 -17.62 -36.71 -60.90
C THR J 400 -18.81 -35.94 -61.43
N SER J 401 -19.60 -36.58 -62.29
CA SER J 401 -20.87 -36.05 -62.73
C SER J 401 -21.84 -37.18 -63.05
N ALA J 402 -21.44 -38.43 -62.78
CA ALA J 402 -22.20 -39.63 -63.14
C ALA J 402 -23.51 -39.75 -62.41
N ILE J 403 -23.86 -38.79 -61.56
CA ILE J 403 -25.07 -38.84 -60.75
C ILE J 403 -26.25 -38.39 -61.59
N SER J 404 -26.01 -38.27 -62.90
CA SER J 404 -27.02 -37.85 -63.86
C SER J 404 -28.34 -38.58 -63.65
N ALA J 405 -29.43 -37.87 -63.91
CA ALA J 405 -30.77 -38.39 -63.77
C ALA J 405 -31.58 -38.00 -65.00
N THR J 406 -32.85 -38.43 -65.00
CA THR J 406 -33.71 -38.28 -66.18
C THR J 406 -33.97 -36.82 -66.51
N ALA J 407 -34.46 -36.06 -65.53
CA ALA J 407 -34.92 -34.70 -65.80
C ALA J 407 -33.78 -33.83 -66.31
N TRP J 408 -32.54 -34.15 -65.95
CA TRP J 408 -31.40 -33.34 -66.37
C TRP J 408 -31.25 -33.37 -67.88
N SER J 409 -31.01 -34.58 -68.43
CA SER J 409 -30.89 -34.74 -69.87
C SER J 409 -32.21 -34.45 -70.57
N TRP J 410 -33.33 -34.46 -69.84
CA TRP J 410 -34.61 -34.07 -70.42
C TRP J 410 -34.65 -32.57 -70.68
N ILE J 411 -34.50 -31.77 -69.62
CA ILE J 411 -34.70 -30.33 -69.73
C ILE J 411 -33.57 -29.69 -70.52
N LYS J 412 -32.35 -30.21 -70.41
CA LYS J 412 -31.24 -29.61 -71.15
C LYS J 412 -31.53 -29.62 -72.64
N VAL J 413 -31.92 -30.78 -73.17
CA VAL J 413 -32.22 -30.87 -74.59
C VAL J 413 -33.52 -30.12 -74.91
N LEU J 414 -34.49 -30.13 -73.99
CA LEU J 414 -35.69 -29.32 -74.17
C LEU J 414 -35.33 -27.88 -74.52
N VAL J 415 -34.62 -27.23 -73.60
CA VAL J 415 -34.36 -25.80 -73.76
C VAL J 415 -33.43 -25.55 -74.96
N GLY J 416 -32.41 -26.39 -75.14
CA GLY J 416 -31.51 -26.19 -76.26
C GLY J 416 -32.22 -26.29 -77.59
N GLY J 417 -33.03 -27.34 -77.77
CA GLY J 417 -33.75 -27.50 -79.01
C GLY J 417 -34.75 -26.39 -79.25
N THR J 418 -35.48 -25.98 -78.20
CA THR J 418 -36.44 -24.90 -78.37
C THR J 418 -35.77 -23.64 -78.87
N SER J 419 -34.70 -23.21 -78.18
CA SER J 419 -34.00 -22.00 -78.58
C SER J 419 -33.45 -22.11 -79.99
N ALA J 420 -32.80 -23.24 -80.30
CA ALA J 420 -32.22 -23.42 -81.62
C ALA J 420 -33.28 -23.32 -82.70
N PHE J 421 -34.39 -24.06 -82.56
CA PHE J 421 -35.40 -24.09 -83.60
C PHE J 421 -36.04 -22.72 -83.80
N ILE J 422 -36.35 -22.02 -82.70
CA ILE J 422 -37.00 -20.73 -82.87
C ILE J 422 -36.07 -19.75 -83.57
N VAL J 423 -34.78 -19.71 -83.17
CA VAL J 423 -33.88 -18.76 -83.82
C VAL J 423 -33.66 -19.15 -85.28
N LEU J 424 -33.71 -20.45 -85.60
CA LEU J 424 -33.53 -20.87 -86.99
C LEU J 424 -34.68 -20.39 -87.86
N GLY J 425 -35.91 -20.58 -87.40
CA GLY J 425 -37.04 -20.01 -88.14
C GLY J 425 -36.91 -18.51 -88.28
N LEU J 426 -36.46 -17.85 -87.22
CA LEU J 426 -36.31 -16.40 -87.24
C LEU J 426 -35.37 -15.95 -88.35
N ILE J 427 -34.19 -16.57 -88.43
CA ILE J 427 -33.25 -16.18 -89.48
C ILE J 427 -33.81 -16.52 -90.86
N ALA J 428 -34.48 -17.67 -90.99
CA ALA J 428 -35.07 -18.04 -92.27
C ALA J 428 -35.96 -16.94 -92.83
N THR J 429 -36.82 -16.39 -91.96
CA THR J 429 -37.81 -15.38 -92.35
C THR J 429 -37.29 -14.34 -93.35
N ALA J 430 -36.10 -13.81 -93.10
CA ALA J 430 -35.60 -12.67 -93.86
C ALA J 430 -35.47 -12.99 -95.35
N VAL J 431 -34.59 -13.94 -95.68
CA VAL J 431 -34.41 -14.32 -97.07
C VAL J 431 -35.70 -14.90 -97.64
N VAL J 432 -36.50 -15.57 -96.79
CA VAL J 432 -37.79 -16.07 -97.23
C VAL J 432 -38.62 -14.95 -97.83
N ALA J 433 -38.63 -13.80 -97.16
CA ALA J 433 -39.31 -12.63 -97.72
C ALA J 433 -38.57 -12.13 -98.96
N LEU J 434 -37.25 -11.97 -98.85
CA LEU J 434 -36.51 -11.21 -99.85
C LEU J 434 -36.54 -11.84 -101.23
N VAL J 435 -36.67 -13.17 -101.31
CA VAL J 435 -36.49 -13.86 -102.58
C VAL J 435 -37.50 -13.37 -103.61
N LEU J 436 -38.79 -13.32 -103.25
CA LEU J 436 -39.79 -12.91 -104.22
C LEU J 436 -39.69 -11.42 -104.53
N PHE J 437 -39.23 -10.63 -103.57
CA PHE J 437 -38.97 -9.22 -103.86
C PHE J 437 -37.96 -9.10 -104.97
N PHE J 438 -36.92 -9.92 -104.91
CA PHE J 438 -35.99 -10.01 -106.04
C PHE J 438 -36.71 -10.46 -107.30
N HIS J 439 -37.61 -11.45 -107.14
CA HIS J 439 -38.36 -11.96 -108.28
C HIS J 439 -39.15 -10.87 -108.98
N ARG J 440 -39.49 -9.80 -108.26
CA ARG J 440 -40.40 -8.77 -108.80
C ARG J 440 -39.96 -8.31 -110.19
N HIS J 441 -38.67 -8.03 -110.36
CA HIS J 441 -38.18 -7.47 -111.61
C HIS J 441 -37.99 -8.56 -112.66
N ASP K 1 22.87 -45.83 -2.38
CA ASP K 1 23.92 -46.72 -1.90
C ASP K 1 24.34 -46.32 -0.49
N LEU K 2 25.59 -46.61 -0.15
CA LEU K 2 26.21 -46.09 1.05
C LEU K 2 27.60 -45.57 0.72
N ASP K 3 28.21 -46.12 -0.33
CA ASP K 3 29.59 -45.80 -0.67
C ASP K 3 29.72 -44.36 -1.14
N THR K 4 28.81 -43.91 -2.00
CA THR K 4 28.77 -42.48 -2.31
C THR K 4 28.26 -41.68 -1.12
N HIS K 5 27.40 -42.28 -0.30
CA HIS K 5 27.00 -41.65 0.96
C HIS K 5 28.21 -41.49 1.87
N PHE K 6 29.06 -42.50 1.93
CA PHE K 6 30.27 -42.40 2.74
C PHE K 6 31.26 -41.44 2.11
N THR K 7 31.28 -41.33 0.79
CA THR K 7 32.04 -40.27 0.15
C THR K 7 31.56 -38.91 0.63
N GLN K 8 30.25 -38.74 0.72
CA GLN K 8 29.67 -37.52 1.28
C GLN K 8 30.15 -37.31 2.72
N TYR K 9 29.99 -38.33 3.56
CA TYR K 9 30.08 -38.17 5.00
C TYR K 9 31.48 -38.30 5.57
N LYS K 10 32.44 -38.80 4.80
CA LYS K 10 33.76 -39.07 5.35
C LYS K 10 34.50 -37.78 5.67
N LEU K 11 34.35 -36.76 4.83
CA LEU K 11 35.14 -35.55 4.95
C LEU K 11 34.30 -34.28 4.90
N ALA K 12 32.99 -34.39 5.03
CA ALA K 12 32.12 -33.23 5.10
C ALA K 12 31.53 -33.11 6.49
N ARG K 13 31.30 -31.88 6.92
CA ARG K 13 30.75 -31.56 8.22
C ARG K 13 29.48 -30.77 8.05
N PRO K 14 28.66 -30.66 9.07
CA PRO K 14 27.55 -29.72 9.02
C PRO K 14 28.03 -28.30 9.05
N TYR K 15 27.11 -27.35 8.98
CA TYR K 15 27.36 -26.00 9.45
C TYR K 15 26.00 -25.36 9.68
N ILE K 16 26.02 -24.09 10.08
CA ILE K 16 24.81 -23.32 10.25
C ILE K 16 24.95 -22.08 9.40
N ALA K 17 23.83 -21.37 9.24
CA ALA K 17 23.84 -20.13 8.48
C ALA K 17 22.66 -19.30 8.93
N ASP K 18 22.79 -17.98 8.77
CA ASP K 18 21.76 -17.07 9.22
C ASP K 18 20.56 -17.14 8.29
N CYS K 19 19.88 -18.28 8.29
CA CYS K 19 18.75 -18.49 7.41
C CYS K 19 17.70 -17.41 7.65
N PRO K 20 17.24 -16.72 6.62
CA PRO K 20 16.20 -15.69 6.82
C PRO K 20 14.87 -16.33 7.16
N ASN K 21 14.74 -16.75 8.43
CA ASN K 21 13.54 -17.43 8.90
C ASN K 21 12.35 -16.49 8.86
N CYS K 22 11.18 -16.95 9.31
CA CYS K 22 10.02 -16.09 9.37
C CYS K 22 9.60 -15.70 10.77
N GLY K 23 10.08 -16.40 11.80
CA GLY K 23 9.74 -16.02 13.17
C GLY K 23 10.21 -14.61 13.50
N HIS K 24 11.48 -14.33 13.22
CA HIS K 24 12.02 -12.97 13.32
C HIS K 24 12.92 -12.67 12.14
N SER K 25 12.48 -13.05 10.95
CA SER K 25 13.09 -12.69 9.67
C SER K 25 14.45 -13.33 9.44
N ARG K 26 15.00 -14.05 10.43
CA ARG K 26 16.36 -14.53 10.29
C ARG K 26 16.69 -15.48 11.42
N CYS K 27 17.55 -16.46 11.14
CA CYS K 27 17.86 -17.52 12.10
C CYS K 27 19.14 -18.22 11.70
N ASP K 28 20.00 -18.52 12.68
CA ASP K 28 21.30 -19.12 12.46
C ASP K 28 21.32 -20.63 12.70
N SER K 29 20.23 -21.33 12.40
CA SER K 29 20.14 -22.74 12.69
C SER K 29 21.05 -23.56 11.78
N PRO K 30 21.43 -24.77 12.22
CA PRO K 30 21.96 -25.76 11.27
C PRO K 30 20.92 -26.16 10.25
N ILE K 31 19.64 -25.85 10.52
CA ILE K 31 18.52 -26.15 9.65
C ILE K 31 18.46 -25.07 8.57
N ALA K 32 19.51 -24.26 8.51
CA ALA K 32 19.58 -23.15 7.57
C ALA K 32 19.19 -23.60 6.17
N ILE K 33 18.10 -23.01 5.67
CA ILE K 33 17.53 -23.46 4.41
C ILE K 33 18.55 -23.29 3.29
N GLU K 34 18.61 -24.29 2.40
CA GLU K 34 19.49 -24.23 1.24
C GLU K 34 19.06 -25.30 0.25
N GLU K 35 19.77 -25.34 -0.88
CA GLU K 35 19.62 -26.39 -1.89
C GLU K 35 18.17 -26.59 -2.31
N VAL K 36 17.38 -25.52 -2.25
CA VAL K 36 15.97 -25.60 -2.63
C VAL K 36 15.90 -26.07 -4.08
N ARG K 37 15.33 -27.25 -4.29
CA ARG K 37 15.26 -27.81 -5.65
C ARG K 37 14.12 -28.82 -5.70
N GLY K 38 12.98 -28.38 -6.21
CA GLY K 38 11.88 -29.29 -6.52
C GLY K 38 11.36 -29.07 -7.91
N ASP K 39 11.61 -30.02 -8.81
CA ASP K 39 11.18 -29.89 -10.19
C ASP K 39 10.69 -31.20 -10.79
N ALA K 40 10.39 -32.20 -9.97
CA ALA K 40 9.79 -33.43 -10.46
C ALA K 40 8.35 -33.17 -10.91
N HIS K 41 7.86 -34.02 -11.81
CA HIS K 41 6.44 -33.96 -12.14
C HIS K 41 5.57 -34.22 -10.92
N ALA K 42 6.02 -35.11 -10.02
CA ALA K 42 5.32 -35.30 -8.76
C ALA K 42 5.47 -34.10 -7.84
N GLY K 43 6.33 -33.14 -8.18
CA GLY K 43 6.57 -32.03 -7.31
C GLY K 43 7.39 -32.38 -6.10
N VAL K 44 8.18 -33.44 -6.18
CA VAL K 44 9.08 -33.77 -5.08
C VAL K 44 10.26 -32.80 -5.13
N ILE K 45 10.87 -32.59 -3.96
CA ILE K 45 11.87 -31.55 -3.79
C ILE K 45 13.08 -32.22 -3.16
N ARG K 46 14.19 -32.23 -3.88
CA ARG K 46 15.46 -32.69 -3.30
C ARG K 46 16.24 -31.46 -2.87
N ILE K 47 16.54 -31.40 -1.59
CA ILE K 47 17.13 -30.24 -0.95
C ILE K 47 18.25 -30.71 -0.03
N GLN K 48 18.83 -29.75 0.68
CA GLN K 48 19.92 -29.95 1.61
C GLN K 48 20.13 -28.64 2.33
N THR K 49 20.62 -28.72 3.56
CA THR K 49 20.72 -27.54 4.38
C THR K 49 22.18 -27.28 4.74
N SER K 50 22.40 -26.30 5.61
CA SER K 50 23.74 -25.99 6.07
C SER K 50 24.38 -27.14 6.83
N ALA K 51 23.58 -28.06 7.36
CA ALA K 51 24.09 -29.15 8.17
C ALA K 51 23.80 -30.48 7.50
N MET K 52 24.68 -31.46 7.73
CA MET K 52 24.38 -32.81 7.29
C MET K 52 23.17 -33.32 8.07
N PHE K 53 22.36 -34.14 7.39
CA PHE K 53 21.11 -34.62 7.96
C PHE K 53 21.01 -36.09 7.58
N GLY K 54 19.80 -36.64 7.66
CA GLY K 54 19.65 -38.03 7.30
C GLY K 54 20.58 -38.89 8.10
N LEU K 55 21.61 -39.41 7.44
CA LEU K 55 22.59 -40.24 8.13
C LEU K 55 23.40 -39.42 9.13
N LYS K 56 23.92 -40.11 10.14
CA LYS K 56 24.90 -39.53 11.05
C LYS K 56 26.18 -39.20 10.26
N THR K 57 27.08 -38.46 10.93
CA THR K 57 28.28 -37.94 10.28
C THR K 57 29.15 -39.03 9.66
N ASP K 58 29.03 -40.27 10.13
CA ASP K 58 29.73 -41.37 9.48
C ASP K 58 29.06 -41.76 8.17
N GLY K 59 27.73 -41.70 8.13
CA GLY K 59 26.98 -42.17 6.99
C GLY K 59 25.99 -43.26 7.36
N VAL K 60 25.58 -43.28 8.64
CA VAL K 60 24.65 -44.27 9.16
C VAL K 60 23.52 -43.54 9.86
N ASP K 61 22.46 -44.29 10.18
CA ASP K 61 21.31 -43.77 10.93
C ASP K 61 20.67 -42.60 10.19
N LEU K 62 20.01 -42.94 9.07
CA LEU K 62 19.29 -41.97 8.26
C LEU K 62 18.34 -41.11 9.08
N ALA K 63 18.06 -41.51 10.33
CA ALA K 63 17.32 -40.69 11.27
C ALA K 63 18.24 -39.95 12.23
N TYR K 64 19.48 -39.70 11.84
CA TYR K 64 20.42 -38.96 12.69
C TYR K 64 20.91 -37.71 11.97
N MET K 65 20.37 -36.56 12.36
CA MET K 65 20.69 -35.29 11.72
C MET K 65 22.07 -34.84 12.18
N SER K 66 23.08 -35.06 11.35
CA SER K 66 24.45 -34.70 11.70
C SER K 66 24.59 -33.18 11.59
N PHE K 67 24.00 -32.48 12.56
CA PHE K 67 23.78 -31.05 12.50
C PHE K 67 24.76 -30.30 13.39
N MET K 68 25.19 -29.13 12.92
CA MET K 68 26.16 -28.32 13.63
C MET K 68 25.48 -27.61 14.79
N ASN K 69 25.34 -28.33 15.91
CA ASN K 69 24.71 -27.72 17.07
C ASN K 69 25.57 -26.57 17.59
N GLY K 70 25.12 -25.35 17.33
CA GLY K 70 25.95 -24.19 17.64
C GLY K 70 27.28 -24.26 16.94
N LYS K 71 28.34 -23.94 17.68
CA LYS K 71 29.69 -24.09 17.14
C LYS K 71 30.01 -25.56 16.86
N THR K 72 29.64 -26.44 17.78
CA THR K 72 29.96 -27.86 17.65
C THR K 72 29.08 -28.52 16.60
N GLN K 73 29.34 -29.79 16.37
CA GLN K 73 28.59 -30.62 15.44
C GLN K 73 27.94 -31.76 16.20
N LYS K 74 26.70 -32.08 15.84
CA LYS K 74 25.94 -33.08 16.56
C LYS K 74 25.07 -33.87 15.59
N SER K 75 24.80 -35.12 15.94
CA SER K 75 23.90 -35.96 15.15
C SER K 75 22.88 -36.57 16.12
N ILE K 76 21.72 -35.94 16.21
CA ILE K 76 20.65 -36.41 17.08
C ILE K 76 19.56 -37.01 16.22
N LYS K 77 18.56 -37.59 16.86
CA LYS K 77 17.46 -38.21 16.13
C LYS K 77 16.76 -37.19 15.24
N ILE K 78 16.20 -37.67 14.14
CA ILE K 78 15.41 -36.87 13.23
C ILE K 78 13.97 -37.23 13.53
N ASP K 79 13.74 -37.53 14.82
CA ASP K 79 12.44 -37.90 15.35
C ASP K 79 11.30 -37.10 14.75
N ASN K 80 11.37 -35.78 14.84
CA ASN K 80 10.25 -34.95 14.41
C ASN K 80 10.75 -33.66 13.79
N LEU K 81 10.45 -33.48 12.51
CA LEU K 81 10.47 -32.19 11.85
C LEU K 81 9.13 -32.01 11.17
N HIS K 82 8.60 -30.79 11.20
CA HIS K 82 7.30 -30.54 10.58
C HIS K 82 7.53 -30.33 9.09
N VAL K 83 7.22 -31.34 8.29
CA VAL K 83 7.38 -31.28 6.84
C VAL K 83 6.11 -30.67 6.27
N ARG K 84 6.20 -29.41 5.87
CA ARG K 84 4.98 -28.71 5.48
C ARG K 84 5.33 -27.49 4.64
N THR K 85 4.83 -27.47 3.40
CA THR K 85 4.75 -26.26 2.59
C THR K 85 3.53 -25.48 3.08
N SER K 86 2.96 -24.64 2.23
CA SER K 86 1.62 -24.11 2.48
C SER K 86 0.76 -25.16 3.17
N ALA K 87 0.71 -26.36 2.62
CA ALA K 87 0.06 -27.50 3.22
C ALA K 87 1.10 -28.51 3.71
N PRO K 88 0.69 -29.49 4.51
CA PRO K 88 1.66 -30.50 4.99
C PRO K 88 2.36 -31.18 3.82
N CYS K 89 3.69 -31.15 3.86
CA CYS K 89 4.50 -31.69 2.77
C CYS K 89 4.37 -33.21 2.69
N SER K 90 4.34 -33.71 1.46
CA SER K 90 4.27 -35.14 1.21
C SER K 90 5.69 -35.72 1.14
N LEU K 91 6.39 -35.59 2.27
CA LEU K 91 7.81 -35.94 2.31
C LEU K 91 8.04 -37.39 1.91
N VAL K 92 9.12 -37.62 1.17
CA VAL K 92 9.50 -38.95 0.74
C VAL K 92 10.71 -39.47 1.53
N SER K 93 11.84 -38.78 1.43
CA SER K 93 13.08 -39.32 1.97
C SER K 93 14.07 -38.18 2.17
N HIS K 94 15.34 -38.56 2.34
CA HIS K 94 16.46 -37.63 2.35
C HIS K 94 17.70 -38.43 2.01
N HIS K 95 18.85 -37.76 2.05
CA HIS K 95 20.12 -38.47 1.93
C HIS K 95 21.18 -37.61 2.60
N GLY K 96 21.54 -37.97 3.83
CA GLY K 96 22.63 -37.26 4.47
C GLY K 96 22.37 -35.77 4.47
N TYR K 97 23.37 -35.02 4.01
CA TYR K 97 23.17 -33.60 3.77
C TYR K 97 21.92 -33.36 2.92
N TYR K 98 21.76 -34.11 1.85
CA TYR K 98 20.62 -33.94 0.95
C TYR K 98 19.33 -34.40 1.60
N ILE K 99 18.22 -33.81 1.15
CA ILE K 99 16.88 -34.23 1.55
C ILE K 99 16.00 -34.25 0.30
N LEU K 100 15.31 -35.36 0.08
CA LEU K 100 14.38 -35.49 -1.05
C LEU K 100 12.98 -35.73 -0.49
N ALA K 101 12.20 -34.67 -0.41
CA ALA K 101 10.82 -34.73 0.04
C ALA K 101 9.91 -34.18 -1.04
N GLN K 102 8.61 -34.42 -0.88
CA GLN K 102 7.62 -33.84 -1.76
C GLN K 102 6.69 -32.98 -0.93
N CYS K 103 6.01 -32.06 -1.61
CA CYS K 103 5.08 -31.15 -0.95
C CYS K 103 3.89 -30.90 -1.88
N PRO K 104 2.74 -30.58 -1.32
CA PRO K 104 1.63 -30.10 -2.12
C PRO K 104 1.91 -28.68 -2.63
N PRO K 105 1.13 -28.19 -3.59
CA PRO K 105 1.36 -26.84 -4.09
C PRO K 105 1.19 -25.80 -2.99
N GLY K 106 1.54 -24.57 -3.33
CA GLY K 106 1.58 -23.47 -2.38
C GLY K 106 2.74 -22.55 -2.66
N ASP K 107 3.25 -21.85 -1.64
CA ASP K 107 4.40 -20.99 -1.86
C ASP K 107 5.48 -21.06 -0.79
N THR K 108 5.18 -21.41 0.46
CA THR K 108 6.19 -21.24 1.49
C THR K 108 6.40 -22.54 2.24
N VAL K 109 7.66 -22.94 2.34
CA VAL K 109 8.02 -24.12 3.11
C VAL K 109 8.04 -23.76 4.58
N THR K 110 7.58 -24.68 5.41
CA THR K 110 7.53 -24.51 6.86
C THR K 110 8.12 -25.78 7.46
N VAL K 111 9.41 -25.76 7.76
CA VAL K 111 10.13 -26.95 8.21
C VAL K 111 11.10 -26.57 9.32
N GLY K 112 11.21 -27.46 10.31
CA GLY K 112 12.13 -27.29 11.41
C GLY K 112 12.02 -28.47 12.35
N PHE K 113 13.16 -29.02 12.76
CA PHE K 113 13.14 -30.26 13.52
C PHE K 113 12.68 -29.99 14.95
N HIS K 114 11.78 -30.82 15.44
CA HIS K 114 11.21 -30.63 16.77
C HIS K 114 12.26 -31.04 17.80
N ASP K 115 13.20 -30.12 18.05
CA ASP K 115 14.22 -30.36 19.07
C ASP K 115 13.59 -30.58 20.43
N GLY K 116 12.53 -29.85 20.73
CA GLY K 116 11.91 -29.89 22.03
C GLY K 116 11.95 -28.54 22.74
N PRO K 117 13.09 -27.85 22.69
CA PRO K 117 13.08 -26.44 23.10
C PRO K 117 12.76 -25.51 21.95
N ASN K 118 12.90 -26.02 20.72
CA ASN K 118 12.79 -25.17 19.54
C ASN K 118 12.66 -26.06 18.32
N ARG K 119 12.18 -25.48 17.23
CA ARG K 119 12.24 -26.14 15.94
C ARG K 119 13.48 -25.78 15.16
N HIS K 120 14.15 -24.68 15.53
CA HIS K 120 15.31 -24.18 14.80
C HIS K 120 14.95 -23.99 13.33
N THR K 121 13.68 -23.68 13.10
CA THR K 121 13.11 -23.77 11.76
C THR K 121 13.69 -22.71 10.84
N CYS K 122 13.69 -23.03 9.56
CA CYS K 122 13.96 -22.07 8.50
C CYS K 122 12.87 -22.21 7.46
N THR K 123 12.37 -21.08 6.98
CA THR K 123 11.21 -21.05 6.12
C THR K 123 11.48 -20.13 4.95
N VAL K 124 10.93 -20.49 3.79
CA VAL K 124 11.23 -19.78 2.54
C VAL K 124 10.03 -19.85 1.63
N ALA K 125 9.71 -18.72 1.01
CA ALA K 125 8.63 -18.67 0.03
C ALA K 125 9.15 -19.05 -1.35
N HIS K 126 8.47 -20.00 -1.99
CA HIS K 126 8.75 -20.39 -3.37
C HIS K 126 7.50 -21.05 -3.90
N LYS K 127 6.86 -20.42 -4.88
CA LYS K 127 5.56 -20.90 -5.35
C LYS K 127 5.64 -22.35 -5.80
N VAL K 128 4.64 -23.14 -5.39
CA VAL K 128 4.63 -24.57 -5.61
C VAL K 128 3.47 -24.93 -6.53
N GLU K 129 3.66 -25.98 -7.32
CA GLU K 129 2.73 -26.35 -8.37
C GLU K 129 2.62 -27.86 -8.47
N PHE K 130 1.46 -28.31 -8.92
CA PHE K 130 1.27 -29.70 -9.37
C PHE K 130 1.48 -29.73 -10.87
N ARG K 131 2.33 -30.64 -11.33
CA ARG K 131 2.61 -30.71 -12.76
C ARG K 131 1.31 -31.01 -13.50
N PRO K 132 0.91 -30.18 -14.45
CA PRO K 132 -0.37 -30.39 -15.12
C PRO K 132 -0.36 -31.72 -15.86
N VAL K 133 -1.56 -32.28 -16.03
CA VAL K 133 -1.70 -33.63 -16.57
C VAL K 133 -1.65 -33.49 -18.09
N GLY K 134 -0.43 -33.37 -18.60
CA GLY K 134 -0.17 -33.33 -20.02
C GLY K 134 -1.15 -32.51 -20.83
N ARG K 135 -1.95 -33.22 -21.62
CA ARG K 135 -2.91 -32.65 -22.56
C ARG K 135 -4.10 -31.96 -21.88
N GLU K 136 -4.19 -31.98 -20.55
CA GLU K 136 -5.38 -31.52 -19.85
C GLU K 136 -5.01 -30.61 -18.68
N LYS K 137 -5.97 -29.77 -18.30
CA LYS K 137 -5.86 -28.92 -17.11
C LYS K 137 -6.63 -29.56 -15.97
N TYR K 138 -5.90 -29.99 -14.93
CA TYR K 138 -6.51 -30.62 -13.77
C TYR K 138 -5.73 -30.21 -12.53
N ARG K 139 -6.18 -30.72 -11.39
CA ARG K 139 -5.48 -30.56 -10.13
C ARG K 139 -4.83 -31.87 -9.67
N HIS K 140 -5.55 -32.90 -9.65
CA HIS K 140 -4.90 -34.07 -9.10
C HIS K 140 -4.34 -34.94 -10.21
N PRO K 141 -3.29 -35.71 -9.93
CA PRO K 141 -2.89 -36.76 -10.85
C PRO K 141 -3.88 -37.92 -10.81
N PRO K 142 -4.62 -38.15 -11.89
CA PRO K 142 -5.65 -39.20 -11.86
C PRO K 142 -5.05 -40.55 -11.54
N GLU K 143 -5.77 -41.32 -10.74
CA GLU K 143 -5.26 -42.61 -10.29
C GLU K 143 -5.03 -43.56 -11.46
N HIS K 144 -5.84 -43.45 -12.51
CA HIS K 144 -5.72 -44.34 -13.66
C HIS K 144 -6.12 -43.57 -14.91
N GLY K 145 -6.33 -44.30 -16.00
CA GLY K 145 -6.72 -43.73 -17.27
C GLY K 145 -5.64 -43.78 -18.32
N VAL K 146 -5.04 -42.63 -18.63
CA VAL K 146 -4.06 -42.51 -19.71
C VAL K 146 -2.68 -42.37 -19.11
N GLU K 147 -1.75 -43.21 -19.56
CA GLU K 147 -0.40 -43.29 -19.01
C GLU K 147 0.54 -42.40 -19.80
N LEU K 148 1.29 -41.55 -19.10
CA LEU K 148 2.13 -40.55 -19.74
C LEU K 148 3.50 -40.50 -19.10
N PRO K 149 4.54 -40.14 -19.86
CA PRO K 149 5.83 -39.87 -19.26
C PRO K 149 5.75 -38.69 -18.30
N CYS K 150 6.58 -38.72 -17.27
CA CYS K 150 6.59 -37.61 -16.32
C CYS K 150 7.91 -37.62 -15.57
N ASN K 151 8.61 -36.49 -15.61
CA ASN K 151 9.94 -36.38 -15.01
C ASN K 151 9.87 -36.54 -13.51
N ARG K 152 11.01 -36.90 -12.92
CA ARG K 152 11.07 -37.01 -11.47
C ARG K 152 12.51 -37.15 -11.02
N TYR K 153 12.84 -36.51 -9.90
CA TYR K 153 14.06 -36.83 -9.18
C TYR K 153 14.01 -38.30 -8.77
N THR K 154 14.89 -39.13 -9.32
CA THR K 154 14.86 -40.54 -8.94
C THR K 154 15.26 -40.64 -7.47
N HIS K 155 14.41 -41.29 -6.68
CA HIS K 155 14.63 -41.38 -5.24
C HIS K 155 15.92 -42.11 -4.91
N LYS K 156 16.44 -42.92 -5.84
CA LYS K 156 17.65 -43.68 -5.56
C LYS K 156 18.77 -42.72 -5.16
N ARG K 157 19.44 -43.06 -4.07
CA ARG K 157 20.56 -42.29 -3.58
C ARG K 157 21.89 -42.82 -4.09
N ALA K 158 21.87 -43.89 -4.88
CA ALA K 158 23.07 -44.50 -5.45
C ALA K 158 23.41 -43.80 -6.77
N ASP K 159 23.99 -42.61 -6.65
CA ASP K 159 24.48 -41.88 -7.80
C ASP K 159 25.94 -41.49 -7.56
N GLN K 160 26.67 -41.38 -8.65
CA GLN K 160 27.88 -40.55 -8.67
C GLN K 160 28.01 -39.78 -9.98
N GLY K 161 27.05 -39.91 -10.90
CA GLY K 161 27.05 -39.07 -12.08
C GLY K 161 26.94 -37.61 -11.73
N HIS K 162 26.22 -37.31 -10.65
CA HIS K 162 26.19 -35.99 -10.07
C HIS K 162 27.20 -35.92 -8.93
N TYR K 163 27.55 -34.70 -8.54
CA TYR K 163 28.58 -34.50 -7.53
C TYR K 163 28.63 -33.04 -7.12
N VAL K 164 29.10 -32.83 -5.90
CA VAL K 164 29.35 -31.49 -5.36
C VAL K 164 30.71 -31.53 -4.66
N GLU K 165 31.50 -30.48 -4.83
CA GLU K 165 32.84 -30.45 -4.25
C GLU K 165 32.75 -29.99 -2.80
N MET K 166 33.21 -30.85 -1.89
CA MET K 166 33.22 -30.52 -0.47
C MET K 166 34.38 -29.57 -0.23
N HIS K 167 34.12 -28.28 -0.39
CA HIS K 167 35.19 -27.31 -0.45
C HIS K 167 35.92 -27.23 0.88
N GLN K 168 37.15 -26.76 0.81
CA GLN K 168 37.91 -26.50 2.02
C GLN K 168 37.22 -25.39 2.82
N PRO K 169 36.88 -25.61 4.08
CA PRO K 169 36.32 -24.52 4.88
C PRO K 169 37.37 -23.45 5.16
N GLY K 170 36.95 -22.43 5.88
CA GLY K 170 37.85 -21.32 6.09
C GLY K 170 38.00 -20.77 7.49
N LEU K 171 37.73 -19.48 7.61
CA LEU K 171 38.00 -18.69 8.80
C LEU K 171 36.74 -18.55 9.66
N VAL K 172 36.95 -18.33 10.95
CA VAL K 172 35.86 -18.11 11.89
C VAL K 172 36.36 -17.21 13.02
N ALA K 173 35.73 -16.05 13.17
CA ALA K 173 36.06 -15.15 14.27
C ALA K 173 35.35 -15.63 15.54
N ASP K 174 35.96 -15.35 16.69
CA ASP K 174 35.38 -15.75 17.96
C ASP K 174 35.56 -14.63 18.97
N HIS K 175 34.88 -14.78 20.10
CA HIS K 175 34.96 -13.80 21.20
C HIS K 175 35.27 -14.46 22.52
N SER K 176 34.71 -15.66 22.74
CA SER K 176 34.69 -16.26 24.07
C SER K 176 36.08 -16.65 24.56
N LEU K 177 36.98 -17.00 23.64
CA LEU K 177 38.33 -17.40 24.05
C LEU K 177 39.08 -16.26 24.73
N LEU K 178 38.66 -15.01 24.51
CA LEU K 178 39.30 -13.85 25.10
C LEU K 178 38.75 -13.66 26.52
N SER K 179 39.24 -14.51 27.42
CA SER K 179 38.89 -14.39 28.83
C SER K 179 39.70 -13.25 29.47
N ILE K 180 39.55 -13.09 30.79
CA ILE K 180 40.22 -12.03 31.51
C ILE K 180 41.40 -12.62 32.30
N HIS K 181 42.51 -11.88 32.34
CA HIS K 181 43.69 -12.29 33.08
C HIS K 181 43.67 -11.78 34.51
N SER K 182 42.48 -11.48 35.03
CA SER K 182 42.25 -10.89 36.35
C SER K 182 42.69 -9.44 36.36
N ALA K 183 43.34 -9.00 35.28
CA ALA K 183 43.62 -7.58 35.06
C ALA K 183 43.41 -7.14 33.62
N LYS K 184 43.32 -8.04 32.66
CA LYS K 184 43.29 -7.72 31.24
C LYS K 184 42.93 -8.99 30.48
N VAL K 185 43.09 -8.96 29.17
CA VAL K 185 42.67 -10.08 28.32
C VAL K 185 43.39 -11.37 28.74
N LYS K 186 42.78 -12.50 28.38
CA LYS K 186 43.37 -13.81 28.65
C LYS K 186 42.82 -14.77 27.60
N ILE K 187 43.62 -15.05 26.57
CA ILE K 187 43.21 -16.02 25.58
C ILE K 187 43.09 -17.39 26.23
N THR K 188 42.09 -18.15 25.82
CA THR K 188 41.92 -19.53 26.27
C THR K 188 41.52 -20.38 25.07
N VAL K 189 42.46 -21.15 24.55
CA VAL K 189 42.28 -21.93 23.32
C VAL K 189 41.97 -23.37 23.69
N PRO K 190 40.88 -23.95 23.18
CA PRO K 190 40.59 -25.36 23.47
C PRO K 190 41.63 -26.32 22.92
N SER K 191 41.83 -26.32 21.60
CA SER K 191 42.75 -27.26 20.97
C SER K 191 43.07 -26.87 19.53
N GLY K 192 44.35 -26.71 19.22
CA GLY K 192 44.81 -26.48 17.86
C GLY K 192 44.19 -25.30 17.16
N ALA K 193 43.39 -24.52 17.89
CA ALA K 193 42.68 -23.37 17.32
C ALA K 193 43.63 -22.19 17.35
N GLN K 194 44.39 -22.02 16.27
CA GLN K 194 45.29 -20.88 16.17
C GLN K 194 44.44 -19.64 15.95
N VAL K 195 43.77 -19.20 17.01
CA VAL K 195 42.79 -18.14 16.91
C VAL K 195 43.50 -16.82 16.73
N LYS K 196 43.52 -16.32 15.49
CA LYS K 196 44.02 -14.99 15.21
C LYS K 196 43.44 -14.02 16.21
N TYR K 197 44.30 -13.34 16.95
CA TYR K 197 43.87 -12.32 17.91
C TYR K 197 44.74 -11.09 17.74
N TYR K 198 44.09 -9.93 17.74
CA TYR K 198 44.79 -8.65 17.57
C TYR K 198 44.18 -7.64 18.54
N CYS K 199 44.89 -7.41 19.65
CA CYS K 199 44.55 -6.34 20.57
C CYS K 199 45.07 -5.03 19.99
N LYS K 200 45.15 -3.97 20.81
CA LYS K 200 45.56 -2.67 20.29
C LYS K 200 46.86 -2.76 19.50
N CYS K 201 47.88 -3.39 20.08
CA CYS K 201 49.08 -3.72 19.34
C CYS K 201 48.88 -5.02 18.59
N PRO K 202 49.71 -5.28 17.57
CA PRO K 202 49.64 -6.59 16.91
C PRO K 202 50.02 -7.73 17.83
N ASP K 203 49.05 -8.59 18.16
CA ASP K 203 49.34 -9.84 18.83
C ASP K 203 49.69 -10.88 17.78
N VAL K 204 49.56 -12.16 18.10
CA VAL K 204 49.80 -13.17 17.08
C VAL K 204 48.54 -13.26 16.24
N ARG K 205 48.50 -12.45 15.17
CA ARG K 205 47.44 -12.56 14.18
C ARG K 205 47.53 -13.87 13.41
N LYS K 206 48.66 -14.56 13.48
CA LYS K 206 48.71 -15.95 13.04
C LYS K 206 47.90 -16.87 13.95
N GLY K 207 47.49 -16.39 15.10
CA GLY K 207 46.74 -17.18 16.04
C GLY K 207 47.63 -18.05 16.92
N ILE K 208 47.09 -18.41 18.08
CA ILE K 208 47.81 -19.21 19.06
C ILE K 208 46.89 -20.32 19.54
N THR K 209 47.48 -21.49 19.80
CA THR K 209 46.86 -22.45 20.70
C THR K 209 47.22 -22.17 22.15
N SER K 210 48.22 -21.32 22.38
CA SER K 210 48.60 -20.90 23.71
C SER K 210 47.53 -19.99 24.30
N SER K 211 47.70 -19.65 25.57
CA SER K 211 46.79 -18.75 26.29
C SER K 211 47.38 -17.34 26.39
N ASP K 212 48.12 -16.94 25.35
CA ASP K 212 48.86 -15.68 25.38
C ASP K 212 47.94 -14.48 25.28
N HIS K 213 48.27 -13.43 26.02
CA HIS K 213 47.42 -12.27 26.19
C HIS K 213 48.30 -11.05 26.43
N THR K 214 47.93 -9.93 25.82
CA THR K 214 48.78 -8.75 25.78
C THR K 214 48.09 -7.56 26.42
N THR K 215 48.87 -6.80 27.21
CA THR K 215 48.35 -5.65 27.96
C THR K 215 48.13 -4.43 27.08
N THR K 216 48.53 -4.48 25.81
CA THR K 216 48.27 -3.35 24.91
C THR K 216 46.79 -3.02 24.87
N CYS K 217 45.92 -4.02 25.02
CA CYS K 217 44.50 -3.83 25.25
C CYS K 217 44.17 -4.55 26.55
N THR K 218 44.19 -3.80 27.65
CA THR K 218 43.59 -4.30 28.88
C THR K 218 42.14 -4.70 28.64
N ASP K 219 41.44 -3.93 27.81
CA ASP K 219 40.14 -4.31 27.29
C ASP K 219 40.25 -5.49 26.33
N VAL K 220 39.20 -6.29 26.27
CA VAL K 220 39.14 -7.43 25.36
C VAL K 220 38.48 -7.00 24.06
N LYS K 221 38.29 -5.70 23.89
CA LYS K 221 37.42 -5.19 22.84
C LYS K 221 38.12 -5.19 21.47
N GLN K 222 39.20 -4.43 21.35
CA GLN K 222 39.94 -4.43 20.09
C GLN K 222 40.48 -5.81 19.76
N CYS K 223 40.78 -6.61 20.78
CA CYS K 223 41.33 -7.95 20.59
C CYS K 223 40.41 -8.76 19.68
N ARG K 224 40.93 -9.14 18.53
CA ARG K 224 40.13 -9.71 17.44
C ARG K 224 40.41 -11.19 17.33
N ALA K 225 39.63 -12.01 18.06
CA ALA K 225 39.85 -13.45 18.12
C ALA K 225 39.23 -14.13 16.89
N TYR K 226 40.05 -14.86 16.13
CA TYR K 226 39.63 -15.42 14.84
C TYR K 226 40.19 -16.83 14.69
N LEU K 227 39.31 -17.82 14.79
CA LEU K 227 39.67 -19.22 14.57
C LEU K 227 39.69 -19.53 13.07
N ILE K 228 40.35 -20.63 12.72
CA ILE K 228 40.38 -21.15 11.36
C ILE K 228 40.29 -22.67 11.44
N ASP K 229 39.56 -23.28 10.51
CA ASP K 229 39.37 -24.72 10.57
C ASP K 229 39.30 -25.31 9.17
N ASN K 230 39.71 -26.59 9.08
CA ASN K 230 39.57 -27.42 7.88
C ASN K 230 39.30 -28.87 8.23
N LYS K 231 38.65 -29.14 9.36
CA LYS K 231 38.49 -30.51 9.84
C LYS K 231 37.76 -31.38 8.82
N LYS K 232 36.48 -31.12 8.61
CA LYS K 232 35.76 -31.68 7.49
C LYS K 232 35.61 -30.58 6.45
N TRP K 233 34.87 -30.87 5.37
CA TRP K 233 34.90 -30.02 4.20
C TRP K 233 33.51 -29.77 3.65
N VAL K 234 33.15 -28.49 3.52
CA VAL K 234 31.84 -28.08 3.03
C VAL K 234 32.03 -27.11 1.88
N TYR K 235 31.02 -27.06 1.00
CA TYR K 235 31.11 -26.19 -0.16
C TYR K 235 30.78 -24.75 0.23
N ASN K 236 31.51 -23.82 -0.38
CA ASN K 236 31.34 -22.40 -0.11
C ASN K 236 30.03 -21.88 -0.69
N SER K 237 29.79 -20.59 -0.51
CA SER K 237 28.59 -19.96 -1.03
C SER K 237 28.74 -18.45 -0.93
N GLY K 238 27.77 -17.75 -1.50
CA GLY K 238 27.65 -16.33 -1.21
C GLY K 238 27.35 -16.06 0.24
N ARG K 239 26.51 -16.89 0.85
CA ARG K 239 26.24 -16.78 2.27
C ARG K 239 27.37 -17.50 3.02
N LEU K 240 28.60 -17.18 2.67
CA LEU K 240 29.81 -17.76 3.23
C LEU K 240 30.99 -16.87 2.83
N PRO K 241 31.79 -16.41 3.78
CA PRO K 241 32.90 -15.52 3.44
C PRO K 241 33.98 -16.26 2.66
N ARG K 242 34.99 -15.51 2.26
CA ARG K 242 36.12 -16.14 1.58
C ARG K 242 36.90 -16.93 2.60
N GLY K 243 36.50 -18.18 2.80
CA GLY K 243 37.21 -19.03 3.73
C GLY K 243 38.66 -19.21 3.31
N GLU K 244 39.53 -19.37 4.30
CA GLU K 244 40.96 -19.51 4.03
C GLU K 244 41.25 -20.67 3.09
N GLY K 245 40.47 -21.74 3.17
CA GLY K 245 40.69 -22.89 2.33
C GLY K 245 40.01 -22.81 0.97
N ASP K 246 40.78 -22.49 -0.06
CA ASP K 246 40.29 -22.54 -1.44
C ASP K 246 40.65 -23.86 -2.10
N THR K 247 40.35 -24.96 -1.43
CA THR K 247 40.83 -26.27 -1.84
C THR K 247 39.74 -27.31 -1.63
N PHE K 248 40.13 -28.57 -1.71
CA PHE K 248 39.26 -29.71 -1.46
C PHE K 248 38.08 -29.72 -2.44
N LYS K 249 38.41 -29.84 -3.72
CA LYS K 249 37.40 -29.99 -4.76
C LYS K 249 36.95 -31.44 -4.86
N GLY K 250 36.51 -31.98 -3.72
CA GLY K 250 36.08 -33.35 -3.67
C GLY K 250 34.64 -33.50 -4.10
N LYS K 251 34.44 -33.92 -5.35
CA LYS K 251 33.12 -33.93 -5.95
C LYS K 251 32.27 -35.05 -5.39
N LEU K 252 31.56 -34.77 -4.31
CA LEU K 252 30.73 -35.76 -3.64
C LEU K 252 29.37 -35.82 -4.29
N HIS K 253 28.92 -37.05 -4.58
CA HIS K 253 27.72 -37.25 -5.38
C HIS K 253 26.52 -36.52 -4.80
N VAL K 254 25.62 -36.12 -5.68
CA VAL K 254 24.27 -35.80 -5.21
C VAL K 254 23.48 -37.08 -5.40
N PRO K 255 22.68 -37.47 -4.42
CA PRO K 255 22.12 -38.83 -4.41
C PRO K 255 21.06 -39.07 -5.47
N PHE K 256 20.08 -38.18 -5.52
CA PHE K 256 18.94 -38.32 -6.40
C PHE K 256 19.25 -37.69 -7.75
N VAL K 257 18.44 -38.04 -8.74
CA VAL K 257 18.66 -37.54 -10.09
C VAL K 257 17.31 -37.26 -10.75
N PRO K 258 17.10 -36.06 -11.26
CA PRO K 258 15.92 -35.81 -12.09
C PRO K 258 15.87 -36.73 -13.29
N VAL K 259 14.90 -37.63 -13.33
CA VAL K 259 14.77 -38.60 -14.40
C VAL K 259 13.33 -38.60 -14.91
N LYS K 260 13.19 -38.86 -16.21
CA LYS K 260 11.87 -38.92 -16.81
C LYS K 260 11.24 -40.27 -16.48
N ALA K 261 10.22 -40.25 -15.63
CA ALA K 261 9.45 -41.45 -15.36
C ALA K 261 8.17 -41.42 -16.19
N LYS K 262 7.30 -42.39 -15.92
CA LYS K 262 6.01 -42.48 -16.57
C LYS K 262 4.92 -42.56 -15.50
N CYS K 263 3.84 -41.82 -15.69
CA CYS K 263 2.73 -41.89 -14.74
C CYS K 263 1.44 -41.59 -15.46
N ILE K 264 0.33 -42.02 -14.87
CA ILE K 264 -0.93 -42.18 -15.57
C ILE K 264 -1.90 -41.07 -15.15
N ALA K 265 -2.46 -40.39 -16.14
CA ALA K 265 -3.61 -39.51 -16.01
C ALA K 265 -4.84 -40.27 -16.51
N THR K 266 -5.98 -39.60 -16.60
CA THR K 266 -7.19 -40.25 -17.06
C THR K 266 -7.70 -39.59 -18.34
N LEU K 267 -8.46 -40.38 -19.11
CA LEU K 267 -9.00 -39.91 -20.37
C LEU K 267 -10.14 -38.92 -20.14
N ALA K 268 -10.48 -38.18 -21.18
CA ALA K 268 -11.56 -37.22 -21.14
C ALA K 268 -12.90 -37.93 -21.09
N PRO K 269 -13.99 -37.22 -20.82
CA PRO K 269 -15.31 -37.78 -21.06
C PRO K 269 -15.74 -37.55 -22.49
N GLU K 270 -16.31 -38.58 -23.11
CA GLU K 270 -16.74 -38.44 -24.48
C GLU K 270 -17.88 -37.43 -24.58
N PRO K 271 -17.99 -36.74 -25.69
CA PRO K 271 -19.07 -35.77 -25.84
C PRO K 271 -20.33 -36.38 -26.43
N LEU K 272 -21.32 -35.52 -26.60
CA LEU K 272 -22.52 -35.83 -27.36
C LEU K 272 -22.29 -35.33 -28.77
N VAL K 273 -22.60 -36.16 -29.77
CA VAL K 273 -22.28 -35.82 -31.15
C VAL K 273 -23.32 -36.40 -32.09
N GLU K 274 -23.96 -35.55 -32.88
CA GLU K 274 -25.14 -35.95 -33.64
C GLU K 274 -24.98 -35.59 -35.10
N HIS K 275 -25.00 -36.60 -35.96
CA HIS K 275 -24.82 -36.40 -37.39
C HIS K 275 -26.08 -35.84 -38.03
N LYS K 276 -26.36 -34.56 -37.76
CA LYS K 276 -27.43 -33.87 -38.49
C LYS K 276 -26.90 -33.62 -39.89
N HIS K 277 -27.06 -34.63 -40.73
CA HIS K 277 -26.48 -34.67 -42.07
C HIS K 277 -26.57 -33.32 -42.75
N ARG K 278 -25.45 -32.89 -43.34
CA ARG K 278 -25.04 -31.53 -43.66
C ARG K 278 -24.44 -30.81 -42.46
N THR K 279 -24.35 -31.44 -41.29
CA THR K 279 -23.59 -30.90 -40.18
C THR K 279 -23.46 -31.98 -39.10
N LEU K 280 -22.83 -31.62 -37.99
CA LEU K 280 -22.81 -32.46 -36.80
C LEU K 280 -22.66 -31.57 -35.59
N ILE K 281 -23.40 -31.91 -34.54
CA ILE K 281 -23.47 -31.10 -33.32
C ILE K 281 -22.76 -31.85 -32.21
N LEU K 282 -21.92 -31.13 -31.48
CA LEU K 282 -20.96 -31.74 -30.57
C LEU K 282 -21.12 -31.11 -29.20
N HIS K 283 -21.42 -31.95 -28.20
CA HIS K 283 -21.82 -31.48 -26.88
C HIS K 283 -21.10 -32.28 -25.82
N LEU K 284 -20.39 -31.60 -24.93
CA LEU K 284 -19.71 -32.28 -23.84
C LEU K 284 -20.01 -31.55 -22.54
N HIS K 285 -20.09 -32.30 -21.46
CA HIS K 285 -20.34 -31.78 -20.13
C HIS K 285 -19.22 -32.26 -19.22
N PRO K 286 -18.03 -31.68 -19.35
CA PRO K 286 -16.83 -32.25 -18.72
C PRO K 286 -16.62 -31.78 -17.30
N ASP K 287 -15.48 -32.19 -16.71
CA ASP K 287 -15.10 -31.81 -15.37
C ASP K 287 -13.88 -30.90 -15.31
N HIS K 288 -13.24 -30.61 -16.44
CA HIS K 288 -12.05 -29.79 -16.47
C HIS K 288 -11.84 -29.29 -17.88
N PRO K 289 -11.04 -28.24 -18.06
CA PRO K 289 -10.77 -27.75 -19.42
C PRO K 289 -9.63 -28.51 -20.07
N THR K 290 -9.94 -29.17 -21.18
CA THR K 290 -8.93 -29.66 -22.11
C THR K 290 -8.95 -28.74 -23.33
N LEU K 291 -8.32 -29.17 -24.41
CA LEU K 291 -8.48 -28.50 -25.69
C LEU K 291 -8.94 -29.50 -26.73
N LEU K 292 -9.73 -29.02 -27.67
CA LEU K 292 -10.05 -29.76 -28.88
C LEU K 292 -9.68 -28.92 -30.07
N THR K 293 -8.89 -29.50 -30.96
CA THR K 293 -8.68 -28.90 -32.26
C THR K 293 -9.59 -29.57 -33.27
N THR K 294 -9.77 -28.89 -34.39
CA THR K 294 -10.53 -29.45 -35.50
C THR K 294 -9.80 -29.01 -36.77
N ARG K 295 -8.82 -29.81 -37.17
CA ARG K 295 -7.98 -29.49 -38.30
C ARG K 295 -8.60 -30.08 -39.57
N SER K 296 -8.79 -29.23 -40.57
CA SER K 296 -9.25 -29.71 -41.86
C SER K 296 -8.29 -30.76 -42.40
N LEU K 297 -8.84 -31.83 -42.93
CA LEU K 297 -8.02 -32.83 -43.59
C LEU K 297 -7.77 -32.48 -45.05
N GLY K 298 -8.28 -31.35 -45.52
CA GLY K 298 -8.09 -30.92 -46.89
C GLY K 298 -6.79 -30.16 -47.07
N SER K 299 -6.85 -29.18 -47.96
CA SER K 299 -5.69 -28.34 -48.25
C SER K 299 -5.30 -27.45 -47.08
N ASP K 300 -6.15 -27.36 -46.05
CA ASP K 300 -5.92 -26.44 -44.94
C ASP K 300 -6.11 -27.14 -43.61
N ALA K 301 -6.04 -26.38 -42.52
CA ALA K 301 -6.33 -26.91 -41.18
C ALA K 301 -7.51 -26.23 -40.52
N ASN K 302 -7.48 -24.90 -40.42
CA ASN K 302 -8.50 -24.10 -39.74
C ASN K 302 -8.97 -24.76 -38.44
N PRO K 303 -8.05 -25.00 -37.51
CA PRO K 303 -8.41 -25.77 -36.32
C PRO K 303 -8.97 -24.91 -35.20
N THR K 304 -9.26 -25.54 -34.07
CA THR K 304 -9.83 -24.84 -32.92
C THR K 304 -8.92 -25.03 -31.71
N ARG K 305 -8.87 -24.01 -30.87
CA ARG K 305 -8.11 -24.07 -29.63
C ARG K 305 -8.89 -23.36 -28.55
N GLN K 306 -9.10 -24.05 -27.42
CA GLN K 306 -9.99 -23.55 -26.38
C GLN K 306 -9.93 -24.51 -25.20
N TRP K 307 -10.38 -24.02 -24.05
CA TRP K 307 -10.28 -24.75 -22.79
C TRP K 307 -11.51 -24.44 -21.97
N ILE K 308 -12.40 -25.41 -21.84
CA ILE K 308 -13.66 -25.23 -21.13
C ILE K 308 -13.90 -26.44 -20.26
N GLU K 309 -14.46 -26.21 -19.06
CA GLU K 309 -14.76 -27.28 -18.14
C GLU K 309 -16.25 -27.57 -18.00
N ARG K 310 -17.08 -26.67 -18.38
CA ARG K 310 -18.48 -26.72 -18.01
C ARG K 310 -19.33 -27.32 -19.12
N PRO K 311 -20.47 -27.91 -18.75
CA PRO K 311 -21.37 -28.51 -19.74
C PRO K 311 -21.61 -27.59 -20.92
N THR K 312 -21.40 -28.12 -22.12
CA THR K 312 -21.26 -27.28 -23.30
C THR K 312 -21.68 -28.07 -24.52
N THR K 313 -21.66 -27.39 -25.66
CA THR K 313 -22.04 -27.98 -26.94
C THR K 313 -21.53 -27.09 -28.05
N VAL K 314 -21.52 -27.65 -29.26
CA VAL K 314 -21.15 -26.90 -30.46
C VAL K 314 -21.63 -27.69 -31.66
N ASN K 315 -21.80 -27.01 -32.79
CA ASN K 315 -22.17 -27.64 -34.05
C ASN K 315 -21.10 -27.36 -35.09
N PHE K 316 -20.91 -28.32 -35.99
CA PHE K 316 -19.94 -28.15 -37.06
C PHE K 316 -20.35 -29.00 -38.26
N THR K 317 -19.79 -28.64 -39.40
CA THR K 317 -20.06 -29.34 -40.65
C THR K 317 -18.80 -29.39 -41.48
N VAL K 318 -18.77 -30.33 -42.42
CA VAL K 318 -17.59 -30.55 -43.27
C VAL K 318 -18.02 -31.38 -44.47
N THR K 319 -17.21 -31.36 -45.52
CA THR K 319 -17.33 -32.28 -46.62
C THR K 319 -17.02 -33.71 -46.18
N GLY K 320 -17.13 -34.68 -47.09
CA GLY K 320 -16.75 -36.04 -46.80
C GLY K 320 -15.25 -36.18 -46.59
N GLU K 321 -14.56 -35.04 -46.60
CA GLU K 321 -13.11 -34.98 -46.39
C GLU K 321 -12.71 -35.39 -44.98
N GLY K 322 -13.65 -35.72 -44.11
CA GLY K 322 -13.32 -35.97 -42.72
C GLY K 322 -12.91 -34.67 -42.05
N LEU K 323 -12.46 -34.79 -40.80
CA LEU K 323 -11.85 -33.66 -40.11
C LEU K 323 -11.35 -34.12 -38.76
N GLU K 324 -10.24 -33.53 -38.33
CA GLU K 324 -9.66 -33.88 -37.04
C GLU K 324 -10.52 -33.36 -35.90
N TYR K 325 -10.47 -34.06 -34.76
CA TYR K 325 -11.06 -33.57 -33.52
C TYR K 325 -10.62 -34.42 -32.32
N THR K 326 -10.24 -33.76 -31.23
CA THR K 326 -9.98 -34.45 -29.97
C THR K 326 -10.00 -33.45 -28.83
N TRP K 327 -10.96 -33.58 -27.93
CA TRP K 327 -10.97 -32.84 -26.67
C TRP K 327 -10.55 -33.79 -25.57
N GLY K 328 -9.54 -33.41 -24.82
CA GLY K 328 -9.02 -34.28 -23.78
C GLY K 328 -8.19 -35.40 -24.35
N ASN K 329 -7.77 -36.28 -23.43
CA ASN K 329 -6.89 -37.41 -23.72
C ASN K 329 -7.42 -38.25 -24.88
N HIS K 330 -8.68 -38.04 -25.23
CA HIS K 330 -9.28 -38.58 -26.44
C HIS K 330 -8.30 -38.48 -27.60
N PRO K 331 -8.00 -39.57 -28.28
CA PRO K 331 -7.22 -39.48 -29.51
C PRO K 331 -7.97 -38.68 -30.55
N PRO K 332 -7.28 -38.21 -31.59
CA PRO K 332 -7.98 -37.51 -32.66
C PRO K 332 -8.69 -38.48 -33.57
N LYS K 333 -9.90 -38.13 -33.97
CA LYS K 333 -10.63 -38.90 -34.96
C LYS K 333 -11.07 -37.99 -36.09
N ARG K 334 -11.44 -38.62 -37.20
CA ARG K 334 -11.66 -37.92 -38.46
C ARG K 334 -12.70 -38.69 -39.25
N VAL K 335 -13.84 -38.08 -39.53
CA VAL K 335 -14.92 -38.77 -40.20
C VAL K 335 -15.49 -37.90 -41.30
N TRP K 336 -15.47 -38.44 -42.52
CA TRP K 336 -16.27 -37.97 -43.64
C TRP K 336 -17.67 -37.58 -43.18
N ALA K 337 -18.16 -36.46 -43.68
CA ALA K 337 -19.54 -36.06 -43.45
C ALA K 337 -20.32 -36.25 -44.74
N GLN K 338 -21.30 -37.13 -44.72
CA GLN K 338 -22.13 -37.45 -45.87
C GLN K 338 -23.43 -38.06 -45.34
N GLU K 339 -24.13 -38.78 -46.21
CA GLU K 339 -25.51 -39.20 -45.98
C GLU K 339 -26.44 -38.00 -45.96
N SER K 340 -26.16 -37.02 -46.82
CA SER K 340 -26.93 -35.78 -46.92
C SER K 340 -27.03 -35.43 -48.40
N GLY K 341 -28.05 -35.95 -49.08
CA GLY K 341 -28.27 -35.59 -50.45
C GLY K 341 -29.07 -34.32 -50.57
N GLU K 342 -30.26 -34.31 -49.95
CA GLU K 342 -31.11 -33.12 -49.85
C GLU K 342 -31.47 -32.55 -51.22
N GLY K 343 -32.20 -33.36 -52.00
CA GLY K 343 -32.72 -32.89 -53.27
C GLY K 343 -33.18 -34.00 -54.20
N ASN K 344 -34.28 -33.76 -54.91
CA ASN K 344 -34.86 -34.75 -55.81
C ASN K 344 -34.48 -34.41 -57.23
N PRO K 345 -33.73 -35.27 -57.93
CA PRO K 345 -33.28 -34.92 -59.29
C PRO K 345 -34.40 -34.60 -60.25
N HIS K 346 -35.53 -35.30 -60.17
CA HIS K 346 -36.62 -35.10 -61.12
C HIS K 346 -37.95 -35.13 -60.37
N GLY K 347 -38.59 -33.97 -60.28
CA GLY K 347 -39.99 -33.88 -59.91
C GLY K 347 -40.72 -33.04 -60.94
N TRP K 348 -41.50 -32.07 -60.50
CA TRP K 348 -42.00 -31.06 -61.41
C TRP K 348 -40.87 -30.12 -61.80
N PRO K 349 -41.03 -29.35 -62.88
CA PRO K 349 -40.02 -28.35 -63.21
C PRO K 349 -39.68 -27.42 -62.05
N HIS K 350 -40.65 -27.04 -61.23
CA HIS K 350 -40.32 -26.30 -60.02
C HIS K 350 -39.52 -27.17 -59.05
N GLU K 351 -39.87 -28.45 -58.95
CA GLU K 351 -39.08 -29.36 -58.13
C GLU K 351 -37.66 -29.47 -58.63
N VAL K 352 -37.49 -29.76 -59.93
CA VAL K 352 -36.14 -29.84 -60.46
C VAL K 352 -35.42 -28.50 -60.33
N VAL K 353 -36.17 -27.40 -60.24
CA VAL K 353 -35.56 -26.10 -59.96
C VAL K 353 -34.98 -26.09 -58.56
N VAL K 354 -35.77 -26.54 -57.57
CA VAL K 354 -35.23 -26.61 -56.22
C VAL K 354 -34.07 -27.58 -56.17
N TYR K 355 -34.06 -28.57 -57.07
CA TYR K 355 -32.95 -29.52 -57.11
C TYR K 355 -31.68 -28.85 -57.63
N TYR K 356 -31.75 -28.24 -58.81
CA TYR K 356 -30.66 -27.49 -59.39
C TYR K 356 -30.36 -26.25 -58.55
N TYR K 357 -31.11 -26.10 -57.46
CA TYR K 357 -30.74 -25.21 -56.38
C TYR K 357 -29.95 -25.92 -55.30
N ASN K 358 -30.29 -27.19 -55.02
CA ASN K 358 -29.78 -27.89 -53.84
C ASN K 358 -28.81 -29.02 -54.15
N ARG K 359 -28.85 -29.60 -55.35
CA ARG K 359 -27.99 -30.74 -55.65
C ARG K 359 -26.54 -30.43 -55.34
N TYR K 360 -26.11 -29.23 -55.67
CA TYR K 360 -25.00 -28.56 -55.03
C TYR K 360 -25.58 -27.44 -54.17
N PRO K 361 -24.95 -27.11 -53.07
CA PRO K 361 -25.36 -25.92 -52.34
C PRO K 361 -25.22 -24.64 -53.16
N LEU K 362 -24.00 -24.36 -53.63
CA LEU K 362 -23.67 -23.08 -54.27
C LEU K 362 -23.44 -23.20 -55.76
N THR K 363 -22.66 -24.20 -56.19
CA THR K 363 -22.43 -24.39 -57.62
C THR K 363 -23.75 -24.44 -58.37
N THR K 364 -24.77 -25.04 -57.74
CA THR K 364 -26.12 -24.89 -58.22
C THR K 364 -26.51 -23.42 -58.37
N ILE K 365 -26.25 -22.62 -57.34
CA ILE K 365 -26.73 -21.24 -57.32
C ILE K 365 -26.04 -20.41 -58.39
N ILE K 366 -24.71 -20.54 -58.49
CA ILE K 366 -23.99 -19.79 -59.50
C ILE K 366 -24.41 -20.23 -60.89
N GLY K 367 -24.57 -21.54 -61.09
CA GLY K 367 -25.08 -22.02 -62.36
C GLY K 367 -26.47 -21.47 -62.66
N LEU K 368 -27.31 -21.39 -61.64
CA LEU K 368 -28.66 -20.88 -61.82
C LEU K 368 -28.64 -19.43 -62.27
N CYS K 369 -27.90 -18.58 -61.56
CA CYS K 369 -27.90 -17.17 -61.89
C CYS K 369 -27.32 -16.94 -63.28
N THR K 370 -26.17 -17.56 -63.58
CA THR K 370 -25.57 -17.34 -64.90
C THR K 370 -26.46 -17.89 -66.00
N CYS K 371 -27.10 -19.05 -65.77
CA CYS K 371 -27.91 -19.67 -66.81
C CYS K 371 -29.17 -18.86 -67.07
N VAL K 372 -29.85 -18.40 -66.03
CA VAL K 372 -31.03 -17.59 -66.25
C VAL K 372 -30.67 -16.31 -66.98
N ALA K 373 -29.55 -15.68 -66.59
CA ALA K 373 -29.12 -14.48 -67.29
C ALA K 373 -28.93 -14.74 -68.78
N ILE K 374 -28.15 -15.78 -69.11
CA ILE K 374 -27.80 -16.01 -70.51
C ILE K 374 -29.02 -16.45 -71.32
N ILE K 375 -29.92 -17.25 -70.73
CA ILE K 375 -31.08 -17.66 -71.50
C ILE K 375 -32.00 -16.48 -71.76
N MET K 376 -32.15 -15.59 -70.76
CA MET K 376 -32.98 -14.40 -70.99
C MET K 376 -32.38 -13.53 -72.08
N VAL K 377 -31.06 -13.33 -72.06
CA VAL K 377 -30.47 -12.46 -73.08
C VAL K 377 -30.60 -13.10 -74.47
N SER K 378 -30.44 -14.42 -74.56
CA SER K 378 -30.63 -15.10 -75.84
C SER K 378 -32.04 -14.91 -76.35
N CYS K 379 -33.04 -15.10 -75.47
CA CYS K 379 -34.43 -14.97 -75.90
C CYS K 379 -34.74 -13.55 -76.35
N VAL K 380 -34.26 -12.55 -75.61
CA VAL K 380 -34.59 -11.17 -75.98
C VAL K 380 -33.89 -10.78 -77.29
N THR K 381 -32.68 -11.28 -77.52
CA THR K 381 -32.03 -11.05 -78.80
C THR K 381 -32.85 -11.65 -79.93
N SER K 382 -33.31 -12.90 -79.73
CA SER K 382 -34.20 -13.51 -80.70
C SER K 382 -35.44 -12.64 -80.94
N VAL K 383 -35.96 -12.05 -79.87
CA VAL K 383 -37.18 -11.23 -79.99
C VAL K 383 -36.91 -10.00 -80.86
N TRP K 384 -35.79 -9.32 -80.62
CA TRP K 384 -35.51 -8.14 -81.45
C TRP K 384 -35.31 -8.53 -82.90
N LEU K 385 -34.59 -9.63 -83.14
CA LEU K 385 -34.41 -10.07 -84.52
C LEU K 385 -35.75 -10.40 -85.15
N LEU K 386 -36.66 -10.98 -84.36
CA LEU K 386 -38.02 -11.22 -84.81
C LEU K 386 -38.68 -9.93 -85.28
N CYS K 387 -38.63 -8.89 -84.44
CA CYS K 387 -39.29 -7.63 -84.80
C CYS K 387 -38.66 -7.02 -86.05
N ARG K 388 -37.32 -7.04 -86.11
CA ARG K 388 -36.61 -6.62 -87.31
C ARG K 388 -37.18 -7.31 -88.54
N THR K 389 -37.12 -8.64 -88.55
CA THR K 389 -37.61 -9.41 -89.68
C THR K 389 -39.07 -9.10 -89.99
N ARG K 390 -39.87 -8.85 -88.96
CA ARG K 390 -41.29 -8.62 -89.17
C ARG K 390 -41.53 -7.31 -89.89
N ASN K 391 -40.87 -6.23 -89.44
CA ASN K 391 -41.03 -4.96 -90.16
C ASN K 391 -40.44 -5.05 -91.56
N LEU K 392 -39.36 -5.82 -91.73
CA LEU K 392 -38.84 -6.05 -93.06
C LEU K 392 -39.89 -6.71 -93.95
N CYS K 393 -40.60 -7.70 -93.40
CA CYS K 393 -41.71 -8.32 -94.11
C CYS K 393 -42.83 -7.33 -94.36
N ILE K 394 -42.97 -6.34 -93.49
CA ILE K 394 -43.96 -5.30 -93.71
C ILE K 394 -43.62 -4.51 -94.95
N THR K 395 -42.35 -4.14 -95.08
CA THR K 395 -41.87 -3.23 -96.12
C THR K 395 -42.38 -3.51 -97.54
N PRO K 396 -42.56 -4.78 -97.97
CA PRO K 396 -43.03 -5.03 -99.35
C PRO K 396 -44.26 -4.25 -99.77
N TYR K 397 -45.36 -4.38 -99.01
CA TYR K 397 -46.68 -3.98 -99.47
C TYR K 397 -46.75 -2.48 -99.75
N LYS K 398 -45.67 -1.76 -99.48
CA LYS K 398 -45.67 -0.32 -99.76
C LYS K 398 -45.80 -0.03 -101.24
N LEU K 399 -45.86 -1.05 -102.08
CA LEU K 399 -46.39 -0.89 -103.42
C LEU K 399 -47.82 -0.38 -103.37
N ALA K 400 -48.66 -1.00 -102.54
CA ALA K 400 -50.10 -0.78 -102.44
C ALA K 400 -50.49 0.69 -102.30
N PRO K 401 -49.66 1.55 -101.67
CA PRO K 401 -49.88 3.00 -101.75
C PRO K 401 -50.29 3.50 -103.13
N ASN K 402 -49.95 2.77 -104.18
CA ASN K 402 -50.55 3.04 -105.49
C ASN K 402 -52.08 2.93 -105.45
N ALA K 403 -52.63 2.19 -104.48
CA ALA K 403 -54.07 2.02 -104.34
C ALA K 403 -54.68 1.31 -105.55
N GLN K 404 -54.24 0.07 -105.75
CA GLN K 404 -54.61 -0.71 -106.92
C GLN K 404 -54.95 -2.14 -106.47
N VAL K 405 -54.93 -3.07 -107.42
CA VAL K 405 -55.51 -4.42 -107.29
C VAL K 405 -54.87 -5.23 -106.16
N PRO K 406 -55.63 -6.12 -105.51
CA PRO K 406 -55.11 -6.87 -104.36
C PRO K 406 -54.42 -8.17 -104.75
N ILE K 407 -53.55 -8.64 -103.85
CA ILE K 407 -52.69 -9.78 -104.11
C ILE K 407 -52.83 -10.84 -103.03
N LEU K 408 -54.00 -10.92 -102.39
CA LEU K 408 -54.42 -12.01 -101.52
C LEU K 408 -53.32 -12.40 -100.52
N LEU K 409 -53.15 -11.56 -99.51
CA LEU K 409 -52.24 -11.84 -98.41
C LEU K 409 -52.99 -11.79 -97.08
N ALA K 410 -52.25 -12.01 -95.99
CA ALA K 410 -52.86 -12.12 -94.67
C ALA K 410 -53.59 -10.84 -94.28
N LEU K 411 -52.96 -9.68 -94.49
CA LEU K 411 -53.62 -8.43 -94.18
C LEU K 411 -54.72 -8.16 -95.21
N LEU K 412 -55.64 -7.28 -94.85
CA LEU K 412 -56.91 -7.18 -95.55
C LEU K 412 -57.19 -5.77 -96.05
N CYS K 413 -57.67 -5.68 -97.30
CA CYS K 413 -58.44 -4.54 -97.78
C CYS K 413 -59.37 -5.10 -98.86
N CYS K 414 -60.59 -5.43 -98.47
CA CYS K 414 -61.47 -6.23 -99.31
C CYS K 414 -62.09 -5.40 -100.44
N ASP L 111 -52.08 19.48 -109.22
CA ASP L 111 -51.05 19.48 -108.20
C ASP L 111 -49.82 20.25 -108.66
N LYS L 112 -49.63 21.44 -108.10
CA LYS L 112 -48.52 22.30 -108.51
C LYS L 112 -47.18 21.67 -108.13
N THR L 113 -46.19 21.92 -108.98
CA THR L 113 -44.85 21.38 -108.76
C THR L 113 -44.15 22.11 -107.63
N PHE L 114 -44.62 21.90 -106.41
CA PHE L 114 -44.12 22.58 -105.23
C PHE L 114 -42.62 22.37 -105.10
N PRO L 115 -41.82 23.42 -105.30
CA PRO L 115 -40.36 23.25 -105.23
C PRO L 115 -39.88 22.98 -103.82
N ILE L 116 -38.70 22.39 -103.74
CA ILE L 116 -38.04 22.12 -102.47
C ILE L 116 -36.81 23.03 -102.41
N MET L 117 -36.89 24.07 -101.59
CA MET L 117 -35.87 25.13 -101.57
C MET L 117 -34.64 24.63 -100.82
N LEU L 118 -33.76 23.94 -101.55
CA LEU L 118 -32.50 23.48 -100.97
C LEU L 118 -31.56 24.68 -100.90
N ASN L 119 -31.58 25.38 -99.76
CA ASN L 119 -30.82 26.61 -99.57
C ASN L 119 -31.11 27.60 -100.69
N GLY L 120 -32.38 27.72 -101.04
CA GLY L 120 -32.80 28.55 -102.15
C GLY L 120 -32.95 27.85 -103.48
N GLN L 121 -32.84 26.53 -103.49
CA GLN L 121 -32.99 25.76 -104.72
C GLN L 121 -34.48 25.48 -104.97
N VAL L 122 -34.75 24.56 -105.90
CA VAL L 122 -36.09 24.04 -106.14
C VAL L 122 -35.98 22.52 -106.13
N ASN L 123 -35.11 22.00 -105.26
CA ASN L 123 -34.57 20.65 -105.35
C ASN L 123 -35.59 19.63 -105.81
N GLY L 124 -36.76 19.62 -105.18
CA GLY L 124 -37.85 18.83 -105.70
C GLY L 124 -39.06 19.70 -105.99
N TYR L 125 -39.36 19.90 -107.26
CA TYR L 125 -40.60 20.57 -107.66
C TYR L 125 -41.74 19.56 -107.61
N ALA L 126 -42.03 19.11 -106.38
CA ALA L 126 -42.85 17.95 -106.16
C ALA L 126 -44.32 18.33 -106.08
N CYS L 127 -45.17 17.31 -105.96
CA CYS L 127 -46.62 17.48 -105.89
C CYS L 127 -47.21 16.18 -105.38
N VAL L 128 -48.54 16.10 -105.40
CA VAL L 128 -49.26 14.92 -104.94
C VAL L 128 -50.16 14.46 -106.08
N VAL L 129 -49.91 13.25 -106.57
CA VAL L 129 -50.75 12.68 -107.63
C VAL L 129 -51.90 11.98 -106.93
N GLY L 130 -52.92 12.76 -106.58
CA GLY L 130 -54.06 12.19 -105.90
C GLY L 130 -53.73 11.70 -104.51
N GLY L 131 -53.40 12.59 -103.58
CA GLY L 131 -53.08 12.15 -102.24
C GLY L 131 -51.60 12.00 -102.00
N ARG L 132 -51.08 10.77 -102.13
CA ARG L 132 -49.67 10.51 -101.94
C ARG L 132 -48.83 11.51 -102.72
N VAL L 133 -48.05 12.28 -101.98
CA VAL L 133 -47.26 13.35 -102.56
C VAL L 133 -45.94 12.78 -103.07
N PHE L 134 -45.37 13.43 -104.07
CA PHE L 134 -44.07 13.04 -104.60
C PHE L 134 -42.96 13.54 -103.67
N LYS L 135 -43.05 13.12 -102.41
CA LYS L 135 -42.06 13.59 -101.45
C LYS L 135 -40.75 12.85 -101.70
N PRO L 136 -39.80 13.49 -102.37
CA PRO L 136 -38.52 12.83 -102.66
C PRO L 136 -37.56 12.97 -101.48
N LEU L 137 -37.28 11.84 -100.83
CA LEU L 137 -36.16 11.83 -99.90
C LEU L 137 -34.84 11.77 -100.62
N HIS L 138 -34.93 11.92 -101.94
CA HIS L 138 -33.77 11.80 -102.80
C HIS L 138 -32.66 12.75 -102.38
N VAL L 139 -32.93 14.06 -102.42
CA VAL L 139 -31.84 14.99 -102.18
C VAL L 139 -32.09 15.91 -101.00
N GLU L 140 -33.05 16.84 -101.13
CA GLU L 140 -33.17 17.94 -100.17
C GLU L 140 -34.25 18.95 -100.52
N GLY L 141 -34.31 20.04 -99.77
CA GLY L 141 -35.08 21.22 -100.15
C GLY L 141 -36.16 21.64 -99.17
N ARG L 142 -36.12 22.92 -98.80
CA ARG L 142 -37.20 23.51 -98.02
C ARG L 142 -38.47 23.53 -98.83
N ILE L 143 -39.55 22.98 -98.26
CA ILE L 143 -40.77 22.77 -99.02
C ILE L 143 -41.37 24.08 -99.50
N ASP L 144 -42.01 24.04 -100.67
CA ASP L 144 -42.77 25.19 -101.14
C ASP L 144 -44.07 25.31 -100.37
N ASN L 145 -44.92 24.29 -100.42
CA ASN L 145 -46.14 24.30 -99.64
C ASN L 145 -45.87 23.81 -98.23
N GLU L 146 -44.87 24.39 -97.57
CA GLU L 146 -44.55 24.00 -96.20
C GLU L 146 -45.77 24.15 -95.30
N GLN L 147 -46.63 25.13 -95.59
CA GLN L 147 -47.95 25.18 -94.96
C GLN L 147 -48.63 23.83 -95.05
N LEU L 148 -48.89 23.37 -96.27
CA LEU L 148 -49.33 21.99 -96.45
C LEU L 148 -48.27 21.01 -95.97
N ALA L 149 -47.01 21.29 -96.28
CA ALA L 149 -45.95 20.34 -95.96
C ALA L 149 -45.48 20.42 -94.53
N ALA L 150 -46.25 21.05 -93.63
CA ALA L 150 -45.92 21.03 -92.21
C ALA L 150 -45.98 19.62 -91.64
N ILE L 151 -46.62 18.68 -92.34
CA ILE L 151 -46.76 17.31 -91.87
C ILE L 151 -45.48 16.53 -92.13
N LYS L 152 -45.37 15.35 -91.53
CA LYS L 152 -44.26 14.44 -91.76
C LYS L 152 -44.70 13.35 -92.74
N LEU L 153 -43.73 12.56 -93.20
CA LEU L 153 -43.97 11.61 -94.28
C LEU L 153 -43.29 10.28 -93.99
N LYS L 154 -43.57 9.31 -94.86
CA LYS L 154 -42.94 8.01 -94.82
C LYS L 154 -41.56 8.09 -95.47
N LYS L 155 -40.96 6.95 -95.76
CA LYS L 155 -39.72 6.91 -96.52
C LYS L 155 -39.93 6.06 -97.78
N ALA L 156 -38.85 5.86 -98.54
CA ALA L 156 -38.85 4.91 -99.64
C ALA L 156 -37.42 4.45 -99.86
N SER L 157 -37.08 3.27 -99.33
CA SER L 157 -35.72 2.77 -99.43
C SER L 157 -35.35 2.48 -100.87
N ILE L 158 -36.21 1.77 -101.59
CA ILE L 158 -35.96 1.46 -102.98
C ILE L 158 -35.95 2.70 -103.86
N TYR L 159 -36.36 3.85 -103.32
CA TYR L 159 -36.51 5.04 -104.15
C TYR L 159 -35.96 6.33 -103.56
N ASP L 160 -35.60 6.38 -102.29
CA ASP L 160 -35.23 7.63 -101.62
C ASP L 160 -36.33 8.68 -101.79
N LEU L 161 -37.51 8.33 -101.31
CA LEU L 161 -38.70 9.17 -101.45
C LEU L 161 -39.46 9.13 -100.14
N GLU L 162 -40.69 9.64 -100.18
CA GLU L 162 -41.55 9.67 -99.00
C GLU L 162 -42.99 9.73 -99.48
N TYR L 163 -43.91 9.34 -98.59
CA TYR L 163 -45.31 9.23 -98.92
C TYR L 163 -46.08 10.43 -98.37
N GLY L 164 -46.89 11.04 -99.21
CA GLY L 164 -47.64 12.22 -98.80
C GLY L 164 -48.96 11.91 -98.14
N ASP L 165 -49.84 11.18 -98.83
CA ASP L 165 -51.18 10.89 -98.35
C ASP L 165 -51.87 12.18 -97.92
N VAL L 166 -52.06 13.06 -98.90
CA VAL L 166 -52.38 14.47 -98.66
C VAL L 166 -53.69 14.63 -97.89
N PRO L 167 -53.98 15.83 -97.38
CA PRO L 167 -55.13 16.01 -96.49
C PRO L 167 -56.46 15.88 -97.23
N GLN L 168 -57.50 15.66 -96.45
CA GLN L 168 -58.85 15.70 -97.01
C GLN L 168 -59.13 17.07 -97.60
N CYS L 169 -58.73 18.13 -96.90
CA CYS L 169 -58.74 19.47 -97.49
C CYS L 169 -57.97 19.48 -98.79
N MET L 170 -56.91 18.69 -98.89
CA MET L 170 -56.10 18.60 -100.10
C MET L 170 -56.67 17.62 -101.11
N LYS L 171 -57.96 17.30 -101.01
CA LYS L 171 -58.59 16.41 -101.98
C LYS L 171 -58.53 17.02 -103.38
N SER L 172 -58.70 16.16 -104.39
CA SER L 172 -58.60 16.51 -105.80
C SER L 172 -57.21 17.08 -106.12
N ASP L 173 -56.21 16.21 -105.99
CA ASP L 173 -54.82 16.63 -106.12
C ASP L 173 -54.29 16.51 -107.56
N THR L 174 -54.29 15.28 -108.10
CA THR L 174 -53.77 15.05 -109.45
C THR L 174 -54.12 13.63 -109.87
N LEU L 175 -53.99 13.38 -111.17
CA LEU L 175 -54.28 12.07 -111.72
C LEU L 175 -53.14 11.09 -111.42
N GLN L 176 -53.44 9.81 -111.60
CA GLN L 176 -52.49 8.73 -111.35
C GLN L 176 -52.56 7.72 -112.49
N TYR L 177 -52.38 8.20 -113.72
CA TYR L 177 -52.58 7.41 -114.93
C TYR L 177 -51.91 6.04 -114.82
N THR L 178 -52.53 5.06 -115.45
CA THR L 178 -52.08 3.67 -115.35
C THR L 178 -50.78 3.48 -116.13
N SER L 179 -50.24 2.26 -116.04
CA SER L 179 -48.99 1.92 -116.70
C SER L 179 -49.12 1.80 -118.20
N ASP L 180 -50.34 1.82 -118.74
CA ASP L 180 -50.53 1.71 -120.19
C ASP L 180 -49.89 2.89 -120.90
N LYS L 181 -48.79 2.63 -121.61
CA LYS L 181 -48.07 3.73 -122.26
C LYS L 181 -47.23 3.23 -123.42
N PRO L 182 -47.47 3.72 -124.63
CA PRO L 182 -46.54 3.48 -125.74
C PRO L 182 -45.41 4.49 -125.70
N PRO L 183 -44.59 4.56 -126.73
CA PRO L 183 -43.61 5.65 -126.80
C PRO L 183 -44.33 6.96 -127.08
N GLY L 184 -44.49 7.79 -126.07
CA GLY L 184 -45.33 8.97 -126.19
C GLY L 184 -44.77 10.17 -125.48
N PHE L 185 -44.99 11.35 -126.05
CA PHE L 185 -44.40 12.59 -125.55
C PHE L 185 -45.06 13.03 -124.24
N TYR L 186 -44.48 12.63 -123.11
CA TYR L 186 -44.96 13.03 -121.79
C TYR L 186 -44.18 14.24 -121.34
N ASN L 187 -44.89 15.32 -121.00
CA ASN L 187 -44.25 16.60 -120.78
C ASN L 187 -43.48 16.62 -119.45
N TRP L 188 -42.62 17.63 -119.32
CA TRP L 188 -41.84 17.85 -118.11
C TRP L 188 -41.43 19.30 -118.09
N HIS L 189 -40.65 19.68 -117.08
CA HIS L 189 -40.05 21.00 -117.07
C HIS L 189 -39.24 21.22 -118.34
N HIS L 190 -38.48 20.20 -118.75
CA HIS L 190 -37.81 20.23 -120.03
C HIS L 190 -38.74 19.96 -121.20
N GLY L 191 -39.98 19.56 -120.94
CA GLY L 191 -40.92 19.27 -122.00
C GLY L 191 -41.21 17.78 -122.14
N ALA L 192 -41.64 17.41 -123.34
CA ALA L 192 -42.14 16.08 -123.62
C ALA L 192 -41.13 15.27 -124.42
N VAL L 193 -41.33 13.95 -124.41
CA VAL L 193 -40.40 13.01 -125.06
C VAL L 193 -41.09 11.66 -125.22
N GLN L 194 -40.83 10.97 -126.34
CA GLN L 194 -41.62 9.81 -126.75
C GLN L 194 -40.73 8.60 -127.03
N TYR L 195 -40.48 7.79 -126.01
CA TYR L 195 -39.87 6.49 -126.20
C TYR L 195 -40.26 5.58 -125.06
N GLU L 196 -40.49 4.29 -125.35
CA GLU L 196 -41.04 3.37 -124.38
C GLU L 196 -40.05 2.29 -123.97
N ASN L 197 -39.51 1.53 -124.92
CA ASN L 197 -38.54 0.49 -124.59
C ASN L 197 -37.39 1.14 -123.85
N ASN L 198 -36.62 1.96 -124.57
CA ASN L 198 -35.83 2.97 -123.90
C ASN L 198 -36.76 4.07 -123.39
N ARG L 199 -36.34 4.72 -122.31
CA ARG L 199 -37.16 5.76 -121.72
C ARG L 199 -37.40 6.90 -122.72
N PHE L 200 -38.30 7.81 -122.34
CA PHE L 200 -38.82 8.82 -123.25
C PHE L 200 -37.72 9.48 -124.07
N THR L 201 -38.01 9.71 -125.34
CA THR L 201 -37.00 10.11 -126.32
C THR L 201 -36.69 11.61 -126.20
N VAL L 202 -36.16 11.99 -125.05
CA VAL L 202 -35.64 13.35 -124.88
C VAL L 202 -34.28 13.38 -125.55
N PRO L 203 -33.78 14.55 -125.92
CA PRO L 203 -32.42 14.62 -126.46
C PRO L 203 -31.42 14.93 -125.35
N ARG L 204 -30.20 14.43 -125.55
CA ARG L 204 -29.11 14.83 -124.66
C ARG L 204 -28.97 16.35 -124.70
N GLY L 205 -28.85 16.95 -123.52
CA GLY L 205 -28.82 18.40 -123.44
C GLY L 205 -29.75 18.97 -122.40
N VAL L 206 -30.31 18.11 -121.55
CA VAL L 206 -31.12 18.53 -120.41
C VAL L 206 -30.45 18.05 -119.14
N GLY L 207 -30.37 18.91 -118.14
CA GLY L 207 -29.65 18.57 -116.93
C GLY L 207 -30.52 17.85 -115.92
N GLY L 208 -30.42 16.52 -115.91
CA GLY L 208 -31.26 15.73 -115.02
C GLY L 208 -31.01 16.07 -113.56
N LYS L 209 -29.75 16.22 -113.19
CA LYS L 209 -29.43 16.73 -111.86
C LYS L 209 -30.16 18.03 -111.62
N GLY L 210 -30.96 18.06 -110.56
CA GLY L 210 -31.84 19.19 -110.33
C GLY L 210 -33.17 19.02 -111.03
N ASP L 211 -33.17 18.39 -112.20
CA ASP L 211 -34.42 18.17 -112.92
C ASP L 211 -35.27 17.08 -112.29
N SER L 212 -34.78 16.40 -111.25
CA SER L 212 -35.58 15.42 -110.55
C SER L 212 -36.85 16.09 -110.00
N GLY L 213 -37.97 15.40 -110.17
CA GLY L 213 -39.26 15.97 -109.86
C GLY L 213 -40.12 16.27 -111.06
N ARG L 214 -39.65 15.93 -112.27
CA ARG L 214 -40.46 16.08 -113.46
C ARG L 214 -41.28 14.82 -113.66
N PRO L 215 -42.60 14.90 -113.78
CA PRO L 215 -43.42 13.70 -113.94
C PRO L 215 -43.69 13.38 -115.41
N ILE L 216 -44.30 12.22 -115.62
CA ILE L 216 -44.66 11.83 -116.97
C ILE L 216 -45.97 12.51 -117.30
N LEU L 217 -45.88 13.73 -117.81
CA LEU L 217 -47.07 14.51 -118.19
C LEU L 217 -47.49 14.10 -119.59
N ASP L 218 -48.05 12.90 -119.66
CA ASP L 218 -48.50 12.36 -120.94
C ASP L 218 -49.61 13.24 -121.51
N ASN L 219 -49.65 13.32 -122.85
CA ASN L 219 -50.49 14.28 -123.53
C ASN L 219 -51.97 14.08 -123.26
N LYS L 220 -52.38 12.92 -122.76
CA LYS L 220 -53.77 12.66 -122.45
C LYS L 220 -54.17 13.17 -121.08
N GLY L 221 -53.44 14.13 -120.54
CA GLY L 221 -53.61 14.49 -119.15
C GLY L 221 -53.19 13.38 -118.22
N ARG L 222 -52.32 12.50 -118.69
CA ARG L 222 -51.97 11.28 -117.97
C ARG L 222 -50.65 11.49 -117.22
N VAL L 223 -50.65 11.12 -115.95
CA VAL L 223 -49.46 11.14 -115.12
C VAL L 223 -49.27 9.72 -114.60
N VAL L 224 -48.17 9.09 -115.00
CA VAL L 224 -47.96 7.68 -114.67
C VAL L 224 -46.53 7.46 -114.18
N ALA L 225 -45.67 8.46 -114.33
CA ALA L 225 -44.26 8.28 -114.02
C ALA L 225 -43.63 9.59 -113.59
N ILE L 226 -42.42 9.49 -113.04
CA ILE L 226 -41.62 10.65 -112.65
C ILE L 226 -40.16 10.24 -112.65
N VAL L 227 -39.28 11.23 -112.81
CA VAL L 227 -37.89 10.96 -113.18
C VAL L 227 -37.13 10.32 -112.02
N LEU L 228 -36.03 9.64 -112.36
CA LEU L 228 -35.08 9.14 -111.37
C LEU L 228 -33.62 9.41 -111.70
N GLY L 229 -33.25 9.66 -112.95
CA GLY L 229 -31.88 9.96 -113.31
C GLY L 229 -31.52 9.36 -114.65
N GLY L 230 -30.21 9.18 -114.87
CA GLY L 230 -29.74 8.50 -116.07
C GLY L 230 -29.84 9.30 -117.35
N VAL L 231 -29.06 10.38 -117.46
CA VAL L 231 -29.35 11.41 -118.45
C VAL L 231 -29.16 10.95 -119.90
N ASN L 232 -27.92 10.69 -120.30
CA ASN L 232 -27.68 10.49 -121.72
C ASN L 232 -26.24 10.08 -121.97
N GLU L 233 -26.05 9.28 -123.02
CA GLU L 233 -24.76 9.11 -123.66
C GLU L 233 -24.81 9.49 -125.12
N GLY L 234 -25.79 8.97 -125.86
CA GLY L 234 -26.06 9.43 -127.21
C GLY L 234 -26.79 10.76 -127.21
N SER L 235 -27.03 11.26 -128.42
CA SER L 235 -27.68 12.56 -128.57
C SER L 235 -29.08 12.58 -127.98
N ARG L 236 -29.74 11.43 -127.89
CA ARG L 236 -31.01 11.36 -127.22
C ARG L 236 -30.80 11.25 -125.70
N THR L 237 -31.89 11.36 -124.96
CA THR L 237 -31.85 11.26 -123.50
C THR L 237 -33.05 10.44 -123.04
N ALA L 238 -32.88 9.12 -122.97
CA ALA L 238 -33.72 8.30 -122.12
C ALA L 238 -33.16 8.39 -120.71
N LEU L 239 -33.99 8.07 -119.72
CA LEU L 239 -33.63 8.39 -118.35
C LEU L 239 -34.22 7.37 -117.39
N SER L 240 -33.81 7.48 -116.13
CA SER L 240 -34.36 6.67 -115.05
C SER L 240 -35.58 7.37 -114.48
N VAL L 241 -36.58 6.57 -114.09
CA VAL L 241 -37.88 7.10 -113.70
C VAL L 241 -38.44 6.34 -112.51
N VAL L 242 -39.65 6.69 -112.10
CA VAL L 242 -40.44 5.87 -111.19
C VAL L 242 -41.88 5.87 -111.71
N THR L 243 -42.50 4.69 -111.73
CA THR L 243 -43.78 4.55 -112.42
C THR L 243 -44.48 3.29 -111.92
N TRP L 244 -45.57 2.94 -112.59
CA TRP L 244 -46.25 1.67 -112.41
C TRP L 244 -45.66 0.63 -113.36
N ASN L 245 -45.60 -0.61 -112.90
CA ASN L 245 -44.92 -1.67 -113.64
C ASN L 245 -45.90 -2.36 -114.59
N GLN L 246 -45.46 -3.47 -115.20
CA GLN L 246 -46.32 -4.20 -116.12
C GLN L 246 -47.57 -4.69 -115.41
N LYS L 247 -47.40 -5.29 -114.24
CA LYS L 247 -48.52 -5.58 -113.36
C LYS L 247 -49.00 -4.35 -112.61
N GLY L 248 -48.51 -3.16 -112.98
CA GLY L 248 -48.82 -1.96 -112.25
C GLY L 248 -48.01 -1.76 -110.99
N VAL L 249 -47.04 -2.64 -110.72
CA VAL L 249 -46.23 -2.50 -109.52
C VAL L 249 -45.48 -1.17 -109.58
N THR L 250 -45.01 -0.73 -108.41
CA THR L 250 -44.38 0.58 -108.30
C THR L 250 -43.02 0.51 -108.99
N VAL L 251 -43.07 0.63 -110.31
CA VAL L 251 -41.88 0.50 -111.14
C VAL L 251 -40.91 1.63 -110.81
N LYS L 252 -39.78 1.28 -110.22
CA LYS L 252 -38.70 2.23 -109.95
C LYS L 252 -37.68 2.08 -111.07
N ASP L 253 -37.79 2.93 -112.08
CA ASP L 253 -36.98 2.77 -113.28
C ASP L 253 -35.56 3.30 -113.03
N THR L 254 -34.58 2.48 -113.37
CA THR L 254 -33.17 2.79 -113.12
C THR L 254 -32.39 2.65 -114.42
N PRO L 255 -32.32 3.71 -115.22
CA PRO L 255 -31.40 3.69 -116.37
C PRO L 255 -29.99 3.34 -115.92
N GLU L 256 -29.48 2.21 -116.39
CA GLU L 256 -28.17 1.73 -115.97
C GLU L 256 -27.12 2.79 -116.22
N GLY L 257 -26.29 3.03 -115.21
CA GLY L 257 -25.35 4.14 -115.26
C GLY L 257 -26.08 5.47 -115.21
N SER L 258 -26.70 5.74 -114.07
CA SER L 258 -27.63 6.86 -113.97
C SER L 258 -26.92 8.13 -113.53
N GLU L 259 -27.04 9.18 -114.31
CA GLU L 259 -26.65 10.50 -113.84
C GLU L 259 -27.53 10.86 -112.64
N PRO L 260 -26.94 11.30 -111.54
CA PRO L 260 -27.76 11.61 -110.35
C PRO L 260 -28.86 12.61 -110.67
N TRP L 261 -30.10 12.14 -110.53
CA TRP L 261 -31.30 12.92 -110.87
C TRP L 261 -31.35 13.24 -112.36
N GLN M 1 89.00 48.23 27.69
CA GLN M 1 89.56 49.29 26.86
C GLN M 1 89.56 50.62 27.59
N VAL M 2 88.87 50.66 28.74
CA VAL M 2 88.80 51.88 29.53
C VAL M 2 90.12 52.07 30.27
N GLN M 3 91.06 52.78 29.65
CA GLN M 3 92.34 53.02 30.30
C GLN M 3 92.49 54.50 30.62
N LEU M 4 91.42 55.09 31.16
CA LEU M 4 91.46 56.46 31.67
C LEU M 4 92.19 56.48 33.01
N VAL M 5 93.49 56.20 32.94
CA VAL M 5 94.32 56.08 34.13
C VAL M 5 94.74 57.48 34.56
N GLU M 6 94.38 57.87 35.78
CA GLU M 6 94.77 59.16 36.31
C GLU M 6 96.29 59.29 36.33
N SER M 7 96.75 60.53 36.28
CA SER M 7 98.18 60.79 36.46
C SER M 7 98.62 60.26 37.82
N GLY M 8 99.84 59.75 37.88
CA GLY M 8 100.36 59.17 39.11
C GLY M 8 100.21 60.09 40.30
N GLY M 9 100.28 59.52 41.51
CA GLY M 9 100.09 60.33 42.69
C GLY M 9 101.05 61.49 42.71
N GLY M 10 100.53 62.67 42.36
CA GLY M 10 101.36 63.83 42.14
C GLY M 10 101.47 64.67 43.39
N VAL M 11 102.71 64.90 43.83
CA VAL M 11 102.92 65.60 45.08
C VAL M 11 102.81 67.09 44.81
N VAL M 12 101.58 67.60 44.89
CA VAL M 12 101.28 69.01 44.78
C VAL M 12 100.52 69.36 46.06
N GLN M 13 101.22 69.99 47.01
CA GLN M 13 100.78 70.21 48.38
C GLN M 13 99.35 70.72 48.45
N PRO M 14 98.63 70.44 49.54
CA PRO M 14 97.21 70.82 49.62
C PRO M 14 97.01 72.30 49.35
N GLY M 15 96.00 72.62 48.55
CA GLY M 15 95.79 73.93 48.02
C GLY M 15 96.33 74.13 46.61
N ARG M 16 97.24 73.26 46.16
CA ARG M 16 97.71 73.30 44.80
C ARG M 16 96.68 72.66 43.87
N SER M 17 96.85 72.90 42.57
CA SER M 17 95.94 72.41 41.55
C SER M 17 96.55 71.14 40.93
N LEU M 18 96.29 70.01 41.58
CA LEU M 18 96.74 68.73 41.04
C LEU M 18 95.96 68.39 39.78
N ARG M 19 96.38 67.32 39.11
CA ARG M 19 95.73 66.86 37.89
C ARG M 19 95.68 65.34 37.93
N LEU M 20 94.54 64.78 38.30
CA LEU M 20 94.33 63.35 38.21
C LEU M 20 94.12 62.98 36.75
N SER M 21 95.18 63.09 35.95
CA SER M 21 95.04 63.10 34.49
C SER M 21 94.68 61.72 33.99
N CYS M 22 93.39 61.38 34.03
CA CYS M 22 92.93 60.10 33.53
C CYS M 22 92.92 60.11 32.01
N ALA M 23 94.09 59.90 31.42
CA ALA M 23 94.21 59.92 29.97
C ALA M 23 93.55 58.67 29.39
N ALA M 24 92.29 58.80 28.99
CA ALA M 24 91.54 57.66 28.50
C ALA M 24 92.19 57.07 27.27
N SER M 25 92.19 55.74 27.20
CA SER M 25 92.53 55.03 25.97
C SER M 25 91.30 55.07 25.07
N GLY M 26 91.28 54.23 24.03
CA GLY M 26 90.11 54.25 23.20
C GLY M 26 88.98 53.55 23.94
N PHE M 27 88.10 54.37 24.53
CA PHE M 27 86.96 53.92 25.29
C PHE M 27 85.75 54.79 24.99
N THR M 28 85.72 55.39 23.80
CA THR M 28 84.64 56.27 23.36
C THR M 28 84.40 57.40 24.36
N PHE M 29 85.48 58.00 24.86
CA PHE M 29 85.34 59.11 25.80
C PHE M 29 84.56 60.26 25.19
N SER M 30 84.62 60.43 23.86
CA SER M 30 83.75 61.37 23.19
C SER M 30 82.33 60.81 23.07
N ASN M 31 82.20 59.54 22.68
CA ASN M 31 80.90 58.92 22.46
C ASN M 31 80.31 58.30 23.72
N TYR M 32 81.05 58.29 24.81
CA TYR M 32 80.55 57.81 26.10
C TYR M 32 81.28 58.58 27.18
N GLY M 33 80.65 58.69 28.34
CA GLY M 33 81.21 59.51 29.39
C GLY M 33 82.48 58.93 29.97
N ILE M 34 83.30 59.82 30.54
CA ILE M 34 84.50 59.45 31.27
C ILE M 34 84.43 60.17 32.63
N HIS M 35 83.88 59.48 33.63
CA HIS M 35 83.80 60.04 34.97
C HIS M 35 85.19 60.07 35.61
N TRP M 36 85.31 60.88 36.66
CA TRP M 36 86.48 60.88 37.52
C TRP M 36 86.07 60.37 38.90
N VAL M 37 86.83 59.43 39.44
CA VAL M 37 86.56 58.86 40.76
C VAL M 37 87.87 58.92 41.55
N ARG M 38 88.08 60.00 42.28
CA ARG M 38 89.24 60.12 43.16
C ARG M 38 89.02 59.18 44.35
N GLN M 39 89.64 58.00 44.28
CA GLN M 39 89.36 56.93 45.22
C GLN M 39 90.66 56.31 45.70
N ALA M 40 90.62 55.73 46.91
CA ALA M 40 91.81 55.12 47.46
C ALA M 40 92.11 53.81 46.74
N PRO M 41 93.18 53.11 47.11
CA PRO M 41 93.50 51.84 46.42
C PRO M 41 92.37 50.82 46.49
N GLY M 42 91.60 50.81 47.56
CA GLY M 42 90.49 49.89 47.69
C GLY M 42 89.25 50.53 48.28
N LYS M 43 89.08 51.83 48.07
CA LYS M 43 87.93 52.53 48.63
C LYS M 43 86.66 52.25 47.85
N GLY M 44 86.77 52.10 46.53
CA GLY M 44 85.60 51.99 45.68
C GLY M 44 85.49 53.20 44.76
N LEU M 45 84.84 53.04 43.61
CA LEU M 45 84.86 54.06 42.56
C LEU M 45 84.01 55.24 43.02
N GLU M 46 84.60 56.06 43.88
CA GLU M 46 83.94 57.26 44.38
C GLU M 46 83.92 58.32 43.29
N TRP M 47 82.91 58.28 42.42
CA TRP M 47 82.91 59.13 41.24
C TRP M 47 82.74 60.60 41.60
N VAL M 48 83.44 61.47 40.88
CA VAL M 48 83.18 62.90 40.94
C VAL M 48 81.97 63.27 40.11
N ALA M 49 81.55 62.39 39.20
CA ALA M 49 80.35 62.60 38.41
C ALA M 49 79.91 61.29 37.81
N VAL M 50 78.63 61.18 37.50
CA VAL M 50 78.21 60.27 36.44
C VAL M 50 78.32 61.12 35.19
N ILE M 51 79.55 61.27 34.69
CA ILE M 51 79.87 62.32 33.73
C ILE M 51 79.42 61.87 32.35
N SER M 52 78.26 62.35 31.92
CA SER M 52 77.76 62.04 30.58
C SER M 52 78.52 62.92 29.59
N TYR M 53 79.64 62.40 29.08
CA TYR M 53 80.29 63.07 27.96
C TYR M 53 79.48 62.88 26.69
N ASP M 54 78.93 61.67 26.51
CA ASP M 54 77.96 61.46 25.43
C ASP M 54 76.68 62.26 25.67
N GLY M 55 76.13 62.17 26.88
CA GLY M 55 74.95 62.95 27.20
C GLY M 55 75.26 64.42 27.40
N ARG M 56 74.20 65.24 27.34
CA ARG M 56 74.39 66.66 27.59
C ARG M 56 74.74 66.93 29.06
N HIS M 57 74.00 66.33 29.99
CA HIS M 57 74.14 66.61 31.41
C HIS M 57 74.97 65.53 32.09
N LYS M 58 76.08 65.94 32.69
CA LYS M 58 76.92 65.06 33.48
C LYS M 58 76.36 65.01 34.89
N TYR M 59 75.82 63.85 35.29
CA TYR M 59 75.18 63.69 36.59
C TYR M 59 76.27 63.69 37.66
N ILE M 60 76.59 64.88 38.17
CA ILE M 60 77.69 65.05 39.12
C ILE M 60 77.48 64.16 40.34
N ALA M 61 78.55 63.49 40.75
CA ALA M 61 78.54 62.59 41.89
C ALA M 61 79.43 63.17 42.98
N ASP M 62 78.87 63.37 44.17
CA ASP M 62 79.59 64.07 45.23
C ASP M 62 80.86 63.37 45.71
N PRO M 63 81.00 62.04 45.60
CA PRO M 63 82.08 61.36 46.33
C PRO M 63 83.49 61.87 46.03
N VAL M 64 83.78 62.20 44.78
CA VAL M 64 85.07 62.82 44.44
C VAL M 64 84.92 64.26 44.03
N LYS M 65 83.70 64.78 43.95
CA LYS M 65 83.49 66.19 43.68
C LYS M 65 84.03 67.01 44.85
N GLY M 66 84.57 68.18 44.51
CA GLY M 66 85.16 69.06 45.51
C GLY M 66 86.66 69.10 45.41
N ARG M 67 87.19 70.14 44.76
CA ARG M 67 88.61 70.39 44.52
C ARG M 67 89.22 69.39 43.55
N PHE M 68 88.48 68.38 43.12
CA PHE M 68 88.93 67.43 42.09
C PHE M 68 88.16 67.70 40.81
N THR M 69 88.38 68.88 40.25
CA THR M 69 87.65 69.32 39.05
C THR M 69 87.91 68.37 37.90
N ILE M 70 86.89 67.65 37.45
CA ILE M 70 87.06 66.64 36.42
C ILE M 70 87.29 67.34 35.09
N SER M 71 88.56 67.46 34.69
CA SER M 71 88.89 68.05 33.41
C SER M 71 88.75 66.99 32.31
N ARG M 72 87.61 66.33 32.29
CA ARG M 72 87.38 65.29 31.30
C ARG M 72 87.24 65.90 29.92
N ASP M 73 88.04 65.42 28.99
CA ASP M 73 88.04 65.88 27.61
C ASP M 73 87.45 64.75 26.77
N ASN M 74 86.19 64.89 26.38
CA ASN M 74 85.53 63.86 25.60
C ASN M 74 86.26 63.60 24.29
N SER M 75 86.53 64.66 23.53
CA SER M 75 87.22 64.50 22.26
C SER M 75 88.64 63.97 22.45
N LYS M 76 89.37 64.53 23.42
CA LYS M 76 90.76 64.16 23.62
C LYS M 76 90.93 62.82 24.32
N ASN M 77 89.85 62.23 24.83
CA ASN M 77 89.90 60.97 25.57
C ASN M 77 90.90 61.07 26.72
N MET M 78 90.64 62.01 27.62
CA MET M 78 91.48 62.19 28.80
C MET M 78 90.62 62.81 29.90
N LEU M 79 90.15 61.97 30.82
CA LEU M 79 89.44 62.47 32.00
C LEU M 79 90.46 63.10 32.93
N TYR M 80 91.03 64.22 32.48
CA TYR M 80 92.21 64.80 33.13
C TYR M 80 91.97 65.09 34.61
N LEU M 81 90.70 65.16 35.03
CA LEU M 81 90.32 65.26 36.44
C LEU M 81 91.25 66.20 37.19
N GLN M 82 91.45 67.38 36.61
CA GLN M 82 92.44 68.31 37.14
C GLN M 82 92.00 68.76 38.53
N MET M 83 92.69 68.26 39.55
CA MET M 83 92.30 68.56 40.92
C MET M 83 92.66 69.99 41.25
N ASN M 84 91.93 70.93 40.62
CA ASN M 84 92.20 72.35 40.82
C ASN M 84 91.97 72.73 42.28
N SER M 85 92.93 73.44 42.86
CA SER M 85 92.91 73.80 44.28
C SER M 85 92.70 72.56 45.14
N LEU M 86 93.46 71.50 44.83
CA LEU M 86 93.29 70.22 45.49
C LEU M 86 93.58 70.32 46.98
N ARG M 87 92.55 70.15 47.80
CA ARG M 87 92.74 70.01 49.24
C ARG M 87 93.40 68.66 49.53
N THR M 88 93.59 68.36 50.81
CA THR M 88 94.30 67.14 51.19
C THR M 88 93.40 65.92 50.97
N GLU M 89 92.97 65.72 49.73
CA GLU M 89 92.15 64.57 49.37
C GLU M 89 92.52 63.97 48.02
N ASP M 90 93.55 64.48 47.35
CA ASP M 90 93.99 63.92 46.07
C ASP M 90 94.83 62.66 46.25
N THR M 91 95.36 62.41 47.44
CA THR M 91 96.24 61.27 47.65
C THR M 91 95.45 59.97 47.65
N ALA M 92 94.90 59.63 46.49
CA ALA M 92 94.08 58.44 46.33
C ALA M 92 93.95 58.15 44.83
N VAL M 93 94.03 56.87 44.47
CA VAL M 93 94.17 56.48 43.07
C VAL M 93 92.90 56.84 42.32
N TYR M 94 92.96 57.93 41.56
CA TYR M 94 91.76 58.54 40.97
C TYR M 94 91.31 57.71 39.77
N TYR M 95 90.65 56.59 40.07
CA TYR M 95 90.01 55.81 39.03
C TYR M 95 89.05 56.69 38.25
N CYS M 96 88.91 56.42 36.96
CA CYS M 96 88.06 57.23 36.09
C CYS M 96 87.02 56.34 35.44
N ALA M 97 85.77 56.47 35.89
CA ALA M 97 84.71 55.63 35.37
C ALA M 97 84.32 56.05 33.97
N LYS M 98 84.08 55.07 33.11
CA LYS M 98 83.55 55.35 31.77
C LYS M 98 82.07 55.61 31.94
N ASP M 99 81.73 56.86 32.26
CA ASP M 99 80.36 57.24 32.60
C ASP M 99 79.51 57.37 31.34
N THR M 100 79.41 56.25 30.60
CA THR M 100 78.70 56.23 29.33
C THR M 100 77.29 56.75 29.52
N SER M 101 77.01 57.92 28.95
CA SER M 101 75.75 58.63 29.14
C SER M 101 75.44 58.79 30.63
N GLY M 102 76.46 59.05 31.44
CA GLY M 102 76.27 59.15 32.86
C GLY M 102 76.06 57.84 33.57
N TRP M 103 76.68 56.76 33.08
CA TRP M 103 76.69 55.48 33.79
C TRP M 103 78.13 55.23 34.21
N TYR M 104 78.49 55.78 35.36
CA TYR M 104 79.88 55.79 35.83
C TYR M 104 80.24 54.40 36.32
N GLU M 105 80.80 53.58 35.45
CA GLU M 105 81.06 52.19 35.80
C GLU M 105 82.53 51.79 35.72
N PHE M 106 83.28 52.22 34.71
CA PHE M 106 84.63 51.72 34.52
C PHE M 106 85.62 52.33 35.51
N PHE M 107 86.90 52.15 35.22
CA PHE M 107 88.04 52.75 35.91
C PHE M 107 89.29 52.55 35.04
N ASP M 108 90.49 52.53 35.61
CA ASP M 108 91.70 52.22 34.85
C ASP M 108 92.84 51.97 35.85
N SER M 109 94.03 51.73 35.32
CA SER M 109 95.20 51.62 36.18
C SER M 109 95.59 53.03 36.63
N TRP M 110 94.65 53.69 37.30
CA TRP M 110 94.75 55.12 37.58
C TRP M 110 95.88 55.40 38.57
N GLY M 111 96.59 56.50 38.32
CA GLY M 111 97.41 57.13 39.33
C GLY M 111 96.56 57.94 40.28
N GLN M 112 97.15 58.97 40.87
CA GLN M 112 96.46 59.66 41.96
C GLN M 112 96.87 61.12 41.98
N GLY M 113 96.55 61.78 43.09
CA GLY M 113 97.22 62.98 43.50
C GLY M 113 98.04 62.72 44.75
N ILE M 114 98.57 63.81 45.32
CA ILE M 114 99.25 63.75 46.59
C ILE M 114 99.30 65.16 47.15
N PRO M 115 98.21 65.66 47.74
CA PRO M 115 98.21 67.05 48.22
C PRO M 115 99.13 67.24 49.42
N VAL M 116 100.41 66.92 49.22
CA VAL M 116 101.43 67.05 50.24
C VAL M 116 102.76 67.33 49.55
N THR M 117 103.73 67.77 50.34
CA THR M 117 105.08 68.04 49.85
C THR M 117 106.09 67.38 50.78
N VAL M 118 107.13 66.80 50.20
CA VAL M 118 108.16 66.09 50.95
C VAL M 118 109.51 66.69 50.59
N SER M 119 110.33 66.97 51.60
CA SER M 119 111.64 67.55 51.37
C SER M 119 112.53 66.58 50.61
N SER M 120 113.33 67.11 49.69
CA SER M 120 114.21 66.30 48.85
C SER M 120 115.54 66.10 49.58
N ALA M 121 115.56 65.16 50.51
CA ALA M 121 116.76 64.85 51.27
C ALA M 121 117.67 63.91 50.46
N SER M 122 118.68 63.34 51.12
CA SER M 122 119.72 62.61 50.40
C SER M 122 119.15 61.38 49.71
N PRO M 123 119.46 61.17 48.42
CA PRO M 123 119.05 59.94 47.73
C PRO M 123 120.01 58.77 47.91
N THR M 124 120.96 58.87 48.84
CA THR M 124 122.00 57.86 48.94
C THR M 124 121.44 56.52 49.37
N SER M 125 122.12 55.46 48.96
CA SER M 125 121.82 54.10 49.42
C SER M 125 123.07 53.54 50.07
N PRO M 126 123.07 53.24 51.37
CA PRO M 126 124.28 52.69 51.98
C PRO M 126 124.51 51.26 51.49
N LYS M 127 125.41 51.11 50.53
CA LYS M 127 125.56 49.87 49.79
C LYS M 127 126.51 48.96 50.56
N VAL M 128 125.98 48.31 51.57
CA VAL M 128 126.74 47.32 52.33
C VAL M 128 126.80 46.06 51.49
N PHE M 129 128.02 45.61 51.20
CA PHE M 129 128.27 44.48 50.32
C PHE M 129 127.91 43.18 51.02
N PRO M 130 128.11 42.03 50.37
CA PRO M 130 127.71 40.74 50.95
C PRO M 130 128.13 40.53 52.39
N LEU M 131 127.41 39.63 53.07
CA LEU M 131 127.47 39.38 54.50
C LEU M 131 128.85 39.67 55.08
N SER M 132 128.88 40.54 56.10
CA SER M 132 130.15 41.13 56.55
C SER M 132 131.16 40.05 56.93
N LEU M 133 130.77 39.12 57.78
CA LEU M 133 131.66 38.02 58.13
C LEU M 133 131.70 36.98 57.02
N CYS M 134 130.53 36.65 56.45
CA CYS M 134 130.46 35.57 55.47
C CYS M 134 130.87 36.03 54.07
N SER M 135 130.14 36.98 53.50
CA SER M 135 130.32 37.46 52.13
C SER M 135 130.21 36.35 51.09
N THR M 136 129.86 35.13 51.52
CA THR M 136 129.68 33.98 50.64
C THR M 136 128.33 33.39 51.01
N GLN M 137 127.29 33.89 50.37
CA GLN M 137 125.92 33.43 50.54
C GLN M 137 125.34 33.10 49.17
N PRO M 138 124.29 32.28 49.13
CA PRO M 138 123.66 31.99 47.82
C PRO M 138 123.20 33.25 47.11
N ASP M 139 122.79 34.27 47.86
CA ASP M 139 122.51 35.60 47.33
C ASP M 139 123.42 36.58 48.05
N GLY M 140 124.41 37.10 47.32
CA GLY M 140 125.33 38.07 47.87
C GLY M 140 124.62 39.28 48.42
N ASN M 141 124.78 39.53 49.72
CA ASN M 141 124.01 40.55 50.40
C ASN M 141 124.47 41.93 49.95
N VAL M 142 124.16 42.31 48.70
CA VAL M 142 124.48 43.64 48.22
C VAL M 142 123.42 44.56 48.79
N VAL M 143 123.64 45.01 50.01
CA VAL M 143 122.60 45.62 50.84
C VAL M 143 122.73 47.13 50.75
N ILE M 144 121.66 47.78 50.28
CA ILE M 144 121.64 49.23 50.15
C ILE M 144 120.68 49.82 51.18
N ALA M 145 121.21 50.16 52.36
CA ALA M 145 120.36 50.84 53.33
C ALA M 145 120.14 52.27 52.86
N CYS M 146 119.11 52.48 52.03
CA CYS M 146 118.90 53.77 51.41
C CYS M 146 118.85 54.86 52.47
N LEU M 147 119.61 55.93 52.24
CA LEU M 147 119.71 57.00 53.23
C LEU M 147 118.36 57.66 53.43
N VAL M 148 118.28 58.61 54.35
CA VAL M 148 116.99 59.18 54.70
C VAL M 148 116.61 60.17 53.61
N GLN M 149 115.91 59.68 52.60
CA GLN M 149 115.41 60.49 51.50
C GLN M 149 114.03 61.01 51.90
N GLY M 150 113.94 62.31 52.19
CA GLY M 150 112.71 62.89 52.69
C GLY M 150 111.52 62.64 51.78
N PHE M 151 111.72 62.62 50.48
CA PHE M 151 110.73 62.12 49.54
C PHE M 151 110.80 60.60 49.56
N PHE M 152 109.68 59.97 49.89
CA PHE M 152 109.58 58.53 50.11
C PHE M 152 110.07 57.73 48.90
N PRO M 153 110.05 58.31 47.71
CA PRO M 153 110.31 57.50 46.51
C PRO M 153 111.75 57.05 46.35
N GLN M 154 112.29 56.39 47.36
CA GLN M 154 113.56 55.69 47.20
C GLN M 154 113.38 54.59 46.15
N GLU M 155 114.21 54.60 45.13
CA GLU M 155 114.03 53.64 44.05
C GLU M 155 115.15 52.61 44.17
N PRO M 156 115.06 51.74 45.17
CA PRO M 156 116.17 50.84 45.48
C PRO M 156 116.50 49.90 44.34
N LEU M 157 117.79 49.59 44.20
CA LEU M 157 118.26 48.71 43.14
C LEU M 157 119.56 48.05 43.57
N SER M 158 119.91 46.97 42.87
CA SER M 158 121.12 46.22 43.21
C SER M 158 122.33 46.73 42.43
N VAL M 159 122.16 47.04 41.15
CA VAL M 159 123.24 47.56 40.32
C VAL M 159 122.68 48.74 39.51
N THR M 160 122.82 49.95 40.07
CA THR M 160 122.49 51.20 39.38
C THR M 160 121.21 51.10 38.55
N TRP M 161 120.18 50.47 39.11
CA TRP M 161 118.94 50.17 38.39
C TRP M 161 119.21 49.27 37.18
N SER M 162 119.93 48.18 37.44
CA SER M 162 120.22 47.19 36.40
C SER M 162 120.39 45.82 37.05
N GLU M 163 119.60 44.85 36.60
CA GLU M 163 119.68 43.44 36.99
C GLU M 163 119.16 43.19 38.40
N SER M 164 118.95 44.26 39.18
CA SER M 164 118.12 44.28 40.38
C SER M 164 118.14 42.99 41.18
N GLY M 165 119.33 42.44 41.44
CA GLY M 165 119.43 41.13 42.05
C GLY M 165 118.76 41.00 43.40
N GLN M 166 117.61 40.33 43.44
CA GLN M 166 116.87 40.01 44.66
C GLN M 166 116.85 41.19 45.63
N GLY M 167 116.22 42.27 45.19
CA GLY M 167 116.22 43.47 46.00
C GLY M 167 115.27 43.37 47.17
N VAL M 168 115.81 43.14 48.35
CA VAL M 168 115.00 43.13 49.59
C VAL M 168 115.02 44.56 50.09
N THR M 169 114.14 45.36 49.51
CA THR M 169 114.09 46.79 49.82
C THR M 169 113.04 47.02 50.90
N ALA M 170 113.47 47.58 52.03
CA ALA M 170 112.50 48.14 52.97
C ALA M 170 111.68 49.19 52.23
N ARG M 171 110.40 49.27 52.55
CA ARG M 171 109.51 50.10 51.76
C ARG M 171 109.79 51.57 52.02
N ASN M 172 111.02 52.00 51.73
CA ASN M 172 111.47 53.35 52.02
C ASN M 172 111.16 53.70 53.46
N PHE M 173 111.51 52.78 54.35
CA PHE M 173 110.96 52.77 55.70
C PHE M 173 111.25 54.10 56.40
N PRO M 174 110.28 54.65 57.13
CA PRO M 174 110.51 55.90 57.85
C PRO M 174 111.25 55.65 59.13
N PRO M 175 112.33 54.86 59.10
CA PRO M 175 113.21 54.77 60.28
C PRO M 175 113.85 56.10 60.61
N SER M 176 113.96 57.00 59.63
CA SER M 176 114.45 58.35 59.85
C SER M 176 113.48 59.38 59.25
N GLN M 177 112.18 59.09 59.32
CA GLN M 177 111.14 59.96 58.80
C GLN M 177 111.35 60.28 57.32
N ASP M 178 111.86 59.30 56.57
CA ASP M 178 112.24 59.53 55.18
C ASP M 178 112.29 58.18 54.47
N ALA M 179 112.81 58.17 53.25
CA ALA M 179 112.88 56.96 52.45
C ALA M 179 114.13 56.19 52.85
N SER M 180 114.12 55.64 54.06
CA SER M 180 115.21 54.81 54.56
C SER M 180 114.88 53.38 54.16
N GLY M 181 115.05 53.10 52.88
CA GLY M 181 114.78 51.77 52.36
C GLY M 181 116.00 50.88 52.45
N ASP M 182 116.04 50.02 53.47
CA ASP M 182 117.19 49.12 53.66
C ASP M 182 117.16 48.09 52.54
N LEU M 183 117.60 48.52 51.36
CA LEU M 183 117.52 47.70 50.14
C LEU M 183 118.61 46.64 50.21
N TYR M 184 118.33 45.59 50.97
CA TYR M 184 119.24 44.46 51.08
C TYR M 184 119.14 43.64 49.79
N THR M 185 119.60 44.29 48.70
CA THR M 185 119.43 43.78 47.34
C THR M 185 120.31 42.55 47.16
N THR M 186 119.75 41.40 47.52
CA THR M 186 120.51 40.15 47.59
C THR M 186 120.84 39.64 46.19
N SER M 187 121.57 40.47 45.44
CA SER M 187 122.09 40.03 44.16
C SER M 187 123.02 38.85 44.37
N SER M 188 122.91 37.85 43.51
CA SER M 188 123.72 36.65 43.64
C SER M 188 125.19 37.02 43.69
N GLN M 189 125.96 36.28 44.48
CA GLN M 189 127.38 36.57 44.63
C GLN M 189 128.07 36.61 43.28
N LEU M 190 127.60 35.82 42.32
CA LEU M 190 128.01 35.97 40.93
C LEU M 190 127.34 37.18 40.27
N THR M 191 126.07 37.42 40.56
CA THR M 191 125.36 38.52 39.92
C THR M 191 126.00 39.87 40.26
N LEU M 192 126.40 40.05 41.51
CA LEU M 192 127.22 41.21 41.85
C LEU M 192 128.51 41.25 41.04
N PRO M 193 129.22 40.14 40.82
CA PRO M 193 130.42 40.19 39.98
C PRO M 193 130.13 40.11 38.47
N ALA M 194 129.14 39.30 38.07
CA ALA M 194 128.87 39.14 36.65
C ALA M 194 128.29 40.41 36.04
N THR M 195 127.28 40.97 36.68
CA THR M 195 126.77 42.29 36.36
C THR M 195 127.42 43.28 37.32
N GLN M 196 126.94 44.52 37.31
CA GLN M 196 127.42 45.47 38.29
C GLN M 196 126.86 45.12 39.68
N CYS M 197 127.35 45.82 40.69
CA CYS M 197 126.83 45.72 42.04
C CYS M 197 126.54 47.09 42.64
N LEU M 198 126.42 48.10 41.79
CA LEU M 198 126.23 49.48 42.23
C LEU M 198 124.81 49.65 42.76
N ALA M 199 124.65 49.52 44.08
CA ALA M 199 123.32 49.35 44.68
C ALA M 199 122.52 50.63 44.48
N GLY M 200 121.65 50.63 43.49
CA GLY M 200 120.98 51.85 43.09
C GLY M 200 119.88 52.26 44.05
N LYS M 201 119.69 53.58 44.14
CA LYS M 201 118.52 54.16 44.81
C LYS M 201 118.23 55.48 44.11
N SER M 202 117.32 55.44 43.13
CA SER M 202 116.87 56.65 42.44
C SER M 202 115.82 57.37 43.30
N VAL M 203 116.23 57.68 44.53
CA VAL M 203 115.34 58.32 45.48
C VAL M 203 115.01 59.72 44.98
N THR M 204 113.71 59.97 44.74
CA THR M 204 113.29 61.26 44.20
C THR M 204 113.72 62.41 45.09
N CYS M 205 113.84 62.18 46.39
CA CYS M 205 114.50 63.14 47.27
C CYS M 205 115.94 63.32 46.80
N HIS M 206 116.27 64.51 46.32
CA HIS M 206 117.52 64.74 45.59
C HIS M 206 117.63 63.71 44.46
N VAL M 207 116.67 63.79 43.54
CA VAL M 207 116.43 62.73 42.56
C VAL M 207 117.71 62.40 41.80
N LYS M 208 118.18 61.16 41.95
CA LYS M 208 119.39 60.71 41.32
C LYS M 208 119.47 59.18 41.39
N HIS M 209 119.61 58.54 40.24
CA HIS M 209 119.73 57.08 40.21
C HIS M 209 121.09 56.71 40.80
N TYR M 210 121.09 56.31 42.07
CA TYR M 210 122.34 56.03 42.77
C TYR M 210 123.05 54.83 42.15
N THR M 211 124.37 54.79 42.33
CA THR M 211 125.18 53.69 41.85
C THR M 211 126.22 53.30 42.89
N ASN M 212 125.81 53.21 44.15
CA ASN M 212 126.74 52.88 45.22
C ASN M 212 127.12 51.41 45.15
N PRO M 213 128.41 51.08 44.96
CA PRO M 213 128.78 49.66 44.80
C PRO M 213 128.57 48.86 46.07
N SER M 214 128.13 47.62 45.88
CA SER M 214 127.92 46.70 47.01
C SER M 214 128.38 45.30 46.66
N GLU N 1 75.34 56.85 48.66
CA GLU N 1 74.06 56.37 48.15
C GLU N 1 73.67 55.06 48.83
N ILE N 2 73.58 54.00 48.03
CA ILE N 2 73.25 52.68 48.57
C ILE N 2 74.51 52.07 49.15
N VAL N 3 74.73 52.30 50.45
CA VAL N 3 75.97 51.90 51.12
C VAL N 3 76.20 50.42 50.92
N MET N 4 77.31 50.06 50.28
CA MET N 4 77.62 48.69 49.94
C MET N 4 78.55 48.11 51.01
N THR N 5 77.95 47.56 52.06
CA THR N 5 78.70 46.89 53.13
C THR N 5 79.12 45.51 52.64
N GLN N 6 80.17 45.50 51.82
CA GLN N 6 80.58 44.30 51.10
C GLN N 6 80.89 43.15 52.05
N SER N 7 80.47 41.96 51.66
CA SER N 7 80.95 40.76 52.34
C SER N 7 82.46 40.66 52.11
N PRO N 8 83.24 40.36 53.15
CA PRO N 8 84.68 40.69 53.12
C PRO N 8 85.48 40.01 52.02
N ALA N 9 85.11 38.81 51.56
CA ALA N 9 86.04 38.05 50.76
C ALA N 9 85.31 37.02 49.91
N THR N 10 86.06 36.45 48.96
CA THR N 10 85.67 35.25 48.22
C THR N 10 86.55 34.11 48.70
N LEU N 11 85.98 33.18 49.44
CA LEU N 11 86.73 32.08 50.00
C LEU N 11 87.09 31.07 48.91
N SER N 12 88.38 30.76 48.79
CA SER N 12 88.85 29.77 47.84
C SER N 12 90.26 29.33 48.24
N VAL N 13 90.48 28.02 48.24
CA VAL N 13 91.81 27.45 48.45
C VAL N 13 92.31 26.76 47.19
N SER N 14 91.60 25.73 46.75
CA SER N 14 91.83 25.19 45.42
C SER N 14 91.11 26.06 44.39
N PRO N 15 91.59 26.09 43.14
CA PRO N 15 90.88 26.84 42.10
C PRO N 15 89.46 26.34 41.95
N GLY N 16 88.50 27.19 42.31
CA GLY N 16 87.10 26.80 42.29
C GLY N 16 86.20 28.00 42.11
N GLU N 17 84.94 27.70 41.82
CA GLU N 17 83.95 28.74 41.53
C GLU N 17 83.48 29.35 42.84
N ARG N 18 84.14 30.43 43.26
CA ARG N 18 83.72 31.19 44.43
C ARG N 18 82.92 32.40 43.98
N ALA N 19 82.46 33.17 44.95
CA ALA N 19 81.66 34.37 44.70
C ALA N 19 82.11 35.45 45.67
N THR N 20 82.79 36.47 45.16
CA THR N 20 83.22 37.57 46.01
C THR N 20 82.01 38.41 46.38
N LEU N 21 81.16 37.85 47.24
CA LEU N 21 79.95 38.54 47.68
C LEU N 21 80.31 39.90 48.24
N SER N 22 79.59 40.93 47.80
CA SER N 22 79.80 42.29 48.26
C SER N 22 78.43 42.89 48.57
N CYS N 23 78.00 42.72 49.82
CA CYS N 23 76.67 43.15 50.22
C CYS N 23 76.56 44.67 50.17
N ARG N 24 75.33 45.15 50.02
CA ARG N 24 75.01 46.55 50.22
C ARG N 24 74.11 46.67 51.44
N ALA N 25 74.50 47.54 52.37
CA ALA N 25 73.72 47.73 53.59
C ALA N 25 72.33 48.28 53.28
N SER N 26 72.26 49.26 52.38
CA SER N 26 70.98 49.90 52.07
C SER N 26 70.10 48.99 51.23
N GLN N 27 70.64 48.47 50.14
CA GLN N 27 69.85 47.74 49.13
C GLN N 27 70.68 46.55 48.66
N SER N 28 70.30 45.99 47.52
CA SER N 28 71.21 45.11 46.81
C SER N 28 72.29 45.92 46.12
N VAL N 29 73.54 45.47 46.23
CA VAL N 29 74.60 46.10 45.47
C VAL N 29 74.40 45.67 44.02
N ALA N 30 73.79 46.53 43.23
CA ALA N 30 73.26 46.16 41.93
C ALA N 30 73.76 47.08 40.85
N THR N 31 73.15 46.96 39.66
CA THR N 31 73.49 47.80 38.53
C THR N 31 73.10 49.26 38.75
N ASN N 32 71.98 49.51 39.41
CA ASN N 32 71.64 50.89 39.78
C ASN N 32 72.69 51.45 40.72
N VAL N 33 73.10 50.66 41.73
CA VAL N 33 74.27 51.02 42.51
C VAL N 33 75.53 50.90 41.67
N ALA N 34 75.47 50.19 40.55
CA ALA N 34 76.62 49.98 39.67
C ALA N 34 77.79 49.39 40.45
N TRP N 35 77.49 48.37 41.24
CA TRP N 35 78.50 47.68 42.02
C TRP N 35 79.65 47.21 41.13
N TYR N 36 79.33 46.66 39.97
CA TYR N 36 80.32 46.34 38.94
C TYR N 36 81.38 45.36 39.40
N GLN N 37 81.12 44.64 40.50
CA GLN N 37 81.92 43.51 40.98
C GLN N 37 83.42 43.77 40.80
N GLN N 38 83.85 45.00 41.06
CA GLN N 38 85.22 45.39 40.73
C GLN N 38 86.20 44.59 41.58
N LYS N 39 87.28 44.15 40.95
CA LYS N 39 88.26 43.37 41.70
C LYS N 39 89.48 44.27 41.90
N PRO N 40 89.30 45.39 42.59
CA PRO N 40 90.27 46.48 42.52
C PRO N 40 91.44 46.26 43.45
N GLY N 41 92.60 45.97 42.87
CA GLY N 41 93.86 46.16 43.56
C GLY N 41 94.18 47.65 43.58
N GLN N 42 95.34 47.97 44.17
CA GLN N 42 95.73 49.37 44.21
C GLN N 42 96.00 49.89 42.80
N ALA N 43 97.09 49.45 42.20
CA ALA N 43 97.39 49.66 40.78
C ALA N 43 96.72 48.59 39.93
N PRO N 44 96.92 47.31 40.24
CA PRO N 44 96.56 46.25 39.28
C PRO N 44 95.10 45.84 39.32
N ARG N 45 94.50 45.75 38.12
CA ARG N 45 93.09 45.39 37.95
C ARG N 45 92.17 46.25 38.83
N LEU N 46 92.50 47.53 38.94
CA LEU N 46 91.73 48.40 39.85
C LEU N 46 90.48 48.95 39.16
N LEU N 47 89.76 48.07 38.45
CA LEU N 47 88.70 48.48 37.57
C LEU N 47 87.51 47.58 37.86
N ILE N 48 86.42 47.80 37.13
CA ILE N 48 85.23 47.01 37.34
C ILE N 48 85.45 45.65 36.73
N TYR N 49 85.83 44.69 37.57
CA TYR N 49 85.92 43.31 37.13
C TYR N 49 84.56 42.78 36.72
N GLY N 50 83.52 43.18 37.43
CA GLY N 50 82.17 43.01 36.95
C GLY N 50 81.73 44.16 36.07
N ALA N 51 80.55 44.00 35.49
CA ALA N 51 79.92 45.07 34.72
C ALA N 51 78.57 45.35 35.37
N SER N 52 78.52 46.37 36.22
CA SER N 52 77.33 46.71 36.99
C SER N 52 76.85 45.51 37.82
N THR N 53 77.81 44.70 38.28
CA THR N 53 77.55 43.52 39.11
C THR N 53 76.65 42.53 38.39
N ARG N 54 76.76 42.44 37.06
CA ARG N 54 75.92 41.54 36.29
C ARG N 54 76.75 40.68 35.34
N ALA N 55 77.86 41.21 34.85
CA ALA N 55 78.69 40.49 33.89
C ALA N 55 80.15 40.86 34.11
N THR N 56 81.05 39.98 33.64
CA THR N 56 82.49 40.14 33.87
C THR N 56 83.00 41.37 33.12
N GLY N 57 83.39 42.39 33.89
CA GLY N 57 83.90 43.64 33.34
C GLY N 57 85.41 43.62 33.13
N ILE N 58 86.01 44.81 33.24
CA ILE N 58 87.41 44.99 32.84
C ILE N 58 88.37 44.17 33.70
N PRO N 59 88.35 44.25 35.01
CA PRO N 59 89.43 43.67 35.80
C PRO N 59 89.23 42.21 36.17
N ALA N 60 88.35 41.48 35.50
CA ALA N 60 88.06 40.11 35.89
C ALA N 60 88.81 39.13 35.02
N ARG N 61 89.32 38.09 35.66
CA ARG N 61 89.72 36.87 34.98
C ARG N 61 88.61 35.82 35.09
N PHE N 62 87.36 36.30 35.04
CA PHE N 62 86.15 35.59 35.45
C PHE N 62 86.12 35.37 36.95
N SER N 63 86.99 36.04 37.70
CA SER N 63 87.02 35.95 39.16
C SER N 63 86.41 37.16 39.84
N GLY N 64 86.47 38.33 39.21
CA GLY N 64 85.71 39.46 39.69
C GLY N 64 84.45 39.62 38.87
N SER N 65 84.04 38.54 38.21
CA SER N 65 82.97 38.59 37.23
C SER N 65 81.69 39.15 37.84
N GLY N 66 81.00 39.98 37.07
CA GLY N 66 79.79 40.62 37.53
C GLY N 66 78.69 39.65 37.88
N SER N 67 78.21 39.73 39.12
CA SER N 67 77.12 38.87 39.56
C SER N 67 76.56 39.46 40.85
N GLY N 68 75.31 39.92 40.81
CA GLY N 68 74.65 40.18 42.06
C GLY N 68 73.99 38.90 42.52
N THR N 69 74.67 38.15 43.38
CA THR N 69 74.16 36.86 43.84
C THR N 69 73.15 37.02 44.96
N GLU N 70 73.09 38.20 45.57
CA GLU N 70 72.20 38.53 46.66
C GLU N 70 72.14 40.05 46.72
N PHE N 71 71.72 40.58 47.87
CA PHE N 71 72.15 41.94 48.21
C PHE N 71 73.66 42.06 48.11
N THR N 72 74.37 40.94 48.18
CA THR N 72 75.80 40.87 47.93
C THR N 72 76.06 40.77 46.43
N LEU N 73 76.69 41.80 45.87
CA LEU N 73 77.11 41.78 44.48
C LEU N 73 78.36 40.92 44.40
N THR N 74 78.16 39.63 44.20
CA THR N 74 79.27 38.69 44.19
C THR N 74 80.15 38.92 42.98
N ILE N 75 81.37 39.39 43.20
CA ILE N 75 82.32 39.42 42.10
C ILE N 75 82.70 37.97 41.87
N SER N 76 82.04 37.33 40.92
CA SER N 76 81.99 35.87 40.90
C SER N 76 83.38 35.28 40.72
N SER N 77 83.94 34.75 41.82
CA SER N 77 85.30 34.22 41.80
C SER N 77 85.32 32.81 41.22
N LEU N 78 84.79 32.71 40.01
CA LEU N 78 84.79 31.43 39.29
C LEU N 78 86.21 31.01 38.96
N GLN N 79 86.58 29.79 39.37
CA GLN N 79 87.93 29.27 39.20
C GLN N 79 88.95 30.23 39.79
N SER N 80 88.70 30.66 41.02
CA SER N 80 89.58 31.61 41.68
C SER N 80 90.96 31.01 41.88
N GLU N 81 91.97 31.64 41.27
CA GLU N 81 93.35 31.22 41.35
C GLU N 81 94.14 32.22 42.18
N ASP N 82 95.45 31.94 42.33
CA ASP N 82 96.30 32.86 43.06
C ASP N 82 96.34 34.24 42.41
N PHE N 83 96.30 34.29 41.07
CA PHE N 83 96.21 35.57 40.38
C PHE N 83 94.84 36.22 40.54
N ALA N 84 93.81 35.43 40.83
CA ALA N 84 92.49 35.96 41.11
C ALA N 84 92.41 36.66 42.46
N VAL N 85 93.46 36.56 43.27
CA VAL N 85 93.46 37.18 44.60
C VAL N 85 93.46 38.69 44.43
N TYR N 86 92.32 39.32 44.70
CA TYR N 86 92.20 40.77 44.65
C TYR N 86 91.02 41.17 45.51
N TYR N 87 91.06 42.43 45.98
CA TYR N 87 89.97 42.97 46.78
C TYR N 87 88.80 43.20 45.85
N CYS N 88 88.05 42.13 45.59
CA CYS N 88 86.96 42.17 44.60
C CYS N 88 85.73 42.85 45.19
N GLN N 89 85.96 44.07 45.67
CA GLN N 89 84.90 44.95 46.16
C GLN N 89 83.99 45.31 45.00
N GLN N 90 82.74 44.88 45.05
CA GLN N 90 81.81 45.27 44.00
C GLN N 90 81.55 46.76 44.14
N CYS N 91 82.53 47.55 43.72
CA CYS N 91 82.60 48.97 44.03
C CYS N 91 81.43 49.70 43.36
N ASN N 92 80.39 49.96 44.14
CA ASN N 92 79.23 50.70 43.65
C ASN N 92 79.63 52.14 43.34
N ASP N 93 79.43 52.53 42.08
CA ASP N 93 79.43 53.93 41.67
C ASP N 93 77.98 54.33 41.39
N TRP N 94 77.15 54.33 42.43
CA TRP N 94 75.71 54.47 42.32
C TRP N 94 75.32 55.78 41.64
N LEU N 95 74.02 55.91 41.36
CA LEU N 95 73.52 57.09 40.63
C LEU N 95 73.61 58.36 41.47
N THR N 96 73.46 58.26 42.80
CA THR N 96 73.52 59.42 43.68
C THR N 96 74.92 59.72 44.16
N PHE N 97 75.66 58.71 44.61
CA PHE N 97 77.06 58.84 44.99
C PHE N 97 77.74 57.52 44.62
N GLY N 98 78.95 57.31 45.09
CA GLY N 98 79.55 56.02 44.91
C GLY N 98 78.83 54.98 45.75
N GLN N 99 79.00 55.08 47.08
CA GLN N 99 78.51 54.08 48.02
C GLN N 99 79.08 52.70 47.67
N GLY N 100 80.36 52.67 47.33
CA GLY N 100 80.98 51.47 46.83
C GLY N 100 81.15 50.39 47.88
N THR N 101 81.31 49.16 47.40
CA THR N 101 81.60 48.04 48.28
C THR N 101 82.97 48.22 48.92
N LYS N 102 83.05 47.91 50.22
CA LYS N 102 84.31 48.02 50.93
C LYS N 102 85.34 47.07 50.31
N VAL N 103 85.10 45.76 50.46
CA VAL N 103 85.99 44.76 49.88
C VAL N 103 85.31 43.41 49.86
N GLU N 104 85.51 42.66 48.78
CA GLU N 104 85.22 41.22 48.75
C GLU N 104 86.49 40.58 48.21
N ILE N 105 87.46 40.36 49.09
CA ILE N 105 88.81 40.00 48.68
C ILE N 105 88.86 38.54 48.24
N LYS N 106 88.85 38.32 46.93
CA LYS N 106 89.10 36.99 46.41
C LYS N 106 90.53 36.57 46.73
N ARG N 107 90.73 35.26 46.83
CA ARG N 107 92.04 34.72 47.19
C ARG N 107 92.02 33.22 47.00
N THR N 108 93.16 32.66 46.60
CA THR N 108 93.36 31.22 46.51
C THR N 108 94.64 30.83 47.25
N VAL N 109 95.07 29.58 47.06
CA VAL N 109 96.26 29.08 47.74
C VAL N 109 97.48 29.83 47.24
N ALA N 110 98.28 30.32 48.17
CA ALA N 110 99.46 31.14 47.85
C ALA N 110 100.38 31.17 49.06
N ALA N 111 101.38 32.05 49.00
CA ALA N 111 102.33 32.32 50.09
C ALA N 111 103.16 31.09 50.41
N PRO N 112 103.96 30.59 49.47
CA PRO N 112 104.87 29.50 49.78
C PRO N 112 105.94 29.92 50.79
N SER N 113 106.32 28.96 51.64
CA SER N 113 107.35 29.20 52.65
C SER N 113 108.71 29.20 52.00
N VAL N 114 109.31 30.38 51.86
CA VAL N 114 110.62 30.53 51.24
C VAL N 114 111.66 30.77 52.34
N PHE N 115 112.93 30.71 51.95
CA PHE N 115 114.01 30.88 52.91
C PHE N 115 114.18 32.35 53.26
N ILE N 116 114.19 32.65 54.56
CA ILE N 116 114.46 34.01 55.01
C ILE N 116 115.91 34.32 54.68
N PHE N 117 116.13 35.17 53.68
CA PHE N 117 117.48 35.46 53.23
C PHE N 117 118.24 36.17 54.34
N PRO N 118 119.48 35.80 54.61
CA PRO N 118 120.25 36.47 55.66
C PRO N 118 120.82 37.78 55.15
N PRO N 119 119.99 38.61 54.49
CA PRO N 119 120.43 39.92 53.99
C PRO N 119 120.69 40.93 55.11
N SER N 120 121.47 40.51 56.10
CA SER N 120 121.78 41.35 57.24
C SER N 120 123.17 41.94 57.08
N ASP N 121 123.22 43.24 56.81
CA ASP N 121 124.45 44.00 56.82
C ASP N 121 124.47 44.88 58.07
N GLU N 122 125.64 44.95 58.70
CA GLU N 122 125.78 45.67 59.96
C GLU N 122 125.86 47.18 59.70
N GLN N 123 126.31 47.92 60.72
CA GLN N 123 126.65 49.32 60.51
C GLN N 123 127.96 49.34 59.74
N LEU N 124 127.85 49.24 58.42
CA LEU N 124 129.00 49.04 57.54
C LEU N 124 129.74 50.36 57.34
N LYS N 125 130.61 50.40 56.33
CA LYS N 125 131.31 51.63 55.98
C LYS N 125 130.32 52.75 55.71
N SER N 126 129.21 52.44 55.03
CA SER N 126 128.13 53.40 54.88
C SER N 126 127.03 53.21 55.92
N GLY N 127 126.88 51.99 56.45
CA GLY N 127 125.91 51.78 57.51
C GLY N 127 126.26 52.53 58.78
N THR N 128 127.54 52.52 59.16
CA THR N 128 128.03 53.29 60.29
C THR N 128 128.55 54.66 59.88
N ALA N 129 128.43 55.03 58.61
CA ALA N 129 128.89 56.34 58.17
C ALA N 129 128.15 57.45 58.90
N SER N 130 126.85 57.29 59.10
CA SER N 130 126.09 58.27 59.86
C SER N 130 126.53 58.28 61.31
N VAL N 131 126.34 59.42 61.96
CA VAL N 131 126.63 59.53 63.39
C VAL N 131 125.78 58.55 64.18
N VAL N 132 124.66 58.13 63.63
CA VAL N 132 123.86 57.05 64.20
C VAL N 132 124.19 55.77 63.45
N CYS N 133 124.87 54.85 64.13
CA CYS N 133 125.24 53.58 63.50
C CYS N 133 123.99 52.78 63.20
N LEU N 134 123.83 52.37 61.94
CA LEU N 134 122.63 51.68 61.49
C LEU N 134 123.03 50.42 60.75
N LEU N 135 122.67 49.26 61.30
CA LEU N 135 122.77 48.05 60.52
C LEU N 135 121.73 48.05 59.42
N ASN N 136 121.98 47.28 58.36
CA ASN N 136 121.02 47.09 57.28
C ASN N 136 120.74 45.59 57.20
N ASN N 137 119.79 45.12 58.02
CA ASN N 137 119.54 43.72 58.24
C ASN N 137 118.19 43.31 57.65
N PHE N 138 118.13 42.13 57.03
CA PHE N 138 116.85 41.66 56.49
C PHE N 138 116.73 40.16 56.65
N TYR N 139 115.49 39.70 56.51
CA TYR N 139 115.19 38.27 56.39
C TYR N 139 114.33 38.07 55.15
N PRO N 140 114.87 38.41 53.98
CA PRO N 140 114.04 38.42 52.76
C PRO N 140 113.50 37.04 52.42
N ARG N 141 112.26 37.02 51.94
CA ARG N 141 111.56 35.79 51.56
C ARG N 141 111.41 34.85 52.75
N GLU N 142 111.06 35.40 53.91
CA GLU N 142 110.88 34.59 55.10
C GLU N 142 109.69 33.65 54.95
N ALA N 143 109.79 32.47 55.58
CA ALA N 143 108.86 31.38 55.30
C ALA N 143 107.41 31.81 55.50
N LYS N 144 107.09 32.35 56.66
CA LYS N 144 105.78 32.94 56.86
C LYS N 144 105.82 34.40 56.43
N VAL N 145 104.64 35.01 56.26
CA VAL N 145 104.57 36.43 55.96
C VAL N 145 104.98 37.29 57.16
N GLN N 146 105.20 36.67 58.31
CA GLN N 146 105.60 37.37 59.52
C GLN N 146 107.02 36.98 59.90
N TRP N 147 107.86 37.99 60.10
CA TRP N 147 109.21 37.79 60.63
C TRP N 147 109.48 38.99 61.55
N LYS N 148 109.18 38.81 62.84
CA LYS N 148 109.39 39.88 63.81
C LYS N 148 110.89 40.05 64.00
N VAL N 149 111.44 41.09 63.37
CA VAL N 149 112.89 41.25 63.28
C VAL N 149 113.42 41.78 64.61
N ASP N 150 114.40 41.08 65.16
CA ASP N 150 115.24 41.59 66.25
C ASP N 150 116.66 41.60 65.72
N ASN N 151 117.17 42.78 65.38
CA ASN N 151 118.49 42.86 64.76
C ASN N 151 119.59 42.29 65.66
N ALA N 152 119.34 42.20 66.96
CA ALA N 152 120.26 41.61 67.92
C ALA N 152 121.62 42.32 67.88
N LEU N 153 121.60 43.60 68.24
CA LEU N 153 122.81 44.39 68.34
C LEU N 153 123.81 43.70 69.27
N GLN N 154 124.94 43.27 68.71
CA GLN N 154 125.90 42.38 69.40
C GLN N 154 125.20 41.13 69.92
N SER N 155 124.33 40.55 69.09
CA SER N 155 123.51 39.40 69.47
C SER N 155 122.70 39.70 70.73
N GLY N 156 122.29 40.95 70.89
CA GLY N 156 121.58 41.42 72.06
C GLY N 156 120.07 41.29 72.01
N ASN N 157 119.54 40.51 71.06
CA ASN N 157 118.09 40.35 70.90
C ASN N 157 117.41 41.71 70.75
N SER N 158 118.05 42.59 69.97
CA SER N 158 117.63 43.98 69.84
C SER N 158 116.39 44.09 68.96
N GLN N 159 115.26 43.63 69.51
CA GLN N 159 113.97 44.01 68.95
C GLN N 159 113.77 45.52 69.08
N GLU N 160 114.11 46.07 70.24
CA GLU N 160 114.26 47.50 70.40
C GLU N 160 115.66 47.94 70.00
N SER N 161 115.86 49.25 69.92
CA SER N 161 117.11 49.83 69.43
C SER N 161 117.46 49.30 68.03
N VAL N 162 116.44 48.98 67.26
CA VAL N 162 116.62 48.48 65.90
C VAL N 162 115.40 48.84 65.06
N THR N 163 115.63 49.51 63.93
CA THR N 163 114.54 49.85 63.02
C THR N 163 114.10 48.61 62.26
N GLU N 164 113.44 47.69 62.96
CA GLU N 164 113.01 46.42 62.37
C GLU N 164 111.83 46.68 61.46
N GLN N 165 112.11 46.86 60.17
CA GLN N 165 111.05 47.12 59.21
C GLN N 165 110.14 45.91 59.06
N ASP N 166 108.91 46.16 58.62
CA ASP N 166 107.91 45.11 58.52
C ASP N 166 108.38 44.02 57.56
N SER N 167 108.05 42.77 57.91
CA SER N 167 108.47 41.61 57.13
C SER N 167 107.55 41.47 55.92
N LYS N 168 107.80 42.30 54.91
CA LYS N 168 107.02 42.31 53.70
C LYS N 168 107.49 41.23 52.74
N ASP N 169 106.59 40.80 51.85
CA ASP N 169 106.92 39.73 50.91
C ASP N 169 108.01 40.19 49.94
N SER N 170 109.22 39.66 50.10
CA SER N 170 110.35 40.08 49.28
C SER N 170 110.19 39.69 47.82
N THR N 171 110.26 38.39 47.53
CA THR N 171 110.22 37.93 46.14
C THR N 171 109.35 36.70 45.90
N TYR N 172 109.05 35.89 46.91
CA TYR N 172 108.32 34.64 46.73
C TYR N 172 107.12 34.58 47.66
N SER N 173 106.36 35.67 47.72
CA SER N 173 105.23 35.80 48.64
C SER N 173 105.65 35.48 50.07
N LEU N 174 106.85 35.92 50.44
CA LEU N 174 107.49 35.48 51.66
C LEU N 174 108.21 36.66 52.29
N SER N 175 108.14 36.76 53.61
CA SER N 175 108.42 37.99 54.33
C SER N 175 109.87 38.44 54.17
N SER N 176 110.07 39.75 54.32
CA SER N 176 111.39 40.37 54.30
C SER N 176 111.43 41.43 55.39
N THR N 177 111.98 41.07 56.55
CA THR N 177 111.99 41.97 57.71
C THR N 177 113.27 42.78 57.68
N LEU N 178 113.20 44.00 57.14
CA LEU N 178 114.37 44.85 56.95
C LEU N 178 114.77 45.48 58.28
N THR N 179 115.42 44.67 59.11
CA THR N 179 115.88 45.12 60.42
C THR N 179 117.04 46.11 60.27
N LEU N 180 117.26 46.89 61.32
CA LEU N 180 118.33 47.89 61.28
C LEU N 180 118.74 48.20 62.72
N SER N 181 119.81 47.56 63.19
CA SER N 181 120.29 47.80 64.54
C SER N 181 120.65 49.27 64.67
N LYS N 182 119.83 50.02 65.40
CA LYS N 182 119.84 51.48 65.32
C LYS N 182 120.12 52.07 66.69
N ALA N 183 121.12 52.93 66.77
CA ALA N 183 121.41 53.75 67.93
C ALA N 183 122.23 54.93 67.46
N ASP N 184 122.71 55.72 68.43
CA ASP N 184 123.46 56.94 68.13
C ASP N 184 124.96 56.70 68.05
N TYR N 185 125.37 55.50 67.62
CA TYR N 185 126.75 55.02 67.63
C TYR N 185 127.27 54.77 69.03
N GLU N 186 126.41 54.90 70.04
CA GLU N 186 126.76 54.53 71.41
C GLU N 186 126.42 53.08 71.71
N LYS N 187 125.35 52.55 71.13
CA LYS N 187 125.00 51.15 71.24
C LYS N 187 125.17 50.39 69.93
N HIS N 188 124.54 50.87 68.85
CA HIS N 188 124.57 50.12 67.60
C HIS N 188 125.96 50.07 66.99
N LYS N 189 126.81 51.06 67.27
CA LYS N 189 128.21 50.97 66.85
C LYS N 189 129.02 50.09 67.79
N VAL N 190 128.85 50.28 69.10
CA VAL N 190 129.48 49.38 70.07
C VAL N 190 128.96 47.96 69.85
N TYR N 191 127.64 47.83 69.67
CA TYR N 191 127.05 46.57 69.25
C TYR N 191 126.89 46.55 67.73
N ALA N 192 128.01 46.74 67.05
CA ALA N 192 128.02 46.67 65.59
C ALA N 192 127.58 45.29 65.10
N CYS N 193 127.83 44.26 65.90
CA CYS N 193 127.31 42.94 65.60
C CYS N 193 125.78 42.96 65.64
N GLU N 194 125.16 42.21 64.74
CA GLU N 194 123.71 42.15 64.68
C GLU N 194 123.30 40.84 64.04
N VAL N 195 122.39 40.12 64.68
CA VAL N 195 121.81 38.90 64.13
C VAL N 195 120.33 39.18 63.93
N THR N 196 119.92 39.41 62.68
CA THR N 196 118.55 39.82 62.44
C THR N 196 117.60 38.68 62.74
N HIS N 197 117.10 38.64 63.98
CA HIS N 197 116.29 37.53 64.47
C HIS N 197 114.89 37.64 63.86
N GLN N 198 114.84 37.43 62.55
CA GLN N 198 113.62 37.57 61.77
C GLN N 198 113.37 36.29 60.99
N GLY N 199 112.22 35.68 61.21
CA GLY N 199 111.87 34.45 60.52
C GLY N 199 110.41 34.14 60.77
N LEU N 200 109.97 33.04 60.15
CA LEU N 200 108.57 32.64 60.25
C LEU N 200 108.12 32.54 61.70
N SER N 201 107.01 33.21 62.01
CA SER N 201 106.47 33.27 63.37
C SER N 201 107.51 33.80 64.35
N SER N 202 108.12 34.93 63.99
CA SER N 202 109.15 35.60 64.78
C SER N 202 110.30 34.65 65.08
N PRO N 203 110.77 33.88 64.09
CA PRO N 203 111.89 32.98 64.34
C PRO N 203 113.21 33.75 64.40
N VAL N 204 113.99 33.51 65.45
CA VAL N 204 115.28 34.18 65.60
C VAL N 204 116.22 33.60 64.55
N THR N 205 116.53 34.38 63.53
CA THR N 205 117.40 33.98 62.45
C THR N 205 118.78 34.59 62.63
N LYS N 206 119.82 33.77 62.44
CA LYS N 206 121.20 34.24 62.57
C LYS N 206 121.61 34.89 61.25
N SER N 207 120.94 35.99 60.94
CA SER N 207 121.30 36.82 59.79
C SER N 207 122.43 37.72 60.27
N PHE N 208 123.67 37.36 59.90
CA PHE N 208 124.86 37.91 60.52
C PHE N 208 125.16 39.30 59.98
N ASN N 209 124.42 40.29 60.47
CA ASN N 209 124.89 41.66 60.35
C ASN N 209 125.90 41.93 61.45
N ARG N 210 126.89 41.03 61.59
CA ARG N 210 127.80 41.06 62.73
C ARG N 210 129.00 41.95 62.41
N GLY N 211 128.80 43.25 62.55
CA GLY N 211 129.85 44.22 62.36
C GLY N 211 131.03 44.05 63.31
N GLU N 212 132.24 44.09 62.75
CA GLU N 212 133.45 44.01 63.56
C GLU N 212 133.44 45.09 64.63
N CYS N 213 133.70 44.69 65.88
CA CYS N 213 133.63 45.58 67.02
C CYS N 213 132.26 46.25 67.12
N GLN O 1 -55.04 -12.70 67.01
CA GLN O 1 -56.28 -13.07 66.33
C GLN O 1 -56.23 -14.52 65.87
N VAL O 2 -55.04 -15.12 65.95
CA VAL O 2 -54.87 -16.52 65.55
C VAL O 2 -55.45 -17.42 66.63
N GLN O 3 -56.73 -17.76 66.50
CA GLN O 3 -57.36 -18.64 67.48
C GLN O 3 -57.72 -19.96 66.82
N LEU O 4 -56.78 -20.50 66.04
CA LEU O 4 -56.92 -21.85 65.47
C LEU O 4 -56.64 -22.88 66.56
N VAL O 5 -57.56 -22.93 67.52
CA VAL O 5 -57.41 -23.79 68.69
C VAL O 5 -57.89 -25.19 68.32
N GLU O 6 -56.99 -26.16 68.43
CA GLU O 6 -57.36 -27.54 68.14
C GLU O 6 -58.50 -28.00 69.04
N SER O 7 -59.24 -28.98 68.56
CA SER O 7 -60.25 -29.60 69.40
C SER O 7 -59.59 -30.17 70.64
N GLY O 8 -60.30 -30.13 71.77
CA GLY O 8 -59.78 -30.60 73.03
C GLY O 8 -59.21 -32.00 72.94
N GLY O 9 -58.36 -32.38 73.89
CA GLY O 9 -57.74 -33.69 73.84
C GLY O 9 -58.79 -34.76 73.76
N GLY O 10 -58.98 -35.29 72.54
CA GLY O 10 -60.08 -36.19 72.26
C GLY O 10 -59.65 -37.63 72.43
N VAL O 11 -60.36 -38.35 73.28
CA VAL O 11 -59.98 -39.72 73.59
C VAL O 11 -60.50 -40.62 72.47
N VAL O 12 -59.70 -40.76 71.42
CA VAL O 12 -59.97 -41.67 70.31
C VAL O 12 -58.75 -42.57 70.22
N GLN O 13 -58.88 -43.80 70.74
CA GLN O 13 -57.79 -44.74 70.97
C GLN O 13 -56.84 -44.84 69.78
N PRO O 14 -55.57 -45.17 70.01
CA PRO O 14 -54.60 -45.17 68.91
C PRO O 14 -55.06 -46.05 67.76
N GLY O 15 -54.89 -45.53 66.55
CA GLY O 15 -55.46 -46.12 65.36
C GLY O 15 -56.77 -45.48 64.92
N ARG O 16 -57.45 -44.76 65.81
CA ARG O 16 -58.64 -44.02 65.44
C ARG O 16 -58.25 -42.72 64.73
N SER O 17 -59.23 -42.11 64.08
CA SER O 17 -59.04 -40.89 63.31
C SER O 17 -59.47 -39.71 64.18
N LEU O 18 -58.54 -39.23 65.01
CA LEU O 18 -58.82 -38.05 65.82
C LEU O 18 -58.90 -36.81 64.93
N ARG O 19 -59.30 -35.70 65.54
CA ARG O 19 -59.42 -34.43 64.83
C ARG O 19 -58.91 -33.31 65.73
N LEU O 20 -57.66 -32.90 65.51
CA LEU O 20 -57.14 -31.73 66.22
C LEU O 20 -57.76 -30.48 65.61
N SER O 21 -59.05 -30.29 65.84
CA SER O 21 -59.83 -29.34 65.06
C SER O 21 -59.46 -27.91 65.43
N CYS O 22 -58.38 -27.41 64.82
CA CYS O 22 -57.96 -26.04 65.07
C CYS O 22 -58.87 -25.08 64.34
N ALA O 23 -60.04 -24.81 64.93
CA ALA O 23 -61.01 -23.92 64.32
C ALA O 23 -60.50 -22.48 64.38
N ALA O 24 -59.86 -22.04 63.31
CA ALA O 24 -59.25 -20.72 63.30
C ALA O 24 -60.30 -19.63 63.48
N SER O 25 -59.94 -18.62 64.27
CA SER O 25 -60.72 -17.40 64.33
C SER O 25 -60.38 -16.57 63.09
N GLY O 26 -60.75 -15.29 63.10
CA GLY O 26 -60.39 -14.50 61.95
C GLY O 26 -58.90 -14.21 61.99
N PHE O 27 -58.14 -14.99 61.21
CA PHE O 27 -56.69 -14.88 61.12
C PHE O 27 -56.25 -15.05 59.68
N THR O 28 -57.13 -14.74 58.74
CA THR O 28 -56.87 -14.85 57.30
C THR O 28 -56.43 -16.27 56.93
N PHE O 29 -57.11 -17.28 57.50
CA PHE O 29 -56.76 -18.66 57.18
C PHE O 29 -56.92 -18.94 55.69
N SER O 30 -57.81 -18.23 55.01
CA SER O 30 -57.86 -18.28 53.55
C SER O 30 -56.72 -17.49 52.93
N ASN O 31 -56.48 -16.28 53.44
CA ASN O 31 -55.48 -15.38 52.89
C ASN O 31 -54.09 -15.59 53.48
N TYR O 32 -53.96 -16.45 54.48
CA TYR O 32 -52.67 -16.81 55.05
C TYR O 32 -52.79 -18.24 55.56
N GLY O 33 -51.65 -18.92 55.64
CA GLY O 33 -51.67 -20.31 56.00
C GLY O 33 -52.08 -20.55 57.44
N ILE O 34 -52.60 -21.75 57.68
CA ILE O 34 -52.93 -22.22 59.02
C ILE O 34 -52.27 -23.59 59.18
N HIS O 35 -51.06 -23.60 59.72
CA HIS O 35 -50.36 -24.85 59.97
C HIS O 35 -50.99 -25.60 61.14
N TRP O 36 -50.70 -26.89 61.22
CA TRP O 36 -51.03 -27.71 62.38
C TRP O 36 -49.75 -28.12 63.08
N VAL O 37 -49.69 -27.95 64.39
CA VAL O 37 -48.53 -28.32 65.19
C VAL O 37 -49.03 -29.16 66.36
N ARG O 38 -49.06 -30.47 66.18
CA ARG O 38 -49.41 -31.38 67.27
C ARG O 38 -48.26 -31.40 68.26
N GLN O 39 -48.39 -30.64 69.33
CA GLN O 39 -47.30 -30.38 70.25
C GLN O 39 -47.77 -30.53 71.69
N ALA O 40 -46.84 -30.86 72.58
CA ALA O 40 -47.19 -31.04 73.98
C ALA O 40 -47.46 -29.68 74.62
N PRO O 41 -47.80 -29.64 75.90
CA PRO O 41 -48.08 -28.34 76.55
C PRO O 41 -46.91 -27.38 76.48
N GLY O 42 -45.68 -27.88 76.50
CA GLY O 42 -44.50 -27.04 76.41
C GLY O 42 -43.43 -27.61 75.52
N LYS O 43 -43.82 -28.40 74.51
CA LYS O 43 -42.84 -29.00 73.62
C LYS O 43 -42.29 -28.01 72.61
N GLY O 44 -43.13 -27.09 72.15
CA GLY O 44 -42.76 -26.19 71.06
C GLY O 44 -43.59 -26.47 69.83
N LEU O 45 -43.77 -25.47 68.97
CA LEU O 45 -44.73 -25.56 67.87
C LEU O 45 -44.18 -26.52 66.82
N GLU O 46 -44.34 -27.81 67.11
CA GLU O 46 -43.91 -28.87 66.19
C GLU O 46 -44.87 -28.95 65.02
N TRP O 47 -44.65 -28.13 64.00
CA TRP O 47 -45.62 -28.00 62.91
C TRP O 47 -45.72 -29.28 62.09
N VAL O 48 -46.94 -29.60 61.67
CA VAL O 48 -47.14 -30.64 60.66
C VAL O 48 -46.87 -30.10 59.27
N ALA O 49 -46.84 -28.78 59.10
CA ALA O 49 -46.51 -28.16 57.84
C ALA O 49 -46.15 -26.71 58.08
N VAL O 50 -45.36 -26.15 57.16
CA VAL O 50 -45.42 -24.70 56.96
C VAL O 50 -46.52 -24.56 55.92
N ILE O 51 -47.76 -24.62 56.38
CA ILE O 51 -48.90 -24.85 55.49
C ILE O 51 -49.27 -23.54 54.81
N SER O 52 -48.83 -23.35 53.58
CA SER O 52 -49.18 -22.16 52.82
C SER O 52 -50.60 -22.34 52.31
N TYR O 53 -51.58 -21.89 53.09
CA TYR O 53 -52.94 -21.81 52.57
C TYR O 53 -53.05 -20.67 51.57
N ASP O 54 -52.39 -19.54 51.86
CA ASP O 54 -52.27 -18.49 50.87
C ASP O 54 -51.43 -18.94 49.68
N GLY O 55 -50.26 -19.52 49.94
CA GLY O 55 -49.42 -20.03 48.87
C GLY O 55 -49.97 -21.31 48.27
N ARG O 56 -49.49 -21.64 47.08
CA ARG O 56 -49.90 -22.89 46.46
C ARG O 56 -49.34 -24.10 47.20
N HIS O 57 -48.06 -24.08 47.54
CA HIS O 57 -47.39 -25.23 48.12
C HIS O 57 -47.26 -25.06 49.63
N LYS O 58 -47.84 -26.00 50.37
CA LYS O 58 -47.71 -26.04 51.82
C LYS O 58 -46.42 -26.78 52.17
N TYR O 59 -45.44 -26.06 52.71
CA TYR O 59 -44.14 -26.64 53.02
C TYR O 59 -44.29 -27.56 54.22
N ILE O 60 -44.57 -28.84 53.94
CA ILE O 60 -44.85 -29.82 54.98
C ILE O 60 -43.69 -29.89 55.96
N ALA O 61 -44.03 -29.91 57.25
CA ALA O 61 -43.06 -29.98 58.33
C ALA O 61 -43.23 -31.30 59.07
N ASP O 62 -42.15 -32.08 59.16
CA ASP O 62 -42.25 -33.43 59.69
C ASP O 62 -42.68 -33.51 61.14
N PRO O 63 -42.46 -32.49 61.98
CA PRO O 63 -42.60 -32.70 63.44
C PRO O 63 -43.97 -33.20 63.89
N VAL O 64 -45.05 -32.72 63.28
CA VAL O 64 -46.38 -33.24 63.57
C VAL O 64 -46.96 -34.01 62.41
N LYS O 65 -46.26 -34.05 61.27
CA LYS O 65 -46.70 -34.88 60.16
C LYS O 65 -46.64 -36.35 60.54
N GLY O 66 -47.60 -37.12 60.03
CA GLY O 66 -47.68 -38.53 60.34
C GLY O 66 -48.87 -38.84 61.23
N ARG O 67 -49.96 -39.30 60.63
CA ARG O 67 -51.22 -39.65 61.25
C ARG O 67 -51.96 -38.44 61.81
N PHE O 68 -51.37 -37.26 61.75
CA PHE O 68 -52.04 -36.02 62.12
C PHE O 68 -52.33 -35.21 60.85
N THR O 69 -53.20 -35.77 60.02
CA THR O 69 -53.51 -35.16 58.72
C THR O 69 -54.12 -33.77 58.92
N ILE O 70 -53.41 -32.74 58.48
CA ILE O 70 -53.86 -31.38 58.73
C ILE O 70 -55.05 -31.09 57.82
N SER O 71 -56.26 -31.21 58.37
CA SER O 71 -57.47 -30.90 57.61
C SER O 71 -57.70 -29.39 57.65
N ARG O 72 -56.67 -28.62 57.31
CA ARG O 72 -56.79 -27.17 57.33
C ARG O 72 -57.71 -26.72 56.22
N ASP O 73 -58.73 -25.94 56.59
CA ASP O 73 -59.70 -25.40 55.64
C ASP O 73 -59.43 -23.90 55.56
N ASN O 74 -58.78 -23.47 54.48
CA ASN O 74 -58.45 -22.06 54.33
C ASN O 74 -59.71 -21.20 54.33
N SER O 75 -60.69 -21.55 53.50
CA SER O 75 -61.93 -20.78 53.43
C SER O 75 -62.69 -20.84 54.75
N LYS O 76 -62.81 -22.02 55.33
CA LYS O 76 -63.60 -22.19 56.55
C LYS O 76 -62.90 -21.70 57.80
N ASN O 77 -61.62 -21.34 57.71
CA ASN O 77 -60.82 -20.91 58.85
C ASN O 77 -60.90 -21.94 59.98
N MET O 78 -60.44 -23.15 59.66
CA MET O 78 -60.40 -24.23 60.64
C MET O 78 -59.29 -25.18 60.24
N LEU O 79 -58.13 -25.06 60.89
CA LEU O 79 -57.05 -26.01 60.69
C LEU O 79 -57.42 -27.31 61.41
N TYR O 80 -58.45 -27.97 60.87
CA TYR O 80 -59.08 -29.07 61.57
C TYR O 80 -58.11 -30.18 61.94
N LEU O 81 -56.94 -30.22 61.30
CA LEU O 81 -55.84 -31.11 61.65
C LEU O 81 -56.35 -32.49 62.04
N GLN O 82 -57.21 -33.03 61.17
CA GLN O 82 -57.89 -34.28 61.48
C GLN O 82 -56.87 -35.39 61.59
N MET O 83 -56.60 -35.84 62.81
CA MET O 83 -55.57 -36.84 63.03
C MET O 83 -56.07 -38.19 62.53
N ASN O 84 -56.20 -38.31 61.22
CA ASN O 84 -56.70 -39.54 60.62
C ASN O 84 -55.76 -40.69 60.93
N SER O 85 -56.33 -41.81 61.40
CA SER O 85 -55.57 -42.97 61.82
C SER O 85 -54.51 -42.57 62.86
N LEU O 86 -54.94 -41.76 63.82
CA LEU O 86 -54.03 -41.21 64.82
C LEU O 86 -53.38 -42.30 65.65
N ARG O 87 -52.07 -42.48 65.49
CA ARG O 87 -51.30 -43.33 66.37
C ARG O 87 -51.20 -42.68 67.75
N THR O 88 -50.47 -43.32 68.65
CA THR O 88 -50.39 -42.81 70.02
C THR O 88 -49.49 -41.58 70.09
N GLU O 89 -49.87 -40.53 69.35
CA GLU O 89 -49.14 -39.28 69.36
C GLU O 89 -50.05 -38.06 69.33
N ASP O 90 -51.37 -38.24 69.35
CA ASP O 90 -52.30 -37.11 69.36
C ASP O 90 -52.42 -36.48 70.74
N THR O 91 -52.01 -37.19 71.81
CA THR O 91 -52.19 -36.68 73.16
C THR O 91 -51.23 -35.55 73.44
N ALA O 92 -51.42 -34.42 72.76
CA ALA O 92 -50.55 -33.25 72.88
C ALA O 92 -51.28 -32.07 72.26
N VAL O 93 -51.17 -30.91 72.91
CA VAL O 93 -52.01 -29.76 72.58
C VAL O 93 -51.63 -29.26 71.20
N TYR O 94 -52.46 -29.58 70.20
CA TYR O 94 -52.12 -29.39 68.80
C TYR O 94 -52.26 -27.91 68.44
N TYR O 95 -51.26 -27.13 68.85
CA TYR O 95 -51.19 -25.74 68.42
C TYR O 95 -51.22 -25.67 66.91
N CYS O 96 -51.81 -24.61 66.37
CA CYS O 96 -51.97 -24.47 64.92
C CYS O 96 -51.32 -23.16 64.49
N ALA O 97 -50.17 -23.27 63.84
CA ALA O 97 -49.45 -22.08 63.42
C ALA O 97 -50.14 -21.40 62.24
N LYS O 98 -50.19 -20.08 62.28
CA LYS O 98 -50.70 -19.32 61.15
C LYS O 98 -49.58 -19.28 60.12
N ASP O 99 -49.52 -20.33 59.30
CA ASP O 99 -48.42 -20.51 58.35
C ASP O 99 -48.59 -19.60 57.14
N THR O 100 -48.63 -18.30 57.41
CA THR O 100 -48.87 -17.30 56.37
C THR O 100 -47.88 -17.49 55.23
N SER O 101 -48.38 -17.92 54.07
CA SER O 101 -47.54 -18.28 52.93
C SER O 101 -46.45 -19.28 53.33
N GLY O 102 -46.81 -20.22 54.21
CA GLY O 102 -45.83 -21.17 54.71
C GLY O 102 -44.85 -20.60 55.71
N TRP O 103 -45.27 -19.64 56.52
CA TRP O 103 -44.46 -19.14 57.64
C TRP O 103 -45.18 -19.56 58.91
N TYR O 104 -44.93 -20.78 59.35
CA TYR O 104 -45.67 -21.40 60.45
C TYR O 104 -45.22 -20.78 61.75
N GLU O 105 -45.91 -19.74 62.20
CA GLU O 105 -45.47 -19.00 63.38
C GLU O 105 -46.47 -18.99 64.52
N PHE O 106 -47.77 -18.82 64.26
CA PHE O 106 -48.73 -18.64 65.35
C PHE O 106 -49.03 -19.95 66.07
N PHE O 107 -50.11 -19.92 66.87
CA PHE O 107 -50.71 -21.05 67.55
C PHE O 107 -52.10 -20.63 68.05
N ASP O 108 -52.63 -21.26 69.09
CA ASP O 108 -53.89 -20.82 69.70
C ASP O 108 -54.04 -21.53 71.05
N SER O 109 -55.16 -21.29 71.71
CA SER O 109 -55.47 -22.02 72.94
C SER O 109 -55.92 -23.43 72.54
N TRP O 110 -55.01 -24.14 71.85
CA TRP O 110 -55.36 -25.38 71.19
C TRP O 110 -55.65 -26.48 72.20
N GLY O 111 -56.67 -27.28 71.87
CA GLY O 111 -56.86 -28.57 72.49
C GLY O 111 -55.89 -29.59 71.89
N GLN O 112 -56.28 -30.85 71.92
CA GLN O 112 -55.32 -31.90 71.59
C GLN O 112 -56.05 -33.09 70.97
N GLY O 113 -55.34 -34.21 70.89
CA GLY O 113 -55.95 -35.51 70.78
C GLY O 113 -55.71 -36.30 72.06
N ILE O 114 -56.08 -37.57 71.99
CA ILE O 114 -55.80 -38.51 73.08
C ILE O 114 -55.93 -39.91 72.51
N PRO O 115 -54.91 -40.41 71.80
CA PRO O 115 -55.04 -41.73 71.18
C PRO O 115 -55.05 -42.84 72.21
N VAL O 116 -56.02 -42.78 73.12
CA VAL O 116 -56.19 -43.75 74.19
C VAL O 116 -57.67 -43.81 74.54
N THR O 117 -58.03 -44.86 75.27
CA THR O 117 -59.41 -45.06 75.73
C THR O 117 -59.38 -45.39 77.22
N VAL O 118 -60.33 -44.83 77.96
CA VAL O 118 -60.42 -45.01 79.41
C VAL O 118 -61.82 -45.53 79.73
N SER O 119 -61.89 -46.57 80.55
CA SER O 119 -63.16 -47.14 80.93
C SER O 119 -63.98 -46.14 81.73
N SER O 120 -65.30 -46.13 81.49
CA SER O 120 -66.21 -45.20 82.15
C SER O 120 -66.69 -45.81 83.46
N ALA O 121 -65.85 -45.71 84.49
CA ALA O 121 -66.18 -46.25 85.80
C ALA O 121 -67.05 -45.25 86.56
N SER O 122 -67.22 -45.48 87.86
CA SER O 122 -68.21 -44.72 88.63
C SER O 122 -67.84 -43.23 88.69
N PRO O 123 -68.78 -42.33 88.41
CA PRO O 123 -68.52 -40.90 88.57
C PRO O 123 -68.78 -40.37 89.97
N THR O 124 -68.94 -41.24 90.96
CA THR O 124 -69.35 -40.81 92.29
C THR O 124 -68.26 -39.97 92.94
N SER O 125 -68.68 -39.08 93.83
CA SER O 125 -67.78 -38.31 94.69
C SER O 125 -68.14 -38.58 96.13
N PRO O 126 -67.27 -39.21 96.92
CA PRO O 126 -67.62 -39.46 98.33
C PRO O 126 -67.65 -38.16 99.10
N LYS O 127 -68.85 -37.63 99.31
CA LYS O 127 -69.04 -36.28 99.82
C LYS O 127 -68.99 -36.31 101.34
N VAL O 128 -67.79 -36.37 101.87
CA VAL O 128 -67.60 -36.29 103.31
C VAL O 128 -67.78 -34.84 103.72
N PHE O 129 -68.70 -34.60 104.64
CA PHE O 129 -69.08 -33.26 105.07
C PHE O 129 -67.99 -32.68 105.96
N PRO O 130 -68.20 -31.46 106.48
CA PRO O 130 -67.15 -30.80 107.27
C PRO O 130 -66.53 -31.66 108.35
N LEU O 131 -65.33 -31.26 108.75
CA LEU O 131 -64.43 -32.02 109.62
C LEU O 131 -65.18 -32.91 110.60
N SER O 132 -64.84 -34.21 110.59
CA SER O 132 -65.68 -35.21 111.25
C SER O 132 -65.87 -34.90 112.73
N LEU O 133 -64.78 -34.67 113.45
CA LEU O 133 -64.90 -34.27 114.84
C LEU O 133 -65.28 -32.82 114.97
N CYS O 134 -64.67 -31.94 114.17
CA CYS O 134 -64.89 -30.50 114.32
C CYS O 134 -66.17 -30.04 113.64
N SER O 135 -66.26 -30.21 112.31
CA SER O 135 -67.37 -29.73 111.49
C SER O 135 -67.59 -28.22 111.61
N THR O 136 -66.71 -27.53 112.32
CA THR O 136 -66.76 -26.08 112.49
C THR O 136 -65.36 -25.57 112.16
N GLN O 137 -65.14 -25.29 110.89
CA GLN O 137 -63.89 -24.76 110.38
C GLN O 137 -64.19 -23.51 109.57
N PRO O 138 -63.20 -22.64 109.36
CA PRO O 138 -63.44 -21.45 108.53
C PRO O 138 -63.91 -21.82 107.13
N ASP O 139 -63.46 -22.96 106.60
CA ASP O 139 -63.98 -23.53 105.38
C ASP O 139 -64.51 -24.92 105.69
N GLY O 140 -65.84 -25.06 105.67
CA GLY O 140 -66.47 -26.33 105.93
C GLY O 140 -65.97 -27.41 105.00
N ASN O 141 -65.40 -28.46 105.56
CA ASN O 141 -64.72 -29.47 104.76
C ASN O 141 -65.74 -30.30 104.02
N VAL O 142 -66.38 -29.71 103.00
CA VAL O 142 -67.31 -30.46 102.17
C VAL O 142 -66.46 -31.25 101.20
N VAL O 143 -66.02 -32.42 101.65
CA VAL O 143 -64.94 -33.15 101.00
C VAL O 143 -65.54 -34.23 100.12
N ILE O 144 -65.24 -34.18 98.83
CA ILE O 144 -65.74 -35.15 97.86
C ILE O 144 -64.59 -36.03 97.38
N ALA O 145 -64.37 -37.15 98.06
CA ALA O 145 -63.36 -38.08 97.58
C ALA O 145 -63.91 -38.78 96.35
N CYS O 146 -63.71 -38.17 95.18
CA CYS O 146 -64.33 -38.67 93.95
C CYS O 146 -63.98 -40.14 93.76
N LEU O 147 -64.99 -40.95 93.49
CA LEU O 147 -64.80 -42.39 93.37
C LEU O 147 -63.88 -42.70 92.20
N VAL O 148 -63.54 -43.98 92.01
CA VAL O 148 -62.56 -44.33 91.00
C VAL O 148 -63.23 -44.28 89.65
N GLN O 149 -63.19 -43.10 89.02
CA GLN O 149 -63.74 -42.90 87.69
C GLN O 149 -62.64 -43.22 86.68
N GLY O 150 -62.78 -44.34 85.98
CA GLY O 150 -61.75 -44.80 85.06
C GLY O 150 -61.34 -43.77 84.04
N PHE O 151 -62.28 -42.97 83.56
CA PHE O 151 -61.96 -41.78 82.79
C PHE O 151 -61.55 -40.68 83.77
N PHE O 152 -60.33 -40.18 83.59
CA PHE O 152 -59.70 -39.25 84.50
C PHE O 152 -60.54 -38.00 84.73
N PRO O 153 -61.43 -37.65 83.80
CA PRO O 153 -62.10 -36.35 83.88
C PRO O 153 -63.13 -36.24 85.01
N GLN O 154 -62.71 -36.53 86.24
CA GLN O 154 -63.54 -36.19 87.39
C GLN O 154 -63.69 -34.67 87.44
N GLU O 155 -64.93 -34.21 87.49
CA GLU O 155 -65.17 -32.77 87.46
C GLU O 155 -65.61 -32.35 88.84
N PRO O 156 -64.67 -32.32 89.79
CA PRO O 156 -65.03 -32.11 91.19
C PRO O 156 -65.68 -30.76 91.43
N LEU O 157 -66.62 -30.74 92.38
CA LEU O 157 -67.34 -29.53 92.71
C LEU O 157 -67.84 -29.61 94.15
N SER O 158 -68.20 -28.45 94.70
CA SER O 158 -68.66 -28.39 96.08
C SER O 158 -70.17 -28.54 96.18
N VAL O 159 -70.92 -27.91 95.27
CA VAL O 159 -72.38 -28.00 95.25
C VAL O 159 -72.81 -28.23 93.81
N THR O 160 -72.94 -29.50 93.42
CA THR O 160 -73.49 -29.91 92.12
C THR O 160 -73.02 -29.02 90.97
N TRP O 161 -71.72 -28.69 90.96
CA TRP O 161 -71.15 -27.72 90.02
C TRP O 161 -71.83 -26.34 90.16
N SER O 162 -71.87 -25.86 91.40
CA SER O 162 -72.41 -24.53 91.70
C SER O 162 -71.73 -23.99 92.94
N GLU O 163 -71.13 -22.81 92.82
CA GLU O 163 -70.53 -22.04 93.91
C GLU O 163 -69.22 -22.64 94.40
N SER O 164 -68.92 -23.88 93.98
CA SER O 164 -67.58 -24.48 94.01
C SER O 164 -66.72 -24.04 95.19
N GLY O 165 -67.27 -24.07 96.39
CA GLY O 165 -66.57 -23.52 97.55
C GLY O 165 -65.22 -24.15 97.84
N GLN O 166 -64.15 -23.42 97.52
CA GLN O 166 -62.77 -23.79 97.82
C GLN O 166 -62.52 -25.27 97.55
N GLY O 167 -62.66 -25.65 96.29
CA GLY O 167 -62.53 -27.04 95.94
C GLY O 167 -61.08 -27.50 95.95
N VAL O 168 -60.70 -28.22 97.00
CA VAL O 168 -59.35 -28.80 97.08
C VAL O 168 -59.48 -30.19 96.45
N THR O 169 -59.44 -30.21 95.13
CA THR O 169 -59.64 -31.44 94.37
C THR O 169 -58.29 -32.07 94.07
N ALA O 170 -58.08 -33.30 94.54
CA ALA O 170 -56.98 -34.09 94.03
C ALA O 170 -57.14 -34.22 92.52
N ARG O 171 -56.01 -34.18 91.81
CA ARG O 171 -56.10 -34.08 90.35
C ARG O 171 -56.60 -35.40 89.77
N ASN O 172 -57.81 -35.80 90.15
CA ASN O 172 -58.37 -37.09 89.76
C ASN O 172 -57.37 -38.20 90.03
N PHE O 173 -56.81 -38.16 91.23
CA PHE O 173 -55.59 -38.90 91.53
C PHE O 173 -55.77 -40.39 91.23
N PRO O 174 -54.78 -41.04 90.62
CA PRO O 174 -54.90 -42.46 90.35
C PRO O 174 -54.58 -43.28 91.59
N PRO O 175 -55.15 -42.91 92.74
CA PRO O 175 -55.06 -43.80 93.91
C PRO O 175 -55.74 -45.14 93.67
N SER O 176 -56.68 -45.19 92.73
CA SER O 176 -57.33 -46.44 92.31
C SER O 176 -57.28 -46.59 90.80
N GLN O 177 -56.19 -46.13 90.18
CA GLN O 177 -56.00 -46.20 88.73
C GLN O 177 -57.16 -45.53 87.98
N ASP O 178 -57.68 -44.46 88.54
CA ASP O 178 -58.87 -43.82 87.99
C ASP O 178 -58.93 -42.39 88.51
N ALA O 179 -60.06 -41.72 88.26
CA ALA O 179 -60.23 -40.33 88.68
C ALA O 179 -60.68 -40.30 90.13
N SER O 180 -59.77 -40.67 91.02
CA SER O 180 -60.02 -40.63 92.46
C SER O 180 -59.59 -39.25 92.93
N GLY O 181 -60.41 -38.25 92.60
CA GLY O 181 -60.12 -36.89 92.99
C GLY O 181 -60.69 -36.57 94.35
N ASP O 182 -59.86 -36.59 95.38
CA ASP O 182 -60.30 -36.31 96.75
C ASP O 182 -60.65 -34.83 96.83
N LEU O 183 -61.82 -34.48 96.29
CA LEU O 183 -62.26 -33.10 96.17
C LEU O 183 -62.69 -32.59 97.53
N TYR O 184 -61.70 -32.25 98.36
CA TYR O 184 -61.98 -31.70 99.68
C TYR O 184 -62.43 -30.26 99.50
N THR O 185 -63.62 -30.13 98.88
CA THR O 185 -64.17 -28.85 98.44
C THR O 185 -64.57 -28.03 99.66
N THR O 186 -63.58 -27.30 100.18
CA THR O 186 -63.72 -26.59 101.45
C THR O 186 -64.66 -25.39 101.30
N SER O 187 -65.90 -25.69 100.92
CA SER O 187 -66.93 -24.66 100.90
C SER O 187 -67.13 -24.14 102.32
N SER O 188 -67.27 -22.82 102.45
CA SER O 188 -67.42 -22.21 103.76
C SER O 188 -68.59 -22.86 104.49
N GLN O 189 -68.45 -22.99 105.81
CA GLN O 189 -69.50 -23.61 106.61
C GLN O 189 -70.84 -22.94 106.39
N LEU O 190 -70.82 -21.64 106.11
CA LEU O 190 -72.02 -20.96 105.62
C LEU O 190 -72.30 -21.27 104.16
N THR O 191 -71.25 -21.35 103.33
CA THR O 191 -71.45 -21.59 101.90
C THR O 191 -72.12 -22.93 101.65
N LEU O 192 -71.71 -23.96 102.39
CA LEU O 192 -72.46 -25.21 102.38
C LEU O 192 -73.91 -25.01 102.79
N PRO O 193 -74.23 -24.22 103.81
CA PRO O 193 -75.64 -23.97 104.15
C PRO O 193 -76.31 -22.90 103.30
N ALA O 194 -75.59 -21.83 102.97
CA ALA O 194 -76.20 -20.73 102.23
C ALA O 194 -76.53 -21.14 100.80
N THR O 195 -75.56 -21.74 100.12
CA THR O 195 -75.78 -22.39 98.84
C THR O 195 -75.98 -23.87 99.10
N GLN O 196 -76.01 -24.68 98.04
CA GLN O 196 -76.05 -26.11 98.24
C GLN O 196 -74.69 -26.61 98.75
N CYS O 197 -74.65 -27.89 99.11
CA CYS O 197 -73.41 -28.56 99.48
C CYS O 197 -73.26 -29.88 98.75
N LEU O 198 -73.98 -30.06 97.65
CA LEU O 198 -74.00 -31.30 96.90
C LEU O 198 -72.68 -31.45 96.15
N ALA O 199 -71.72 -32.15 96.74
CA ALA O 199 -70.33 -32.12 96.28
C ALA O 199 -70.25 -32.76 94.91
N GLY O 200 -70.20 -31.92 93.88
CA GLY O 200 -70.33 -32.41 92.51
C GLY O 200 -69.06 -33.08 92.02
N LYS O 201 -69.25 -34.07 91.15
CA LYS O 201 -68.17 -34.65 90.36
C LYS O 201 -68.78 -35.11 89.04
N SER O 202 -68.68 -34.25 88.02
CA SER O 202 -69.14 -34.60 86.68
C SER O 202 -68.07 -35.45 85.97
N VAL O 203 -67.72 -36.55 86.63
CA VAL O 203 -66.68 -37.43 86.12
C VAL O 203 -67.16 -38.05 84.82
N THR O 204 -66.42 -37.80 83.73
CA THR O 204 -66.82 -38.31 82.42
C THR O 204 -66.95 -39.82 82.41
N CYS O 205 -66.18 -40.51 83.25
CA CYS O 205 -66.43 -41.92 83.49
C CYS O 205 -67.82 -42.07 84.09
N HIS O 206 -68.72 -42.72 83.35
CA HIS O 206 -70.15 -42.70 83.66
C HIS O 206 -70.62 -41.26 83.83
N VAL O 207 -70.48 -40.51 82.73
CA VAL O 207 -70.59 -39.05 82.75
C VAL O 207 -71.88 -38.61 83.41
N LYS O 208 -71.75 -37.91 84.53
CA LYS O 208 -72.90 -37.44 85.29
C LYS O 208 -72.45 -36.38 86.29
N HIS O 209 -73.06 -35.20 86.24
CA HIS O 209 -72.73 -34.14 87.18
C HIS O 209 -73.26 -34.54 88.56
N TYR O 210 -72.37 -35.06 89.40
CA TYR O 210 -72.78 -35.59 90.69
C TYR O 210 -73.32 -34.47 91.58
N THR O 211 -74.16 -34.85 92.53
CA THR O 211 -74.73 -33.92 93.50
C THR O 211 -74.74 -34.54 94.89
N ASN O 212 -73.64 -35.18 95.27
CA ASN O 212 -73.57 -35.84 96.58
C ASN O 212 -73.46 -34.79 97.68
N PRO O 213 -74.42 -34.72 98.61
CA PRO O 213 -74.38 -33.66 99.63
C PRO O 213 -73.20 -33.83 100.59
N SER O 214 -72.62 -32.71 100.98
CA SER O 214 -71.51 -32.70 101.92
C SER O 214 -71.64 -31.55 102.92
N GLU P 1 -34.41 -29.17 64.80
CA GLU P 1 -33.61 -28.25 64.00
C GLU P 1 -32.49 -27.63 64.83
N ILE P 2 -32.55 -26.31 65.02
CA ILE P 2 -31.56 -25.61 65.83
C ILE P 2 -31.93 -25.78 67.29
N VAL P 3 -31.39 -26.84 67.92
CA VAL P 3 -31.78 -27.21 69.28
C VAL P 3 -31.57 -26.01 70.21
N MET P 4 -32.65 -25.55 70.84
CA MET P 4 -32.63 -24.37 71.68
C MET P 4 -32.49 -24.81 73.13
N THR P 5 -31.23 -24.96 73.57
CA THR P 5 -30.91 -25.30 74.97
C THR P 5 -31.07 -24.04 75.80
N GLN P 6 -32.32 -23.72 76.11
CA GLN P 6 -32.65 -22.44 76.73
C GLN P 6 -31.95 -22.25 78.07
N SER P 7 -31.47 -21.03 78.31
CA SER P 7 -31.02 -20.67 79.64
C SER P 7 -32.23 -20.75 80.59
N PRO P 8 -32.08 -21.34 81.77
CA PRO P 8 -33.27 -21.84 82.49
C PRO P 8 -34.29 -20.78 82.90
N ALA P 9 -33.89 -19.53 83.13
CA ALA P 9 -34.81 -18.62 83.80
C ALA P 9 -34.44 -17.17 83.52
N THR P 10 -35.36 -16.28 83.89
CA THR P 10 -35.13 -14.84 83.97
C THR P 10 -35.12 -14.47 85.44
N LEU P 11 -33.94 -14.14 85.97
CA LEU P 11 -33.80 -13.84 87.39
C LEU P 11 -34.39 -12.47 87.68
N SER P 12 -35.30 -12.40 88.64
CA SER P 12 -35.88 -11.14 89.08
C SER P 12 -36.52 -11.34 90.44
N VAL P 13 -36.26 -10.42 91.36
CA VAL P 13 -36.92 -10.38 92.66
C VAL P 13 -37.81 -9.16 92.78
N SER P 14 -37.21 -7.97 92.72
CA SER P 14 -38.00 -6.75 92.54
C SER P 14 -38.37 -6.60 91.07
N PRO P 15 -39.48 -5.91 90.77
CA PRO P 15 -39.82 -5.66 89.36
C PRO P 15 -38.71 -4.92 88.66
N GLY P 16 -38.08 -5.60 87.70
CA GLY P 16 -36.93 -5.04 87.00
C GLY P 16 -36.78 -5.64 85.63
N GLU P 17 -35.93 -4.99 84.84
CA GLU P 17 -35.71 -5.39 83.45
C GLU P 17 -34.80 -6.59 83.41
N ARG P 18 -35.38 -7.79 83.41
CA ARG P 18 -34.63 -9.02 83.25
C ARG P 18 -34.70 -9.48 81.80
N ALA P 19 -34.04 -10.59 81.52
CA ALA P 19 -34.00 -11.16 80.18
C ALA P 19 -34.11 -12.67 80.31
N THR P 20 -35.25 -13.22 79.90
CA THR P 20 -35.41 -14.67 79.95
C THR P 20 -34.58 -15.30 78.85
N LEU P 21 -33.27 -15.28 79.03
CA LEU P 21 -32.35 -15.84 78.06
C LEU P 21 -32.72 -17.28 77.76
N SER P 22 -32.79 -17.62 76.47
CA SER P 22 -33.12 -18.97 76.04
C SER P 22 -32.13 -19.35 74.94
N CYS P 23 -31.01 -19.94 75.36
CA CYS P 23 -29.95 -20.27 74.43
C CYS P 23 -30.40 -21.34 73.44
N ARG P 24 -29.73 -21.37 72.29
CA ARG P 24 -29.84 -22.47 71.36
C ARG P 24 -28.50 -23.17 71.28
N ALA P 25 -28.51 -24.49 71.48
CA ALA P 25 -27.27 -25.26 71.44
C ALA P 25 -26.63 -25.21 70.06
N SER P 26 -27.43 -25.34 69.01
CA SER P 26 -26.89 -25.37 67.65
C SER P 26 -26.45 -23.98 67.20
N GLN P 27 -27.33 -23.00 67.34
CA GLN P 27 -27.10 -21.67 66.77
C GLN P 27 -27.61 -20.65 67.77
N SER P 28 -27.83 -19.42 67.31
CA SER P 28 -28.62 -18.48 68.08
C SER P 28 -30.09 -18.85 67.97
N VAL P 29 -30.79 -18.83 69.11
CA VAL P 29 -32.24 -19.00 69.07
C VAL P 29 -32.80 -17.71 68.50
N ALA P 30 -33.12 -17.73 67.21
CA ALA P 30 -33.37 -16.52 66.46
C ALA P 30 -34.69 -16.60 65.72
N THR P 31 -34.91 -15.63 64.83
CA THR P 31 -36.12 -15.59 64.02
C THR P 31 -36.18 -16.74 63.02
N ASN P 32 -35.04 -17.13 62.45
CA ASN P 32 -35.02 -18.33 61.60
C ASN P 32 -35.42 -19.56 62.41
N VAL P 33 -34.86 -19.70 63.61
CA VAL P 33 -35.36 -20.68 64.56
C VAL P 33 -36.75 -20.30 65.05
N ALA P 34 -37.14 -19.03 64.89
CA ALA P 34 -38.44 -18.53 65.33
C ALA P 34 -38.65 -18.82 66.82
N TRP P 35 -37.61 -18.51 67.60
CA TRP P 35 -37.67 -18.70 69.04
C TRP P 35 -38.89 -18.01 69.63
N TYR P 36 -39.17 -16.79 69.19
CA TYR P 36 -40.39 -16.07 69.53
C TYR P 36 -40.57 -15.85 71.02
N GLN P 37 -39.48 -15.97 71.79
CA GLN P 37 -39.42 -15.60 73.21
C GLN P 37 -40.70 -15.95 73.96
N GLN P 38 -41.27 -17.12 73.64
CA GLN P 38 -42.59 -17.46 74.15
C GLN P 38 -42.55 -17.60 75.67
N LYS P 39 -43.57 -17.08 76.33
CA LYS P 39 -43.59 -17.17 77.79
C LYS P 39 -44.65 -18.20 78.16
N PRO P 40 -44.47 -19.43 77.70
CA PRO P 40 -45.60 -20.38 77.67
C PRO P 40 -45.82 -21.04 79.02
N GLY P 41 -46.92 -20.68 79.67
CA GLY P 41 -47.49 -21.49 80.70
C GLY P 41 -48.20 -22.68 80.06
N GLN P 42 -48.81 -23.52 80.91
CA GLN P 42 -49.53 -24.66 80.37
C GLN P 42 -50.74 -24.19 79.56
N ALA P 43 -51.76 -23.68 80.24
CA ALA P 43 -52.88 -22.98 79.65
C ALA P 43 -52.55 -21.51 79.41
N PRO P 44 -52.09 -20.79 80.44
CA PRO P 44 -52.05 -19.33 80.37
C PRO P 44 -50.82 -18.76 79.68
N ARG P 45 -51.07 -17.82 78.76
CA ARG P 45 -50.01 -17.17 77.97
C ARG P 45 -49.12 -18.19 77.28
N LEU P 46 -49.69 -19.28 76.80
CA LEU P 46 -48.88 -20.36 76.22
C LEU P 46 -48.56 -20.09 74.76
N LEU P 47 -48.18 -18.85 74.46
CA LEU P 47 -48.05 -18.38 73.10
C LEU P 47 -46.70 -17.67 72.99
N ILE P 48 -46.42 -17.15 71.79
CA ILE P 48 -45.17 -16.48 71.58
C ILE P 48 -45.24 -15.12 72.23
N TYR P 49 -44.71 -15.02 73.44
CA TYR P 49 -44.58 -13.73 74.11
C TYR P 49 -43.65 -12.81 73.32
N GLY P 50 -42.60 -13.37 72.75
CA GLY P 50 -41.84 -12.67 71.74
C GLY P 50 -42.42 -12.88 70.36
N ALA P 51 -41.85 -12.17 69.40
CA ALA P 51 -42.20 -12.34 67.99
C ALA P 51 -40.92 -12.71 67.25
N SER P 52 -40.71 -14.01 67.04
CA SER P 52 -39.47 -14.52 66.43
C SER P 52 -38.25 -14.07 67.22
N THR P 53 -38.40 -13.96 68.54
CA THR P 53 -37.33 -13.55 69.45
C THR P 53 -36.78 -12.19 69.10
N ARG P 54 -37.63 -11.30 68.58
CA ARG P 54 -37.18 -9.96 68.20
C ARG P 54 -38.07 -8.87 68.78
N ALA P 55 -39.36 -9.17 68.96
CA ALA P 55 -40.30 -8.18 69.47
C ALA P 55 -41.36 -8.87 70.32
N THR P 56 -42.00 -8.09 71.19
CA THR P 56 -42.97 -8.63 72.14
C THR P 56 -44.19 -9.16 71.40
N GLY P 57 -44.35 -10.48 71.41
CA GLY P 57 -45.47 -11.15 70.78
C GLY P 57 -46.69 -11.29 71.67
N ILE P 58 -47.46 -12.36 71.41
CA ILE P 58 -48.77 -12.50 72.04
C ILE P 58 -48.70 -12.63 73.56
N PRO P 59 -47.92 -13.53 74.12
CA PRO P 59 -48.06 -13.82 75.55
C PRO P 59 -47.20 -12.94 76.45
N ALA P 60 -46.73 -11.80 75.98
CA ALA P 60 -45.82 -10.99 76.77
C ALA P 60 -46.58 -9.84 77.42
N ARG P 61 -46.23 -9.56 78.68
CA ARG P 61 -46.52 -8.30 79.32
C ARG P 61 -45.30 -7.39 79.27
N PHE P 62 -44.58 -7.47 78.15
CA PHE P 62 -43.21 -6.97 77.95
C PHE P 62 -42.22 -7.76 78.79
N SER P 63 -42.63 -8.91 79.32
CA SER P 63 -41.74 -9.79 80.09
C SER P 63 -41.29 -11.01 79.31
N GLY P 64 -42.09 -11.48 78.37
CA GLY P 64 -41.63 -12.49 77.44
C GLY P 64 -41.26 -11.83 76.13
N SER P 65 -40.99 -10.53 76.18
CA SER P 65 -40.81 -9.74 74.98
C SER P 65 -39.69 -10.30 74.11
N GLY P 66 -39.92 -10.29 72.80
CA GLY P 66 -38.97 -10.83 71.85
C GLY P 66 -37.63 -10.12 71.88
N SER P 67 -36.57 -10.88 72.12
CA SER P 67 -35.22 -10.33 72.11
C SER P 67 -34.23 -11.48 72.01
N GLY P 68 -33.50 -11.56 70.92
CA GLY P 68 -32.35 -12.44 70.93
C GLY P 68 -31.17 -11.66 71.47
N THR P 69 -30.92 -11.78 72.77
CA THR P 69 -29.84 -11.02 73.40
C THR P 69 -28.49 -11.67 73.18
N GLU P 70 -28.47 -12.93 72.76
CA GLU P 70 -27.27 -13.70 72.50
C GLU P 70 -27.69 -14.85 71.60
N PHE P 71 -26.88 -15.91 71.56
CA PHE P 71 -27.44 -17.20 71.21
C PHE P 71 -28.64 -17.53 72.09
N THR P 72 -28.75 -16.87 73.24
CA THR P 72 -29.92 -16.94 74.09
C THR P 72 -30.98 -15.95 73.61
N LEU P 73 -32.11 -16.48 73.14
CA LEU P 73 -33.24 -15.64 72.76
C LEU P 73 -33.93 -15.19 74.04
N THR P 74 -33.47 -14.07 74.57
CA THR P 74 -33.97 -13.58 75.85
C THR P 74 -35.42 -13.13 75.70
N ILE P 75 -36.34 -13.86 76.33
CA ILE P 75 -37.70 -13.36 76.40
C ILE P 75 -37.63 -12.21 77.39
N SER P 76 -37.51 -10.99 76.88
CA SER P 76 -37.00 -9.89 77.69
C SER P 76 -37.93 -9.61 78.86
N SER P 77 -37.52 -10.02 80.06
CA SER P 77 -38.34 -9.88 81.25
C SER P 77 -38.24 -8.47 81.81
N LEU P 78 -38.55 -7.50 80.95
CA LEU P 78 -38.55 -6.10 81.35
C LEU P 78 -39.65 -5.86 82.36
N GLN P 79 -39.27 -5.27 83.50
CA GLN P 79 -40.20 -5.04 84.60
C GLN P 79 -40.92 -6.32 85.01
N SER P 80 -40.13 -7.39 85.18
CA SER P 80 -40.69 -8.69 85.52
C SER P 80 -41.39 -8.63 86.87
N GLU P 81 -42.69 -8.90 86.86
CA GLU P 81 -43.52 -8.90 88.06
C GLU P 81 -43.94 -10.33 88.38
N ASP P 82 -44.71 -10.47 89.46
CA ASP P 82 -45.21 -11.78 89.85
C ASP P 82 -46.07 -12.40 88.75
N PHE P 83 -46.86 -11.57 88.06
CA PHE P 83 -47.63 -12.05 86.91
C PHE P 83 -46.74 -12.37 85.72
N ALA P 84 -45.55 -11.78 85.64
CA ALA P 84 -44.60 -12.10 84.60
C ALA P 84 -43.96 -13.46 84.79
N VAL P 85 -44.22 -14.12 85.92
CA VAL P 85 -43.63 -15.42 86.19
C VAL P 85 -44.23 -16.45 85.23
N TYR P 86 -43.44 -16.87 84.26
CA TYR P 86 -43.86 -17.89 83.30
C TYR P 86 -42.62 -18.51 82.70
N TYR P 87 -42.78 -19.75 82.23
CA TYR P 87 -41.67 -20.46 81.59
C TYR P 87 -41.45 -19.81 80.22
N CYS P 88 -40.69 -18.70 80.24
CA CYS P 88 -40.51 -17.89 79.03
C CYS P 88 -39.48 -18.54 78.11
N GLN P 89 -39.76 -19.80 77.78
CA GLN P 89 -38.98 -20.56 76.81
C GLN P 89 -39.13 -19.91 75.44
N GLN P 90 -38.03 -19.39 74.90
CA GLN P 90 -38.11 -18.82 73.57
C GLN P 90 -38.32 -19.96 72.59
N CYS P 91 -39.55 -20.47 72.58
CA CYS P 91 -39.90 -21.74 71.93
C CYS P 91 -39.67 -21.62 70.43
N ASN P 92 -38.53 -22.12 69.96
CA ASN P 92 -38.22 -22.13 68.54
C ASN P 92 -39.17 -23.07 67.80
N ASP P 93 -39.90 -22.52 66.84
CA ASP P 93 -40.60 -23.29 65.82
C ASP P 93 -39.85 -23.11 64.50
N TRP P 94 -38.62 -23.63 64.47
CA TRP P 94 -37.68 -23.39 63.39
C TRP P 94 -38.23 -23.86 62.03
N LEU P 95 -37.49 -23.52 60.97
CA LEU P 95 -37.94 -23.84 59.62
C LEU P 95 -37.92 -25.34 59.33
N THR P 96 -36.99 -26.07 59.93
CA THR P 96 -36.89 -27.52 59.72
C THR P 96 -37.73 -28.32 60.69
N PHE P 97 -37.67 -28.00 61.97
CA PHE P 97 -38.51 -28.60 62.99
C PHE P 97 -38.79 -27.53 64.03
N GLY P 98 -39.32 -27.91 65.18
CA GLY P 98 -39.45 -26.95 66.23
C GLY P 98 -38.08 -26.58 66.78
N GLN P 99 -37.45 -27.55 67.46
CA GLN P 99 -36.19 -27.30 68.19
C GLN P 99 -36.37 -26.17 69.19
N GLY P 100 -37.50 -26.17 69.89
CA GLY P 100 -37.85 -25.07 70.75
C GLY P 100 -36.99 -24.99 71.99
N THR P 101 -37.00 -23.80 72.59
CA THR P 101 -36.31 -23.59 73.86
C THR P 101 -36.99 -24.40 74.96
N LYS P 102 -36.18 -25.01 75.81
CA LYS P 102 -36.72 -25.79 76.92
C LYS P 102 -37.52 -24.88 77.85
N VAL P 103 -36.83 -23.96 78.53
CA VAL P 103 -37.50 -23.02 79.42
C VAL P 103 -36.56 -21.88 79.75
N GLU P 104 -37.10 -20.67 79.80
CA GLU P 104 -36.44 -19.53 80.44
C GLU P 104 -37.49 -18.94 81.39
N ILE P 105 -37.59 -19.54 82.58
CA ILE P 105 -38.71 -19.26 83.46
C ILE P 105 -38.54 -17.91 84.14
N LYS P 106 -39.24 -16.90 83.63
CA LYS P 106 -39.29 -15.62 84.33
C LYS P 106 -40.01 -15.79 85.66
N ARG P 107 -39.66 -14.93 86.61
CA ARG P 107 -40.24 -15.00 87.95
C ARG P 107 -39.84 -13.77 88.73
N THR P 108 -40.72 -13.31 89.61
CA THR P 108 -40.45 -12.22 90.53
C THR P 108 -40.82 -12.65 91.95
N VAL P 109 -40.83 -11.69 92.87
CA VAL P 109 -41.13 -11.98 94.27
C VAL P 109 -42.58 -12.45 94.39
N ALA P 110 -42.78 -13.57 95.07
CA ALA P 110 -44.09 -14.18 95.21
C ALA P 110 -44.06 -15.17 96.38
N ALA P 111 -45.11 -15.97 96.50
CA ALA P 111 -45.24 -17.05 97.47
C ALA P 111 -45.25 -16.51 98.90
N PRO P 112 -46.25 -15.69 99.25
CA PRO P 112 -46.36 -15.25 100.64
C PRO P 112 -46.68 -16.41 101.58
N SER P 113 -46.15 -16.32 102.79
CA SER P 113 -46.37 -17.35 103.81
C SER P 113 -47.76 -17.19 104.39
N VAL P 114 -48.67 -18.09 104.02
CA VAL P 114 -50.04 -18.05 104.50
C VAL P 114 -50.22 -19.13 105.56
N PHE P 115 -51.36 -19.08 106.24
CA PHE P 115 -51.64 -20.03 107.32
C PHE P 115 -52.04 -21.38 106.73
N ILE P 116 -51.37 -22.44 107.17
CA ILE P 116 -51.75 -23.79 106.78
C ILE P 116 -53.11 -24.09 107.39
N PHE P 117 -54.14 -24.10 106.55
CA PHE P 117 -55.50 -24.30 107.05
C PHE P 117 -55.63 -25.69 107.66
N PRO P 118 -56.25 -25.82 108.83
CA PRO P 118 -56.40 -27.14 109.44
C PRO P 118 -57.56 -27.90 108.79
N PRO P 119 -57.62 -27.93 107.45
CA PRO P 119 -58.67 -28.66 106.74
C PRO P 119 -58.52 -30.17 106.86
N SER P 120 -58.38 -30.65 108.08
CA SER P 120 -58.19 -32.07 108.35
C SER P 120 -59.50 -32.67 108.83
N ASP P 121 -60.12 -33.47 107.98
CA ASP P 121 -61.27 -34.28 108.33
C ASP P 121 -60.83 -35.73 108.44
N GLU P 122 -61.34 -36.42 109.46
CA GLU P 122 -60.92 -37.79 109.74
C GLU P 122 -61.64 -38.75 108.79
N GLN P 123 -61.59 -40.04 109.13
CA GLN P 123 -62.42 -41.00 108.44
C GLN P 123 -63.85 -40.78 108.90
N LEU P 124 -64.53 -39.83 108.26
CA LEU P 124 -65.83 -39.34 108.71
C LEU P 124 -66.92 -40.33 108.32
N LYS P 125 -68.17 -39.87 108.39
CA LYS P 125 -69.30 -40.69 107.95
C LYS P 125 -69.10 -41.16 106.52
N SER P 126 -68.60 -40.29 105.65
CA SER P 126 -68.21 -40.70 104.30
C SER P 126 -66.72 -41.01 104.20
N GLY P 127 -65.90 -40.42 105.08
CA GLY P 127 -64.48 -40.76 105.08
C GLY P 127 -64.23 -42.21 105.48
N THR P 128 -64.94 -42.68 106.50
CA THR P 128 -64.87 -44.08 106.91
C THR P 128 -65.95 -44.93 106.26
N ALA P 129 -66.74 -44.36 105.35
CA ALA P 129 -67.77 -45.13 104.67
C ALA P 129 -67.17 -46.29 103.89
N SER P 130 -66.04 -46.05 103.22
CA SER P 130 -65.36 -47.12 102.52
C SER P 130 -64.80 -48.14 103.51
N VAL P 131 -64.66 -49.38 103.02
CA VAL P 131 -64.05 -50.43 103.82
C VAL P 131 -62.64 -50.05 104.23
N VAL P 132 -62.00 -49.16 103.48
CA VAL P 132 -60.72 -48.58 103.87
C VAL P 132 -61.00 -47.22 104.47
N CYS P 133 -60.79 -47.09 105.78
CA CYS P 133 -61.02 -45.82 106.45
C CYS P 133 -60.02 -44.79 105.96
N LEU P 134 -60.52 -43.66 105.49
CA LEU P 134 -59.67 -42.62 104.90
C LEU P 134 -59.99 -41.29 105.54
N LEU P 135 -59.03 -40.71 106.24
CA LEU P 135 -59.17 -39.33 106.65
C LEU P 135 -59.06 -38.42 105.43
N ASN P 136 -59.63 -37.22 105.54
CA ASN P 136 -59.49 -36.20 104.50
C ASN P 136 -58.84 -34.99 105.17
N ASN P 137 -57.51 -34.99 105.21
CA ASN P 137 -56.73 -34.03 105.98
C ASN P 137 -55.97 -33.10 105.05
N PHE P 138 -55.90 -31.82 105.39
CA PHE P 138 -55.14 -30.88 104.59
C PHE P 138 -54.45 -29.85 105.45
N TYR P 139 -53.48 -29.16 104.85
CA TYR P 139 -52.86 -27.98 105.43
C TYR P 139 -52.90 -26.87 104.39
N PRO P 140 -54.11 -26.46 103.98
CA PRO P 140 -54.24 -25.53 102.84
C PRO P 140 -53.59 -24.19 103.14
N ARG P 141 -52.97 -23.63 102.10
CA ARG P 141 -52.27 -22.34 102.18
C ARG P 141 -51.15 -22.37 103.21
N GLU P 142 -50.38 -23.46 103.22
CA GLU P 142 -49.26 -23.60 104.15
C GLU P 142 -48.17 -22.58 103.84
N ALA P 143 -47.49 -22.12 104.90
CA ALA P 143 -46.61 -20.96 104.80
C ALA P 143 -45.58 -21.12 103.69
N LYS P 144 -44.83 -22.21 103.72
CA LYS P 144 -43.94 -22.54 102.62
C LYS P 144 -44.71 -23.34 101.58
N VAL P 145 -44.14 -23.45 100.37
CA VAL P 145 -44.75 -24.32 99.36
C VAL P 145 -44.60 -25.78 99.69
N GLN P 146 -43.88 -26.12 100.76
CA GLN P 146 -43.68 -27.50 101.18
C GLN P 146 -44.35 -27.72 102.52
N TRP P 147 -45.19 -28.75 102.59
CA TRP P 147 -45.80 -29.22 103.84
C TRP P 147 -45.83 -30.74 103.75
N LYS P 148 -44.80 -31.38 104.28
CA LYS P 148 -44.72 -32.84 104.26
C LYS P 148 -45.77 -33.38 105.22
N VAL P 149 -46.88 -33.84 104.68
CA VAL P 149 -48.04 -34.19 105.49
C VAL P 149 -47.82 -35.53 106.16
N ASP P 150 -47.98 -35.55 107.48
CA ASP P 150 -48.11 -36.78 108.25
C ASP P 150 -49.47 -36.73 108.93
N ASN P 151 -50.43 -37.48 108.41
CA ASN P 151 -51.79 -37.40 108.92
C ASN P 151 -51.87 -37.76 110.40
N ALA P 152 -50.88 -38.49 110.91
CA ALA P 152 -50.79 -38.84 112.33
C ALA P 152 -52.05 -39.60 112.79
N LEU P 153 -52.24 -40.77 112.19
CA LEU P 153 -53.33 -41.66 112.57
C LEU P 153 -53.28 -41.93 114.07
N GLN P 154 -54.30 -41.46 114.80
CA GLN P 154 -54.29 -41.43 116.27
C GLN P 154 -53.06 -40.71 116.80
N SER P 155 -52.73 -39.58 116.16
CA SER P 155 -51.52 -38.82 116.48
C SER P 155 -50.28 -39.71 116.40
N GLY P 156 -50.29 -40.64 115.46
CA GLY P 156 -49.23 -41.60 115.29
C GLY P 156 -48.12 -41.19 114.35
N ASN P 157 -48.03 -39.91 114.01
CA ASN P 157 -47.02 -39.41 113.07
C ASN P 157 -47.06 -40.19 111.76
N SER P 158 -48.28 -40.45 111.29
CA SER P 158 -48.50 -41.33 110.14
C SER P 158 -48.15 -40.61 108.84
N GLN P 159 -46.85 -40.41 108.64
CA GLN P 159 -46.37 -40.08 107.31
C GLN P 159 -46.64 -41.24 106.36
N GLU P 160 -46.38 -42.46 106.81
CA GLU P 160 -46.85 -43.66 106.14
C GLU P 160 -48.27 -43.99 106.61
N SER P 161 -48.89 -44.95 105.94
CA SER P 161 -50.30 -45.30 106.19
C SER P 161 -51.20 -44.08 106.04
N VAL P 162 -50.81 -43.13 105.20
CA VAL P 162 -51.59 -41.94 104.95
C VAL P 162 -51.32 -41.43 103.55
N THR P 163 -52.39 -41.24 102.76
CA THR P 163 -52.23 -40.71 101.42
C THR P 163 -51.96 -39.21 101.49
N GLU P 164 -50.76 -38.85 101.93
CA GLU P 164 -50.38 -37.46 102.11
C GLU P 164 -50.14 -36.82 100.75
N GLN P 165 -51.18 -36.19 100.21
CA GLN P 165 -51.06 -35.57 98.89
C GLN P 165 -50.08 -34.39 98.95
N ASP P 166 -49.52 -34.07 97.78
CA ASP P 166 -48.51 -33.02 97.69
C ASP P 166 -49.07 -31.70 98.18
N SER P 167 -48.21 -30.93 98.86
CA SER P 167 -48.59 -29.65 99.44
C SER P 167 -48.60 -28.59 98.34
N LYS P 168 -49.66 -28.61 97.54
CA LYS P 168 -49.81 -27.68 96.43
C LYS P 168 -50.37 -26.34 96.92
N ASP P 169 -50.10 -25.28 96.16
CA ASP P 169 -50.56 -23.96 96.54
C ASP P 169 -52.08 -23.88 96.52
N SER P 170 -52.70 -23.83 97.69
CA SER P 170 -54.16 -23.83 97.80
C SER P 170 -54.78 -22.57 97.21
N THR P 171 -54.58 -21.43 97.89
CA THR P 171 -55.22 -20.19 97.47
C THR P 171 -54.32 -18.96 97.49
N TYR P 172 -53.24 -18.95 98.26
CA TYR P 172 -52.40 -17.76 98.42
C TYR P 172 -50.95 -18.09 98.12
N SER P 173 -50.72 -18.80 97.01
CA SER P 173 -49.38 -19.26 96.64
C SER P 173 -48.73 -20.02 97.78
N LEU P 174 -49.53 -20.81 98.49
CA LEU P 174 -49.13 -21.39 99.76
C LEU P 174 -49.68 -22.81 99.84
N SER P 175 -48.87 -23.71 100.38
CA SER P 175 -49.04 -25.15 100.18
C SER P 175 -50.34 -25.66 100.79
N SER P 176 -50.84 -26.77 100.23
CA SER P 176 -52.03 -27.46 100.71
C SER P 176 -51.74 -28.96 100.64
N THR P 177 -51.33 -29.54 101.76
CA THR P 177 -50.96 -30.96 101.80
C THR P 177 -52.18 -31.78 102.16
N LEU P 178 -52.84 -32.33 101.13
CA LEU P 178 -54.09 -33.06 101.31
C LEU P 178 -53.79 -34.46 101.85
N THR P 179 -53.51 -34.51 103.14
CA THR P 179 -53.23 -35.77 103.81
C THR P 179 -54.48 -36.63 103.92
N LEU P 180 -54.27 -37.94 104.10
CA LEU P 180 -55.40 -38.86 104.20
C LEU P 180 -54.95 -40.09 104.98
N SER P 181 -55.25 -40.11 106.28
CA SER P 181 -54.87 -41.26 107.10
C SER P 181 -55.54 -42.49 106.54
N LYS P 182 -54.76 -43.37 105.91
CA LYS P 182 -55.28 -44.40 105.04
C LYS P 182 -54.86 -45.78 105.52
N ALA P 183 -55.84 -46.66 105.71
CA ALA P 183 -55.61 -48.07 105.98
C ALA P 183 -56.89 -48.80 105.61
N ASP P 184 -56.93 -50.10 105.92
CA ASP P 184 -58.06 -50.96 105.55
C ASP P 184 -59.12 -51.01 106.64
N TYR P 185 -59.29 -49.92 107.39
CA TYR P 185 -60.13 -49.82 108.58
C TYR P 185 -59.59 -50.65 109.74
N GLU P 186 -58.40 -51.23 109.59
CA GLU P 186 -57.72 -51.90 110.69
C GLU P 186 -56.81 -50.97 111.46
N LYS P 187 -56.21 -49.98 110.79
CA LYS P 187 -55.42 -48.95 111.44
C LYS P 187 -56.08 -47.58 111.36
N HIS P 188 -56.42 -47.12 110.16
CA HIS P 188 -56.94 -45.77 110.01
C HIS P 188 -58.31 -45.60 110.66
N LYS P 189 -59.09 -46.68 110.78
CA LYS P 189 -60.33 -46.60 111.53
C LYS P 189 -60.07 -46.71 113.03
N VAL P 190 -59.24 -47.67 113.43
CA VAL P 190 -58.82 -47.73 114.83
C VAL P 190 -58.10 -46.46 115.22
N TYR P 191 -57.20 -45.99 114.36
CA TYR P 191 -56.60 -44.66 114.50
C TYR P 191 -57.38 -43.65 113.67
N ALA P 192 -58.69 -43.55 113.98
CA ALA P 192 -59.53 -42.57 113.32
C ALA P 192 -59.05 -41.16 113.60
N CYS P 193 -58.41 -40.95 114.75
CA CYS P 193 -57.78 -39.67 115.04
C CYS P 193 -56.64 -39.43 114.05
N GLU P 194 -56.48 -38.18 113.65
CA GLU P 194 -55.43 -37.81 112.70
C GLU P 194 -55.08 -36.35 112.90
N VAL P 195 -53.80 -36.06 113.04
CA VAL P 195 -53.30 -34.69 113.11
C VAL P 195 -52.43 -34.49 111.88
N THR P 196 -52.95 -33.77 110.88
CA THR P 196 -52.23 -33.66 109.61
C THR P 196 -50.98 -32.83 109.82
N HIS P 197 -49.87 -33.50 110.11
CA HIS P 197 -48.61 -32.84 110.45
C HIS P 197 -47.97 -32.25 109.19
N GLN P 198 -48.66 -31.25 108.65
CA GLN P 198 -48.27 -30.62 107.40
C GLN P 198 -48.14 -29.12 107.61
N GLY P 199 -46.96 -28.58 107.32
CA GLY P 199 -46.71 -27.17 107.47
C GLY P 199 -45.39 -26.81 106.82
N LEU P 200 -45.07 -25.52 106.87
CA LEU P 200 -43.85 -25.01 106.24
C LEU P 200 -42.63 -25.79 106.71
N SER P 201 -41.86 -26.28 105.74
CA SER P 201 -40.67 -27.09 106.00
C SER P 201 -41.02 -28.32 106.85
N SER P 202 -42.06 -29.04 106.40
CA SER P 202 -42.56 -30.24 107.07
C SER P 202 -42.90 -29.95 108.52
N PRO P 203 -43.58 -28.84 108.81
CA PRO P 203 -43.97 -28.54 110.19
C PRO P 203 -45.15 -29.40 110.62
N VAL P 204 -45.00 -30.05 111.77
CA VAL P 204 -46.08 -30.89 112.30
C VAL P 204 -47.21 -29.96 112.76
N THR P 205 -48.30 -29.95 111.99
CA THR P 205 -49.46 -29.11 112.29
C THR P 205 -50.56 -29.95 112.92
N LYS P 206 -51.16 -29.42 113.99
CA LYS P 206 -52.25 -30.11 114.68
C LYS P 206 -53.55 -29.82 113.94
N SER P 207 -53.61 -30.31 112.70
CA SER P 207 -54.83 -30.25 111.90
C SER P 207 -55.67 -31.44 112.35
N PHE P 208 -56.67 -31.18 113.18
CA PHE P 208 -57.35 -32.22 113.95
C PHE P 208 -58.36 -32.96 113.08
N ASN P 209 -57.85 -33.86 112.24
CA ASN P 209 -58.72 -34.89 111.68
C ASN P 209 -58.90 -35.98 112.73
N ARG P 210 -59.24 -35.61 113.96
CA ARG P 210 -59.23 -36.53 115.09
C ARG P 210 -60.59 -37.22 115.20
N GLY P 211 -60.78 -38.23 114.36
CA GLY P 211 -61.99 -39.03 114.41
C GLY P 211 -62.24 -39.73 115.72
N GLU P 212 -63.47 -39.65 116.22
CA GLU P 212 -63.84 -40.33 117.46
C GLU P 212 -63.55 -41.82 117.33
N CYS P 213 -62.86 -42.37 118.32
CA CYS P 213 -62.42 -43.76 118.31
C CYS P 213 -61.58 -44.06 117.07
N GLN Q 1 4.39 -102.67 -7.51
CA GLN Q 1 5.07 -102.65 -8.80
C GLN Q 1 6.45 -102.00 -8.67
N VAL Q 2 6.71 -101.38 -7.52
CA VAL Q 2 7.98 -100.72 -7.29
C VAL Q 2 9.03 -101.78 -6.99
N GLN Q 3 9.71 -102.26 -8.04
CA GLN Q 3 10.75 -103.26 -7.85
C GLN Q 3 12.11 -102.66 -8.20
N LEU Q 4 12.36 -101.44 -7.71
CA LEU Q 4 13.66 -100.80 -7.82
C LEU Q 4 14.61 -101.43 -6.79
N VAL Q 5 14.93 -102.69 -7.04
CA VAL Q 5 15.74 -103.47 -6.11
C VAL Q 5 17.21 -103.16 -6.38
N GLU Q 6 17.91 -102.65 -5.37
CA GLU Q 6 19.32 -102.36 -5.51
C GLU Q 6 20.09 -103.63 -5.88
N SER Q 7 21.24 -103.43 -6.52
CA SER Q 7 22.13 -104.53 -6.78
C SER Q 7 22.54 -105.17 -5.46
N GLY Q 8 22.70 -106.49 -5.47
CA GLY Q 8 23.04 -107.23 -4.27
C GLY Q 8 24.23 -106.65 -3.54
N GLY Q 9 24.38 -106.98 -2.26
CA GLY Q 9 25.46 -106.41 -1.48
C GLY Q 9 26.79 -106.69 -2.14
N GLY Q 10 27.32 -105.66 -2.81
CA GLY Q 10 28.47 -105.81 -3.67
C GLY Q 10 29.75 -105.50 -2.91
N VAL Q 11 30.67 -106.47 -2.89
CA VAL Q 11 31.88 -106.32 -2.10
C VAL Q 11 32.86 -105.49 -2.91
N VAL Q 12 32.75 -104.17 -2.77
CA VAL Q 12 33.67 -103.20 -3.37
C VAL Q 12 34.20 -102.38 -2.21
N GLN Q 13 35.43 -102.68 -1.77
CA GLN Q 13 36.03 -102.18 -0.54
C GLN Q 13 35.84 -100.68 -0.36
N PRO Q 14 35.82 -100.19 0.88
CA PRO Q 14 35.52 -98.77 1.10
C PRO Q 14 36.47 -97.87 0.32
N GLY Q 15 35.89 -96.84 -0.29
CA GLY Q 15 36.59 -96.01 -1.26
C GLY Q 15 36.33 -96.39 -2.71
N ARG Q 16 35.84 -97.62 -2.95
CA ARG Q 16 35.45 -98.00 -4.29
C ARG Q 16 34.08 -97.42 -4.64
N SER Q 17 33.75 -97.46 -5.92
CA SER Q 17 32.50 -96.91 -6.44
C SER Q 17 31.50 -98.05 -6.60
N LEU Q 18 30.80 -98.38 -5.51
CA LEU Q 18 29.77 -99.39 -5.58
C LEU Q 18 28.59 -98.89 -6.39
N ARG Q 19 27.63 -99.78 -6.64
CA ARG Q 19 26.43 -99.43 -7.41
C ARG Q 19 25.24 -100.14 -6.76
N LEU Q 20 24.49 -99.41 -5.94
CA LEU Q 20 23.25 -99.93 -5.41
C LEU Q 20 22.20 -99.93 -6.51
N SER Q 21 22.38 -100.81 -7.50
CA SER Q 21 21.66 -100.68 -8.76
C SER Q 21 20.20 -101.04 -8.57
N CYS Q 22 19.40 -100.07 -8.12
CA CYS Q 22 17.98 -100.30 -7.96
C CYS Q 22 17.29 -100.29 -9.30
N ALA Q 23 17.36 -101.41 -10.01
CA ALA Q 23 16.77 -101.52 -11.33
C ALA Q 23 15.24 -101.55 -11.19
N ALA Q 24 14.62 -100.39 -11.32
CA ALA Q 24 13.18 -100.29 -11.13
C ALA Q 24 12.42 -101.15 -12.14
N SER Q 25 11.37 -101.80 -11.66
CA SER Q 25 10.41 -102.44 -12.54
C SER Q 25 9.49 -101.36 -13.09
N GLY Q 26 8.36 -101.76 -13.67
CA GLY Q 26 7.49 -100.72 -14.16
C GLY Q 26 6.79 -100.07 -12.98
N PHE Q 27 7.32 -98.91 -12.59
CA PHE Q 27 6.82 -98.13 -11.47
C PHE Q 27 6.82 -96.64 -11.81
N THR Q 28 6.74 -96.33 -13.11
CA THR Q 28 6.74 -94.95 -13.61
C THR Q 28 7.98 -94.19 -13.13
N PHE Q 29 9.14 -94.84 -13.17
CA PHE Q 29 10.37 -94.17 -12.74
C PHE Q 29 10.65 -92.94 -13.58
N SER Q 30 10.20 -92.92 -14.83
CA SER Q 30 10.24 -91.69 -15.61
C SER Q 30 9.13 -90.72 -15.19
N ASN Q 31 7.92 -91.23 -14.99
CA ASN Q 31 6.77 -90.41 -14.65
C ASN Q 31 6.60 -90.19 -13.16
N TYR Q 32 7.41 -90.84 -12.34
CA TYR Q 32 7.42 -90.64 -10.90
C TYR Q 32 8.83 -90.89 -10.40
N GLY Q 33 9.17 -90.28 -9.28
CA GLY Q 33 10.53 -90.37 -8.79
C GLY Q 33 10.90 -91.76 -8.33
N ILE Q 34 12.20 -92.03 -8.36
CA ILE Q 34 12.78 -93.26 -7.83
C ILE Q 34 13.91 -92.85 -6.90
N HIS Q 35 13.61 -92.70 -5.62
CA HIS Q 35 14.63 -92.37 -4.63
C HIS Q 35 15.54 -93.56 -4.37
N TRP Q 36 16.70 -93.26 -3.79
CA TRP Q 36 17.61 -94.29 -3.29
C TRP Q 36 17.67 -94.16 -1.77
N VAL Q 37 17.51 -95.29 -1.07
CA VAL Q 37 17.57 -95.34 0.38
C VAL Q 37 18.54 -96.45 0.77
N ARG Q 38 19.82 -96.09 0.95
CA ARG Q 38 20.81 -97.05 1.43
C ARG Q 38 20.52 -97.31 2.89
N GLN Q 39 19.85 -98.41 3.18
CA GLN Q 39 19.32 -98.70 4.51
C GLN Q 39 19.63 -100.13 4.89
N ALA Q 40 19.71 -100.38 6.20
CA ALA Q 40 20.01 -101.72 6.68
C ALA Q 40 18.80 -102.62 6.49
N PRO Q 41 18.89 -103.90 6.87
CA PRO Q 41 17.73 -104.79 6.69
C PRO Q 41 16.48 -104.31 7.40
N GLY Q 42 16.63 -103.63 8.55
CA GLY Q 42 15.49 -103.11 9.27
C GLY Q 42 15.71 -101.72 9.81
N LYS Q 43 16.56 -100.94 9.15
CA LYS Q 43 16.85 -99.58 9.62
C LYS Q 43 15.72 -98.61 9.32
N GLY Q 44 15.05 -98.79 8.18
CA GLY Q 44 14.08 -97.82 7.72
C GLY Q 44 14.54 -97.14 6.45
N LEU Q 45 13.60 -96.66 5.63
CA LEU Q 45 13.93 -96.18 4.29
C LEU Q 45 14.68 -94.86 4.41
N GLU Q 46 15.97 -94.97 4.71
CA GLU Q 46 16.84 -93.81 4.83
C GLU Q 46 17.16 -93.27 3.44
N TRP Q 47 16.29 -92.42 2.90
CA TRP Q 47 16.40 -92.00 1.51
C TRP Q 47 17.64 -91.14 1.29
N VAL Q 48 18.28 -91.33 0.13
CA VAL Q 48 19.31 -90.40 -0.32
C VAL Q 48 18.68 -89.18 -0.95
N ALA Q 49 17.40 -89.23 -1.31
CA ALA Q 49 16.69 -88.09 -1.83
C ALA Q 49 15.19 -88.35 -1.74
N VAL Q 50 14.42 -87.27 -1.69
CA VAL Q 50 13.05 -87.36 -2.17
C VAL Q 50 13.18 -87.04 -3.65
N ILE Q 51 13.60 -88.04 -4.43
CA ILE Q 51 14.11 -87.82 -5.78
C ILE Q 51 12.93 -87.64 -6.72
N SER Q 52 12.61 -86.40 -7.04
CA SER Q 52 11.54 -86.11 -7.99
C SER Q 52 12.10 -86.36 -9.39
N TYR Q 53 11.95 -87.59 -9.88
CA TYR Q 53 12.24 -87.83 -11.30
C TYR Q 53 11.15 -87.22 -12.17
N ASP Q 54 9.89 -87.32 -11.72
CA ASP Q 54 8.81 -86.60 -12.38
C ASP Q 54 8.99 -85.09 -12.20
N GLY Q 55 9.24 -84.64 -10.98
CA GLY Q 55 9.47 -83.23 -10.73
C GLY Q 55 10.83 -82.78 -11.21
N ARG Q 56 10.99 -81.47 -11.36
CA ARG Q 56 12.29 -80.93 -11.75
C ARG Q 56 13.31 -81.10 -10.63
N HIS Q 57 12.95 -80.75 -9.41
CA HIS Q 57 13.89 -80.73 -8.29
C HIS Q 57 13.72 -81.97 -7.43
N LYS Q 58 14.79 -82.74 -7.31
CA LYS Q 58 14.84 -83.90 -6.44
C LYS Q 58 15.21 -83.43 -5.03
N TYR Q 59 14.25 -83.53 -4.11
CA TYR Q 59 14.45 -83.06 -2.74
C TYR Q 59 15.41 -84.00 -2.03
N ILE Q 60 16.71 -83.69 -2.13
CA ILE Q 60 17.75 -84.57 -1.59
C ILE Q 60 17.52 -84.82 -0.11
N ALA Q 61 17.67 -86.08 0.29
CA ALA Q 61 17.49 -86.50 1.67
C ALA Q 61 18.83 -87.01 2.21
N ASP Q 62 19.28 -86.41 3.31
CA ASP Q 62 20.62 -86.69 3.82
C ASP Q 62 20.85 -88.14 4.24
N PRO Q 63 19.84 -88.91 4.63
CA PRO Q 63 20.10 -90.18 5.32
C PRO Q 63 20.96 -91.16 4.55
N VAL Q 64 20.80 -91.26 3.23
CA VAL Q 64 21.67 -92.08 2.39
C VAL Q 64 22.54 -91.24 1.49
N LYS Q 65 22.36 -89.93 1.48
CA LYS Q 65 23.25 -89.06 0.73
C LYS Q 65 24.66 -89.11 1.31
N GLY Q 66 25.64 -89.04 0.42
CA GLY Q 66 27.04 -89.11 0.82
C GLY Q 66 27.68 -90.42 0.38
N ARG Q 67 28.41 -90.36 -0.73
CA ARG Q 67 29.11 -91.47 -1.36
C ARG Q 67 28.16 -92.50 -1.95
N PHE Q 68 26.85 -92.36 -1.76
CA PHE Q 68 25.86 -93.21 -2.40
C PHE Q 68 25.14 -92.41 -3.47
N THR Q 69 25.89 -92.03 -4.51
CA THR Q 69 25.36 -91.19 -5.57
C THR Q 69 24.20 -91.88 -6.27
N ILE Q 70 23.00 -91.32 -6.15
CA ILE Q 70 21.82 -91.98 -6.70
C ILE Q 70 21.85 -91.84 -8.22
N SER Q 71 22.32 -92.89 -8.91
CA SER Q 71 22.33 -92.90 -10.36
C SER Q 71 20.96 -93.30 -10.86
N ARG Q 72 19.93 -92.62 -10.37
CA ARG Q 72 18.56 -92.92 -10.78
C ARG Q 72 18.35 -92.51 -12.23
N ASP Q 73 17.89 -93.45 -13.03
CA ASP Q 73 17.62 -93.23 -14.45
C ASP Q 73 16.10 -93.28 -14.61
N ASN Q 74 15.48 -92.10 -14.73
CA ASN Q 74 14.03 -92.03 -14.86
C ASN Q 74 13.56 -92.80 -16.09
N SER Q 75 14.15 -92.51 -17.25
CA SER Q 75 13.75 -93.20 -18.47
C SER Q 75 14.03 -94.69 -18.40
N LYS Q 76 15.24 -95.06 -17.92
CA LYS Q 76 15.64 -96.46 -17.90
C LYS Q 76 15.00 -97.25 -16.78
N ASN Q 77 14.30 -96.60 -15.86
CA ASN Q 77 13.69 -97.25 -14.71
C ASN Q 77 14.72 -98.08 -13.94
N MET Q 78 15.76 -97.38 -13.46
CA MET Q 78 16.81 -98.03 -12.68
C MET Q 78 17.40 -96.97 -11.75
N LEU Q 79 16.99 -96.98 -10.49
CA LEU Q 79 17.60 -96.10 -9.49
C LEU Q 79 18.96 -96.69 -9.13
N TYR Q 80 19.86 -96.64 -10.12
CA TYR Q 80 21.13 -97.37 -10.02
C TYR Q 80 21.92 -97.02 -8.78
N LEU Q 81 21.62 -95.89 -8.15
CA LEU Q 81 22.18 -95.50 -6.85
C LEU Q 81 23.65 -95.85 -6.77
N GLN Q 82 24.39 -95.46 -7.81
CA GLN Q 82 25.79 -95.85 -7.93
C GLN Q 82 26.58 -95.25 -6.77
N MET Q 83 26.97 -96.09 -5.82
CA MET Q 83 27.64 -95.61 -4.63
C MET Q 83 29.07 -95.21 -5.00
N ASN Q 84 29.20 -94.13 -5.77
CA ASN Q 84 30.51 -93.67 -6.22
C ASN Q 84 31.36 -93.28 -5.03
N SER Q 85 32.59 -93.78 -5.01
CA SER Q 85 33.51 -93.57 -3.89
C SER Q 85 32.86 -94.00 -2.57
N LEU Q 86 32.23 -95.17 -2.60
CA LEU Q 86 31.46 -95.64 -1.46
C LEU Q 86 32.35 -95.86 -0.24
N ARG Q 87 32.16 -95.03 0.79
CA ARG Q 87 32.78 -95.27 2.08
C ARG Q 87 32.16 -96.50 2.73
N THR Q 88 32.59 -96.81 3.95
CA THR Q 88 32.12 -98.02 4.61
C THR Q 88 30.68 -97.83 5.12
N GLU Q 89 29.76 -97.56 4.19
CA GLU Q 89 28.37 -97.39 4.51
C GLU Q 89 27.44 -98.03 3.47
N ASP Q 90 27.98 -98.67 2.43
CA ASP Q 90 27.15 -99.33 1.43
C ASP Q 90 26.61 -100.68 1.90
N THR Q 91 27.20 -101.26 2.95
CA THR Q 91 26.80 -102.59 3.40
C THR Q 91 25.45 -102.53 4.09
N ALA Q 92 24.41 -102.23 3.32
CA ALA Q 92 23.06 -102.08 3.84
C ALA Q 92 22.10 -102.12 2.66
N VAL Q 93 20.96 -102.80 2.83
CA VAL Q 93 20.09 -103.12 1.71
C VAL Q 93 19.47 -101.83 1.18
N TYR Q 94 19.98 -101.36 0.05
CA TYR Q 94 19.67 -100.03 -0.45
C TYR Q 94 18.28 -100.03 -1.09
N TYR Q 95 17.26 -100.01 -0.22
CA TYR Q 95 15.90 -99.83 -0.69
C TYR Q 95 15.80 -98.56 -1.53
N CYS Q 96 14.94 -98.57 -2.54
CA CYS Q 96 14.82 -97.44 -3.44
C CYS Q 96 13.37 -96.96 -3.44
N ALA Q 97 13.14 -95.82 -2.81
CA ALA Q 97 11.78 -95.29 -2.70
C ALA Q 97 11.30 -94.75 -4.03
N LYS Q 98 10.04 -95.03 -4.34
CA LYS Q 98 9.42 -94.44 -5.53
C LYS Q 98 9.05 -93.01 -5.15
N ASP Q 99 10.02 -92.11 -5.30
CA ASP Q 99 9.87 -90.73 -4.84
C ASP Q 99 9.02 -89.92 -5.83
N THR Q 100 7.78 -90.38 -6.01
CA THR Q 100 6.87 -89.79 -6.97
C THR Q 100 6.76 -88.29 -6.70
N SER Q 101 7.27 -87.48 -7.63
CA SER Q 101 7.37 -86.03 -7.46
C SER Q 101 8.03 -85.68 -6.13
N GLY Q 102 9.05 -86.45 -5.74
CA GLY Q 102 9.70 -86.22 -4.47
C GLY Q 102 8.91 -86.68 -3.26
N TRP Q 103 8.12 -87.74 -3.40
CA TRP Q 103 7.45 -88.37 -2.27
C TRP Q 103 8.08 -89.76 -2.11
N TYR Q 104 9.20 -89.79 -1.39
CA TYR Q 104 10.02 -91.00 -1.29
C TYR Q 104 9.32 -91.98 -0.37
N GLU Q 105 8.53 -92.88 -0.95
CA GLU Q 105 7.72 -93.80 -0.13
C GLU Q 105 8.02 -95.27 -0.36
N PHE Q 106 8.21 -95.71 -1.60
CA PHE Q 106 8.33 -97.15 -1.86
C PHE Q 106 9.69 -97.70 -1.45
N PHE Q 107 9.97 -98.92 -1.92
CA PHE Q 107 11.24 -99.61 -1.80
C PHE Q 107 11.22 -100.80 -2.77
N ASP Q 108 12.00 -101.85 -2.53
CA ASP Q 108 11.94 -103.07 -3.34
C ASP Q 108 12.69 -104.17 -2.61
N SER Q 109 12.79 -105.33 -3.24
CA SER Q 109 13.61 -106.41 -2.69
C SER Q 109 15.07 -106.07 -2.95
N TRP Q 110 15.49 -104.92 -2.41
CA TRP Q 110 16.77 -104.31 -2.76
C TRP Q 110 17.93 -105.15 -2.24
N GLY Q 111 18.97 -105.24 -3.06
CA GLY Q 111 20.28 -105.65 -2.60
C GLY Q 111 20.97 -104.50 -1.89
N GLN Q 112 22.30 -104.51 -1.91
CA GLN Q 112 23.02 -103.58 -1.07
C GLN Q 112 24.36 -103.22 -1.72
N GLY Q 113 25.24 -102.61 -0.93
CA GLY Q 113 26.64 -102.61 -1.19
C GLY Q 113 27.38 -103.45 -0.16
N ILE Q 114 28.70 -103.38 -0.21
CA ILE Q 114 29.54 -104.01 0.80
C ILE Q 114 30.91 -103.36 0.71
N PRO Q 115 31.10 -102.16 1.28
CA PRO Q 115 32.39 -101.48 1.15
C PRO Q 115 33.48 -102.19 1.93
N VAL Q 116 33.70 -103.46 1.59
CA VAL Q 116 34.72 -104.30 2.23
C VAL Q 116 35.19 -105.32 1.21
N THR Q 117 36.32 -105.96 1.52
CA THR Q 117 36.89 -106.99 0.68
C THR Q 117 37.24 -108.19 1.55
N VAL Q 118 36.97 -109.38 1.04
CA VAL Q 118 37.22 -110.63 1.76
C VAL Q 118 38.10 -111.52 0.90
N SER Q 119 39.15 -112.09 1.50
CA SER Q 119 40.06 -112.95 0.78
C SER Q 119 39.34 -114.20 0.28
N SER Q 120 39.69 -114.64 -0.91
CA SER Q 120 39.06 -115.82 -1.53
C SER Q 120 39.81 -117.07 -1.10
N ALA Q 121 39.52 -117.55 0.11
CA ALA Q 121 40.14 -118.75 0.64
C ALA Q 121 39.43 -119.99 0.10
N SER Q 122 39.74 -121.15 0.68
CA SER Q 122 39.30 -122.41 0.11
C SER Q 122 37.77 -122.53 0.11
N PRO Q 123 37.17 -122.90 -1.02
CA PRO Q 123 35.71 -123.15 -1.04
C PRO Q 123 35.31 -124.55 -0.63
N THR Q 124 36.22 -125.33 -0.05
CA THR Q 124 35.93 -126.74 0.21
C THR Q 124 34.84 -126.89 1.26
N SER Q 125 34.13 -128.00 1.18
CA SER Q 125 33.16 -128.40 2.19
C SER Q 125 33.56 -129.77 2.71
N PRO Q 126 33.93 -129.91 3.98
CA PRO Q 126 34.31 -131.25 4.47
C PRO Q 126 33.08 -132.14 4.57
N LYS Q 127 32.91 -132.99 3.57
CA LYS Q 127 31.68 -133.74 3.39
C LYS Q 127 31.74 -135.01 4.22
N VAL Q 128 31.47 -134.86 5.50
CA VAL Q 128 31.38 -136.00 6.40
C VAL Q 128 30.05 -136.68 6.14
N PHE Q 129 30.09 -137.95 5.80
CA PHE Q 129 28.91 -138.73 5.41
C PHE Q 129 28.08 -139.04 6.64
N PRO Q 130 26.97 -139.78 6.48
CA PRO Q 130 26.06 -140.05 7.60
C PRO Q 130 26.74 -140.52 8.88
N LEU Q 131 26.04 -140.33 9.99
CA LEU Q 131 26.54 -140.50 11.35
C LEU Q 131 27.63 -141.57 11.45
N SER Q 132 28.78 -141.17 12.00
CA SER Q 132 29.98 -141.99 11.87
C SER Q 132 29.78 -143.39 12.43
N LEU Q 133 29.27 -143.50 13.65
CA LEU Q 133 28.97 -144.82 14.19
C LEU Q 133 27.66 -145.36 13.61
N CYS Q 134 26.64 -144.51 13.50
CA CYS Q 134 25.32 -144.97 13.08
C CYS Q 134 25.22 -145.12 11.57
N SER Q 135 25.37 -144.00 10.83
CA SER Q 135 25.19 -143.93 9.39
C SER Q 135 23.81 -144.39 8.93
N THR Q 136 22.91 -144.67 9.87
CA THR Q 136 21.54 -145.08 9.60
C THR Q 136 20.66 -144.19 10.46
N GLN Q 137 20.30 -143.03 9.93
CA GLN Q 137 19.43 -142.06 10.57
C GLN Q 137 18.30 -141.73 9.61
N PRO Q 138 17.18 -141.21 10.12
CA PRO Q 138 16.09 -140.81 9.23
C PRO Q 138 16.54 -139.79 8.18
N ASP Q 139 17.50 -138.93 8.54
CA ASP Q 139 18.16 -138.04 7.59
C ASP Q 139 19.65 -138.35 7.63
N GLY Q 140 20.14 -138.97 6.56
CA GLY Q 140 21.55 -139.30 6.46
C GLY Q 140 22.43 -138.08 6.62
N ASN Q 141 23.29 -138.10 7.63
CA ASN Q 141 24.06 -136.93 8.00
C ASN Q 141 25.11 -136.66 6.94
N VAL Q 142 24.70 -136.20 5.76
CA VAL Q 142 25.66 -135.83 4.73
C VAL Q 142 26.17 -134.46 5.10
N VAL Q 143 27.18 -134.42 5.96
CA VAL Q 143 27.58 -133.22 6.67
C VAL Q 143 28.76 -132.59 5.96
N ILE Q 144 28.59 -131.35 5.52
CA ILE Q 144 29.63 -130.61 4.83
C ILE Q 144 30.16 -129.50 5.71
N ALA Q 145 31.18 -129.77 6.51
CA ALA Q 145 31.79 -128.71 7.29
C ALA Q 145 32.58 -127.82 6.35
N CYS Q 146 31.91 -126.83 5.76
CA CYS Q 146 32.54 -126.00 4.73
C CYS Q 146 33.85 -125.43 5.24
N LEU Q 147 34.91 -125.58 4.45
CA LEU Q 147 36.24 -125.15 4.87
C LEU Q 147 36.25 -123.63 5.08
N VAL Q 148 37.37 -123.10 5.54
CA VAL Q 148 37.42 -121.70 5.91
C VAL Q 148 37.52 -120.89 4.63
N GLN Q 149 36.37 -120.52 4.08
CA GLN Q 149 36.30 -119.69 2.89
C GLN Q 149 36.27 -118.22 3.34
N GLY Q 150 37.38 -117.51 3.10
CA GLY Q 150 37.51 -116.15 3.58
C GLY Q 150 36.39 -115.24 3.14
N PHE Q 151 35.86 -115.43 1.94
CA PHE Q 151 34.61 -114.81 1.52
C PHE Q 151 33.47 -115.62 2.13
N PHE Q 152 32.65 -114.95 2.93
CA PHE Q 152 31.59 -115.57 3.73
C PHE Q 152 30.64 -116.37 2.87
N PRO Q 153 30.52 -116.09 1.58
CA PRO Q 153 29.45 -116.70 0.77
C PRO Q 153 29.67 -118.18 0.50
N GLN Q 154 29.85 -118.98 1.54
CA GLN Q 154 29.78 -120.43 1.39
C GLN Q 154 28.37 -120.80 0.95
N GLU Q 155 28.27 -121.53 -0.15
CA GLU Q 155 26.96 -121.85 -0.68
C GLU Q 155 26.71 -123.32 -0.41
N PRO Q 156 26.44 -123.67 0.85
CA PRO Q 156 26.37 -125.07 1.24
C PRO Q 156 25.26 -125.83 0.52
N LEU Q 157 25.52 -127.10 0.24
CA LEU Q 157 24.56 -127.94 -0.45
C LEU Q 157 24.81 -129.40 -0.08
N SER Q 158 23.80 -130.23 -0.35
CA SER Q 158 23.90 -131.65 -0.02
C SER Q 158 24.47 -132.46 -1.18
N VAL Q 159 24.04 -132.17 -2.42
CA VAL Q 159 24.53 -132.86 -3.60
C VAL Q 159 24.84 -131.80 -4.66
N THR Q 160 26.10 -131.33 -4.69
CA THR Q 160 26.60 -130.42 -5.72
C THR Q 160 25.59 -129.37 -6.14
N TRP Q 161 24.91 -128.76 -5.16
CA TRP Q 161 23.81 -127.84 -5.40
C TRP Q 161 22.69 -128.52 -6.18
N SER Q 162 22.26 -129.68 -5.67
CA SER Q 162 21.14 -130.41 -6.26
C SER Q 162 20.46 -131.23 -5.17
N GLU Q 163 19.16 -131.01 -5.01
CA GLU Q 163 18.26 -131.77 -4.11
C GLU Q 163 18.50 -131.43 -2.65
N SER Q 164 19.59 -130.73 -2.34
CA SER Q 164 19.80 -129.98 -1.09
C SER Q 164 19.17 -130.64 0.14
N GLY Q 165 19.37 -131.94 0.32
CA GLY Q 165 18.68 -132.66 1.37
C GLY Q 165 18.92 -132.14 2.77
N GLN Q 166 17.92 -131.46 3.33
CA GLN Q 166 17.91 -130.97 4.70
C GLN Q 166 19.25 -130.38 5.10
N GLY Q 167 19.62 -129.30 4.41
CA GLY Q 167 20.92 -128.71 4.65
C GLY Q 167 20.96 -127.92 5.94
N VAL Q 168 21.57 -128.51 6.96
CA VAL Q 168 21.76 -127.81 8.25
C VAL Q 168 23.12 -127.12 8.12
N THR Q 169 23.10 -125.96 7.47
CA THR Q 169 24.31 -125.22 7.19
C THR Q 169 24.54 -124.19 8.29
N ALA Q 170 25.67 -124.28 8.97
CA ALA Q 170 26.12 -123.16 9.78
C ALA Q 170 26.25 -121.94 8.90
N ARG Q 171 25.88 -120.78 9.43
CA ARG Q 171 25.78 -119.60 8.59
C ARG Q 171 27.17 -119.13 8.17
N ASN Q 172 27.89 -120.00 7.46
CA ASN Q 172 29.27 -119.74 7.08
C ASN Q 172 30.08 -119.28 8.30
N PHE Q 173 29.92 -120.04 9.38
CA PHE Q 173 30.30 -119.56 10.70
C PHE Q 173 31.77 -119.16 10.73
N PRO Q 174 32.10 -118.05 11.37
CA PRO Q 174 33.50 -117.64 11.45
C PRO Q 174 34.23 -118.40 12.54
N PRO Q 175 34.05 -119.73 12.59
CA PRO Q 175 34.91 -120.53 13.48
C PRO Q 175 36.38 -120.44 13.09
N SER Q 176 36.68 -120.10 11.84
CA SER Q 176 38.04 -119.87 11.37
C SER Q 176 38.14 -118.53 10.65
N GLN Q 177 37.38 -117.53 11.12
CA GLN Q 177 37.35 -116.20 10.53
C GLN Q 177 37.02 -116.24 9.04
N ASP Q 178 36.15 -117.15 8.65
CA ASP Q 178 35.84 -117.38 7.25
C ASP Q 178 34.50 -118.08 7.15
N ALA Q 179 34.16 -118.55 5.94
CA ALA Q 179 32.87 -119.20 5.71
C ALA Q 179 33.01 -120.67 6.09
N SER Q 180 33.14 -120.92 7.39
CA SER Q 180 33.19 -122.27 7.93
C SER Q 180 31.76 -122.68 8.22
N GLY Q 181 31.02 -122.97 7.16
CA GLY Q 181 29.64 -123.38 7.30
C GLY Q 181 29.52 -124.89 7.46
N ASP Q 182 29.34 -125.35 8.70
CA ASP Q 182 29.23 -126.77 8.98
C ASP Q 182 27.90 -127.26 8.40
N LEU Q 183 27.88 -127.44 7.08
CA LEU Q 183 26.66 -127.78 6.34
C LEU Q 183 26.33 -129.24 6.59
N TYR Q 184 25.75 -129.51 7.76
CA TYR Q 184 25.32 -130.86 8.10
C TYR Q 184 24.06 -131.16 7.30
N THR Q 185 24.26 -131.26 5.97
CA THR Q 185 23.16 -131.36 5.00
C THR Q 185 22.51 -132.73 5.14
N THR Q 186 21.55 -132.80 6.06
CA THR Q 186 20.94 -134.07 6.44
C THR Q 186 20.04 -134.60 5.33
N SER Q 187 20.67 -134.85 4.18
CA SER Q 187 19.95 -135.52 3.09
C SER Q 187 19.55 -136.91 3.55
N SER Q 188 18.32 -137.30 3.21
CA SER Q 188 17.81 -138.59 3.63
C SER Q 188 18.76 -139.70 3.19
N GLN Q 189 18.88 -140.73 4.04
CA GLN Q 189 19.79 -141.83 3.73
C GLN Q 189 19.50 -142.41 2.36
N LEU Q 190 18.24 -142.38 1.93
CA LEU Q 190 17.92 -142.67 0.54
C LEU Q 190 18.24 -141.51 -0.38
N THR Q 191 18.02 -140.27 0.06
CA THR Q 191 18.27 -139.11 -0.80
C THR Q 191 19.74 -139.02 -1.17
N LEU Q 192 20.63 -139.28 -0.22
CA LEU Q 192 22.04 -139.43 -0.57
C LEU Q 192 22.27 -140.53 -1.59
N PRO Q 193 21.61 -141.70 -1.49
CA PRO Q 193 21.78 -142.73 -2.54
C PRO Q 193 20.91 -142.51 -3.77
N ALA Q 194 19.67 -142.04 -3.59
CA ALA Q 194 18.77 -141.89 -4.73
C ALA Q 194 19.23 -140.76 -5.65
N THR Q 195 19.51 -139.61 -5.08
CA THR Q 195 20.17 -138.53 -5.78
C THR Q 195 21.66 -138.60 -5.47
N GLN Q 196 22.41 -137.58 -5.88
CA GLN Q 196 23.81 -137.54 -5.47
C GLN Q 196 23.92 -137.21 -3.99
N CYS Q 197 25.15 -137.30 -3.48
CA CYS Q 197 25.45 -136.89 -2.11
C CYS Q 197 26.67 -135.97 -2.08
N LEU Q 198 27.01 -135.36 -3.21
CA LEU Q 198 28.19 -134.53 -3.34
C LEU Q 198 27.96 -133.21 -2.61
N ALA Q 199 28.39 -133.13 -1.35
CA ALA Q 199 27.95 -132.05 -0.46
C ALA Q 199 28.52 -130.73 -0.96
N GLY Q 200 27.67 -129.97 -1.65
CA GLY Q 200 28.15 -128.79 -2.35
C GLY Q 200 28.43 -127.62 -1.42
N LYS Q 201 29.42 -126.81 -1.82
CA LYS Q 201 29.65 -125.51 -1.20
C LYS Q 201 30.24 -124.61 -2.30
N SER Q 202 29.36 -123.83 -2.94
CA SER Q 202 29.79 -122.87 -3.94
C SER Q 202 30.28 -121.60 -3.25
N VAL Q 203 31.26 -121.80 -2.36
CA VAL Q 203 31.81 -120.70 -1.58
C VAL Q 203 32.52 -119.73 -2.51
N THR Q 204 32.04 -118.48 -2.53
CA THR Q 204 32.61 -117.49 -3.44
C THR Q 204 34.10 -117.30 -3.21
N CYS Q 205 34.56 -117.51 -1.98
CA CYS Q 205 36.00 -117.61 -1.74
C CYS Q 205 36.55 -118.78 -2.54
N HIS Q 206 37.40 -118.50 -3.52
CA HIS Q 206 37.78 -119.48 -4.54
C HIS Q 206 36.52 -120.08 -5.16
N VAL Q 207 35.75 -119.20 -5.80
CA VAL Q 207 34.36 -119.51 -6.19
C VAL Q 207 34.32 -120.78 -7.02
N LYS Q 208 33.64 -121.80 -6.48
CA LYS Q 208 33.51 -123.09 -7.13
C LYS Q 208 32.40 -123.89 -6.48
N HIS Q 209 31.43 -124.34 -7.26
CA HIS Q 209 30.35 -125.16 -6.73
C HIS Q 209 30.91 -126.52 -6.37
N TYR Q 210 31.18 -126.71 -5.08
CA TYR Q 210 31.83 -127.93 -4.62
C TYR Q 210 30.93 -129.14 -4.85
N THR Q 211 31.56 -130.31 -4.96
CA THR Q 211 30.84 -131.57 -5.13
C THR Q 211 31.46 -132.66 -4.27
N ASN Q 212 31.78 -132.33 -3.03
CA ASN Q 212 32.43 -133.31 -2.15
C ASN Q 212 31.43 -134.36 -1.70
N PRO Q 213 31.63 -135.64 -2.03
CA PRO Q 213 30.64 -136.66 -1.69
C PRO Q 213 30.49 -136.86 -0.19
N SER Q 214 29.25 -137.09 0.24
CA SER Q 214 28.97 -137.34 1.65
C SER Q 214 27.92 -138.43 1.81
N GLU R 1 15.44 -87.12 9.72
CA GLU R 1 14.30 -86.19 9.69
C GLU R 1 13.34 -86.47 10.84
N ILE R 2 12.11 -86.89 10.51
CA ILE R 2 11.12 -87.22 11.52
C ILE R 2 11.40 -88.64 12.00
N VAL R 3 12.20 -88.75 13.06
CA VAL R 3 12.66 -90.06 13.54
C VAL R 3 11.46 -90.95 13.83
N MET R 4 11.40 -92.08 13.13
CA MET R 4 10.25 -92.99 13.24
C MET R 4 10.62 -94.10 14.21
N THR R 5 10.33 -93.87 15.49
CA THR R 5 10.54 -94.87 16.55
C THR R 5 9.39 -95.87 16.48
N GLN R 6 9.51 -96.78 15.51
CA GLN R 6 8.41 -97.69 15.17
C GLN R 6 7.99 -98.52 16.38
N SER R 7 6.68 -98.70 16.52
CA SER R 7 6.18 -99.71 17.45
C SER R 7 6.64 -101.08 16.97
N PRO R 8 7.14 -101.95 17.85
CA PRO R 8 8.00 -103.05 17.39
C PRO R 8 7.33 -104.06 16.46
N ALA R 9 6.02 -104.27 16.54
CA ALA R 9 5.46 -105.43 15.87
C ALA R 9 3.97 -105.24 15.59
N THR R 10 3.45 -106.15 14.77
CA THR R 10 2.01 -106.33 14.58
C THR R 10 1.65 -107.67 15.23
N LEU R 11 0.94 -107.61 16.35
CA LEU R 11 0.59 -108.81 17.09
C LEU R 11 -0.51 -109.57 16.35
N SER R 12 -0.28 -110.85 16.08
CA SER R 12 -1.27 -111.71 15.45
C SER R 12 -0.89 -113.16 15.68
N VAL R 13 -1.85 -113.98 16.08
CA VAL R 13 -1.67 -115.42 16.19
C VAL R 13 -2.53 -116.14 15.17
N SER R 14 -3.85 -116.00 15.27
CA SER R 14 -4.73 -116.41 14.20
C SER R 14 -4.74 -115.34 13.10
N PRO R 15 -5.02 -115.72 11.86
CA PRO R 15 -5.12 -114.71 10.79
C PRO R 15 -6.19 -113.68 11.13
N GLY R 16 -5.75 -112.45 11.36
CA GLY R 16 -6.66 -111.40 11.77
C GLY R 16 -6.13 -110.04 11.39
N GLU R 17 -7.03 -109.05 11.48
CA GLU R 17 -6.71 -107.68 11.08
C GLU R 17 -5.88 -107.02 12.17
N ARG R 18 -4.57 -107.11 12.04
CA ARG R 18 -3.65 -106.41 12.92
C ARG R 18 -3.17 -105.13 12.27
N ALA R 19 -2.35 -104.38 13.00
CA ALA R 19 -1.81 -103.11 12.53
C ALA R 19 -0.34 -103.03 12.94
N THR R 20 0.56 -103.14 11.98
CA THR R 20 1.98 -103.02 12.28
C THR R 20 2.30 -101.57 12.59
N LEU R 21 1.84 -101.11 13.75
CA LEU R 21 2.07 -99.74 14.17
C LEU R 21 3.56 -99.42 14.14
N SER R 22 3.91 -98.30 13.52
CA SER R 22 5.30 -97.86 13.44
C SER R 22 5.34 -96.38 13.80
N CYS R 23 5.52 -96.11 15.10
CA CYS R 23 5.48 -94.75 15.59
C CYS R 23 6.64 -93.93 15.04
N ARG R 24 6.45 -92.62 15.01
CA ARG R 24 7.54 -91.69 14.77
C ARG R 24 7.76 -90.87 16.04
N ALA R 25 9.01 -90.83 16.51
CA ALA R 25 9.31 -90.08 17.72
C ALA R 25 9.06 -88.60 17.54
N SER R 26 9.47 -88.05 16.39
CA SER R 26 9.33 -86.62 16.16
C SER R 26 7.88 -86.23 15.89
N GLN R 27 7.24 -86.93 14.96
CA GLN R 27 5.92 -86.55 14.46
C GLN R 27 5.11 -87.82 14.26
N SER R 28 4.03 -87.72 13.49
CA SER R 28 3.40 -88.92 12.96
C SER R 28 4.25 -89.47 11.81
N VAL R 29 4.44 -90.79 11.81
CA VAL R 29 5.09 -91.41 10.67
C VAL R 29 4.07 -91.39 9.54
N ALA R 30 4.21 -90.42 8.64
CA ALA R 30 3.14 -90.09 7.70
C ALA R 30 3.67 -90.08 6.28
N THR R 31 2.84 -89.56 5.37
CA THR R 31 3.22 -89.44 3.97
C THR R 31 4.32 -88.42 3.75
N ASN R 32 4.33 -87.32 4.52
CA ASN R 32 5.45 -86.39 4.44
C ASN R 32 6.73 -87.08 4.89
N VAL R 33 6.67 -87.84 5.99
CA VAL R 33 7.76 -88.73 6.35
C VAL R 33 7.86 -89.87 5.35
N ALA R 34 6.80 -90.12 4.58
CA ALA R 34 6.75 -91.21 3.60
C ALA R 34 7.08 -92.55 4.27
N TRP R 35 6.43 -92.78 5.41
CA TRP R 35 6.61 -94.02 6.15
C TRP R 35 6.37 -95.23 5.25
N TYR R 36 5.31 -95.18 4.45
CA TYR R 36 5.04 -96.16 3.40
C TYR R 36 4.88 -97.57 3.95
N GLN R 37 4.62 -97.70 5.25
CA GLN R 37 4.24 -98.95 5.90
C GLN R 37 5.00 -100.15 5.34
N GLN R 38 6.28 -99.97 5.06
CA GLN R 38 7.05 -100.98 4.35
C GLN R 38 7.15 -102.25 5.18
N LYS R 39 7.00 -103.40 4.53
CA LYS R 39 7.08 -104.65 5.27
C LYS R 39 8.39 -105.31 4.90
N PRO R 40 9.50 -104.63 5.18
CA PRO R 40 10.77 -104.99 4.53
C PRO R 40 11.46 -106.16 5.21
N GLY R 41 11.48 -107.29 4.53
CA GLY R 41 12.43 -108.34 4.83
C GLY R 41 13.78 -107.93 4.27
N GLN R 42 14.77 -108.81 4.45
CA GLN R 42 16.10 -108.51 3.92
C GLN R 42 16.06 -108.46 2.40
N ALA R 43 15.92 -109.61 1.76
CA ALA R 43 15.63 -109.74 0.34
C ALA R 43 14.14 -109.62 0.07
N PRO R 44 13.30 -110.41 0.75
CA PRO R 44 11.91 -110.56 0.31
C PRO R 44 10.97 -109.46 0.81
N ARG R 45 10.17 -108.94 -0.13
CA ARG R 45 9.22 -107.86 0.14
C ARG R 45 9.87 -106.67 0.83
N LEU R 46 11.11 -106.36 0.43
CA LEU R 46 11.86 -105.30 1.12
C LEU R 46 11.51 -103.94 0.56
N LEU R 47 10.21 -103.68 0.36
CA LEU R 47 9.74 -102.53 -0.35
C LEU R 47 8.62 -101.90 0.47
N ILE R 48 8.06 -100.81 -0.04
CA ILE R 48 7.00 -100.13 0.67
C ILE R 48 5.74 -100.97 0.54
N TYR R 49 5.46 -101.77 1.56
CA TYR R 49 4.19 -102.49 1.61
C TYR R 49 3.03 -101.51 1.70
N GLY R 50 3.20 -100.43 2.45
CA GLY R 50 2.30 -99.30 2.35
C GLY R 50 2.70 -98.35 1.24
N ALA R 51 1.86 -97.37 1.02
CA ALA R 51 2.14 -96.28 0.07
C ALA R 51 2.06 -94.98 0.85
N SER R 52 3.22 -94.49 1.29
CA SER R 52 3.31 -93.29 2.14
C SER R 52 2.47 -93.45 3.40
N THR R 53 2.39 -94.69 3.91
CA THR R 53 1.65 -95.04 5.12
C THR R 53 0.17 -94.69 5.00
N ARG R 54 -0.37 -94.79 3.79
CA ARG R 54 -1.77 -94.46 3.57
C ARG R 54 -2.51 -95.56 2.82
N ALA R 55 -1.81 -96.29 1.95
CA ALA R 55 -2.44 -97.33 1.14
C ALA R 55 -1.44 -98.45 0.91
N THR R 56 -1.97 -99.64 0.60
CA THR R 56 -1.14 -100.84 0.45
C THR R 56 -0.22 -100.69 -0.77
N GLY R 57 1.08 -100.57 -0.50
CA GLY R 57 2.09 -100.44 -1.54
C GLY R 57 2.62 -101.78 -2.04
N ILE R 58 3.88 -101.75 -2.48
CA ILE R 58 4.45 -102.90 -3.19
C ILE R 58 4.53 -104.15 -2.34
N PRO R 59 5.12 -104.13 -1.16
CA PRO R 59 5.42 -105.37 -0.47
C PRO R 59 4.30 -105.89 0.42
N ALA R 60 3.07 -105.43 0.24
CA ALA R 60 1.99 -105.83 1.14
C ALA R 60 1.16 -106.93 0.52
N ARG R 61 0.78 -107.89 1.35
CA ARG R 61 -0.33 -108.79 1.07
C ARG R 61 -1.59 -108.30 1.76
N PHE R 62 -1.75 -106.98 1.81
CA PHE R 62 -2.66 -106.25 2.68
C PHE R 62 -2.26 -106.37 4.15
N SER R 63 -1.05 -106.85 4.41
CA SER R 63 -0.52 -106.95 5.77
C SER R 63 0.49 -105.86 6.11
N GLY R 64 1.21 -105.35 5.12
CA GLY R 64 2.01 -104.17 5.32
C GLY R 64 1.28 -102.96 4.78
N SER R 65 -0.04 -103.09 4.64
CA SER R 65 -0.84 -102.09 3.95
C SER R 65 -0.68 -100.71 4.59
N GLY R 66 -0.60 -99.69 3.75
CA GLY R 66 -0.40 -98.33 4.20
C GLY R 66 -1.51 -97.83 5.10
N SER R 67 -1.14 -97.41 6.30
CA SER R 67 -2.12 -96.86 7.23
C SER R 67 -1.36 -96.11 8.32
N GLY R 68 -1.53 -94.80 8.39
CA GLY R 68 -1.07 -94.13 9.60
C GLY R 68 -2.21 -94.15 10.59
N THR R 69 -2.19 -95.14 11.49
CA THR R 69 -3.27 -95.29 12.45
C THR R 69 -3.11 -94.36 13.64
N GLU R 70 -1.93 -93.78 13.81
CA GLU R 70 -1.60 -92.86 14.88
C GLU R 70 -0.35 -92.10 14.42
N PHE R 71 0.37 -91.51 15.38
CA PHE R 71 1.78 -91.27 15.12
C PHE R 71 2.48 -92.55 14.67
N THR R 72 1.89 -93.70 14.98
CA THR R 72 2.33 -94.98 14.47
C THR R 72 1.76 -95.22 13.08
N LEU R 73 2.63 -95.27 12.08
CA LEU R 73 2.23 -95.62 10.72
C LEU R 73 2.02 -97.12 10.68
N THR R 74 0.81 -97.55 10.99
CA THR R 74 0.50 -98.96 11.08
C THR R 74 0.56 -99.60 9.69
N ILE R 75 1.55 -100.46 9.47
CA ILE R 75 1.53 -101.26 8.26
C ILE R 75 0.42 -102.27 8.48
N SER R 76 -0.77 -101.96 7.96
CA SER R 76 -1.99 -102.60 8.46
C SER R 76 -1.95 -104.09 8.20
N SER R 77 -1.72 -104.86 9.26
CA SER R 77 -1.58 -106.32 9.15
C SER R 77 -2.96 -106.98 9.11
N LEU R 78 -3.75 -106.54 8.13
CA LEU R 78 -5.07 -107.10 7.93
C LEU R 78 -4.94 -108.54 7.47
N GLN R 79 -5.63 -109.45 8.18
CA GLN R 79 -5.55 -110.88 7.92
C GLN R 79 -4.10 -111.36 7.90
N SER R 80 -3.37 -110.97 8.95
CA SER R 80 -1.95 -111.32 9.03
C SER R 80 -1.78 -112.82 9.13
N GLU R 81 -1.10 -113.40 8.14
CA GLU R 81 -0.84 -114.83 8.08
C GLU R 81 0.65 -115.07 8.31
N ASP R 82 1.04 -116.36 8.27
CA ASP R 82 2.43 -116.71 8.45
C ASP R 82 3.31 -116.08 7.37
N PHE R 83 2.80 -115.98 6.13
CA PHE R 83 3.52 -115.28 5.07
C PHE R 83 3.54 -113.78 5.29
N ALA R 84 2.57 -113.24 6.04
CA ALA R 84 2.57 -111.84 6.40
C ALA R 84 3.65 -111.48 7.41
N VAL R 85 4.35 -112.47 7.95
CA VAL R 85 5.37 -112.22 8.96
C VAL R 85 6.54 -111.51 8.28
N TYR R 86 6.68 -110.21 8.56
CA TYR R 86 7.79 -109.43 8.03
C TYR R 86 7.97 -108.22 8.93
N TYR R 87 9.20 -107.68 8.92
CA TYR R 87 9.50 -106.48 9.70
C TYR R 87 8.83 -105.31 9.02
N CYS R 88 7.53 -105.14 9.31
CA CYS R 88 6.72 -104.14 8.62
C CYS R 88 6.99 -102.75 9.18
N GLN R 89 8.28 -102.39 9.16
CA GLN R 89 8.74 -101.07 9.52
C GLN R 89 8.20 -100.06 8.53
N GLN R 90 7.34 -99.15 8.99
CA GLN R 90 6.84 -98.13 8.09
C GLN R 90 8.00 -97.20 7.76
N CYS R 91 8.89 -97.68 6.90
CA CYS R 91 10.19 -97.09 6.67
C CYS R 91 10.02 -95.70 6.05
N ASN R 92 10.12 -94.68 6.90
CA ASN R 92 10.04 -93.30 6.44
C ASN R 92 11.24 -92.96 5.58
N ASP R 93 10.98 -92.57 4.33
CA ASP R 93 11.94 -91.90 3.48
C ASP R 93 11.55 -90.43 3.38
N TRP R 94 11.62 -89.73 4.52
CA TRP R 94 11.09 -88.38 4.67
C TRP R 94 11.72 -87.39 3.68
N LEU R 95 11.16 -86.18 3.64
CA LEU R 95 11.63 -85.18 2.69
C LEU R 95 13.04 -84.68 2.99
N THR R 96 13.42 -84.64 4.27
CA THR R 96 14.75 -84.17 4.67
C THR R 96 15.78 -85.28 4.71
N PHE R 97 15.44 -86.42 5.32
CA PHE R 97 16.28 -87.61 5.31
C PHE R 97 15.34 -88.81 5.29
N GLY R 98 15.88 -89.98 5.55
CA GLY R 98 15.00 -91.11 5.70
C GLY R 98 14.20 -91.00 6.98
N GLN R 99 14.89 -91.13 8.11
CA GLN R 99 14.24 -91.20 9.43
C GLN R 99 13.22 -92.33 9.46
N GLY R 100 13.60 -93.47 8.89
CA GLY R 100 12.67 -94.56 8.72
C GLY R 100 12.30 -95.24 10.02
N THR R 101 11.17 -95.95 9.96
CA THR R 101 10.74 -96.75 11.10
C THR R 101 11.71 -97.90 11.33
N LYS R 102 12.01 -98.15 12.60
CA LYS R 102 12.92 -99.24 12.95
C LYS R 102 12.32 -100.56 12.51
N VAL R 103 11.23 -100.98 13.12
CA VAL R 103 10.55 -102.21 12.75
C VAL R 103 9.15 -102.25 13.35
N GLU R 104 8.19 -102.74 12.58
CA GLU R 104 6.89 -103.16 13.10
C GLU R 104 6.68 -104.56 12.57
N ILE R 105 7.27 -105.55 13.25
CA ILE R 105 7.38 -106.90 12.71
C ILE R 105 6.03 -107.61 12.79
N LYS R 106 5.32 -107.67 11.68
CA LYS R 106 4.12 -108.50 11.61
C LYS R 106 4.51 -109.97 11.73
N ARG R 107 3.58 -110.77 12.25
CA ARG R 107 3.82 -112.18 12.48
C ARG R 107 2.52 -112.87 12.84
N THR R 108 2.38 -114.12 12.42
CA THR R 108 1.25 -114.97 12.79
C THR R 108 1.77 -116.30 13.33
N VAL R 109 0.86 -117.26 13.49
CA VAL R 109 1.23 -118.56 14.04
C VAL R 109 2.15 -119.28 13.06
N ALA R 110 3.26 -119.78 13.57
CA ALA R 110 4.28 -120.43 12.75
C ALA R 110 5.18 -121.27 13.66
N ALA R 111 6.30 -121.74 13.09
CA ALA R 111 7.34 -122.47 13.79
C ALA R 111 6.83 -123.80 14.33
N PRO R 112 6.39 -124.71 13.47
CA PRO R 112 5.99 -126.04 13.94
C PRO R 112 7.19 -126.80 14.50
N SER R 113 6.91 -127.62 15.51
CA SER R 113 7.95 -128.43 16.14
C SER R 113 8.26 -129.63 15.25
N VAL R 114 9.41 -129.59 14.59
CA VAL R 114 9.84 -130.67 13.70
C VAL R 114 10.90 -131.50 14.40
N PHE R 115 11.23 -132.64 13.81
CA PHE R 115 12.20 -133.55 14.40
C PHE R 115 13.62 -133.02 14.17
N ILE R 116 14.38 -132.91 15.25
CA ILE R 116 15.79 -132.53 15.14
C ILE R 116 16.52 -133.67 14.41
N PHE R 117 16.89 -133.42 13.17
CA PHE R 117 17.51 -134.47 12.37
C PHE R 117 18.86 -134.84 12.98
N PRO R 118 19.18 -136.12 13.09
CA PRO R 118 20.48 -136.51 13.66
C PRO R 118 21.58 -136.38 12.62
N PRO R 119 21.64 -135.25 11.90
CA PRO R 119 22.69 -135.02 10.91
C PRO R 119 24.07 -134.80 11.52
N SER R 120 24.45 -135.72 12.40
CA SER R 120 25.73 -135.63 13.10
C SER R 120 26.72 -136.57 12.45
N ASP R 121 27.69 -136.00 11.75
CA ASP R 121 28.84 -136.73 11.24
C ASP R 121 30.06 -136.38 12.07
N GLU R 122 30.86 -137.39 12.37
CA GLU R 122 32.02 -137.21 13.24
C GLU R 122 33.17 -136.58 12.48
N GLN R 123 34.37 -136.64 13.05
CA GLN R 123 35.56 -136.28 12.31
C GLN R 123 35.83 -137.40 11.32
N LEU R 124 35.16 -137.32 10.17
CA LEU R 124 35.12 -138.41 9.20
C LEU R 124 36.43 -138.43 8.39
N LYS R 125 36.41 -139.16 7.28
CA LYS R 125 37.57 -139.19 6.39
C LYS R 125 37.96 -137.77 5.96
N SER R 126 36.98 -136.93 5.68
CA SER R 126 37.24 -135.51 5.45
C SER R 126 37.04 -134.67 6.69
N GLY R 127 36.20 -135.12 7.63
CA GLY R 127 36.05 -134.40 8.88
C GLY R 127 37.32 -134.40 9.71
N THR R 128 37.99 -135.54 9.79
CA THR R 128 39.29 -135.64 10.46
C THR R 128 40.45 -135.45 9.50
N ALA R 129 40.19 -135.13 8.23
CA ALA R 129 41.28 -134.91 7.27
C ALA R 129 42.17 -133.76 7.72
N SER R 130 41.57 -132.69 8.23
CA SER R 130 42.35 -131.59 8.75
C SER R 130 43.13 -132.00 9.99
N VAL R 131 44.26 -131.32 10.22
CA VAL R 131 45.03 -131.56 11.43
C VAL R 131 44.21 -131.30 12.67
N VAL R 132 43.16 -130.50 12.56
CA VAL R 132 42.18 -130.30 13.62
C VAL R 132 40.98 -131.19 13.30
N CYS R 133 40.78 -132.23 14.09
CA CYS R 133 39.66 -133.13 13.87
C CYS R 133 38.36 -132.38 14.14
N LEU R 134 37.45 -132.41 13.17
CA LEU R 134 36.21 -131.65 13.24
C LEU R 134 35.05 -132.58 12.91
N LEU R 135 34.18 -132.81 13.89
CA LEU R 135 32.91 -133.45 13.57
C LEU R 135 32.04 -132.49 12.78
N ASN R 136 31.10 -133.06 12.03
CA ASN R 136 30.10 -132.26 11.32
C ASN R 136 28.73 -132.71 11.82
N ASN R 137 28.29 -132.11 12.93
CA ASN R 137 27.11 -132.57 13.68
C ASN R 137 25.98 -131.55 13.56
N PHE R 138 24.75 -132.02 13.41
CA PHE R 138 23.62 -131.10 13.35
C PHE R 138 22.41 -131.70 14.04
N TYR R 139 21.45 -130.83 14.33
CA TYR R 139 20.11 -131.22 14.77
C TYR R 139 19.10 -130.52 13.89
N PRO R 140 19.12 -130.81 12.58
CA PRO R 140 18.30 -130.04 11.65
C PRO R 140 16.81 -130.20 11.92
N ARG R 141 16.08 -129.09 11.75
CA ARG R 141 14.64 -129.04 11.97
C ARG R 141 14.29 -129.39 13.42
N GLU R 142 15.06 -128.85 14.37
CA GLU R 142 14.80 -129.10 15.78
C GLU R 142 13.48 -128.49 16.22
N ALA R 143 12.81 -129.15 17.17
CA ALA R 143 11.42 -128.82 17.49
C ALA R 143 11.24 -127.35 17.83
N LYS R 144 12.02 -126.85 18.78
CA LYS R 144 12.04 -125.42 19.04
C LYS R 144 13.06 -124.76 18.12
N VAL R 145 13.00 -123.43 18.01
CA VAL R 145 14.01 -122.70 17.26
C VAL R 145 15.35 -122.68 17.97
N GLN R 146 15.41 -123.21 19.20
CA GLN R 146 16.64 -123.26 19.98
C GLN R 146 17.06 -124.70 20.17
N TRP R 147 18.32 -124.98 19.82
CA TRP R 147 18.94 -126.28 20.09
C TRP R 147 20.40 -125.99 20.46
N LYS R 148 20.65 -125.83 21.76
CA LYS R 148 22.00 -125.56 22.23
C LYS R 148 22.84 -126.79 22.02
N VAL R 149 23.67 -126.79 20.98
CA VAL R 149 24.37 -127.98 20.54
C VAL R 149 25.55 -128.24 21.46
N ASP R 150 25.62 -129.45 21.99
CA ASP R 150 26.81 -129.98 22.63
C ASP R 150 27.20 -131.23 21.85
N ASN R 151 28.25 -131.12 21.03
CA ASN R 151 28.62 -132.22 20.16
C ASN R 151 28.97 -133.47 20.94
N ALA R 152 29.32 -133.33 22.22
CA ALA R 152 29.62 -134.46 23.10
C ALA R 152 30.74 -135.33 22.53
N LEU R 153 31.92 -134.71 22.42
CA LEU R 153 33.11 -135.42 21.99
C LEU R 153 33.33 -136.65 22.86
N GLN R 154 33.23 -137.84 22.25
CA GLN R 154 33.19 -139.11 22.99
C GLN R 154 32.10 -139.10 24.04
N SER R 155 30.93 -138.58 23.67
CA SER R 155 29.80 -138.40 24.59
C SER R 155 30.22 -137.59 25.81
N GLY R 156 31.13 -136.64 25.62
CA GLY R 156 31.68 -135.83 26.67
C GLY R 156 30.92 -134.55 26.98
N ASN R 157 29.68 -134.42 26.51
CA ASN R 157 28.89 -133.21 26.72
C ASN R 157 29.64 -131.97 26.25
N SER R 158 30.30 -132.10 25.10
CA SER R 158 31.21 -131.07 24.59
C SER R 158 30.42 -129.90 24.01
N GLN R 159 29.80 -129.15 24.92
CA GLN R 159 29.34 -127.81 24.54
C GLN R 159 30.54 -126.93 24.18
N GLU R 160 31.60 -127.00 24.98
CA GLU R 160 32.90 -126.46 24.60
C GLU R 160 33.67 -127.49 23.79
N SER R 161 34.79 -127.05 23.22
CA SER R 161 35.59 -127.87 22.31
C SER R 161 34.75 -128.38 21.14
N VAL R 162 33.73 -127.61 20.76
CA VAL R 162 32.86 -127.97 19.65
C VAL R 162 32.31 -126.70 19.01
N THR R 163 32.49 -126.55 17.70
CA THR R 163 31.95 -125.42 16.99
C THR R 163 30.45 -125.59 16.81
N GLU R 164 29.70 -125.45 17.90
CA GLU R 164 28.26 -125.65 17.90
C GLU R 164 27.60 -124.46 17.22
N GLN R 165 27.35 -124.58 15.92
CA GLN R 165 26.72 -123.49 15.18
C GLN R 165 25.29 -123.27 15.66
N ASP R 166 24.81 -122.05 15.43
CA ASP R 166 23.49 -121.66 15.91
C ASP R 166 22.42 -122.55 15.31
N SER R 167 21.42 -122.86 16.12
CA SER R 167 20.32 -123.75 15.72
C SER R 167 19.33 -122.97 14.86
N LYS R 168 19.71 -122.78 13.60
CA LYS R 168 18.89 -122.04 12.66
C LYS R 168 17.83 -122.94 12.05
N ASP R 169 16.75 -122.33 11.57
CA ASP R 169 15.64 -123.09 11.01
C ASP R 169 16.07 -123.80 9.74
N SER R 170 16.21 -125.13 9.81
CA SER R 170 16.70 -125.91 8.67
C SER R 170 15.73 -125.90 7.51
N THR R 171 14.59 -126.58 7.67
CA THR R 171 13.62 -126.72 6.58
C THR R 171 12.17 -126.51 6.97
N TYR R 172 11.79 -126.66 8.23
CA TYR R 172 10.39 -126.59 8.65
C TYR R 172 10.22 -125.59 9.78
N SER R 173 10.82 -124.40 9.61
CA SER R 173 10.81 -123.37 10.64
C SER R 173 11.30 -123.92 11.97
N LEU R 174 12.30 -124.79 11.91
CA LEU R 174 12.71 -125.59 13.04
C LEU R 174 14.23 -125.71 13.05
N SER R 175 14.81 -125.64 14.25
CA SER R 175 16.22 -125.32 14.42
C SER R 175 17.13 -126.38 13.82
N SER R 176 18.34 -125.95 13.45
CA SER R 176 19.39 -126.84 12.94
C SER R 176 20.71 -126.39 13.57
N THR R 177 21.12 -127.08 14.64
CA THR R 177 22.32 -126.71 15.37
C THR R 177 23.51 -127.46 14.80
N LEU R 178 24.26 -126.80 13.91
CA LEU R 178 25.35 -127.44 13.19
C LEU R 178 26.57 -127.52 14.11
N THR R 179 26.52 -128.50 15.00
CA THR R 179 27.61 -128.74 15.94
C THR R 179 28.83 -129.29 15.22
N LEU R 180 29.99 -129.14 15.87
CA LEU R 180 31.23 -129.63 15.27
C LEU R 180 32.23 -129.89 16.39
N SER R 181 32.35 -131.15 16.81
CA SER R 181 33.29 -131.49 17.86
C SER R 181 34.70 -131.13 17.40
N LYS R 182 35.25 -130.07 17.98
CA LYS R 182 36.42 -129.39 17.41
C LYS R 182 37.57 -129.40 18.41
N ALA R 183 38.72 -129.88 17.95
CA ALA R 183 39.97 -129.78 18.68
C ALA R 183 41.09 -129.95 17.67
N ASP R 184 42.33 -130.04 18.17
CA ASP R 184 43.51 -130.12 17.32
C ASP R 184 43.91 -131.54 17.02
N TYR R 185 42.93 -132.46 16.94
CA TYR R 185 43.11 -133.90 16.83
C TYR R 185 43.70 -134.51 18.09
N GLU R 186 43.86 -133.72 19.16
CA GLU R 186 44.25 -134.23 20.46
C GLU R 186 43.06 -134.63 21.31
N LYS R 187 41.94 -133.92 21.18
CA LYS R 187 40.69 -134.27 21.85
C LYS R 187 39.62 -134.73 20.87
N HIS R 188 39.30 -133.93 19.85
CA HIS R 188 38.20 -134.26 18.95
C HIS R 188 38.51 -135.51 18.12
N LYS R 189 39.79 -135.80 17.86
CA LYS R 189 40.11 -137.06 17.21
C LYS R 189 40.12 -138.22 18.20
N VAL R 190 40.74 -138.02 19.37
CA VAL R 190 40.66 -139.02 20.43
C VAL R 190 39.21 -139.22 20.84
N TYR R 191 38.47 -138.11 20.99
CA TYR R 191 37.02 -138.16 21.17
C TYR R 191 36.33 -137.99 19.82
N ALA R 192 36.68 -138.87 18.88
CA ALA R 192 36.03 -138.87 17.57
C ALA R 192 34.54 -139.12 17.70
N CYS R 193 34.12 -139.85 18.74
CA CYS R 193 32.71 -139.99 19.02
C CYS R 193 32.11 -138.64 19.38
N GLU R 194 30.87 -138.42 18.94
CA GLU R 194 30.19 -137.16 19.21
C GLU R 194 28.69 -137.39 19.17
N VAL R 195 27.99 -136.95 20.20
CA VAL R 195 26.53 -136.99 20.24
C VAL R 195 26.06 -135.55 20.27
N THR R 196 25.57 -135.05 19.14
CA THR R 196 25.23 -133.63 19.06
C THR R 196 24.03 -133.34 19.93
N HIS R 197 24.28 -132.95 21.18
CA HIS R 197 23.25 -132.76 22.19
C HIS R 197 22.49 -131.46 21.89
N GLN R 198 21.78 -131.48 20.76
CA GLN R 198 21.06 -130.31 20.27
C GLN R 198 19.60 -130.67 20.05
N GLY R 199 18.71 -129.95 20.71
CA GLY R 199 17.29 -130.19 20.58
C GLY R 199 16.52 -129.05 21.21
N LEU R 200 15.19 -129.15 21.13
CA LEU R 200 14.31 -128.11 21.64
C LEU R 200 14.64 -127.81 23.10
N SER R 201 14.85 -126.52 23.39
CA SER R 201 15.22 -126.05 24.73
C SER R 201 16.48 -126.76 25.22
N SER R 202 17.51 -126.75 24.37
CA SER R 202 18.81 -127.37 24.64
C SER R 202 18.64 -128.84 25.01
N PRO R 203 17.81 -129.59 24.27
CA PRO R 203 17.65 -131.02 24.57
C PRO R 203 18.84 -131.81 24.07
N VAL R 204 19.40 -132.63 24.96
CA VAL R 204 20.54 -133.47 24.59
C VAL R 204 20.05 -134.55 23.63
N THR R 205 20.40 -134.42 22.36
CA THR R 205 20.00 -135.36 21.32
C THR R 205 21.15 -136.29 20.99
N LYS R 206 20.84 -137.58 20.88
CA LYS R 206 21.85 -138.59 20.55
C LYS R 206 22.02 -138.61 19.03
N SER R 207 22.50 -137.49 18.50
CA SER R 207 22.87 -137.39 17.09
C SER R 207 24.27 -137.99 16.98
N PHE R 208 24.34 -139.23 16.50
CA PHE R 208 25.55 -140.05 16.64
C PHE R 208 26.58 -139.65 15.60
N ASN R 209 27.28 -138.54 15.86
CA ASN R 209 28.53 -138.31 15.17
C ASN R 209 29.62 -139.12 15.87
N ARG R 210 29.36 -140.41 16.11
CA ARG R 210 30.23 -141.24 16.94
C ARG R 210 31.32 -141.87 16.10
N GLY R 211 32.35 -141.08 15.82
CA GLY R 211 33.51 -141.56 15.09
C GLY R 211 34.24 -142.70 15.76
N GLU R 212 34.56 -143.74 14.98
CA GLU R 212 35.32 -144.86 15.50
C GLU R 212 36.64 -144.38 16.10
N CYS R 213 36.92 -144.82 17.32
CA CYS R 213 38.08 -144.38 18.08
C CYS R 213 38.10 -142.86 18.23
N GLN S 1 68.11 3.72 28.26
CA GLN S 1 67.74 5.13 28.37
C GLN S 1 66.70 5.33 29.47
N VAL S 2 66.15 4.22 29.97
CA VAL S 2 65.15 4.28 31.03
C VAL S 2 65.84 4.58 32.34
N GLN S 3 65.96 5.85 32.68
CA GLN S 3 66.60 6.23 33.94
C GLN S 3 65.56 6.86 34.86
N LEU S 4 64.39 6.25 34.94
CA LEU S 4 63.35 6.64 35.90
C LEU S 4 63.75 6.13 37.29
N VAL S 5 64.82 6.72 37.82
CA VAL S 5 65.39 6.30 39.09
C VAL S 5 64.61 6.96 40.21
N GLU S 6 64.01 6.15 41.08
CA GLU S 6 63.27 6.67 42.21
C GLU S 6 64.18 7.53 43.09
N SER S 7 63.55 8.46 43.81
CA SER S 7 64.29 9.22 44.80
C SER S 7 64.90 8.26 45.82
N GLY S 8 66.09 8.61 46.31
CA GLY S 8 66.80 7.76 47.25
C GLY S 8 65.95 7.35 48.44
N GLY S 9 66.34 6.29 49.14
CA GLY S 9 65.55 5.81 50.24
C GLY S 9 65.31 6.91 51.25
N GLY S 10 64.11 7.48 51.19
CA GLY S 10 63.80 8.68 51.95
C GLY S 10 63.18 8.32 53.29
N VAL S 11 63.81 8.80 54.36
CA VAL S 11 63.35 8.46 55.69
C VAL S 11 62.17 9.34 56.05
N VAL S 12 60.99 8.90 55.67
CA VAL S 12 59.73 9.55 56.01
C VAL S 12 58.89 8.49 56.70
N GLN S 13 58.83 8.54 58.03
CA GLN S 13 58.30 7.50 58.90
C GLN S 13 56.96 6.95 58.41
N PRO S 14 56.64 5.70 58.71
CA PRO S 14 55.41 5.10 58.17
C PRO S 14 54.19 5.93 58.49
N GLY S 15 53.32 6.10 57.48
CA GLY S 15 52.24 7.03 57.53
C GLY S 15 52.53 8.35 56.85
N ARG S 16 53.79 8.69 56.64
CA ARG S 16 54.16 9.89 55.90
C ARG S 16 54.01 9.63 54.40
N SER S 17 54.01 10.71 53.63
CA SER S 17 53.84 10.66 52.18
C SER S 17 55.22 10.74 51.54
N LEU S 18 55.86 9.58 51.40
CA LEU S 18 57.15 9.52 50.72
C LEU S 18 56.95 9.77 49.22
N ARG S 19 58.08 9.88 48.52
CA ARG S 19 58.05 10.12 47.08
C ARG S 19 59.16 9.28 46.45
N LEU S 20 58.79 8.13 45.88
CA LEU S 20 59.74 7.34 45.12
C LEU S 20 59.96 8.01 43.77
N SER S 21 60.62 9.18 43.79
CA SER S 21 60.60 10.07 42.64
C SER S 21 61.43 9.50 41.50
N CYS S 22 60.81 8.63 40.71
CA CYS S 22 61.50 8.05 39.56
C CYS S 22 61.57 9.07 38.44
N ALA S 23 62.53 9.99 38.54
CA ALA S 23 62.69 11.03 37.54
C ALA S 23 63.22 10.41 36.25
N ALA S 24 62.31 10.08 35.34
CA ALA S 24 62.69 9.42 34.11
C ALA S 24 63.63 10.28 33.27
N SER S 25 64.64 9.64 32.68
CA SER S 25 65.46 10.28 31.67
C SER S 25 64.67 10.26 30.36
N GLY S 26 65.34 10.50 29.24
CA GLY S 26 64.59 10.44 28.01
C GLY S 26 64.32 8.99 27.67
N PHE S 27 63.10 8.57 27.98
CA PHE S 27 62.64 7.21 27.75
C PHE S 27 61.21 7.22 27.24
N THR S 28 60.80 8.32 26.60
CA THR S 28 59.46 8.49 26.06
C THR S 28 58.39 8.29 27.14
N PHE S 29 58.64 8.83 28.33
CA PHE S 29 57.66 8.70 29.41
C PHE S 29 56.32 9.30 29.02
N SER S 30 56.32 10.31 28.15
CA SER S 30 55.06 10.79 27.57
C SER S 30 54.55 9.82 26.50
N ASN S 31 55.43 9.35 25.62
CA ASN S 31 55.06 8.50 24.51
C ASN S 31 55.05 7.02 24.86
N TYR S 32 55.50 6.67 26.06
CA TYR S 32 55.45 5.30 26.55
C TYR S 32 55.28 5.36 28.06
N GLY S 33 54.72 4.30 28.62
CA GLY S 33 54.43 4.31 30.04
C GLY S 33 55.67 4.30 30.91
N ILE S 34 55.50 4.80 32.12
CA ILE S 34 56.53 4.77 33.16
C ILE S 34 55.88 4.20 34.41
N HIS S 35 55.97 2.88 34.57
CA HIS S 35 55.43 2.23 35.76
C HIS S 35 56.29 2.54 36.98
N TRP S 36 55.70 2.33 38.16
CA TRP S 36 56.44 2.36 39.42
C TRP S 36 56.46 0.95 40.00
N VAL S 37 57.64 0.51 40.42
CA VAL S 37 57.82 -0.81 41.03
C VAL S 37 58.59 -0.61 42.32
N ARG S 38 57.87 -0.43 43.43
CA ARG S 38 58.50 -0.36 44.75
C ARG S 38 58.99 -1.74 45.11
N GLN S 39 60.28 -2.00 44.90
CA GLN S 39 60.85 -3.32 45.00
C GLN S 39 62.15 -3.29 45.80
N ALA S 40 62.48 -4.42 46.41
CA ALA S 40 63.70 -4.48 47.22
C ALA S 40 64.91 -4.50 46.29
N PRO S 41 66.13 -4.56 46.85
CA PRO S 41 67.32 -4.58 45.98
C PRO S 41 67.34 -5.75 45.01
N GLY S 42 66.77 -6.89 45.39
CA GLY S 42 66.72 -8.04 44.52
C GLY S 42 65.38 -8.76 44.56
N LYS S 43 64.31 -8.03 44.85
CA LYS S 43 62.99 -8.66 44.94
C LYS S 43 62.41 -8.95 43.58
N GLY S 44 62.66 -8.09 42.60
CA GLY S 44 62.02 -8.18 41.30
C GLY S 44 61.10 -7.00 41.06
N LEU S 45 60.86 -6.66 39.80
CA LEU S 45 60.17 -5.42 39.46
C LEU S 45 58.70 -5.55 39.84
N GLU S 46 58.43 -5.40 41.13
CA GLU S 46 57.06 -5.47 41.64
C GLU S 46 56.31 -4.20 41.27
N TRP S 47 55.73 -4.16 40.08
CA TRP S 47 55.16 -2.93 39.54
C TRP S 47 53.93 -2.50 40.34
N VAL S 48 53.79 -1.19 40.52
CA VAL S 48 52.54 -0.63 41.03
C VAL S 48 51.51 -0.51 39.92
N ALA S 49 51.94 -0.58 38.66
CA ALA S 49 51.04 -0.58 37.53
C ALA S 49 51.77 -1.10 36.31
N VAL S 50 51.00 -1.63 35.35
CA VAL S 50 51.47 -1.61 33.98
C VAL S 50 50.98 -0.27 33.46
N ILE S 51 51.70 0.79 33.80
CA ILE S 51 51.20 2.15 33.70
C ILE S 51 51.30 2.61 32.25
N SER S 52 50.20 2.53 31.52
CA SER S 52 50.18 3.01 30.14
C SER S 52 50.08 4.53 30.17
N TYR S 53 51.23 5.20 30.17
CA TYR S 53 51.23 6.64 29.97
C TYR S 53 50.91 6.96 28.51
N ASP S 54 51.46 6.17 27.58
CA ASP S 54 51.04 6.27 26.19
C ASP S 54 49.59 5.85 26.02
N GLY S 55 49.21 4.70 26.59
CA GLY S 55 47.83 4.26 26.52
C GLY S 55 46.93 5.05 27.44
N ARG S 56 45.62 4.96 27.17
CA ARG S 56 44.66 5.63 28.06
C ARG S 56 44.62 4.96 29.43
N HIS S 57 44.52 3.64 29.47
CA HIS S 57 44.32 2.91 30.71
C HIS S 57 45.63 2.33 31.21
N LYS S 58 46.03 2.73 32.42
CA LYS S 58 47.20 2.18 33.08
C LYS S 58 46.80 0.91 33.81
N TYR S 59 47.28 -0.24 33.34
CA TYR S 59 46.90 -1.53 33.90
C TYR S 59 47.56 -1.67 35.26
N ILE S 60 46.86 -1.23 36.30
CA ILE S 60 47.40 -1.19 37.65
C ILE S 60 47.86 -2.58 38.08
N ALA S 61 49.05 -2.65 38.68
CA ALA S 61 49.65 -3.89 39.14
C ALA S 61 49.75 -3.83 40.67
N ASP S 62 49.16 -4.84 41.32
CA ASP S 62 49.05 -4.79 42.78
C ASP S 62 50.39 -4.81 43.52
N PRO S 63 51.48 -5.34 42.96
CA PRO S 63 52.66 -5.62 43.79
C PRO S 63 53.23 -4.42 44.53
N VAL S 64 53.24 -3.25 43.91
CA VAL S 64 53.65 -2.02 44.58
C VAL S 64 52.49 -1.08 44.81
N LYS S 65 51.31 -1.40 44.30
CA LYS S 65 50.13 -0.61 44.58
C LYS S 65 49.80 -0.66 46.07
N GLY S 66 49.32 0.46 46.59
CA GLY S 66 48.99 0.55 48.01
C GLY S 66 49.95 1.44 48.75
N ARG S 67 49.56 2.70 48.97
CA ARG S 67 50.32 3.74 49.66
C ARG S 67 51.54 4.19 48.85
N PHE S 68 51.83 3.56 47.72
CA PHE S 68 52.88 4.00 46.81
C PHE S 68 52.25 4.59 45.56
N THR S 69 51.54 5.70 45.75
CA THR S 69 50.81 6.34 44.66
C THR S 69 51.77 6.76 43.55
N ILE S 70 51.63 6.14 42.39
CA ILE S 70 52.56 6.40 41.29
C ILE S 70 52.27 7.78 40.73
N SER S 71 53.04 8.77 41.15
CA SER S 71 52.89 10.12 40.61
C SER S 71 53.65 10.23 39.30
N ARG S 72 53.40 9.29 38.40
CA ARG S 72 54.08 9.29 37.12
C ARG S 72 53.60 10.48 36.28
N ASP S 73 54.56 11.27 35.81
CA ASP S 73 54.28 12.43 34.98
C ASP S 73 54.79 12.10 33.58
N ASN S 74 53.86 11.77 32.69
CA ASN S 74 54.25 11.40 31.32
C ASN S 74 55.00 12.53 30.65
N SER S 75 54.42 13.74 30.67
CA SER S 75 55.07 14.88 30.03
C SER S 75 56.39 15.22 30.70
N LYS S 76 56.41 15.25 32.04
CA LYS S 76 57.60 15.66 32.77
C LYS S 76 58.67 14.58 32.82
N ASN S 77 58.37 13.36 32.37
CA ASN S 77 59.30 12.24 32.44
C ASN S 77 59.83 12.05 33.86
N MET S 78 58.89 11.79 34.77
CA MET S 78 59.24 11.55 36.17
C MET S 78 58.15 10.67 36.77
N LEU S 79 58.42 9.37 36.87
CA LEU S 79 57.52 8.47 37.56
C LEU S 79 57.67 8.70 39.06
N TYR S 80 57.23 9.89 39.49
CA TYR S 80 57.53 10.37 40.83
C TYR S 80 57.08 9.41 41.91
N LEU S 81 56.16 8.49 41.59
CA LEU S 81 55.76 7.39 42.47
C LEU S 81 55.62 7.87 43.90
N GLN S 82 54.91 8.99 44.07
CA GLN S 82 54.83 9.63 45.37
C GLN S 82 54.13 8.71 46.35
N MET S 83 54.90 8.13 47.28
CA MET S 83 54.34 7.14 48.20
C MET S 83 53.48 7.87 49.22
N ASN S 84 52.35 8.39 48.77
CA ASN S 84 51.45 9.14 49.64
C ASN S 84 50.93 8.22 50.75
N SER S 85 51.01 8.71 51.99
CA SER S 85 50.64 7.95 53.17
C SER S 85 51.38 6.60 53.19
N LEU S 86 52.69 6.68 52.92
CA LEU S 86 53.49 5.47 52.79
C LEU S 86 53.54 4.68 54.09
N ARG S 87 52.93 3.50 54.09
CA ARG S 87 53.08 2.57 55.19
C ARG S 87 54.51 2.02 55.19
N THR S 88 54.79 1.10 56.12
CA THR S 88 56.15 0.58 56.26
C THR S 88 56.48 -0.38 55.13
N GLU S 89 56.41 0.13 53.89
CA GLU S 89 56.74 -0.66 52.71
C GLU S 89 57.53 0.12 51.67
N ASP S 90 57.86 1.40 51.93
CA ASP S 90 58.64 2.18 50.99
C ASP S 90 60.12 1.86 51.04
N THR S 91 60.59 1.21 52.10
CA THR S 91 62.02 0.94 52.25
C THR S 91 62.47 -0.15 51.30
N ALA S 92 62.44 0.16 50.01
CA ALA S 92 62.78 -0.79 48.96
C ALA S 92 63.00 0.00 47.67
N VAL S 93 64.03 -0.38 46.91
CA VAL S 93 64.48 0.43 45.79
C VAL S 93 63.42 0.44 44.70
N TYR S 94 62.69 1.55 44.61
CA TYR S 94 61.48 1.63 43.80
C TYR S 94 61.87 1.76 42.33
N TYR S 95 62.25 0.64 41.74
CA TYR S 95 62.48 0.59 40.31
C TYR S 95 61.22 1.06 39.59
N CYS S 96 61.40 1.71 38.44
CA CYS S 96 60.28 2.27 37.70
C CYS S 96 60.29 1.69 36.29
N ALA S 97 59.35 0.78 36.02
CA ALA S 97 59.30 0.13 34.72
C ALA S 97 58.80 1.09 33.64
N LYS S 98 59.44 1.03 32.47
CA LYS S 98 58.95 1.80 31.33
C LYS S 98 57.76 1.03 30.77
N ASP S 99 56.59 1.30 31.35
CA ASP S 99 55.39 0.54 31.02
C ASP S 99 54.80 1.00 29.69
N THR S 100 55.61 0.86 28.64
CA THR S 100 55.23 1.32 27.32
C THR S 100 53.88 0.72 26.91
N SER S 101 52.86 1.58 26.82
CA SER S 101 51.49 1.14 26.59
C SER S 101 51.07 0.05 27.60
N GLY S 102 51.52 0.19 28.84
CA GLY S 102 51.23 -0.82 29.84
C GLY S 102 52.04 -2.09 29.71
N TRP S 103 53.27 -1.99 29.23
CA TRP S 103 54.20 -3.12 29.22
C TRP S 103 55.31 -2.78 30.20
N TYR S 104 55.07 -3.06 31.47
CA TYR S 104 55.96 -2.63 32.55
C TYR S 104 57.20 -3.51 32.53
N GLU S 105 58.25 -3.05 31.85
CA GLU S 105 59.44 -3.85 31.67
C GLU S 105 60.72 -3.25 32.23
N PHE S 106 60.95 -1.94 32.05
CA PHE S 106 62.22 -1.36 32.43
C PHE S 106 62.36 -1.19 33.94
N PHE S 107 63.37 -0.41 34.33
CA PHE S 107 63.63 0.05 35.69
C PHE S 107 64.65 1.19 35.62
N ASP S 108 65.43 1.44 36.68
CA ASP S 108 66.51 2.42 36.64
C ASP S 108 67.38 2.23 37.87
N SER S 109 68.39 3.08 38.02
CA SER S 109 69.20 3.07 39.23
C SER S 109 68.38 3.71 40.35
N TRP S 110 67.22 3.11 40.62
CA TRP S 110 66.21 3.71 41.48
C TRP S 110 66.68 3.79 42.92
N GLY S 111 66.35 4.90 43.57
CA GLY S 111 66.36 5.00 45.01
C GLY S 111 65.13 4.32 45.59
N GLN S 112 64.72 4.77 46.77
CA GLN S 112 63.70 4.03 47.49
C GLN S 112 62.86 4.99 48.33
N GLY S 113 62.10 4.42 49.25
CA GLY S 113 61.62 5.13 50.42
C GLY S 113 62.29 4.59 51.67
N ILE S 114 61.79 5.06 52.81
CA ILE S 114 62.22 4.53 54.10
C ILE S 114 61.15 4.92 55.12
N PRO S 115 60.03 4.21 55.18
CA PRO S 115 58.97 4.60 56.11
C PRO S 115 59.37 4.38 57.56
N VAL S 116 60.46 5.03 57.96
CA VAL S 116 60.99 4.95 59.32
C VAL S 116 61.70 6.27 59.63
N THR S 117 61.96 6.48 60.91
CA THR S 117 62.68 7.65 61.38
C THR S 117 63.79 7.22 62.32
N VAL S 118 64.95 7.86 62.21
CA VAL S 118 66.12 7.54 63.02
C VAL S 118 66.59 8.81 63.70
N SER S 119 66.84 8.71 65.01
CA SER S 119 67.30 9.86 65.78
C SER S 119 68.66 10.33 65.28
N SER S 120 68.84 11.66 65.25
CA SER S 120 70.08 12.26 64.76
C SER S 120 71.07 12.37 65.92
N ALA S 121 71.74 11.26 66.23
CA ALA S 121 72.72 11.24 67.31
C ALA S 121 74.05 11.77 66.80
N SER S 122 75.11 11.56 67.58
CA SER S 122 76.39 12.22 67.31
C SER S 122 76.98 11.75 65.98
N PRO S 123 77.41 12.66 65.11
CA PRO S 123 78.10 12.27 63.88
C PRO S 123 79.60 12.05 64.03
N THR S 124 80.10 11.99 65.25
CA THR S 124 81.55 11.95 65.47
C THR S 124 82.14 10.65 64.93
N SER S 125 83.41 10.74 64.55
CA SER S 125 84.20 9.57 64.18
C SER S 125 85.42 9.51 65.09
N PRO S 126 85.57 8.48 65.92
CA PRO S 126 86.75 8.43 66.79
C PRO S 126 87.99 8.13 65.96
N LYS S 127 88.76 9.18 65.66
CA LYS S 127 89.83 9.11 64.68
C LYS S 127 91.08 8.63 65.38
N VAL S 128 91.16 7.32 65.58
CA VAL S 128 92.36 6.71 66.13
C VAL S 128 93.40 6.65 65.02
N PHE S 129 94.55 7.25 65.27
CA PHE S 129 95.61 7.39 64.27
C PHE S 129 96.30 6.05 64.07
N PRO S 130 97.34 6.00 63.23
CA PRO S 130 98.00 4.72 62.90
C PRO S 130 98.35 3.87 64.11
N LEU S 131 98.51 2.57 63.84
CA LEU S 131 98.65 1.51 64.85
C LEU S 131 99.32 2.01 66.12
N SER S 132 98.64 1.79 67.26
CA SER S 132 99.01 2.47 68.50
C SER S 132 100.46 2.19 68.88
N LEU S 133 100.85 0.92 68.91
CA LEU S 133 102.25 0.59 69.19
C LEU S 133 103.11 0.82 67.95
N CYS S 134 102.62 0.41 66.78
CA CYS S 134 103.44 0.47 65.57
C CYS S 134 103.44 1.86 64.94
N SER S 135 102.27 2.35 64.52
CA SER S 135 102.11 3.61 63.80
C SER S 135 102.94 3.68 62.52
N THR S 136 103.59 2.58 62.14
CA THR S 136 104.38 2.47 60.92
C THR S 136 103.90 1.20 60.24
N GLN S 137 102.88 1.34 59.42
CA GLN S 137 102.31 0.26 58.62
C GLN S 137 102.25 0.70 57.18
N PRO S 138 102.17 -0.25 56.23
CA PRO S 138 102.04 0.14 54.82
C PRO S 138 100.84 1.03 54.57
N ASP S 139 99.76 0.83 55.33
CA ASP S 139 98.62 1.74 55.34
C ASP S 139 98.44 2.25 56.76
N GLY S 140 98.74 3.53 56.96
CA GLY S 140 98.60 4.15 58.26
C GLY S 140 97.19 4.03 58.79
N ASN S 141 97.05 3.38 59.95
CA ASN S 141 95.72 3.05 60.45
C ASN S 141 95.03 4.31 60.93
N VAL S 142 94.61 5.17 60.01
CA VAL S 142 93.85 6.35 60.37
C VAL S 142 92.44 5.88 60.61
N VAL S 143 92.17 5.42 61.82
CA VAL S 143 90.98 4.63 62.12
C VAL S 143 89.95 5.54 62.75
N ILE S 144 88.78 5.63 62.12
CA ILE S 144 87.68 6.46 62.60
C ILE S 144 86.55 5.56 63.10
N ALA S 145 86.57 5.23 64.39
CA ALA S 145 85.45 4.48 64.94
C ALA S 145 84.26 5.42 65.07
N CYS S 146 83.48 5.55 63.99
CA CYS S 146 82.40 6.52 63.96
C CYS S 146 81.50 6.34 65.16
N LEU S 147 81.21 7.45 65.85
CA LEU S 147 80.42 7.41 67.06
C LEU S 147 79.03 6.91 66.77
N VAL S 148 78.21 6.73 67.81
CA VAL S 148 76.91 6.11 67.62
C VAL S 148 75.98 7.15 67.01
N GLN S 149 75.95 7.20 65.69
CA GLN S 149 75.06 8.10 64.96
C GLN S 149 73.74 7.38 64.74
N GLY S 150 72.69 7.81 65.43
CA GLY S 150 71.42 7.12 65.39
C GLY S 150 70.88 6.96 63.99
N PHE S 151 71.09 7.95 63.12
CA PHE S 151 70.86 7.79 61.69
C PHE S 151 72.05 7.02 61.11
N PHE S 152 71.76 5.88 60.51
CA PHE S 152 72.76 4.94 60.02
C PHE S 152 73.74 5.59 59.06
N PRO S 153 73.37 6.68 58.40
CA PRO S 153 74.21 7.20 57.31
C PRO S 153 75.51 7.83 57.78
N GLN S 154 76.31 7.10 58.54
CA GLN S 154 77.69 7.52 58.79
C GLN S 154 78.43 7.55 57.47
N GLU S 155 79.03 8.69 57.16
CA GLU S 155 79.70 8.81 55.88
C GLU S 155 81.20 8.79 56.13
N PRO S 156 81.73 7.62 56.46
CA PRO S 156 83.13 7.53 56.91
C PRO S 156 84.12 7.98 55.85
N LEU S 157 85.21 8.60 56.30
CA LEU S 157 86.24 9.10 55.41
C LEU S 157 87.57 9.16 56.14
N SER S 158 88.64 9.26 55.37
CA SER S 158 89.98 9.28 55.95
C SER S 158 90.44 10.71 56.23
N VAL S 159 90.17 11.64 55.32
CA VAL S 159 90.55 13.04 55.50
C VAL S 159 89.35 13.89 55.09
N THR S 160 88.50 14.23 56.07
CA THR S 160 87.38 15.15 55.90
C THR S 160 86.67 14.99 54.57
N TRP S 161 86.40 13.74 54.18
CA TRP S 161 85.86 13.40 52.87
C TRP S 161 86.79 13.89 51.75
N SER S 162 88.06 13.54 51.85
CA SER S 162 89.04 13.87 50.83
C SER S 162 90.15 12.82 50.84
N GLU S 163 90.38 12.20 49.69
CA GLU S 163 91.46 11.24 49.43
C GLU S 163 91.23 9.89 50.10
N SER S 164 90.24 9.81 51.00
CA SER S 164 89.61 8.58 51.46
C SER S 164 90.55 7.38 51.53
N GLY S 165 91.73 7.55 52.12
CA GLY S 165 92.73 6.51 52.09
C GLY S 165 92.30 5.18 52.69
N GLN S 166 92.05 4.20 51.82
CA GLN S 166 91.74 2.83 52.20
C GLN S 166 90.78 2.78 53.39
N GLY S 167 89.58 3.30 53.18
CA GLY S 167 88.64 3.38 54.27
C GLY S 167 88.02 2.04 54.58
N VAL S 168 88.49 1.41 55.66
CA VAL S 168 87.89 0.15 56.13
C VAL S 168 86.80 0.56 57.11
N THR S 169 85.64 0.91 56.56
CA THR S 169 84.54 1.40 57.33
C THR S 169 83.61 0.24 57.67
N ALA S 170 83.40 0.01 58.97
CA ALA S 170 82.30 -0.83 59.38
C ALA S 170 81.01 -0.23 58.85
N ARG S 171 80.08 -1.08 58.42
CA ARG S 171 78.91 -0.60 57.71
C ARG S 171 77.98 0.15 58.66
N ASN S 172 78.50 1.21 59.27
CA ASN S 172 77.78 1.97 60.29
C ASN S 172 77.21 1.01 61.34
N PHE S 173 78.10 0.11 61.80
CA PHE S 173 77.65 -1.08 62.51
C PHE S 173 76.82 -0.71 63.72
N PRO S 174 75.73 -1.42 63.97
CA PRO S 174 74.90 -1.13 65.14
C PRO S 174 75.51 -1.73 66.39
N PRO S 175 76.81 -1.56 66.61
CA PRO S 175 77.39 -1.92 67.91
C PRO S 175 76.80 -1.12 69.04
N SER S 176 76.26 0.07 68.76
CA SER S 176 75.55 0.89 69.73
C SER S 176 74.19 1.30 69.20
N GLN S 177 73.53 0.41 68.45
CA GLN S 177 72.22 0.67 67.86
C GLN S 177 72.22 1.94 67.01
N ASP S 178 73.32 2.21 66.32
CA ASP S 178 73.48 3.45 65.59
C ASP S 178 74.56 3.25 64.53
N ALA S 179 74.98 4.35 63.91
CA ALA S 179 75.98 4.29 62.85
C ALA S 179 77.37 4.29 63.49
N SER S 180 77.69 3.19 64.16
CA SER S 180 79.01 3.00 64.76
C SER S 180 79.88 2.35 63.70
N GLY S 181 80.28 3.14 62.71
CA GLY S 181 81.12 2.65 61.65
C GLY S 181 82.58 2.79 62.00
N ASP S 182 83.21 1.68 62.41
CA ASP S 182 84.62 1.69 62.79
C ASP S 182 85.44 1.89 61.51
N LEU S 183 85.48 3.14 61.05
CA LEU S 183 86.10 3.49 59.78
C LEU S 183 87.62 3.47 59.96
N TYR S 184 88.17 2.27 59.94
CA TYR S 184 89.62 2.09 60.05
C TYR S 184 90.23 2.48 58.70
N THR S 185 90.12 3.78 58.40
CA THR S 185 90.46 4.35 57.09
C THR S 185 91.97 4.30 56.92
N THR S 186 92.44 3.15 56.42
CA THR S 186 93.87 2.86 56.35
C THR S 186 94.55 3.71 55.27
N SER S 187 94.46 5.02 55.47
CA SER S 187 95.20 5.94 54.60
C SER S 187 96.68 5.68 54.77
N SER S 188 97.41 5.67 53.65
CA SER S 188 98.83 5.39 53.68
C SER S 188 99.53 6.33 54.66
N GLN S 189 100.55 5.82 55.35
CA GLN S 189 101.27 6.63 56.33
C GLN S 189 101.77 7.92 55.71
N LEU S 190 102.09 7.89 54.42
CA LEU S 190 102.33 9.13 53.69
C LEU S 190 101.03 9.85 53.34
N THR S 191 99.98 9.10 52.97
CA THR S 191 98.73 9.73 52.58
C THR S 191 98.13 10.54 53.73
N LEU S 192 98.19 10.01 54.95
CA LEU S 192 97.84 10.81 56.11
C LEU S 192 98.71 12.07 56.21
N PRO S 193 100.03 12.01 55.97
CA PRO S 193 100.83 13.24 56.00
C PRO S 193 100.78 14.05 54.70
N ALA S 194 100.75 13.38 53.54
CA ALA S 194 100.78 14.11 52.28
C ALA S 194 99.48 14.87 52.05
N THR S 195 98.35 14.19 52.21
CA THR S 195 97.05 14.83 52.25
C THR S 195 96.68 15.04 53.72
N GLN S 196 95.45 15.43 53.98
CA GLN S 196 94.99 15.52 55.35
C GLN S 196 94.80 14.11 55.92
N CYS S 197 94.55 14.06 57.24
CA CYS S 197 94.20 12.81 57.91
C CYS S 197 92.96 12.98 58.76
N LEU S 198 92.16 14.01 58.50
CA LEU S 198 90.98 14.33 59.29
C LEU S 198 89.89 13.31 59.00
N ALA S 199 89.81 12.28 59.82
CA ALA S 199 89.02 11.09 59.50
C ALA S 199 87.55 11.45 59.46
N GLY S 200 87.02 11.66 58.26
CA GLY S 200 85.70 12.21 58.11
C GLY S 200 84.60 11.20 58.42
N LYS S 201 83.48 11.71 58.93
CA LYS S 201 82.24 10.95 59.03
C LYS S 201 81.10 11.95 58.91
N SER S 202 80.58 12.10 57.68
CA SER S 202 79.42 12.96 57.45
C SER S 202 78.14 12.21 57.81
N VAL S 203 78.11 11.75 59.07
CA VAL S 203 76.98 10.98 59.56
C VAL S 203 75.75 11.86 59.60
N THR S 204 74.72 11.47 58.84
CA THR S 204 73.51 12.28 58.75
C THR S 204 72.88 12.51 60.11
N CYS S 205 73.06 11.57 61.04
CA CYS S 205 72.72 11.85 62.43
C CYS S 205 73.56 13.01 62.92
N HIS S 206 72.92 14.13 63.25
CA HIS S 206 73.62 15.39 63.46
C HIS S 206 74.53 15.68 62.26
N VAL S 207 73.89 15.82 61.10
CA VAL S 207 74.57 15.80 59.81
C VAL S 207 75.70 16.82 59.79
N LYS S 208 76.93 16.32 59.65
CA LYS S 208 78.12 17.16 59.63
C LYS S 208 79.30 16.35 59.09
N HIS S 209 79.95 16.87 58.05
CA HIS S 209 81.12 16.20 57.49
C HIS S 209 82.26 16.32 58.48
N TYR S 210 82.49 15.26 59.26
CA TYR S 210 83.48 15.32 60.33
C TYR S 210 84.88 15.48 59.74
N THR S 211 85.78 16.03 60.57
CA THR S 211 87.17 16.23 60.19
C THR S 211 88.08 15.87 61.36
N ASN S 212 87.81 14.75 62.03
CA ASN S 212 88.61 14.35 63.18
C ASN S 212 89.97 13.85 62.72
N PRO S 213 91.07 14.48 63.12
CA PRO S 213 92.38 14.06 62.62
C PRO S 213 92.77 12.67 63.10
N SER S 214 93.43 11.92 62.22
CA SER S 214 93.90 10.59 62.56
C SER S 214 95.29 10.33 61.97
N GLU T 1 51.41 -13.14 40.10
CA GLU T 1 50.94 -13.77 38.86
C GLU T 1 51.56 -15.14 38.68
N ILE T 2 52.37 -15.30 37.62
CA ILE T 2 53.04 -16.57 37.37
C ILE T 2 54.29 -16.63 38.25
N VAL T 3 54.13 -17.20 39.45
CA VAL T 3 55.19 -17.20 40.45
C VAL T 3 56.45 -17.82 39.86
N MET T 4 57.53 -17.03 39.82
CA MET T 4 58.78 -17.45 39.21
C MET T 4 59.70 -17.97 40.30
N THR T 5 59.60 -19.26 40.58
CA THR T 5 60.48 -19.93 41.55
C THR T 5 61.82 -20.19 40.86
N GLN T 6 62.62 -19.13 40.79
CA GLN T 6 63.85 -19.15 39.99
C GLN T 6 64.80 -20.26 40.45
N SER T 7 65.43 -20.92 39.49
CA SER T 7 66.56 -21.77 39.82
C SER T 7 67.67 -20.91 40.38
N PRO T 8 68.32 -21.32 41.47
CA PRO T 8 69.05 -20.35 42.31
C PRO T 8 70.21 -19.65 41.63
N ALA T 9 70.87 -20.24 40.64
CA ALA T 9 72.14 -19.67 40.22
C ALA T 9 72.48 -20.11 38.80
N THR T 10 73.51 -19.45 38.25
CA THR T 10 74.18 -19.87 37.03
C THR T 10 75.56 -20.37 37.43
N LEU T 11 75.77 -21.68 37.34
CA LEU T 11 77.03 -22.27 37.76
C LEU T 11 78.12 -21.96 36.74
N SER T 12 79.23 -21.40 37.20
CA SER T 12 80.37 -21.12 36.34
C SER T 12 81.60 -20.89 37.21
N VAL T 13 82.71 -21.53 36.84
CA VAL T 13 84.01 -21.30 37.48
C VAL T 13 84.96 -20.64 36.50
N SER T 14 85.29 -21.32 35.41
CA SER T 14 85.97 -20.66 34.31
C SER T 14 84.96 -19.90 33.47
N PRO T 15 85.39 -18.85 32.77
CA PRO T 15 84.47 -18.13 31.88
C PRO T 15 83.89 -19.06 30.84
N GLY T 16 82.58 -19.29 30.94
CA GLY T 16 81.92 -20.24 30.06
C GLY T 16 80.45 -19.90 29.90
N GLU T 17 79.84 -20.55 28.91
CA GLU T 17 78.45 -20.28 28.56
C GLU T 17 77.55 -21.01 29.55
N ARG T 18 77.17 -20.32 30.62
CA ARG T 18 76.21 -20.83 31.57
C ARG T 18 74.83 -20.27 31.27
N ALA T 19 73.86 -20.68 32.07
CA ALA T 19 72.47 -20.25 31.92
C ALA T 19 71.89 -20.01 33.29
N THR T 20 71.67 -18.74 33.64
CA THR T 20 71.06 -18.43 34.92
C THR T 20 69.59 -18.81 34.90
N LEU T 21 69.33 -20.11 34.91
CA LEU T 21 67.97 -20.63 34.88
C LEU T 21 67.16 -20.01 36.01
N SER T 22 65.97 -19.52 35.67
CA SER T 22 65.07 -18.91 36.66
C SER T 22 63.68 -19.48 36.40
N CYS T 23 63.38 -20.59 37.07
CA CYS T 23 62.13 -21.29 36.85
C CYS T 23 60.95 -20.45 37.32
N ARG T 24 59.79 -20.73 36.75
CA ARG T 24 58.52 -20.21 37.26
C ARG T 24 57.70 -21.38 37.78
N ALA T 25 57.24 -21.27 39.03
CA ALA T 25 56.45 -22.34 39.62
C ALA T 25 55.14 -22.54 38.87
N SER T 26 54.47 -21.45 38.51
CA SER T 26 53.17 -21.56 37.85
C SER T 26 53.32 -22.01 36.40
N GLN T 27 54.19 -21.34 35.65
CA GLN T 27 54.27 -21.53 34.20
C GLN T 27 55.75 -21.48 33.82
N SER T 28 56.02 -21.28 32.53
CA SER T 28 57.36 -20.87 32.13
C SER T 28 57.57 -19.40 32.47
N VAL T 29 58.72 -19.08 33.04
CA VAL T 29 59.07 -17.68 33.24
C VAL T 29 59.39 -17.12 31.86
N ALA T 30 58.43 -16.44 31.25
CA ALA T 30 58.48 -16.12 29.84
C ALA T 30 58.26 -14.63 29.61
N THR T 31 58.05 -14.28 28.34
CA THR T 31 57.79 -12.89 27.96
C THR T 31 56.44 -12.40 28.47
N ASN T 32 55.43 -13.27 28.49
CA ASN T 32 54.16 -12.89 29.12
C ASN T 32 54.36 -12.61 30.60
N VAL T 33 55.10 -13.48 31.29
CA VAL T 33 55.57 -13.17 32.63
C VAL T 33 56.59 -12.05 32.60
N ALA T 34 57.19 -11.78 31.43
CA ALA T 34 58.20 -10.74 31.28
C ALA T 34 59.34 -10.96 32.26
N TRP T 35 59.81 -12.21 32.32
CA TRP T 35 60.92 -12.56 33.20
C TRP T 35 62.11 -11.67 32.94
N TYR T 36 62.42 -11.42 31.67
CA TYR T 36 63.43 -10.44 31.26
C TYR T 36 64.82 -10.75 31.81
N GLN T 37 65.05 -11.99 32.25
CA GLN T 37 66.36 -12.51 32.61
C GLN T 37 67.21 -11.48 33.34
N GLN T 38 66.59 -10.71 34.22
CA GLN T 38 67.26 -9.57 34.84
C GLN T 38 68.42 -10.04 35.70
N LYS T 39 69.54 -9.33 35.61
CA LYS T 39 70.69 -9.74 36.41
C LYS T 39 70.84 -8.73 37.53
N PRO T 40 69.83 -8.61 38.37
CA PRO T 40 69.71 -7.43 39.24
C PRO T 40 70.57 -7.53 40.49
N GLY T 41 71.62 -6.73 40.53
CA GLY T 41 72.26 -6.40 41.77
C GLY T 41 71.40 -5.39 42.52
N GLN T 42 71.89 -4.98 43.69
CA GLN T 42 71.14 -3.99 44.46
C GLN T 42 71.08 -2.67 43.70
N ALA T 43 72.20 -1.96 43.64
CA ALA T 43 72.41 -0.80 42.79
C ALA T 43 72.80 -1.22 41.38
N PRO T 44 73.84 -2.05 41.24
CA PRO T 44 74.48 -2.23 39.93
C PRO T 44 73.78 -3.27 39.04
N ARG T 45 73.55 -2.87 37.77
CA ARG T 45 72.88 -3.71 36.78
C ARG T 45 71.55 -4.25 37.29
N LEU T 46 70.82 -3.41 38.03
CA LEU T 46 69.57 -3.88 38.66
C LEU T 46 68.41 -3.79 37.69
N LEU T 47 68.62 -4.21 36.45
CA LEU T 47 67.69 -3.98 35.36
C LEU T 47 67.51 -5.30 34.63
N ILE T 48 66.69 -5.28 33.59
CA ILE T 48 66.43 -6.48 32.84
C ILE T 48 67.65 -6.77 31.98
N TYR T 49 68.52 -7.65 32.46
CA TYR T 49 69.63 -8.12 31.65
C TYR T 49 69.13 -8.88 30.43
N GLY T 50 68.06 -9.64 30.58
CA GLY T 50 67.33 -10.13 29.45
C GLY T 50 66.27 -9.15 28.99
N ALA T 51 65.65 -9.48 27.87
CA ALA T 51 64.52 -8.72 27.34
C ALA T 51 63.34 -9.67 27.24
N SER T 52 62.47 -9.64 28.26
CA SER T 52 61.35 -10.56 28.36
C SER T 52 61.80 -12.02 28.30
N THR T 53 63.00 -12.28 28.85
CA THR T 53 63.59 -13.62 28.90
C THR T 53 63.78 -14.20 27.50
N ARG T 54 64.06 -13.35 26.52
CA ARG T 54 64.23 -13.82 25.15
C ARG T 54 65.51 -13.28 24.52
N ALA T 55 65.93 -12.08 24.92
CA ALA T 55 67.12 -11.45 24.35
C ALA T 55 67.82 -10.62 25.42
N THR T 56 69.11 -10.37 25.19
CA THR T 56 69.94 -9.68 26.18
C THR T 56 69.47 -8.23 26.33
N GLY T 57 68.91 -7.91 27.50
CA GLY T 57 68.40 -6.59 27.82
C GLY T 57 69.46 -5.68 28.43
N ILE T 58 68.99 -4.75 29.26
CA ILE T 58 69.85 -3.67 29.75
C ILE T 58 71.01 -4.18 30.60
N PRO T 59 70.80 -4.97 31.63
CA PRO T 59 71.88 -5.25 32.59
C PRO T 59 72.77 -6.42 32.22
N ALA T 60 72.77 -6.87 30.97
CA ALA T 60 73.53 -8.06 30.62
C ALA T 60 74.84 -7.68 29.97
N ARG T 61 75.89 -8.41 30.33
CA ARG T 61 77.11 -8.48 29.56
C ARG T 61 77.11 -9.72 28.69
N PHE T 62 75.93 -10.07 28.18
CA PHE T 62 75.58 -11.36 27.59
C PHE T 62 75.56 -12.46 28.65
N SER T 63 75.59 -12.10 29.92
CA SER T 63 75.52 -13.05 31.02
C SER T 63 74.15 -13.11 31.69
N GLY T 64 73.41 -12.01 31.67
CA GLY T 64 72.02 -12.05 32.07
C GLY T 64 71.13 -12.09 30.84
N SER T 65 71.73 -12.52 29.72
CA SER T 65 71.05 -12.42 28.43
C SER T 65 69.72 -13.16 28.44
N GLY T 66 68.72 -12.55 27.81
CA GLY T 66 67.38 -13.11 27.77
C GLY T 66 67.31 -14.47 27.11
N SER T 67 66.81 -15.45 27.84
CA SER T 67 66.64 -16.80 27.30
C SER T 67 65.70 -17.55 28.21
N GLY T 68 64.53 -17.92 27.71
CA GLY T 68 63.76 -18.91 28.43
C GLY T 68 64.19 -20.27 27.96
N THR T 69 65.13 -20.89 28.69
CA THR T 69 65.66 -22.19 28.29
C THR T 69 64.75 -23.33 28.68
N GLU T 70 63.79 -23.06 29.58
CA GLU T 70 62.83 -24.03 30.06
C GLU T 70 61.68 -23.23 30.66
N PHE T 71 60.88 -23.87 31.52
CA PHE T 71 60.16 -23.08 32.51
C PHE T 71 61.10 -22.16 33.26
N THR T 72 62.39 -22.49 33.27
CA THR T 72 63.43 -21.61 33.79
C THR T 72 63.84 -20.59 32.74
N LEU T 73 63.57 -19.32 33.01
CA LEU T 73 64.02 -18.22 32.15
C LEU T 73 65.49 -18.01 32.42
N THR T 74 66.32 -18.74 31.69
CA THR T 74 67.76 -18.70 31.90
C THR T 74 68.31 -17.34 31.50
N ILE T 75 68.77 -16.57 32.48
CA ILE T 75 69.51 -15.36 32.14
C ILE T 75 70.84 -15.86 31.63
N SER T 76 70.96 -15.98 30.31
CA SER T 76 71.99 -16.82 29.72
C SER T 76 73.38 -16.32 30.09
N SER T 77 74.03 -17.02 31.01
CA SER T 77 75.35 -16.61 31.52
C SER T 77 76.45 -17.05 30.55
N LEU T 78 76.29 -16.60 29.31
CA LEU T 78 77.28 -16.89 28.29
C LEU T 78 78.58 -16.19 28.61
N GLN T 79 79.68 -16.94 28.64
CA GLN T 79 80.99 -16.43 29.02
C GLN T 79 80.94 -15.71 30.37
N SER T 80 80.32 -16.39 31.35
CA SER T 80 80.16 -15.79 32.67
C SER T 80 81.52 -15.54 33.32
N GLU T 81 81.80 -14.27 33.60
CA GLU T 81 83.03 -13.85 34.23
C GLU T 81 82.75 -13.38 35.65
N ASP T 82 83.82 -12.95 36.33
CA ASP T 82 83.66 -12.45 37.69
C ASP T 82 82.75 -11.22 37.72
N PHE T 83 82.81 -10.37 36.70
CA PHE T 83 81.90 -9.24 36.60
C PHE T 83 80.48 -9.69 36.25
N ALA T 84 80.33 -10.85 35.64
CA ALA T 84 79.02 -11.43 35.37
C ALA T 84 78.32 -11.92 36.62
N VAL T 85 79.01 -11.93 37.76
CA VAL T 85 78.43 -12.42 39.00
C VAL T 85 77.35 -11.44 39.45
N TYR T 86 76.10 -11.85 39.30
CA TYR T 86 74.97 -11.05 39.74
C TYR T 86 73.78 -11.97 39.94
N TYR T 87 72.84 -11.53 40.78
CA TYR T 87 71.63 -12.30 41.05
C TYR T 87 70.75 -12.18 39.80
N CYS T 88 71.04 -13.03 38.81
CA CYS T 88 70.39 -12.95 37.51
C CYS T 88 69.00 -13.57 37.57
N GLN T 89 68.22 -13.05 38.53
CA GLN T 89 66.81 -13.41 38.67
C GLN T 89 66.05 -12.94 37.45
N GLN T 90 65.51 -13.88 36.68
CA GLN T 90 64.71 -13.48 35.53
C GLN T 90 63.43 -12.85 36.06
N CYS T 91 63.56 -11.62 36.55
CA CYS T 91 62.54 -10.95 37.35
C CYS T 91 61.29 -10.72 36.50
N ASN T 92 60.30 -11.61 36.66
CA ASN T 92 59.04 -11.47 35.97
C ASN T 92 58.30 -10.25 36.46
N ASP T 93 58.00 -9.34 35.54
CA ASP T 93 57.02 -8.28 35.74
C ASP T 93 55.78 -8.62 34.92
N TRP T 94 55.12 -9.71 35.30
CA TRP T 94 54.04 -10.31 34.51
C TRP T 94 52.89 -9.34 34.29
N LEU T 95 51.95 -9.76 33.44
CA LEU T 95 50.83 -8.89 33.06
C LEU T 95 49.88 -8.64 34.24
N THR T 96 49.71 -9.61 35.13
CA THR T 96 48.82 -9.48 36.27
C THR T 96 49.50 -8.87 37.49
N PHE T 97 50.69 -9.35 37.83
CA PHE T 97 51.50 -8.79 38.90
C PHE T 97 52.96 -8.95 38.47
N GLY T 98 53.88 -8.75 39.39
CA GLY T 98 55.25 -9.07 39.08
C GLY T 98 55.43 -10.56 38.98
N GLN T 99 55.34 -11.25 40.12
CA GLN T 99 55.64 -12.68 40.20
C GLN T 99 57.06 -12.95 39.71
N GLY T 100 57.99 -12.09 40.11
CA GLY T 100 59.34 -12.15 39.59
C GLY T 100 60.12 -13.34 40.09
N THR T 101 61.18 -13.65 39.34
CA THR T 101 62.10 -14.70 39.75
C THR T 101 62.84 -14.29 41.02
N LYS T 102 62.98 -15.24 41.94
CA LYS T 102 63.69 -14.96 43.18
C LYS T 102 65.13 -14.59 42.89
N VAL T 103 65.91 -15.55 42.39
CA VAL T 103 67.30 -15.29 42.03
C VAL T 103 67.83 -16.42 41.15
N GLU T 104 68.62 -16.06 40.15
CA GLU T 104 69.48 -17.02 39.44
C GLU T 104 70.86 -16.38 39.44
N ILE T 105 71.58 -16.57 40.54
CA ILE T 105 72.79 -15.81 40.79
C ILE T 105 73.94 -16.33 39.93
N LYS T 106 74.23 -15.63 38.84
CA LYS T 106 75.42 -15.95 38.07
C LYS T 106 76.66 -15.64 38.89
N ARG T 107 77.75 -16.35 38.60
CA ARG T 107 78.99 -16.21 39.34
C ARG T 107 80.09 -16.97 38.63
N THR T 108 81.31 -16.44 38.70
CA THR T 108 82.50 -17.11 38.19
C THR T 108 83.58 -17.12 39.28
N VAL T 109 84.80 -17.50 38.89
CA VAL T 109 85.89 -17.60 39.84
C VAL T 109 86.23 -16.22 40.38
N ALA T 110 86.31 -16.09 41.70
CA ALA T 110 86.56 -14.81 42.36
C ALA T 110 87.03 -15.08 43.78
N ALA T 111 87.08 -14.02 44.58
CA ALA T 111 87.41 -14.05 46.01
C ALA T 111 88.84 -14.53 46.23
N PRO T 112 89.84 -13.80 45.74
CA PRO T 112 91.22 -14.15 46.04
C PRO T 112 91.53 -13.99 47.52
N SER T 113 92.41 -14.87 48.01
CA SER T 113 92.82 -14.84 49.42
C SER T 113 93.81 -13.71 49.62
N VAL T 114 93.37 -12.64 50.27
CA VAL T 114 94.21 -11.48 50.52
C VAL T 114 94.63 -11.50 51.99
N PHE T 115 95.57 -10.63 52.34
CA PHE T 115 96.09 -10.57 53.70
C PHE T 115 95.09 -9.86 54.61
N ILE T 116 94.74 -10.50 55.72
CA ILE T 116 93.89 -9.87 56.72
C ILE T 116 94.69 -8.72 57.34
N PHE T 117 94.32 -7.49 56.99
CA PHE T 117 95.06 -6.33 57.46
C PHE T 117 94.95 -6.23 58.97
N PRO T 118 96.04 -5.97 59.69
CA PRO T 118 95.95 -5.85 61.14
C PRO T 118 95.43 -4.47 61.53
N PRO T 119 94.34 -4.01 60.91
CA PRO T 119 93.74 -2.71 61.25
C PRO T 119 93.06 -2.72 62.61
N SER T 120 93.79 -3.16 63.63
CA SER T 120 93.28 -3.25 64.98
C SER T 120 93.80 -2.08 65.80
N ASP T 121 92.93 -1.14 66.11
CA ASP T 121 93.19 -0.06 67.04
C ASP T 121 92.45 -0.34 68.33
N GLU T 122 93.11 -0.08 69.45
CA GLU T 122 92.56 -0.39 70.77
C GLU T 122 91.55 0.68 71.17
N GLN T 123 91.20 0.69 72.45
CA GLN T 123 90.44 1.80 73.00
C GLN T 123 91.38 2.99 73.10
N LEU T 124 91.52 3.72 71.99
CA LEU T 124 92.53 4.74 71.84
C LEU T 124 92.10 6.01 72.56
N LYS T 125 92.77 7.13 72.24
CA LYS T 125 92.37 8.42 72.80
C LYS T 125 90.91 8.72 72.50
N SER T 126 90.46 8.39 71.29
CA SER T 126 89.03 8.47 70.96
C SER T 126 88.33 7.13 71.13
N GLY T 127 89.06 6.02 71.00
CA GLY T 127 88.45 4.72 71.24
C GLY T 127 88.01 4.53 72.68
N THR T 128 88.85 4.96 73.63
CA THR T 128 88.50 4.94 75.04
C THR T 128 87.90 6.26 75.51
N ALA T 129 87.68 7.21 74.60
CA ALA T 129 87.08 8.48 75.00
C ALA T 129 85.70 8.28 75.59
N SER T 130 84.91 7.38 75.01
CA SER T 130 83.61 7.06 75.56
C SER T 130 83.75 6.37 76.91
N VAL T 131 82.72 6.53 77.74
CA VAL T 131 82.68 5.85 79.02
C VAL T 131 82.75 4.34 78.83
N VAL T 132 82.35 3.85 77.67
CA VAL T 132 82.54 2.46 77.28
C VAL T 132 83.77 2.37 76.40
N CYS T 133 84.84 1.77 76.93
CA CYS T 133 86.07 1.63 76.17
C CYS T 133 85.83 0.71 74.98
N LEU T 134 86.15 1.18 73.79
CA LEU T 134 85.89 0.44 72.56
C LEU T 134 87.16 0.40 71.72
N LEU T 135 87.70 -0.80 71.52
CA LEU T 135 88.74 -0.95 70.53
C LEU T 135 88.14 -0.79 69.13
N ASN T 136 88.98 -0.43 68.17
CA ASN T 136 88.57 -0.38 66.76
C ASN T 136 89.48 -1.33 66.00
N ASN T 137 89.09 -2.61 65.96
CA ASN T 137 89.94 -3.69 65.47
C ASN T 137 89.38 -4.25 64.17
N PHE T 138 90.25 -4.56 63.22
CA PHE T 138 89.79 -5.17 61.97
C PHE T 138 90.78 -6.19 61.46
N TYR T 139 90.30 -7.02 60.54
CA TYR T 139 91.14 -7.91 59.75
C TYR T 139 90.83 -7.69 58.28
N PRO T 140 91.07 -6.48 57.78
CA PRO T 140 90.63 -6.13 56.43
C PRO T 140 91.30 -6.99 55.37
N ARG T 141 90.52 -7.33 54.34
CA ARG T 141 90.99 -8.17 53.23
C ARG T 141 91.45 -9.55 53.72
N GLU T 142 90.69 -10.15 54.63
CA GLU T 142 91.04 -11.46 55.15
C GLU T 142 90.93 -12.52 54.06
N ALA T 143 91.79 -13.53 54.16
CA ALA T 143 91.99 -14.48 53.05
C ALA T 143 90.68 -15.12 52.61
N LYS T 144 89.94 -15.70 53.55
CA LYS T 144 88.60 -16.17 53.24
C LYS T 144 87.61 -15.03 53.47
N VAL T 145 86.39 -15.20 52.96
CA VAL T 145 85.33 -14.23 53.23
C VAL T 145 84.86 -14.28 54.68
N GLN T 146 85.34 -15.24 55.45
CA GLN T 146 84.98 -15.40 56.85
C GLN T 146 86.18 -15.13 57.74
N TRP T 147 86.00 -14.24 58.70
CA TRP T 147 87.01 -13.98 59.74
C TRP T 147 86.23 -13.74 61.03
N LYS T 148 86.02 -14.80 61.80
CA LYS T 148 85.28 -14.69 63.06
C LYS T 148 86.15 -13.92 64.04
N VAL T 149 85.83 -12.65 64.23
CA VAL T 149 86.70 -11.75 64.98
C VAL T 149 86.55 -12.01 66.47
N ASP T 150 87.67 -12.24 67.14
CA ASP T 150 87.75 -12.20 68.59
C ASP T 150 88.76 -11.13 68.94
N ASN T 151 88.28 -9.97 69.38
CA ASN T 151 89.17 -8.84 69.63
C ASN T 151 90.24 -9.16 70.67
N ALA T 152 90.00 -10.16 71.51
CA ALA T 152 90.96 -10.63 72.51
C ALA T 152 91.37 -9.49 73.44
N LEU T 153 90.39 -8.99 74.18
CA LEU T 153 90.63 -7.97 75.19
C LEU T 153 91.70 -8.43 76.15
N GLN T 154 92.85 -7.73 76.15
CA GLN T 154 94.06 -8.18 76.85
C GLN T 154 94.45 -9.60 76.42
N SER T 155 94.36 -9.85 75.11
CA SER T 155 94.61 -11.18 74.55
C SER T 155 93.72 -12.23 75.21
N GLY T 156 92.51 -11.83 75.59
CA GLY T 156 91.58 -12.67 76.29
C GLY T 156 90.65 -13.48 75.42
N ASN T 157 90.95 -13.62 74.13
CA ASN T 157 90.10 -14.37 73.20
C ASN T 157 88.66 -13.84 73.23
N SER T 158 88.54 -12.51 73.28
CA SER T 158 87.26 -11.85 73.49
C SER T 158 86.42 -11.88 72.21
N GLN T 159 85.94 -13.08 71.89
CA GLN T 159 84.85 -13.18 70.93
C GLN T 159 83.61 -12.50 71.48
N GLU T 160 83.31 -12.74 72.76
CA GLU T 160 82.35 -11.94 73.49
C GLU T 160 83.03 -10.71 74.08
N SER T 161 82.21 -9.80 74.61
CA SER T 161 82.69 -8.50 75.10
C SER T 161 83.45 -7.74 74.01
N VAL T 162 83.08 -7.98 72.76
CA VAL T 162 83.69 -7.31 71.63
C VAL T 162 82.70 -7.21 70.49
N THR T 163 82.48 -5.98 69.99
CA THR T 163 81.59 -5.79 68.85
C THR T 163 82.28 -6.25 67.58
N GLU T 164 82.42 -7.56 67.42
CA GLU T 164 83.11 -8.15 66.28
C GLU T 164 82.23 -8.04 65.05
N GLN T 165 82.41 -6.98 64.28
CA GLN T 165 81.59 -6.77 63.08
C GLN T 165 81.89 -7.85 62.04
N ASP T 166 80.91 -8.06 61.17
CA ASP T 166 81.02 -9.13 60.18
C ASP T 166 82.22 -8.90 59.28
N SER T 167 82.87 -10.01 58.90
CA SER T 167 84.09 -9.96 58.09
C SER T 167 83.69 -9.76 56.63
N LYS T 168 83.37 -8.51 56.31
CA LYS T 168 82.95 -8.16 54.95
C LYS T 168 84.15 -7.92 54.06
N ASP T 169 83.95 -8.08 52.76
CA ASP T 169 85.04 -7.92 51.80
C ASP T 169 85.54 -6.48 51.79
N SER T 170 86.74 -6.25 52.35
CA SER T 170 87.28 -4.91 52.47
C SER T 170 87.60 -4.29 51.11
N THR T 171 88.63 -4.81 50.44
CA THR T 171 89.08 -4.23 49.18
C THR T 171 89.40 -5.23 48.08
N TYR T 172 89.69 -6.49 48.40
CA TYR T 172 90.13 -7.47 47.41
C TYR T 172 89.26 -8.72 47.48
N SER T 173 87.95 -8.53 47.54
CA SER T 173 86.99 -9.63 47.70
C SER T 173 87.36 -10.50 48.89
N LEU T 174 87.82 -9.85 49.97
CA LEU T 174 88.45 -10.54 51.08
C LEU T 174 88.02 -9.88 52.37
N SER T 175 87.76 -10.70 53.39
CA SER T 175 86.98 -10.30 54.55
C SER T 175 87.65 -9.19 55.36
N SER T 176 86.81 -8.43 56.06
CA SER T 176 87.26 -7.35 56.97
C SER T 176 86.40 -7.43 58.22
N THR T 177 86.91 -8.08 59.26
CA THR T 177 86.15 -8.29 60.49
C THR T 177 86.43 -7.12 61.44
N LEU T 178 85.54 -6.13 61.44
CA LEU T 178 85.74 -4.91 62.22
C LEU T 178 85.41 -5.19 63.68
N THR T 179 86.36 -5.83 64.36
CA THR T 179 86.22 -6.15 65.77
C THR T 179 86.29 -4.89 66.62
N LEU T 180 85.76 -4.99 67.85
CA LEU T 180 85.76 -3.84 68.74
C LEU T 180 85.67 -4.36 70.18
N SER T 181 86.82 -4.46 70.85
CA SER T 181 86.82 -4.93 72.23
C SER T 181 85.99 -3.98 73.07
N LYS T 182 84.80 -4.43 73.48
CA LYS T 182 83.75 -3.54 73.97
C LYS T 182 83.37 -3.93 75.40
N ALA T 183 83.42 -2.95 76.29
CA ALA T 183 82.90 -3.08 77.64
C ALA T 183 82.65 -1.67 78.16
N ASP T 184 82.30 -1.56 79.44
CA ASP T 184 81.95 -0.30 80.06
C ASP T 184 83.14 0.40 80.69
N TYR T 185 84.34 0.20 80.12
CA TYR T 185 85.63 0.63 80.65
C TYR T 185 86.00 -0.12 81.91
N GLU T 186 85.23 -1.13 82.30
CA GLU T 186 85.59 -2.03 83.38
C GLU T 186 86.40 -3.23 82.91
N LYS T 187 86.11 -3.71 81.69
CA LYS T 187 86.88 -4.78 81.08
C LYS T 187 87.68 -4.31 79.88
N HIS T 188 87.03 -3.67 78.89
CA HIS T 188 87.71 -3.29 77.67
C HIS T 188 88.76 -2.21 77.91
N LYS T 189 88.59 -1.38 78.94
CA LYS T 189 89.64 -0.44 79.29
C LYS T 189 90.74 -1.11 80.12
N VAL T 190 90.34 -1.92 81.11
CA VAL T 190 91.33 -2.72 81.83
C VAL T 190 92.02 -3.67 80.87
N TYR T 191 91.25 -4.32 80.01
CA TYR T 191 91.81 -5.09 78.90
C TYR T 191 91.87 -4.21 77.64
N ALA T 192 92.57 -3.08 77.77
CA ALA T 192 92.78 -2.21 76.62
C ALA T 192 93.53 -2.91 75.51
N CYS T 193 94.37 -3.88 75.87
CA CYS T 193 95.00 -4.72 74.86
C CYS T 193 93.95 -5.53 74.12
N GLU T 194 94.17 -5.71 72.82
CA GLU T 194 93.24 -6.46 72.00
C GLU T 194 93.98 -7.03 70.79
N VAL T 195 93.83 -8.33 70.56
CA VAL T 195 94.38 -8.98 69.38
C VAL T 195 93.18 -9.46 68.56
N THR T 196 92.88 -8.76 67.48
CA THR T 196 91.66 -9.08 66.73
C THR T 196 91.83 -10.43 66.04
N HIS T 197 91.39 -11.49 66.72
CA HIS T 197 91.59 -12.86 66.26
C HIS T 197 90.64 -13.15 65.10
N GLN T 198 90.89 -12.46 63.99
CA GLN T 198 90.03 -12.53 62.81
C GLN T 198 90.89 -12.90 61.61
N GLY T 199 90.52 -14.00 60.95
CA GLY T 199 91.25 -14.45 59.77
C GLY T 199 90.47 -15.54 59.09
N LEU T 200 91.03 -16.02 57.98
CA LEU T 200 90.37 -17.04 57.17
C LEU T 200 89.99 -18.24 58.01
N SER T 201 88.71 -18.63 57.94
CA SER T 201 88.16 -19.73 58.73
C SER T 201 88.38 -19.51 60.22
N SER T 202 88.00 -18.30 60.68
CA SER T 202 88.14 -17.89 62.07
C SER T 202 89.58 -18.03 62.54
N PRO T 203 90.56 -17.60 61.74
CA PRO T 203 91.95 -17.68 62.18
C PRO T 203 92.27 -16.59 63.19
N VAL T 204 92.86 -16.99 64.31
CA VAL T 204 93.23 -16.03 65.35
C VAL T 204 94.40 -15.20 64.82
N THR T 205 94.14 -13.95 64.49
CA THR T 205 95.15 -13.04 63.95
C THR T 205 95.62 -12.08 65.04
N LYS T 206 96.93 -11.90 65.13
CA LYS T 206 97.51 -10.99 66.11
C LYS T 206 97.46 -9.58 65.56
N SER T 207 96.23 -9.09 65.38
CA SER T 207 95.99 -7.70 65.00
C SER T 207 96.05 -6.89 66.28
N PHE T 208 97.19 -6.23 66.50
CA PHE T 208 97.54 -5.68 67.82
C PHE T 208 96.79 -4.38 68.08
N ASN T 209 95.51 -4.52 68.44
CA ASN T 209 94.83 -3.40 69.09
C ASN T 209 95.22 -3.42 70.57
N ARG T 210 96.52 -3.51 70.86
CA ARG T 210 97.01 -3.74 72.22
C ARG T 210 97.21 -2.40 72.93
N GLY T 211 96.10 -1.85 73.41
CA GLY T 211 96.13 -0.62 74.18
C GLY T 211 96.96 -0.70 75.45
N GLU T 212 97.80 0.31 75.68
CA GLU T 212 98.60 0.36 76.89
C GLU T 212 97.69 0.32 78.11
N CYS T 213 98.03 -0.56 79.05
CA CYS T 213 97.21 -0.82 80.23
C CYS T 213 95.79 -1.21 79.85
#